data_8UXK
#
_entry.id   8UXK
#
_cell.length_a   1.00
_cell.length_b   1.00
_cell.length_c   1.00
_cell.angle_alpha   90.00
_cell.angle_beta   90.00
_cell.angle_gamma   90.00
#
_symmetry.space_group_name_H-M   'P 1'
#
_entity_poly.entity_id   1
_entity_poly.type   'polypeptide(L)'
_entity_poly.pdbx_seq_one_letter_code
;LNSINTNPGALLALQNLNSTNTELAATQGRINTGKKVANAKDNGAIWSMAKMQSATASSLNSVKDSLQRGQSTIDVALAA
GDTITDLLTKMKEKALAASDTSLNTASFNALKADFESLRDQLQKAATNAKFNGVSLADGSTTKLSFLANEDGSNFTVTAQ
TLSLTGIGLTATSTFTDAATAKTMIATITTSLQTATNKLSSLGTSSVGLDTHLTFVGKLQDSLDAGVGNLVDADLAKESA
KLQSLQTKQQLGVQALSIANQTPQTILSLF
;
_entity_poly.pdbx_strand_id   A,B,C,D,E,F,G,H,I,J,K,L,M,N,O,P,Q,R,S,T,U,V,W,X,Y,Z,a,b,c,d,e,f,g,h,i,j,k
#
# COMPACT_ATOMS: atom_id res chain seq x y z
N LEU A 1 -12.84 -32.88 2.06
CA LEU A 1 -13.20 -31.76 1.19
C LEU A 1 -12.03 -30.79 1.08
N ASN A 2 -12.20 -29.59 1.64
CA ASN A 2 -11.15 -28.57 1.67
C ASN A 2 -10.48 -28.48 3.03
N SER A 3 -10.64 -29.51 3.87
CA SER A 3 -10.19 -29.47 5.25
C SER A 3 -8.67 -29.31 5.32
N ILE A 4 -8.22 -28.48 6.26
CA ILE A 4 -6.80 -28.34 6.53
C ILE A 4 -6.34 -29.22 7.69
N ASN A 5 -7.20 -29.52 8.65
CA ASN A 5 -6.79 -30.32 9.81
C ASN A 5 -6.55 -31.77 9.43
N THR A 6 -7.44 -32.37 8.64
CA THR A 6 -7.33 -33.77 8.25
C THR A 6 -7.61 -33.91 6.75
N ASN A 7 -6.69 -34.55 6.04
CA ASN A 7 -6.90 -34.85 4.62
C ASN A 7 -6.94 -36.36 4.38
N PRO A 8 -8.10 -36.90 3.97
CA PRO A 8 -8.20 -38.34 3.74
C PRO A 8 -7.26 -38.90 2.69
N GLY A 9 -6.93 -38.12 1.67
CA GLY A 9 -6.22 -38.68 0.51
C GLY A 9 -4.84 -39.19 0.86
N ALA A 10 -4.14 -38.49 1.76
CA ALA A 10 -2.85 -39.01 2.22
C ALA A 10 -3.04 -40.30 3.00
N LEU A 11 -4.16 -40.44 3.72
CA LEU A 11 -4.41 -41.69 4.44
C LEU A 11 -4.63 -42.84 3.48
N LEU A 12 -5.40 -42.61 2.41
CA LEU A 12 -5.62 -43.68 1.43
C LEU A 12 -4.34 -44.03 0.70
N ALA A 13 -3.56 -43.03 0.31
CA ALA A 13 -2.30 -43.29 -0.37
C ALA A 13 -1.32 -44.02 0.54
N LEU A 14 -1.32 -43.69 1.84
CA LEU A 14 -0.42 -44.38 2.75
C LEU A 14 -0.88 -45.82 2.99
N GLN A 15 -2.19 -46.06 2.97
CA GLN A 15 -2.67 -47.44 3.09
C GLN A 15 -2.23 -48.25 1.87
N ASN A 16 -2.31 -47.66 0.68
CA ASN A 16 -1.87 -48.37 -0.51
C ASN A 16 -0.36 -48.60 -0.48
N LEU A 17 0.41 -47.59 -0.06
CA LEU A 17 1.86 -47.74 0.00
C LEU A 17 2.25 -48.77 1.07
N ASN A 18 1.49 -48.85 2.16
CA ASN A 18 1.78 -49.83 3.19
C ASN A 18 1.48 -51.24 2.69
N SER A 19 0.40 -51.40 1.91
CA SER A 19 0.14 -52.71 1.33
C SER A 19 1.23 -53.11 0.35
N THR A 20 1.71 -52.16 -0.45
CA THR A 20 2.82 -52.44 -1.36
C THR A 20 4.08 -52.80 -0.58
N ASN A 21 4.33 -52.13 0.55
CA ASN A 21 5.51 -52.42 1.33
C ASN A 21 5.44 -53.80 1.97
N THR A 22 4.26 -54.19 2.47
CA THR A 22 4.14 -55.51 3.08
C THR A 22 4.29 -56.62 2.05
N GLU A 23 3.68 -56.46 0.87
CA GLU A 23 3.85 -57.49 -0.15
C GLU A 23 5.28 -57.52 -0.70
N LEU A 24 5.96 -56.37 -0.73
CA LEU A 24 7.37 -56.37 -1.11
C LEU A 24 8.22 -57.07 -0.05
N ALA A 25 7.88 -56.89 1.23
CA ALA A 25 8.60 -57.62 2.28
C ALA A 25 8.34 -59.12 2.18
N ALA A 26 7.13 -59.50 1.77
CA ALA A 26 6.85 -60.93 1.61
C ALA A 26 7.66 -61.52 0.45
N THR A 27 7.79 -60.76 -0.65
CA THR A 27 8.65 -61.23 -1.73
C THR A 27 10.12 -61.26 -1.32
N GLN A 28 10.56 -60.30 -0.49
CA GLN A 28 11.93 -60.34 0.01
C GLN A 28 12.14 -61.58 0.85
N GLY A 29 11.13 -61.98 1.62
CA GLY A 29 11.26 -63.19 2.41
C GLY A 29 11.34 -64.43 1.53
N ARG A 30 10.42 -64.53 0.56
CA ARG A 30 10.43 -65.68 -0.34
C ARG A 30 11.72 -65.77 -1.13
N ILE A 31 12.35 -64.62 -1.43
CA ILE A 31 13.60 -64.66 -2.18
C ILE A 31 14.76 -65.06 -1.26
N ASN A 32 14.88 -64.44 -0.09
CA ASN A 32 16.03 -64.72 0.75
C ASN A 32 16.01 -66.13 1.33
N THR A 33 14.83 -66.72 1.57
CA THR A 33 14.82 -68.08 2.07
C THR A 33 14.60 -69.13 1.00
N GLY A 34 14.03 -68.78 -0.14
CA GLY A 34 13.77 -69.76 -1.18
C GLY A 34 12.60 -70.66 -0.91
N LYS A 35 11.76 -70.32 0.07
CA LYS A 35 10.68 -71.19 0.52
C LYS A 35 9.39 -70.39 0.56
N LYS A 36 8.39 -70.84 -0.19
CA LYS A 36 7.11 -70.14 -0.20
C LYS A 36 6.45 -70.19 1.16
N VAL A 37 6.69 -71.25 1.93
CA VAL A 37 6.15 -71.41 3.27
C VAL A 37 7.29 -71.71 4.25
N ALA A 38 8.17 -70.73 4.46
CA ALA A 38 9.36 -70.94 5.26
C ALA A 38 9.06 -71.25 6.72
N ASN A 39 7.90 -70.82 7.23
CA ASN A 39 7.59 -71.00 8.63
C ASN A 39 6.08 -71.14 8.79
N ALA A 40 5.66 -71.44 10.02
CA ALA A 40 4.26 -71.73 10.28
C ALA A 40 3.34 -70.55 10.00
N LYS A 41 3.85 -69.32 10.09
CA LYS A 41 3.02 -68.16 9.79
C LYS A 41 2.59 -68.13 8.33
N ASP A 42 3.42 -68.66 7.42
CA ASP A 42 3.06 -68.61 6.01
C ASP A 42 1.84 -69.48 5.73
N ASN A 43 1.75 -70.63 6.41
CA ASN A 43 0.64 -71.57 6.27
C ASN A 43 0.88 -72.73 7.22
N GLY A 44 0.10 -72.80 8.31
CA GLY A 44 0.41 -73.76 9.36
C GLY A 44 0.24 -75.20 8.92
N ALA A 45 -0.76 -75.48 8.09
CA ALA A 45 -1.03 -76.86 7.68
C ALA A 45 0.10 -77.38 6.79
N ILE A 46 0.42 -76.64 5.72
CA ILE A 46 1.46 -77.08 4.80
C ILE A 46 2.81 -77.13 5.51
N TRP A 47 3.05 -76.20 6.44
CA TRP A 47 4.30 -76.22 7.17
C TRP A 47 4.38 -77.44 8.08
N SER A 48 3.25 -77.86 8.66
CA SER A 48 3.27 -79.05 9.51
C SER A 48 3.48 -80.31 8.69
N MET A 49 2.80 -80.43 7.55
CA MET A 49 3.02 -81.59 6.69
C MET A 49 4.46 -81.64 6.21
N ALA A 50 5.02 -80.49 5.83
CA ALA A 50 6.40 -80.46 5.38
C ALA A 50 7.37 -80.78 6.51
N LYS A 51 7.03 -80.39 7.75
CA LYS A 51 7.93 -80.69 8.86
C LYS A 51 7.93 -82.18 9.17
N MET A 52 6.75 -82.81 9.17
CA MET A 52 6.71 -84.27 9.34
C MET A 52 7.39 -84.99 8.18
N GLN A 53 7.28 -84.45 6.97
CA GLN A 53 7.93 -85.08 5.83
C GLN A 53 9.45 -85.00 5.95
N SER A 54 9.96 -83.83 6.33
CA SER A 54 11.40 -83.69 6.52
C SER A 54 11.91 -84.54 7.67
N ALA A 55 11.13 -84.68 8.73
CA ALA A 55 11.55 -85.53 9.84
C ALA A 55 11.57 -87.00 9.43
N THR A 56 10.55 -87.44 8.69
CA THR A 56 10.53 -88.81 8.20
C THR A 56 11.66 -89.07 7.22
N ALA A 57 12.03 -88.05 6.43
CA ALA A 57 13.14 -88.21 5.51
C ALA A 57 14.47 -88.31 6.25
N SER A 58 14.65 -87.50 7.30
CA SER A 58 15.86 -87.57 8.10
C SER A 58 15.94 -88.85 8.91
N SER A 59 14.79 -89.47 9.22
CA SER A 59 14.79 -90.68 10.03
C SER A 59 15.48 -91.85 9.33
N LEU A 60 15.53 -91.84 7.99
CA LEU A 60 15.99 -93.00 7.25
C LEU A 60 17.50 -93.21 7.32
N ASN A 61 18.27 -92.21 7.76
CA ASN A 61 19.72 -92.38 7.80
C ASN A 61 20.13 -93.45 8.81
N SER A 62 19.46 -93.49 9.97
CA SER A 62 19.78 -94.52 10.95
C SER A 62 19.38 -95.92 10.46
N VAL A 63 18.30 -96.02 9.68
CA VAL A 63 17.91 -97.31 9.12
C VAL A 63 18.94 -97.77 8.11
N LYS A 64 19.41 -96.86 7.26
CA LYS A 64 20.44 -97.23 6.30
C LYS A 64 21.71 -97.66 7.00
N ASP A 65 22.05 -96.98 8.10
CA ASP A 65 23.24 -97.34 8.86
C ASP A 65 23.09 -98.72 9.51
N SER A 66 21.90 -99.03 10.02
CA SER A 66 21.67 -100.35 10.59
C SER A 66 21.78 -101.44 9.52
N LEU A 67 21.31 -101.13 8.31
CA LEU A 67 21.41 -102.12 7.24
C LEU A 67 22.86 -102.39 6.86
N GLN A 68 23.68 -101.35 6.78
CA GLN A 68 25.10 -101.57 6.51
C GLN A 68 25.80 -102.28 7.68
N ARG A 69 25.35 -102.02 8.91
CA ARG A 69 25.95 -102.70 10.06
C ARG A 69 25.65 -104.20 10.01
N GLY A 70 24.41 -104.55 9.65
CA GLY A 70 24.08 -105.96 9.53
C GLY A 70 24.78 -106.62 8.36
N GLN A 71 24.98 -105.86 7.28
CA GLN A 71 25.74 -106.40 6.15
C GLN A 71 27.18 -106.70 6.56
N SER A 72 27.78 -105.82 7.36
CA SER A 72 29.15 -106.07 7.82
C SER A 72 29.20 -107.27 8.76
N THR A 73 28.18 -107.42 9.60
CA THR A 73 28.15 -108.56 10.50
C THR A 73 28.05 -109.87 9.72
N ILE A 74 27.17 -109.92 8.71
CA ILE A 74 27.05 -111.12 7.91
C ILE A 74 28.32 -111.34 7.09
N ASP A 75 29.02 -110.26 6.73
CA ASP A 75 30.27 -110.43 6.01
C ASP A 75 31.32 -111.14 6.87
N VAL A 76 31.43 -110.72 8.13
CA VAL A 76 32.35 -111.43 9.03
C VAL A 76 31.88 -112.87 9.25
N ALA A 77 30.56 -113.08 9.28
CA ALA A 77 30.04 -114.43 9.48
C ALA A 77 30.44 -115.35 8.33
N LEU A 78 30.27 -114.87 7.10
CA LEU A 78 30.69 -115.66 5.94
C LEU A 78 32.20 -115.83 5.88
N ALA A 79 32.95 -114.82 6.31
CA ALA A 79 34.40 -114.93 6.31
C ALA A 79 34.88 -116.02 7.25
N ALA A 80 34.16 -116.24 8.35
CA ALA A 80 34.50 -117.38 9.20
C ALA A 80 33.88 -118.68 8.69
N GLY A 81 32.73 -118.60 8.03
CA GLY A 81 32.06 -119.82 7.58
C GLY A 81 32.79 -120.53 6.46
N ASP A 82 33.46 -119.76 5.60
CA ASP A 82 34.29 -120.42 4.58
C ASP A 82 35.43 -121.21 5.21
N THR A 83 36.02 -120.67 6.29
CA THR A 83 37.07 -121.40 6.99
C THR A 83 36.50 -122.64 7.68
N ILE A 84 35.31 -122.53 8.25
CA ILE A 84 34.68 -123.70 8.87
C ILE A 84 34.40 -124.76 7.83
N THR A 85 34.01 -124.35 6.63
CA THR A 85 33.77 -125.32 5.56
C THR A 85 35.07 -126.00 5.13
N ASP A 86 36.17 -125.25 5.08
CA ASP A 86 37.44 -125.86 4.72
C ASP A 86 37.88 -126.87 5.77
N LEU A 87 37.74 -126.52 7.05
CA LEU A 87 38.10 -127.46 8.11
C LEU A 87 37.20 -128.69 8.09
N LEU A 88 35.93 -128.51 7.76
CA LEU A 88 35.02 -129.65 7.66
C LEU A 88 35.41 -130.57 6.52
N THR A 89 35.83 -130.00 5.38
CA THR A 89 36.24 -130.83 4.26
C THR A 89 37.52 -131.60 4.57
N LYS A 90 38.48 -130.95 5.23
CA LYS A 90 39.70 -131.66 5.59
C LYS A 90 39.43 -132.74 6.63
N MET A 91 38.51 -132.48 7.57
CA MET A 91 38.14 -133.52 8.52
C MET A 91 37.41 -134.68 7.84
N LYS A 92 36.64 -134.39 6.79
CA LYS A 92 35.99 -135.46 6.03
C LYS A 92 37.03 -136.33 5.34
N GLU A 93 38.04 -135.69 4.73
CA GLU A 93 39.10 -136.47 4.09
C GLU A 93 39.89 -137.27 5.12
N LYS A 94 40.08 -136.71 6.32
CA LYS A 94 40.81 -137.42 7.37
C LYS A 94 40.05 -138.66 7.81
N ALA A 95 38.76 -138.51 8.10
CA ALA A 95 37.96 -139.66 8.52
C ALA A 95 37.82 -140.69 7.41
N LEU A 96 37.75 -140.24 6.14
CA LEU A 96 37.62 -141.19 5.06
C LEU A 96 38.91 -141.97 4.85
N ALA A 97 40.06 -141.31 4.99
CA ALA A 97 41.32 -142.03 4.94
C ALA A 97 41.46 -142.99 6.11
N ALA A 98 40.91 -142.62 7.26
CA ALA A 98 41.00 -143.47 8.44
C ALA A 98 40.04 -144.64 8.41
N SER A 99 38.98 -144.57 7.59
CA SER A 99 37.96 -145.61 7.61
C SER A 99 38.52 -146.96 7.16
N ASP A 100 39.49 -146.95 6.26
CA ASP A 100 40.02 -148.20 5.73
C ASP A 100 40.91 -148.91 6.76
N THR A 101 40.90 -150.24 6.70
CA THR A 101 41.65 -151.06 7.64
C THR A 101 43.11 -151.27 7.25
N SER A 102 43.53 -150.83 6.05
CA SER A 102 44.89 -151.08 5.61
C SER A 102 45.91 -150.33 6.46
N LEU A 103 45.49 -149.25 7.10
CA LEU A 103 46.42 -148.42 7.86
C LEU A 103 47.00 -149.18 9.05
N ASN A 104 48.27 -148.94 9.33
CA ASN A 104 48.90 -149.38 10.56
C ASN A 104 48.50 -148.46 11.72
N THR A 105 48.73 -148.94 12.95
CA THR A 105 48.26 -148.22 14.13
C THR A 105 48.87 -146.83 14.24
N ALA A 106 50.11 -146.65 13.79
CA ALA A 106 50.78 -145.35 13.95
C ALA A 106 50.13 -144.30 13.06
N SER A 107 49.89 -144.62 11.79
CA SER A 107 49.24 -143.67 10.89
C SER A 107 47.81 -143.40 11.35
N PHE A 108 47.15 -144.41 11.92
CA PHE A 108 45.79 -144.21 12.42
C PHE A 108 45.79 -143.24 13.60
N ASN A 109 46.75 -143.40 14.52
CA ASN A 109 46.84 -142.48 15.64
C ASN A 109 47.18 -141.07 15.17
N ALA A 110 48.01 -140.95 14.13
CA ALA A 110 48.35 -139.63 13.62
C ALA A 110 47.15 -138.95 12.98
N LEU A 111 46.39 -139.70 12.18
CA LEU A 111 45.18 -139.13 11.57
C LEU A 111 44.15 -138.77 12.63
N LYS A 112 44.06 -139.56 13.70
CA LYS A 112 43.13 -139.24 14.78
C LYS A 112 43.54 -137.97 15.51
N ALA A 113 44.83 -137.82 15.82
CA ALA A 113 45.29 -136.62 16.49
C ALA A 113 45.10 -135.40 15.60
N ASP A 114 45.32 -135.56 14.30
CA ASP A 114 45.06 -134.45 13.38
C ASP A 114 43.58 -134.11 13.34
N PHE A 115 42.72 -135.13 13.46
CA PHE A 115 41.28 -134.88 13.44
C PHE A 115 40.87 -134.07 14.66
N GLU A 116 41.40 -134.43 15.83
CA GLU A 116 41.10 -133.64 17.03
C GLU A 116 41.65 -132.22 16.90
N SER A 117 42.81 -132.07 16.26
CA SER A 117 43.38 -130.74 16.14
C SER A 117 42.53 -129.85 15.24
N LEU A 118 42.11 -130.37 14.08
CA LEU A 118 41.25 -129.59 13.20
C LEU A 118 39.90 -129.32 13.84
N ARG A 119 39.39 -130.23 14.68
CA ARG A 119 38.14 -129.93 15.37
C ARG A 119 38.34 -128.77 16.35
N ASP A 120 39.49 -128.71 17.01
CA ASP A 120 39.76 -127.60 17.92
C ASP A 120 39.88 -126.28 17.17
N GLN A 121 40.57 -126.29 16.03
CA GLN A 121 40.66 -125.05 15.25
C GLN A 121 39.31 -124.63 14.67
N LEU A 122 38.45 -125.61 14.35
CA LEU A 122 37.11 -125.26 13.89
C LEU A 122 36.31 -124.61 15.00
N GLN A 123 36.45 -125.12 16.23
CA GLN A 123 35.76 -124.49 17.35
C GLN A 123 36.28 -123.08 17.60
N LYS A 124 37.60 -122.87 17.46
CA LYS A 124 38.15 -121.53 17.66
C LYS A 124 37.66 -120.57 16.58
N ALA A 125 37.62 -121.04 15.33
CA ALA A 125 37.12 -120.20 14.25
C ALA A 125 35.65 -119.86 14.43
N ALA A 126 34.88 -120.78 15.04
CA ALA A 126 33.49 -120.47 15.35
C ALA A 126 33.40 -119.43 16.47
N THR A 127 34.25 -119.55 17.49
CA THR A 127 34.19 -118.61 18.61
C THR A 127 34.62 -117.21 18.20
N ASN A 128 35.54 -117.10 17.22
CA ASN A 128 36.08 -115.78 16.88
C ASN A 128 35.22 -115.00 15.90
N ALA A 129 34.15 -115.58 15.38
CA ALA A 129 33.31 -114.91 14.37
C ALA A 129 32.32 -113.99 15.06
N LYS A 130 32.72 -112.73 15.20
CA LYS A 130 31.80 -111.70 15.68
C LYS A 130 32.34 -110.32 15.31
N PHE A 131 31.41 -109.39 15.07
CA PHE A 131 31.73 -108.04 14.62
C PHE A 131 31.17 -107.06 15.65
N ASN A 132 32.06 -106.37 16.37
CA ASN A 132 31.68 -105.38 17.36
C ASN A 132 30.73 -105.97 18.41
N GLY A 133 31.06 -107.17 18.89
CA GLY A 133 30.37 -107.77 20.00
C GLY A 133 29.13 -108.57 19.66
N VAL A 134 28.76 -108.69 18.39
CA VAL A 134 27.60 -109.48 17.99
C VAL A 134 28.01 -110.44 16.88
N SER A 135 27.26 -111.54 16.76
CA SER A 135 27.63 -112.63 15.88
C SER A 135 26.39 -113.33 15.35
N LEU A 136 26.47 -113.77 14.10
CA LEU A 136 25.41 -114.59 13.50
C LEU A 136 25.82 -116.05 13.35
N ALA A 137 27.03 -116.42 13.73
CA ALA A 137 27.50 -117.80 13.63
C ALA A 137 27.92 -118.41 14.95
N ASP A 138 28.31 -117.61 15.94
CA ASP A 138 28.73 -118.15 17.24
C ASP A 138 27.56 -118.74 18.00
N GLY A 139 26.33 -118.37 17.67
CA GLY A 139 25.17 -118.80 18.42
C GLY A 139 24.88 -118.01 19.67
N SER A 140 25.50 -116.83 19.83
CA SER A 140 25.29 -116.04 21.04
C SER A 140 23.84 -115.59 21.20
N THR A 141 23.11 -115.45 20.09
CA THR A 141 21.72 -115.04 20.16
C THR A 141 20.95 -115.70 19.02
N THR A 142 19.65 -115.90 19.25
CA THR A 142 18.81 -116.55 18.25
C THR A 142 18.63 -115.71 16.99
N LYS A 143 18.68 -114.38 17.11
CA LYS A 143 18.44 -113.54 15.95
C LYS A 143 18.92 -112.12 16.25
N LEU A 144 19.13 -111.35 15.19
CA LEU A 144 19.34 -109.91 15.27
C LEU A 144 18.34 -109.24 14.34
N SER A 145 17.62 -108.24 14.85
CA SER A 145 16.54 -107.58 14.12
C SER A 145 17.00 -106.18 13.71
N PHE A 146 17.51 -106.07 12.50
CA PHE A 146 17.98 -104.79 11.98
C PHE A 146 16.82 -103.90 11.58
N LEU A 147 17.08 -102.60 11.58
CA LEU A 147 16.05 -101.61 11.30
C LEU A 147 15.55 -101.71 9.86
N ALA A 148 14.28 -101.40 9.66
CA ALA A 148 13.68 -101.55 8.35
C ALA A 148 13.01 -100.28 7.84
N ASN A 149 12.44 -99.48 8.74
CA ASN A 149 11.66 -98.33 8.33
C ASN A 149 11.70 -97.31 9.48
N GLU A 150 11.21 -96.10 9.22
CA GLU A 150 11.31 -95.06 10.25
C GLU A 150 10.31 -95.28 11.38
N ASP A 151 9.32 -96.14 11.18
CA ASP A 151 8.31 -96.42 12.19
C ASP A 151 8.75 -97.48 13.19
N GLY A 152 10.01 -97.90 13.13
CA GLY A 152 10.50 -98.96 13.99
C GLY A 152 10.33 -100.36 13.46
N SER A 153 9.87 -100.53 12.23
CA SER A 153 9.82 -101.85 11.63
C SER A 153 11.23 -102.44 11.55
N ASN A 154 11.33 -103.75 11.73
CA ASN A 154 12.62 -104.42 11.87
C ASN A 154 12.83 -105.44 10.76
N PHE A 155 14.02 -105.39 10.17
CA PHE A 155 14.51 -106.41 9.26
C PHE A 155 15.30 -107.45 10.06
N THR A 156 14.62 -108.46 10.57
CA THR A 156 15.24 -109.54 11.31
C THR A 156 15.90 -110.53 10.36
N VAL A 157 16.99 -111.15 10.82
CA VAL A 157 17.55 -112.35 10.20
C VAL A 157 17.98 -113.28 11.32
N THR A 158 17.51 -114.52 11.27
CA THR A 158 17.84 -115.48 12.31
C THR A 158 19.33 -115.83 12.25
N ALA A 159 19.95 -115.93 13.42
CA ALA A 159 21.35 -116.35 13.48
C ALA A 159 21.47 -117.81 13.05
N GLN A 160 22.54 -118.09 12.31
CA GLN A 160 22.80 -119.42 11.78
C GLN A 160 24.02 -119.97 12.51
N THR A 161 23.78 -120.75 13.56
CA THR A 161 24.86 -121.17 14.44
C THR A 161 25.86 -122.05 13.69
N LEU A 162 27.15 -121.78 13.89
CA LEU A 162 28.21 -122.54 13.28
C LEU A 162 29.21 -123.10 14.29
N SER A 163 28.89 -123.07 15.58
CA SER A 163 29.71 -123.72 16.58
C SER A 163 29.57 -125.24 16.44
N LEU A 164 30.49 -125.97 17.08
CA LEU A 164 30.52 -127.42 16.93
C LEU A 164 29.19 -128.04 17.36
N THR A 165 28.54 -127.47 18.37
CA THR A 165 27.25 -127.98 18.80
C THR A 165 26.17 -127.75 17.75
N GLY A 166 26.31 -126.71 16.93
CA GLY A 166 25.30 -126.40 15.93
C GLY A 166 25.37 -127.21 14.66
N ILE A 167 26.44 -127.97 14.45
CA ILE A 167 26.59 -128.81 13.27
C ILE A 167 26.51 -130.29 13.63
N GLY A 168 26.06 -130.62 14.84
CA GLY A 168 25.95 -131.99 15.27
C GLY A 168 27.20 -132.58 15.89
N LEU A 169 28.29 -131.82 15.93
CA LEU A 169 29.52 -132.22 16.57
C LEU A 169 29.52 -131.79 18.04
N THR A 170 30.55 -132.23 18.76
CA THR A 170 30.81 -131.76 20.11
C THR A 170 32.31 -131.53 20.24
N ALA A 171 32.69 -130.82 21.30
CA ALA A 171 34.12 -130.56 21.53
C ALA A 171 34.90 -131.84 21.76
N THR A 172 34.29 -132.86 22.34
CA THR A 172 34.95 -134.15 22.57
C THR A 172 34.70 -135.16 21.48
N SER A 173 33.97 -134.80 20.42
CA SER A 173 33.69 -135.74 19.36
C SER A 173 34.97 -136.21 18.69
N THR A 174 35.08 -137.51 18.47
CA THR A 174 36.25 -138.12 17.87
C THR A 174 35.91 -139.55 17.48
N PHE A 175 36.72 -140.09 16.58
CA PHE A 175 36.72 -141.52 16.27
C PHE A 175 37.91 -142.18 16.94
N THR A 176 37.76 -143.47 17.26
CA THR A 176 38.86 -144.23 17.83
C THR A 176 39.09 -145.57 17.14
N ASP A 177 38.17 -146.02 16.30
CA ASP A 177 38.31 -147.27 15.56
C ASP A 177 37.76 -147.05 14.15
N ALA A 178 38.00 -148.03 13.28
CA ALA A 178 37.63 -147.88 11.87
C ALA A 178 36.12 -147.75 11.67
N ALA A 179 35.32 -148.42 12.51
CA ALA A 179 33.87 -148.42 12.28
C ALA A 179 33.24 -147.10 12.71
N THR A 180 33.65 -146.58 13.88
CA THR A 180 33.14 -145.28 14.28
C THR A 180 33.63 -144.20 13.32
N ALA A 181 34.81 -144.37 12.73
CA ALA A 181 35.25 -143.45 11.69
C ALA A 181 34.38 -143.57 10.44
N LYS A 182 33.98 -144.80 10.08
CA LYS A 182 33.13 -144.97 8.91
C LYS A 182 31.78 -144.31 9.11
N THR A 183 31.26 -144.33 10.34
CA THR A 183 30.11 -143.49 10.65
C THR A 183 30.46 -142.00 10.63
N MET A 184 31.72 -141.68 10.99
CA MET A 184 32.12 -140.29 11.10
C MET A 184 32.15 -139.60 9.74
N ILE A 185 32.41 -140.35 8.66
CA ILE A 185 32.30 -139.72 7.33
C ILE A 185 30.90 -139.18 7.11
N ALA A 186 29.88 -140.00 7.37
CA ALA A 186 28.51 -139.54 7.15
C ALA A 186 28.15 -138.41 8.10
N THR A 187 28.68 -138.46 9.32
CA THR A 187 28.41 -137.39 10.28
C THR A 187 28.99 -136.06 9.79
N ILE A 188 30.26 -136.08 9.37
CA ILE A 188 30.91 -134.86 8.90
C ILE A 188 30.25 -134.37 7.62
N THR A 189 29.76 -135.29 6.78
CA THR A 189 29.07 -134.87 5.57
C THR A 189 27.77 -134.14 5.89
N THR A 190 26.99 -134.67 6.83
CA THR A 190 25.76 -133.98 7.21
C THR A 190 26.06 -132.63 7.85
N SER A 191 27.16 -132.55 8.61
CA SER A 191 27.51 -131.28 9.23
C SER A 191 27.93 -130.24 8.20
N LEU A 192 28.71 -130.66 7.20
CA LEU A 192 29.10 -129.73 6.14
C LEU A 192 27.89 -129.29 5.34
N GLN A 193 26.91 -130.18 5.14
CA GLN A 193 25.72 -129.79 4.40
C GLN A 193 24.92 -128.74 5.18
N THR A 194 24.73 -128.95 6.49
CA THR A 194 23.98 -127.96 7.25
C THR A 194 24.73 -126.64 7.35
N ALA A 195 26.07 -126.67 7.41
CA ALA A 195 26.83 -125.43 7.45
C ALA A 195 26.72 -124.67 6.14
N THR A 196 26.72 -125.39 5.01
CA THR A 196 26.57 -124.73 3.72
C THR A 196 25.19 -124.13 3.57
N ASN A 197 24.16 -124.84 4.04
CA ASN A 197 22.81 -124.28 3.96
C ASN A 197 22.68 -123.03 4.82
N LYS A 198 23.33 -123.03 5.98
CA LYS A 198 23.26 -121.86 6.86
C LYS A 198 23.97 -120.67 6.23
N LEU A 199 25.14 -120.90 5.64
CA LEU A 199 25.86 -119.81 4.98
C LEU A 199 25.07 -119.27 3.79
N SER A 200 24.36 -120.15 3.07
CA SER A 200 23.55 -119.68 1.95
C SER A 200 22.39 -118.81 2.43
N SER A 201 21.79 -119.17 3.56
CA SER A 201 20.74 -118.32 4.11
C SER A 201 21.30 -116.96 4.53
N LEU A 202 22.51 -116.95 5.08
CA LEU A 202 23.13 -115.68 5.45
C LEU A 202 23.41 -114.82 4.22
N GLY A 203 23.81 -115.44 3.12
CA GLY A 203 24.07 -114.67 1.91
C GLY A 203 22.79 -114.11 1.30
N THR A 204 21.70 -114.89 1.34
CA THR A 204 20.43 -114.34 0.88
C THR A 204 19.97 -113.19 1.76
N SER A 205 20.27 -113.26 3.06
CA SER A 205 19.96 -112.13 3.92
C SER A 205 20.77 -110.90 3.55
N SER A 206 22.03 -111.08 3.15
CA SER A 206 22.82 -109.92 2.72
C SER A 206 22.27 -109.31 1.45
N VAL A 207 21.83 -110.15 0.51
CA VAL A 207 21.25 -109.62 -0.73
C VAL A 207 19.95 -108.87 -0.42
N GLY A 208 19.17 -109.36 0.53
CA GLY A 208 17.96 -108.63 0.89
C GLY A 208 18.26 -107.32 1.60
N LEU A 209 19.32 -107.30 2.40
CA LEU A 209 19.74 -106.04 3.02
C LEU A 209 20.15 -105.03 1.95
N ASP A 210 20.81 -105.50 0.89
CA ASP A 210 21.19 -104.61 -0.20
C ASP A 210 19.95 -104.03 -0.87
N THR A 211 18.97 -104.88 -1.15
CA THR A 211 17.76 -104.41 -1.82
C THR A 211 17.01 -103.39 -0.97
N HIS A 212 16.82 -103.70 0.32
CA HIS A 212 16.09 -102.78 1.17
C HIS A 212 16.87 -101.47 1.38
N LEU A 213 18.20 -101.53 1.37
CA LEU A 213 18.98 -100.31 1.48
C LEU A 213 18.75 -99.40 0.28
N THR A 214 18.79 -99.98 -0.93
CA THR A 214 18.55 -99.19 -2.12
C THR A 214 17.14 -98.60 -2.11
N PHE A 215 16.15 -99.39 -1.69
CA PHE A 215 14.78 -98.88 -1.69
C PHE A 215 14.61 -97.77 -0.66
N VAL A 216 15.26 -97.89 0.50
CA VAL A 216 15.17 -96.85 1.51
C VAL A 216 15.82 -95.57 1.00
N GLY A 217 16.90 -95.68 0.24
CA GLY A 217 17.51 -94.48 -0.33
C GLY A 217 16.61 -93.81 -1.35
N LYS A 218 15.94 -94.61 -2.18
CA LYS A 218 14.98 -94.02 -3.11
C LYS A 218 13.83 -93.35 -2.37
N LEU A 219 13.37 -93.96 -1.27
CA LEU A 219 12.28 -93.36 -0.50
C LEU A 219 12.72 -92.06 0.16
N GLN A 220 13.98 -91.99 0.60
CA GLN A 220 14.47 -90.75 1.19
C GLN A 220 14.54 -89.64 0.14
N ASP A 221 15.00 -89.98 -1.07
CA ASP A 221 15.03 -88.98 -2.13
C ASP A 221 13.61 -88.52 -2.47
N SER A 222 12.65 -89.44 -2.45
CA SER A 222 11.27 -89.08 -2.75
C SER A 222 10.68 -88.18 -1.67
N LEU A 223 11.01 -88.44 -0.40
CA LEU A 223 10.50 -87.60 0.68
C LEU A 223 11.09 -86.20 0.59
N ASP A 224 12.39 -86.10 0.28
CA ASP A 224 12.98 -84.78 0.13
C ASP A 224 12.39 -84.04 -1.07
N ALA A 225 12.09 -84.75 -2.16
CA ALA A 225 11.42 -84.12 -3.29
C ALA A 225 10.02 -83.66 -2.91
N GLY A 226 9.34 -84.39 -2.02
CA GLY A 226 8.02 -83.98 -1.61
C GLY A 226 8.05 -82.74 -0.73
N VAL A 227 9.07 -82.63 0.14
CA VAL A 227 9.21 -81.41 0.92
C VAL A 227 9.52 -80.23 0.02
N GLY A 228 10.39 -80.44 -0.98
CA GLY A 228 10.71 -79.36 -1.89
C GLY A 228 9.53 -78.97 -2.75
N ASN A 229 8.64 -79.91 -3.03
CA ASN A 229 7.41 -79.59 -3.76
C ASN A 229 6.48 -78.77 -2.89
N LEU A 230 6.26 -79.20 -1.65
CA LEU A 230 5.31 -78.50 -0.78
C LEU A 230 5.79 -77.11 -0.38
N VAL A 231 7.10 -76.89 -0.29
CA VAL A 231 7.61 -75.67 0.33
C VAL A 231 8.18 -74.68 -0.69
N ASP A 232 9.15 -75.11 -1.50
CA ASP A 232 9.98 -74.16 -2.24
C ASP A 232 9.17 -73.33 -3.22
N ALA A 233 9.44 -72.03 -3.23
CA ALA A 233 8.84 -71.11 -4.19
C ALA A 233 9.54 -71.19 -5.53
N ASP A 234 8.79 -70.83 -6.58
CA ASP A 234 9.34 -70.74 -7.94
C ASP A 234 9.99 -69.36 -8.07
N LEU A 235 11.31 -69.30 -7.86
CA LEU A 235 11.98 -68.01 -7.72
C LEU A 235 11.92 -67.18 -8.99
N ALA A 236 11.78 -67.84 -10.15
CA ALA A 236 11.79 -67.08 -11.40
C ALA A 236 10.63 -66.10 -11.48
N LYS A 237 9.50 -66.43 -10.86
CA LYS A 237 8.36 -65.51 -10.84
C LYS A 237 8.58 -64.36 -9.87
N GLU A 238 9.19 -64.63 -8.72
CA GLU A 238 9.57 -63.55 -7.81
C GLU A 238 10.62 -62.64 -8.42
N SER A 239 11.41 -63.14 -9.37
CA SER A 239 12.41 -62.28 -10.01
C SER A 239 11.77 -61.11 -10.75
N ALA A 240 10.58 -61.31 -11.30
CA ALA A 240 9.83 -60.21 -11.90
C ALA A 240 8.94 -59.50 -10.89
N LYS A 241 8.38 -60.26 -9.94
CA LYS A 241 7.53 -59.64 -8.92
C LYS A 241 8.30 -58.61 -8.10
N LEU A 242 9.59 -58.84 -7.88
CA LEU A 242 10.38 -57.92 -7.04
C LEU A 242 10.57 -56.58 -7.73
N GLN A 243 10.95 -56.60 -9.01
CA GLN A 243 11.12 -55.36 -9.75
C GLN A 243 9.79 -54.64 -9.93
N SER A 244 8.71 -55.38 -10.19
CA SER A 244 7.42 -54.73 -10.32
C SER A 244 6.98 -54.09 -9.01
N LEU A 245 7.30 -54.74 -7.88
CA LEU A 245 6.94 -54.16 -6.60
C LEU A 245 7.82 -52.97 -6.24
N GLN A 246 9.09 -52.97 -6.66
CA GLN A 246 9.90 -51.77 -6.43
C GLN A 246 9.40 -50.59 -7.24
N THR A 247 8.98 -50.85 -8.48
CA THR A 247 8.35 -49.79 -9.26
C THR A 247 7.08 -49.30 -8.61
N LYS A 248 6.26 -50.22 -8.09
CA LYS A 248 5.03 -49.81 -7.43
C LYS A 248 5.31 -49.04 -6.14
N GLN A 249 6.42 -49.36 -5.46
CA GLN A 249 6.79 -48.61 -4.27
C GLN A 249 7.19 -47.18 -4.62
N GLN A 250 7.97 -47.00 -5.69
CA GLN A 250 8.32 -45.64 -6.09
C GLN A 250 7.08 -44.87 -6.54
N LEU A 251 6.14 -45.54 -7.23
CA LEU A 251 4.91 -44.89 -7.60
C LEU A 251 4.07 -44.51 -6.39
N GLY A 252 4.07 -45.35 -5.35
CA GLY A 252 3.31 -45.04 -4.17
C GLY A 252 3.91 -43.90 -3.38
N VAL A 253 5.25 -43.82 -3.33
CA VAL A 253 5.89 -42.70 -2.66
C VAL A 253 5.57 -41.40 -3.39
N GLN A 254 5.61 -41.42 -4.73
CA GLN A 254 5.29 -40.19 -5.46
C GLN A 254 3.82 -39.81 -5.30
N ALA A 255 2.91 -40.80 -5.30
CA ALA A 255 1.50 -40.48 -5.14
C ALA A 255 1.20 -39.93 -3.75
N LEU A 256 1.85 -40.50 -2.73
CA LEU A 256 1.69 -39.97 -1.37
C LEU A 256 2.28 -38.57 -1.26
N SER A 257 3.37 -38.29 -1.99
CA SER A 257 3.91 -36.94 -1.98
C SER A 257 2.95 -35.93 -2.63
N ILE A 258 2.27 -36.34 -3.70
CA ILE A 258 1.28 -35.44 -4.30
C ILE A 258 0.09 -35.25 -3.36
N ALA A 259 -0.29 -36.30 -2.62
CA ALA A 259 -1.37 -36.17 -1.65
C ALA A 259 -0.97 -35.27 -0.50
N ASN A 260 0.33 -35.23 -0.17
CA ASN A 260 0.80 -34.36 0.91
C ASN A 260 0.75 -32.89 0.50
N GLN A 261 0.73 -32.61 -0.80
CA GLN A 261 0.69 -31.24 -1.28
C GLN A 261 -0.69 -30.79 -1.76
N THR A 262 -1.59 -31.73 -2.04
CA THR A 262 -2.92 -31.34 -2.54
C THR A 262 -3.66 -30.39 -1.61
N PRO A 263 -3.78 -30.63 -0.30
CA PRO A 263 -4.55 -29.70 0.56
C PRO A 263 -4.05 -28.27 0.57
N GLN A 264 -2.75 -28.06 0.40
CA GLN A 264 -2.08 -26.81 0.73
C GLN A 264 -2.16 -25.76 -0.38
N THR A 265 -2.93 -26.01 -1.44
CA THR A 265 -3.22 -24.96 -2.40
C THR A 265 -4.08 -23.87 -1.79
N ILE A 266 -4.73 -24.15 -0.65
CA ILE A 266 -5.62 -23.19 -0.02
C ILE A 266 -4.89 -21.91 0.39
N LEU A 267 -3.60 -22.00 0.65
CA LEU A 267 -2.86 -20.86 1.18
C LEU A 267 -2.86 -19.67 0.22
N SER A 268 -2.86 -19.93 -1.08
CA SER A 268 -2.85 -18.83 -2.06
C SER A 268 -4.16 -18.07 -2.10
N LEU A 269 -5.25 -18.68 -1.64
CA LEU A 269 -6.56 -18.03 -1.62
C LEU A 269 -6.62 -16.84 -0.66
N PHE A 270 -5.79 -16.83 0.37
CA PHE A 270 -5.85 -15.76 1.38
C PHE A 270 -4.74 -14.74 1.14
N LEU B 1 -37.34 11.96 15.24
CA LEU B 1 -37.37 12.72 14.00
C LEU B 1 -36.20 13.70 13.93
N ASN B 2 -36.48 14.97 14.22
CA ASN B 2 -35.46 16.02 14.22
C ASN B 2 -34.78 16.17 15.57
N SER B 3 -34.92 15.18 16.45
CA SER B 3 -34.33 15.24 17.77
C SER B 3 -32.81 15.34 17.70
N ILE B 4 -32.24 16.19 18.57
CA ILE B 4 -30.79 16.25 18.73
C ILE B 4 -30.31 15.47 19.95
N ASN B 5 -31.19 15.19 20.92
CA ASN B 5 -30.78 14.42 22.09
C ASN B 5 -30.38 13.00 21.70
N THR B 6 -31.02 12.43 20.69
CA THR B 6 -30.73 11.06 20.28
C THR B 6 -31.14 10.88 18.82
N ASN B 7 -30.39 10.07 18.10
CA ASN B 7 -30.70 9.73 16.71
C ASN B 7 -30.82 8.22 16.54
N PRO B 8 -32.03 7.69 16.36
CA PRO B 8 -32.18 6.23 16.20
C PRO B 8 -31.41 5.64 15.04
N GLY B 9 -31.24 6.37 13.94
CA GLY B 9 -30.61 5.80 12.77
C GLY B 9 -29.16 5.40 13.04
N ALA B 10 -28.46 6.18 13.86
CA ALA B 10 -27.12 5.78 14.26
C ALA B 10 -27.15 4.51 15.10
N LEU B 11 -28.20 4.33 15.90
CA LEU B 11 -28.31 3.09 16.67
C LEU B 11 -28.51 1.90 15.75
N LEU B 12 -29.36 2.05 14.72
CA LEU B 12 -29.55 0.95 13.77
C LEU B 12 -28.28 0.67 12.98
N ALA B 13 -27.54 1.72 12.64
CA ALA B 13 -26.27 1.51 11.92
C ALA B 13 -25.26 0.81 12.80
N LEU B 14 -25.22 1.16 14.09
CA LEU B 14 -24.32 0.47 15.02
C LEU B 14 -24.73 -0.98 15.18
N GLN B 15 -26.04 -1.26 15.14
CA GLN B 15 -26.50 -2.63 15.26
C GLN B 15 -26.08 -3.45 14.04
N ASN B 16 -26.24 -2.89 12.84
CA ASN B 16 -25.82 -3.62 11.64
C ASN B 16 -24.32 -3.81 11.60
N LEU B 17 -23.55 -2.80 12.02
CA LEU B 17 -22.10 -2.94 12.06
C LEU B 17 -21.68 -3.97 13.10
N ASN B 18 -22.41 -4.05 14.23
CA ASN B 18 -22.09 -5.07 15.23
C ASN B 18 -22.37 -6.46 14.70
N SER B 19 -23.45 -6.63 13.92
CA SER B 19 -23.72 -7.92 13.33
C SER B 19 -22.63 -8.30 12.33
N THR B 20 -22.17 -7.32 11.54
CA THR B 20 -21.07 -7.59 10.62
C THR B 20 -19.79 -7.94 11.38
N ASN B 21 -19.56 -7.29 12.52
CA ASN B 21 -18.37 -7.59 13.32
C ASN B 21 -18.43 -8.99 13.91
N THR B 22 -19.61 -9.42 14.37
CA THR B 22 -19.71 -10.78 14.89
C THR B 22 -19.52 -11.81 13.78
N GLU B 23 -20.07 -11.54 12.59
CA GLU B 23 -19.85 -12.47 11.49
C GLU B 23 -18.37 -12.53 11.11
N LEU B 24 -17.68 -11.39 11.17
CA LEU B 24 -16.26 -11.37 10.84
C LEU B 24 -15.45 -12.12 11.90
N ALA B 25 -15.80 -11.96 13.18
CA ALA B 25 -15.07 -12.68 14.22
C ALA B 25 -15.31 -14.18 14.12
N ALA B 26 -16.53 -14.59 13.77
CA ALA B 26 -16.79 -16.01 13.55
C ALA B 26 -16.00 -16.54 12.37
N THR B 27 -15.86 -15.74 11.31
CA THR B 27 -15.03 -16.17 10.19
C THR B 27 -13.55 -16.27 10.57
N GLN B 28 -13.08 -15.33 11.40
CA GLN B 28 -11.70 -15.42 11.85
C GLN B 28 -11.46 -16.69 12.66
N GLY B 29 -12.43 -17.06 13.50
CA GLY B 29 -12.28 -18.29 14.26
C GLY B 29 -12.33 -19.53 13.39
N ARG B 30 -13.25 -19.52 12.41
CA ARG B 30 -13.37 -20.65 11.49
C ARG B 30 -12.11 -20.80 10.64
N ILE B 31 -11.42 -19.70 10.39
CA ILE B 31 -10.21 -19.75 9.56
C ILE B 31 -9.01 -20.19 10.38
N ASN B 32 -8.70 -19.46 11.47
CA ASN B 32 -7.49 -19.76 12.21
C ASN B 32 -7.55 -21.12 12.88
N THR B 33 -8.74 -21.57 13.28
CA THR B 33 -8.83 -22.90 13.87
C THR B 33 -8.92 -23.99 12.81
N GLY B 34 -9.55 -23.68 11.68
CA GLY B 34 -9.80 -24.68 10.66
C GLY B 34 -11.01 -25.56 10.93
N LYS B 35 -11.83 -25.20 11.90
CA LYS B 35 -12.97 -26.01 12.32
C LYS B 35 -14.21 -25.13 12.42
N LYS B 36 -15.31 -25.60 11.84
CA LYS B 36 -16.58 -24.90 11.99
C LYS B 36 -17.28 -25.21 13.31
N VAL B 37 -16.81 -26.21 14.05
CA VAL B 37 -17.36 -26.54 15.36
C VAL B 37 -16.22 -26.76 16.33
N ALA B 38 -15.33 -25.76 16.44
CA ALA B 38 -14.09 -25.93 17.19
C ALA B 38 -14.32 -26.18 18.67
N ASN B 39 -15.40 -25.66 19.24
CA ASN B 39 -15.64 -25.74 20.67
C ASN B 39 -17.11 -26.05 20.90
N ALA B 40 -17.48 -26.21 22.18
CA ALA B 40 -18.84 -26.59 22.51
C ALA B 40 -19.88 -25.55 22.13
N LYS B 41 -19.52 -24.27 22.14
CA LYS B 41 -20.48 -23.22 21.81
C LYS B 41 -20.91 -23.21 20.36
N ASP B 42 -20.08 -23.73 19.44
CA ASP B 42 -20.48 -23.73 18.04
C ASP B 42 -21.70 -24.62 17.80
N ASN B 43 -21.69 -25.80 18.43
CA ASN B 43 -22.83 -26.72 18.39
C ASN B 43 -22.51 -27.87 19.32
N GLY B 44 -23.22 -27.95 20.45
CA GLY B 44 -22.82 -28.89 21.48
C GLY B 44 -22.97 -30.34 21.07
N ALA B 45 -24.01 -30.66 20.31
CA ALA B 45 -24.25 -32.06 19.94
C ALA B 45 -23.18 -32.56 18.98
N ILE B 46 -22.91 -31.80 17.92
CA ILE B 46 -21.88 -32.20 16.96
C ILE B 46 -20.51 -32.23 17.64
N TRP B 47 -20.28 -31.32 18.59
CA TRP B 47 -18.99 -31.30 19.27
C TRP B 47 -18.81 -32.52 20.16
N SER B 48 -19.87 -32.93 20.87
CA SER B 48 -19.76 -34.14 21.69
C SER B 48 -19.62 -35.38 20.82
N MET B 49 -20.30 -35.41 19.67
CA MET B 49 -20.15 -36.54 18.76
C MET B 49 -18.72 -36.66 18.28
N ALA B 50 -18.15 -35.56 17.80
CA ALA B 50 -16.77 -35.57 17.34
C ALA B 50 -15.80 -35.86 18.48
N LYS B 51 -16.13 -35.43 19.71
CA LYS B 51 -15.24 -35.68 20.83
C LYS B 51 -15.18 -37.17 21.16
N MET B 52 -16.35 -37.83 21.20
CA MET B 52 -16.36 -39.27 21.44
C MET B 52 -15.68 -40.01 20.29
N GLN B 53 -15.87 -39.55 19.06
CA GLN B 53 -15.24 -40.22 17.93
C GLN B 53 -13.72 -40.10 17.99
N SER B 54 -13.22 -38.90 18.29
CA SER B 54 -11.78 -38.71 18.42
C SER B 54 -11.23 -39.48 19.60
N ALA B 55 -12.00 -39.62 20.68
CA ALA B 55 -11.52 -40.39 21.82
C ALA B 55 -11.38 -41.86 21.46
N THR B 56 -12.33 -42.40 20.70
CA THR B 56 -12.20 -43.79 20.26
C THR B 56 -11.04 -43.96 19.29
N ALA B 57 -10.88 -43.01 18.37
CA ALA B 57 -9.79 -43.10 17.40
C ALA B 57 -8.43 -43.00 18.08
N SER B 58 -8.34 -42.23 19.17
CA SER B 58 -7.09 -42.17 19.92
C SER B 58 -6.88 -43.41 20.75
N SER B 59 -7.97 -44.00 21.26
CA SER B 59 -7.87 -45.21 22.07
C SER B 59 -7.46 -46.43 21.25
N LEU B 60 -7.68 -46.41 19.94
CA LEU B 60 -7.33 -47.59 19.12
C LEU B 60 -5.83 -47.88 19.08
N ASN B 61 -5.00 -46.89 19.40
CA ASN B 61 -3.55 -47.09 19.34
C ASN B 61 -3.09 -48.16 20.33
N SER B 62 -3.73 -48.23 21.49
CA SER B 62 -3.38 -49.27 22.45
C SER B 62 -3.76 -50.66 21.95
N VAL B 63 -4.86 -50.76 21.20
CA VAL B 63 -5.22 -52.04 20.60
C VAL B 63 -4.17 -52.45 19.57
N LYS B 64 -3.70 -51.48 18.79
CA LYS B 64 -2.64 -51.80 17.83
C LYS B 64 -1.38 -52.26 18.54
N ASP B 65 -1.05 -51.61 19.66
CA ASP B 65 0.14 -52.00 20.42
C ASP B 65 0.01 -53.40 20.98
N SER B 66 -1.19 -53.77 21.44
CA SER B 66 -1.39 -55.11 21.98
C SER B 66 -1.28 -56.17 20.90
N LEU B 67 -1.88 -55.92 19.73
CA LEU B 67 -1.79 -56.89 18.65
C LEU B 67 -0.34 -57.08 18.21
N GLN B 68 0.43 -55.99 18.18
CA GLN B 68 1.83 -56.12 17.81
C GLN B 68 2.64 -56.85 18.87
N ARG B 69 2.34 -56.61 20.15
CA ARG B 69 3.01 -57.35 21.21
C ARG B 69 2.70 -58.84 21.12
N GLY B 70 1.48 -59.17 20.72
CA GLY B 70 1.16 -60.58 20.53
C GLY B 70 1.88 -61.18 19.34
N GLN B 71 2.04 -60.39 18.28
CA GLN B 71 2.84 -60.87 17.16
C GLN B 71 4.25 -61.21 17.61
N SER B 72 4.85 -60.33 18.43
CA SER B 72 6.19 -60.61 18.92
C SER B 72 6.23 -61.84 19.83
N THR B 73 5.16 -62.06 20.60
CA THR B 73 5.14 -63.20 21.51
C THR B 73 5.08 -64.52 20.75
N ILE B 74 4.16 -64.64 19.79
CA ILE B 74 4.15 -65.86 18.98
C ILE B 74 5.43 -65.97 18.15
N ASP B 75 6.06 -64.85 17.78
CA ASP B 75 7.33 -64.95 17.08
C ASP B 75 8.39 -65.62 17.95
N VAL B 76 8.49 -65.22 19.22
CA VAL B 76 9.46 -65.85 20.10
C VAL B 76 9.10 -67.32 20.32
N ALA B 77 7.80 -67.62 20.41
CA ALA B 77 7.40 -69.00 20.64
C ALA B 77 7.76 -69.88 19.45
N LEU B 78 7.63 -69.36 18.23
CA LEU B 78 8.04 -70.13 17.05
C LEU B 78 9.55 -70.26 16.96
N ALA B 79 10.28 -69.21 17.38
CA ALA B 79 11.74 -69.28 17.38
C ALA B 79 12.24 -70.36 18.32
N ALA B 80 11.53 -70.61 19.42
CA ALA B 80 11.91 -71.74 20.27
C ALA B 80 11.32 -73.06 19.79
N GLY B 81 10.18 -73.02 19.11
CA GLY B 81 9.58 -74.25 18.63
C GLY B 81 10.37 -74.89 17.52
N ASP B 82 11.12 -74.09 16.76
CA ASP B 82 12.03 -74.69 15.76
C ASP B 82 13.07 -75.55 16.44
N THR B 83 13.69 -75.03 17.51
CA THR B 83 14.66 -75.82 18.26
C THR B 83 14.01 -77.04 18.89
N ILE B 84 12.76 -76.90 19.35
CA ILE B 84 12.10 -78.05 19.97
C ILE B 84 11.87 -79.15 18.95
N THR B 85 11.44 -78.79 17.73
CA THR B 85 11.25 -79.81 16.71
C THR B 85 12.56 -80.44 16.27
N ASP B 86 13.65 -79.65 16.18
CA ASP B 86 14.92 -80.25 15.81
C ASP B 86 15.42 -81.21 16.88
N LEU B 87 15.26 -80.83 18.16
CA LEU B 87 15.67 -81.73 19.24
C LEU B 87 14.81 -82.98 19.28
N LEU B 88 13.51 -82.85 18.97
CA LEU B 88 12.66 -84.03 18.92
C LEU B 88 13.06 -84.95 17.77
N THR B 89 13.47 -84.38 16.64
CA THR B 89 13.95 -85.22 15.55
C THR B 89 15.23 -85.94 15.93
N LYS B 90 16.14 -85.27 16.64
CA LYS B 90 17.36 -85.93 17.07
C LYS B 90 17.08 -87.01 18.12
N MET B 91 16.10 -86.78 18.98
CA MET B 91 15.72 -87.79 19.97
C MET B 91 15.11 -89.00 19.29
N LYS B 92 14.28 -88.79 18.27
CA LYS B 92 13.75 -89.91 17.52
C LYS B 92 14.86 -90.63 16.77
N GLU B 93 15.86 -89.88 16.28
CA GLU B 93 17.03 -90.50 15.67
C GLU B 93 17.72 -91.45 16.64
N LYS B 94 17.97 -90.97 17.86
CA LYS B 94 18.70 -91.76 18.84
C LYS B 94 17.90 -92.99 19.25
N ALA B 95 16.63 -92.82 19.61
CA ALA B 95 15.83 -93.96 20.05
C ALA B 95 15.65 -94.97 18.92
N LEU B 96 15.54 -94.47 17.68
CA LEU B 96 15.35 -95.35 16.54
C LEU B 96 16.60 -96.16 16.27
N ALA B 97 17.77 -95.53 16.33
CA ALA B 97 19.02 -96.29 16.18
C ALA B 97 19.24 -97.24 17.35
N ALA B 98 18.80 -96.85 18.55
CA ALA B 98 18.95 -97.70 19.72
C ALA B 98 18.03 -98.90 19.69
N SER B 99 16.93 -98.85 18.94
CA SER B 99 16.02 -99.98 18.88
C SER B 99 16.65 -101.22 18.26
N ASP B 100 17.69 -101.06 17.45
CA ASP B 100 18.33 -102.21 16.81
C ASP B 100 18.99 -103.09 17.87
N THR B 101 18.81 -104.41 17.73
CA THR B 101 19.35 -105.38 18.67
C THR B 101 20.80 -105.75 18.39
N SER B 102 21.34 -105.35 17.24
CA SER B 102 22.71 -105.70 16.87
C SER B 102 23.76 -104.80 17.50
N LEU B 103 23.36 -103.71 18.15
CA LEU B 103 24.31 -102.86 18.83
C LEU B 103 24.86 -103.56 20.07
N ASN B 104 26.16 -103.36 20.31
CA ASN B 104 26.76 -103.80 21.55
C ASN B 104 26.37 -102.87 22.69
N THR B 105 26.59 -103.32 23.93
CA THR B 105 26.11 -102.57 25.08
C THR B 105 26.74 -101.17 25.16
N ALA B 106 27.96 -101.02 24.68
CA ALA B 106 28.64 -99.73 24.79
C ALA B 106 28.02 -98.68 23.86
N SER B 107 27.80 -99.03 22.59
CA SER B 107 27.17 -98.09 21.68
C SER B 107 25.74 -97.78 22.11
N PHE B 108 25.06 -98.76 22.69
CA PHE B 108 23.71 -98.52 23.19
C PHE B 108 23.73 -97.55 24.37
N ASN B 109 24.74 -97.68 25.24
CA ASN B 109 24.88 -96.73 26.34
C ASN B 109 25.19 -95.33 25.83
N ALA B 110 25.98 -95.25 24.77
CA ALA B 110 26.29 -93.93 24.21
C ALA B 110 25.05 -93.29 23.58
N LEU B 111 24.25 -94.08 22.87
CA LEU B 111 23.01 -93.56 22.31
C LEU B 111 22.03 -93.16 23.41
N LYS B 112 22.03 -93.91 24.52
CA LYS B 112 21.16 -93.56 25.64
C LYS B 112 21.60 -92.23 26.26
N ALA B 113 22.91 -92.04 26.44
CA ALA B 113 23.39 -90.79 27.00
C ALA B 113 23.10 -89.62 26.07
N ASP B 114 23.17 -89.86 24.75
CA ASP B 114 22.80 -88.82 23.80
C ASP B 114 21.33 -88.48 23.90
N PHE B 115 20.48 -89.49 24.09
CA PHE B 115 19.05 -89.24 24.21
C PHE B 115 18.74 -88.43 25.47
N GLU B 116 19.40 -88.78 26.58
CA GLU B 116 19.17 -88.04 27.83
C GLU B 116 19.64 -86.60 27.70
N SER B 117 20.80 -86.39 27.07
CA SER B 117 21.30 -85.03 26.92
C SER B 117 20.40 -84.21 26.01
N LEU B 118 19.86 -84.83 24.97
CA LEU B 118 18.95 -84.12 24.07
C LEU B 118 17.65 -83.75 24.78
N ARG B 119 17.15 -84.64 25.64
CA ARG B 119 15.94 -84.32 26.40
C ARG B 119 16.20 -83.20 27.41
N ASP B 120 17.37 -83.21 28.06
CA ASP B 120 17.69 -82.14 29.00
C ASP B 120 17.86 -80.81 28.28
N GLN B 121 18.38 -80.83 27.04
CA GLN B 121 18.44 -79.61 26.25
C GLN B 121 17.06 -79.14 25.82
N LEU B 122 16.17 -80.09 25.50
CA LEU B 122 14.83 -79.72 25.07
C LEU B 122 14.05 -79.05 26.19
N GLN B 123 14.25 -79.51 27.44
CA GLN B 123 13.53 -78.89 28.54
C GLN B 123 13.96 -77.42 28.72
N LYS B 124 15.25 -77.13 28.51
CA LYS B 124 15.70 -75.75 28.63
C LYS B 124 15.23 -74.92 27.44
N ALA B 125 15.23 -75.51 26.24
CA ALA B 125 14.74 -74.80 25.07
C ALA B 125 13.26 -74.48 25.22
N ALA B 126 12.51 -75.31 25.94
CA ALA B 126 11.11 -75.02 26.20
C ALA B 126 10.96 -73.94 27.27
N THR B 127 11.70 -74.05 28.37
CA THR B 127 11.50 -73.12 29.47
C THR B 127 12.00 -71.72 29.14
N ASN B 128 12.94 -71.57 28.21
CA ASN B 128 13.46 -70.26 27.86
C ASN B 128 12.58 -69.50 26.87
N ALA B 129 11.51 -70.13 26.38
CA ALA B 129 10.64 -69.53 25.36
C ALA B 129 9.67 -68.55 26.01
N LYS B 130 10.18 -67.39 26.37
CA LYS B 130 9.33 -66.35 26.95
C LYS B 130 9.75 -64.98 26.43
N PHE B 131 8.77 -64.10 26.32
CA PHE B 131 8.94 -62.74 25.79
C PHE B 131 8.50 -61.76 26.86
N ASN B 132 9.46 -61.14 27.55
CA ASN B 132 9.18 -60.14 28.58
C ASN B 132 8.31 -60.69 29.70
N GLY B 133 8.61 -61.91 30.14
CA GLY B 133 7.96 -62.47 31.29
C GLY B 133 6.64 -63.17 31.02
N VAL B 134 6.20 -63.18 29.77
CA VAL B 134 4.99 -63.90 29.38
C VAL B 134 5.37 -64.85 28.27
N SER B 135 4.67 -65.98 28.18
CA SER B 135 5.03 -67.01 27.23
C SER B 135 3.83 -67.87 26.88
N LEU B 136 3.75 -68.27 25.62
CA LEU B 136 2.73 -69.21 25.16
C LEU B 136 3.26 -70.63 25.02
N ALA B 137 4.55 -70.86 25.29
CA ALA B 137 5.16 -72.16 25.07
C ALA B 137 5.62 -72.86 26.33
N ASP B 138 5.95 -72.13 27.40
CA ASP B 138 6.45 -72.76 28.62
C ASP B 138 5.34 -73.33 29.49
N GLY B 139 4.07 -73.05 29.16
CA GLY B 139 2.96 -73.54 29.96
C GLY B 139 2.65 -72.73 31.20
N SER B 140 3.24 -71.55 31.36
CA SER B 140 3.00 -70.73 32.53
C SER B 140 1.55 -70.26 32.65
N THR B 141 0.82 -70.14 31.54
CA THR B 141 -0.56 -69.68 31.58
C THR B 141 -1.36 -70.41 30.52
N THR B 142 -2.65 -70.61 30.80
CA THR B 142 -3.54 -71.29 29.87
C THR B 142 -3.78 -70.52 28.58
N LYS B 143 -3.76 -69.19 28.62
CA LYS B 143 -4.11 -68.41 27.44
C LYS B 143 -3.65 -66.98 27.62
N LEU B 144 -3.67 -66.23 26.53
CA LEU B 144 -3.43 -64.79 26.52
C LEU B 144 -4.56 -64.12 25.75
N SER B 145 -4.91 -62.91 26.15
CA SER B 145 -6.08 -62.21 25.61
C SER B 145 -5.69 -60.79 25.23
N PHE B 146 -5.13 -60.64 24.03
CA PHE B 146 -4.73 -59.34 23.53
C PHE B 146 -5.94 -58.50 23.15
N LEU B 147 -5.76 -57.18 23.23
CA LEU B 147 -6.81 -56.24 22.92
C LEU B 147 -7.20 -56.31 21.44
N ALA B 148 -8.48 -56.10 21.16
CA ALA B 148 -8.99 -56.12 19.80
C ALA B 148 -10.12 -55.15 19.53
N ASN B 149 -10.43 -54.25 20.46
CA ASN B 149 -11.54 -53.32 20.26
C ASN B 149 -11.36 -52.19 21.27
N GLU B 150 -11.92 -51.01 20.94
CA GLU B 150 -11.84 -49.89 21.86
C GLU B 150 -12.70 -50.05 23.10
N ASP B 151 -13.67 -50.96 23.08
CA ASP B 151 -14.49 -51.25 24.25
C ASP B 151 -13.82 -52.25 25.18
N GLY B 152 -12.61 -52.69 24.85
CA GLY B 152 -11.89 -53.65 25.65
C GLY B 152 -12.08 -55.09 25.27
N SER B 153 -12.73 -55.38 24.15
CA SER B 153 -12.88 -56.76 23.70
C SER B 153 -11.51 -57.38 23.45
N ASN B 154 -11.38 -58.66 23.80
CA ASN B 154 -10.11 -59.35 23.76
C ASN B 154 -9.98 -60.21 22.51
N PHE B 155 -8.75 -60.32 22.02
CA PHE B 155 -8.39 -61.24 20.95
C PHE B 155 -7.64 -62.38 21.62
N THR B 156 -8.39 -63.40 22.04
CA THR B 156 -7.81 -64.50 22.80
C THR B 156 -6.91 -65.38 21.95
N VAL B 157 -5.89 -65.93 22.59
CA VAL B 157 -5.09 -66.99 21.99
C VAL B 157 -4.72 -68.00 23.07
N THR B 158 -5.16 -69.24 22.89
CA THR B 158 -4.81 -70.30 23.83
C THR B 158 -3.32 -70.60 23.75
N ALA B 159 -2.70 -70.78 24.92
CA ALA B 159 -1.29 -71.13 24.96
C ALA B 159 -1.10 -72.57 24.52
N GLN B 160 0.01 -72.82 23.85
CA GLN B 160 0.39 -74.15 23.39
C GLN B 160 1.65 -74.56 24.15
N THR B 161 1.48 -75.35 25.21
CA THR B 161 2.61 -75.77 26.01
C THR B 161 3.57 -76.62 25.18
N LEU B 162 4.87 -76.33 25.29
CA LEU B 162 5.90 -77.06 24.57
C LEU B 162 6.95 -77.65 25.50
N SER B 163 6.70 -77.66 26.80
CA SER B 163 7.59 -78.34 27.74
C SER B 163 7.48 -79.84 27.57
N LEU B 164 8.41 -80.57 28.20
CA LEU B 164 8.40 -82.02 28.09
C LEU B 164 7.08 -82.61 28.54
N THR B 165 6.51 -82.10 29.63
CA THR B 165 5.22 -82.56 30.09
C THR B 165 4.10 -82.20 29.13
N GLY B 166 4.26 -81.11 28.37
CA GLY B 166 3.23 -80.70 27.43
C GLY B 166 3.21 -81.47 26.13
N ILE B 167 4.27 -82.23 25.84
CA ILE B 167 4.35 -83.04 24.64
C ILE B 167 4.28 -84.53 24.96
N GLY B 168 3.91 -84.89 26.20
CA GLY B 168 3.78 -86.27 26.60
C GLY B 168 5.04 -86.90 27.16
N LEU B 169 6.16 -86.20 27.14
CA LEU B 169 7.41 -86.69 27.72
C LEU B 169 7.51 -86.28 29.18
N THR B 170 8.48 -86.86 29.87
CA THR B 170 8.83 -86.48 31.23
C THR B 170 10.33 -86.24 31.32
N ALA B 171 10.74 -85.53 32.35
CA ALA B 171 12.16 -85.26 32.56
C ALA B 171 12.96 -86.53 32.80
N THR B 172 12.34 -87.56 33.39
CA THR B 172 12.99 -88.84 33.61
C THR B 172 12.96 -89.74 32.38
N SER B 173 12.13 -89.43 31.40
CA SER B 173 11.83 -90.38 30.32
C SER B 173 13.10 -90.78 29.57
N THR B 174 13.26 -92.08 29.37
CA THR B 174 14.41 -92.65 28.69
C THR B 174 14.11 -94.12 28.40
N PHE B 175 14.88 -94.70 27.49
CA PHE B 175 14.83 -96.12 27.22
C PHE B 175 15.96 -96.83 27.96
N THR B 176 15.68 -98.06 28.40
CA THR B 176 16.70 -98.89 29.04
C THR B 176 17.03 -100.15 28.26
N ASP B 177 16.32 -100.46 27.17
CA ASP B 177 16.59 -101.64 26.37
C ASP B 177 16.00 -101.43 24.98
N ALA B 178 16.26 -102.40 24.10
CA ALA B 178 15.81 -102.29 22.71
C ALA B 178 14.29 -102.18 22.62
N ALA B 179 13.55 -102.86 23.49
CA ALA B 179 12.10 -102.77 23.44
C ALA B 179 11.61 -101.40 23.94
N THR B 180 12.24 -100.89 25.00
CA THR B 180 11.86 -99.55 25.47
C THR B 180 12.20 -98.49 24.44
N ALA B 181 13.31 -98.66 23.71
CA ALA B 181 13.61 -97.75 22.61
C ALA B 181 12.61 -97.91 21.46
N LYS B 182 12.17 -99.14 21.21
CA LYS B 182 11.19 -99.37 20.15
C LYS B 182 9.86 -98.69 20.48
N THR B 183 9.50 -98.63 21.76
CA THR B 183 8.32 -97.88 22.18
C THR B 183 8.58 -96.37 22.17
N MET B 184 9.80 -95.96 22.55
CA MET B 184 10.14 -94.55 22.55
C MET B 184 10.13 -93.97 21.15
N ILE B 185 10.34 -94.80 20.12
CA ILE B 185 10.21 -94.31 18.74
C ILE B 185 8.82 -93.73 18.51
N ALA B 186 7.79 -94.52 18.79
CA ALA B 186 6.42 -94.04 18.60
C ALA B 186 6.08 -92.93 19.58
N THR B 187 6.66 -92.96 20.79
CA THR B 187 6.41 -91.89 21.75
C THR B 187 6.92 -90.56 21.22
N ILE B 188 8.18 -90.53 20.75
CA ILE B 188 8.74 -89.30 20.21
C ILE B 188 8.04 -88.90 18.93
N THR B 189 7.53 -89.86 18.16
CA THR B 189 6.79 -89.52 16.96
C THR B 189 5.50 -88.77 17.31
N THR B 190 4.75 -89.29 18.29
CA THR B 190 3.54 -88.60 18.73
C THR B 190 3.86 -87.24 19.34
N SER B 191 5.00 -87.14 20.04
CA SER B 191 5.38 -85.85 20.62
C SER B 191 5.69 -84.84 19.53
N LEU B 192 6.42 -85.25 18.50
CA LEU B 192 6.71 -84.33 17.41
C LEU B 192 5.45 -83.93 16.65
N GLN B 193 4.50 -84.86 16.52
CA GLN B 193 3.25 -84.53 15.83
C GLN B 193 2.46 -83.48 16.60
N THR B 194 2.27 -83.70 17.91
CA THR B 194 1.54 -82.71 18.67
C THR B 194 2.29 -81.38 18.74
N ALA B 195 3.62 -81.42 18.74
CA ALA B 195 4.38 -80.17 18.81
C ALA B 195 4.21 -79.35 17.53
N THR B 196 4.31 -79.99 16.36
CA THR B 196 4.09 -79.23 15.13
C THR B 196 2.65 -78.77 15.02
N ASN B 197 1.69 -79.52 15.57
CA ASN B 197 0.31 -79.04 15.57
C ASN B 197 0.18 -77.76 16.38
N LYS B 198 0.78 -77.73 17.56
CA LYS B 198 0.72 -76.53 18.39
C LYS B 198 1.42 -75.36 17.71
N LEU B 199 2.54 -75.61 17.03
CA LEU B 199 3.24 -74.53 16.35
C LEU B 199 2.42 -73.96 15.20
N SER B 200 1.74 -74.83 14.45
CA SER B 200 0.89 -74.34 13.37
C SER B 200 -0.28 -73.53 13.92
N SER B 201 -0.82 -73.93 15.08
CA SER B 201 -1.90 -73.15 15.67
C SER B 201 -1.40 -71.77 16.10
N LEU B 202 -0.19 -71.71 16.65
CA LEU B 202 0.38 -70.42 17.03
C LEU B 202 0.59 -69.53 15.82
N GLY B 203 1.04 -70.11 14.70
CA GLY B 203 1.26 -69.30 13.52
C GLY B 203 -0.03 -68.79 12.92
N THR B 204 -1.08 -69.61 12.94
CA THR B 204 -2.37 -69.14 12.46
C THR B 204 -2.92 -68.02 13.34
N SER B 205 -2.72 -68.13 14.66
CA SER B 205 -3.16 -67.05 15.53
C SER B 205 -2.37 -65.77 15.27
N SER B 206 -1.08 -65.88 14.96
CA SER B 206 -0.31 -64.67 14.67
C SER B 206 -0.77 -64.03 13.36
N VAL B 207 -1.14 -64.85 12.37
CA VAL B 207 -1.67 -64.28 11.13
C VAL B 207 -2.99 -63.58 11.37
N GLY B 208 -3.83 -64.13 12.26
CA GLY B 208 -5.07 -63.47 12.59
C GLY B 208 -4.83 -62.16 13.31
N LEU B 209 -3.82 -62.12 14.18
CA LEU B 209 -3.46 -60.86 14.83
C LEU B 209 -3.01 -59.82 13.81
N ASP B 210 -2.26 -60.24 12.79
CA ASP B 210 -1.83 -59.30 11.76
C ASP B 210 -3.00 -58.75 10.97
N THR B 211 -3.93 -59.62 10.60
CA THR B 211 -5.09 -59.16 9.83
C THR B 211 -5.94 -58.21 10.65
N HIS B 212 -6.16 -58.52 11.93
CA HIS B 212 -6.94 -57.62 12.77
C HIS B 212 -6.20 -56.31 12.99
N LEU B 213 -4.87 -56.32 13.01
CA LEU B 213 -4.12 -55.08 13.11
C LEU B 213 -4.35 -54.20 11.89
N THR B 214 -4.32 -54.80 10.70
CA THR B 214 -4.59 -54.01 9.50
C THR B 214 -6.00 -53.44 9.51
N PHE B 215 -6.98 -54.24 9.94
CA PHE B 215 -8.35 -53.74 9.97
C PHE B 215 -8.51 -52.64 11.02
N VAL B 216 -7.78 -52.74 12.14
CA VAL B 216 -7.86 -51.71 13.16
C VAL B 216 -7.27 -50.41 12.63
N GLY B 217 -6.20 -50.49 11.84
CA GLY B 217 -5.65 -49.27 11.26
C GLY B 217 -6.60 -48.64 10.25
N LYS B 218 -7.29 -49.49 9.47
CA LYS B 218 -8.31 -48.96 8.57
C LYS B 218 -9.42 -48.26 9.34
N LEU B 219 -9.88 -48.87 10.43
CA LEU B 219 -10.95 -48.28 11.22
C LEU B 219 -10.50 -46.98 11.87
N GLN B 220 -9.23 -46.89 12.28
CA GLN B 220 -8.74 -45.65 12.88
C GLN B 220 -8.69 -44.53 11.85
N ASP B 221 -8.23 -44.82 10.64
CA ASP B 221 -8.23 -43.79 9.60
C ASP B 221 -9.66 -43.38 9.27
N SER B 222 -10.59 -44.33 9.27
CA SER B 222 -11.99 -43.99 8.97
C SER B 222 -12.58 -43.11 10.07
N LEU B 223 -12.22 -43.37 11.33
CA LEU B 223 -12.72 -42.55 12.43
C LEU B 223 -12.16 -41.14 12.36
N ASP B 224 -10.88 -41.01 12.01
CA ASP B 224 -10.32 -39.67 11.88
C ASP B 224 -10.95 -38.93 10.70
N ALA B 225 -11.23 -39.64 9.60
CA ALA B 225 -11.92 -39.01 8.48
C ALA B 225 -13.33 -38.58 8.86
N GLY B 226 -14.00 -39.35 9.71
CA GLY B 226 -15.34 -38.96 10.13
C GLY B 226 -15.32 -37.75 11.05
N VAL B 227 -14.33 -37.67 11.93
CA VAL B 227 -14.18 -36.47 12.76
C VAL B 227 -13.92 -35.26 11.88
N GLY B 228 -13.10 -35.43 10.84
CA GLY B 228 -12.81 -34.31 9.97
C GLY B 228 -14.03 -33.88 9.17
N ASN B 229 -14.84 -34.85 8.75
CA ASN B 229 -16.09 -34.52 8.05
C ASN B 229 -17.06 -33.79 8.96
N LEU B 230 -17.11 -34.17 10.24
CA LEU B 230 -18.03 -33.51 11.15
C LEU B 230 -17.57 -32.13 11.57
N VAL B 231 -16.26 -31.88 11.58
CA VAL B 231 -15.70 -30.74 12.28
C VAL B 231 -15.16 -29.67 11.34
N ASP B 232 -14.39 -30.05 10.33
CA ASP B 232 -13.59 -29.09 9.58
C ASP B 232 -14.45 -28.12 8.77
N ALA B 233 -13.98 -26.87 8.71
CA ALA B 233 -14.58 -25.87 7.84
C ALA B 233 -14.18 -26.11 6.39
N ASP B 234 -15.07 -25.72 5.48
CA ASP B 234 -14.80 -25.72 4.04
C ASP B 234 -14.08 -24.42 3.72
N LEU B 235 -12.78 -24.38 4.03
CA LEU B 235 -12.06 -23.11 4.16
C LEU B 235 -12.10 -22.27 2.89
N ALA B 236 -12.23 -22.91 1.73
CA ALA B 236 -12.26 -22.15 0.49
C ALA B 236 -13.45 -21.20 0.44
N LYS B 237 -14.55 -21.53 1.12
CA LYS B 237 -15.69 -20.63 1.19
C LYS B 237 -15.39 -19.41 2.06
N GLU B 238 -14.76 -19.63 3.22
CA GLU B 238 -14.36 -18.49 4.05
C GLU B 238 -13.28 -17.65 3.38
N SER B 239 -12.54 -18.21 2.42
CA SER B 239 -11.51 -17.42 1.74
C SER B 239 -12.11 -16.22 1.02
N ALA B 240 -13.33 -16.34 0.50
CA ALA B 240 -14.02 -15.21 -0.09
C ALA B 240 -14.98 -14.54 0.88
N LYS B 241 -15.56 -15.33 1.81
CA LYS B 241 -16.44 -14.76 2.81
C LYS B 241 -15.71 -13.73 3.67
N LEU B 242 -14.41 -13.95 3.89
CA LEU B 242 -13.60 -13.02 4.69
C LEU B 242 -13.52 -11.66 4.02
N GLN B 243 -13.13 -11.64 2.74
CA GLN B 243 -12.99 -10.38 2.03
C GLN B 243 -14.34 -9.69 1.89
N SER B 244 -15.41 -10.47 1.70
CA SER B 244 -16.73 -9.86 1.62
C SER B 244 -17.15 -9.23 2.95
N LEU B 245 -16.84 -9.89 4.07
CA LEU B 245 -17.12 -9.29 5.37
C LEU B 245 -16.27 -8.07 5.64
N GLN B 246 -15.02 -8.02 5.15
CA GLN B 246 -14.21 -6.83 5.34
C GLN B 246 -14.77 -5.65 4.55
N THR B 247 -15.17 -5.89 3.30
CA THR B 247 -15.79 -4.81 2.53
C THR B 247 -17.09 -4.38 3.17
N LYS B 248 -17.85 -5.34 3.71
CA LYS B 248 -19.10 -4.99 4.39
C LYS B 248 -18.83 -4.19 5.65
N GLN B 249 -17.71 -4.47 6.34
CA GLN B 249 -17.36 -3.70 7.52
C GLN B 249 -17.01 -2.27 7.16
N GLN B 250 -16.25 -2.08 6.08
CA GLN B 250 -15.93 -0.72 5.64
C GLN B 250 -17.19 0.04 5.24
N LEU B 251 -18.10 -0.64 4.53
CA LEU B 251 -19.35 0.01 4.13
C LEU B 251 -20.20 0.35 5.35
N GLY B 252 -20.19 -0.52 6.36
CA GLY B 252 -20.98 -0.25 7.56
C GLY B 252 -20.40 0.88 8.38
N VAL B 253 -19.07 0.99 8.44
CA VAL B 253 -18.46 2.10 9.18
C VAL B 253 -18.74 3.41 8.47
N GLN B 254 -18.66 3.43 7.15
CA GLN B 254 -18.96 4.67 6.43
C GLN B 254 -20.43 5.04 6.56
N ALA B 255 -21.34 4.05 6.50
CA ALA B 255 -22.75 4.35 6.66
C ALA B 255 -23.07 4.83 8.07
N LEU B 256 -22.40 4.26 9.07
CA LEU B 256 -22.59 4.73 10.43
C LEU B 256 -22.07 6.14 10.61
N SER B 257 -20.97 6.48 9.94
CA SER B 257 -20.47 7.86 10.02
C SER B 257 -21.44 8.84 9.37
N ILE B 258 -22.03 8.44 8.24
CA ILE B 258 -23.04 9.30 7.63
C ILE B 258 -24.25 9.44 8.54
N ALA B 259 -24.61 8.37 9.25
CA ALA B 259 -25.71 8.46 10.20
C ALA B 259 -25.38 9.37 11.38
N ASN B 260 -24.12 9.36 11.82
CA ASN B 260 -23.71 10.28 12.88
C ASN B 260 -23.69 11.72 12.40
N GLN B 261 -23.44 11.95 11.11
CA GLN B 261 -23.46 13.31 10.58
C GLN B 261 -24.84 13.80 10.20
N THR B 262 -25.81 12.90 10.02
CA THR B 262 -27.14 13.32 9.59
C THR B 262 -27.82 14.32 10.54
N PRO B 263 -27.87 14.10 11.86
CA PRO B 263 -28.62 15.03 12.73
C PRO B 263 -28.13 16.48 12.68
N GLN B 264 -26.83 16.69 12.46
CA GLN B 264 -26.20 17.97 12.73
C GLN B 264 -26.44 19.02 11.66
N THR B 265 -27.17 18.68 10.59
CA THR B 265 -27.55 19.68 9.61
C THR B 265 -28.48 20.72 10.22
N ILE B 266 -29.11 20.40 11.35
CA ILE B 266 -30.04 21.33 12.00
C ILE B 266 -29.32 22.62 12.41
N LEU B 267 -28.02 22.53 12.70
CA LEU B 267 -27.29 23.72 13.12
C LEU B 267 -27.28 24.80 12.04
N SER B 268 -27.35 24.40 10.77
CA SER B 268 -27.40 25.36 9.67
C SER B 268 -28.68 26.18 9.69
N LEU B 269 -29.75 25.67 10.30
CA LEU B 269 -31.02 26.38 10.34
C LEU B 269 -31.02 27.54 11.34
N PHE B 270 -30.03 27.61 12.22
CA PHE B 270 -29.96 28.68 13.21
C PHE B 270 -28.81 29.63 12.90
N LEU C 1 -61.58 56.09 28.00
CA LEU C 1 -61.96 56.81 26.80
C LEU C 1 -60.90 57.87 26.48
N ASN C 2 -61.13 59.10 26.91
CA ASN C 2 -60.12 60.15 26.87
C ASN C 2 -59.40 60.31 28.19
N SER C 3 -59.53 59.34 29.09
CA SER C 3 -58.98 59.46 30.44
C SER C 3 -57.47 59.58 30.41
N ILE C 4 -56.95 60.46 31.27
CA ILE C 4 -55.50 60.58 31.47
C ILE C 4 -55.01 59.74 32.64
N ASN C 5 -55.85 59.46 33.64
CA ASN C 5 -55.40 58.73 34.81
C ASN C 5 -55.03 57.29 34.48
N THR C 6 -55.65 56.71 33.45
CA THR C 6 -55.34 55.34 33.06
C THR C 6 -55.73 55.13 31.61
N ASN C 7 -54.95 54.31 30.91
CA ASN C 7 -55.22 53.93 29.51
C ASN C 7 -55.34 52.42 29.32
N PRO C 8 -56.55 51.89 29.14
CA PRO C 8 -56.70 50.44 28.98
C PRO C 8 -55.94 49.85 27.80
N GLY C 9 -55.81 50.61 26.71
CA GLY C 9 -55.18 50.05 25.52
C GLY C 9 -53.72 49.69 25.75
N ALA C 10 -53.01 50.50 26.54
CA ALA C 10 -51.65 50.15 26.92
C ALA C 10 -51.62 48.89 27.77
N LEU C 11 -52.65 48.67 28.59
CA LEU C 11 -52.72 47.44 29.38
C LEU C 11 -52.89 46.22 28.50
N LEU C 12 -53.81 46.30 27.51
CA LEU C 12 -53.97 45.17 26.60
C LEU C 12 -52.73 44.95 25.75
N ALA C 13 -52.03 46.02 25.38
CA ALA C 13 -50.80 45.87 24.61
C ALA C 13 -49.72 45.20 25.46
N LEU C 14 -49.65 45.57 26.74
CA LEU C 14 -48.70 44.91 27.63
C LEU C 14 -49.05 43.45 27.84
N GLN C 15 -50.34 43.12 27.87
CA GLN C 15 -50.74 41.73 28.02
C GLN C 15 -50.34 40.91 26.80
N ASN C 16 -50.55 41.45 25.60
CA ASN C 16 -50.14 40.74 24.40
C ASN C 16 -48.62 40.61 24.32
N LEU C 17 -47.89 41.65 24.71
CA LEU C 17 -46.43 41.57 24.71
C LEU C 17 -45.94 40.55 25.74
N ASN C 18 -46.62 40.45 26.88
CA ASN C 18 -46.24 39.45 27.87
C ASN C 18 -46.51 38.04 27.37
N SER C 19 -47.62 37.85 26.67
CA SER C 19 -47.88 36.53 26.07
C SER C 19 -46.80 36.19 25.06
N THR C 20 -46.37 37.18 24.26
CA THR C 20 -45.29 36.94 23.31
C THR C 20 -43.99 36.60 24.02
N ASN C 21 -43.73 37.24 25.17
CA ASN C 21 -42.52 36.95 25.91
C ASN C 21 -42.53 35.55 26.50
N THR C 22 -43.68 35.12 27.03
CA THR C 22 -43.75 33.76 27.57
C THR C 22 -43.62 32.72 26.47
N GLU C 23 -44.22 32.97 25.29
CA GLU C 23 -44.05 32.01 24.21
C GLU C 23 -42.61 31.97 23.73
N LEU C 24 -41.94 33.13 23.69
CA LEU C 24 -40.54 33.14 23.30
C LEU C 24 -39.68 32.42 24.33
N ALA C 25 -40.02 32.54 25.61
CA ALA C 25 -39.27 31.83 26.65
C ALA C 25 -39.47 30.32 26.54
N ALA C 26 -40.70 29.89 26.24
CA ALA C 26 -40.92 28.46 26.04
C ALA C 26 -40.16 27.95 24.82
N THR C 27 -40.05 28.79 23.78
CA THR C 27 -39.25 28.40 22.62
C THR C 27 -37.78 28.32 22.96
N GLN C 28 -37.28 29.26 23.78
CA GLN C 28 -35.89 29.18 24.21
C GLN C 28 -35.62 27.91 25.01
N GLY C 29 -36.61 27.49 25.81
CA GLY C 29 -36.43 26.26 26.57
C GLY C 29 -36.40 25.04 25.67
N ARG C 30 -37.33 24.97 24.71
CA ARG C 30 -37.32 23.85 23.76
C ARG C 30 -36.06 23.86 22.89
N ILE C 31 -35.45 25.02 22.69
CA ILE C 31 -34.22 25.09 21.90
C ILE C 31 -33.03 24.61 22.73
N ASN C 32 -32.73 25.29 23.83
CA ASN C 32 -31.51 24.95 24.55
C ASN C 32 -31.57 23.57 25.16
N THR C 33 -32.76 23.10 25.56
CA THR C 33 -32.83 21.76 26.13
C THR C 33 -32.93 20.69 25.04
N GLY C 34 -33.67 20.99 23.97
CA GLY C 34 -33.96 19.99 22.96
C GLY C 34 -35.15 19.13 23.26
N LYS C 35 -35.84 19.36 24.38
CA LYS C 35 -36.99 18.58 24.78
C LYS C 35 -38.22 19.46 24.83
N LYS C 36 -39.35 18.95 24.35
CA LYS C 36 -40.63 19.64 24.52
C LYS C 36 -41.26 19.36 25.88
N VAL C 37 -40.74 18.39 26.63
CA VAL C 37 -41.22 18.09 27.97
C VAL C 37 -40.01 17.86 28.88
N ALA C 38 -39.14 18.87 28.96
CA ALA C 38 -37.87 18.77 29.65
C ALA C 38 -38.01 18.54 31.15
N ASN C 39 -39.10 19.00 31.77
CA ASN C 39 -39.29 18.88 33.19
C ASN C 39 -40.72 18.46 33.46
N ALA C 40 -41.05 18.23 34.74
CA ALA C 40 -42.39 17.80 35.11
C ALA C 40 -43.44 18.85 34.78
N LYS C 41 -43.11 20.13 34.85
CA LYS C 41 -44.09 21.18 34.59
C LYS C 41 -44.58 21.21 33.16
N ASP C 42 -43.76 20.79 32.19
CA ASP C 42 -44.19 20.85 30.80
C ASP C 42 -45.37 19.91 30.55
N ASN C 43 -45.38 18.75 31.21
CA ASN C 43 -46.47 17.79 31.14
C ASN C 43 -46.14 16.65 32.09
N GLY C 44 -46.83 16.59 33.24
CA GLY C 44 -46.42 15.66 34.28
C GLY C 44 -46.57 14.21 33.88
N ALA C 45 -47.62 13.89 33.12
CA ALA C 45 -47.85 12.50 32.74
C ALA C 45 -46.79 12.02 31.76
N ILE C 46 -46.56 12.79 30.69
CA ILE C 46 -45.57 12.38 29.70
C ILE C 46 -44.18 12.35 30.32
N TRP C 47 -43.91 13.29 31.23
CA TRP C 47 -42.61 13.32 31.89
C TRP C 47 -42.43 12.10 32.79
N SER C 48 -43.48 11.69 33.49
CA SER C 48 -43.36 10.51 34.35
C SER C 48 -43.19 9.24 33.52
N MET C 49 -43.95 9.12 32.43
CA MET C 49 -43.82 7.93 31.58
C MET C 49 -42.42 7.86 30.98
N ALA C 50 -41.91 8.99 30.50
CA ALA C 50 -40.58 9.01 29.92
C ALA C 50 -39.50 8.77 30.96
N LYS C 51 -39.71 9.23 32.20
CA LYS C 51 -38.71 8.98 33.23
C LYS C 51 -38.67 7.51 33.61
N MET C 52 -39.84 6.87 33.69
CA MET C 52 -39.86 5.43 33.95
C MET C 52 -39.23 4.65 32.81
N GLN C 53 -39.47 5.07 31.56
CA GLN C 53 -38.83 4.40 30.44
C GLN C 53 -37.33 4.58 30.45
N SER C 54 -36.87 5.79 30.82
CA SER C 54 -35.44 6.04 30.87
C SER C 54 -34.77 5.23 31.97
N ALA C 55 -35.46 5.06 33.11
CA ALA C 55 -34.91 4.22 34.17
C ALA C 55 -34.87 2.75 33.75
N THR C 56 -35.93 2.28 33.08
CA THR C 56 -35.96 0.90 32.61
C THR C 56 -34.87 0.64 31.57
N ALA C 57 -34.56 1.65 30.76
CA ALA C 57 -33.50 1.50 29.77
C ALA C 57 -32.12 1.55 30.43
N SER C 58 -31.90 2.48 31.36
CA SER C 58 -30.60 2.59 32.01
C SER C 58 -30.31 1.40 32.91
N SER C 59 -31.34 0.71 33.40
CA SER C 59 -31.11 -0.41 34.29
C SER C 59 -30.62 -1.66 33.56
N LEU C 60 -30.71 -1.69 32.23
CA LEU C 60 -30.34 -2.88 31.48
C LEU C 60 -28.83 -3.09 31.39
N ASN C 61 -28.03 -2.07 31.72
CA ASN C 61 -26.58 -2.26 31.71
C ASN C 61 -26.15 -3.31 32.71
N SER C 62 -26.82 -3.38 33.86
CA SER C 62 -26.48 -4.42 34.83
C SER C 62 -26.81 -5.81 34.31
N VAL C 63 -27.93 -5.95 33.58
CA VAL C 63 -28.24 -7.24 32.98
C VAL C 63 -27.21 -7.61 31.93
N LYS C 64 -26.74 -6.62 31.17
CA LYS C 64 -25.73 -6.89 30.17
C LYS C 64 -24.42 -7.34 30.82
N ASP C 65 -24.03 -6.69 31.92
CA ASP C 65 -22.83 -7.10 32.62
C ASP C 65 -22.96 -8.49 33.22
N SER C 66 -24.15 -8.84 33.70
CA SER C 66 -24.36 -10.18 34.23
C SER C 66 -24.26 -11.23 33.13
N LEU C 67 -24.79 -10.93 31.94
CA LEU C 67 -24.71 -11.88 30.84
C LEU C 67 -23.26 -12.08 30.39
N GLN C 68 -22.49 -10.99 30.34
CA GLN C 68 -21.08 -11.15 29.98
C GLN C 68 -20.30 -11.90 31.07
N ARG C 69 -20.65 -11.68 32.34
CA ARG C 69 -20.00 -12.43 33.41
C ARG C 69 -20.31 -13.92 33.32
N GLY C 70 -21.55 -14.26 32.94
CA GLY C 70 -21.89 -15.66 32.77
C GLY C 70 -21.19 -16.28 31.58
N GLN C 71 -21.04 -15.51 30.50
CA GLN C 71 -20.29 -16.01 29.36
C GLN C 71 -18.83 -16.27 29.74
N SER C 72 -18.24 -15.39 30.56
CA SER C 72 -16.86 -15.59 30.97
C SER C 72 -16.72 -16.81 31.87
N THR C 73 -17.69 -17.03 32.76
CA THR C 73 -17.64 -18.19 33.64
C THR C 73 -17.79 -19.49 32.84
N ILE C 74 -18.70 -19.52 31.87
CA ILE C 74 -18.81 -20.72 31.04
C ILE C 74 -17.55 -20.90 30.19
N ASP C 75 -16.91 -19.80 29.79
CA ASP C 75 -15.67 -19.91 29.02
C ASP C 75 -14.57 -20.56 29.83
N VAL C 76 -14.39 -20.13 31.08
CA VAL C 76 -13.37 -20.78 31.91
C VAL C 76 -13.76 -22.23 32.21
N ALA C 77 -15.05 -22.50 32.33
CA ALA C 77 -15.46 -23.89 32.55
C ALA C 77 -15.12 -24.77 31.37
N LEU C 78 -15.33 -24.28 30.14
CA LEU C 78 -14.94 -25.05 28.96
C LEU C 78 -13.42 -25.16 28.86
N ALA C 79 -12.69 -24.13 29.30
CA ALA C 79 -11.24 -24.18 29.25
C ALA C 79 -10.69 -25.25 30.17
N ALA C 80 -11.35 -25.50 31.31
CA ALA C 80 -10.94 -26.63 32.13
C ALA C 80 -11.52 -27.95 31.63
N GLY C 81 -12.66 -27.90 30.96
CA GLY C 81 -13.27 -29.12 30.47
C GLY C 81 -12.48 -29.74 29.33
N ASP C 82 -11.77 -28.93 28.55
CA ASP C 82 -10.87 -29.49 27.55
C ASP C 82 -9.79 -30.35 28.19
N THR C 83 -9.18 -29.84 29.27
CA THR C 83 -8.18 -30.62 29.99
C THR C 83 -8.80 -31.87 30.62
N ILE C 84 -10.01 -31.75 31.16
CA ILE C 84 -10.63 -32.91 31.79
C ILE C 84 -10.93 -33.99 30.76
N THR C 85 -11.35 -33.58 29.57
CA THR C 85 -11.64 -34.56 28.52
C THR C 85 -10.36 -35.22 28.02
N ASP C 86 -9.29 -34.45 27.83
CA ASP C 86 -8.04 -35.07 27.40
C ASP C 86 -7.50 -36.02 28.46
N LEU C 87 -7.67 -35.67 29.74
CA LEU C 87 -7.22 -36.56 30.80
C LEU C 87 -8.05 -37.83 30.85
N LEU C 88 -9.37 -37.73 30.65
CA LEU C 88 -10.18 -38.93 30.61
C LEU C 88 -9.83 -39.81 29.41
N THR C 89 -9.47 -39.22 28.28
CA THR C 89 -9.07 -40.03 27.13
C THR C 89 -7.76 -40.76 27.41
N LYS C 90 -6.79 -40.07 28.01
CA LYS C 90 -5.55 -40.74 28.36
C LYS C 90 -5.77 -41.83 29.41
N MET C 91 -6.68 -41.59 30.36
CA MET C 91 -6.99 -42.61 31.36
C MET C 91 -7.67 -43.82 30.73
N LYS C 92 -8.52 -43.60 29.72
CA LYS C 92 -9.12 -44.73 29.03
C LYS C 92 -8.07 -45.53 28.29
N GLU C 93 -7.11 -44.84 27.66
CA GLU C 93 -6.03 -45.57 26.99
C GLU C 93 -5.19 -46.34 27.99
N LYS C 94 -4.94 -45.78 29.16
CA LYS C 94 -4.12 -46.46 30.16
C LYS C 94 -4.83 -47.70 30.69
N ALA C 95 -6.11 -47.57 31.07
CA ALA C 95 -6.85 -48.71 31.57
C ALA C 95 -7.02 -49.78 30.49
N LEU C 96 -7.19 -49.35 29.24
CA LEU C 96 -7.38 -50.30 28.15
C LEU C 96 -6.10 -51.09 27.90
N ALA C 97 -4.95 -50.41 27.90
CA ALA C 97 -3.69 -51.13 27.77
C ALA C 97 -3.43 -52.01 28.99
N ALA C 98 -3.88 -51.59 30.18
CA ALA C 98 -3.72 -52.40 31.36
C ALA C 98 -4.59 -53.65 31.35
N SER C 99 -5.70 -53.64 30.60
CA SER C 99 -6.55 -54.82 30.54
C SER C 99 -5.87 -56.00 29.85
N ASP C 100 -4.85 -55.74 29.01
CA ASP C 100 -4.19 -56.82 28.29
C ASP C 100 -3.47 -57.74 29.28
N THR C 101 -3.58 -59.05 29.05
CA THR C 101 -3.02 -60.05 29.94
C THR C 101 -1.54 -60.30 29.69
N SER C 102 -1.02 -59.98 28.51
CA SER C 102 0.36 -60.25 28.14
C SER C 102 1.36 -59.45 28.97
N LEU C 103 0.96 -58.31 29.52
CA LEU C 103 1.89 -57.47 30.26
C LEU C 103 2.41 -58.18 31.51
N ASN C 104 3.70 -57.96 31.78
CA ASN C 104 4.31 -58.43 33.01
C ASN C 104 3.99 -57.44 34.13
N THR C 105 4.29 -57.85 35.37
CA THR C 105 3.82 -57.09 36.53
C THR C 105 4.40 -55.68 36.56
N ALA C 106 5.62 -55.50 36.05
CA ALA C 106 6.26 -54.18 36.13
C ALA C 106 5.57 -53.18 35.20
N SER C 107 5.31 -53.58 33.96
CA SER C 107 4.62 -52.68 33.03
C SER C 107 3.21 -52.39 33.50
N PHE C 108 2.55 -53.38 34.12
CA PHE C 108 1.22 -53.14 34.66
C PHE C 108 1.27 -52.14 35.81
N ASN C 109 2.31 -52.23 36.65
CA ASN C 109 2.49 -51.26 37.71
C ASN C 109 2.75 -49.87 37.15
N ALA C 110 3.46 -49.79 36.03
CA ALA C 110 3.73 -48.50 35.41
C ALA C 110 2.45 -47.88 34.86
N LEU C 111 1.65 -48.68 34.16
CA LEU C 111 0.38 -48.18 33.65
C LEU C 111 -0.56 -47.78 34.79
N LYS C 112 -0.52 -48.52 35.90
CA LYS C 112 -1.35 -48.18 37.04
C LYS C 112 -0.91 -46.87 37.68
N ALA C 113 0.41 -46.67 37.83
CA ALA C 113 0.90 -45.42 38.41
C ALA C 113 0.57 -44.23 37.52
N ASP C 114 0.65 -44.43 36.19
CA ASP C 114 0.25 -43.35 35.29
C ASP C 114 -1.24 -43.06 35.40
N PHE C 115 -2.07 -44.09 35.57
CA PHE C 115 -3.49 -43.87 35.73
C PHE C 115 -3.77 -43.09 37.01
N GLU C 116 -3.05 -43.40 38.08
CA GLU C 116 -3.20 -42.67 39.33
C GLU C 116 -2.83 -41.21 39.15
N SER C 117 -1.70 -40.95 38.50
CA SER C 117 -1.26 -39.57 38.34
C SER C 117 -2.20 -38.78 37.45
N LEU C 118 -2.77 -39.43 36.42
CA LEU C 118 -3.73 -38.73 35.58
C LEU C 118 -5.02 -38.42 36.32
N ARG C 119 -5.49 -39.32 37.18
CA ARG C 119 -6.67 -39.00 37.97
C ARG C 119 -6.39 -37.89 38.97
N ASP C 120 -5.19 -37.89 39.56
CA ASP C 120 -4.82 -36.82 40.49
C ASP C 120 -4.73 -35.48 39.78
N GLN C 121 -4.28 -35.49 38.52
CA GLN C 121 -4.29 -34.26 37.73
C GLN C 121 -5.71 -33.83 37.38
N LEU C 122 -6.59 -34.80 37.11
CA LEU C 122 -7.96 -34.46 36.75
C LEU C 122 -8.70 -33.80 37.90
N GLN C 123 -8.43 -34.24 39.13
CA GLN C 123 -9.12 -33.63 40.26
C GLN C 123 -8.72 -32.16 40.42
N LYS C 124 -7.43 -31.86 40.25
CA LYS C 124 -6.99 -30.48 40.34
C LYS C 124 -7.50 -29.65 39.17
N ALA C 125 -7.55 -30.25 37.97
CA ALA C 125 -8.09 -29.53 36.82
C ALA C 125 -9.56 -29.21 37.01
N ALA C 126 -10.29 -30.06 37.74
CA ALA C 126 -11.68 -29.76 38.05
C ALA C 126 -11.79 -28.68 39.13
N THR C 127 -10.97 -28.76 40.18
CA THR C 127 -11.09 -27.79 41.26
C THR C 127 -10.67 -26.39 40.82
N ASN C 128 -9.76 -26.29 39.85
CA ASN C 128 -9.25 -24.97 39.47
C ASN C 128 -10.17 -24.21 38.54
N ALA C 129 -11.27 -24.81 38.08
CA ALA C 129 -12.18 -24.15 37.16
C ALA C 129 -13.13 -23.25 37.94
N LYS C 130 -12.74 -21.99 38.10
CA LYS C 130 -13.62 -21.01 38.71
C LYS C 130 -13.26 -19.62 38.21
N PHE C 131 -14.27 -18.79 38.04
CA PHE C 131 -14.12 -17.41 37.56
C PHE C 131 -14.53 -16.47 38.67
N ASN C 132 -13.56 -15.77 39.24
CA ASN C 132 -13.80 -14.80 40.33
C ASN C 132 -14.48 -15.46 41.52
N GLY C 133 -14.07 -16.69 41.84
CA GLY C 133 -14.53 -17.38 43.02
C GLY C 133 -15.83 -18.15 42.86
N VAL C 134 -16.45 -18.14 41.68
CA VAL C 134 -17.64 -18.95 41.43
C VAL C 134 -17.35 -19.88 40.26
N SER C 135 -18.06 -21.00 40.23
CA SER C 135 -17.77 -22.05 39.26
C SER C 135 -19.04 -22.79 38.88
N LEU C 136 -19.19 -23.07 37.58
CA LEU C 136 -20.20 -23.98 37.08
C LEU C 136 -19.67 -25.40 36.90
N ALA C 137 -18.37 -25.63 37.14
CA ALA C 137 -17.78 -26.94 36.96
C ALA C 137 -17.20 -27.55 38.22
N ASP C 138 -16.76 -26.75 39.19
CA ASP C 138 -16.21 -27.29 40.43
C ASP C 138 -17.27 -28.02 41.24
N GLY C 139 -18.54 -27.68 41.07
CA GLY C 139 -19.61 -28.25 41.85
C GLY C 139 -19.86 -27.59 43.18
N SER C 140 -19.22 -26.45 43.45
CA SER C 140 -19.44 -25.71 44.69
C SER C 140 -20.86 -25.17 44.82
N THR C 141 -21.57 -24.98 43.70
CA THR C 141 -22.94 -24.48 43.75
C THR C 141 -23.81 -25.29 42.80
N THR C 142 -25.10 -25.36 43.12
CA THR C 142 -26.03 -26.15 42.31
C THR C 142 -26.38 -25.46 41.01
N LYS C 143 -26.46 -24.12 41.00
CA LYS C 143 -26.79 -23.38 39.80
C LYS C 143 -26.50 -21.90 40.02
N LEU C 144 -26.32 -21.17 38.92
CA LEU C 144 -26.11 -19.73 38.95
C LEU C 144 -27.18 -19.04 38.12
N SER C 145 -27.96 -18.19 38.78
CA SER C 145 -29.08 -17.48 38.14
C SER C 145 -28.62 -16.09 37.74
N PHE C 146 -28.40 -15.89 36.44
CA PHE C 146 -27.95 -14.62 35.91
C PHE C 146 -29.14 -13.70 35.62
N LEU C 147 -28.88 -12.40 35.67
CA LEU C 147 -29.92 -11.41 35.38
C LEU C 147 -30.37 -11.53 33.92
N ALA C 148 -31.67 -11.37 33.71
CA ALA C 148 -32.25 -11.47 32.38
C ALA C 148 -33.08 -10.26 31.97
N ASN C 149 -33.66 -9.51 32.91
CA ASN C 149 -34.50 -8.38 32.57
C ASN C 149 -34.41 -7.38 33.72
N GLU C 150 -34.95 -6.18 33.50
CA GLU C 150 -34.74 -5.12 34.49
C GLU C 150 -35.48 -5.40 35.78
N ASP C 151 -36.49 -6.26 35.76
CA ASP C 151 -37.29 -6.57 36.94
C ASP C 151 -36.63 -7.58 37.86
N GLY C 152 -35.44 -8.09 37.52
CA GLY C 152 -34.79 -9.09 38.31
C GLY C 152 -35.08 -10.53 37.92
N SER C 153 -35.81 -10.75 36.83
CA SER C 153 -36.01 -12.11 36.34
C SER C 153 -34.67 -12.74 35.99
N ASN C 154 -34.50 -14.00 36.38
CA ASN C 154 -33.21 -14.65 36.29
C ASN C 154 -33.09 -15.53 35.05
N PHE C 155 -31.87 -15.60 34.52
CA PHE C 155 -31.50 -16.50 33.44
C PHE C 155 -30.76 -17.67 34.07
N THR C 156 -31.51 -18.70 34.46
CA THR C 156 -30.92 -19.83 35.17
C THR C 156 -29.94 -20.58 34.27
N VAL C 157 -28.81 -20.97 34.84
CA VAL C 157 -27.81 -21.77 34.16
C VAL C 157 -27.37 -22.84 35.15
N THR C 158 -27.86 -24.07 34.97
CA THR C 158 -27.55 -25.13 35.90
C THR C 158 -26.07 -25.47 35.86
N ALA C 159 -25.48 -25.67 37.04
CA ALA C 159 -24.08 -26.05 37.14
C ALA C 159 -23.89 -27.48 36.64
N GLN C 160 -22.75 -27.71 35.99
CA GLN C 160 -22.36 -29.04 35.52
C GLN C 160 -21.07 -29.41 36.24
N THR C 161 -21.20 -30.17 37.33
CA THR C 161 -20.03 -30.55 38.10
C THR C 161 -19.10 -31.44 37.27
N LEU C 162 -17.80 -31.13 37.32
CA LEU C 162 -16.81 -31.91 36.60
C LEU C 162 -15.73 -32.46 37.52
N SER C 163 -15.94 -32.43 38.84
CA SER C 163 -15.04 -33.10 39.77
C SER C 163 -15.16 -34.61 39.61
N LEU C 164 -14.21 -35.32 40.23
CA LEU C 164 -14.19 -36.78 40.08
C LEU C 164 -15.48 -37.41 40.57
N THR C 165 -16.08 -36.84 41.63
CA THR C 165 -17.35 -37.35 42.11
C THR C 165 -18.47 -37.11 41.10
N GLY C 166 -18.38 -36.04 40.32
CA GLY C 166 -19.43 -35.68 39.39
C GLY C 166 -19.43 -36.43 38.08
N ILE C 167 -18.36 -37.15 37.76
CA ILE C 167 -18.28 -37.92 36.53
C ILE C 167 -18.33 -39.42 36.80
N GLY C 168 -18.71 -39.83 38.00
CA GLY C 168 -18.80 -41.22 38.37
C GLY C 168 -17.53 -41.84 38.89
N LEU C 169 -16.44 -41.09 38.95
CA LEU C 169 -15.19 -41.56 39.54
C LEU C 169 -15.13 -41.22 41.02
N THR C 170 -14.08 -41.70 41.67
CA THR C 170 -13.78 -41.38 43.06
C THR C 170 -12.30 -41.04 43.18
N ALA C 171 -11.95 -40.39 44.29
CA ALA C 171 -10.57 -39.99 44.52
C ALA C 171 -9.64 -41.19 44.63
N THR C 172 -10.14 -42.34 45.07
CA THR C 172 -9.34 -43.55 45.19
C THR C 172 -9.55 -44.51 44.02
N SER C 173 -10.23 -44.07 42.96
CA SER C 173 -10.53 -44.97 41.85
C SER C 173 -9.25 -45.49 41.22
N THR C 174 -9.22 -46.80 40.99
CA THR C 174 -8.03 -47.47 40.47
C THR C 174 -8.42 -48.89 40.08
N PHE C 175 -7.51 -49.55 39.36
CA PHE C 175 -7.60 -50.97 39.08
C PHE C 175 -6.40 -51.68 39.68
N THR C 176 -6.63 -52.89 40.20
CA THR C 176 -5.56 -53.69 40.79
C THR C 176 -5.20 -54.92 39.97
N ASP C 177 -5.95 -55.23 38.92
CA ASP C 177 -5.67 -56.39 38.08
C ASP C 177 -6.36 -56.17 36.74
N ALA C 178 -6.10 -57.09 35.80
CA ALA C 178 -6.58 -56.90 34.43
C ALA C 178 -8.10 -56.89 34.34
N ALA C 179 -8.79 -57.61 35.22
CA ALA C 179 -10.25 -57.63 35.15
C ALA C 179 -10.86 -56.32 35.64
N THR C 180 -10.33 -55.80 36.75
CA THR C 180 -10.79 -54.49 37.21
C THR C 180 -10.45 -53.40 36.20
N ALA C 181 -9.32 -53.54 35.49
CA ALA C 181 -9.03 -52.60 34.41
C ALA C 181 -10.01 -52.77 33.26
N LYS C 182 -10.43 -54.01 32.98
CA LYS C 182 -11.38 -54.26 31.91
C LYS C 182 -12.74 -53.64 32.21
N THR C 183 -13.13 -53.62 33.48
CA THR C 183 -14.34 -52.91 33.88
C THR C 183 -14.15 -51.40 33.94
N MET C 184 -12.96 -50.95 34.35
CA MET C 184 -12.70 -49.53 34.43
C MET C 184 -12.62 -48.90 33.05
N ILE C 185 -12.37 -49.70 32.01
CA ILE C 185 -12.49 -49.19 30.64
C ILE C 185 -13.87 -48.61 30.41
N ALA C 186 -14.91 -49.41 30.67
CA ALA C 186 -16.28 -48.93 30.52
C ALA C 186 -16.60 -47.83 31.52
N THR C 187 -15.99 -47.89 32.70
CA THR C 187 -16.20 -46.82 33.68
C THR C 187 -15.71 -45.47 33.15
N ILE C 188 -14.47 -45.43 32.65
CA ILE C 188 -13.91 -44.21 32.10
C ILE C 188 -14.67 -43.79 30.84
N THR C 189 -15.19 -44.75 30.08
CA THR C 189 -15.99 -44.40 28.92
C THR C 189 -17.25 -43.66 29.33
N THR C 190 -17.97 -44.17 30.33
CA THR C 190 -19.15 -43.48 30.82
C THR C 190 -18.81 -42.12 31.41
N SER C 191 -17.65 -42.02 32.07
CA SER C 191 -17.24 -40.74 32.64
C SER C 191 -16.98 -39.71 31.55
N LEU C 192 -16.26 -40.10 30.49
CA LEU C 192 -16.00 -39.18 29.40
C LEU C 192 -17.29 -38.80 28.68
N GLN C 193 -18.24 -39.74 28.58
CA GLN C 193 -19.50 -39.42 27.92
C GLN C 193 -20.30 -38.39 28.71
N THR C 194 -20.43 -38.60 30.02
CA THR C 194 -21.18 -37.61 30.80
C THR C 194 -20.46 -36.27 30.87
N ALA C 195 -19.12 -36.27 30.84
CA ALA C 195 -18.40 -35.00 30.83
C ALA C 195 -18.62 -34.25 29.53
N THR C 196 -18.63 -34.97 28.40
CA THR C 196 -18.93 -34.30 27.13
C THR C 196 -20.35 -33.77 27.09
N ASN C 197 -21.31 -34.52 27.67
CA ASN C 197 -22.68 -34.01 27.71
C ASN C 197 -22.79 -32.75 28.57
N LYS C 198 -22.05 -32.71 29.69
CA LYS C 198 -22.08 -31.54 30.55
C LYS C 198 -21.49 -30.33 29.85
N LEU C 199 -20.36 -30.52 29.17
CA LEU C 199 -19.75 -29.40 28.46
C LEU C 199 -20.63 -28.92 27.30
N SER C 200 -21.34 -29.83 26.63
CA SER C 200 -22.25 -29.41 25.57
C SER C 200 -23.41 -28.59 26.13
N SER C 201 -23.95 -29.00 27.29
CA SER C 201 -25.01 -28.21 27.90
C SER C 201 -24.50 -26.83 28.31
N LEU C 202 -23.27 -26.76 28.80
CA LEU C 202 -22.71 -25.46 29.18
C LEU C 202 -22.53 -24.57 27.96
N GLY C 203 -22.11 -25.14 26.83
CA GLY C 203 -21.96 -24.34 25.63
C GLY C 203 -23.29 -23.85 25.08
N THR C 204 -24.32 -24.68 25.17
CA THR C 204 -25.64 -24.23 24.73
C THR C 204 -26.17 -23.12 25.62
N SER C 205 -25.91 -23.21 26.93
CA SER C 205 -26.32 -22.13 27.82
C SER C 205 -25.56 -20.84 27.51
N SER C 206 -24.27 -20.95 27.16
CA SER C 206 -23.52 -19.74 26.80
C SER C 206 -24.05 -19.11 25.52
N VAL C 207 -24.43 -19.94 24.54
CA VAL C 207 -25.00 -19.38 23.31
C VAL C 207 -26.32 -18.69 23.60
N GLY C 208 -27.12 -19.25 24.51
CA GLY C 208 -28.37 -18.61 24.87
C GLY C 208 -28.15 -17.29 25.59
N LEU C 209 -27.12 -17.25 26.45
CA LEU C 209 -26.77 -15.99 27.11
C LEU C 209 -26.33 -14.93 26.10
N ASP C 210 -25.59 -15.34 25.07
CA ASP C 210 -25.17 -14.37 24.06
C ASP C 210 -26.36 -13.85 23.26
N THR C 211 -27.28 -14.74 22.90
CA THR C 211 -28.46 -14.30 22.15
C THR C 211 -29.32 -13.36 22.98
N HIS C 212 -29.52 -13.68 24.26
CA HIS C 212 -30.29 -12.79 25.11
C HIS C 212 -29.57 -11.47 25.35
N LEU C 213 -28.23 -11.47 25.34
CA LEU C 213 -27.49 -10.22 25.44
C LEU C 213 -27.76 -9.33 24.23
N THR C 214 -27.76 -9.93 23.04
CA THR C 214 -28.07 -9.14 21.85
C THR C 214 -29.50 -8.60 21.89
N PHE C 215 -30.45 -9.42 22.36
CA PHE C 215 -31.82 -8.91 22.46
C PHE C 215 -31.95 -7.82 23.51
N VAL C 216 -31.16 -7.90 24.59
CA VAL C 216 -31.19 -6.86 25.61
C VAL C 216 -30.65 -5.55 25.04
N GLY C 217 -29.63 -5.63 24.19
CA GLY C 217 -29.13 -4.42 23.56
C GLY C 217 -30.15 -3.81 22.60
N LYS C 218 -30.87 -4.66 21.86
CA LYS C 218 -31.92 -4.14 21.00
C LYS C 218 -33.03 -3.49 21.82
N LEU C 219 -33.39 -4.10 22.95
CA LEU C 219 -34.44 -3.54 23.79
C LEU C 219 -34.00 -2.22 24.40
N GLN C 220 -32.72 -2.09 24.73
CA GLN C 220 -32.22 -0.82 25.26
C GLN C 220 -32.29 0.27 24.20
N ASP C 221 -31.90 -0.06 22.97
CA ASP C 221 -31.98 0.93 21.90
C ASP C 221 -33.43 1.33 21.64
N SER C 222 -34.36 0.37 21.75
CA SER C 222 -35.76 0.67 21.51
C SER C 222 -36.33 1.55 22.61
N LEU C 223 -35.96 1.28 23.86
CA LEU C 223 -36.45 2.12 24.96
C LEU C 223 -35.89 3.54 24.87
N ASP C 224 -34.62 3.67 24.45
CA ASP C 224 -34.07 5.02 24.28
C ASP C 224 -34.76 5.74 23.12
N ALA C 225 -35.06 5.03 22.04
CA ALA C 225 -35.80 5.65 20.94
C ALA C 225 -37.19 6.07 21.37
N GLY C 226 -37.82 5.28 22.26
CA GLY C 226 -39.14 5.67 22.74
C GLY C 226 -39.09 6.88 23.66
N VAL C 227 -38.05 6.98 24.49
CA VAL C 227 -37.87 8.16 25.31
C VAL C 227 -37.66 9.39 24.44
N GLY C 228 -36.91 9.23 23.36
CA GLY C 228 -36.70 10.36 22.46
C GLY C 228 -37.95 10.75 21.71
N ASN C 229 -38.76 9.76 21.32
CA ASN C 229 -40.02 10.07 20.65
C ASN C 229 -41.01 10.75 21.60
N LEU C 230 -40.96 10.42 22.88
CA LEU C 230 -41.89 11.05 23.82
C LEU C 230 -41.43 12.43 24.26
N VAL C 231 -40.12 12.67 24.33
CA VAL C 231 -39.59 13.83 25.00
C VAL C 231 -39.12 14.92 24.04
N ASP C 232 -38.44 14.56 22.95
CA ASP C 232 -37.81 15.54 22.09
C ASP C 232 -38.82 16.32 21.25
N ALA C 233 -38.48 17.58 20.99
CA ALA C 233 -39.24 18.44 20.09
C ALA C 233 -38.60 18.44 18.71
N ASP C 234 -39.37 18.85 17.71
CA ASP C 234 -38.87 18.96 16.35
C ASP C 234 -38.16 20.30 16.16
N LEU C 235 -36.83 20.29 16.32
CA LEU C 235 -36.09 21.56 16.42
C LEU C 235 -36.20 22.39 15.16
N ALA C 236 -36.42 21.77 14.00
CA ALA C 236 -36.55 22.54 12.78
C ALA C 236 -37.79 23.43 12.82
N LYS C 237 -38.84 22.99 13.53
CA LYS C 237 -40.02 23.83 13.69
C LYS C 237 -39.73 25.02 14.59
N GLU C 238 -38.98 24.80 15.68
CA GLU C 238 -38.57 25.92 16.52
C GLU C 238 -37.61 26.85 15.80
N SER C 239 -36.89 26.37 14.78
CA SER C 239 -35.98 27.23 14.03
C SER C 239 -36.74 28.36 13.34
N ALA C 240 -37.98 28.10 12.92
CA ALA C 240 -38.83 29.15 12.36
C ALA C 240 -39.64 29.86 13.45
N LYS C 241 -40.09 29.10 14.45
CA LYS C 241 -40.88 29.69 15.53
C LYS C 241 -40.09 30.73 16.29
N LEU C 242 -38.77 30.56 16.37
CA LEU C 242 -37.94 31.48 17.12
C LEU C 242 -37.87 32.84 16.43
N GLN C 243 -37.56 32.84 15.14
CA GLN C 243 -37.51 34.10 14.41
C GLN C 243 -38.89 34.75 14.34
N SER C 244 -39.94 33.94 14.22
CA SER C 244 -41.28 34.51 14.16
C SER C 244 -41.66 35.16 15.49
N LEU C 245 -41.33 34.50 16.60
CA LEU C 245 -41.60 35.08 17.91
C LEU C 245 -40.75 36.32 18.16
N GLN C 246 -39.52 36.36 17.61
CA GLN C 246 -38.70 37.54 17.82
C GLN C 246 -39.25 38.74 17.06
N THR C 247 -39.62 38.55 15.78
CA THR C 247 -40.21 39.67 15.05
C THR C 247 -41.57 40.07 15.62
N LYS C 248 -42.34 39.10 16.15
CA LYS C 248 -43.57 39.45 16.83
C LYS C 248 -43.30 40.21 18.13
N GLN C 249 -42.19 39.90 18.80
CA GLN C 249 -41.81 40.67 19.98
C GLN C 249 -41.48 42.11 19.63
N GLN C 250 -40.76 42.30 18.53
CA GLN C 250 -40.49 43.67 18.09
C GLN C 250 -41.77 44.39 17.71
N LEU C 251 -42.69 43.68 17.06
CA LEU C 251 -43.97 44.30 16.70
C LEU C 251 -44.77 44.67 17.93
N GLY C 252 -44.71 43.84 18.98
CA GLY C 252 -45.46 44.14 20.18
C GLY C 252 -44.84 45.27 20.98
N VAL C 253 -43.51 45.36 20.98
CA VAL C 253 -42.85 46.47 21.66
C VAL C 253 -43.19 47.78 20.97
N GLN C 254 -43.13 47.81 19.64
CA GLN C 254 -43.50 49.04 18.93
C GLN C 254 -44.98 49.35 19.08
N ALA C 255 -45.84 48.34 19.15
CA ALA C 255 -47.26 48.61 19.33
C ALA C 255 -47.54 49.18 20.71
N LEU C 256 -46.87 48.67 21.74
CA LEU C 256 -47.03 49.23 23.07
C LEU C 256 -46.48 50.65 23.12
N SER C 257 -45.39 50.91 22.39
CA SER C 257 -44.85 52.26 22.33
C SER C 257 -45.82 53.23 21.67
N ILE C 258 -46.57 52.75 20.67
CA ILE C 258 -47.60 53.60 20.07
C ILE C 258 -48.76 53.79 21.04
N ALA C 259 -49.12 52.72 21.78
CA ALA C 259 -50.25 52.82 22.70
C ALA C 259 -49.96 53.77 23.86
N ASN C 260 -48.69 53.90 24.24
CA ASN C 260 -48.36 54.79 25.36
C ASN C 260 -48.66 56.24 25.05
N GLN C 261 -48.56 56.65 23.78
CA GLN C 261 -48.66 58.07 23.43
C GLN C 261 -50.10 58.52 23.19
N THR C 262 -51.06 57.60 23.14
CA THR C 262 -52.44 58.00 22.84
C THR C 262 -53.01 59.01 23.83
N PRO C 263 -52.95 58.81 25.16
CA PRO C 263 -53.40 59.87 26.07
C PRO C 263 -52.65 61.17 25.90
N GLN C 264 -51.36 61.11 25.54
CA GLN C 264 -50.50 62.28 25.55
C GLN C 264 -50.96 63.35 24.56
N THR C 265 -51.72 62.97 23.53
CA THR C 265 -52.22 63.94 22.57
C THR C 265 -53.19 64.93 23.21
N ILE C 266 -53.76 64.59 24.37
CA ILE C 266 -54.67 65.49 25.05
C ILE C 266 -53.99 66.80 25.42
N LEU C 267 -52.66 66.77 25.62
CA LEU C 267 -51.93 67.96 26.02
C LEU C 267 -52.01 69.06 24.95
N SER C 268 -52.14 68.67 23.68
CA SER C 268 -52.25 69.65 22.61
C SER C 268 -53.51 70.50 22.69
N LEU C 269 -54.56 69.99 23.33
CA LEU C 269 -55.81 70.73 23.43
C LEU C 269 -55.77 71.84 24.47
N PHE C 270 -54.75 71.88 25.33
CA PHE C 270 -54.65 72.92 26.35
C PHE C 270 -53.50 73.87 26.06
N LEU D 1 -86.98 99.75 41.68
CA LEU D 1 -87.25 100.45 40.43
C LEU D 1 -86.17 101.50 40.18
N ASN D 2 -86.42 102.72 40.63
CA ASN D 2 -85.42 103.80 40.58
C ASN D 2 -84.71 103.98 41.91
N SER D 3 -84.56 102.89 42.67
CA SER D 3 -83.98 102.97 44.01
C SER D 3 -82.55 103.46 43.97
N ILE D 4 -82.21 104.32 44.94
CA ILE D 4 -80.83 104.77 45.10
C ILE D 4 -80.04 103.91 46.08
N ASN D 5 -80.66 103.45 47.17
CA ASN D 5 -79.95 102.74 48.23
C ASN D 5 -79.50 101.34 47.83
N THR D 6 -80.30 100.61 47.05
CA THR D 6 -79.96 99.25 46.66
C THR D 6 -80.62 98.91 45.34
N ASN D 7 -79.89 98.20 44.49
CA ASN D 7 -80.36 97.84 43.16
C ASN D 7 -80.34 96.33 42.97
N PRO D 8 -81.48 95.71 42.66
CA PRO D 8 -81.50 94.24 42.49
C PRO D 8 -80.58 93.73 41.39
N GLY D 9 -80.40 94.50 40.32
CA GLY D 9 -79.74 93.95 39.15
C GLY D 9 -78.28 93.61 39.38
N ALA D 10 -77.57 94.42 40.17
CA ALA D 10 -76.21 94.07 40.54
C ALA D 10 -76.18 92.80 41.37
N LEU D 11 -77.18 92.59 42.23
CA LEU D 11 -77.23 91.36 43.02
C LEU D 11 -77.43 90.15 42.12
N LEU D 12 -78.33 90.26 41.14
CA LEU D 12 -78.57 89.14 40.23
C LEU D 12 -77.36 88.86 39.36
N ALA D 13 -76.68 89.92 38.89
CA ALA D 13 -75.47 89.73 38.10
C ALA D 13 -74.37 89.11 38.94
N LEU D 14 -74.27 89.49 40.21
CA LEU D 14 -73.27 88.89 41.08
C LEU D 14 -73.57 87.42 41.33
N GLN D 15 -74.85 87.07 41.43
CA GLN D 15 -75.23 85.67 41.59
C GLN D 15 -74.85 84.86 40.36
N ASN D 16 -75.10 85.43 39.17
CA ASN D 16 -74.76 84.72 37.94
C ASN D 16 -73.25 84.55 37.81
N LEU D 17 -72.49 85.61 38.10
CA LEU D 17 -71.04 85.53 38.03
C LEU D 17 -70.48 84.55 39.06
N ASN D 18 -71.09 84.48 40.24
CA ASN D 18 -70.64 83.52 41.24
C ASN D 18 -70.92 82.09 40.81
N SER D 19 -72.08 81.86 40.17
CA SER D 19 -72.35 80.52 39.65
C SER D 19 -71.35 80.14 38.57
N THR D 20 -71.00 81.10 37.71
CA THR D 20 -70.01 80.83 36.68
C THR D 20 -68.64 80.56 37.30
N ASN D 21 -68.32 81.24 38.40
CA ASN D 21 -67.03 81.01 39.05
C ASN D 21 -66.98 79.64 39.70
N THR D 22 -68.07 79.21 40.35
CA THR D 22 -68.08 77.87 40.93
C THR D 22 -68.01 76.79 39.86
N GLU D 23 -68.68 77.00 38.72
CA GLU D 23 -68.59 76.02 37.65
C GLU D 23 -67.18 75.97 37.07
N LEU D 24 -66.53 77.13 36.95
CA LEU D 24 -65.15 77.15 36.48
C LEU D 24 -64.22 76.46 37.48
N ALA D 25 -64.49 76.61 38.78
CA ALA D 25 -63.66 75.93 39.78
C ALA D 25 -63.83 74.42 39.72
N ALA D 26 -65.07 73.96 39.51
CA ALA D 26 -65.28 72.53 39.34
C ALA D 26 -64.57 72.02 38.10
N THR D 27 -64.54 72.83 37.04
CA THR D 27 -63.80 72.44 35.84
C THR D 27 -62.30 72.40 36.09
N GLN D 28 -61.77 73.35 36.87
CA GLN D 28 -60.36 73.30 37.20
C GLN D 28 -60.03 72.07 38.01
N GLY D 29 -60.95 71.63 38.87
CA GLY D 29 -60.73 70.40 39.61
C GLY D 29 -60.74 69.18 38.72
N ARG D 30 -61.67 69.15 37.76
CA ARG D 30 -61.70 68.05 36.80
C ARG D 30 -60.46 68.04 35.92
N ILE D 31 -59.85 69.21 35.71
CA ILE D 31 -58.65 69.28 34.88
C ILE D 31 -57.44 68.79 35.65
N ASN D 32 -57.14 69.43 36.78
CA ASN D 32 -55.90 69.09 37.48
C ASN D 32 -55.96 67.69 38.08
N THR D 33 -57.15 67.20 38.43
CA THR D 33 -57.24 65.85 38.97
C THR D 33 -57.49 64.80 37.88
N GLY D 34 -58.19 65.16 36.82
CA GLY D 34 -58.54 64.20 35.79
C GLY D 34 -59.72 63.33 36.11
N LYS D 35 -60.43 63.61 37.19
CA LYS D 35 -61.53 62.77 37.68
C LYS D 35 -62.76 63.63 37.90
N LYS D 36 -63.92 63.11 37.51
CA LYS D 36 -65.17 63.79 37.83
C LYS D 36 -65.66 63.48 39.25
N VAL D 37 -65.06 62.49 39.92
CA VAL D 37 -65.44 62.13 41.28
C VAL D 37 -64.17 61.91 42.10
N ALA D 38 -63.31 62.93 42.16
CA ALA D 38 -62.05 62.84 42.88
C ALA D 38 -62.23 62.59 44.37
N ASN D 39 -63.35 63.02 44.95
CA ASN D 39 -63.58 62.89 46.39
C ASN D 39 -65.06 62.70 46.63
N ALA D 40 -65.39 62.43 47.90
CA ALA D 40 -66.75 62.04 48.25
C ALA D 40 -67.77 63.13 47.95
N LYS D 41 -67.38 64.40 48.00
CA LYS D 41 -68.32 65.48 47.76
C LYS D 41 -68.86 65.48 46.33
N ASP D 42 -68.10 64.96 45.37
CA ASP D 42 -68.59 64.93 43.99
C ASP D 42 -69.78 64.01 43.85
N ASN D 43 -69.74 62.85 44.50
CA ASN D 43 -70.84 61.89 44.50
C ASN D 43 -70.43 60.74 45.40
N GLY D 44 -71.06 60.64 46.57
CA GLY D 44 -70.57 59.70 47.58
C GLY D 44 -70.70 58.25 47.18
N ALA D 45 -71.79 57.91 46.47
CA ALA D 45 -72.04 56.52 46.14
C ALA D 45 -71.01 56.00 45.13
N ILE D 46 -70.82 56.74 44.03
CA ILE D 46 -69.84 56.33 43.04
C ILE D 46 -68.44 56.38 43.62
N TRP D 47 -68.17 57.35 44.49
CA TRP D 47 -66.85 57.41 45.12
C TRP D 47 -66.60 56.21 46.02
N SER D 48 -67.65 55.74 46.71
CA SER D 48 -67.48 54.57 47.58
C SER D 48 -67.28 53.31 46.76
N MET D 49 -68.05 53.14 45.69
CA MET D 49 -67.84 51.97 44.84
C MET D 49 -66.45 51.99 44.21
N ALA D 50 -65.99 53.19 43.82
CA ALA D 50 -64.65 53.31 43.24
C ALA D 50 -63.57 53.02 44.27
N LYS D 51 -63.75 53.48 45.51
CA LYS D 51 -62.75 53.22 46.53
C LYS D 51 -62.68 51.74 46.86
N MET D 52 -63.83 51.06 46.89
CA MET D 52 -63.82 49.63 47.15
C MET D 52 -63.18 48.87 46.00
N GLN D 53 -63.48 49.25 44.76
CA GLN D 53 -62.87 48.57 43.62
C GLN D 53 -61.37 48.81 43.58
N SER D 54 -60.93 50.02 43.94
CA SER D 54 -59.50 50.30 43.97
C SER D 54 -58.79 49.52 45.06
N ALA D 55 -59.44 49.35 46.23
CA ALA D 55 -58.83 48.51 47.26
C ALA D 55 -58.78 47.05 46.83
N THR D 56 -59.83 46.59 46.14
CA THR D 56 -59.83 45.22 45.64
C THR D 56 -58.75 45.00 44.60
N ALA D 57 -58.48 46.03 43.78
CA ALA D 57 -57.42 45.92 42.79
C ALA D 57 -56.04 45.96 43.45
N SER D 58 -55.86 46.82 44.45
CA SER D 58 -54.59 46.91 45.13
C SER D 58 -54.28 45.64 45.93
N SER D 59 -55.31 44.95 46.42
CA SER D 59 -55.07 43.76 47.23
C SER D 59 -54.52 42.59 46.42
N LEU D 60 -54.70 42.58 45.10
CA LEU D 60 -54.34 41.40 44.31
C LEU D 60 -52.83 41.23 44.13
N ASN D 61 -52.05 42.28 44.40
CA ASN D 61 -50.60 42.12 44.28
C ASN D 61 -50.06 41.11 45.29
N SER D 62 -50.65 41.05 46.49
CA SER D 62 -50.25 40.03 47.44
C SER D 62 -50.63 38.64 46.98
N VAL D 63 -51.75 38.50 46.25
CA VAL D 63 -52.14 37.20 45.71
C VAL D 63 -51.14 36.76 44.65
N LYS D 64 -50.74 37.69 43.78
CA LYS D 64 -49.73 37.35 42.79
C LYS D 64 -48.40 37.00 43.45
N ASP D 65 -48.07 37.69 44.55
CA ASP D 65 -46.83 37.39 45.26
C ASP D 65 -46.87 36.00 45.88
N SER D 66 -48.01 35.61 46.44
CA SER D 66 -48.13 34.28 47.02
C SER D 66 -48.07 33.20 45.94
N LEU D 67 -48.69 33.45 44.79
CA LEU D 67 -48.61 32.48 43.70
C LEU D 67 -47.17 32.31 43.22
N GLN D 68 -46.42 33.41 43.14
CA GLN D 68 -45.03 33.34 42.73
C GLN D 68 -44.17 32.63 43.78
N ARG D 69 -44.47 32.85 45.07
CA ARG D 69 -43.75 32.15 46.13
C ARG D 69 -43.99 30.65 46.07
N GLY D 70 -45.23 30.26 45.74
CA GLY D 70 -45.52 28.84 45.60
C GLY D 70 -44.85 28.23 44.39
N GLN D 71 -44.77 28.99 43.30
CA GLN D 71 -44.04 28.52 42.13
C GLN D 71 -42.56 28.32 42.46
N SER D 72 -41.98 29.22 43.25
CA SER D 72 -40.58 29.06 43.62
C SER D 72 -40.37 27.85 44.52
N THR D 73 -41.32 27.60 45.43
CA THR D 73 -41.21 26.44 46.30
C THR D 73 -41.30 25.14 45.51
N ILE D 74 -42.23 25.07 44.55
CA ILE D 74 -42.32 23.90 43.69
C ILE D 74 -41.07 23.77 42.82
N ASP D 75 -40.45 24.89 42.44
CA ASP D 75 -39.23 24.83 41.67
C ASP D 75 -38.11 24.17 42.46
N VAL D 76 -37.95 24.58 43.73
CA VAL D 76 -36.93 23.95 44.56
C VAL D 76 -37.25 22.47 44.79
N ALA D 77 -38.55 22.15 44.91
CA ALA D 77 -38.92 20.76 45.14
C ALA D 77 -38.57 19.89 43.95
N LEU D 78 -38.87 20.36 42.74
CA LEU D 78 -38.51 19.60 41.54
C LEU D 78 -36.99 19.55 41.35
N ALA D 79 -36.28 20.61 41.74
CA ALA D 79 -34.83 20.57 41.63
C ALA D 79 -34.22 19.52 42.54
N ALA D 80 -34.82 19.31 43.72
CA ALA D 80 -34.36 18.21 44.56
C ALA D 80 -34.86 16.86 44.06
N GLY D 81 -36.03 16.84 43.41
CA GLY D 81 -36.57 15.59 42.92
C GLY D 81 -35.79 15.02 41.75
N ASP D 82 -35.10 15.89 41.00
CA ASP D 82 -34.17 15.39 39.98
C ASP D 82 -33.10 14.51 40.62
N THR D 83 -32.45 15.02 41.68
CA THR D 83 -31.43 14.24 42.37
C THR D 83 -32.02 13.00 43.02
N ILE D 84 -33.23 13.12 43.58
CA ILE D 84 -33.83 11.96 44.24
C ILE D 84 -34.15 10.87 43.22
N THR D 85 -34.60 11.26 42.03
CA THR D 85 -34.88 10.27 40.99
C THR D 85 -33.61 9.64 40.47
N ASP D 86 -32.55 10.43 40.27
CA ASP D 86 -31.29 9.83 39.82
C ASP D 86 -30.72 8.88 40.86
N LEU D 87 -30.87 9.21 42.15
CA LEU D 87 -30.38 8.34 43.20
C LEU D 87 -31.20 7.06 43.29
N LEU D 88 -32.52 7.16 43.08
CA LEU D 88 -33.33 5.95 43.03
C LEU D 88 -32.97 5.08 41.84
N THR D 89 -32.60 5.69 40.71
CA THR D 89 -32.21 4.90 39.55
C THR D 89 -30.89 4.17 39.80
N LYS D 90 -29.91 4.86 40.39
CA LYS D 90 -28.66 4.18 40.72
C LYS D 90 -28.86 3.11 41.79
N MET D 91 -29.77 3.34 42.75
CA MET D 91 -30.04 2.32 43.75
C MET D 91 -30.73 1.11 43.14
N LYS D 92 -31.62 1.32 42.16
CA LYS D 92 -32.19 0.18 41.46
C LYS D 92 -31.13 -0.57 40.69
N GLU D 93 -30.15 0.15 40.12
CA GLU D 93 -29.05 -0.53 39.44
C GLU D 93 -28.25 -1.40 40.40
N LYS D 94 -27.92 -0.86 41.57
CA LYS D 94 -27.14 -1.63 42.53
C LYS D 94 -27.92 -2.82 43.07
N ALA D 95 -29.19 -2.61 43.44
CA ALA D 95 -30.02 -3.69 43.94
C ALA D 95 -30.27 -4.77 42.89
N LEU D 96 -30.33 -4.39 41.61
CA LEU D 96 -30.51 -5.37 40.56
C LEU D 96 -29.24 -6.16 40.30
N ALA D 97 -28.09 -5.49 40.27
CA ALA D 97 -26.83 -6.19 40.11
C ALA D 97 -26.53 -7.11 41.29
N ALA D 98 -26.93 -6.71 42.50
CA ALA D 98 -26.66 -7.53 43.68
C ALA D 98 -27.40 -8.85 43.67
N SER D 99 -28.57 -8.91 43.03
CA SER D 99 -29.38 -10.13 43.00
C SER D 99 -28.71 -11.27 42.27
N ASP D 100 -27.78 -11.00 41.37
CA ASP D 100 -27.10 -12.05 40.63
C ASP D 100 -26.30 -12.92 41.60
N THR D 101 -26.43 -14.25 41.44
CA THR D 101 -25.78 -15.19 42.33
C THR D 101 -24.33 -15.48 41.95
N SER D 102 -23.89 -15.06 40.77
CA SER D 102 -22.52 -15.33 40.34
C SER D 102 -21.50 -14.39 40.96
N LEU D 103 -21.94 -13.33 41.62
CA LEU D 103 -21.00 -12.41 42.25
C LEU D 103 -20.36 -13.05 43.48
N ASN D 104 -19.07 -12.81 43.66
CA ASN D 104 -18.40 -13.20 44.88
C ASN D 104 -18.72 -12.21 46.00
N THR D 105 -18.46 -12.63 47.24
CA THR D 105 -18.95 -11.89 48.40
C THR D 105 -18.39 -10.47 48.47
N ALA D 106 -17.17 -10.26 47.96
CA ALA D 106 -16.58 -8.92 48.05
C ALA D 106 -17.31 -7.93 47.15
N SER D 107 -17.63 -8.34 45.92
CA SER D 107 -18.40 -7.47 45.04
C SER D 107 -19.80 -7.20 45.59
N PHE D 108 -20.41 -8.21 46.24
CA PHE D 108 -21.70 -7.99 46.86
C PHE D 108 -21.58 -7.00 48.02
N ASN D 109 -20.48 -7.04 48.74
CA ASN D 109 -20.25 -6.08 49.82
C ASN D 109 -20.08 -4.67 49.26
N ALA D 110 -19.39 -4.56 48.12
CA ALA D 110 -19.21 -3.24 47.51
C ALA D 110 -20.55 -2.69 47.02
N LEU D 111 -21.38 -3.54 46.41
CA LEU D 111 -22.69 -3.10 45.98
C LEU D 111 -23.57 -2.71 47.15
N LYS D 112 -23.46 -3.43 48.26
CA LYS D 112 -24.24 -3.08 49.45
C LYS D 112 -23.78 -1.76 50.04
N ALA D 113 -22.47 -1.51 50.05
CA ALA D 113 -21.96 -0.25 50.56
C ALA D 113 -22.41 0.91 49.69
N ASP D 114 -22.35 0.74 48.36
CA ASP D 114 -22.81 1.81 47.49
C ASP D 114 -24.30 2.05 47.63
N PHE D 115 -25.08 0.98 47.86
CA PHE D 115 -26.52 1.15 48.02
C PHE D 115 -26.83 1.94 49.29
N GLU D 116 -26.18 1.59 50.39
CA GLU D 116 -26.42 2.32 51.64
C GLU D 116 -25.97 3.77 51.53
N SER D 117 -24.85 4.02 50.83
CA SER D 117 -24.39 5.39 50.68
C SER D 117 -25.36 6.21 49.84
N LEU D 118 -25.89 5.61 48.77
CA LEU D 118 -26.89 6.30 47.96
C LEU D 118 -28.16 6.55 48.76
N ARG D 119 -28.50 5.65 49.66
CA ARG D 119 -29.70 5.86 50.48
C ARG D 119 -29.51 7.03 51.44
N ASP D 120 -28.34 7.12 52.07
CA ASP D 120 -28.10 8.27 52.93
C ASP D 120 -28.06 9.57 52.13
N GLN D 121 -27.48 9.54 50.93
CA GLN D 121 -27.46 10.72 50.09
C GLN D 121 -28.87 11.14 49.67
N LEU D 122 -29.75 10.16 49.42
CA LEU D 122 -31.13 10.50 49.10
C LEU D 122 -31.84 11.12 50.29
N GLN D 123 -31.60 10.60 51.49
CA GLN D 123 -32.25 11.19 52.66
C GLN D 123 -31.77 12.61 52.90
N LYS D 124 -30.49 12.87 52.65
CA LYS D 124 -29.99 14.22 52.88
C LYS D 124 -30.46 15.17 51.78
N ALA D 125 -30.51 14.70 50.53
CA ALA D 125 -31.03 15.52 49.45
C ALA D 125 -32.51 15.82 49.65
N ALA D 126 -33.23 14.92 50.31
CA ALA D 126 -34.62 15.19 50.64
C ALA D 126 -34.73 16.22 51.75
N THR D 127 -33.90 16.10 52.79
CA THR D 127 -34.00 17.08 53.89
C THR D 127 -33.50 18.46 53.48
N ASN D 128 -32.68 18.57 52.44
CA ASN D 128 -32.22 19.87 51.96
C ASN D 128 -33.23 20.56 51.06
N ALA D 129 -34.31 19.88 50.68
CA ALA D 129 -35.31 20.43 49.76
C ALA D 129 -36.28 21.30 50.56
N LYS D 130 -35.96 22.59 50.66
CA LYS D 130 -36.83 23.52 51.38
C LYS D 130 -36.53 24.95 50.93
N PHE D 131 -37.49 25.56 50.24
CA PHE D 131 -37.40 26.97 49.91
C PHE D 131 -37.51 27.80 51.17
N ASN D 132 -36.63 28.81 51.30
CA ASN D 132 -36.49 29.70 52.45
C ASN D 132 -37.22 29.24 53.70
N GLY D 133 -36.90 28.02 54.17
CA GLY D 133 -37.49 27.50 55.39
C GLY D 133 -38.84 26.82 55.25
N VAL D 134 -39.35 26.66 54.03
CA VAL D 134 -40.65 26.02 53.81
C VAL D 134 -40.53 25.08 52.62
N SER D 135 -41.18 23.92 52.73
CA SER D 135 -40.92 22.85 51.77
C SER D 135 -42.21 22.11 51.41
N LEU D 136 -42.23 21.59 50.18
CA LEU D 136 -43.23 20.63 49.73
C LEU D 136 -42.64 19.24 49.55
N ALA D 137 -41.39 19.03 49.96
CA ALA D 137 -40.70 17.77 49.69
C ALA D 137 -40.27 17.04 50.95
N ASP D 138 -39.90 17.75 52.02
CA ASP D 138 -39.40 17.10 53.22
C ASP D 138 -40.52 16.59 54.13
N GLY D 139 -41.78 16.92 53.85
CA GLY D 139 -42.88 16.49 54.69
C GLY D 139 -43.08 17.26 55.96
N SER D 140 -42.48 18.46 56.08
CA SER D 140 -42.62 19.24 57.30
C SER D 140 -44.06 19.64 57.57
N THR D 141 -44.89 19.77 56.54
CA THR D 141 -46.30 20.08 56.71
C THR D 141 -47.09 19.38 55.60
N THR D 142 -48.33 19.04 55.92
CA THR D 142 -49.16 18.28 54.99
C THR D 142 -49.52 19.06 53.74
N LYS D 143 -49.61 20.39 53.81
CA LYS D 143 -50.05 21.16 52.65
C LYS D 143 -49.75 22.63 52.84
N LEU D 144 -49.68 23.34 51.72
CA LEU D 144 -49.59 24.80 51.70
C LEU D 144 -50.82 25.34 50.97
N SER D 145 -51.25 26.53 51.38
CA SER D 145 -52.47 27.15 50.85
C SER D 145 -52.18 28.60 50.51
N PHE D 146 -51.70 28.84 49.29
CA PHE D 146 -51.42 30.18 48.81
C PHE D 146 -52.72 30.90 48.46
N LEU D 147 -52.71 32.23 48.58
CA LEU D 147 -53.89 33.02 48.32
C LEU D 147 -54.31 32.93 46.86
N ALA D 148 -55.61 32.78 46.64
CA ALA D 148 -56.17 32.77 45.29
C ALA D 148 -57.01 34.00 44.97
N ASN D 149 -57.31 34.86 45.95
CA ASN D 149 -58.15 36.02 45.71
C ASN D 149 -57.96 36.99 46.87
N GLU D 150 -58.44 38.21 46.68
CA GLU D 150 -58.31 39.25 47.71
C GLU D 150 -59.19 38.97 48.92
N ASP D 151 -60.19 38.10 48.79
CA ASP D 151 -61.07 37.77 49.90
C ASP D 151 -60.45 36.75 50.87
N GLY D 152 -59.28 36.21 50.54
CA GLY D 152 -58.66 35.19 51.36
C GLY D 152 -58.85 33.77 50.87
N SER D 153 -59.45 33.57 49.71
CA SER D 153 -59.56 32.23 49.15
C SER D 153 -58.18 31.66 48.89
N ASN D 154 -58.02 30.37 49.16
CA ASN D 154 -56.72 29.73 49.16
C ASN D 154 -56.55 28.82 47.95
N PHE D 155 -55.29 28.64 47.56
CA PHE D 155 -54.91 27.76 46.47
C PHE D 155 -54.06 26.65 47.09
N THR D 156 -54.74 25.61 47.59
CA THR D 156 -54.05 24.54 48.29
C THR D 156 -53.13 23.76 47.34
N VAL D 157 -51.95 23.42 47.85
CA VAL D 157 -51.02 22.55 47.14
C VAL D 157 -50.55 21.48 48.11
N THR D 158 -51.11 20.28 48.01
CA THR D 158 -50.77 19.23 48.95
C THR D 158 -49.30 18.84 48.82
N ALA D 159 -48.66 18.67 49.98
CA ALA D 159 -47.25 18.32 49.99
C ALA D 159 -47.03 16.89 49.51
N GLN D 160 -45.93 16.68 48.82
CA GLN D 160 -45.49 15.35 48.38
C GLN D 160 -44.14 15.07 49.03
N THR D 161 -44.16 14.34 50.14
CA THR D 161 -42.93 14.05 50.87
C THR D 161 -41.99 13.21 50.04
N LEU D 162 -40.70 13.58 50.03
CA LEU D 162 -39.69 12.85 49.27
C LEU D 162 -38.60 12.29 50.17
N SER D 163 -38.80 12.31 51.49
CA SER D 163 -37.87 11.65 52.39
C SER D 163 -37.99 10.13 52.23
N LEU D 164 -37.03 9.42 52.81
CA LEU D 164 -37.00 7.97 52.65
C LEU D 164 -38.28 7.32 53.17
N THR D 165 -38.85 7.88 54.24
CA THR D 165 -40.10 7.34 54.76
C THR D 165 -41.27 7.58 53.80
N GLY D 166 -41.22 8.68 53.04
CA GLY D 166 -42.32 9.01 52.14
C GLY D 166 -42.33 8.28 50.82
N ILE D 167 -41.23 7.61 50.46
CA ILE D 167 -41.16 6.86 49.21
C ILE D 167 -41.27 5.36 49.44
N GLY D 168 -41.67 4.94 50.64
CA GLY D 168 -41.77 3.54 50.97
C GLY D 168 -40.51 2.91 51.49
N LEU D 169 -39.43 3.67 51.62
CA LEU D 169 -38.18 3.18 52.19
C LEU D 169 -38.07 3.59 53.65
N THR D 170 -36.92 3.28 54.25
CA THR D 170 -36.61 3.69 55.61
C THR D 170 -35.10 3.85 55.75
N ALA D 171 -34.69 4.47 56.86
CA ALA D 171 -33.29 4.78 57.07
C ALA D 171 -32.41 3.55 57.13
N THR D 172 -32.97 2.41 57.53
CA THR D 172 -32.22 1.17 57.66
C THR D 172 -32.38 0.25 56.45
N SER D 173 -32.98 0.73 55.35
CA SER D 173 -33.18 -0.12 54.18
C SER D 173 -31.84 -0.60 53.63
N THR D 174 -31.78 -1.89 53.31
CA THR D 174 -30.59 -2.52 52.76
C THR D 174 -30.96 -3.95 52.36
N PHE D 175 -30.04 -4.62 51.68
CA PHE D 175 -30.18 -6.03 51.38
C PHE D 175 -28.98 -6.78 51.97
N THR D 176 -29.27 -7.87 52.66
CA THR D 176 -28.23 -8.71 53.26
C THR D 176 -27.77 -9.84 52.35
N ASP D 177 -28.66 -10.41 51.55
CA ASP D 177 -28.33 -11.51 50.66
C ASP D 177 -29.00 -11.26 49.31
N ALA D 178 -28.79 -12.20 48.38
CA ALA D 178 -29.30 -12.03 47.03
C ALA D 178 -30.82 -11.98 46.97
N ALA D 179 -31.51 -12.70 47.86
CA ALA D 179 -32.97 -12.66 47.83
C ALA D 179 -33.51 -11.32 48.33
N THR D 180 -32.86 -10.76 49.36
CA THR D 180 -33.26 -9.43 49.80
C THR D 180 -33.02 -8.39 48.72
N ALA D 181 -31.96 -8.55 47.94
CA ALA D 181 -31.74 -7.66 46.80
C ALA D 181 -32.79 -7.87 45.72
N LYS D 182 -33.19 -9.12 45.52
CA LYS D 182 -34.20 -9.43 44.51
C LYS D 182 -35.57 -8.86 44.86
N THR D 183 -35.89 -8.76 46.16
CA THR D 183 -37.08 -8.06 46.59
C THR D 183 -36.90 -6.55 46.60
N MET D 184 -35.70 -6.08 46.94
CA MET D 184 -35.41 -4.66 46.94
C MET D 184 -35.51 -4.08 45.54
N ILE D 185 -35.32 -4.92 44.51
CA ILE D 185 -35.52 -4.47 43.14
C ILE D 185 -36.93 -3.92 42.97
N ALA D 186 -37.94 -4.74 43.30
CA ALA D 186 -39.32 -4.29 43.18
C ALA D 186 -39.64 -3.18 44.18
N THR D 187 -39.01 -3.20 45.35
CA THR D 187 -39.26 -2.14 46.33
C THR D 187 -38.79 -0.79 45.79
N ILE D 188 -37.56 -0.73 45.29
CA ILE D 188 -37.01 0.49 44.73
C ILE D 188 -37.78 0.91 43.48
N THR D 189 -38.29 -0.07 42.72
CA THR D 189 -39.09 0.27 41.56
C THR D 189 -40.38 0.97 41.95
N THR D 190 -41.07 0.44 42.97
CA THR D 190 -42.28 1.09 43.45
C THR D 190 -41.98 2.45 44.05
N SER D 191 -40.82 2.59 44.71
CA SER D 191 -40.44 3.89 45.26
C SER D 191 -40.20 4.90 44.15
N LEU D 192 -39.52 4.48 43.09
CA LEU D 192 -39.28 5.39 41.97
C LEU D 192 -40.58 5.77 41.28
N GLN D 193 -41.53 4.83 41.18
CA GLN D 193 -42.80 5.14 40.54
C GLN D 193 -43.59 6.16 41.35
N THR D 194 -43.69 5.95 42.67
CA THR D 194 -44.41 6.92 43.48
C THR D 194 -43.70 8.26 43.51
N ALA D 195 -42.36 8.27 43.45
CA ALA D 195 -41.64 9.54 43.42
C ALA D 195 -41.92 10.32 42.14
N THR D 196 -41.93 9.64 41.00
CA THR D 196 -42.26 10.33 39.76
C THR D 196 -43.71 10.82 39.76
N ASN D 197 -44.64 10.04 40.32
CA ASN D 197 -46.02 10.50 40.37
C ASN D 197 -46.16 11.74 41.25
N LYS D 198 -45.43 11.78 42.35
CA LYS D 198 -45.52 12.92 43.26
C LYS D 198 -44.88 14.16 42.66
N LEU D 199 -43.76 14.00 41.96
CA LEU D 199 -43.18 15.14 41.25
C LEU D 199 -44.08 15.64 40.12
N SER D 200 -44.80 14.73 39.45
CA SER D 200 -45.74 15.16 38.43
C SER D 200 -46.89 15.94 39.04
N SER D 201 -47.35 15.53 40.23
CA SER D 201 -48.39 16.31 40.90
C SER D 201 -47.88 17.70 41.27
N LEU D 202 -46.62 17.80 41.71
CA LEU D 202 -46.08 19.11 42.02
C LEU D 202 -45.98 19.98 40.76
N GLY D 203 -45.61 19.39 39.64
CA GLY D 203 -45.51 20.18 38.41
C GLY D 203 -46.85 20.65 37.91
N THR D 204 -47.88 19.81 38.05
CA THR D 204 -49.22 20.23 37.68
C THR D 204 -49.72 21.34 38.60
N SER D 205 -49.40 21.27 39.89
CA SER D 205 -49.78 22.36 40.78
C SER D 205 -49.06 23.65 40.42
N SER D 206 -47.81 23.57 39.97
CA SER D 206 -47.09 24.78 39.58
C SER D 206 -47.69 25.38 38.31
N VAL D 207 -48.07 24.55 37.35
CA VAL D 207 -48.70 25.07 36.15
C VAL D 207 -50.04 25.71 36.47
N GLY D 208 -50.79 25.13 37.41
CA GLY D 208 -52.04 25.75 37.82
C GLY D 208 -51.81 27.08 38.52
N LEU D 209 -50.73 27.16 39.30
CA LEU D 209 -50.39 28.43 39.94
C LEU D 209 -50.06 29.49 38.90
N ASP D 210 -49.34 29.12 37.84
CA ASP D 210 -49.00 30.08 36.80
C ASP D 210 -50.25 30.55 36.05
N THR D 211 -51.19 29.63 35.80
CA THR D 211 -52.40 30.02 35.09
C THR D 211 -53.26 30.94 35.95
N HIS D 212 -53.38 30.64 37.25
CA HIS D 212 -54.11 31.54 38.13
C HIS D 212 -53.40 32.87 38.27
N LEU D 213 -52.06 32.87 38.17
CA LEU D 213 -51.32 34.12 38.19
C LEU D 213 -51.69 35.01 37.01
N THR D 214 -51.71 34.42 35.80
CA THR D 214 -52.08 35.20 34.63
C THR D 214 -53.52 35.70 34.72
N PHE D 215 -54.43 34.85 35.22
CA PHE D 215 -55.81 35.29 35.33
C PHE D 215 -55.97 36.40 36.36
N VAL D 216 -55.22 36.32 37.46
CA VAL D 216 -55.30 37.36 38.48
C VAL D 216 -54.73 38.68 37.95
N GLY D 217 -53.71 38.61 37.10
CA GLY D 217 -53.20 39.83 36.50
C GLY D 217 -54.21 40.46 35.55
N LYS D 218 -54.90 39.64 34.77
CA LYS D 218 -55.96 40.17 33.91
C LYS D 218 -57.09 40.77 34.74
N LEU D 219 -57.41 40.13 35.88
CA LEU D 219 -58.46 40.65 36.73
C LEU D 219 -58.06 41.98 37.36
N GLN D 220 -56.79 42.14 37.73
CA GLN D 220 -56.35 43.41 38.28
C GLN D 220 -56.41 44.51 37.22
N ASP D 221 -56.02 44.18 35.98
CA ASP D 221 -56.12 45.18 34.92
C ASP D 221 -57.57 45.57 34.67
N SER D 222 -58.48 44.59 34.71
CA SER D 222 -59.90 44.90 34.52
C SER D 222 -60.46 45.71 35.67
N LEU D 223 -59.96 45.48 36.90
CA LEU D 223 -60.43 46.27 38.03
C LEU D 223 -59.97 47.71 37.94
N ASP D 224 -58.71 47.93 37.54
CA ASP D 224 -58.24 49.30 37.37
C ASP D 224 -58.97 49.99 36.22
N ALA D 225 -59.27 49.24 35.14
CA ALA D 225 -60.04 49.82 34.06
C ALA D 225 -61.45 50.17 34.51
N GLY D 226 -62.04 49.37 35.40
CA GLY D 226 -63.37 49.71 35.90
C GLY D 226 -63.36 50.91 36.81
N VAL D 227 -62.31 51.06 37.62
CA VAL D 227 -62.19 52.25 38.46
C VAL D 227 -62.06 53.48 37.58
N GLY D 228 -61.27 53.40 36.51
CA GLY D 228 -61.13 54.54 35.62
C GLY D 228 -62.42 54.84 34.87
N ASN D 229 -63.16 53.80 34.49
CA ASN D 229 -64.43 54.02 33.81
C ASN D 229 -65.45 54.66 34.74
N LEU D 230 -65.40 54.35 36.03
CA LEU D 230 -66.34 54.98 36.96
C LEU D 230 -65.92 56.40 37.33
N VAL D 231 -64.63 56.69 37.31
CA VAL D 231 -64.12 57.92 37.91
C VAL D 231 -63.68 58.94 36.87
N ASP D 232 -62.92 58.52 35.87
CA ASP D 232 -62.19 59.46 35.03
C ASP D 232 -63.13 60.34 34.21
N ALA D 233 -62.80 61.63 34.15
CA ALA D 233 -63.53 62.58 33.33
C ALA D 233 -63.16 62.43 31.86
N ASP D 234 -64.10 62.77 30.99
CA ASP D 234 -63.87 62.80 29.54
C ASP D 234 -63.22 64.14 29.22
N LEU D 235 -61.89 64.19 29.36
CA LEU D 235 -61.18 65.46 29.43
C LEU D 235 -61.34 66.31 28.18
N ALA D 236 -61.59 65.68 27.03
CA ALA D 236 -61.71 66.44 25.80
C ALA D 236 -62.94 67.36 25.83
N LYS D 237 -63.95 67.00 26.63
CA LYS D 237 -65.12 67.86 26.76
C LYS D 237 -64.83 69.06 27.67
N GLU D 238 -64.14 68.83 28.79
CA GLU D 238 -63.74 69.96 29.62
C GLU D 238 -62.71 70.84 28.93
N SER D 239 -62.01 70.31 27.91
CA SER D 239 -61.08 71.15 27.17
C SER D 239 -61.79 72.30 26.45
N ALA D 240 -63.03 72.07 26.01
CA ALA D 240 -63.82 73.17 25.44
C ALA D 240 -64.61 73.89 26.52
N LYS D 241 -65.10 73.15 27.52
CA LYS D 241 -65.87 73.76 28.59
C LYS D 241 -65.04 74.76 29.39
N LEU D 242 -63.72 74.56 29.47
CA LEU D 242 -62.87 75.47 30.23
C LEU D 242 -62.80 76.83 29.56
N GLN D 243 -62.52 76.86 28.26
CA GLN D 243 -62.52 78.13 27.54
C GLN D 243 -63.90 78.75 27.51
N SER D 244 -64.95 77.94 27.42
CA SER D 244 -66.30 78.48 27.44
C SER D 244 -66.61 79.15 28.77
N LEU D 245 -66.17 78.55 29.88
CA LEU D 245 -66.36 79.19 31.18
C LEU D 245 -65.45 80.40 31.36
N GLN D 246 -64.27 80.43 30.75
CA GLN D 246 -63.44 81.63 30.85
C GLN D 246 -64.11 82.81 30.15
N THR D 247 -64.57 82.60 28.91
CA THR D 247 -65.26 83.69 28.23
C THR D 247 -66.59 84.01 28.91
N LYS D 248 -67.28 83.02 29.49
CA LYS D 248 -68.50 83.31 30.21
C LYS D 248 -68.22 84.15 31.45
N GLN D 249 -67.10 83.89 32.12
CA GLN D 249 -66.71 84.70 33.28
C GLN D 249 -66.38 86.13 32.86
N GLN D 250 -65.75 86.30 31.69
CA GLN D 250 -65.47 87.66 31.24
C GLN D 250 -66.74 88.42 30.89
N LEU D 251 -67.66 87.77 30.18
CA LEU D 251 -68.94 88.41 29.88
C LEU D 251 -69.72 88.71 31.17
N GLY D 252 -69.63 87.84 32.18
CA GLY D 252 -70.31 88.11 33.42
C GLY D 252 -69.68 89.22 34.23
N VAL D 253 -68.35 89.34 34.19
CA VAL D 253 -67.67 90.43 34.88
C VAL D 253 -68.05 91.76 34.24
N GLN D 254 -67.98 91.84 32.90
CA GLN D 254 -68.40 93.07 32.25
C GLN D 254 -69.90 93.32 32.43
N ALA D 255 -70.69 92.25 32.56
CA ALA D 255 -72.12 92.40 32.76
C ALA D 255 -72.43 93.04 34.10
N LEU D 256 -71.83 92.52 35.17
CA LEU D 256 -71.99 93.14 36.48
C LEU D 256 -71.40 94.54 36.50
N SER D 257 -70.31 94.76 35.77
CA SER D 257 -69.69 96.09 35.75
C SER D 257 -70.64 97.12 35.15
N ILE D 258 -71.19 96.84 33.97
CA ILE D 258 -72.10 97.81 33.36
C ILE D 258 -73.41 97.88 34.14
N ALA D 259 -73.78 96.79 34.83
CA ALA D 259 -74.97 96.84 35.67
C ALA D 259 -74.78 97.78 36.86
N ASN D 260 -73.54 97.93 37.34
CA ASN D 260 -73.31 98.74 38.53
C ASN D 260 -73.66 100.21 38.32
N GLN D 261 -73.48 100.74 37.10
CA GLN D 261 -73.70 102.16 36.89
C GLN D 261 -75.15 102.53 36.60
N THR D 262 -76.03 101.56 36.39
CA THR D 262 -77.42 101.88 36.07
C THR D 262 -78.10 102.76 37.12
N PRO D 263 -78.06 102.44 38.43
CA PRO D 263 -78.61 103.38 39.41
C PRO D 263 -77.93 104.74 39.42
N GLN D 264 -76.64 104.79 39.09
CA GLN D 264 -75.84 106.00 39.27
C GLN D 264 -76.16 107.08 38.24
N THR D 265 -76.93 106.78 37.20
CA THR D 265 -77.30 107.81 36.23
C THR D 265 -78.23 108.85 36.84
N ILE D 266 -78.85 108.54 37.99
CA ILE D 266 -79.77 109.46 38.63
C ILE D 266 -79.09 110.76 39.04
N LEU D 267 -77.77 110.73 39.26
CA LEU D 267 -77.05 111.96 39.65
C LEU D 267 -77.18 113.03 38.59
N SER D 268 -77.31 112.65 37.32
CA SER D 268 -77.41 113.60 36.22
C SER D 268 -78.66 114.46 36.29
N LEU D 269 -79.75 113.97 36.87
CA LEU D 269 -80.99 114.74 36.96
C LEU D 269 -80.96 115.78 38.07
N PHE D 270 -79.96 115.76 38.94
CA PHE D 270 -79.83 116.77 39.98
C PHE D 270 -78.61 117.65 39.73
N LEU E 1 -26.68 -9.89 -8.46
CA LEU E 1 -26.04 -9.06 -9.47
C LEU E 1 -24.86 -8.30 -8.85
N ASN E 2 -25.19 -7.32 -8.01
CA ASN E 2 -24.16 -6.58 -7.28
C ASN E 2 -24.37 -6.86 -5.80
N SER E 3 -23.96 -8.04 -5.35
CA SER E 3 -24.24 -8.50 -4.00
C SER E 3 -22.97 -8.48 -3.15
N ILE E 4 -23.08 -7.93 -1.95
CA ILE E 4 -21.99 -8.01 -0.99
C ILE E 4 -22.14 -9.18 -0.01
N ASN E 5 -23.37 -9.60 0.31
CA ASN E 5 -23.59 -10.73 1.20
C ASN E 5 -23.22 -12.07 0.58
N THR E 6 -23.19 -12.17 -0.75
CA THR E 6 -22.91 -13.44 -1.41
C THR E 6 -22.37 -13.16 -2.80
N ASN E 7 -21.51 -14.06 -3.27
CA ASN E 7 -20.96 -14.00 -4.62
C ASN E 7 -21.10 -15.34 -5.35
N PRO E 8 -22.15 -15.52 -6.16
CA PRO E 8 -22.39 -16.84 -6.79
C PRO E 8 -21.25 -17.32 -7.67
N GLY E 9 -20.53 -16.42 -8.33
CA GLY E 9 -19.46 -16.86 -9.23
C GLY E 9 -18.34 -17.55 -8.50
N ALA E 10 -18.02 -17.07 -7.28
CA ALA E 10 -17.02 -17.75 -6.47
C ALA E 10 -17.50 -19.15 -6.07
N LEU E 11 -18.80 -19.31 -5.84
CA LEU E 11 -19.31 -20.65 -5.54
C LEU E 11 -19.20 -21.57 -6.74
N LEU E 12 -19.48 -21.05 -7.94
CA LEU E 12 -19.33 -21.87 -9.14
C LEU E 12 -17.86 -22.24 -9.37
N ALA E 13 -16.95 -21.32 -9.09
CA ALA E 13 -15.53 -21.62 -9.20
C ALA E 13 -15.12 -22.66 -8.17
N LEU E 14 -15.71 -22.62 -6.97
CA LEU E 14 -15.44 -23.64 -5.98
C LEU E 14 -15.95 -25.01 -6.41
N GLN E 15 -17.11 -25.05 -7.08
CA GLN E 15 -17.61 -26.33 -7.57
C GLN E 15 -16.68 -26.89 -8.65
N ASN E 16 -16.19 -26.03 -9.53
CA ASN E 16 -15.24 -26.50 -10.54
C ASN E 16 -13.95 -27.00 -9.91
N LEU E 17 -13.44 -26.26 -8.91
CA LEU E 17 -12.20 -26.65 -8.25
C LEU E 17 -12.38 -27.96 -7.49
N ASN E 18 -13.54 -28.15 -6.87
CA ASN E 18 -13.80 -29.40 -6.14
C ASN E 18 -13.90 -30.57 -7.11
N SER E 19 -14.49 -30.35 -8.29
CA SER E 19 -14.54 -31.42 -9.27
C SER E 19 -13.15 -31.80 -9.76
N THR E 20 -12.30 -30.80 -10.00
CA THR E 20 -10.93 -31.09 -10.39
C THR E 20 -10.17 -31.81 -9.26
N ASN E 21 -10.47 -31.44 -8.01
CA ASN E 21 -9.79 -32.08 -6.88
C ASN E 21 -10.22 -33.53 -6.73
N THR E 22 -11.51 -33.82 -6.91
CA THR E 22 -11.94 -35.21 -6.87
C THR E 22 -11.36 -36.02 -8.01
N GLU E 23 -11.21 -35.40 -9.19
CA GLU E 23 -10.60 -36.11 -10.30
C GLU E 23 -9.14 -36.42 -10.00
N LEU E 24 -8.41 -35.44 -9.43
CA LEU E 24 -7.01 -35.69 -9.11
C LEU E 24 -6.87 -36.72 -8.00
N ALA E 25 -7.85 -36.78 -7.07
CA ALA E 25 -7.80 -37.78 -6.02
C ALA E 25 -8.02 -39.18 -6.59
N ALA E 26 -8.98 -39.32 -7.51
CA ALA E 26 -9.17 -40.60 -8.18
C ALA E 26 -7.93 -40.98 -8.99
N THR E 27 -7.26 -39.99 -9.59
CA THR E 27 -6.03 -40.28 -10.32
C THR E 27 -4.91 -40.72 -9.37
N GLN E 28 -4.83 -40.11 -8.19
CA GLN E 28 -3.81 -40.51 -7.22
C GLN E 28 -4.03 -41.93 -6.75
N GLY E 29 -5.30 -42.30 -6.51
CA GLY E 29 -5.59 -43.66 -6.12
C GLY E 29 -5.32 -44.65 -7.24
N ARG E 30 -5.67 -44.28 -8.47
CA ARG E 30 -5.42 -45.17 -9.60
C ARG E 30 -3.93 -45.34 -9.84
N ILE E 31 -3.14 -44.30 -9.55
CA ILE E 31 -1.70 -44.40 -9.74
C ILE E 31 -1.07 -45.26 -8.67
N ASN E 32 -1.43 -45.05 -7.40
CA ASN E 32 -0.72 -45.76 -6.34
C ASN E 32 -1.18 -47.20 -6.17
N THR E 33 -2.46 -47.54 -6.43
CA THR E 33 -2.82 -48.95 -6.32
C THR E 33 -2.59 -49.72 -7.62
N GLY E 34 -2.33 -49.02 -8.72
CA GLY E 34 -2.10 -49.71 -9.99
C GLY E 34 -3.34 -50.26 -10.65
N LYS E 35 -4.52 -49.79 -10.24
CA LYS E 35 -5.76 -50.40 -10.69
C LYS E 35 -6.82 -49.32 -10.91
N LYS E 36 -7.64 -49.52 -11.94
CA LYS E 36 -8.74 -48.59 -12.20
C LYS E 36 -9.97 -48.91 -11.36
N VAL E 37 -10.14 -50.17 -10.96
CA VAL E 37 -11.25 -50.56 -10.10
C VAL E 37 -10.70 -51.32 -8.89
N ALA E 38 -9.98 -50.60 -8.04
CA ALA E 38 -9.31 -51.16 -6.87
C ALA E 38 -10.25 -51.75 -5.83
N ASN E 39 -11.49 -51.28 -5.77
CA ASN E 39 -12.42 -51.69 -4.73
C ASN E 39 -13.83 -51.70 -5.30
N ALA E 40 -14.77 -52.21 -4.50
CA ALA E 40 -16.15 -52.33 -4.94
C ALA E 40 -16.79 -50.97 -5.24
N LYS E 41 -16.32 -49.90 -4.60
CA LYS E 41 -16.86 -48.58 -4.90
C LYS E 41 -16.57 -48.16 -6.33
N ASP E 42 -15.44 -48.60 -6.89
CA ASP E 42 -15.07 -48.15 -8.22
C ASP E 42 -16.04 -48.67 -9.27
N ASN E 43 -16.47 -49.93 -9.12
CA ASN E 43 -17.44 -50.54 -10.04
C ASN E 43 -17.80 -51.90 -9.45
N GLY E 44 -19.06 -52.09 -9.06
CA GLY E 44 -19.40 -53.24 -8.26
C GLY E 44 -19.25 -54.56 -9.00
N ALA E 45 -19.86 -54.68 -10.18
CA ALA E 45 -19.82 -55.95 -10.90
C ALA E 45 -18.40 -56.28 -11.37
N ILE E 46 -17.65 -55.26 -11.80
CA ILE E 46 -16.29 -55.50 -12.26
C ILE E 46 -15.40 -55.94 -11.12
N TRP E 47 -15.57 -55.34 -9.93
CA TRP E 47 -14.77 -55.74 -8.79
C TRP E 47 -15.16 -57.14 -8.30
N SER E 48 -16.45 -57.47 -8.36
CA SER E 48 -16.86 -58.82 -7.98
C SER E 48 -16.31 -59.85 -8.95
N MET E 49 -16.26 -59.52 -10.23
CA MET E 49 -15.69 -60.43 -11.21
C MET E 49 -14.19 -60.61 -10.98
N ALA E 50 -13.47 -59.51 -10.74
CA ALA E 50 -12.06 -59.61 -10.48
C ALA E 50 -11.78 -60.39 -9.21
N LYS E 51 -12.63 -60.27 -8.19
CA LYS E 51 -12.41 -60.97 -6.94
C LYS E 51 -12.67 -62.46 -7.09
N MET E 52 -13.79 -62.82 -7.74
CA MET E 52 -14.06 -64.24 -7.95
C MET E 52 -13.02 -64.89 -8.86
N GLN E 53 -12.51 -64.15 -9.85
CA GLN E 53 -11.46 -64.69 -10.70
C GLN E 53 -10.15 -64.85 -9.94
N SER E 54 -9.84 -63.89 -9.05
CA SER E 54 -8.63 -64.00 -8.25
C SER E 54 -8.73 -65.19 -7.30
N ALA E 55 -9.93 -65.47 -6.78
CA ALA E 55 -10.10 -66.63 -5.92
C ALA E 55 -9.98 -67.93 -6.71
N THR E 56 -10.57 -67.96 -7.90
CA THR E 56 -10.48 -69.15 -8.75
C THR E 56 -9.04 -69.42 -9.14
N ALA E 57 -8.23 -68.37 -9.29
CA ALA E 57 -6.83 -68.54 -9.60
C ALA E 57 -6.01 -68.96 -8.37
N SER E 58 -6.28 -68.34 -7.22
CA SER E 58 -5.51 -68.66 -6.01
C SER E 58 -5.80 -70.07 -5.51
N SER E 59 -6.97 -70.62 -5.81
CA SER E 59 -7.31 -71.94 -5.30
C SER E 59 -6.63 -73.08 -6.05
N LEU E 60 -6.00 -72.80 -7.19
CA LEU E 60 -5.38 -73.85 -8.00
C LEU E 60 -4.07 -74.37 -7.41
N ASN E 61 -3.48 -73.65 -6.46
CA ASN E 61 -2.22 -74.10 -5.86
C ASN E 61 -2.40 -75.43 -5.14
N SER E 62 -3.55 -75.61 -4.48
CA SER E 62 -3.82 -76.90 -3.83
C SER E 62 -3.99 -78.01 -4.85
N VAL E 63 -4.55 -77.71 -6.02
CA VAL E 63 -4.69 -78.71 -7.06
C VAL E 63 -3.33 -79.15 -7.56
N LYS E 64 -2.45 -78.18 -7.82
CA LYS E 64 -1.09 -78.53 -8.23
C LYS E 64 -0.36 -79.31 -7.14
N ASP E 65 -0.60 -78.96 -5.88
CA ASP E 65 0.06 -79.68 -4.80
C ASP E 65 -0.41 -81.13 -4.71
N SER E 66 -1.71 -81.36 -4.89
CA SER E 66 -2.22 -82.73 -4.90
C SER E 66 -1.68 -83.50 -6.09
N LEU E 67 -1.49 -82.83 -7.24
CA LEU E 67 -0.95 -83.53 -8.41
C LEU E 67 0.50 -83.93 -8.19
N GLN E 68 1.31 -83.03 -7.61
CA GLN E 68 2.69 -83.39 -7.32
C GLN E 68 2.76 -84.48 -6.24
N ARG E 69 1.84 -84.45 -5.27
CA ARG E 69 1.82 -85.49 -4.26
C ARG E 69 1.47 -86.85 -4.86
N GLY E 70 0.57 -86.87 -5.84
CA GLY E 70 0.25 -88.12 -6.50
C GLY E 70 1.39 -88.62 -7.35
N GLN E 71 2.10 -87.70 -8.01
CA GLN E 71 3.28 -88.11 -8.76
C GLN E 71 4.33 -88.70 -7.83
N SER E 72 4.44 -88.15 -6.62
CA SER E 72 5.42 -88.65 -5.67
C SER E 72 5.04 -90.05 -5.18
N THR E 73 3.77 -90.26 -4.85
CA THR E 73 3.38 -91.59 -4.36
C THR E 73 3.49 -92.63 -5.47
N ILE E 74 3.17 -92.26 -6.72
CA ILE E 74 3.38 -93.21 -7.81
C ILE E 74 4.87 -93.48 -8.03
N ASP E 75 5.72 -92.48 -7.81
CA ASP E 75 7.15 -92.72 -7.93
C ASP E 75 7.63 -93.70 -6.86
N VAL E 76 7.08 -93.59 -5.66
CA VAL E 76 7.45 -94.55 -4.61
C VAL E 76 6.96 -95.95 -4.96
N ALA E 77 5.75 -96.03 -5.54
CA ALA E 77 5.24 -97.35 -5.93
C ALA E 77 6.08 -97.96 -7.04
N LEU E 78 6.58 -97.12 -7.96
CA LEU E 78 7.46 -97.64 -9.01
C LEU E 78 8.81 -98.06 -8.46
N ALA E 79 9.33 -97.30 -7.47
CA ALA E 79 10.59 -97.67 -6.84
C ALA E 79 10.46 -99.00 -6.12
N ALA E 80 9.28 -99.32 -5.61
CA ALA E 80 9.07 -100.65 -5.04
C ALA E 80 8.90 -101.71 -6.13
N GLY E 81 8.14 -101.39 -7.18
CA GLY E 81 7.91 -102.37 -8.22
C GLY E 81 9.17 -102.79 -8.92
N ASP E 82 10.16 -101.89 -8.99
CA ASP E 82 11.47 -102.27 -9.50
C ASP E 82 12.08 -103.38 -8.66
N THR E 83 11.77 -103.43 -7.37
CA THR E 83 12.25 -104.52 -6.53
C THR E 83 11.43 -105.79 -6.72
N ILE E 84 10.10 -105.67 -6.71
CA ILE E 84 9.26 -106.86 -6.83
C ILE E 84 9.48 -107.55 -8.17
N THR E 85 9.75 -106.79 -9.23
CA THR E 85 9.93 -107.42 -10.53
C THR E 85 11.21 -108.25 -10.57
N ASP E 86 12.31 -107.70 -10.04
CA ASP E 86 13.57 -108.45 -10.00
C ASP E 86 13.43 -109.66 -9.09
N LEU E 87 12.68 -109.52 -8.00
CA LEU E 87 12.49 -110.65 -7.11
C LEU E 87 11.67 -111.75 -7.79
N LEU E 88 10.65 -111.38 -8.55
CA LEU E 88 9.89 -112.38 -9.29
C LEU E 88 10.75 -113.05 -10.37
N THR E 89 11.66 -112.31 -10.98
CA THR E 89 12.55 -112.92 -11.97
C THR E 89 13.47 -113.95 -11.32
N LYS E 90 14.06 -113.60 -10.17
CA LYS E 90 14.91 -114.56 -9.47
C LYS E 90 14.09 -115.76 -8.98
N MET E 91 12.84 -115.53 -8.58
CA MET E 91 11.99 -116.64 -8.15
C MET E 91 11.67 -117.57 -9.32
N LYS E 92 11.45 -117.00 -10.50
CA LYS E 92 11.25 -117.84 -11.68
C LYS E 92 12.51 -118.64 -12.01
N GLU E 93 13.69 -118.02 -11.84
CA GLU E 93 14.93 -118.75 -12.07
C GLU E 93 15.07 -119.91 -11.10
N LYS E 94 14.72 -119.68 -9.83
CA LYS E 94 14.82 -120.74 -8.83
C LYS E 94 13.84 -121.86 -9.12
N ALA E 95 12.59 -121.53 -9.45
CA ALA E 95 11.60 -122.56 -9.73
C ALA E 95 11.96 -123.35 -10.98
N LEU E 96 12.54 -122.68 -11.97
CA LEU E 96 12.89 -123.37 -13.20
C LEU E 96 14.08 -124.30 -12.99
N ALA E 97 15.07 -123.84 -12.23
CA ALA E 97 16.20 -124.73 -11.92
C ALA E 97 15.77 -125.87 -11.02
N ALA E 98 14.76 -125.66 -10.17
CA ALA E 98 14.24 -126.73 -9.33
C ALA E 98 13.32 -127.68 -10.07
N SER E 99 12.81 -127.29 -11.24
CA SER E 99 12.01 -128.20 -12.04
C SER E 99 12.79 -129.41 -12.53
N ASP E 100 14.11 -129.28 -12.68
CA ASP E 100 14.92 -130.37 -13.18
C ASP E 100 14.90 -131.54 -12.20
N THR E 101 14.78 -132.75 -12.75
CA THR E 101 14.77 -133.98 -11.96
C THR E 101 16.17 -134.46 -11.61
N SER E 102 17.21 -133.92 -12.24
CA SER E 102 18.57 -134.41 -12.02
C SER E 102 19.15 -133.99 -10.68
N LEU E 103 18.58 -132.97 -10.03
CA LEU E 103 19.13 -132.49 -8.78
C LEU E 103 18.97 -133.52 -7.67
N ASN E 104 20.01 -133.65 -6.85
CA ASN E 104 19.92 -134.41 -5.62
C ASN E 104 19.10 -133.64 -4.59
N THR E 105 18.53 -134.37 -3.63
CA THR E 105 17.52 -133.78 -2.75
C THR E 105 18.04 -132.57 -1.98
N ALA E 106 19.33 -132.57 -1.63
CA ALA E 106 19.87 -131.43 -0.90
C ALA E 106 19.85 -130.15 -1.73
N SER E 107 20.17 -130.26 -3.02
CA SER E 107 20.13 -129.09 -3.89
C SER E 107 18.70 -128.59 -4.07
N PHE E 108 17.75 -129.51 -4.20
CA PHE E 108 16.35 -129.10 -4.31
C PHE E 108 15.89 -128.42 -3.03
N ASN E 109 16.35 -128.90 -1.87
CA ASN E 109 16.01 -128.25 -0.61
C ASN E 109 16.60 -126.86 -0.55
N ALA E 110 17.81 -126.69 -1.09
CA ALA E 110 18.45 -125.38 -1.06
C ALA E 110 17.71 -124.38 -1.95
N LEU E 111 17.37 -124.79 -3.17
CA LEU E 111 16.58 -123.93 -4.04
C LEU E 111 15.20 -123.64 -3.46
N LYS E 112 14.61 -124.62 -2.76
CA LYS E 112 13.31 -124.39 -2.15
C LYS E 112 13.40 -123.36 -1.04
N ALA E 113 14.42 -123.46 -0.19
CA ALA E 113 14.60 -122.47 0.87
C ALA E 113 14.90 -121.09 0.29
N ASP E 114 15.63 -121.05 -0.83
CA ASP E 114 15.86 -119.77 -1.50
C ASP E 114 14.56 -119.19 -2.01
N PHE E 115 13.67 -120.04 -2.53
CA PHE E 115 12.37 -119.56 -3.00
C PHE E 115 11.54 -119.03 -1.84
N GLU E 116 11.61 -119.68 -0.68
CA GLU E 116 10.86 -119.20 0.48
C GLU E 116 11.38 -117.83 0.92
N SER E 117 12.70 -117.69 0.99
CA SER E 117 13.27 -116.42 1.41
C SER E 117 12.95 -115.31 0.43
N LEU E 118 12.97 -115.61 -0.86
CA LEU E 118 12.61 -114.61 -1.85
C LEU E 118 11.13 -114.24 -1.77
N ARG E 119 10.26 -115.20 -1.45
CA ARG E 119 8.85 -114.87 -1.28
C ARG E 119 8.63 -113.98 -0.07
N ASP E 120 9.34 -114.25 1.03
CA ASP E 120 9.22 -113.39 2.21
C ASP E 120 9.73 -111.98 1.91
N GLN E 121 10.84 -111.89 1.18
CA GLN E 121 11.34 -110.56 0.82
C GLN E 121 10.41 -109.84 -0.15
N LEU E 122 9.72 -110.59 -1.02
CA LEU E 122 8.75 -109.96 -1.89
C LEU E 122 7.59 -109.39 -1.10
N GLN E 123 7.09 -110.14 -0.11
CA GLN E 123 6.01 -109.61 0.72
C GLN E 123 6.46 -108.41 1.54
N LYS E 124 7.72 -108.41 2.00
CA LYS E 124 8.20 -107.28 2.79
C LYS E 124 8.37 -106.03 1.92
N ALA E 125 8.91 -106.20 0.72
CA ALA E 125 9.03 -105.07 -0.19
C ALA E 125 7.66 -104.56 -0.62
N ALA E 126 6.67 -105.46 -0.68
CA ALA E 126 5.31 -105.02 -1.00
C ALA E 126 4.70 -104.23 0.15
N THR E 127 4.91 -104.66 1.39
CA THR E 127 4.33 -103.94 2.52
C THR E 127 5.09 -102.69 2.91
N ASN E 128 6.33 -102.53 2.43
CA ASN E 128 7.09 -101.31 2.69
C ASN E 128 6.79 -100.19 1.70
N ALA E 129 5.99 -100.45 0.68
CA ALA E 129 5.76 -99.50 -0.41
C ALA E 129 4.64 -98.52 -0.09
N LYS E 130 4.90 -97.49 0.70
CA LYS E 130 3.94 -96.42 0.91
C LYS E 130 4.65 -95.11 1.18
N PHE E 131 4.00 -94.01 0.79
CA PHE E 131 4.55 -92.67 0.84
C PHE E 131 3.70 -91.86 1.83
N ASN E 132 4.25 -91.62 3.02
CA ASN E 132 3.56 -90.90 4.09
C ASN E 132 2.26 -91.61 4.51
N GLY E 133 2.33 -92.93 4.61
CA GLY E 133 1.20 -93.69 5.12
C GLY E 133 0.11 -93.98 4.11
N VAL E 134 0.32 -93.67 2.84
CA VAL E 134 -0.63 -94.00 1.78
C VAL E 134 0.14 -94.66 0.65
N SER E 135 -0.52 -95.55 -0.08
CA SER E 135 0.18 -96.35 -1.07
C SER E 135 -0.76 -96.69 -2.22
N LEU E 136 -0.17 -96.85 -3.40
CA LEU E 136 -0.86 -97.37 -4.57
C LEU E 136 -0.48 -98.81 -4.89
N ALA E 137 0.40 -99.42 -4.10
CA ALA E 137 0.98 -100.71 -4.47
C ALA E 137 0.67 -101.84 -3.49
N ASP E 138 0.50 -101.57 -2.21
CA ASP E 138 0.24 -102.62 -1.23
C ASP E 138 -1.22 -103.07 -1.20
N GLY E 139 -2.11 -102.38 -1.91
CA GLY E 139 -3.50 -102.79 -1.95
C GLY E 139 -4.33 -102.39 -0.75
N SER E 140 -3.84 -101.46 0.08
CA SER E 140 -4.59 -101.05 1.26
C SER E 140 -5.90 -100.35 0.90
N THR E 141 -5.97 -99.73 -0.27
CA THR E 141 -7.17 -99.03 -0.69
C THR E 141 -7.37 -99.21 -2.19
N THR E 142 -8.60 -98.94 -2.65
CA THR E 142 -8.94 -99.22 -4.04
C THR E 142 -8.47 -98.12 -4.98
N LYS E 143 -8.57 -96.85 -4.59
CA LYS E 143 -8.22 -95.77 -5.50
C LYS E 143 -8.01 -94.49 -4.72
N LEU E 144 -7.29 -93.55 -5.35
CA LEU E 144 -7.06 -92.22 -4.82
C LEU E 144 -7.63 -91.20 -5.79
N SER E 145 -8.18 -90.11 -5.26
CA SER E 145 -8.86 -89.09 -6.07
C SER E 145 -8.15 -87.75 -5.88
N PHE E 146 -7.17 -87.50 -6.74
CA PHE E 146 -6.43 -86.25 -6.69
C PHE E 146 -7.22 -85.11 -7.33
N LEU E 147 -6.92 -83.89 -6.90
CA LEU E 147 -7.61 -82.70 -7.39
C LEU E 147 -7.30 -82.46 -8.85
N ALA E 148 -8.28 -81.87 -9.56
CA ALA E 148 -8.11 -81.51 -10.96
C ALA E 148 -8.53 -80.09 -11.28
N ASN E 149 -9.41 -79.47 -10.50
CA ASN E 149 -9.91 -78.13 -10.79
C ASN E 149 -10.26 -77.45 -9.47
N GLU E 150 -10.54 -76.14 -9.56
CA GLU E 150 -10.93 -75.37 -8.39
C GLU E 150 -12.25 -75.84 -7.79
N ASP E 151 -13.12 -76.46 -8.59
CA ASP E 151 -14.40 -76.95 -8.13
C ASP E 151 -14.31 -78.33 -7.47
N GLY E 152 -13.09 -78.85 -7.31
CA GLY E 152 -12.89 -80.11 -6.64
C GLY E 152 -13.00 -81.35 -7.51
N SER E 153 -12.97 -81.21 -8.83
CA SER E 153 -13.08 -82.38 -9.70
C SER E 153 -11.94 -83.35 -9.45
N ASN E 154 -12.27 -84.63 -9.35
CA ASN E 154 -11.31 -85.68 -9.05
C ASN E 154 -10.48 -86.05 -10.28
N PHE E 155 -9.26 -86.52 -10.02
CA PHE E 155 -8.41 -87.16 -11.03
C PHE E 155 -8.11 -88.56 -10.48
N THR E 156 -8.99 -89.51 -10.76
CA THR E 156 -8.86 -90.84 -10.18
C THR E 156 -7.59 -91.54 -10.64
N VAL E 157 -6.93 -92.23 -9.71
CA VAL E 157 -5.77 -93.07 -10.01
C VAL E 157 -6.01 -94.39 -9.29
N THR E 158 -6.48 -95.40 -10.02
CA THR E 158 -6.79 -96.68 -9.40
C THR E 158 -5.54 -97.33 -8.83
N ALA E 159 -5.67 -97.91 -7.64
CA ALA E 159 -4.54 -98.59 -7.03
C ALA E 159 -4.24 -99.89 -7.76
N GLN E 160 -2.96 -100.25 -7.79
CA GLN E 160 -2.49 -101.48 -8.42
C GLN E 160 -1.73 -102.27 -7.36
N THR E 161 -2.36 -103.32 -6.83
CA THR E 161 -1.76 -104.09 -5.76
C THR E 161 -0.51 -104.84 -6.23
N LEU E 162 0.54 -104.79 -5.42
CA LEU E 162 1.73 -105.60 -5.63
C LEU E 162 1.99 -106.59 -4.50
N SER E 163 1.05 -106.76 -3.58
CA SER E 163 1.17 -107.77 -2.54
C SER E 163 1.06 -109.15 -3.16
N LEU E 164 1.60 -110.15 -2.45
CA LEU E 164 1.66 -111.50 -3.02
C LEU E 164 0.26 -112.00 -3.35
N THR E 165 -0.73 -111.64 -2.54
CA THR E 165 -2.11 -111.99 -2.85
C THR E 165 -2.62 -111.27 -4.09
N GLY E 166 -2.08 -110.08 -4.40
CA GLY E 166 -2.51 -109.34 -5.57
C GLY E 166 -1.91 -109.79 -6.88
N ILE E 167 -0.88 -110.64 -6.84
CA ILE E 167 -0.27 -111.17 -8.05
C ILE E 167 -0.56 -112.67 -8.18
N GLY E 168 -1.48 -113.19 -7.39
CA GLY E 168 -1.85 -114.59 -7.44
C GLY E 168 -1.04 -115.51 -6.56
N LEU E 169 -0.05 -115.00 -5.85
CA LEU E 169 0.73 -115.78 -4.91
C LEU E 169 0.12 -115.71 -3.51
N THR E 170 0.68 -116.48 -2.59
CA THR E 170 0.29 -116.42 -1.19
C THR E 170 1.53 -116.53 -0.33
N ALA E 171 1.36 -116.25 0.97
CA ALA E 171 2.46 -116.30 1.92
C ALA E 171 3.05 -117.70 2.04
N THR E 172 2.23 -118.73 1.80
CA THR E 172 2.68 -120.11 1.93
C THR E 172 3.09 -120.73 0.60
N SER E 173 3.10 -119.97 -0.49
CA SER E 173 3.43 -120.53 -1.80
C SER E 173 4.85 -121.09 -1.81
N THR E 174 4.97 -122.31 -2.34
CA THR E 174 6.26 -122.99 -2.46
C THR E 174 6.05 -124.26 -3.27
N PHE E 175 7.12 -124.71 -3.91
CA PHE E 175 7.13 -125.98 -4.62
C PHE E 175 7.72 -127.07 -3.74
N THR E 176 7.12 -128.27 -3.79
CA THR E 176 7.58 -129.39 -2.99
C THR E 176 8.22 -130.50 -3.82
N ASP E 177 8.19 -130.41 -5.14
CA ASP E 177 8.86 -131.38 -6.01
C ASP E 177 8.90 -130.79 -7.42
N ALA E 178 9.38 -131.60 -8.36
CA ALA E 178 9.59 -131.12 -9.72
C ALA E 178 8.29 -130.70 -10.41
N ALA E 179 7.19 -131.38 -10.11
CA ALA E 179 5.93 -131.05 -10.77
C ALA E 179 5.35 -129.73 -10.26
N THR E 180 5.35 -129.56 -8.94
CA THR E 180 4.91 -128.28 -8.38
C THR E 180 5.83 -127.15 -8.81
N ALA E 181 7.13 -127.43 -8.97
CA ALA E 181 8.03 -126.40 -9.51
C ALA E 181 7.70 -126.09 -10.96
N LYS E 182 7.32 -127.10 -11.75
CA LYS E 182 6.99 -126.85 -13.15
C LYS E 182 5.73 -126.00 -13.28
N THR E 183 4.74 -126.23 -12.41
CA THR E 183 3.59 -125.33 -12.39
C THR E 183 3.95 -123.95 -11.84
N MET E 184 4.84 -123.90 -10.86
CA MET E 184 5.22 -122.62 -10.27
C MET E 184 5.96 -121.75 -11.27
N ILE E 185 6.64 -122.35 -12.24
CA ILE E 185 7.26 -121.56 -13.30
C ILE E 185 6.21 -120.71 -14.00
N ALA E 186 5.13 -121.36 -14.45
CA ALA E 186 4.07 -120.62 -15.14
C ALA E 186 3.37 -119.64 -14.21
N THR E 187 3.21 -120.00 -12.94
CA THR E 187 2.53 -119.08 -12.03
C THR E 187 3.36 -117.83 -11.80
N ILE E 188 4.67 -117.98 -11.60
CA ILE E 188 5.54 -116.83 -11.45
C ILE E 188 5.60 -116.03 -12.75
N THR E 189 5.49 -116.70 -13.89
CA THR E 189 5.46 -115.95 -15.15
C THR E 189 4.24 -115.05 -15.23
N THR E 190 3.05 -115.60 -14.93
CA THR E 190 1.84 -114.78 -14.96
C THR E 190 1.88 -113.69 -13.88
N SER E 191 2.49 -113.98 -12.73
CA SER E 191 2.58 -112.97 -11.68
C SER E 191 3.48 -111.82 -12.11
N LEU E 192 4.61 -112.13 -12.73
CA LEU E 192 5.48 -111.07 -13.23
C LEU E 192 4.80 -110.28 -14.35
N GLN E 193 3.99 -110.96 -15.17
CA GLN E 193 3.29 -110.26 -16.23
C GLN E 193 2.29 -109.26 -15.67
N THR E 194 1.45 -109.71 -14.73
CA THR E 194 0.46 -108.80 -14.16
C THR E 194 1.13 -107.70 -13.34
N ALA E 195 2.27 -107.98 -12.71
CA ALA E 195 2.98 -106.93 -12.00
C ALA E 195 3.52 -105.87 -12.94
N THR E 196 4.08 -106.28 -14.08
CA THR E 196 4.53 -105.30 -15.06
C THR E 196 3.38 -104.50 -15.64
N ASN E 197 2.21 -105.14 -15.84
CA ASN E 197 1.08 -104.37 -16.35
C ASN E 197 0.59 -103.34 -15.34
N LYS E 198 0.56 -103.71 -14.06
CA LYS E 198 0.16 -102.75 -13.04
C LYS E 198 1.18 -101.61 -12.93
N LEU E 199 2.47 -101.91 -13.07
CA LEU E 199 3.47 -100.86 -13.02
C LEU E 199 3.35 -99.92 -14.22
N SER E 200 3.06 -100.47 -15.40
CA SER E 200 2.85 -99.62 -16.57
C SER E 200 1.62 -98.74 -16.41
N SER E 201 0.58 -99.26 -15.75
CA SER E 201 -0.61 -98.44 -15.50
C SER E 201 -0.29 -97.30 -14.54
N LEU E 202 0.48 -97.59 -13.49
CA LEU E 202 0.89 -96.51 -12.59
C LEU E 202 1.75 -95.48 -13.32
N GLY E 203 2.58 -95.94 -14.26
CA GLY E 203 3.45 -95.00 -14.96
C GLY E 203 2.69 -94.07 -15.90
N THR E 204 1.76 -94.64 -16.67
CA THR E 204 0.96 -93.77 -17.53
C THR E 204 0.08 -92.84 -16.69
N SER E 205 -0.36 -93.30 -15.52
CA SER E 205 -1.14 -92.41 -14.66
C SER E 205 -0.29 -91.24 -14.18
N SER E 206 0.96 -91.50 -13.77
CA SER E 206 1.82 -90.42 -13.31
C SER E 206 2.14 -89.45 -14.45
N VAL E 207 2.28 -89.97 -15.67
CA VAL E 207 2.47 -89.08 -16.82
C VAL E 207 1.26 -88.20 -17.02
N GLY E 208 0.06 -88.74 -16.79
CA GLY E 208 -1.14 -87.94 -16.91
C GLY E 208 -1.22 -86.86 -15.83
N LEU E 209 -0.78 -87.19 -14.61
CA LEU E 209 -0.71 -86.17 -13.58
C LEU E 209 0.26 -85.06 -13.95
N ASP E 210 1.39 -85.42 -14.55
CA ASP E 210 2.36 -84.38 -14.93
C ASP E 210 1.78 -83.47 -16.02
N THR E 211 1.08 -84.05 -16.99
CA THR E 211 0.52 -83.25 -18.05
C THR E 211 -0.59 -82.34 -17.52
N HIS E 212 -1.45 -82.87 -16.64
CA HIS E 212 -2.48 -82.02 -16.07
C HIS E 212 -1.89 -80.94 -15.18
N LEU E 213 -0.75 -81.22 -14.54
CA LEU E 213 -0.08 -80.20 -13.74
C LEU E 213 0.41 -79.06 -14.60
N THR E 214 1.02 -79.38 -15.75
CA THR E 214 1.45 -78.31 -16.66
C THR E 214 0.27 -77.53 -17.19
N PHE E 215 -0.83 -78.21 -17.50
CA PHE E 215 -2.01 -77.50 -17.99
C PHE E 215 -2.60 -76.60 -16.92
N VAL E 216 -2.62 -77.06 -15.66
CA VAL E 216 -3.13 -76.24 -14.58
C VAL E 216 -2.24 -75.03 -14.35
N GLY E 217 -0.93 -75.18 -14.56
CA GLY E 217 -0.05 -74.03 -14.43
C GLY E 217 -0.33 -72.98 -15.50
N LYS E 218 -0.49 -73.44 -16.75
CA LYS E 218 -0.86 -72.49 -17.80
C LYS E 218 -2.22 -71.87 -17.55
N LEU E 219 -3.17 -72.62 -16.99
CA LEU E 219 -4.49 -72.09 -16.73
C LEU E 219 -4.45 -71.03 -15.63
N GLN E 220 -3.68 -71.26 -14.57
CA GLN E 220 -3.55 -70.25 -13.53
C GLN E 220 -2.87 -69.00 -14.08
N ASP E 221 -1.90 -69.17 -14.97
CA ASP E 221 -1.27 -67.99 -15.58
C ASP E 221 -2.26 -67.21 -16.41
N SER E 222 -3.09 -67.92 -17.20
CA SER E 222 -4.10 -67.24 -18.01
C SER E 222 -5.13 -66.56 -17.13
N LEU E 223 -5.45 -67.15 -15.98
CA LEU E 223 -6.44 -66.54 -15.09
C LEU E 223 -5.90 -65.27 -14.45
N ASP E 224 -4.63 -65.29 -14.02
CA ASP E 224 -4.05 -64.06 -13.46
C ASP E 224 -3.90 -62.98 -14.54
N ALA E 225 -3.58 -63.39 -15.77
CA ALA E 225 -3.52 -62.41 -16.85
C ALA E 225 -4.89 -61.82 -17.15
N GLY E 226 -5.94 -62.65 -17.08
CA GLY E 226 -7.27 -62.12 -17.30
C GLY E 226 -7.72 -61.21 -16.19
N VAL E 227 -7.36 -61.53 -14.94
CA VAL E 227 -7.67 -60.63 -13.84
C VAL E 227 -6.95 -59.31 -14.03
N GLY E 228 -5.71 -59.35 -14.52
CA GLY E 228 -4.99 -58.11 -14.74
C GLY E 228 -5.60 -57.27 -15.85
N ASN E 229 -6.03 -57.92 -16.92
CA ASN E 229 -6.70 -57.19 -17.98
C ASN E 229 -8.04 -56.65 -17.53
N LEU E 230 -8.67 -57.30 -16.55
CA LEU E 230 -10.00 -56.88 -16.12
C LEU E 230 -9.95 -55.79 -15.06
N VAL E 231 -8.91 -55.74 -14.22
CA VAL E 231 -8.84 -54.75 -13.14
C VAL E 231 -7.71 -53.76 -13.32
N ASP E 232 -6.52 -54.22 -13.73
CA ASP E 232 -5.39 -53.31 -13.84
C ASP E 232 -5.64 -52.25 -14.92
N ALA E 233 -5.34 -51.00 -14.58
CA ALA E 233 -5.40 -49.93 -15.56
C ALA E 233 -4.06 -49.80 -16.29
N ASP E 234 -4.13 -49.33 -17.52
CA ASP E 234 -2.92 -48.87 -18.18
C ASP E 234 -2.41 -47.62 -17.47
N LEU E 235 -1.09 -47.43 -17.45
CA LEU E 235 -0.49 -46.40 -16.62
C LEU E 235 0.02 -45.18 -17.38
N ALA E 236 0.44 -45.35 -18.63
CA ALA E 236 1.07 -44.25 -19.35
C ALA E 236 0.10 -43.10 -19.56
N LYS E 237 -1.20 -43.40 -19.63
CA LYS E 237 -2.18 -42.34 -19.83
C LYS E 237 -2.37 -41.51 -18.56
N GLU E 238 -2.44 -42.16 -17.40
CA GLU E 238 -2.45 -41.41 -16.15
C GLU E 238 -1.13 -40.70 -15.91
N SER E 239 -0.04 -41.17 -16.53
CA SER E 239 1.23 -40.47 -16.38
C SER E 239 1.15 -39.04 -16.91
N ALA E 240 0.31 -38.80 -17.92
CA ALA E 240 0.08 -37.44 -18.40
C ALA E 240 -1.15 -36.83 -17.74
N LYS E 241 -2.14 -37.66 -17.41
CA LYS E 241 -3.34 -37.15 -16.74
C LYS E 241 -3.02 -36.51 -15.40
N LEU E 242 -2.01 -37.03 -14.70
CA LEU E 242 -1.63 -36.48 -13.41
C LEU E 242 -1.10 -35.06 -13.55
N GLN E 243 -0.16 -34.86 -14.48
CA GLN E 243 0.40 -33.53 -14.68
C GLN E 243 -0.66 -32.56 -15.19
N SER E 244 -1.55 -33.04 -16.06
CA SER E 244 -2.59 -32.16 -16.57
C SER E 244 -3.55 -31.77 -15.45
N LEU E 245 -3.88 -32.70 -14.56
CA LEU E 245 -4.74 -32.38 -13.43
C LEU E 245 -4.05 -31.47 -12.41
N GLN E 246 -2.73 -31.57 -12.27
CA GLN E 246 -2.01 -30.62 -11.41
C GLN E 246 -2.09 -29.21 -11.99
N THR E 247 -1.82 -29.08 -13.28
CA THR E 247 -1.96 -27.77 -13.92
C THR E 247 -3.40 -27.29 -13.84
N LYS E 248 -4.37 -28.21 -13.88
CA LYS E 248 -5.77 -27.81 -13.88
C LYS E 248 -6.21 -27.33 -12.51
N GLN E 249 -5.78 -28.00 -11.44
CA GLN E 249 -6.12 -27.48 -10.12
C GLN E 249 -5.41 -26.15 -9.86
N GLN E 250 -4.20 -25.98 -10.42
CA GLN E 250 -3.54 -24.69 -10.22
C GLN E 250 -4.30 -23.56 -10.92
N LEU E 251 -4.73 -23.81 -12.16
CA LEU E 251 -5.52 -22.80 -12.85
C LEU E 251 -6.86 -22.58 -12.17
N GLY E 252 -7.44 -23.62 -11.57
CA GLY E 252 -8.70 -23.44 -10.87
C GLY E 252 -8.56 -22.65 -9.59
N VAL E 253 -7.46 -22.86 -8.86
CA VAL E 253 -7.20 -22.07 -7.67
C VAL E 253 -6.95 -20.62 -8.04
N GLN E 254 -6.24 -20.38 -9.15
CA GLN E 254 -6.03 -19.02 -9.59
C GLN E 254 -7.34 -18.35 -9.98
N ALA E 255 -8.20 -19.07 -10.70
CA ALA E 255 -9.48 -18.51 -11.11
C ALA E 255 -10.37 -18.24 -9.91
N LEU E 256 -10.31 -19.09 -8.89
CA LEU E 256 -11.13 -18.86 -7.70
C LEU E 256 -10.60 -17.66 -6.92
N SER E 257 -9.27 -17.51 -6.85
CA SER E 257 -8.72 -16.34 -6.17
C SER E 257 -9.07 -15.06 -6.91
N ILE E 258 -9.18 -15.13 -8.24
CA ILE E 258 -9.61 -13.97 -9.00
C ILE E 258 -11.10 -13.70 -8.76
N ALA E 259 -11.90 -14.76 -8.68
CA ALA E 259 -13.34 -14.60 -8.49
C ALA E 259 -13.67 -14.05 -7.11
N ASN E 260 -12.83 -14.33 -6.11
CA ASN E 260 -13.10 -13.82 -4.77
C ASN E 260 -13.02 -12.30 -4.73
N GLN E 261 -12.22 -11.69 -5.61
CA GLN E 261 -11.94 -10.27 -5.53
C GLN E 261 -12.96 -9.38 -6.22
N THR E 262 -13.79 -9.92 -7.12
CA THR E 262 -14.71 -9.08 -7.87
C THR E 262 -15.68 -8.29 -7.00
N PRO E 263 -16.31 -8.85 -5.96
CA PRO E 263 -17.20 -8.02 -5.12
C PRO E 263 -16.51 -6.84 -4.48
N GLN E 264 -15.22 -6.96 -4.16
CA GLN E 264 -14.55 -5.97 -3.32
C GLN E 264 -14.33 -4.65 -4.03
N THR E 265 -14.48 -4.63 -5.36
CA THR E 265 -14.30 -3.39 -6.12
C THR E 265 -15.33 -2.32 -5.73
N ILE E 266 -16.44 -2.73 -5.14
CA ILE E 266 -17.51 -1.78 -4.80
C ILE E 266 -17.01 -0.78 -3.75
N LEU E 267 -16.02 -1.16 -2.94
CA LEU E 267 -15.54 -0.27 -1.90
C LEU E 267 -14.94 1.00 -2.48
N SER E 268 -14.38 0.93 -3.68
CA SER E 268 -13.81 2.12 -4.33
C SER E 268 -14.90 3.14 -4.65
N LEU E 269 -16.13 2.68 -4.91
CA LEU E 269 -17.23 3.59 -5.18
C LEU E 269 -17.62 4.41 -3.95
N PHE E 270 -17.35 3.91 -2.75
CA PHE E 270 -17.70 4.61 -1.53
C PHE E 270 -16.48 5.32 -0.96
N LEU F 1 -51.39 34.85 4.59
CA LEU F 1 -50.69 35.65 3.60
C LEU F 1 -49.49 36.35 4.23
N ASN F 2 -49.76 37.47 4.90
CA ASN F 2 -48.76 38.21 5.67
C ASN F 2 -48.74 37.79 7.13
N SER F 3 -49.28 36.61 7.44
CA SER F 3 -49.38 36.14 8.82
C SER F 3 -48.02 36.02 9.47
N ILE F 4 -47.93 36.43 10.74
CA ILE F 4 -46.72 36.23 11.51
C ILE F 4 -46.83 35.07 12.49
N ASN F 5 -48.05 34.67 12.86
CA ASN F 5 -48.24 33.56 13.78
C ASN F 5 -47.94 32.21 13.14
N THR F 6 -47.89 32.12 11.81
CA THR F 6 -47.63 30.86 11.13
C THR F 6 -47.16 31.12 9.71
N ASN F 7 -46.39 30.19 9.17
CA ASN F 7 -45.91 30.26 7.80
C ASN F 7 -46.05 28.90 7.13
N PRO F 8 -47.07 28.69 6.29
CA PRO F 8 -47.25 27.37 5.66
C PRO F 8 -46.07 26.91 4.82
N GLY F 9 -45.36 27.84 4.17
CA GLY F 9 -44.29 27.45 3.28
C GLY F 9 -43.13 26.81 4.02
N ALA F 10 -42.81 27.31 5.21
CA ALA F 10 -41.78 26.67 6.01
C ALA F 10 -42.21 25.28 6.44
N LEU F 11 -43.50 25.08 6.70
CA LEU F 11 -43.99 23.74 7.00
C LEU F 11 -43.85 22.80 5.82
N LEU F 12 -44.13 23.30 4.61
CA LEU F 12 -43.96 22.47 3.43
C LEU F 12 -42.49 22.14 3.18
N ALA F 13 -41.61 23.11 3.42
CA ALA F 13 -40.18 22.85 3.30
C ALA F 13 -39.72 21.83 4.32
N LEU F 14 -40.27 21.88 5.54
CA LEU F 14 -39.92 20.87 6.53
C LEU F 14 -40.44 19.50 6.14
N GLN F 15 -41.62 19.43 5.53
CA GLN F 15 -42.12 18.13 5.09
C GLN F 15 -41.24 17.56 3.98
N ASN F 16 -40.80 18.41 3.06
CA ASN F 16 -39.89 17.93 2.01
C ASN F 16 -38.56 17.49 2.60
N LEU F 17 -38.03 18.24 3.58
CA LEU F 17 -36.76 17.88 4.18
C LEU F 17 -36.89 16.58 4.97
N ASN F 18 -38.03 16.37 5.63
CA ASN F 18 -38.26 15.13 6.35
C ASN F 18 -38.38 13.94 5.40
N SER F 19 -39.00 14.16 4.24
CA SER F 19 -39.06 13.08 3.26
C SER F 19 -37.68 12.73 2.75
N THR F 20 -36.84 13.74 2.48
CA THR F 20 -35.48 13.47 2.06
C THR F 20 -34.69 12.79 3.16
N ASN F 21 -34.95 13.14 4.42
CA ASN F 21 -34.24 12.53 5.54
C ASN F 21 -34.61 11.05 5.69
N THR F 22 -35.91 10.74 5.58
CA THR F 22 -36.29 9.33 5.65
C THR F 22 -35.77 8.55 4.45
N GLU F 23 -35.72 9.17 3.27
CA GLU F 23 -35.18 8.45 2.12
C GLU F 23 -33.69 8.18 2.30
N LEU F 24 -32.95 9.16 2.82
CA LEU F 24 -31.53 8.92 3.08
C LEU F 24 -31.33 7.89 4.18
N ALA F 25 -32.21 7.88 5.18
CA ALA F 25 -32.08 6.88 6.24
C ALA F 25 -32.31 5.47 5.69
N ALA F 26 -33.32 5.31 4.83
CA ALA F 26 -33.55 4.01 4.21
C ALA F 26 -32.39 3.63 3.30
N THR F 27 -31.78 4.62 2.63
CA THR F 27 -30.66 4.32 1.75
C THR F 27 -29.41 3.92 2.53
N GLN F 28 -29.11 4.65 3.61
CA GLN F 28 -27.96 4.30 4.43
C GLN F 28 -28.15 2.95 5.12
N GLY F 29 -29.39 2.62 5.50
CA GLY F 29 -29.63 1.30 6.06
C GLY F 29 -29.49 0.22 5.02
N ARG F 30 -29.96 0.48 3.80
CA ARG F 30 -29.84 -0.48 2.71
C ARG F 30 -28.37 -0.70 2.35
N ILE F 31 -27.55 0.34 2.48
CA ILE F 31 -26.13 0.21 2.18
C ILE F 31 -25.43 -0.58 3.28
N ASN F 32 -25.64 -0.20 4.55
CA ASN F 32 -24.93 -0.87 5.62
C ASN F 32 -25.35 -2.33 5.80
N THR F 33 -26.61 -2.69 5.54
CA THR F 33 -26.99 -4.08 5.69
C THR F 33 -26.75 -4.91 4.45
N GLY F 34 -26.54 -4.29 3.29
CA GLY F 34 -26.31 -5.03 2.08
C GLY F 34 -27.55 -5.69 1.49
N LYS F 35 -28.74 -5.26 1.89
CA LYS F 35 -29.97 -5.94 1.56
C LYS F 35 -31.07 -4.92 1.31
N LYS F 36 -31.93 -5.20 0.34
CA LYS F 36 -33.08 -4.33 0.12
C LYS F 36 -34.26 -4.68 1.01
N VAL F 37 -34.31 -5.91 1.52
CA VAL F 37 -35.37 -6.35 2.41
C VAL F 37 -34.76 -7.02 3.64
N ALA F 38 -34.02 -6.24 4.41
CA ALA F 38 -33.29 -6.75 5.58
C ALA F 38 -34.19 -7.33 6.65
N ASN F 39 -35.45 -6.88 6.74
CA ASN F 39 -36.35 -7.31 7.81
C ASN F 39 -37.77 -7.25 7.29
N ALA F 40 -38.69 -7.76 8.12
CA ALA F 40 -40.09 -7.86 7.71
C ALA F 40 -40.73 -6.51 7.44
N LYS F 41 -40.26 -5.44 8.09
CA LYS F 41 -40.79 -4.11 7.81
C LYS F 41 -40.46 -3.64 6.41
N ASP F 42 -39.37 -4.13 5.81
CA ASP F 42 -39.03 -3.72 4.45
C ASP F 42 -40.06 -4.24 3.45
N ASN F 43 -40.43 -5.51 3.57
CA ASN F 43 -41.48 -6.11 2.75
C ASN F 43 -41.72 -7.51 3.32
N GLY F 44 -42.91 -7.72 3.89
CA GLY F 44 -43.13 -8.93 4.68
C GLY F 44 -43.16 -10.19 3.84
N ALA F 45 -43.72 -10.12 2.63
CA ALA F 45 -43.85 -11.32 1.82
C ALA F 45 -42.49 -11.82 1.34
N ILE F 46 -41.71 -10.93 0.71
CA ILE F 46 -40.41 -11.32 0.22
C ILE F 46 -39.48 -11.69 1.37
N TRP F 47 -39.64 -11.04 2.52
CA TRP F 47 -38.80 -11.37 3.66
C TRP F 47 -39.13 -12.76 4.21
N SER F 48 -40.42 -13.10 4.30
CA SER F 48 -40.78 -14.44 4.74
C SER F 48 -40.33 -15.50 3.74
N MET F 49 -40.40 -15.16 2.44
CA MET F 49 -39.91 -16.08 1.43
C MET F 49 -38.41 -16.33 1.60
N ALA F 50 -37.64 -15.25 1.75
CA ALA F 50 -36.21 -15.39 1.93
C ALA F 50 -35.86 -16.09 3.24
N LYS F 51 -36.69 -15.91 4.27
CA LYS F 51 -36.41 -16.56 5.54
C LYS F 51 -36.63 -18.06 5.45
N MET F 52 -37.76 -18.48 4.85
CA MET F 52 -37.99 -19.90 4.66
C MET F 52 -36.97 -20.52 3.71
N GLN F 53 -36.53 -19.77 2.70
CA GLN F 53 -35.51 -20.29 1.79
C GLN F 53 -34.17 -20.42 2.48
N SER F 54 -33.83 -19.46 3.36
CA SER F 54 -32.60 -19.57 4.12
C SER F 54 -32.65 -20.73 5.10
N ALA F 55 -33.81 -21.01 5.66
CA ALA F 55 -33.93 -22.19 6.51
C ALA F 55 -33.78 -23.47 5.69
N THR F 56 -34.36 -23.51 4.49
CA THR F 56 -34.20 -24.66 3.62
C THR F 56 -32.75 -24.86 3.20
N ALA F 57 -32.01 -23.76 3.04
CA ALA F 57 -30.60 -23.86 2.67
C ALA F 57 -29.74 -24.30 3.85
N SER F 58 -29.98 -23.73 5.03
CA SER F 58 -29.19 -24.10 6.20
C SER F 58 -29.50 -25.52 6.68
N SER F 59 -30.70 -26.03 6.36
CA SER F 59 -31.09 -27.36 6.80
C SER F 59 -30.30 -28.47 6.12
N LEU F 60 -29.69 -28.19 4.96
CA LEU F 60 -29.03 -29.24 4.18
C LEU F 60 -27.69 -29.69 4.76
N ASN F 61 -27.13 -28.93 5.70
CA ASN F 61 -25.86 -29.34 6.30
C ASN F 61 -25.99 -30.66 7.05
N SER F 62 -27.14 -30.88 7.71
CA SER F 62 -27.35 -32.15 8.39
C SER F 62 -27.49 -33.30 7.39
N VAL F 63 -28.07 -33.02 6.22
CA VAL F 63 -28.18 -34.07 5.20
C VAL F 63 -26.81 -34.42 4.65
N LYS F 64 -25.96 -33.41 4.45
CA LYS F 64 -24.60 -33.69 3.97
C LYS F 64 -23.81 -34.46 5.02
N ASP F 65 -24.00 -34.13 6.30
CA ASP F 65 -23.32 -34.88 7.35
C ASP F 65 -23.81 -36.33 7.43
N SER F 66 -25.12 -36.54 7.23
CA SER F 66 -25.64 -37.90 7.24
C SER F 66 -25.11 -38.71 6.07
N LEU F 67 -25.00 -38.09 4.89
CA LEU F 67 -24.46 -38.81 3.74
C LEU F 67 -22.99 -39.14 3.95
N GLN F 68 -22.23 -38.22 4.53
CA GLN F 68 -20.82 -38.51 4.79
C GLN F 68 -20.66 -39.61 5.83
N ARG F 69 -21.50 -39.61 6.87
CA ARG F 69 -21.45 -40.67 7.86
C ARG F 69 -21.85 -42.02 7.27
N GLY F 70 -22.78 -42.03 6.32
CA GLY F 70 -23.11 -43.27 5.65
C GLY F 70 -21.99 -43.78 4.77
N GLN F 71 -21.29 -42.86 4.10
CA GLN F 71 -20.11 -43.27 3.34
C GLN F 71 -19.04 -43.86 4.26
N SER F 72 -18.88 -43.27 5.45
CA SER F 72 -17.88 -43.80 6.38
C SER F 72 -18.27 -45.18 6.89
N THR F 73 -19.57 -45.38 7.15
CA THR F 73 -20.02 -46.70 7.61
C THR F 73 -19.82 -47.75 6.52
N ILE F 74 -20.14 -47.41 5.27
CA ILE F 74 -19.91 -48.36 4.19
C ILE F 74 -18.42 -48.61 3.99
N ASP F 75 -17.58 -47.60 4.24
CA ASP F 75 -16.15 -47.81 4.11
C ASP F 75 -15.64 -48.78 5.16
N VAL F 76 -16.11 -48.67 6.40
CA VAL F 76 -15.71 -49.63 7.43
C VAL F 76 -16.23 -51.02 7.10
N ALA F 77 -17.43 -51.10 6.53
CA ALA F 77 -17.96 -52.41 6.15
C ALA F 77 -17.14 -53.05 5.04
N LEU F 78 -16.69 -52.24 4.07
CA LEU F 78 -15.81 -52.77 3.03
C LEU F 78 -14.45 -53.16 3.58
N ALA F 79 -13.96 -52.41 4.58
CA ALA F 79 -12.69 -52.76 5.19
C ALA F 79 -12.76 -54.10 5.89
N ALA F 80 -13.92 -54.42 6.49
CA ALA F 80 -14.08 -55.76 7.06
C ALA F 80 -14.32 -56.83 5.99
N GLY F 81 -15.00 -56.46 4.91
CA GLY F 81 -15.26 -57.44 3.87
C GLY F 81 -14.00 -57.84 3.13
N ASP F 82 -13.01 -56.94 3.08
CA ASP F 82 -11.73 -57.31 2.48
C ASP F 82 -11.05 -58.42 3.27
N THR F 83 -11.23 -58.44 4.59
CA THR F 83 -10.72 -59.54 5.41
C THR F 83 -11.57 -60.80 5.22
N ILE F 84 -12.89 -60.63 5.22
CA ILE F 84 -13.79 -61.78 5.14
C ILE F 84 -13.58 -62.52 3.81
N THR F 85 -13.28 -61.78 2.74
CA THR F 85 -13.15 -62.42 1.43
C THR F 85 -11.88 -63.28 1.35
N ASP F 86 -10.75 -62.74 1.79
CA ASP F 86 -9.54 -63.53 1.81
C ASP F 86 -9.64 -64.70 2.78
N LEU F 87 -10.37 -64.53 3.88
CA LEU F 87 -10.57 -65.65 4.80
C LEU F 87 -11.41 -66.74 4.14
N LEU F 88 -12.44 -66.34 3.38
CA LEU F 88 -13.23 -67.34 2.66
C LEU F 88 -12.40 -68.04 1.60
N THR F 89 -11.47 -67.32 0.97
CA THR F 89 -10.62 -67.95 -0.02
C THR F 89 -9.70 -68.98 0.62
N LYS F 90 -9.12 -68.64 1.78
CA LYS F 90 -8.27 -69.61 2.47
C LYS F 90 -9.07 -70.81 2.98
N MET F 91 -10.32 -70.58 3.40
CA MET F 91 -11.19 -71.69 3.78
C MET F 91 -11.51 -72.58 2.59
N LYS F 92 -11.71 -71.99 1.42
CA LYS F 92 -11.93 -72.79 0.22
C LYS F 92 -10.68 -73.60 -0.12
N GLU F 93 -9.51 -73.00 0.06
CA GLU F 93 -8.26 -73.74 -0.19
C GLU F 93 -8.10 -74.90 0.78
N LYS F 94 -8.48 -74.69 2.05
CA LYS F 94 -8.37 -75.76 3.04
C LYS F 94 -9.32 -76.90 2.73
N ALA F 95 -10.58 -76.58 2.43
CA ALA F 95 -11.54 -77.62 2.09
C ALA F 95 -11.13 -78.34 0.81
N LEU F 96 -10.55 -77.61 -0.14
CA LEU F 96 -10.14 -78.22 -1.40
C LEU F 96 -8.98 -79.17 -1.20
N ALA F 97 -7.98 -78.77 -0.42
CA ALA F 97 -6.87 -79.67 -0.13
C ALA F 97 -7.32 -80.86 0.70
N ALA F 98 -8.28 -80.65 1.61
CA ALA F 98 -8.79 -81.74 2.43
C ALA F 98 -9.66 -82.72 1.66
N SER F 99 -10.23 -82.31 0.53
CA SER F 99 -11.03 -83.23 -0.27
C SER F 99 -10.21 -84.39 -0.83
N ASP F 100 -8.90 -84.21 -0.99
CA ASP F 100 -8.06 -85.25 -1.56
C ASP F 100 -8.00 -86.46 -0.63
N THR F 101 -8.11 -87.66 -1.23
CA THR F 101 -8.10 -88.92 -0.50
C THR F 101 -6.71 -89.37 -0.10
N SER F 102 -5.66 -88.92 -0.81
CA SER F 102 -4.30 -89.39 -0.56
C SER F 102 -3.79 -89.04 0.83
N LEU F 103 -4.30 -87.99 1.44
CA LEU F 103 -3.74 -87.47 2.67
C LEU F 103 -3.82 -88.47 3.81
N ASN F 104 -2.75 -88.54 4.58
CA ASN F 104 -2.72 -89.24 5.86
C ASN F 104 -3.49 -88.43 6.90
N THR F 105 -3.94 -89.12 7.96
CA THR F 105 -4.90 -88.52 8.88
C THR F 105 -4.35 -87.25 9.55
N ALA F 106 -3.05 -87.17 9.77
CA ALA F 106 -2.50 -86.02 10.49
C ALA F 106 -2.62 -84.74 9.65
N SER F 107 -2.31 -84.82 8.36
CA SER F 107 -2.47 -83.64 7.50
C SER F 107 -3.95 -83.26 7.38
N PHE F 108 -4.83 -84.25 7.41
CA PHE F 108 -6.26 -83.93 7.38
C PHE F 108 -6.69 -83.21 8.65
N ASN F 109 -6.16 -83.64 9.80
CA ASN F 109 -6.47 -82.94 11.04
C ASN F 109 -5.91 -81.53 11.03
N ALA F 110 -4.76 -81.34 10.39
CA ALA F 110 -4.17 -79.99 10.33
C ALA F 110 -5.03 -79.07 9.47
N LEU F 111 -5.44 -79.55 8.29
CA LEU F 111 -6.30 -78.74 7.44
C LEU F 111 -7.63 -78.45 8.12
N LYS F 112 -8.16 -79.42 8.86
CA LYS F 112 -9.45 -79.21 9.53
C LYS F 112 -9.32 -78.19 10.65
N ALA F 113 -8.24 -78.26 11.43
CA ALA F 113 -8.04 -77.29 12.49
C ALA F 113 -7.84 -75.89 11.93
N ASP F 114 -7.13 -75.78 10.81
CA ASP F 114 -6.99 -74.47 10.19
C ASP F 114 -8.31 -73.96 9.63
N PHE F 115 -9.17 -74.87 9.14
CA PHE F 115 -10.51 -74.47 8.70
C PHE F 115 -11.33 -73.93 9.87
N GLU F 116 -11.23 -74.59 11.03
CA GLU F 116 -11.94 -74.09 12.21
C GLU F 116 -11.41 -72.72 12.62
N SER F 117 -10.09 -72.54 12.57
CA SER F 117 -9.51 -71.25 12.98
C SER F 117 -9.90 -70.14 12.02
N LEU F 118 -9.92 -70.43 10.72
CA LEU F 118 -10.36 -69.43 9.75
C LEU F 118 -11.83 -69.11 9.90
N ARG F 119 -12.66 -70.10 10.25
CA ARG F 119 -14.07 -69.81 10.50
C ARG F 119 -14.23 -68.90 11.72
N ASP F 120 -13.45 -69.14 12.77
CA ASP F 120 -13.52 -68.30 13.95
C ASP F 120 -13.06 -66.89 13.64
N GLN F 121 -11.96 -66.75 12.89
CA GLN F 121 -11.47 -65.42 12.53
C GLN F 121 -12.46 -64.70 11.63
N LEU F 122 -13.15 -65.42 10.76
CA LEU F 122 -14.14 -64.78 9.91
C LEU F 122 -15.32 -64.27 10.72
N GLN F 123 -15.78 -65.06 11.69
CA GLN F 123 -16.87 -64.59 12.54
C GLN F 123 -16.43 -63.40 13.37
N LYS F 124 -15.18 -63.38 13.82
CA LYS F 124 -14.72 -62.26 14.63
C LYS F 124 -14.60 -60.99 13.78
N ALA F 125 -14.05 -61.11 12.57
CA ALA F 125 -13.95 -59.95 11.70
C ALA F 125 -15.32 -59.44 11.28
N ALA F 126 -16.30 -60.35 11.18
CA ALA F 126 -17.65 -59.90 10.90
C ALA F 126 -18.26 -59.16 12.09
N THR F 127 -18.02 -59.65 13.30
CA THR F 127 -18.54 -58.98 14.48
C THR F 127 -17.90 -57.62 14.71
N ASN F 128 -16.66 -57.45 14.27
CA ASN F 128 -15.96 -56.20 14.53
C ASN F 128 -16.28 -55.08 13.54
N ALA F 129 -17.10 -55.36 12.53
CA ALA F 129 -17.38 -54.40 11.46
C ALA F 129 -18.46 -53.40 11.91
N LYS F 130 -18.09 -52.54 12.85
CA LYS F 130 -18.99 -51.52 13.36
C LYS F 130 -18.34 -50.14 13.28
N PHE F 131 -19.12 -49.16 12.85
CA PHE F 131 -18.72 -47.76 12.80
C PHE F 131 -19.55 -46.98 13.80
N ASN F 132 -18.92 -46.56 14.90
CA ASN F 132 -19.56 -45.73 15.92
C ASN F 132 -20.83 -46.39 16.48
N GLY F 133 -20.73 -47.70 16.73
CA GLY F 133 -21.82 -48.43 17.34
C GLY F 133 -22.93 -48.86 16.39
N VAL F 134 -22.74 -48.72 15.08
CA VAL F 134 -23.73 -49.16 14.11
C VAL F 134 -22.99 -49.85 12.98
N SER F 135 -23.70 -50.72 12.26
CA SER F 135 -23.06 -51.56 11.26
C SER F 135 -24.04 -51.91 10.15
N LEU F 136 -23.50 -52.05 8.94
CA LEU F 136 -24.25 -52.51 7.79
C LEU F 136 -23.88 -53.94 7.39
N ALA F 137 -22.97 -54.59 8.11
CA ALA F 137 -22.43 -55.87 7.69
C ALA F 137 -22.67 -57.02 8.66
N ASP F 138 -22.78 -56.76 9.96
CA ASP F 138 -22.94 -57.81 10.95
C ASP F 138 -24.39 -58.32 11.03
N GLY F 139 -25.32 -57.66 10.36
CA GLY F 139 -26.70 -58.10 10.36
C GLY F 139 -27.51 -57.72 11.58
N SER F 140 -27.00 -56.81 12.40
CA SER F 140 -27.72 -56.34 13.57
C SER F 140 -28.98 -55.54 13.22
N THR F 141 -29.06 -55.00 12.01
CA THR F 141 -30.22 -54.21 11.61
C THR F 141 -30.56 -54.51 10.16
N THR F 142 -31.83 -54.29 9.80
CA THR F 142 -32.29 -54.54 8.45
C THR F 142 -31.80 -53.49 7.46
N LYS F 143 -31.91 -52.21 7.82
CA LYS F 143 -31.53 -51.14 6.90
C LYS F 143 -31.25 -49.87 7.68
N LEU F 144 -30.40 -49.02 7.12
CA LEU F 144 -30.14 -47.68 7.63
C LEU F 144 -30.73 -46.67 6.67
N SER F 145 -31.39 -45.65 7.20
CA SER F 145 -32.08 -44.64 6.40
C SER F 145 -31.37 -43.30 6.56
N PHE F 146 -30.42 -43.03 5.68
CA PHE F 146 -29.69 -41.77 5.68
C PHE F 146 -30.51 -40.67 5.01
N LEU F 147 -30.21 -39.43 5.39
CA LEU F 147 -30.99 -38.29 4.93
C LEU F 147 -30.78 -38.03 3.44
N ALA F 148 -31.84 -37.52 2.79
CA ALA F 148 -31.81 -37.20 1.38
C ALA F 148 -32.25 -35.79 1.05
N ASN F 149 -33.09 -35.17 1.88
CA ASN F 149 -33.57 -33.83 1.62
C ASN F 149 -33.96 -33.18 2.93
N GLU F 150 -34.15 -31.86 2.88
CA GLU F 150 -34.47 -31.09 4.08
C GLU F 150 -35.82 -31.47 4.68
N ASP F 151 -36.73 -32.04 3.90
CA ASP F 151 -38.06 -32.38 4.40
C ASP F 151 -38.06 -33.66 5.22
N GLY F 152 -36.94 -34.38 5.28
CA GLY F 152 -36.85 -35.61 6.03
C GLY F 152 -36.94 -36.88 5.22
N SER F 153 -37.07 -36.78 3.90
CA SER F 153 -37.06 -37.98 3.06
C SER F 153 -35.71 -38.68 3.18
N ASN F 154 -35.75 -40.00 3.30
CA ASN F 154 -34.56 -40.79 3.59
C ASN F 154 -33.96 -41.38 2.32
N PHE F 155 -32.65 -41.62 2.39
CA PHE F 155 -31.89 -42.31 1.36
C PHE F 155 -31.60 -43.71 1.90
N THR F 156 -32.53 -44.63 1.64
CA THR F 156 -32.43 -45.97 2.22
C THR F 156 -31.20 -46.70 1.68
N VAL F 157 -30.54 -47.45 2.55
CA VAL F 157 -29.40 -48.29 2.19
C VAL F 157 -29.57 -49.62 2.92
N THR F 158 -29.91 -50.66 2.18
CA THR F 158 -30.15 -51.97 2.78
C THR F 158 -28.87 -52.52 3.40
N ALA F 159 -29.00 -53.12 4.58
CA ALA F 159 -27.88 -53.81 5.19
C ALA F 159 -27.60 -55.12 4.48
N GLN F 160 -26.32 -55.50 4.45
CA GLN F 160 -25.86 -56.72 3.78
C GLN F 160 -25.10 -57.53 4.82
N THR F 161 -25.77 -58.51 5.41
CA THR F 161 -25.16 -59.30 6.48
C THR F 161 -23.96 -60.07 5.96
N LEU F 162 -22.86 -60.03 6.71
CA LEU F 162 -21.66 -60.77 6.35
C LEU F 162 -21.17 -61.70 7.46
N SER F 163 -21.93 -61.85 8.53
CA SER F 163 -21.64 -62.87 9.53
C SER F 163 -21.89 -64.25 8.96
N LEU F 164 -21.23 -65.25 9.57
CA LEU F 164 -21.28 -66.62 9.08
C LEU F 164 -22.70 -67.07 8.79
N THR F 165 -23.63 -66.75 9.70
CA THR F 165 -25.03 -67.11 9.49
C THR F 165 -25.64 -66.42 8.27
N GLY F 166 -25.19 -65.22 7.95
CA GLY F 166 -25.74 -64.50 6.80
C GLY F 166 -25.18 -64.89 5.45
N ILE F 167 -24.12 -65.69 5.42
CA ILE F 167 -23.54 -66.13 4.16
C ILE F 167 -23.72 -67.63 4.02
N GLY F 168 -24.61 -68.21 4.82
CA GLY F 168 -24.93 -69.62 4.73
C GLY F 168 -24.07 -70.53 5.58
N LEU F 169 -23.07 -70.00 6.27
CA LEU F 169 -22.25 -70.78 7.19
C LEU F 169 -22.82 -70.74 8.60
N THR F 170 -22.27 -71.60 9.46
CA THR F 170 -22.60 -71.61 10.88
C THR F 170 -21.31 -71.68 11.69
N ALA F 171 -21.42 -71.35 12.98
CA ALA F 171 -20.27 -71.42 13.85
C ALA F 171 -19.74 -72.84 14.01
N THR F 172 -20.59 -73.85 13.84
CA THR F 172 -20.19 -75.24 13.91
C THR F 172 -19.74 -75.82 12.58
N SER F 173 -19.74 -75.02 11.51
CA SER F 173 -19.44 -75.55 10.18
C SER F 173 -18.02 -76.10 10.12
N THR F 174 -17.91 -77.28 9.52
CA THR F 174 -16.64 -77.99 9.38
C THR F 174 -16.90 -79.21 8.50
N PHE F 175 -15.85 -79.97 8.24
CA PHE F 175 -15.93 -81.23 7.50
C PHE F 175 -15.29 -82.33 8.33
N THR F 176 -16.02 -83.43 8.53
CA THR F 176 -15.50 -84.57 9.27
C THR F 176 -14.65 -85.50 8.42
N ASP F 177 -14.80 -85.46 7.10
CA ASP F 177 -14.05 -86.33 6.21
C ASP F 177 -14.10 -85.74 4.80
N ALA F 178 -13.28 -86.32 3.92
CA ALA F 178 -13.16 -85.77 2.56
C ALA F 178 -14.49 -85.83 1.81
N ALA F 179 -15.34 -86.82 2.10
CA ALA F 179 -16.65 -86.87 1.47
C ALA F 179 -17.49 -85.66 1.82
N THR F 180 -17.32 -85.11 3.03
CA THR F 180 -17.96 -83.87 3.42
C THR F 180 -17.16 -82.64 3.00
N ALA F 181 -15.84 -82.75 2.91
CA ALA F 181 -15.04 -81.63 2.42
C ALA F 181 -15.35 -81.31 0.97
N LYS F 182 -15.71 -82.33 0.18
CA LYS F 182 -16.07 -82.09 -1.21
C LYS F 182 -17.33 -81.25 -1.33
N THR F 183 -18.28 -81.40 -0.39
CA THR F 183 -19.45 -80.53 -0.36
C THR F 183 -19.13 -79.18 0.27
N MET F 184 -18.24 -79.16 1.25
CA MET F 184 -17.81 -77.91 1.84
C MET F 184 -17.12 -77.01 0.82
N ILE F 185 -16.51 -77.61 -0.21
CA ILE F 185 -15.91 -76.81 -1.28
C ILE F 185 -16.98 -75.94 -1.94
N ALA F 186 -18.06 -76.55 -2.41
CA ALA F 186 -19.12 -75.79 -3.05
C ALA F 186 -19.83 -74.87 -2.06
N THR F 187 -19.89 -75.27 -0.79
CA THR F 187 -20.53 -74.41 0.20
C THR F 187 -19.73 -73.13 0.42
N ILE F 188 -18.41 -73.25 0.57
CA ILE F 188 -17.56 -72.06 0.72
C ILE F 188 -17.56 -71.24 -0.56
N THR F 189 -17.69 -71.91 -1.71
CA THR F 189 -17.78 -71.15 -2.97
C THR F 189 -19.04 -70.30 -3.01
N THR F 190 -20.18 -70.88 -2.65
CA THR F 190 -21.42 -70.10 -2.62
C THR F 190 -21.36 -68.99 -1.58
N SER F 191 -20.69 -69.25 -0.46
CA SER F 191 -20.55 -68.21 0.56
C SER F 191 -19.70 -67.06 0.04
N LEU F 192 -18.60 -67.37 -0.66
CA LEU F 192 -17.77 -66.33 -1.24
C LEU F 192 -18.53 -65.54 -2.30
N GLN F 193 -19.39 -66.23 -3.07
CA GLN F 193 -20.17 -65.56 -4.08
C GLN F 193 -21.13 -64.55 -3.46
N THR F 194 -21.90 -64.99 -2.46
CA THR F 194 -22.84 -64.07 -1.83
C THR F 194 -22.12 -62.95 -1.09
N ALA F 195 -20.93 -63.21 -0.52
CA ALA F 195 -20.20 -62.15 0.15
C ALA F 195 -19.71 -61.10 -0.83
N THR F 196 -19.18 -61.52 -1.98
CA THR F 196 -18.75 -60.56 -2.98
C THR F 196 -19.92 -59.77 -3.54
N ASN F 197 -21.09 -60.42 -3.67
CA ASN F 197 -22.26 -59.70 -4.17
C ASN F 197 -22.73 -58.64 -3.17
N LYS F 198 -22.73 -58.98 -1.89
CA LYS F 198 -23.14 -58.02 -0.87
C LYS F 198 -22.15 -56.87 -0.77
N LEU F 199 -20.85 -57.15 -0.92
CA LEU F 199 -19.88 -56.06 -0.89
C LEU F 199 -20.02 -55.15 -2.10
N SER F 200 -20.32 -55.71 -3.27
CA SER F 200 -20.55 -54.87 -4.44
C SER F 200 -21.79 -54.00 -4.26
N SER F 201 -22.84 -54.55 -3.64
CA SER F 201 -24.02 -53.73 -3.39
C SER F 201 -23.73 -52.61 -2.41
N LEU F 202 -22.89 -52.89 -1.40
CA LEU F 202 -22.51 -51.85 -0.45
C LEU F 202 -21.70 -50.74 -1.14
N GLY F 203 -20.82 -51.12 -2.07
CA GLY F 203 -20.05 -50.10 -2.77
C GLY F 203 -20.91 -49.26 -3.71
N THR F 204 -21.90 -49.89 -4.36
CA THR F 204 -22.82 -49.13 -5.19
C THR F 204 -23.64 -48.16 -4.34
N SER F 205 -24.06 -48.58 -3.15
CA SER F 205 -24.80 -47.68 -2.28
C SER F 205 -23.93 -46.51 -1.84
N SER F 206 -22.64 -46.76 -1.58
CA SER F 206 -21.76 -45.66 -1.19
C SER F 206 -21.55 -44.67 -2.33
N VAL F 207 -21.43 -45.18 -3.56
CA VAL F 207 -21.31 -44.27 -4.70
C VAL F 207 -22.59 -43.44 -4.87
N GLY F 208 -23.74 -44.05 -4.62
CA GLY F 208 -24.98 -43.28 -4.71
C GLY F 208 -25.06 -42.21 -3.64
N LEU F 209 -24.57 -42.51 -2.44
CA LEU F 209 -24.51 -41.50 -1.40
C LEU F 209 -23.58 -40.37 -1.78
N ASP F 210 -22.44 -40.68 -2.41
CA ASP F 210 -21.52 -39.60 -2.81
C ASP F 210 -22.14 -38.71 -3.88
N THR F 211 -22.84 -39.32 -4.84
CA THR F 211 -23.46 -38.53 -5.90
C THR F 211 -24.57 -37.63 -5.33
N HIS F 212 -25.40 -38.19 -4.44
CA HIS F 212 -26.43 -37.35 -3.84
C HIS F 212 -25.82 -36.27 -2.96
N LEU F 213 -24.64 -36.53 -2.37
CA LEU F 213 -23.96 -35.50 -1.61
C LEU F 213 -23.54 -34.34 -2.48
N THR F 214 -22.96 -34.64 -3.65
CA THR F 214 -22.58 -33.57 -4.57
C THR F 214 -23.80 -32.79 -5.04
N PHE F 215 -24.91 -33.49 -5.32
CA PHE F 215 -26.10 -32.80 -5.76
C PHE F 215 -26.68 -31.93 -4.65
N VAL F 216 -26.61 -32.40 -3.40
CA VAL F 216 -27.11 -31.60 -2.29
C VAL F 216 -26.26 -30.36 -2.09
N GLY F 217 -24.95 -30.46 -2.31
CA GLY F 217 -24.12 -29.28 -2.21
C GLY F 217 -24.43 -28.26 -3.30
N LYS F 218 -24.68 -28.75 -4.51
CA LYS F 218 -25.09 -27.85 -5.59
C LYS F 218 -26.43 -27.19 -5.27
N LEU F 219 -27.37 -27.95 -4.71
CA LEU F 219 -28.68 -27.40 -4.37
C LEU F 219 -28.56 -26.37 -3.25
N GLN F 220 -27.64 -26.58 -2.31
CA GLN F 220 -27.47 -25.60 -1.25
C GLN F 220 -26.88 -24.31 -1.79
N ASP F 221 -25.89 -24.40 -2.68
CA ASP F 221 -25.35 -23.18 -3.28
C ASP F 221 -26.42 -22.48 -4.11
N SER F 222 -27.30 -23.25 -4.77
CA SER F 222 -28.35 -22.64 -5.59
C SER F 222 -29.38 -21.93 -4.72
N LEU F 223 -29.77 -22.54 -3.60
CA LEU F 223 -30.71 -21.89 -2.70
C LEU F 223 -30.10 -20.64 -2.07
N ASP F 224 -28.80 -20.66 -1.78
CA ASP F 224 -28.17 -19.47 -1.22
C ASP F 224 -28.14 -18.36 -2.27
N ALA F 225 -27.82 -18.70 -3.52
CA ALA F 225 -27.85 -17.70 -4.58
C ALA F 225 -29.26 -17.17 -4.80
N GLY F 226 -30.28 -18.01 -4.62
CA GLY F 226 -31.64 -17.53 -4.77
C GLY F 226 -32.06 -16.60 -3.65
N VAL F 227 -31.61 -16.90 -2.42
CA VAL F 227 -31.88 -15.97 -1.32
C VAL F 227 -31.20 -14.64 -1.58
N GLY F 228 -29.97 -14.69 -2.11
CA GLY F 228 -29.25 -13.46 -2.37
C GLY F 228 -29.90 -12.63 -3.46
N ASN F 229 -30.42 -13.31 -4.48
CA ASN F 229 -31.19 -12.60 -5.51
C ASN F 229 -32.46 -11.99 -4.92
N LEU F 230 -33.08 -12.68 -3.95
CA LEU F 230 -34.28 -12.15 -3.33
C LEU F 230 -33.98 -10.90 -2.49
N VAL F 231 -32.81 -10.83 -1.85
CA VAL F 231 -32.65 -9.86 -0.78
C VAL F 231 -31.63 -8.75 -1.07
N ASP F 232 -30.53 -9.09 -1.72
CA ASP F 232 -29.44 -8.13 -1.84
C ASP F 232 -29.79 -6.97 -2.77
N ALA F 233 -29.39 -5.77 -2.34
CA ALA F 233 -29.60 -4.55 -3.11
C ALA F 233 -28.57 -4.42 -4.22
N ASP F 234 -28.94 -3.66 -5.25
CA ASP F 234 -28.01 -3.29 -6.32
C ASP F 234 -27.13 -2.15 -5.81
N LEU F 235 -26.04 -2.54 -5.15
CA LEU F 235 -25.34 -1.65 -4.23
C LEU F 235 -24.67 -0.47 -4.92
N ALA F 236 -24.27 -0.61 -6.19
CA ALA F 236 -23.69 0.52 -6.90
C ALA F 236 -24.73 1.61 -7.18
N LYS F 237 -25.96 1.19 -7.47
CA LYS F 237 -27.04 2.16 -7.58
C LYS F 237 -27.21 2.89 -6.26
N GLU F 238 -26.99 2.20 -5.16
CA GLU F 238 -27.05 2.84 -3.86
C GLU F 238 -25.85 3.76 -3.63
N SER F 239 -24.69 3.44 -4.21
CA SER F 239 -23.54 4.33 -4.09
C SER F 239 -23.81 5.64 -4.81
N ALA F 240 -24.58 5.60 -5.91
CA ALA F 240 -24.99 6.84 -6.55
C ALA F 240 -26.10 7.54 -5.74
N LYS F 241 -27.07 6.75 -5.29
CA LYS F 241 -28.24 7.29 -4.61
C LYS F 241 -27.87 7.95 -3.29
N LEU F 242 -26.83 7.46 -2.63
CA LEU F 242 -26.41 8.03 -1.35
C LEU F 242 -25.88 9.45 -1.54
N GLN F 243 -24.98 9.63 -2.51
CA GLN F 243 -24.45 10.97 -2.78
C GLN F 243 -25.55 11.90 -3.25
N SER F 244 -26.48 11.38 -4.07
CA SER F 244 -27.57 12.25 -4.54
C SER F 244 -28.45 12.68 -3.38
N LEU F 245 -28.77 11.76 -2.46
CA LEU F 245 -29.59 12.11 -1.32
C LEU F 245 -28.87 13.04 -0.35
N GLN F 246 -27.55 12.92 -0.23
CA GLN F 246 -26.80 13.87 0.60
C GLN F 246 -26.89 15.28 0.04
N THR F 247 -26.64 15.43 -1.26
CA THR F 247 -26.79 16.74 -1.87
C THR F 247 -28.23 17.24 -1.76
N LYS F 248 -29.20 16.33 -1.86
CA LYS F 248 -30.59 16.74 -1.80
C LYS F 248 -30.97 17.22 -0.40
N GLN F 249 -30.52 16.53 0.65
CA GLN F 249 -30.83 17.00 1.99
C GLN F 249 -30.13 18.32 2.29
N GLN F 250 -28.93 18.53 1.74
CA GLN F 250 -28.30 19.83 1.96
C GLN F 250 -29.08 20.95 1.27
N LEU F 251 -29.57 20.69 0.06
CA LEU F 251 -30.41 21.66 -0.61
C LEU F 251 -31.70 21.91 0.17
N GLY F 252 -32.25 20.87 0.78
CA GLY F 252 -33.46 21.03 1.55
C GLY F 252 -33.23 21.84 2.82
N VAL F 253 -32.08 21.62 3.46
CA VAL F 253 -31.74 22.42 4.64
C VAL F 253 -31.58 23.88 4.28
N GLN F 254 -30.92 24.16 3.15
CA GLN F 254 -30.76 25.56 2.77
C GLN F 254 -32.09 26.20 2.40
N ALA F 255 -32.96 25.45 1.71
CA ALA F 255 -34.26 26.00 1.34
C ALA F 255 -35.15 26.20 2.56
N LEU F 256 -35.00 25.36 3.58
CA LEU F 256 -35.75 25.58 4.81
C LEU F 256 -35.22 26.81 5.54
N SER F 257 -33.90 26.99 5.53
CA SER F 257 -33.32 28.17 6.18
C SER F 257 -33.77 29.46 5.50
N ILE F 258 -33.95 29.43 4.18
CA ILE F 258 -34.48 30.61 3.51
C ILE F 258 -36.00 30.71 3.66
N ALA F 259 -36.69 29.58 3.89
CA ALA F 259 -38.10 29.63 4.21
C ALA F 259 -38.37 30.29 5.55
N ASN F 260 -37.44 30.14 6.49
CA ASN F 260 -37.65 30.71 7.81
C ASN F 260 -37.70 32.23 7.78
N GLN F 261 -36.97 32.86 6.86
CA GLN F 261 -36.81 34.31 6.88
C GLN F 261 -37.87 35.07 6.09
N THR F 262 -38.62 34.40 5.22
CA THR F 262 -39.61 35.10 4.42
C THR F 262 -40.66 35.84 5.24
N PRO F 263 -41.30 35.23 6.26
CA PRO F 263 -42.24 36.01 7.09
C PRO F 263 -41.63 37.23 7.76
N GLN F 264 -40.34 37.17 8.12
CA GLN F 264 -39.72 38.19 8.94
C GLN F 264 -39.39 39.47 8.18
N THR F 265 -39.66 39.52 6.88
CA THR F 265 -39.46 40.75 6.11
C THR F 265 -40.42 41.85 6.55
N ILE F 266 -41.50 41.50 7.24
CA ILE F 266 -42.49 42.48 7.68
C ILE F 266 -41.90 43.50 8.63
N LEU F 267 -40.83 43.14 9.36
CA LEU F 267 -40.29 44.04 10.36
C LEU F 267 -39.78 45.33 9.73
N SER F 268 -39.34 45.27 8.48
CA SER F 268 -38.88 46.47 7.79
C SER F 268 -40.02 47.47 7.57
N LEU F 269 -41.25 46.98 7.43
CA LEU F 269 -42.39 47.86 7.24
C LEU F 269 -42.69 48.72 8.46
N PHE F 270 -42.31 48.28 9.65
CA PHE F 270 -42.56 49.03 10.87
C PHE F 270 -41.29 49.73 11.32
N LEU G 1 -75.62 77.85 17.75
CA LEU G 1 -75.30 78.97 16.86
C LEU G 1 -74.39 79.96 17.56
N ASN G 2 -74.99 80.97 18.19
CA ASN G 2 -74.27 81.96 18.98
C ASN G 2 -74.15 81.55 20.43
N SER G 3 -74.47 80.30 20.76
CA SER G 3 -74.42 79.83 22.13
C SER G 3 -73.01 79.89 22.68
N ILE G 4 -72.90 80.32 23.94
CA ILE G 4 -71.66 80.19 24.70
C ILE G 4 -71.70 79.03 25.69
N ASN G 5 -72.89 78.61 26.13
CA ASN G 5 -72.99 77.52 27.07
C ASN G 5 -72.51 76.18 26.48
N THR G 6 -72.64 76.02 25.15
CA THR G 6 -72.25 74.77 24.51
C THR G 6 -72.05 74.97 23.02
N ASN G 7 -71.13 74.21 22.44
CA ASN G 7 -70.84 74.25 21.01
C ASN G 7 -71.01 72.88 20.37
N PRO G 8 -72.08 72.66 19.60
CA PRO G 8 -72.28 71.33 18.99
C PRO G 8 -71.16 70.87 18.09
N GLY G 9 -70.49 71.78 17.38
CA GLY G 9 -69.44 71.38 16.46
C GLY G 9 -68.26 70.75 17.16
N ALA G 10 -67.93 71.24 18.36
CA ALA G 10 -66.89 70.58 19.15
C ALA G 10 -67.31 69.19 19.57
N LEU G 11 -68.60 68.99 19.84
CA LEU G 11 -69.09 67.64 20.16
C LEU G 11 -68.96 66.71 18.96
N LEU G 12 -69.26 67.22 17.76
CA LEU G 12 -69.13 66.40 16.57
C LEU G 12 -67.68 66.06 16.28
N ALA G 13 -66.79 67.03 16.46
CA ALA G 13 -65.36 66.78 16.28
C ALA G 13 -64.84 65.79 17.31
N LEU G 14 -65.33 65.87 18.54
CA LEU G 14 -64.93 64.88 19.54
C LEU G 14 -65.45 63.49 19.20
N GLN G 15 -66.64 63.41 18.62
CA GLN G 15 -67.16 62.12 18.21
C GLN G 15 -66.29 61.52 17.11
N ASN G 16 -65.91 62.34 16.13
CA ASN G 16 -65.03 61.83 15.07
C ASN G 16 -63.68 61.43 15.62
N LEU G 17 -63.16 62.20 16.59
CA LEU G 17 -61.86 61.87 17.18
C LEU G 17 -61.94 60.57 17.98
N ASN G 18 -63.05 60.34 18.69
CA ASN G 18 -63.21 59.11 19.42
C ASN G 18 -63.32 57.92 18.48
N SER G 19 -63.98 58.11 17.33
CA SER G 19 -64.05 57.03 16.35
C SER G 19 -62.67 56.71 15.78
N THR G 20 -61.89 57.75 15.48
CA THR G 20 -60.53 57.51 14.99
C THR G 20 -59.67 56.85 16.05
N ASN G 21 -59.89 57.19 17.32
CA ASN G 21 -59.10 56.59 18.39
C ASN G 21 -59.45 55.12 18.58
N THR G 22 -60.74 54.77 18.51
CA THR G 22 -61.10 53.36 18.58
C THR G 22 -60.59 52.59 17.38
N GLU G 23 -60.56 53.21 16.19
CA GLU G 23 -60.00 52.54 15.03
C GLU G 23 -58.51 52.28 15.22
N LEU G 24 -57.78 53.29 15.73
CA LEU G 24 -56.36 53.10 15.98
C LEU G 24 -56.11 52.06 17.06
N ALA G 25 -56.99 51.97 18.05
CA ALA G 25 -56.82 50.95 19.09
C ALA G 25 -57.04 49.55 18.53
N ALA G 26 -58.06 49.39 17.68
CA ALA G 26 -58.26 48.09 17.05
C ALA G 26 -57.08 47.74 16.16
N THR G 27 -56.48 48.73 15.51
CA THR G 27 -55.29 48.46 14.71
C THR G 27 -54.09 48.09 15.57
N GLN G 28 -53.96 48.72 16.74
CA GLN G 28 -52.88 48.35 17.65
C GLN G 28 -53.04 46.91 18.10
N GLY G 29 -54.28 46.50 18.35
CA GLY G 29 -54.52 45.12 18.74
C GLY G 29 -54.22 44.14 17.62
N ARG G 30 -54.66 44.47 16.41
CA ARG G 30 -54.39 43.61 15.26
C ARG G 30 -52.90 43.50 14.98
N ILE G 31 -52.15 44.56 15.27
CA ILE G 31 -50.72 44.53 15.00
C ILE G 31 -49.97 43.74 16.06
N ASN G 32 -50.24 44.02 17.34
CA ASN G 32 -49.43 43.38 18.38
C ASN G 32 -49.85 41.94 18.66
N THR G 33 -51.07 41.52 18.29
CA THR G 33 -51.39 40.11 18.43
C THR G 33 -51.20 39.33 17.14
N GLY G 34 -51.09 40.02 16.00
CA GLY G 34 -50.93 39.33 14.74
C GLY G 34 -52.18 38.66 14.22
N LYS G 35 -53.36 39.04 14.72
CA LYS G 35 -54.58 38.29 14.49
C LYS G 35 -55.73 39.26 14.33
N LYS G 36 -56.57 39.03 13.32
CA LYS G 36 -57.77 39.84 13.14
C LYS G 36 -58.93 39.39 14.01
N VAL G 37 -58.82 38.22 14.65
CA VAL G 37 -59.85 37.73 15.56
C VAL G 37 -59.19 37.11 16.79
N ALA G 38 -58.47 37.93 17.55
CA ALA G 38 -57.72 37.48 18.71
C ALA G 38 -58.60 37.03 19.88
N ASN G 39 -59.88 37.40 19.89
CA ASN G 39 -60.74 37.09 21.01
C ASN G 39 -62.17 36.90 20.49
N ALA G 40 -63.03 36.40 21.37
CA ALA G 40 -64.41 36.13 20.98
C ALA G 40 -65.17 37.39 20.59
N LYS G 41 -64.83 38.54 21.17
CA LYS G 41 -65.52 39.77 20.80
C LYS G 41 -65.22 40.21 19.38
N ASP G 42 -64.07 39.83 18.81
CA ASP G 42 -63.75 40.23 17.45
C ASP G 42 -64.74 39.66 16.45
N ASN G 43 -65.17 38.42 16.69
CA ASN G 43 -66.22 37.76 15.90
C ASN G 43 -66.43 36.38 16.50
N GLY G 44 -67.61 36.15 17.10
CA GLY G 44 -67.80 34.95 17.89
C GLY G 44 -67.76 33.67 17.09
N ALA G 45 -68.31 33.70 15.86
CA ALA G 45 -68.36 32.48 15.06
C ALA G 45 -67.00 32.10 14.53
N ILE G 46 -66.25 33.08 14.00
CA ILE G 46 -64.92 32.80 13.49
C ILE G 46 -64.00 32.36 14.60
N TRP G 47 -64.07 33.03 15.75
CA TRP G 47 -63.22 32.64 16.88
C TRP G 47 -63.61 31.28 17.42
N SER G 48 -64.88 30.91 17.35
CA SER G 48 -65.31 29.60 17.82
C SER G 48 -64.79 28.50 16.90
N MET G 49 -64.97 28.67 15.59
CA MET G 49 -64.45 27.67 14.66
C MET G 49 -62.93 27.59 14.75
N ALA G 50 -62.27 28.73 14.99
CA ALA G 50 -60.83 28.73 15.09
C ALA G 50 -60.36 28.01 16.35
N LYS G 51 -61.04 28.23 17.47
CA LYS G 51 -60.65 27.55 18.69
C LYS G 51 -60.89 26.05 18.59
N MET G 52 -61.96 25.64 17.93
CA MET G 52 -62.20 24.21 17.76
C MET G 52 -61.16 23.59 16.84
N GLN G 53 -60.80 24.27 15.75
CA GLN G 53 -59.76 23.73 14.88
C GLN G 53 -58.41 23.70 15.59
N SER G 54 -58.16 24.67 16.46
CA SER G 54 -56.92 24.66 17.22
C SER G 54 -56.87 23.49 18.18
N ALA G 55 -58.01 23.17 18.81
CA ALA G 55 -58.03 21.99 19.67
C ALA G 55 -57.86 20.71 18.86
N THR G 56 -58.49 20.65 17.68
CA THR G 56 -58.37 19.46 16.84
C THR G 56 -56.93 19.27 16.36
N ALA G 57 -56.22 20.35 16.12
CA ALA G 57 -54.81 20.27 15.76
C ALA G 57 -53.91 19.91 16.94
N SER G 58 -54.16 20.50 18.11
CA SER G 58 -53.36 20.19 19.30
C SER G 58 -53.55 18.77 19.79
N SER G 59 -54.71 18.16 19.54
CA SER G 59 -54.96 16.82 20.02
C SER G 59 -54.24 15.74 19.23
N LEU G 60 -53.72 16.07 18.04
CA LEU G 60 -53.09 15.07 17.18
C LEU G 60 -51.70 14.65 17.66
N ASN G 61 -51.07 15.40 18.57
CA ASN G 61 -49.79 15.00 19.10
C ASN G 61 -49.90 13.69 19.87
N SER G 62 -51.02 13.49 20.57
CA SER G 62 -51.23 12.22 21.26
C SER G 62 -51.37 11.07 20.27
N VAL G 63 -51.98 11.33 19.11
CA VAL G 63 -52.10 10.28 18.09
C VAL G 63 -50.73 9.93 17.53
N LYS G 64 -49.91 10.94 17.27
CA LYS G 64 -48.55 10.67 16.79
C LYS G 64 -47.74 9.91 17.84
N ASP G 65 -47.93 10.24 19.12
CA ASP G 65 -47.20 9.54 20.17
C ASP G 65 -47.65 8.08 20.27
N SER G 66 -48.96 7.84 20.13
CA SER G 66 -49.44 6.47 20.19
C SER G 66 -48.95 5.66 19.00
N LEU G 67 -48.88 6.28 17.83
CA LEU G 67 -48.36 5.56 16.66
C LEU G 67 -46.89 5.24 16.82
N GLN G 68 -46.11 6.17 17.37
CA GLN G 68 -44.69 5.87 17.57
C GLN G 68 -44.49 4.81 18.65
N ARG G 69 -45.34 4.81 19.67
CA ARG G 69 -45.28 3.78 20.70
C ARG G 69 -45.62 2.41 20.12
N GLY G 70 -46.59 2.36 19.21
CA GLY G 70 -46.88 1.11 18.54
C GLY G 70 -45.74 0.66 17.65
N GLN G 71 -45.08 1.62 16.99
CA GLN G 71 -43.92 1.28 16.18
C GLN G 71 -42.82 0.65 17.04
N SER G 72 -42.61 1.21 18.23
CA SER G 72 -41.63 0.62 19.15
C SER G 72 -42.06 -0.77 19.61
N THR G 73 -43.37 -0.98 19.79
CA THR G 73 -43.83 -2.30 20.23
C THR G 73 -43.59 -3.36 19.16
N ILE G 74 -43.97 -3.08 17.91
CA ILE G 74 -43.65 -4.04 16.85
C ILE G 74 -42.14 -4.16 16.65
N ASP G 75 -41.37 -3.11 16.93
CA ASP G 75 -39.93 -3.24 16.81
C ASP G 75 -39.38 -4.23 17.84
N VAL G 76 -39.88 -4.17 19.07
CA VAL G 76 -39.44 -5.14 20.08
C VAL G 76 -39.89 -6.55 19.71
N ALA G 77 -41.11 -6.67 19.17
CA ALA G 77 -41.59 -8.00 18.78
C ALA G 77 -40.75 -8.58 17.66
N LEU G 78 -40.33 -7.75 16.70
CA LEU G 78 -39.46 -8.23 15.63
C LEU G 78 -38.07 -8.58 16.16
N ALA G 79 -37.59 -7.82 17.15
CA ALA G 79 -36.30 -8.15 17.73
C ALA G 79 -36.34 -9.49 18.44
N ALA G 80 -37.47 -9.85 19.03
CA ALA G 80 -37.60 -11.18 19.62
C ALA G 80 -37.80 -12.25 18.55
N GLY G 81 -38.51 -11.92 17.48
CA GLY G 81 -38.74 -12.90 16.43
C GLY G 81 -37.47 -13.25 15.67
N ASP G 82 -36.53 -12.32 15.58
CA ASP G 82 -35.25 -12.63 14.96
C ASP G 82 -34.53 -13.74 15.73
N THR G 83 -34.75 -13.81 17.04
CA THR G 83 -34.20 -14.92 17.82
C THR G 83 -35.06 -16.17 17.68
N ILE G 84 -36.38 -15.99 17.70
CA ILE G 84 -37.27 -17.15 17.70
C ILE G 84 -37.13 -17.94 16.40
N THR G 85 -36.98 -17.26 15.27
CA THR G 85 -36.87 -17.97 14.00
C THR G 85 -35.54 -18.72 13.89
N ASP G 86 -34.45 -18.11 14.37
CA ASP G 86 -33.16 -18.81 14.34
C ASP G 86 -33.19 -20.02 15.26
N LEU G 87 -33.86 -19.90 16.41
CA LEU G 87 -33.98 -21.05 17.30
C LEU G 87 -34.83 -22.14 16.67
N LEU G 88 -35.88 -21.76 15.95
CA LEU G 88 -36.69 -22.76 15.25
C LEU G 88 -35.89 -23.44 14.14
N THR G 89 -35.01 -22.70 13.46
CA THR G 89 -34.19 -23.33 12.44
C THR G 89 -33.19 -24.31 13.04
N LYS G 90 -32.61 -23.95 14.19
CA LYS G 90 -31.70 -24.89 14.85
C LYS G 90 -32.45 -26.11 15.37
N MET G 91 -33.68 -25.92 15.85
CA MET G 91 -34.50 -27.06 16.26
C MET G 91 -34.86 -27.95 15.08
N LYS G 92 -35.09 -27.34 13.91
CA LYS G 92 -35.36 -28.15 12.72
C LYS G 92 -34.13 -28.95 12.33
N GLU G 93 -32.95 -28.35 12.45
CA GLU G 93 -31.72 -29.10 12.14
C GLU G 93 -31.49 -30.23 13.14
N LYS G 94 -31.78 -30.00 14.42
CA LYS G 94 -31.60 -31.05 15.43
C LYS G 94 -32.57 -32.20 15.21
N ALA G 95 -33.85 -31.88 15.00
CA ALA G 95 -34.84 -32.92 14.73
C ALA G 95 -34.56 -33.63 13.41
N LEU G 96 -33.95 -32.94 12.44
CA LEU G 96 -33.62 -33.57 11.18
C LEU G 96 -32.48 -34.57 11.35
N ALA G 97 -31.43 -34.17 12.07
CA ALA G 97 -30.31 -35.07 12.30
C ALA G 97 -30.72 -36.24 13.19
N ALA G 98 -31.66 -36.02 14.11
CA ALA G 98 -32.10 -37.09 15.00
C ALA G 98 -32.86 -38.19 14.26
N SER G 99 -33.49 -37.87 13.13
CA SER G 99 -34.29 -38.84 12.39
C SER G 99 -33.45 -39.96 11.79
N ASP G 100 -32.16 -39.73 11.57
CA ASP G 100 -31.33 -40.76 10.94
C ASP G 100 -31.22 -41.98 11.84
N THR G 101 -31.37 -43.15 11.26
CA THR G 101 -31.31 -44.41 11.99
C THR G 101 -29.88 -44.85 12.31
N SER G 102 -28.89 -44.31 11.59
CA SER G 102 -27.50 -44.71 11.77
C SER G 102 -26.92 -44.26 13.10
N LEU G 103 -27.49 -43.24 13.74
CA LEU G 103 -26.94 -42.71 14.98
C LEU G 103 -26.99 -43.72 16.11
N ASN G 104 -25.94 -43.71 16.94
CA ASN G 104 -25.93 -44.43 18.20
C ASN G 104 -26.70 -43.64 19.25
N THR G 105 -27.04 -44.32 20.34
CA THR G 105 -27.93 -43.75 21.35
C THR G 105 -27.34 -42.48 21.97
N ALA G 106 -26.03 -42.39 22.10
CA ALA G 106 -25.42 -41.24 22.76
C ALA G 106 -25.59 -39.97 21.94
N SER G 107 -25.30 -40.04 20.63
CA SER G 107 -25.50 -38.89 19.78
C SER G 107 -26.96 -38.49 19.69
N PHE G 108 -27.86 -39.48 19.73
CA PHE G 108 -29.28 -39.18 19.71
C PHE G 108 -29.69 -38.44 20.99
N ASN G 109 -29.14 -38.87 22.14
CA ASN G 109 -29.42 -38.17 23.38
C ASN G 109 -28.86 -36.75 23.37
N ALA G 110 -27.71 -36.55 22.73
CA ALA G 110 -27.15 -35.21 22.67
C ALA G 110 -28.00 -34.29 21.81
N LEU G 111 -28.45 -34.78 20.64
CA LEU G 111 -29.35 -33.99 19.81
C LEU G 111 -30.66 -33.72 20.53
N LYS G 112 -31.15 -34.68 21.31
CA LYS G 112 -32.40 -34.49 22.02
C LYS G 112 -32.25 -33.43 23.12
N ALA G 113 -31.12 -33.46 23.84
CA ALA G 113 -30.90 -32.45 24.87
C ALA G 113 -30.75 -31.06 24.26
N ASP G 114 -30.08 -30.96 23.11
CA ASP G 114 -30.00 -29.68 22.44
C ASP G 114 -31.38 -29.20 21.98
N PHE G 115 -32.24 -30.14 21.57
CA PHE G 115 -33.60 -29.76 21.18
C PHE G 115 -34.38 -29.23 22.38
N GLU G 116 -34.23 -29.88 23.54
CA GLU G 116 -34.93 -29.42 24.73
C GLU G 116 -34.46 -28.04 25.15
N SER G 117 -33.14 -27.83 25.16
CA SER G 117 -32.61 -26.53 25.56
C SER G 117 -33.01 -25.44 24.57
N LEU G 118 -33.06 -25.77 23.27
CA LEU G 118 -33.48 -24.80 22.28
C LEU G 118 -34.96 -24.44 22.44
N ARG G 119 -35.80 -25.42 22.78
CA ARG G 119 -37.21 -25.13 23.01
C ARG G 119 -37.39 -24.25 24.25
N ASP G 120 -36.60 -24.51 25.30
CA ASP G 120 -36.70 -23.68 26.49
C ASP G 120 -36.24 -22.26 26.22
N GLN G 121 -35.16 -22.10 25.46
CA GLN G 121 -34.70 -20.76 25.10
C GLN G 121 -35.70 -20.07 24.19
N LEU G 122 -36.41 -20.83 23.35
CA LEU G 122 -37.45 -20.24 22.53
C LEU G 122 -38.58 -19.70 23.39
N GLN G 123 -39.01 -20.48 24.39
CA GLN G 123 -40.06 -19.99 25.27
C GLN G 123 -39.62 -18.78 26.06
N LYS G 124 -38.33 -18.74 26.45
CA LYS G 124 -37.84 -17.59 27.21
C LYS G 124 -37.78 -16.34 26.33
N ALA G 125 -37.27 -16.48 25.11
CA ALA G 125 -37.22 -15.35 24.20
C ALA G 125 -38.61 -14.87 23.82
N ALA G 126 -39.60 -15.78 23.81
CA ALA G 126 -40.97 -15.38 23.52
C ALA G 126 -41.59 -14.64 24.70
N THR G 127 -41.33 -15.12 25.92
CA THR G 127 -41.93 -14.46 27.09
C THR G 127 -41.23 -13.15 27.44
N ASN G 128 -40.03 -12.92 26.94
CA ASN G 128 -39.34 -11.65 27.18
C ASN G 128 -39.73 -10.56 26.18
N ALA G 129 -40.56 -10.89 25.19
CA ALA G 129 -40.88 -9.96 24.10
C ALA G 129 -42.00 -9.01 24.50
N LYS G 130 -41.68 -8.06 25.39
CA LYS G 130 -42.63 -7.04 25.79
C LYS G 130 -41.93 -5.70 25.94
N PHE G 131 -42.67 -4.63 25.63
CA PHE G 131 -42.15 -3.27 25.62
C PHE G 131 -43.01 -2.44 26.58
N ASN G 132 -42.40 -1.98 27.68
CA ASN G 132 -43.09 -1.17 28.68
C ASN G 132 -44.29 -1.91 29.27
N GLY G 133 -44.15 -3.23 29.44
CA GLY G 133 -45.19 -4.01 30.07
C GLY G 133 -46.32 -4.45 29.17
N VAL G 134 -46.24 -4.17 27.88
CA VAL G 134 -47.26 -4.58 26.91
C VAL G 134 -46.53 -5.22 25.73
N SER G 135 -47.22 -6.13 25.05
CA SER G 135 -46.56 -6.92 24.03
C SER G 135 -47.56 -7.34 22.96
N LEU G 136 -47.03 -7.55 21.75
CA LEU G 136 -47.78 -8.11 20.64
C LEU G 136 -47.36 -9.54 20.31
N ALA G 137 -46.38 -10.09 21.03
CA ALA G 137 -45.85 -11.41 20.69
C ALA G 137 -45.99 -12.44 21.81
N ASP G 138 -46.12 -12.05 23.06
CA ASP G 138 -46.20 -13.01 24.15
C ASP G 138 -47.59 -13.64 24.30
N GLY G 139 -48.59 -13.14 23.60
CA GLY G 139 -49.93 -13.67 23.67
C GLY G 139 -50.75 -13.23 24.86
N SER G 140 -50.28 -12.22 25.61
CA SER G 140 -51.04 -11.75 26.77
C SER G 140 -52.37 -11.13 26.38
N THR G 141 -52.50 -10.61 25.15
CA THR G 141 -53.73 -9.97 24.72
C THR G 141 -53.93 -10.21 23.23
N THR G 142 -55.19 -10.22 22.81
CA THR G 142 -55.55 -10.48 21.42
C THR G 142 -55.27 -9.32 20.47
N LYS G 143 -55.24 -8.08 20.95
CA LYS G 143 -55.08 -6.95 20.05
C LYS G 143 -54.67 -5.72 20.84
N LEU G 144 -54.18 -4.71 20.10
CA LEU G 144 -53.93 -3.37 20.61
C LEU G 144 -54.55 -2.37 19.66
N SER G 145 -55.11 -1.30 20.22
CA SER G 145 -55.87 -0.31 19.45
C SER G 145 -55.23 1.07 19.61
N PHE G 146 -54.25 1.36 18.77
CA PHE G 146 -53.59 2.65 18.78
C PHE G 146 -54.49 3.72 18.15
N LEU G 147 -54.33 4.95 18.62
CA LEU G 147 -55.15 6.06 18.13
C LEU G 147 -54.85 6.36 16.67
N ALA G 148 -55.88 6.80 15.94
CA ALA G 148 -55.73 7.17 14.56
C ALA G 148 -56.40 8.50 14.19
N ASN G 149 -57.13 9.11 15.11
CA ASN G 149 -57.81 10.36 14.83
C ASN G 149 -58.10 11.06 16.15
N GLU G 150 -58.45 12.35 16.06
CA GLU G 150 -58.72 13.12 17.27
C GLU G 150 -59.95 12.60 18.01
N ASP G 151 -60.87 11.95 17.30
CA ASP G 151 -62.11 11.46 17.88
C ASP G 151 -61.98 10.05 18.46
N GLY G 152 -60.76 9.52 18.54
CA GLY G 152 -60.52 8.25 19.18
C GLY G 152 -60.66 7.03 18.28
N SER G 153 -60.81 7.21 16.97
CA SER G 153 -60.82 6.07 16.07
C SER G 153 -59.48 5.34 16.16
N ASN G 154 -59.55 4.01 16.21
CA ASN G 154 -58.39 3.19 16.53
C ASN G 154 -57.75 2.59 15.28
N PHE G 155 -56.43 2.50 15.32
CA PHE G 155 -55.65 1.72 14.35
C PHE G 155 -55.42 0.35 15.00
N THR G 156 -56.38 -0.55 14.80
CA THR G 156 -56.27 -1.87 15.40
C THR G 156 -55.09 -2.63 14.84
N VAL G 157 -54.35 -3.30 15.72
CA VAL G 157 -53.18 -4.09 15.36
C VAL G 157 -53.28 -5.40 16.13
N THR G 158 -53.70 -6.47 15.45
CA THR G 158 -53.85 -7.75 16.11
C THR G 158 -52.50 -8.27 16.60
N ALA G 159 -52.48 -8.77 17.83
CA ALA G 159 -51.26 -9.37 18.36
C ALA G 159 -51.02 -10.73 17.71
N GLN G 160 -49.74 -11.05 17.51
CA GLN G 160 -49.33 -12.30 16.89
C GLN G 160 -48.50 -13.07 17.91
N THR G 161 -49.14 -14.07 18.54
CA THR G 161 -48.48 -14.80 19.61
C THR G 161 -47.25 -15.54 19.09
N LEU G 162 -46.15 -15.42 19.83
CA LEU G 162 -44.92 -16.11 19.50
C LEU G 162 -44.46 -17.07 20.59
N SER G 163 -45.25 -17.28 21.63
CA SER G 163 -44.94 -18.30 22.62
C SER G 163 -45.16 -19.69 22.01
N LEU G 164 -44.54 -20.68 22.65
CA LEU G 164 -44.53 -22.04 22.10
C LEU G 164 -45.95 -22.52 21.80
N THR G 165 -46.89 -22.20 22.69
CA THR G 165 -48.29 -22.57 22.46
C THR G 165 -48.88 -21.86 21.25
N GLY G 166 -48.41 -20.64 20.95
CA GLY G 166 -48.99 -19.87 19.87
C GLY G 166 -48.46 -20.26 18.50
N ILE G 167 -47.41 -21.06 18.46
CA ILE G 167 -46.82 -21.51 17.20
C ILE G 167 -47.00 -23.01 17.02
N GLY G 168 -47.90 -23.63 17.78
CA GLY G 168 -48.22 -25.03 17.64
C GLY G 168 -47.40 -25.98 18.47
N LEU G 169 -46.38 -25.49 19.18
CA LEU G 169 -45.58 -26.31 20.07
C LEU G 169 -46.13 -26.28 21.49
N THR G 170 -45.61 -27.16 22.33
CA THR G 170 -45.93 -27.19 23.74
C THR G 170 -44.64 -27.13 24.55
N ALA G 171 -44.77 -26.82 25.84
CA ALA G 171 -43.60 -26.69 26.70
C ALA G 171 -42.85 -28.01 26.84
N THR G 172 -43.54 -29.13 26.73
CA THR G 172 -42.93 -30.44 26.88
C THR G 172 -42.69 -31.15 25.56
N SER G 173 -42.93 -30.49 24.42
CA SER G 173 -42.80 -31.16 23.13
C SER G 173 -41.36 -31.60 22.89
N THR G 174 -41.20 -32.84 22.46
CA THR G 174 -39.91 -33.42 22.09
C THR G 174 -40.16 -34.78 21.49
N PHE G 175 -39.26 -35.17 20.58
CA PHE G 175 -39.23 -36.53 20.06
C PHE G 175 -38.54 -37.46 21.05
N THR G 176 -38.96 -38.72 21.07
CA THR G 176 -38.30 -39.75 21.87
C THR G 176 -37.55 -40.77 21.02
N ASP G 177 -37.76 -40.78 19.71
CA ASP G 177 -37.07 -41.69 18.81
C ASP G 177 -37.12 -41.09 17.41
N ALA G 178 -36.31 -41.66 16.51
CA ALA G 178 -36.21 -41.11 15.16
C ALA G 178 -37.54 -41.17 14.42
N ALA G 179 -38.38 -42.17 14.71
CA ALA G 179 -39.68 -42.24 14.07
C ALA G 179 -40.56 -41.06 14.48
N THR G 180 -40.41 -40.58 15.71
CA THR G 180 -41.06 -39.34 16.13
C THR G 180 -40.29 -38.10 15.71
N ALA G 181 -38.96 -38.21 15.57
CA ALA G 181 -38.19 -37.06 15.09
C ALA G 181 -38.56 -36.70 13.66
N LYS G 182 -38.90 -37.70 12.85
CA LYS G 182 -39.30 -37.42 11.47
C LYS G 182 -40.60 -36.61 11.42
N THR G 183 -41.49 -36.83 12.38
CA THR G 183 -42.69 -36.01 12.47
C THR G 183 -42.39 -34.65 13.09
N MET G 184 -41.44 -34.62 14.02
CA MET G 184 -41.02 -33.35 14.60
C MET G 184 -40.41 -32.43 13.55
N ILE G 185 -39.80 -33.00 12.51
CA ILE G 185 -39.26 -32.18 11.42
C ILE G 185 -40.38 -31.36 10.78
N ALA G 186 -41.45 -32.02 10.37
CA ALA G 186 -42.57 -31.32 9.75
C ALA G 186 -43.27 -30.40 10.73
N THR G 187 -43.31 -30.77 12.01
CA THR G 187 -43.93 -29.90 13.00
C THR G 187 -43.13 -28.60 13.17
N ILE G 188 -41.81 -28.70 13.27
CA ILE G 188 -40.98 -27.51 13.37
C ILE G 188 -41.03 -26.71 12.08
N THR G 189 -41.21 -27.38 10.93
CA THR G 189 -41.35 -26.65 9.68
C THR G 189 -42.61 -25.80 9.68
N THR G 190 -43.74 -26.39 10.08
CA THR G 190 -44.99 -25.63 10.15
C THR G 190 -44.89 -24.52 11.19
N SER G 191 -44.19 -24.78 12.29
CA SER G 191 -44.03 -23.74 13.32
C SER G 191 -43.22 -22.57 12.82
N LEU G 192 -42.11 -22.85 12.12
CA LEU G 192 -41.31 -21.77 11.56
C LEU G 192 -42.08 -21.01 10.49
N GLN G 193 -42.91 -21.71 9.73
CA GLN G 193 -43.72 -21.04 8.71
C GLN G 193 -44.70 -20.07 9.34
N THR G 194 -45.45 -20.54 10.35
CA THR G 194 -46.42 -19.65 10.98
C THR G 194 -45.72 -18.51 11.73
N ALA G 195 -44.52 -18.74 12.27
CA ALA G 195 -43.82 -17.67 12.95
C ALA G 195 -43.36 -16.60 11.96
N THR G 196 -42.85 -17.01 10.80
CA THR G 196 -42.50 -16.01 9.79
C THR G 196 -43.72 -15.27 9.27
N ASN G 197 -44.87 -15.96 9.18
CA ASN G 197 -46.09 -15.28 8.75
C ASN G 197 -46.51 -14.24 9.77
N LYS G 198 -46.43 -14.57 11.05
CA LYS G 198 -46.81 -13.62 12.09
C LYS G 198 -45.86 -12.43 12.12
N LEU G 199 -44.56 -12.68 11.93
CA LEU G 199 -43.62 -11.56 11.92
C LEU G 199 -43.83 -10.65 10.70
N SER G 200 -44.17 -11.24 9.54
CA SER G 200 -44.45 -10.41 8.38
C SER G 200 -45.72 -9.58 8.59
N SER G 201 -46.72 -10.15 9.26
CA SER G 201 -47.92 -9.37 9.55
C SER G 201 -47.61 -8.23 10.51
N LEU G 202 -46.74 -8.47 11.50
CA LEU G 202 -46.36 -7.41 12.42
C LEU G 202 -45.58 -6.31 11.70
N GLY G 203 -44.72 -6.68 10.75
CA GLY G 203 -43.98 -5.67 10.03
C GLY G 203 -44.86 -4.86 9.10
N THR G 204 -45.85 -5.51 8.47
CA THR G 204 -46.79 -4.76 7.65
C THR G 204 -47.61 -3.80 8.49
N SER G 205 -48.00 -4.22 9.71
CA SER G 205 -48.74 -3.31 10.58
C SER G 205 -47.87 -2.13 10.99
N SER G 206 -46.57 -2.35 11.21
CA SER G 206 -45.70 -1.23 11.56
C SER G 206 -45.55 -0.26 10.39
N VAL G 207 -45.46 -0.78 9.16
CA VAL G 207 -45.38 0.10 8.01
C VAL G 207 -46.66 0.92 7.85
N GLY G 208 -47.80 0.30 8.15
CA GLY G 208 -49.05 1.05 8.07
C GLY G 208 -49.12 2.12 9.14
N LEU G 209 -48.60 1.83 10.34
CA LEU G 209 -48.52 2.85 11.38
C LEU G 209 -47.63 4.01 10.95
N ASP G 210 -46.52 3.70 10.26
CA ASP G 210 -45.63 4.78 9.81
C ASP G 210 -46.31 5.66 8.77
N THR G 211 -47.01 5.05 7.82
CA THR G 211 -47.70 5.83 6.81
C THR G 211 -48.79 6.70 7.43
N HIS G 212 -49.55 6.13 8.36
CA HIS G 212 -50.59 6.92 9.01
C HIS G 212 -49.99 8.03 9.87
N LEU G 213 -48.81 7.81 10.44
CA LEU G 213 -48.16 8.86 11.22
C LEU G 213 -47.74 10.02 10.32
N THR G 214 -47.18 9.72 9.15
CA THR G 214 -46.83 10.80 8.23
C THR G 214 -48.07 11.56 7.77
N PHE G 215 -49.15 10.83 7.49
CA PHE G 215 -50.39 11.50 7.06
C PHE G 215 -50.97 12.35 8.19
N VAL G 216 -50.86 11.88 9.43
CA VAL G 216 -51.34 12.67 10.56
C VAL G 216 -50.50 13.92 10.74
N GLY G 217 -49.20 13.85 10.46
CA GLY G 217 -48.39 15.05 10.55
C GLY G 217 -48.76 16.07 9.50
N LYS G 218 -49.01 15.61 8.27
CA LYS G 218 -49.48 16.52 7.24
C LYS G 218 -50.84 17.10 7.56
N LEU G 219 -51.72 16.30 8.17
CA LEU G 219 -53.04 16.80 8.54
C LEU G 219 -52.95 17.85 9.64
N GLN G 220 -52.04 17.66 10.59
CA GLN G 220 -51.87 18.66 11.64
C GLN G 220 -51.31 19.96 11.07
N ASP G 221 -50.39 19.85 10.11
CA ASP G 221 -49.90 21.06 9.46
C ASP G 221 -51.01 21.78 8.71
N SER G 222 -51.88 21.02 8.03
CA SER G 222 -52.97 21.64 7.31
C SER G 222 -53.98 22.29 8.26
N LEU G 223 -54.23 21.68 9.41
CA LEU G 223 -55.15 22.29 10.37
C LEU G 223 -54.57 23.56 10.96
N ASP G 224 -53.27 23.58 11.23
CA ASP G 224 -52.65 24.82 11.73
C ASP G 224 -52.68 25.90 10.66
N ALA G 225 -52.47 25.54 9.39
CA ALA G 225 -52.59 26.51 8.32
C ALA G 225 -54.01 27.02 8.19
N GLY G 226 -55.00 26.17 8.45
CA GLY G 226 -56.38 26.64 8.37
C GLY G 226 -56.73 27.60 9.50
N VAL G 227 -56.20 27.33 10.70
CA VAL G 227 -56.41 28.29 11.79
C VAL G 227 -55.71 29.61 11.46
N GLY G 228 -54.55 29.55 10.82
CA GLY G 228 -53.87 30.78 10.46
C GLY G 228 -54.60 31.56 9.40
N ASN G 229 -55.21 30.85 8.44
CA ASN G 229 -56.01 31.54 7.43
C ASN G 229 -57.26 32.16 8.04
N LEU G 230 -57.90 31.47 8.99
CA LEU G 230 -59.10 32.00 9.61
C LEU G 230 -58.81 33.19 10.54
N VAL G 231 -57.62 33.22 11.15
CA VAL G 231 -57.37 34.10 12.28
C VAL G 231 -56.36 35.20 11.97
N ASP G 232 -55.24 34.85 11.34
CA ASP G 232 -54.12 35.77 11.26
C ASP G 232 -54.42 36.97 10.38
N ALA G 233 -53.96 38.14 10.83
CA ALA G 233 -54.14 39.38 10.10
C ALA G 233 -53.14 39.49 8.95
N ASP G 234 -53.53 40.27 7.93
CA ASP G 234 -52.64 40.62 6.83
C ASP G 234 -51.81 41.81 7.30
N LEU G 235 -50.66 41.53 7.89
CA LEU G 235 -49.93 42.56 8.63
C LEU G 235 -49.43 43.69 7.73
N ALA G 236 -49.12 43.39 6.46
CA ALA G 236 -48.61 44.45 5.59
C ALA G 236 -49.65 45.52 5.34
N LYS G 237 -50.92 45.15 5.26
CA LYS G 237 -51.96 46.17 5.17
C LYS G 237 -52.07 46.98 6.45
N GLU G 238 -51.84 46.33 7.60
CA GLU G 238 -51.85 47.04 8.86
C GLU G 238 -50.69 48.01 8.96
N SER G 239 -49.57 47.72 8.28
CA SER G 239 -48.43 48.63 8.32
C SER G 239 -48.77 49.99 7.72
N ALA G 240 -49.62 50.02 6.70
CA ALA G 240 -50.06 51.29 6.14
C ALA G 240 -51.24 51.86 6.92
N LYS G 241 -52.16 51.00 7.34
CA LYS G 241 -53.33 51.48 8.07
C LYS G 241 -52.94 52.13 9.40
N LEU G 242 -51.85 51.67 10.01
CA LEU G 242 -51.41 52.25 11.27
C LEU G 242 -50.96 53.69 11.09
N GLN G 243 -50.07 53.93 10.12
CA GLN G 243 -49.62 55.30 9.88
C GLN G 243 -50.76 56.19 9.41
N SER G 244 -51.69 55.62 8.63
CA SER G 244 -52.84 56.41 8.18
C SER G 244 -53.70 56.82 9.36
N LEU G 245 -53.96 55.88 10.29
CA LEU G 245 -54.76 56.22 11.46
C LEU G 245 -54.02 57.16 12.39
N GLN G 246 -52.68 57.11 12.42
CA GLN G 246 -51.93 58.06 13.24
C GLN G 246 -52.10 59.48 12.70
N THR G 247 -51.91 59.65 11.39
CA THR G 247 -52.11 60.97 10.80
C THR G 247 -53.56 61.43 10.94
N LYS G 248 -54.50 60.49 10.85
CA LYS G 248 -55.91 60.83 10.99
C LYS G 248 -56.23 61.29 12.40
N GLN G 249 -55.64 60.63 13.41
CA GLN G 249 -55.86 61.04 14.79
C GLN G 249 -55.22 62.39 15.06
N GLN G 250 -54.06 62.67 14.46
CA GLN G 250 -53.48 63.99 14.63
C GLN G 250 -54.34 65.06 14.00
N LEU G 251 -54.88 64.79 12.81
CA LEU G 251 -55.79 65.75 12.19
C LEU G 251 -57.06 65.93 13.01
N GLY G 252 -57.54 64.87 13.65
CA GLY G 252 -58.72 65.00 14.48
C GLY G 252 -58.46 65.81 15.73
N VAL G 253 -57.27 65.67 16.32
CA VAL G 253 -56.91 66.51 17.45
C VAL G 253 -56.82 67.96 17.03
N GLN G 254 -56.23 68.23 15.87
CA GLN G 254 -56.16 69.60 15.39
C GLN G 254 -57.54 70.17 15.10
N ALA G 255 -58.44 69.33 14.58
CA ALA G 255 -59.78 69.80 14.27
C ALA G 255 -60.57 70.11 15.52
N LEU G 256 -60.47 69.27 16.55
CA LEU G 256 -61.14 69.56 17.81
C LEU G 256 -60.53 70.80 18.47
N SER G 257 -59.21 70.96 18.35
CA SER G 257 -58.57 72.13 18.95
C SER G 257 -59.01 73.42 18.27
N ILE G 258 -59.23 73.39 16.95
CA ILE G 258 -59.75 74.58 16.29
C ILE G 258 -61.23 74.78 16.60
N ALA G 259 -61.99 73.69 16.72
CA ALA G 259 -63.42 73.82 17.00
C ALA G 259 -63.69 74.33 18.41
N ASN G 260 -62.75 74.11 19.33
CA ASN G 260 -62.95 74.57 20.70
C ASN G 260 -63.02 76.09 20.78
N GLN G 261 -62.33 76.78 19.87
CA GLN G 261 -62.19 78.23 19.95
C GLN G 261 -63.26 79.01 19.19
N THR G 262 -64.13 78.35 18.42
CA THR G 262 -65.12 79.08 17.64
C THR G 262 -66.05 79.95 18.48
N PRO G 263 -66.68 79.47 19.56
CA PRO G 263 -67.52 80.37 20.36
C PRO G 263 -66.77 81.55 20.97
N GLN G 264 -65.48 81.39 21.25
CA GLN G 264 -64.73 82.40 21.99
C GLN G 264 -64.62 83.72 21.23
N THR G 265 -64.86 83.71 19.91
CA THR G 265 -64.81 84.96 19.16
C THR G 265 -65.86 85.96 19.62
N ILE G 266 -66.93 85.48 20.28
CA ILE G 266 -67.99 86.37 20.74
C ILE G 266 -67.44 87.40 21.73
N LEU G 267 -66.39 87.06 22.47
CA LEU G 267 -65.84 88.00 23.44
C LEU G 267 -65.32 89.25 22.77
N SER G 268 -64.81 89.12 21.54
CA SER G 268 -64.33 90.28 20.79
C SER G 268 -65.43 91.27 20.47
N LEU G 269 -66.68 90.81 20.34
CA LEU G 269 -67.80 91.71 20.11
C LEU G 269 -68.05 92.66 21.26
N PHE G 270 -67.67 92.30 22.48
CA PHE G 270 -67.93 93.15 23.65
C PHE G 270 -66.72 94.02 23.97
N LEU H 1 -101.21 120.50 31.93
CA LEU H 1 -100.95 121.63 31.04
C LEU H 1 -100.05 122.66 31.68
N ASN H 2 -100.66 123.65 32.33
CA ASN H 2 -99.94 124.73 32.98
C ASN H 2 -99.88 124.58 34.49
N SER H 3 -100.21 123.40 35.01
CA SER H 3 -100.27 123.20 36.45
C SER H 3 -98.91 123.41 37.09
N ILE H 4 -98.89 124.15 38.21
CA ILE H 4 -97.66 124.36 38.96
C ILE H 4 -97.34 123.22 39.91
N ASN H 5 -98.29 122.32 40.16
CA ASN H 5 -98.08 121.24 41.11
C ASN H 5 -97.59 119.95 40.47
N THR H 6 -97.73 119.80 39.15
CA THR H 6 -97.40 118.55 38.48
C THR H 6 -97.04 118.79 37.02
N ASN H 7 -96.22 117.91 36.48
CA ASN H 7 -95.73 117.98 35.11
C ASN H 7 -95.87 116.64 34.39
N PRO H 8 -97.06 116.33 33.86
CA PRO H 8 -97.32 114.95 33.38
C PRO H 8 -96.37 114.46 32.30
N GLY H 9 -95.85 115.36 31.46
CA GLY H 9 -94.90 114.92 30.45
C GLY H 9 -93.65 114.31 31.07
N ALA H 10 -93.24 114.82 32.24
CA ALA H 10 -92.17 114.17 32.98
C ALA H 10 -92.58 112.78 33.45
N LEU H 11 -93.85 112.58 33.75
CA LEU H 11 -94.32 111.25 34.13
C LEU H 11 -94.23 110.29 32.96
N LEU H 12 -94.67 110.72 31.77
CA LEU H 12 -94.54 109.85 30.60
C LEU H 12 -93.08 109.59 30.23
N ALA H 13 -92.21 110.59 30.42
CA ALA H 13 -90.80 110.37 30.17
C ALA H 13 -90.22 109.37 31.18
N LEU H 14 -90.68 109.43 32.43
CA LEU H 14 -90.24 108.45 33.41
C LEU H 14 -90.74 107.06 33.07
N GLN H 15 -91.93 106.96 32.48
CA GLN H 15 -92.44 105.65 32.06
C GLN H 15 -91.59 105.08 30.94
N ASN H 16 -91.25 105.93 29.96
CA ASN H 16 -90.41 105.45 28.86
C ASN H 16 -89.02 105.07 29.35
N LEU H 17 -88.47 105.85 30.29
CA LEU H 17 -87.16 105.52 30.83
C LEU H 17 -87.20 104.23 31.65
N ASN H 18 -88.30 104.00 32.38
CA ASN H 18 -88.43 102.75 33.12
C ASN H 18 -88.54 101.57 32.19
N SER H 19 -89.26 101.72 31.07
CA SER H 19 -89.34 100.64 30.10
C SER H 19 -87.97 100.36 29.49
N THR H 20 -87.20 101.41 29.22
CA THR H 20 -85.86 101.20 28.69
C THR H 20 -84.98 100.51 29.72
N ASN H 21 -85.11 100.86 30.99
CA ASN H 21 -84.34 100.19 32.02
C ASN H 21 -84.75 98.73 32.17
N THR H 22 -86.02 98.41 31.96
CA THR H 22 -86.43 97.00 32.03
C THR H 22 -85.87 96.20 30.86
N GLU H 23 -85.90 96.77 29.66
CA GLU H 23 -85.28 96.08 28.53
C GLU H 23 -83.78 95.91 28.74
N LEU H 24 -83.13 96.92 29.34
CA LEU H 24 -81.70 96.81 29.59
C LEU H 24 -81.40 95.76 30.66
N ALA H 25 -82.24 95.65 31.68
CA ALA H 25 -82.04 94.61 32.69
C ALA H 25 -82.30 93.22 32.11
N ALA H 26 -83.27 93.10 31.20
CA ALA H 26 -83.50 91.82 30.55
C ALA H 26 -82.32 91.42 29.69
N THR H 27 -81.75 92.39 28.96
CA THR H 27 -80.52 92.11 28.21
C THR H 27 -79.36 91.81 29.16
N GLN H 28 -79.33 92.43 30.34
CA GLN H 28 -78.28 92.15 31.31
C GLN H 28 -78.31 90.68 31.73
N GLY H 29 -79.51 90.20 32.05
CA GLY H 29 -79.64 88.80 32.47
C GLY H 29 -79.40 87.84 31.33
N ARG H 30 -79.85 88.20 30.13
CA ARG H 30 -79.60 87.35 28.96
C ARG H 30 -78.12 87.31 28.60
N ILE H 31 -77.38 88.38 28.92
CA ILE H 31 -75.94 88.39 28.66
C ILE H 31 -75.20 87.54 29.67
N ASN H 32 -75.41 87.79 30.97
CA ASN H 32 -74.57 87.09 31.94
C ASN H 32 -74.98 85.63 32.08
N THR H 33 -76.29 85.34 32.11
CA THR H 33 -76.70 83.94 32.12
C THR H 33 -76.35 83.23 30.82
N GLY H 34 -76.36 83.95 29.70
CA GLY H 34 -76.14 83.32 28.42
C GLY H 34 -77.32 82.52 27.92
N LYS H 35 -78.50 82.72 28.50
CA LYS H 35 -79.66 81.87 28.26
C LYS H 35 -80.87 82.74 27.97
N LYS H 36 -81.55 82.48 26.86
CA LYS H 36 -82.76 83.23 26.55
C LYS H 36 -83.88 82.94 27.54
N VAL H 37 -83.88 81.73 28.12
CA VAL H 37 -84.86 81.35 29.13
C VAL H 37 -84.11 80.83 30.36
N ALA H 38 -83.40 81.73 31.05
CA ALA H 38 -82.54 81.38 32.16
C ALA H 38 -83.29 81.07 33.44
N ASN H 39 -84.59 81.37 33.50
CA ASN H 39 -85.36 81.17 34.73
C ASN H 39 -86.76 80.70 34.36
N ALA H 40 -87.53 80.31 35.38
CA ALA H 40 -88.90 79.87 35.15
C ALA H 40 -89.77 81.01 34.66
N LYS H 41 -89.42 82.27 34.99
CA LYS H 41 -90.26 83.39 34.62
C LYS H 41 -90.10 83.81 33.16
N ASP H 42 -88.93 83.58 32.55
CA ASP H 42 -88.74 84.01 31.17
C ASP H 42 -89.71 83.29 30.24
N ASN H 43 -90.03 82.03 30.53
CA ASN H 43 -91.12 81.34 29.86
C ASN H 43 -91.47 80.11 30.68
N GLY H 44 -92.74 79.73 30.67
CA GLY H 44 -93.18 78.58 31.44
C GLY H 44 -92.93 77.27 30.73
N ALA H 45 -93.69 77.01 29.66
CA ALA H 45 -93.58 75.73 28.98
C ALA H 45 -92.19 75.50 28.41
N ILE H 46 -91.54 76.56 27.95
CA ILE H 46 -90.21 76.40 27.36
C ILE H 46 -89.21 75.98 28.44
N TRP H 47 -89.23 76.66 29.59
CA TRP H 47 -88.33 76.26 30.67
C TRP H 47 -88.68 74.89 31.20
N SER H 48 -89.96 74.48 31.15
CA SER H 48 -90.32 73.15 31.64
C SER H 48 -89.76 72.07 30.72
N MET H 49 -89.98 72.19 29.41
CA MET H 49 -89.39 71.22 28.50
C MET H 49 -87.87 71.25 28.55
N ALA H 50 -87.27 72.43 28.76
CA ALA H 50 -85.82 72.49 28.86
C ALA H 50 -85.32 71.77 30.10
N LYS H 51 -85.98 71.96 31.24
CA LYS H 51 -85.57 71.28 32.46
C LYS H 51 -85.75 69.78 32.33
N MET H 52 -86.81 69.34 31.65
CA MET H 52 -87.02 67.90 31.49
C MET H 52 -85.97 67.30 30.56
N GLN H 53 -85.68 67.96 29.44
CA GLN H 53 -84.66 67.46 28.54
C GLN H 53 -83.29 67.46 29.19
N SER H 54 -83.00 68.46 30.03
CA SER H 54 -81.71 68.50 30.70
C SER H 54 -81.58 67.40 31.75
N ALA H 55 -82.66 67.14 32.51
CA ALA H 55 -82.62 66.02 33.45
C ALA H 55 -82.49 64.70 32.71
N THR H 56 -83.14 64.58 31.56
CA THR H 56 -83.01 63.36 30.77
C THR H 56 -81.58 63.16 30.31
N ALA H 57 -80.97 64.19 29.71
CA ALA H 57 -79.60 64.07 29.23
C ALA H 57 -78.62 63.84 30.37
N SER H 58 -78.89 64.40 31.55
CA SER H 58 -78.03 64.13 32.70
C SER H 58 -78.18 62.69 33.18
N SER H 59 -79.36 62.09 32.95
CA SER H 59 -79.60 60.74 33.45
C SER H 59 -78.85 59.66 32.69
N LEU H 60 -78.37 59.92 31.47
CA LEU H 60 -77.73 58.87 30.68
C LEU H 60 -76.33 58.51 31.14
N ASN H 61 -75.72 59.30 32.03
CA ASN H 61 -74.41 58.92 32.55
C ASN H 61 -74.49 57.60 33.33
N SER H 62 -75.59 57.37 34.03
CA SER H 62 -75.76 56.09 34.72
C SER H 62 -75.89 54.93 33.75
N VAL H 63 -76.58 55.15 32.62
CA VAL H 63 -76.68 54.10 31.60
C VAL H 63 -75.32 53.81 31.00
N LYS H 64 -74.52 54.85 30.79
CA LYS H 64 -73.19 54.63 30.24
C LYS H 64 -72.33 53.86 31.23
N ASP H 65 -72.42 54.20 32.52
CA ASP H 65 -71.63 53.49 33.52
C ASP H 65 -72.06 52.03 33.62
N SER H 66 -73.36 51.77 33.51
CA SER H 66 -73.83 50.39 33.56
C SER H 66 -73.35 49.60 32.34
N LEU H 67 -73.32 50.24 31.17
CA LEU H 67 -72.84 49.54 29.99
C LEU H 67 -71.36 49.19 30.10
N GLN H 68 -70.55 50.13 30.60
CA GLN H 68 -69.13 49.83 30.79
C GLN H 68 -68.92 48.77 31.89
N ARG H 69 -69.77 48.77 32.92
CA ARG H 69 -69.65 47.75 33.95
C ARG H 69 -69.97 46.36 33.39
N GLY H 70 -70.96 46.28 32.51
CA GLY H 70 -71.27 45.02 31.88
C GLY H 70 -70.18 44.56 30.93
N GLN H 71 -69.56 45.52 30.23
CA GLN H 71 -68.44 45.16 29.37
C GLN H 71 -67.28 44.62 30.19
N SER H 72 -67.01 45.21 31.35
CA SER H 72 -65.93 44.71 32.20
C SER H 72 -66.24 43.33 32.76
N THR H 73 -67.51 43.09 33.11
CA THR H 73 -67.88 41.77 33.60
C THR H 73 -67.73 40.71 32.53
N ILE H 74 -68.16 41.02 31.30
CA ILE H 74 -67.97 40.06 30.21
C ILE H 74 -66.48 39.87 29.92
N ASP H 75 -65.68 40.92 30.09
CA ASP H 75 -64.25 40.79 29.84
C ASP H 75 -63.60 39.83 30.84
N VAL H 76 -63.92 39.98 32.13
CA VAL H 76 -63.35 39.03 33.10
C VAL H 76 -63.89 37.62 32.87
N ALA H 77 -65.15 37.50 32.42
CA ALA H 77 -65.68 36.18 32.11
C ALA H 77 -64.92 35.53 30.96
N LEU H 78 -64.57 36.32 29.94
CA LEU H 78 -63.76 35.78 28.85
C LEU H 78 -62.34 35.45 29.32
N ALA H 79 -61.81 36.25 30.24
CA ALA H 79 -60.47 35.98 30.75
C ALA H 79 -60.41 34.67 31.51
N ALA H 80 -61.49 34.30 32.19
CA ALA H 80 -61.53 32.97 32.82
C ALA H 80 -61.89 31.88 31.82
N GLY H 81 -62.69 32.20 30.80
CA GLY H 81 -63.07 31.20 29.83
C GLY H 81 -61.93 30.77 28.94
N ASP H 82 -60.94 31.63 28.73
CA ASP H 82 -59.74 31.20 28.02
C ASP H 82 -59.04 30.07 28.77
N THR H 83 -58.91 30.23 30.09
CA THR H 83 -58.30 29.17 30.90
C THR H 83 -59.17 27.91 30.90
N ILE H 84 -60.49 28.08 30.96
CA ILE H 84 -61.37 26.92 30.98
C ILE H 84 -61.25 26.16 29.66
N THR H 85 -61.07 26.89 28.55
CA THR H 85 -60.97 26.24 27.26
C THR H 85 -59.63 25.53 27.09
N ASP H 86 -58.53 26.15 27.53
CA ASP H 86 -57.24 25.48 27.44
C ASP H 86 -57.22 24.24 28.34
N LEU H 87 -57.88 24.32 29.50
CA LEU H 87 -57.95 23.16 30.37
C LEU H 87 -58.78 22.05 29.75
N LEU H 88 -59.88 22.41 29.07
CA LEU H 88 -60.66 21.39 28.38
C LEU H 88 -59.87 20.75 27.25
N THR H 89 -59.00 21.53 26.59
CA THR H 89 -58.19 20.97 25.52
C THR H 89 -57.17 19.98 26.06
N LYS H 90 -56.49 20.35 27.15
CA LYS H 90 -55.54 19.42 27.76
C LYS H 90 -56.26 18.19 28.32
N MET H 91 -57.49 18.36 28.83
CA MET H 91 -58.26 17.22 29.31
C MET H 91 -58.65 16.30 28.15
N LYS H 92 -58.98 16.86 26.99
CA LYS H 92 -59.28 16.03 25.84
C LYS H 92 -58.04 15.27 25.39
N GLU H 93 -56.87 15.91 25.45
CA GLU H 93 -55.65 15.22 25.10
C GLU H 93 -55.36 14.09 26.10
N LYS H 94 -55.65 14.31 27.37
CA LYS H 94 -55.43 13.28 28.38
C LYS H 94 -56.35 12.09 28.16
N ALA H 95 -57.64 12.36 27.94
CA ALA H 95 -58.59 11.27 27.71
C ALA H 95 -58.27 10.53 26.42
N LEU H 96 -57.77 11.25 25.41
CA LEU H 96 -57.45 10.61 24.15
C LEU H 96 -56.25 9.68 24.29
N ALA H 97 -55.18 10.15 24.94
CA ALA H 97 -54.03 9.29 25.15
C ALA H 97 -54.38 8.12 26.07
N ALA H 98 -55.28 8.32 27.03
CA ALA H 98 -55.70 7.25 27.91
C ALA H 98 -56.57 6.22 27.22
N SER H 99 -57.28 6.60 26.15
CA SER H 99 -58.10 5.64 25.44
C SER H 99 -57.29 4.54 24.78
N ASP H 100 -56.02 4.80 24.47
CA ASP H 100 -55.18 3.79 23.84
C ASP H 100 -54.95 2.63 24.79
N THR H 101 -55.05 1.41 24.28
CA THR H 101 -54.91 0.20 25.08
C THR H 101 -53.47 -0.24 25.28
N SER H 102 -52.52 0.36 24.57
CA SER H 102 -51.11 -0.02 24.71
C SER H 102 -50.51 0.37 26.05
N LEU H 103 -51.09 1.36 26.74
CA LEU H 103 -50.51 1.85 27.98
C LEU H 103 -50.55 0.80 29.08
N ASN H 104 -49.47 0.74 29.85
CA ASN H 104 -49.43 0.02 31.11
C ASN H 104 -50.20 0.80 32.17
N THR H 105 -50.54 0.11 33.27
CA THR H 105 -51.40 0.71 34.28
C THR H 105 -50.80 1.97 34.89
N ALA H 106 -49.47 2.06 34.95
CA ALA H 106 -48.85 3.22 35.58
C ALA H 106 -49.06 4.49 34.76
N SER H 107 -48.82 4.40 33.45
CA SER H 107 -49.04 5.56 32.59
C SER H 107 -50.51 5.95 32.57
N PHE H 108 -51.41 4.96 32.61
CA PHE H 108 -52.83 5.27 32.66
C PHE H 108 -53.20 5.96 33.96
N ASN H 109 -52.61 5.53 35.07
CA ASN H 109 -52.88 6.19 36.35
C ASN H 109 -52.36 7.61 36.34
N ALA H 110 -51.21 7.85 35.70
CA ALA H 110 -50.68 9.21 35.63
C ALA H 110 -51.58 10.11 34.78
N LEU H 111 -52.06 9.58 33.64
CA LEU H 111 -52.98 10.35 32.81
C LEU H 111 -54.27 10.65 33.55
N LYS H 112 -54.76 9.68 34.32
CA LYS H 112 -56.00 9.87 35.06
C LYS H 112 -55.81 10.90 36.17
N ALA H 113 -54.66 10.88 36.84
CA ALA H 113 -54.41 11.86 37.90
C ALA H 113 -54.29 13.27 37.33
N ASP H 114 -53.64 13.40 36.17
CA ASP H 114 -53.61 14.72 35.53
C ASP H 114 -55.00 15.15 35.08
N PHE H 115 -55.85 14.20 34.69
CA PHE H 115 -57.22 14.56 34.31
C PHE H 115 -57.99 15.09 35.51
N GLU H 116 -57.87 14.43 36.67
CA GLU H 116 -58.57 14.91 37.85
C GLU H 116 -58.04 16.27 38.28
N SER H 117 -56.72 16.48 38.17
CA SER H 117 -56.15 17.75 38.58
C SER H 117 -56.61 18.88 37.67
N LEU H 118 -56.66 18.63 36.36
CA LEU H 118 -57.15 19.63 35.42
C LEU H 118 -58.64 19.90 35.64
N ARG H 119 -59.41 18.88 36.03
CA ARG H 119 -60.83 19.12 36.29
C ARG H 119 -61.02 19.99 37.53
N ASP H 120 -60.23 19.73 38.57
CA ASP H 120 -60.29 20.59 39.76
C ASP H 120 -59.87 22.02 39.43
N GLN H 121 -58.83 22.17 38.62
CA GLN H 121 -58.41 23.50 38.20
C GLN H 121 -59.47 24.18 37.35
N LEU H 122 -60.21 23.41 36.56
CA LEU H 122 -61.30 23.97 35.77
C LEU H 122 -62.41 24.51 36.66
N GLN H 123 -62.77 23.73 37.69
CA GLN H 123 -63.78 24.22 38.63
C GLN H 123 -63.29 25.44 39.39
N LYS H 124 -61.99 25.49 39.71
CA LYS H 124 -61.48 26.67 40.42
C LYS H 124 -61.50 27.90 39.52
N ALA H 125 -61.09 27.75 38.26
CA ALA H 125 -61.14 28.86 37.33
C ALA H 125 -62.56 29.30 37.05
N ALA H 126 -63.52 28.37 37.14
CA ALA H 126 -64.91 28.74 36.94
C ALA H 126 -65.47 29.50 38.14
N THR H 127 -65.19 29.03 39.36
CA THR H 127 -65.71 29.71 40.54
C THR H 127 -65.01 31.03 40.81
N ASN H 128 -63.80 31.23 40.28
CA ASN H 128 -63.09 32.50 40.48
C ASN H 128 -63.50 33.58 39.49
N ALA H 129 -64.33 33.26 38.50
CA ALA H 129 -64.72 34.22 37.47
C ALA H 129 -65.90 35.07 37.96
N LYS H 130 -65.57 36.14 38.66
CA LYS H 130 -66.57 37.11 39.10
C LYS H 130 -65.95 38.49 39.20
N PHE H 131 -66.75 39.50 38.93
CA PHE H 131 -66.32 40.90 38.93
C PHE H 131 -67.13 41.65 39.98
N ASN H 132 -66.51 41.89 41.14
CA ASN H 132 -67.15 42.63 42.23
C ASN H 132 -68.45 41.97 42.67
N GLY H 133 -68.40 40.64 42.83
CA GLY H 133 -69.51 39.91 43.39
C GLY H 133 -70.58 39.46 42.43
N VAL H 134 -70.46 39.78 41.14
CA VAL H 134 -71.42 39.33 40.14
C VAL H 134 -70.66 38.68 39.00
N SER H 135 -71.35 37.78 38.30
CA SER H 135 -70.68 36.98 37.27
C SER H 135 -71.69 36.48 36.26
N LEU H 136 -71.23 36.34 35.02
CA LEU H 136 -71.97 35.67 33.97
C LEU H 136 -71.41 34.27 33.67
N ALA H 137 -70.46 33.80 34.48
CA ALA H 137 -69.78 32.54 34.21
C ALA H 137 -69.98 31.47 35.26
N ASP H 138 -70.11 31.83 36.54
CA ASP H 138 -70.26 30.85 37.60
C ASP H 138 -71.68 30.32 37.75
N GLY H 139 -72.66 30.91 37.07
CA GLY H 139 -74.02 30.45 37.16
C GLY H 139 -74.78 30.89 38.39
N SER H 140 -74.26 31.86 39.15
CA SER H 140 -74.94 32.35 40.33
C SER H 140 -76.24 33.08 40.01
N THR H 141 -76.40 33.58 38.78
CA THR H 141 -77.62 34.28 38.40
C THR H 141 -77.96 33.93 36.96
N THR H 142 -79.27 33.85 36.69
CA THR H 142 -79.75 33.55 35.35
C THR H 142 -79.41 34.62 34.33
N LYS H 143 -79.39 35.89 34.71
CA LYS H 143 -79.12 36.96 33.76
C LYS H 143 -78.89 38.27 34.51
N LEU H 144 -77.85 38.98 34.10
CA LEU H 144 -77.67 40.37 34.45
C LEU H 144 -78.52 41.25 33.54
N SER H 145 -78.91 42.43 34.05
CA SER H 145 -79.78 43.35 33.30
C SER H 145 -79.27 44.79 33.48
N PHE H 146 -78.31 45.17 32.64
CA PHE H 146 -77.78 46.52 32.64
C PHE H 146 -78.75 47.48 31.95
N LEU H 147 -78.67 48.75 32.34
CA LEU H 147 -79.55 49.77 31.79
C LEU H 147 -79.29 49.97 30.30
N ALA H 148 -80.36 50.26 29.56
CA ALA H 148 -80.27 50.52 28.13
C ALA H 148 -80.82 51.88 27.74
N ASN H 149 -81.64 52.50 28.58
CA ASN H 149 -82.24 53.79 28.27
C ASN H 149 -82.62 54.45 29.58
N GLU H 150 -82.84 55.77 29.53
CA GLU H 150 -83.00 56.52 30.78
C GLU H 150 -84.31 56.18 31.48
N ASP H 151 -85.27 55.57 30.79
CA ASP H 151 -86.54 55.19 31.40
C ASP H 151 -86.46 53.90 32.18
N GLY H 152 -85.28 53.28 32.25
CA GLY H 152 -85.12 52.03 32.96
C GLY H 152 -85.21 50.78 32.12
N SER H 153 -85.34 50.90 30.81
CA SER H 153 -85.30 49.74 29.94
C SER H 153 -83.95 49.05 30.06
N ASN H 154 -83.96 47.73 30.08
CA ASN H 154 -82.76 46.96 30.36
C ASN H 154 -82.24 46.27 29.10
N PHE H 155 -80.91 46.26 28.98
CA PHE H 155 -80.22 45.47 27.96
C PHE H 155 -79.91 44.11 28.58
N THR H 156 -80.83 43.17 28.41
CA THR H 156 -80.69 41.85 29.01
C THR H 156 -79.47 41.14 28.44
N VAL H 157 -78.70 40.50 29.33
CA VAL H 157 -77.52 39.72 28.95
C VAL H 157 -77.62 38.39 29.67
N THR H 158 -77.97 37.34 28.94
CA THR H 158 -78.12 36.02 29.54
C THR H 158 -76.78 35.51 30.05
N ALA H 159 -76.79 34.95 31.27
CA ALA H 159 -75.58 34.38 31.83
C ALA H 159 -75.23 33.07 31.14
N GLN H 160 -73.94 32.80 31.04
CA GLN H 160 -73.42 31.60 30.38
C GLN H 160 -72.54 30.87 31.39
N THR H 161 -73.13 29.90 32.09
CA THR H 161 -72.40 29.19 33.13
C THR H 161 -71.23 28.43 32.53
N LEU H 162 -70.06 28.54 33.19
CA LEU H 162 -68.88 27.82 32.78
C LEU H 162 -68.38 26.86 33.86
N SER H 163 -69.18 26.65 34.91
CA SER H 163 -68.88 25.63 35.90
C SER H 163 -69.05 24.23 35.30
N LEU H 164 -68.38 23.25 35.92
CA LEU H 164 -68.38 21.91 35.37
C LEU H 164 -69.80 21.37 35.23
N THR H 165 -70.70 21.75 36.13
CA THR H 165 -72.10 21.40 35.97
C THR H 165 -72.71 22.06 34.73
N GLY H 166 -72.28 23.29 34.40
CA GLY H 166 -72.88 24.01 33.30
C GLY H 166 -72.33 23.64 31.93
N ILE H 167 -71.20 22.97 31.87
CA ILE H 167 -70.60 22.55 30.60
C ILE H 167 -70.86 21.07 30.32
N GLY H 168 -71.75 20.44 31.07
CA GLY H 168 -72.08 19.04 30.88
C GLY H 168 -71.19 18.06 31.62
N LEU H 169 -70.19 18.53 32.34
CA LEU H 169 -69.33 17.66 33.13
C LEU H 169 -69.89 17.57 34.56
N THR H 170 -69.09 17.04 35.47
CA THR H 170 -69.48 16.90 36.86
C THR H 170 -68.22 16.92 37.71
N ALA H 171 -68.38 17.26 38.99
CA ALA H 171 -67.23 17.36 39.88
C ALA H 171 -66.51 16.03 40.04
N THR H 172 -67.23 14.91 39.94
CA THR H 172 -66.63 13.59 40.05
C THR H 172 -66.36 12.93 38.71
N SER H 173 -66.55 13.63 37.60
CA SER H 173 -66.34 13.04 36.29
C SER H 173 -64.89 12.59 36.15
N THR H 174 -64.70 11.43 35.56
CA THR H 174 -63.39 10.81 35.35
C THR H 174 -63.58 9.58 34.48
N PHE H 175 -62.49 8.86 34.22
CA PHE H 175 -62.54 7.60 33.50
C PHE H 175 -61.77 6.55 34.28
N THR H 176 -62.38 5.37 34.43
CA THR H 176 -61.78 4.26 35.14
C THR H 176 -60.89 3.39 34.25
N ASP H 177 -61.25 3.21 32.98
CA ASP H 177 -60.46 2.41 32.05
C ASP H 177 -60.67 2.99 30.66
N ALA H 178 -59.89 2.48 29.71
CA ALA H 178 -59.87 3.06 28.37
C ALA H 178 -61.23 2.97 27.70
N ALA H 179 -62.02 1.95 28.04
CA ALA H 179 -63.36 1.85 27.46
C ALA H 179 -64.22 3.03 27.86
N THR H 180 -64.02 3.56 29.07
CA THR H 180 -64.69 4.79 29.47
C THR H 180 -63.93 6.04 29.05
N ALA H 181 -62.61 5.95 28.87
CA ALA H 181 -61.87 7.10 28.36
C ALA H 181 -62.29 7.43 26.93
N LYS H 182 -62.66 6.43 26.14
CA LYS H 182 -63.12 6.70 24.79
C LYS H 182 -64.43 7.48 24.79
N THR H 183 -65.29 7.24 25.78
CA THR H 183 -66.51 8.03 25.91
C THR H 183 -66.21 9.41 26.47
N MET H 184 -65.23 9.49 27.38
CA MET H 184 -64.83 10.78 27.93
C MET H 184 -64.24 11.67 26.85
N ILE H 185 -63.66 11.07 25.81
CA ILE H 185 -63.16 11.88 24.69
C ILE H 185 -64.30 12.70 24.09
N ALA H 186 -65.39 12.03 23.70
CA ALA H 186 -66.53 12.74 23.13
C ALA H 186 -67.20 13.65 24.15
N THR H 187 -67.17 13.27 25.43
CA THR H 187 -67.78 14.12 26.45
C THR H 187 -67.03 15.43 26.59
N ILE H 188 -65.70 15.37 26.67
CA ILE H 188 -64.89 16.58 26.74
C ILE H 188 -65.00 17.37 25.45
N THR H 189 -65.18 16.69 24.31
CA THR H 189 -65.36 17.40 23.06
C THR H 189 -66.63 18.24 23.08
N THR H 190 -67.75 17.63 23.51
CA THR H 190 -69.00 18.38 23.60
C THR H 190 -68.91 19.49 24.65
N SER H 191 -68.16 19.26 25.73
CA SER H 191 -68.02 20.30 26.75
C SER H 191 -67.23 21.48 26.20
N LEU H 192 -66.16 21.22 25.45
CA LEU H 192 -65.39 22.30 24.85
C LEU H 192 -66.23 23.04 23.82
N GLN H 193 -67.09 22.32 23.10
CA GLN H 193 -67.96 22.97 22.12
C GLN H 193 -68.93 23.92 22.82
N THR H 194 -69.61 23.44 23.86
CA THR H 194 -70.57 24.31 24.53
C THR H 194 -69.88 25.47 25.24
N ALA H 195 -68.66 25.27 25.75
CA ALA H 195 -67.96 26.37 26.41
C ALA H 195 -67.54 27.43 25.40
N THR H 196 -67.04 27.00 24.23
CA THR H 196 -66.67 27.96 23.20
C THR H 196 -67.89 28.71 22.68
N ASN H 197 -69.04 28.04 22.59
CA ASN H 197 -70.26 28.72 22.16
C ASN H 197 -70.71 29.75 23.20
N LYS H 198 -70.58 29.41 24.49
CA LYS H 198 -70.96 30.37 25.52
C LYS H 198 -70.03 31.58 25.52
N LEU H 199 -68.74 31.35 25.30
CA LEU H 199 -67.80 32.48 25.22
C LEU H 199 -68.10 33.35 24.01
N SER H 200 -68.50 32.74 22.89
CA SER H 200 -68.86 33.53 21.71
C SER H 200 -70.11 34.36 21.98
N SER H 201 -71.09 33.79 22.69
CA SER H 201 -72.28 34.56 23.00
C SER H 201 -71.96 35.73 23.94
N LEU H 202 -71.05 35.51 24.89
CA LEU H 202 -70.65 36.59 25.78
C LEU H 202 -69.93 37.70 25.01
N GLY H 203 -69.11 37.32 24.03
CA GLY H 203 -68.43 38.34 23.24
C GLY H 203 -69.38 39.13 22.37
N THR H 204 -70.39 38.45 21.81
CA THR H 204 -71.40 39.17 21.04
C THR H 204 -72.18 40.13 21.93
N SER H 205 -72.48 39.73 23.17
CA SER H 205 -73.16 40.64 24.07
C SER H 205 -72.29 41.84 24.42
N SER H 206 -70.98 41.62 24.56
CA SER H 206 -70.09 42.75 24.85
C SER H 206 -70.01 43.72 23.67
N VAL H 207 -70.00 43.19 22.45
CA VAL H 207 -69.98 44.07 21.28
C VAL H 207 -71.28 44.85 21.18
N GLY H 208 -72.40 44.23 21.54
CA GLY H 208 -73.66 44.95 21.52
C GLY H 208 -73.72 46.03 22.58
N LEU H 209 -73.14 45.75 23.76
CA LEU H 209 -73.06 46.79 24.79
C LEU H 209 -72.17 47.95 24.34
N ASP H 210 -71.09 47.66 23.61
CA ASP H 210 -70.23 48.75 23.15
C ASP H 210 -70.94 49.61 22.10
N THR H 211 -71.65 48.97 21.17
CA THR H 211 -72.38 49.75 20.18
C THR H 211 -73.48 50.58 20.84
N HIS H 212 -74.19 49.99 21.80
CA HIS H 212 -75.22 50.76 22.49
C HIS H 212 -74.63 51.89 23.31
N LEU H 213 -73.41 51.71 23.85
CA LEU H 213 -72.76 52.79 24.58
C LEU H 213 -72.41 53.95 23.65
N THR H 214 -71.92 53.64 22.45
CA THR H 214 -71.65 54.72 21.49
C THR H 214 -72.93 55.45 21.12
N PHE H 215 -74.02 54.70 20.90
CA PHE H 215 -75.27 55.35 20.56
C PHE H 215 -75.82 56.18 21.71
N VAL H 216 -75.64 55.72 22.95
CA VAL H 216 -76.06 56.53 24.11
C VAL H 216 -75.23 57.80 24.20
N GLY H 217 -73.95 57.75 23.84
CA GLY H 217 -73.16 58.97 23.84
C GLY H 217 -73.64 59.95 22.79
N LYS H 218 -73.96 59.45 21.59
CA LYS H 218 -74.49 60.34 20.56
C LYS H 218 -75.84 60.90 20.97
N LEU H 219 -76.68 60.10 21.64
CA LEU H 219 -77.99 60.57 22.04
C LEU H 219 -77.90 61.62 23.14
N GLN H 220 -76.97 61.45 24.07
CA GLN H 220 -76.79 62.46 25.11
C GLN H 220 -76.26 63.75 24.51
N ASP H 221 -75.36 63.65 23.53
CA ASP H 221 -74.90 64.86 22.86
C ASP H 221 -76.06 65.56 22.13
N SER H 222 -76.93 64.78 21.50
CA SER H 222 -78.06 65.38 20.80
C SER H 222 -79.06 66.02 21.76
N LEU H 223 -79.27 65.42 22.93
CA LEU H 223 -80.16 66.03 23.90
C LEU H 223 -79.58 67.32 24.49
N ASP H 224 -78.26 67.35 24.70
CA ASP H 224 -77.64 68.59 25.15
C ASP H 224 -77.75 69.65 24.06
N ALA H 225 -77.60 69.25 22.80
CA ALA H 225 -77.77 70.21 21.71
C ALA H 225 -79.21 70.72 21.63
N GLY H 226 -80.19 69.86 21.92
CA GLY H 226 -81.57 70.31 21.88
C GLY H 226 -81.92 71.26 22.99
N VAL H 227 -81.43 70.98 24.21
CA VAL H 227 -81.69 71.93 25.29
C VAL H 227 -80.95 73.24 25.05
N GLY H 228 -79.78 73.18 24.39
CA GLY H 228 -79.11 74.42 24.04
C GLY H 228 -79.83 75.20 22.97
N ASN H 229 -80.43 74.49 22.00
CA ASN H 229 -81.25 75.15 20.99
C ASN H 229 -82.49 75.79 21.60
N LEU H 230 -83.05 75.17 22.64
CA LEU H 230 -84.22 75.74 23.30
C LEU H 230 -83.89 76.91 24.21
N VAL H 231 -82.71 76.90 24.84
CA VAL H 231 -82.40 77.83 25.92
C VAL H 231 -81.42 78.93 25.50
N ASP H 232 -80.35 78.56 24.80
CA ASP H 232 -79.19 79.44 24.69
C ASP H 232 -79.55 80.75 23.96
N ALA H 233 -78.99 81.84 24.47
CA ALA H 233 -79.23 83.16 23.93
C ALA H 233 -78.45 83.38 22.64
N ASP H 234 -78.99 84.25 21.79
CA ASP H 234 -78.29 84.72 20.59
C ASP H 234 -77.40 85.89 21.01
N LEU H 235 -76.21 85.56 21.52
CA LEU H 235 -75.33 86.56 22.10
C LEU H 235 -74.85 87.58 21.09
N ALA H 236 -74.71 87.21 19.82
CA ALA H 236 -74.16 88.14 18.84
C ALA H 236 -75.11 89.30 18.58
N LYS H 237 -76.41 89.02 18.49
CA LYS H 237 -77.38 90.11 18.40
C LYS H 237 -77.41 90.92 19.68
N GLU H 238 -77.19 90.26 20.82
CA GLU H 238 -77.20 90.97 22.10
C GLU H 238 -76.02 91.91 22.22
N SER H 239 -74.91 91.62 21.54
CA SER H 239 -73.76 92.51 21.60
C SER H 239 -74.08 93.88 21.02
N ALA H 240 -74.97 93.94 20.03
CA ALA H 240 -75.40 95.23 19.50
C ALA H 240 -76.59 95.78 20.28
N LYS H 241 -77.50 94.90 20.71
CA LYS H 241 -78.65 95.36 21.47
C LYS H 241 -78.24 95.99 22.78
N LEU H 242 -77.12 95.55 23.36
CA LEU H 242 -76.66 96.12 24.62
C LEU H 242 -76.29 97.58 24.45
N GLN H 243 -75.44 97.88 23.46
CA GLN H 243 -75.05 99.27 23.21
C GLN H 243 -76.25 100.09 22.77
N SER H 244 -77.18 99.48 22.03
CA SER H 244 -78.36 100.21 21.59
C SER H 244 -79.22 100.61 22.77
N LEU H 245 -79.47 99.68 23.69
CA LEU H 245 -80.24 100.01 24.89
C LEU H 245 -79.51 100.98 25.79
N GLN H 246 -78.17 100.94 25.82
CA GLN H 246 -77.45 101.93 26.63
C GLN H 246 -77.62 103.33 26.06
N THR H 247 -77.47 103.47 24.75
CA THR H 247 -77.69 104.77 24.13
C THR H 247 -79.14 105.23 24.31
N LYS H 248 -80.09 104.31 24.22
CA LYS H 248 -81.50 104.67 24.43
C LYS H 248 -81.73 105.11 25.87
N GLN H 249 -81.04 104.49 26.83
CA GLN H 249 -81.20 104.87 28.22
C GLN H 249 -80.63 106.26 28.48
N GLN H 250 -79.48 106.57 27.88
CA GLN H 250 -78.95 107.93 28.02
C GLN H 250 -79.87 108.95 27.35
N LEU H 251 -80.45 108.59 26.21
CA LEU H 251 -81.39 109.51 25.55
C LEU H 251 -82.62 109.73 26.42
N GLY H 252 -83.10 108.68 27.09
CA GLY H 252 -84.25 108.82 27.95
C GLY H 252 -83.96 109.60 29.21
N VAL H 253 -82.74 109.45 29.74
CA VAL H 253 -82.35 110.24 30.91
C VAL H 253 -82.31 111.72 30.54
N GLN H 254 -81.70 112.04 29.39
CA GLN H 254 -81.70 113.44 28.96
C GLN H 254 -83.10 113.94 28.66
N ALA H 255 -83.98 113.09 28.13
CA ALA H 255 -85.35 113.52 27.87
C ALA H 255 -86.10 113.80 29.17
N LEU H 256 -85.86 112.98 30.21
CA LEU H 256 -86.46 113.27 31.51
C LEU H 256 -85.90 114.55 32.10
N SER H 257 -84.60 114.80 31.90
CA SER H 257 -84.01 116.03 32.39
C SER H 257 -84.59 117.25 31.70
N ILE H 258 -84.92 117.13 30.41
CA ILE H 258 -85.56 118.24 29.71
C ILE H 258 -87.01 118.40 30.16
N ALA H 259 -87.70 117.29 30.39
CA ALA H 259 -89.10 117.37 30.80
C ALA H 259 -89.24 117.96 32.20
N ASN H 260 -88.26 117.73 33.07
CA ASN H 260 -88.35 118.25 34.43
C ASN H 260 -88.29 119.77 34.46
N GLN H 261 -87.58 120.38 33.50
CA GLN H 261 -87.38 121.82 33.52
C GLN H 261 -88.47 122.59 32.78
N THR H 262 -89.40 121.91 32.13
CA THR H 262 -90.52 122.60 31.47
C THR H 262 -91.35 123.46 32.42
N PRO H 263 -91.81 122.97 33.59
CA PRO H 263 -92.71 123.79 34.41
C PRO H 263 -92.16 125.13 34.84
N GLN H 264 -90.85 125.25 35.05
CA GLN H 264 -90.31 126.42 35.73
C GLN H 264 -90.50 127.69 34.92
N THR H 265 -90.81 127.59 33.63
CA THR H 265 -90.97 128.77 32.80
C THR H 265 -92.08 129.70 33.28
N ILE H 266 -93.08 129.18 34.00
CA ILE H 266 -94.12 130.05 34.55
C ILE H 266 -93.52 131.04 35.55
N LEU H 267 -92.44 130.63 36.23
CA LEU H 267 -91.79 131.55 37.17
C LEU H 267 -91.17 132.74 36.45
N SER H 268 -90.80 132.58 35.17
CA SER H 268 -90.27 133.69 34.41
C SER H 268 -91.31 134.78 34.20
N LEU H 269 -92.60 134.42 34.17
CA LEU H 269 -93.66 135.41 34.02
C LEU H 269 -93.75 136.34 35.22
N PHE H 270 -93.35 135.88 36.41
CA PHE H 270 -93.37 136.70 37.60
C PHE H 270 -91.98 137.24 37.92
N LEU I 1 -31.60 18.04 -18.02
CA LEU I 1 -30.25 17.55 -17.80
C LEU I 1 -29.85 17.73 -16.34
N ASN I 2 -30.07 18.92 -15.81
CA ASN I 2 -29.78 19.19 -14.40
C ASN I 2 -30.63 18.30 -13.52
N SER I 3 -30.01 17.71 -12.50
CA SER I 3 -30.68 16.63 -11.78
C SER I 3 -30.04 16.24 -10.45
N ILE I 4 -30.82 16.25 -9.37
CA ILE I 4 -30.39 15.61 -8.14
C ILE I 4 -31.07 14.26 -7.93
N ASN I 5 -32.31 14.10 -8.39
CA ASN I 5 -33.07 12.87 -8.14
C ASN I 5 -32.50 11.66 -8.86
N THR I 6 -31.84 11.86 -9.99
CA THR I 6 -31.28 10.74 -10.77
C THR I 6 -30.26 11.28 -11.76
N ASN I 7 -29.34 10.41 -12.16
CA ASN I 7 -28.38 10.77 -13.19
C ASN I 7 -28.23 9.63 -14.19
N PRO I 8 -28.76 9.78 -15.41
CA PRO I 8 -28.74 8.67 -16.37
C PRO I 8 -27.34 8.16 -16.70
N GLY I 9 -26.33 9.04 -16.70
CA GLY I 9 -25.00 8.63 -17.07
C GLY I 9 -24.41 7.62 -16.10
N ALA I 10 -24.69 7.78 -14.80
CA ALA I 10 -24.25 6.78 -13.84
C ALA I 10 -24.94 5.44 -14.08
N LEU I 11 -26.20 5.47 -14.50
CA LEU I 11 -26.88 4.22 -14.83
C LEU I 11 -26.25 3.56 -16.05
N LEU I 12 -25.84 4.36 -17.04
CA LEU I 12 -25.21 3.79 -18.23
C LEU I 12 -23.84 3.20 -17.88
N ALA I 13 -23.08 3.89 -17.04
CA ALA I 13 -21.81 3.34 -16.58
C ALA I 13 -22.00 2.06 -15.79
N LEU I 14 -23.10 1.99 -15.02
CA LEU I 14 -23.40 0.77 -14.29
C LEU I 14 -23.74 -0.38 -15.24
N GLN I 15 -24.50 -0.09 -16.30
CA GLN I 15 -24.83 -1.14 -17.26
C GLN I 15 -23.57 -1.68 -17.93
N ASN I 16 -22.66 -0.77 -18.32
CA ASN I 16 -21.42 -1.21 -18.94
C ASN I 16 -20.55 -1.98 -17.95
N LEU I 17 -20.52 -1.56 -16.68
CA LEU I 17 -19.72 -2.28 -15.69
C LEU I 17 -20.29 -3.67 -15.42
N ASN I 18 -21.62 -3.79 -15.39
CA ASN I 18 -22.23 -5.11 -15.22
C ASN I 18 -21.99 -6.01 -16.42
N SER I 19 -21.95 -5.43 -17.63
CA SER I 19 -21.61 -6.22 -18.81
C SER I 19 -20.17 -6.72 -18.73
N THR I 20 -19.25 -5.84 -18.31
CA THR I 20 -17.87 -6.27 -18.13
C THR I 20 -17.77 -7.33 -17.04
N ASN I 21 -18.60 -7.23 -16.00
CA ASN I 21 -18.57 -8.22 -14.93
C ASN I 21 -19.05 -9.58 -15.43
N THR I 22 -20.12 -9.59 -16.23
CA THR I 22 -20.58 -10.86 -16.79
C THR I 22 -19.55 -11.45 -17.74
N GLU I 23 -18.84 -10.59 -18.48
CA GLU I 23 -17.80 -11.08 -19.36
C GLU I 23 -16.66 -11.71 -18.58
N LEU I 24 -16.18 -11.03 -17.53
CA LEU I 24 -15.10 -11.58 -16.72
C LEU I 24 -15.54 -12.85 -16.00
N ALA I 25 -16.81 -12.94 -15.61
CA ALA I 25 -17.29 -14.14 -14.94
C ALA I 25 -17.32 -15.32 -15.90
N ALA I 26 -17.84 -15.12 -17.11
CA ALA I 26 -17.84 -16.21 -18.09
C ALA I 26 -16.41 -16.61 -18.44
N THR I 27 -15.50 -15.63 -18.48
CA THR I 27 -14.12 -15.93 -18.83
C THR I 27 -13.43 -16.74 -17.74
N GLN I 28 -13.56 -16.32 -16.48
CA GLN I 28 -12.94 -17.08 -15.40
C GLN I 28 -13.56 -18.46 -15.28
N GLY I 29 -14.85 -18.59 -15.59
CA GLY I 29 -15.45 -19.92 -15.60
C GLY I 29 -14.90 -20.79 -16.72
N ARG I 30 -14.64 -20.19 -17.89
CA ARG I 30 -14.02 -20.95 -18.96
C ARG I 30 -12.61 -21.36 -18.61
N ILE I 31 -11.90 -20.54 -17.83
CA ILE I 31 -10.55 -20.90 -17.44
C ILE I 31 -10.57 -22.05 -16.44
N ASN I 32 -11.42 -21.96 -15.42
CA ASN I 32 -11.37 -22.97 -14.37
C ASN I 32 -12.12 -24.26 -14.73
N THR I 33 -12.94 -24.27 -15.78
CA THR I 33 -13.53 -25.53 -16.21
C THR I 33 -12.73 -26.24 -17.28
N GLY I 34 -11.84 -25.54 -17.98
CA GLY I 34 -11.05 -26.16 -19.02
C GLY I 34 -11.80 -26.36 -20.32
N LYS I 35 -12.98 -25.76 -20.47
CA LYS I 35 -13.85 -26.00 -21.60
C LYS I 35 -14.54 -24.70 -21.99
N LYS I 36 -14.84 -24.56 -23.27
CA LYS I 36 -15.65 -23.44 -23.74
C LYS I 36 -17.13 -23.76 -23.86
N VAL I 37 -17.52 -25.01 -23.57
CA VAL I 37 -18.92 -25.42 -23.60
C VAL I 37 -19.23 -26.22 -22.33
N ALA I 38 -19.06 -25.56 -21.17
CA ALA I 38 -19.05 -26.27 -19.89
C ALA I 38 -20.37 -26.97 -19.60
N ASN I 39 -21.48 -26.43 -20.11
CA ASN I 39 -22.80 -26.98 -19.82
C ASN I 39 -23.76 -26.56 -20.92
N ALA I 40 -25.01 -27.00 -20.80
CA ALA I 40 -26.04 -26.64 -21.77
C ALA I 40 -26.32 -25.13 -21.77
N LYS I 41 -26.08 -24.45 -20.65
CA LYS I 41 -26.26 -23.00 -20.61
C LYS I 41 -25.30 -22.28 -21.55
N ASP I 42 -24.13 -22.87 -21.80
CA ASP I 42 -23.19 -22.26 -22.74
C ASP I 42 -23.81 -22.26 -24.13
N ASN I 43 -24.02 -23.46 -24.69
CA ASN I 43 -24.81 -23.65 -25.90
C ASN I 43 -25.34 -25.09 -25.91
N GLY I 44 -26.65 -25.24 -26.04
CA GLY I 44 -27.25 -26.53 -25.77
C GLY I 44 -26.94 -27.58 -26.83
N ALA I 45 -26.87 -27.17 -28.09
CA ALA I 45 -26.69 -28.15 -29.16
C ALA I 45 -25.29 -28.74 -29.13
N ILE I 46 -24.27 -27.87 -29.07
CA ILE I 46 -22.90 -28.35 -29.06
C ILE I 46 -22.63 -29.15 -27.79
N TRP I 47 -23.26 -28.78 -26.68
CA TRP I 47 -23.06 -29.52 -25.44
C TRP I 47 -23.71 -30.89 -25.49
N SER I 48 -24.90 -31.00 -26.11
CA SER I 48 -25.49 -32.30 -26.31
C SER I 48 -24.64 -33.16 -27.24
N MET I 49 -24.02 -32.52 -28.24
CA MET I 49 -23.08 -33.22 -29.10
C MET I 49 -21.96 -33.81 -28.28
N ALA I 50 -21.34 -32.98 -27.44
CA ALA I 50 -20.19 -33.40 -26.67
C ALA I 50 -20.56 -34.47 -25.66
N LYS I 51 -21.73 -34.37 -25.06
CA LYS I 51 -22.13 -35.36 -24.06
C LYS I 51 -22.42 -36.71 -24.72
N MET I 52 -23.09 -36.69 -25.86
CA MET I 52 -23.39 -37.95 -26.55
C MET I 52 -22.11 -38.61 -27.05
N GLN I 53 -21.22 -37.83 -27.65
CA GLN I 53 -19.96 -38.40 -28.12
C GLN I 53 -19.08 -38.85 -26.94
N SER I 54 -19.17 -38.16 -25.80
CA SER I 54 -18.39 -38.57 -24.65
C SER I 54 -18.89 -39.89 -24.08
N ALA I 55 -20.22 -40.08 -24.05
CA ALA I 55 -20.74 -41.38 -23.61
C ALA I 55 -20.38 -42.48 -24.60
N THR I 56 -20.41 -42.15 -25.91
CA THR I 56 -20.02 -43.12 -26.93
C THR I 56 -18.56 -43.53 -26.78
N ALA I 57 -17.71 -42.59 -26.37
CA ALA I 57 -16.30 -42.92 -26.15
C ALA I 57 -16.09 -43.66 -24.84
N SER I 58 -16.81 -43.27 -23.78
CA SER I 58 -16.64 -43.89 -22.48
C SER I 58 -17.14 -45.33 -22.45
N SER I 59 -18.09 -45.67 -23.32
CA SER I 59 -18.65 -47.02 -23.28
C SER I 59 -17.75 -48.08 -23.91
N LEU I 60 -16.68 -47.69 -24.60
CA LEU I 60 -15.86 -48.65 -25.33
C LEU I 60 -15.00 -49.54 -24.45
N ASN I 61 -14.84 -49.18 -23.16
CA ASN I 61 -14.01 -50.00 -22.27
C ASN I 61 -14.61 -51.39 -22.10
N SER I 62 -15.94 -51.48 -22.09
CA SER I 62 -16.57 -52.80 -21.98
C SER I 62 -16.28 -53.65 -23.21
N VAL I 63 -16.23 -53.02 -24.39
CA VAL I 63 -15.89 -53.76 -25.60
C VAL I 63 -14.45 -54.24 -25.54
N LYS I 64 -13.54 -53.38 -25.09
CA LYS I 64 -12.14 -53.81 -24.97
C LYS I 64 -12.00 -54.94 -23.97
N ASP I 65 -12.76 -54.87 -22.88
CA ASP I 65 -12.69 -55.92 -21.86
C ASP I 65 -13.23 -57.24 -22.38
N SER I 66 -14.34 -57.20 -23.11
CA SER I 66 -14.89 -58.43 -23.69
C SER I 66 -13.93 -59.01 -24.72
N LEU I 67 -13.23 -58.16 -25.46
CA LEU I 67 -12.28 -58.66 -26.45
C LEU I 67 -11.10 -59.36 -25.79
N GLN I 68 -10.51 -58.73 -24.76
CA GLN I 68 -9.39 -59.41 -24.09
C GLN I 68 -9.85 -60.65 -23.33
N ARG I 69 -11.08 -60.66 -22.83
CA ARG I 69 -11.61 -61.86 -22.19
C ARG I 69 -11.80 -62.99 -23.19
N GLY I 70 -12.22 -62.67 -24.41
CA GLY I 70 -12.29 -63.69 -25.45
C GLY I 70 -10.90 -64.20 -25.84
N GLN I 71 -9.93 -63.30 -25.87
CA GLN I 71 -8.56 -63.73 -26.13
C GLN I 71 -8.08 -64.68 -25.04
N SER I 72 -8.43 -64.40 -23.78
CA SER I 72 -8.02 -65.27 -22.68
C SER I 72 -8.69 -66.63 -22.76
N THR I 73 -9.97 -66.64 -23.16
CA THR I 73 -10.64 -67.93 -23.34
C THR I 73 -10.00 -68.73 -24.47
N ILE I 74 -9.61 -68.06 -25.55
CA ILE I 74 -8.94 -68.76 -26.63
C ILE I 74 -7.57 -69.26 -26.18
N ASP I 75 -6.89 -68.51 -25.31
CA ASP I 75 -5.62 -68.99 -24.80
C ASP I 75 -5.80 -70.25 -23.96
N VAL I 76 -6.86 -70.31 -23.15
CA VAL I 76 -7.12 -71.52 -22.38
C VAL I 76 -7.42 -72.68 -23.32
N ALA I 77 -8.18 -72.41 -24.39
CA ALA I 77 -8.53 -73.47 -25.33
C ALA I 77 -7.27 -74.00 -26.04
N LEU I 78 -6.38 -73.11 -26.46
CA LEU I 78 -5.14 -73.55 -27.08
C LEU I 78 -4.23 -74.28 -26.10
N ALA I 79 -4.25 -73.87 -24.83
CA ALA I 79 -3.44 -74.56 -23.83
C ALA I 79 -3.92 -75.99 -23.64
N ALA I 80 -5.24 -76.21 -23.74
CA ALA I 80 -5.74 -77.58 -23.70
C ALA I 80 -5.46 -78.33 -25.00
N GLY I 81 -5.51 -77.63 -26.13
CA GLY I 81 -5.30 -78.29 -27.40
C GLY I 81 -3.87 -78.74 -27.60
N ASP I 82 -2.92 -78.02 -27.00
CA ASP I 82 -1.53 -78.48 -27.05
C ASP I 82 -1.37 -79.82 -26.34
N THR I 83 -2.15 -80.07 -25.30
CA THR I 83 -2.17 -81.38 -24.66
C THR I 83 -2.89 -82.41 -25.53
N ILE I 84 -4.03 -82.01 -26.10
CA ILE I 84 -4.81 -82.94 -26.89
C ILE I 84 -4.04 -83.43 -28.11
N THR I 85 -3.21 -82.57 -28.71
CA THR I 85 -2.47 -82.96 -29.90
C THR I 85 -1.38 -83.97 -29.56
N ASP I 86 -0.66 -83.75 -28.45
CA ASP I 86 0.35 -84.71 -28.04
C ASP I 86 -0.28 -86.04 -27.65
N LEU I 87 -1.44 -86.00 -26.99
CA LEU I 87 -2.12 -87.24 -26.65
C LEU I 87 -2.56 -87.97 -27.91
N LEU I 88 -3.01 -87.23 -28.92
CA LEU I 88 -3.42 -87.87 -30.17
C LEU I 88 -2.24 -88.50 -30.89
N THR I 89 -1.08 -87.84 -30.87
CA THR I 89 0.11 -88.42 -31.48
C THR I 89 0.54 -89.68 -30.73
N LYS I 90 0.38 -89.69 -29.41
CA LYS I 90 0.75 -90.87 -28.63
C LYS I 90 -0.18 -92.04 -28.91
N MET I 91 -1.49 -91.77 -28.98
CA MET I 91 -2.42 -92.85 -29.34
C MET I 91 -2.18 -93.31 -30.78
N LYS I 92 -1.74 -92.42 -31.66
CA LYS I 92 -1.44 -92.84 -33.04
C LYS I 92 -0.26 -93.80 -33.06
N GLU I 93 0.84 -93.44 -32.38
CA GLU I 93 1.99 -94.34 -32.38
C GLU I 93 1.67 -95.64 -31.65
N LYS I 94 0.85 -95.60 -30.60
CA LYS I 94 0.45 -96.84 -29.92
C LYS I 94 -0.36 -97.73 -30.84
N ALA I 95 -1.30 -97.15 -31.58
CA ALA I 95 -2.10 -97.95 -32.51
C ALA I 95 -1.22 -98.52 -33.62
N LEU I 96 -0.27 -97.73 -34.12
CA LEU I 96 0.59 -98.21 -35.18
C LEU I 96 1.51 -99.33 -34.69
N ALA I 97 1.93 -99.28 -33.42
CA ALA I 97 2.70 -100.39 -32.87
C ALA I 97 1.85 -101.63 -32.66
N ALA I 98 0.59 -101.43 -32.22
CA ALA I 98 -0.30 -102.57 -32.01
C ALA I 98 -0.69 -103.23 -33.32
N SER I 99 -0.67 -102.48 -34.43
CA SER I 99 -1.03 -103.04 -35.74
C SER I 99 -0.09 -104.15 -36.20
N ASP I 100 1.16 -104.15 -35.72
CA ASP I 100 2.12 -105.16 -36.15
C ASP I 100 1.67 -106.55 -35.69
N THR I 101 1.76 -107.51 -36.60
CA THR I 101 1.29 -108.87 -36.37
C THR I 101 2.29 -109.73 -35.59
N SER I 102 3.56 -109.37 -35.57
CA SER I 102 4.58 -110.17 -34.89
C SER I 102 4.45 -110.14 -33.38
N LEU I 103 3.75 -109.14 -32.83
CA LEU I 103 3.63 -109.01 -31.39
C LEU I 103 2.87 -110.17 -30.76
N ASN I 104 3.32 -110.57 -29.57
CA ASN I 104 2.58 -111.51 -28.74
C ASN I 104 1.38 -110.80 -28.09
N THR I 105 0.42 -111.60 -27.64
CA THR I 105 -0.84 -111.06 -27.13
C THR I 105 -0.62 -110.18 -25.90
N ALA I 106 0.44 -110.41 -25.13
CA ALA I 106 0.68 -109.60 -23.94
C ALA I 106 1.04 -108.16 -24.32
N SER I 107 1.95 -107.99 -25.28
CA SER I 107 2.29 -106.64 -25.71
C SER I 107 1.11 -105.95 -26.37
N PHE I 108 0.28 -106.71 -27.09
CA PHE I 108 -0.91 -106.12 -27.68
C PHE I 108 -1.89 -105.64 -26.62
N ASN I 109 -2.09 -106.43 -25.57
CA ASN I 109 -2.96 -106.00 -24.49
C ASN I 109 -2.38 -104.80 -23.75
N ALA I 110 -1.06 -104.72 -23.65
CA ALA I 110 -0.44 -103.58 -22.98
C ALA I 110 -0.64 -102.30 -23.79
N LEU I 111 -0.39 -102.36 -25.10
CA LEU I 111 -0.63 -101.19 -25.93
C LEU I 111 -2.10 -100.82 -25.99
N LYS I 112 -3.00 -101.81 -25.92
CA LYS I 112 -4.42 -101.50 -25.89
C LYS I 112 -4.81 -100.77 -24.62
N ALA I 113 -4.29 -101.23 -23.47
CA ALA I 113 -4.57 -100.53 -22.22
C ALA I 113 -3.97 -99.13 -22.22
N ASP I 114 -2.80 -98.96 -22.84
CA ASP I 114 -2.21 -97.63 -22.94
C ASP I 114 -3.06 -96.72 -23.81
N PHE I 115 -3.59 -97.25 -24.92
CA PHE I 115 -4.45 -96.46 -25.79
C PHE I 115 -5.74 -96.07 -25.08
N GLU I 116 -6.29 -96.98 -24.28
CA GLU I 116 -7.52 -96.66 -23.55
C GLU I 116 -7.27 -95.60 -22.49
N SER I 117 -6.15 -95.71 -21.77
CA SER I 117 -5.83 -94.71 -20.76
C SER I 117 -5.58 -93.35 -21.39
N LEU I 118 -4.89 -93.32 -22.54
CA LEU I 118 -4.66 -92.05 -23.22
C LEU I 118 -5.96 -91.47 -23.76
N ARG I 119 -6.91 -92.31 -24.17
CA ARG I 119 -8.19 -91.80 -24.62
C ARG I 119 -8.96 -91.15 -23.46
N ASP I 120 -8.94 -91.80 -22.29
CA ASP I 120 -9.59 -91.21 -21.12
C ASP I 120 -8.90 -89.91 -20.72
N GLN I 121 -7.57 -89.87 -20.84
CA GLN I 121 -6.84 -88.64 -20.53
C GLN I 121 -7.21 -87.52 -21.49
N LEU I 122 -7.39 -87.86 -22.77
CA LEU I 122 -7.80 -86.85 -23.74
C LEU I 122 -9.19 -86.35 -23.46
N GLN I 123 -10.10 -87.24 -23.04
CA GLN I 123 -11.45 -86.81 -22.71
C GLN I 123 -11.44 -85.87 -21.51
N LYS I 124 -10.63 -86.17 -20.49
CA LYS I 124 -10.62 -85.31 -19.32
C LYS I 124 -9.95 -83.98 -19.63
N ALA I 125 -8.90 -83.98 -20.47
CA ALA I 125 -8.27 -82.73 -20.86
C ALA I 125 -9.20 -81.89 -21.73
N ALA I 126 -10.08 -82.52 -22.49
CA ALA I 126 -11.06 -81.77 -23.26
C ALA I 126 -12.13 -81.17 -22.35
N THR I 127 -12.61 -81.96 -21.38
CA THR I 127 -13.67 -81.45 -20.51
C THR I 127 -13.17 -80.42 -19.51
N ASN I 128 -11.86 -80.37 -19.25
CA ASN I 128 -11.32 -79.35 -18.35
C ASN I 128 -11.06 -78.02 -19.05
N ALA I 129 -11.20 -77.96 -20.38
CA ALA I 129 -10.81 -76.78 -21.15
C ALA I 129 -11.89 -75.70 -21.10
N LYS I 130 -11.98 -75.03 -19.96
CA LYS I 130 -12.94 -73.95 -19.78
C LYS I 130 -12.34 -72.86 -18.91
N PHE I 131 -12.86 -71.64 -19.11
CA PHE I 131 -12.34 -70.43 -18.48
C PHE I 131 -13.52 -69.68 -17.90
N ASN I 132 -13.59 -69.62 -16.57
CA ASN I 132 -14.73 -68.99 -15.87
C ASN I 132 -16.06 -69.63 -16.24
N GLY I 133 -16.05 -70.94 -16.45
CA GLY I 133 -17.26 -71.68 -16.74
C GLY I 133 -17.72 -71.64 -18.18
N VAL I 134 -16.99 -70.99 -19.07
CA VAL I 134 -17.32 -70.98 -20.49
C VAL I 134 -16.10 -71.47 -21.26
N SER I 135 -16.36 -72.01 -22.45
CA SER I 135 -15.33 -72.73 -23.18
C SER I 135 -15.63 -72.72 -24.67
N LEU I 136 -14.55 -72.75 -25.45
CA LEU I 136 -14.65 -72.89 -26.90
C LEU I 136 -14.22 -74.27 -27.37
N ALA I 137 -13.84 -75.17 -26.46
CA ALA I 137 -13.38 -76.50 -26.81
C ALA I 137 -14.28 -77.62 -26.31
N ASP I 138 -15.04 -77.41 -25.24
CA ASP I 138 -15.89 -78.46 -24.69
C ASP I 138 -17.09 -78.77 -25.58
N GLY I 139 -17.42 -77.90 -26.53
CA GLY I 139 -18.55 -78.13 -27.40
C GLY I 139 -19.91 -77.77 -26.83
N SER I 140 -19.95 -77.03 -25.73
CA SER I 140 -21.23 -76.62 -25.15
C SER I 140 -21.96 -75.64 -26.05
N THR I 141 -21.84 -74.34 -25.78
CA THR I 141 -22.50 -73.32 -26.59
C THR I 141 -21.92 -73.31 -28.00
N THR I 142 -22.79 -73.07 -28.98
CA THR I 142 -22.37 -73.13 -30.38
C THR I 142 -21.38 -72.04 -30.74
N LYS I 143 -21.46 -70.88 -30.08
CA LYS I 143 -20.56 -69.77 -30.39
C LYS I 143 -20.60 -68.74 -29.27
N LEU I 144 -19.51 -68.00 -29.13
CA LEU I 144 -19.43 -66.88 -28.20
C LEU I 144 -19.52 -65.58 -29.00
N SER I 145 -20.27 -64.62 -28.47
CA SER I 145 -20.54 -63.35 -29.15
C SER I 145 -19.93 -62.22 -28.35
N PHE I 146 -18.79 -61.70 -28.80
CA PHE I 146 -18.09 -60.64 -28.10
C PHE I 146 -18.45 -59.27 -28.65
N LEU I 147 -18.34 -58.26 -27.79
CA LEU I 147 -18.69 -56.90 -28.13
C LEU I 147 -17.75 -56.34 -29.19
N ALA I 148 -18.28 -55.44 -30.03
CA ALA I 148 -17.45 -54.88 -31.09
C ALA I 148 -17.77 -53.41 -31.42
N ASN I 149 -18.71 -52.77 -30.75
CA ASN I 149 -19.07 -51.41 -31.10
C ASN I 149 -19.83 -50.76 -29.94
N GLU I 150 -19.99 -49.43 -30.04
CA GLU I 150 -20.86 -48.70 -29.12
C GLU I 150 -22.30 -49.17 -29.22
N ASP I 151 -22.71 -49.61 -30.40
CA ASP I 151 -24.08 -50.03 -30.68
C ASP I 151 -24.37 -51.45 -30.22
N GLY I 152 -23.36 -52.15 -29.70
CA GLY I 152 -23.53 -53.51 -29.25
C GLY I 152 -23.37 -54.58 -30.30
N SER I 153 -22.78 -54.25 -31.45
CA SER I 153 -22.56 -55.25 -32.49
C SER I 153 -21.63 -56.34 -31.99
N ASN I 154 -21.96 -57.59 -32.31
CA ASN I 154 -21.25 -58.75 -31.82
C ASN I 154 -20.04 -59.08 -32.70
N PHE I 155 -19.03 -59.67 -32.06
CA PHE I 155 -17.84 -60.23 -32.71
C PHE I 155 -17.98 -61.75 -32.61
N THR I 156 -18.57 -62.37 -33.62
CA THR I 156 -18.86 -63.79 -33.57
C THR I 156 -17.57 -64.60 -33.53
N VAL I 157 -17.57 -65.65 -32.71
CA VAL I 157 -16.49 -66.63 -32.65
C VAL I 157 -17.11 -68.01 -32.47
N THR I 158 -17.23 -68.76 -33.56
CA THR I 158 -17.86 -70.08 -33.49
C THR I 158 -17.05 -71.03 -32.62
N ALA I 159 -17.74 -71.85 -31.85
CA ALA I 159 -17.07 -72.82 -30.99
C ALA I 159 -16.36 -73.87 -31.82
N GLN I 160 -15.23 -74.35 -31.30
CA GLN I 160 -14.40 -75.36 -31.96
C GLN I 160 -14.28 -76.54 -31.01
N THR I 161 -15.24 -77.47 -31.11
CA THR I 161 -15.28 -78.60 -30.19
C THR I 161 -14.01 -79.44 -30.29
N LEU I 162 -13.48 -79.82 -29.13
CA LEU I 162 -12.32 -80.69 -29.07
C LEU I 162 -12.52 -81.94 -28.23
N SER I 163 -13.73 -82.20 -27.73
CA SER I 163 -14.03 -83.44 -27.03
C SER I 163 -14.02 -84.60 -28.01
N LEU I 164 -13.82 -85.81 -27.47
CA LEU I 164 -13.64 -86.97 -28.34
C LEU I 164 -14.80 -87.13 -29.32
N THR I 165 -16.03 -86.89 -28.85
CA THR I 165 -17.18 -86.96 -29.75
C THR I 165 -17.14 -85.86 -30.79
N GLY I 166 -16.49 -84.73 -30.49
CA GLY I 166 -16.36 -83.65 -31.46
C GLY I 166 -15.25 -83.84 -32.48
N ILE I 167 -14.34 -84.77 -32.25
CA ILE I 167 -13.29 -85.10 -33.20
C ILE I 167 -13.56 -86.43 -33.92
N GLY I 168 -14.73 -87.01 -33.72
CA GLY I 168 -15.12 -88.24 -34.39
C GLY I 168 -14.95 -89.49 -33.57
N LEU I 169 -14.12 -89.47 -32.54
CA LEU I 169 -13.94 -90.60 -31.64
C LEU I 169 -15.10 -90.70 -30.66
N THR I 170 -15.31 -91.91 -30.15
CA THR I 170 -16.25 -92.15 -29.06
C THR I 170 -15.47 -92.41 -27.77
N ALA I 171 -16.17 -92.27 -26.65
CA ALA I 171 -15.58 -92.65 -25.37
C ALA I 171 -15.31 -94.15 -25.30
N THR I 172 -16.07 -94.95 -26.04
CA THR I 172 -15.87 -96.38 -26.13
C THR I 172 -14.87 -96.79 -27.20
N SER I 173 -14.32 -95.83 -27.95
CA SER I 173 -13.43 -96.16 -29.06
C SER I 173 -12.18 -96.87 -28.58
N THR I 174 -11.75 -97.88 -29.34
CA THR I 174 -10.57 -98.68 -29.07
C THR I 174 -10.31 -99.61 -30.24
N PHE I 175 -9.47 -100.62 -30.05
CA PHE I 175 -9.21 -101.61 -31.09
C PHE I 175 -9.09 -102.98 -30.44
N THR I 176 -9.47 -104.01 -31.21
CA THR I 176 -9.50 -105.38 -30.70
C THR I 176 -8.44 -106.29 -31.30
N ASP I 177 -8.12 -106.17 -32.58
CA ASP I 177 -7.04 -106.94 -33.18
C ASP I 177 -6.27 -106.05 -34.16
N ALA I 178 -5.34 -106.66 -34.89
CA ALA I 178 -4.40 -105.89 -35.69
C ALA I 178 -5.10 -105.10 -36.79
N ALA I 179 -6.18 -105.65 -37.36
CA ALA I 179 -6.91 -104.91 -38.39
C ALA I 179 -7.64 -103.72 -37.78
N THR I 180 -8.20 -103.89 -36.58
CA THR I 180 -8.84 -102.77 -35.92
C THR I 180 -7.83 -101.69 -35.56
N ALA I 181 -6.61 -102.08 -35.20
CA ALA I 181 -5.57 -101.08 -34.96
C ALA I 181 -5.16 -100.39 -36.26
N LYS I 182 -5.15 -101.13 -37.37
CA LYS I 182 -4.76 -100.54 -38.64
C LYS I 182 -5.78 -99.49 -39.09
N THR I 183 -7.07 -99.77 -38.88
CA THR I 183 -8.08 -98.73 -39.10
C THR I 183 -7.98 -97.62 -38.07
N MET I 184 -7.58 -97.96 -36.84
CA MET I 184 -7.46 -96.96 -35.79
C MET I 184 -6.39 -95.95 -36.11
N ILE I 185 -5.35 -96.36 -36.85
CA ILE I 185 -4.32 -95.43 -37.28
C ILE I 185 -4.93 -94.31 -38.12
N ALA I 186 -5.72 -94.68 -39.14
CA ALA I 186 -6.33 -93.67 -39.99
C ALA I 186 -7.33 -92.83 -39.22
N THR I 187 -8.05 -93.44 -38.27
CA THR I 187 -9.02 -92.66 -37.50
C THR I 187 -8.32 -91.61 -36.63
N ILE I 188 -7.26 -92.02 -35.93
CA ILE I 188 -6.50 -91.07 -35.12
C ILE I 188 -5.84 -90.01 -36.00
N THR I 189 -5.45 -90.38 -37.22
CA THR I 189 -4.86 -89.39 -38.12
C THR I 189 -5.87 -88.32 -38.51
N THR I 190 -7.08 -88.75 -38.89
CA THR I 190 -8.11 -87.77 -39.25
C THR I 190 -8.50 -86.93 -38.04
N SER I 191 -8.50 -87.53 -36.85
CA SER I 191 -8.84 -86.78 -35.64
C SER I 191 -7.77 -85.74 -35.32
N LEU I 192 -6.49 -86.11 -35.47
CA LEU I 192 -5.43 -85.13 -35.24
C LEU I 192 -5.48 -84.02 -36.27
N GLN I 193 -5.84 -84.36 -37.52
CA GLN I 193 -5.92 -83.33 -38.55
C GLN I 193 -7.03 -82.33 -38.24
N THR I 194 -8.22 -82.81 -37.91
CA THR I 194 -9.30 -81.89 -37.57
C THR I 194 -9.00 -81.11 -36.30
N ALA I 195 -8.26 -81.70 -35.35
CA ALA I 195 -7.93 -80.96 -34.13
C ALA I 195 -6.96 -79.82 -34.43
N THR I 196 -5.95 -80.07 -35.27
CA THR I 196 -5.03 -78.99 -35.64
C THR I 196 -5.74 -77.91 -36.44
N ASN I 197 -6.70 -78.29 -37.28
CA ASN I 197 -7.44 -77.27 -38.01
C ASN I 197 -8.27 -76.40 -37.08
N LYS I 198 -8.94 -77.03 -36.11
CA LYS I 198 -9.73 -76.26 -35.15
C LYS I 198 -8.85 -75.36 -34.29
N LEU I 199 -7.67 -75.85 -33.91
CA LEU I 199 -6.76 -75.02 -33.13
C LEU I 199 -6.24 -73.84 -33.94
N SER I 200 -5.98 -74.05 -35.23
CA SER I 200 -5.54 -72.95 -36.08
C SER I 200 -6.63 -71.90 -36.24
N SER I 201 -7.89 -72.35 -36.35
CA SER I 201 -8.98 -71.39 -36.43
C SER I 201 -9.14 -70.62 -35.13
N LEU I 202 -8.95 -71.28 -33.99
CA LEU I 202 -9.01 -70.57 -32.71
C LEU I 202 -7.88 -69.55 -32.60
N GLY I 203 -6.69 -69.89 -33.08
CA GLY I 203 -5.59 -68.95 -33.01
C GLY I 203 -5.79 -67.76 -33.94
N THR I 204 -6.36 -68.01 -35.11
CA THR I 204 -6.69 -66.90 -36.00
C THR I 204 -7.74 -65.99 -35.37
N SER I 205 -8.73 -66.58 -34.69
CA SER I 205 -9.74 -65.76 -34.02
C SER I 205 -9.12 -64.93 -32.90
N SER I 206 -8.14 -65.48 -32.20
CA SER I 206 -7.49 -64.72 -31.14
C SER I 206 -6.67 -63.57 -31.71
N VAL I 207 -5.96 -63.82 -32.82
CA VAL I 207 -5.19 -62.75 -33.45
C VAL I 207 -6.13 -61.66 -33.95
N GLY I 208 -7.31 -62.04 -34.43
CA GLY I 208 -8.27 -61.03 -34.89
C GLY I 208 -8.87 -60.25 -33.74
N LEU I 209 -9.09 -60.91 -32.59
CA LEU I 209 -9.55 -60.17 -31.42
C LEU I 209 -8.48 -59.18 -30.96
N ASP I 210 -7.21 -59.54 -31.09
CA ASP I 210 -6.15 -58.60 -30.72
C ASP I 210 -6.09 -57.41 -31.68
N THR I 211 -6.24 -57.69 -32.98
CA THR I 211 -6.23 -56.60 -33.96
C THR I 211 -7.41 -55.66 -33.75
N HIS I 212 -8.60 -56.22 -33.53
CA HIS I 212 -9.75 -55.37 -33.27
C HIS I 212 -9.63 -54.65 -31.94
N LEU I 213 -8.93 -55.24 -30.95
CA LEU I 213 -8.71 -54.52 -29.71
C LEU I 213 -7.83 -53.29 -29.93
N THR I 214 -6.77 -53.44 -30.74
CA THR I 214 -5.95 -52.27 -31.08
C THR I 214 -6.76 -51.24 -31.84
N PHE I 215 -7.64 -51.70 -32.73
CA PHE I 215 -8.48 -50.79 -33.50
C PHE I 215 -9.43 -50.03 -32.60
N VAL I 216 -10.05 -50.72 -31.65
CA VAL I 216 -10.98 -50.06 -30.72
C VAL I 216 -10.23 -49.11 -29.79
N GLY I 217 -8.98 -49.42 -29.46
CA GLY I 217 -8.21 -48.48 -28.65
C GLY I 217 -7.92 -47.19 -29.41
N LYS I 218 -7.56 -47.33 -30.69
CA LYS I 218 -7.40 -46.13 -31.50
C LYS I 218 -8.72 -45.40 -31.70
N LEU I 219 -9.82 -46.14 -31.77
CA LEU I 219 -11.13 -45.51 -31.88
C LEU I 219 -11.45 -44.67 -30.65
N GLN I 220 -11.23 -45.22 -29.46
CA GLN I 220 -11.53 -44.45 -28.26
C GLN I 220 -10.60 -43.25 -28.13
N ASP I 221 -9.32 -43.40 -28.52
CA ASP I 221 -8.43 -42.26 -28.46
C ASP I 221 -8.86 -41.17 -29.44
N SER I 222 -9.37 -41.58 -30.62
CA SER I 222 -9.82 -40.61 -31.59
C SER I 222 -11.09 -39.90 -31.13
N LEU I 223 -12.02 -40.64 -30.51
CA LEU I 223 -13.22 -40.00 -29.97
C LEU I 223 -12.89 -39.05 -28.83
N ASP I 224 -11.90 -39.39 -28.01
CA ASP I 224 -11.49 -38.44 -26.97
C ASP I 224 -10.85 -37.20 -27.58
N ALA I 225 -10.05 -37.36 -28.63
CA ALA I 225 -9.48 -36.19 -29.29
C ALA I 225 -10.56 -35.34 -29.93
N GLY I 226 -11.60 -35.96 -30.47
CA GLY I 226 -12.66 -35.20 -31.10
C GLY I 226 -13.54 -34.47 -30.10
N VAL I 227 -13.88 -35.14 -28.99
CA VAL I 227 -14.66 -34.44 -27.98
C VAL I 227 -13.84 -33.32 -27.35
N GLY I 228 -12.51 -33.51 -27.24
CA GLY I 228 -11.70 -32.43 -26.71
C GLY I 228 -11.62 -31.26 -27.66
N ASN I 229 -11.50 -31.53 -28.97
CA ASN I 229 -11.52 -30.44 -29.94
C ASN I 229 -12.87 -29.72 -29.91
N LEU I 230 -13.94 -30.46 -29.63
CA LEU I 230 -15.25 -29.83 -29.46
C LEU I 230 -15.33 -29.02 -28.17
N VAL I 231 -14.55 -29.36 -27.14
CA VAL I 231 -14.78 -28.75 -25.84
C VAL I 231 -13.55 -27.99 -25.31
N ASP I 232 -12.35 -28.48 -25.60
CA ASP I 232 -11.16 -27.93 -24.92
C ASP I 232 -11.00 -26.47 -25.28
N ALA I 233 -10.75 -25.64 -24.26
CA ALA I 233 -10.68 -24.21 -24.45
C ALA I 233 -9.35 -23.79 -25.07
N ASP I 234 -9.39 -22.66 -25.79
CA ASP I 234 -8.17 -22.02 -26.28
C ASP I 234 -7.57 -21.25 -25.11
N LEU I 235 -6.94 -22.00 -24.20
CA LEU I 235 -6.53 -21.42 -22.92
C LEU I 235 -5.49 -20.31 -23.11
N ALA I 236 -4.65 -20.43 -24.14
CA ALA I 236 -3.68 -19.36 -24.40
C ALA I 236 -4.40 -18.08 -24.80
N LYS I 237 -5.51 -18.18 -25.54
CA LYS I 237 -6.35 -17.01 -25.76
C LYS I 237 -7.04 -16.56 -24.48
N GLU I 238 -7.40 -17.52 -23.62
CA GLU I 238 -8.12 -17.18 -22.40
C GLU I 238 -7.25 -16.38 -21.45
N SER I 239 -5.93 -16.60 -21.46
CA SER I 239 -5.05 -15.83 -20.58
C SER I 239 -5.04 -14.36 -20.99
N ALA I 240 -4.95 -14.08 -22.28
CA ALA I 240 -5.01 -12.70 -22.76
C ALA I 240 -6.39 -12.09 -22.51
N LYS I 241 -7.44 -12.88 -22.69
CA LYS I 241 -8.79 -12.35 -22.45
C LYS I 241 -8.99 -12.03 -20.98
N LEU I 242 -8.41 -12.82 -20.09
CA LEU I 242 -8.47 -12.53 -18.65
C LEU I 242 -7.70 -11.26 -18.34
N GLN I 243 -6.47 -11.16 -18.86
CA GLN I 243 -5.63 -10.02 -18.55
C GLN I 243 -6.23 -8.73 -19.08
N SER I 244 -7.00 -8.80 -20.16
CA SER I 244 -7.68 -7.62 -20.65
C SER I 244 -8.95 -7.33 -19.86
N LEU I 245 -9.71 -8.38 -19.52
CA LEU I 245 -11.00 -8.17 -18.86
C LEU I 245 -10.83 -7.61 -17.46
N GLN I 246 -9.76 -7.98 -16.75
CA GLN I 246 -9.57 -7.36 -15.43
C GLN I 246 -9.29 -5.87 -15.54
N THR I 247 -8.51 -5.47 -16.56
CA THR I 247 -8.26 -4.06 -16.79
C THR I 247 -9.54 -3.33 -17.16
N LYS I 248 -10.37 -3.97 -17.99
CA LYS I 248 -11.61 -3.33 -18.40
C LYS I 248 -12.56 -3.20 -17.22
N GLN I 249 -12.54 -4.17 -16.30
CA GLN I 249 -13.37 -4.08 -15.10
C GLN I 249 -12.92 -2.94 -14.21
N GLN I 250 -11.60 -2.80 -14.01
CA GLN I 250 -11.12 -1.70 -13.18
C GLN I 250 -11.42 -0.34 -13.81
N LEU I 251 -11.30 -0.25 -15.14
CA LEU I 251 -11.64 1.01 -15.81
C LEU I 251 -13.12 1.31 -15.71
N GLY I 252 -13.97 0.28 -15.76
CA GLY I 252 -15.40 0.52 -15.62
C GLY I 252 -15.77 0.94 -14.22
N VAL I 253 -15.10 0.36 -13.21
CA VAL I 253 -15.35 0.77 -11.84
C VAL I 253 -14.95 2.22 -11.62
N GLN I 254 -13.77 2.60 -12.11
CA GLN I 254 -13.35 4.00 -11.96
C GLN I 254 -14.26 4.95 -12.75
N ALA I 255 -14.74 4.52 -13.92
CA ALA I 255 -15.64 5.36 -14.69
C ALA I 255 -16.96 5.56 -13.96
N LEU I 256 -17.46 4.51 -13.29
CA LEU I 256 -18.68 4.66 -12.50
C LEU I 256 -18.43 5.59 -11.31
N SER I 257 -17.26 5.49 -10.70
CA SER I 257 -16.96 6.37 -9.57
C SER I 257 -16.91 7.83 -10.00
N ILE I 258 -16.45 8.07 -11.24
CA ILE I 258 -16.48 9.44 -11.76
C ILE I 258 -17.90 9.85 -12.10
N ALA I 259 -18.71 8.93 -12.64
CA ALA I 259 -20.07 9.26 -13.04
C ALA I 259 -20.92 9.64 -11.84
N ASN I 260 -20.63 9.05 -10.68
CA ASN I 260 -21.44 9.36 -9.50
C ASN I 260 -21.30 10.82 -9.08
N GLN I 261 -20.15 11.43 -9.37
CA GLN I 261 -19.85 12.77 -8.85
C GLN I 261 -20.40 13.90 -9.70
N THR I 262 -20.87 13.63 -10.92
CA THR I 262 -21.24 14.72 -11.83
C THR I 262 -22.32 15.66 -11.28
N PRO I 263 -23.45 15.19 -10.75
CA PRO I 263 -24.48 16.13 -10.30
C PRO I 263 -24.26 16.72 -8.92
N GLN I 264 -23.21 16.29 -8.21
CA GLN I 264 -22.94 16.78 -6.86
C GLN I 264 -22.44 18.22 -6.86
N THR I 265 -22.01 18.74 -8.01
CA THR I 265 -21.49 20.11 -8.07
C THR I 265 -22.59 21.15 -7.92
N ILE I 266 -23.86 20.73 -8.01
CA ILE I 266 -24.98 21.66 -7.93
C ILE I 266 -24.99 22.41 -6.60
N LEU I 267 -24.52 21.76 -5.53
CA LEU I 267 -24.49 22.41 -4.23
C LEU I 267 -23.56 23.62 -4.23
N SER I 268 -22.52 23.61 -5.06
CA SER I 268 -21.60 24.74 -5.13
C SER I 268 -22.29 26.00 -5.64
N LEU I 269 -23.34 25.82 -6.44
CA LEU I 269 -24.13 26.96 -6.92
C LEU I 269 -24.84 27.70 -5.80
N PHE I 270 -25.11 27.05 -4.69
CA PHE I 270 -25.86 27.66 -3.60
C PHE I 270 -24.94 27.99 -2.42
N LEU J 1 -56.35 60.89 -4.51
CA LEU J 1 -54.89 60.77 -4.45
C LEU J 1 -54.36 61.31 -3.13
N ASN J 2 -54.96 62.40 -2.65
CA ASN J 2 -54.55 63.06 -1.41
C ASN J 2 -55.58 62.79 -0.32
N SER J 3 -55.56 61.56 0.21
CA SER J 3 -56.52 61.16 1.22
C SER J 3 -55.88 60.18 2.19
N ILE J 4 -56.37 60.20 3.42
CA ILE J 4 -55.82 59.39 4.51
C ILE J 4 -56.57 58.06 4.60
N ASN J 5 -57.85 58.06 4.21
CA ASN J 5 -58.68 56.87 4.40
C ASN J 5 -58.17 55.68 3.60
N THR J 6 -57.49 55.91 2.47
CA THR J 6 -56.94 54.82 1.68
C THR J 6 -55.90 55.39 0.73
N ASN J 7 -54.98 54.51 0.30
CA ASN J 7 -53.95 54.88 -0.68
C ASN J 7 -53.76 53.73 -1.65
N PRO J 8 -54.31 53.84 -2.87
CA PRO J 8 -54.26 52.72 -3.81
C PRO J 8 -52.85 52.24 -4.15
N GLY J 9 -51.87 53.14 -4.18
CA GLY J 9 -50.53 52.75 -4.56
C GLY J 9 -49.90 51.77 -3.58
N ALA J 10 -50.16 51.95 -2.29
CA ALA J 10 -49.65 50.99 -1.31
C ALA J 10 -50.28 49.61 -1.52
N LEU J 11 -51.56 49.58 -1.89
CA LEU J 11 -52.21 48.31 -2.17
C LEU J 11 -51.61 47.66 -3.41
N LEU J 12 -51.26 48.47 -4.42
CA LEU J 12 -50.66 47.90 -5.62
C LEU J 12 -49.27 47.34 -5.34
N ALA J 13 -48.47 48.08 -4.56
CA ALA J 13 -47.17 47.57 -4.17
C ALA J 13 -47.31 46.30 -3.33
N LEU J 14 -48.35 46.23 -2.51
CA LEU J 14 -48.60 45.03 -1.71
C LEU J 14 -48.95 43.85 -2.60
N GLN J 15 -49.74 44.07 -3.65
CA GLN J 15 -50.08 42.99 -4.56
C GLN J 15 -48.84 42.49 -5.31
N ASN J 16 -47.98 43.41 -5.74
CA ASN J 16 -46.75 43.01 -6.39
C ASN J 16 -45.83 42.25 -5.44
N LEU J 17 -45.78 42.66 -4.17
CA LEU J 17 -44.96 41.95 -3.20
C LEU J 17 -45.51 40.55 -2.93
N ASN J 18 -46.84 40.40 -2.87
CA ASN J 18 -47.42 39.08 -2.68
C ASN J 18 -47.16 38.20 -3.89
N SER J 19 -47.16 38.78 -5.09
CA SER J 19 -46.85 38.00 -6.28
C SER J 19 -45.40 37.54 -6.27
N THR J 20 -44.49 38.42 -5.85
CA THR J 20 -43.10 38.01 -5.74
C THR J 20 -42.92 36.94 -4.67
N ASN J 21 -43.68 37.03 -3.58
CA ASN J 21 -43.60 36.02 -2.54
C ASN J 21 -44.12 34.67 -3.02
N THR J 22 -45.18 34.68 -3.82
CA THR J 22 -45.69 33.42 -4.37
C THR J 22 -44.69 32.81 -5.36
N GLU J 23 -44.05 33.64 -6.17
CA GLU J 23 -43.05 33.11 -7.10
C GLU J 23 -41.85 32.55 -6.35
N LEU J 24 -41.44 33.21 -5.26
CA LEU J 24 -40.34 32.70 -4.47
C LEU J 24 -40.71 31.40 -3.78
N ALA J 25 -41.95 31.28 -3.29
CA ALA J 25 -42.38 30.03 -2.67
C ALA J 25 -42.44 28.91 -3.70
N ALA J 26 -42.81 29.23 -4.94
CA ALA J 26 -42.87 28.19 -5.96
C ALA J 26 -41.47 27.70 -6.32
N THR J 27 -40.54 28.62 -6.55
CA THR J 27 -39.16 28.21 -6.82
C THR J 27 -38.57 27.49 -5.62
N GLN J 28 -38.99 27.88 -4.41
CA GLN J 28 -38.47 27.26 -3.20
C GLN J 28 -38.94 25.82 -3.05
N GLY J 29 -40.21 25.58 -3.35
CA GLY J 29 -40.70 24.21 -3.34
C GLY J 29 -40.03 23.37 -4.42
N ARG J 30 -39.75 23.99 -5.57
CA ARG J 30 -39.02 23.29 -6.62
C ARG J 30 -37.61 22.93 -6.18
N ILE J 31 -36.98 23.79 -5.37
CA ILE J 31 -35.64 23.50 -4.87
C ILE J 31 -35.68 22.42 -3.80
N ASN J 32 -36.69 22.43 -2.93
CA ASN J 32 -36.87 21.34 -1.96
C ASN J 32 -37.11 20.00 -2.61
N THR J 33 -38.26 19.82 -3.26
CA THR J 33 -38.60 18.53 -3.84
C THR J 33 -37.68 18.14 -4.98
N GLY J 34 -37.02 19.10 -5.61
CA GLY J 34 -36.21 18.78 -6.77
C GLY J 34 -37.03 18.41 -7.99
N LYS J 35 -38.24 18.95 -8.11
CA LYS J 35 -39.12 18.58 -9.21
C LYS J 35 -39.93 19.80 -9.61
N LYS J 36 -40.00 20.06 -10.92
CA LYS J 36 -40.81 21.16 -11.42
C LYS J 36 -42.30 20.89 -11.27
N VAL J 37 -42.68 19.61 -11.12
CA VAL J 37 -44.07 19.20 -10.98
C VAL J 37 -44.20 18.23 -9.81
N ALA J 38 -44.03 18.75 -8.59
CA ALA J 38 -43.95 17.89 -7.41
C ALA J 38 -45.25 17.14 -7.15
N ASN J 39 -46.38 17.71 -7.52
CA ASN J 39 -47.67 17.15 -7.16
C ASN J 39 -48.71 17.55 -8.19
N ALA J 40 -49.91 16.99 -8.04
CA ALA J 40 -50.98 17.25 -9.01
C ALA J 40 -51.33 18.73 -9.07
N LYS J 41 -51.12 19.47 -7.98
CA LYS J 41 -51.35 20.91 -8.01
C LYS J 41 -50.41 21.63 -8.97
N ASP J 42 -49.20 21.09 -9.18
CA ASP J 42 -48.25 21.76 -10.05
C ASP J 42 -48.69 21.69 -11.51
N ASN J 43 -49.08 20.49 -11.96
CA ASN J 43 -49.62 20.28 -13.30
C ASN J 43 -50.19 18.87 -13.36
N GLY J 44 -51.52 18.76 -13.38
CA GLY J 44 -52.15 17.49 -13.09
C GLY J 44 -51.91 16.43 -14.16
N ALA J 45 -51.90 16.84 -15.42
CA ALA J 45 -51.76 15.86 -16.50
C ALA J 45 -50.37 15.23 -16.51
N ILE J 46 -49.33 16.07 -16.47
CA ILE J 46 -47.97 15.56 -16.43
C ILE J 46 -47.74 14.78 -15.14
N TRP J 47 -48.39 15.17 -14.05
CA TRP J 47 -48.22 14.46 -12.79
C TRP J 47 -48.83 13.08 -12.86
N SER J 48 -50.02 12.95 -13.45
CA SER J 48 -50.63 11.64 -13.59
C SER J 48 -49.81 10.76 -14.52
N MET J 49 -49.28 11.35 -15.59
CA MET J 49 -48.42 10.57 -16.50
C MET J 49 -47.17 10.09 -15.78
N ALA J 50 -46.54 10.98 -15.01
CA ALA J 50 -45.31 10.61 -14.31
C ALA J 50 -45.58 9.58 -13.23
N LYS J 51 -46.72 9.67 -12.55
CA LYS J 51 -47.03 8.70 -11.50
C LYS J 51 -47.29 7.33 -12.11
N MET J 52 -48.00 7.29 -13.24
CA MET J 52 -48.24 6.01 -13.90
C MET J 52 -46.94 5.40 -14.41
N GLN J 53 -46.08 6.22 -15.02
CA GLN J 53 -44.79 5.70 -15.48
C GLN J 53 -43.90 5.30 -14.32
N SER J 54 -44.02 5.98 -13.18
CA SER J 54 -43.21 5.63 -12.03
C SER J 54 -43.64 4.28 -11.44
N ALA J 55 -44.94 4.04 -11.38
CA ALA J 55 -45.40 2.71 -10.98
C ALA J 55 -44.98 1.66 -11.99
N THR J 56 -45.00 2.02 -13.28
CA THR J 56 -44.57 1.09 -14.32
C THR J 56 -43.10 0.73 -14.20
N ALA J 57 -42.28 1.68 -13.74
CA ALA J 57 -40.87 1.40 -13.54
C ALA J 57 -40.63 0.62 -12.24
N SER J 58 -41.33 0.98 -11.16
CA SER J 58 -41.20 0.30 -9.89
C SER J 58 -41.67 -1.15 -9.92
N SER J 59 -42.60 -1.48 -10.81
CA SER J 59 -43.16 -2.83 -10.86
C SER J 59 -42.22 -3.85 -11.48
N LEU J 60 -41.16 -3.42 -12.15
CA LEU J 60 -40.29 -4.35 -12.87
C LEU J 60 -39.41 -5.20 -11.95
N ASN J 61 -39.28 -4.82 -10.67
CA ASN J 61 -38.48 -5.63 -9.76
C ASN J 61 -39.06 -7.02 -9.58
N SER J 62 -40.39 -7.13 -9.60
CA SER J 62 -41.01 -8.46 -9.51
C SER J 62 -40.72 -9.28 -10.76
N VAL J 63 -40.69 -8.64 -11.92
CA VAL J 63 -40.35 -9.36 -13.15
C VAL J 63 -38.91 -9.86 -13.08
N LYS J 64 -38.00 -9.02 -12.61
CA LYS J 64 -36.62 -9.44 -12.47
C LYS J 64 -36.49 -10.60 -11.50
N ASP J 65 -37.22 -10.53 -10.38
CA ASP J 65 -37.17 -11.59 -9.38
C ASP J 65 -37.70 -12.90 -9.94
N SER J 66 -38.78 -12.83 -10.72
CA SER J 66 -39.34 -14.05 -11.29
C SER J 66 -38.41 -14.65 -12.33
N LEU J 67 -37.76 -13.81 -13.14
CA LEU J 67 -36.85 -14.32 -14.15
C LEU J 67 -35.65 -15.01 -13.51
N GLN J 68 -35.05 -14.37 -12.50
CA GLN J 68 -33.92 -15.00 -11.83
C GLN J 68 -34.33 -16.22 -11.01
N ARG J 69 -35.56 -16.25 -10.48
CA ARG J 69 -36.06 -17.46 -9.83
C ARG J 69 -36.19 -18.59 -10.82
N GLY J 70 -36.57 -18.27 -12.06
CA GLY J 70 -36.61 -19.30 -13.08
C GLY J 70 -35.24 -19.78 -13.47
N GLN J 71 -34.26 -18.86 -13.51
CA GLN J 71 -32.90 -19.28 -13.77
C GLN J 71 -32.40 -20.20 -12.66
N SER J 72 -32.82 -19.95 -11.42
CA SER J 72 -32.41 -20.79 -10.31
C SER J 72 -33.02 -22.19 -10.42
N THR J 73 -34.30 -22.27 -10.76
CA THR J 73 -34.92 -23.59 -10.86
C THR J 73 -34.36 -24.38 -12.04
N ILE J 74 -34.05 -23.73 -13.16
CA ILE J 74 -33.41 -24.46 -14.26
C ILE J 74 -31.99 -24.86 -13.89
N ASP J 75 -31.32 -24.07 -13.04
CA ASP J 75 -30.01 -24.50 -12.57
C ASP J 75 -30.10 -25.75 -11.72
N VAL J 76 -31.12 -25.83 -10.86
CA VAL J 76 -31.33 -27.05 -10.08
C VAL J 76 -31.64 -28.22 -11.00
N ALA J 77 -32.43 -27.98 -12.05
CA ALA J 77 -32.79 -29.05 -12.97
C ALA J 77 -31.56 -29.57 -13.71
N LEU J 78 -30.67 -28.67 -14.13
CA LEU J 78 -29.43 -29.09 -14.77
C LEU J 78 -28.50 -29.81 -13.80
N ALA J 79 -28.48 -29.37 -12.54
CA ALA J 79 -27.63 -30.04 -11.55
C ALA J 79 -28.09 -31.46 -11.31
N ALA J 80 -29.40 -31.71 -11.40
CA ALA J 80 -29.87 -33.09 -11.32
C ALA J 80 -29.65 -33.84 -12.63
N GLY J 81 -29.72 -33.13 -13.75
CA GLY J 81 -29.57 -33.79 -15.03
C GLY J 81 -28.17 -34.27 -15.29
N ASP J 82 -27.17 -33.64 -14.68
CA ASP J 82 -25.81 -34.16 -14.77
C ASP J 82 -25.74 -35.57 -14.18
N THR J 83 -26.29 -35.75 -12.99
CA THR J 83 -26.32 -37.07 -12.36
C THR J 83 -27.15 -38.04 -13.19
N ILE J 84 -28.26 -37.56 -13.75
CA ILE J 84 -29.10 -38.46 -14.55
C ILE J 84 -28.34 -38.95 -15.78
N THR J 85 -27.55 -38.06 -16.40
CA THR J 85 -26.79 -38.45 -17.58
C THR J 85 -25.67 -39.41 -17.22
N ASP J 86 -24.98 -39.17 -16.10
CA ASP J 86 -23.93 -40.10 -15.70
C ASP J 86 -24.48 -41.48 -15.37
N LEU J 87 -25.64 -41.53 -14.69
CA LEU J 87 -26.25 -42.81 -14.40
C LEU J 87 -26.73 -43.50 -15.66
N LEU J 88 -27.24 -42.75 -16.64
CA LEU J 88 -27.64 -43.36 -17.90
C LEU J 88 -26.43 -43.94 -18.64
N THR J 89 -25.29 -43.26 -18.56
CA THR J 89 -24.08 -43.79 -19.19
C THR J 89 -23.62 -45.06 -18.50
N LYS J 90 -23.69 -45.10 -17.17
CA LYS J 90 -23.29 -46.31 -16.46
C LYS J 90 -24.24 -47.47 -16.75
N MET J 91 -25.54 -47.20 -16.82
CA MET J 91 -26.48 -48.26 -17.20
C MET J 91 -26.27 -48.74 -18.62
N LYS J 92 -25.90 -47.83 -19.53
CA LYS J 92 -25.60 -48.27 -20.89
C LYS J 92 -24.37 -49.17 -20.90
N GLU J 93 -23.35 -48.82 -20.12
CA GLU J 93 -22.17 -49.69 -20.03
C GLU J 93 -22.52 -51.03 -19.42
N LYS J 94 -23.42 -51.04 -18.44
CA LYS J 94 -23.81 -52.29 -17.79
C LYS J 94 -24.56 -53.20 -18.77
N ALA J 95 -25.54 -52.65 -19.49
CA ALA J 95 -26.28 -53.45 -20.46
C ALA J 95 -25.36 -53.91 -21.58
N LEU J 96 -24.45 -53.05 -22.03
CA LEU J 96 -23.57 -53.41 -23.13
C LEU J 96 -22.58 -54.48 -22.70
N ALA J 97 -22.22 -54.51 -21.41
CA ALA J 97 -21.33 -55.56 -20.92
C ALA J 97 -22.09 -56.86 -20.73
N ALA J 98 -23.33 -56.79 -20.24
CA ALA J 98 -24.12 -58.00 -20.05
C ALA J 98 -24.54 -58.62 -21.37
N SER J 99 -24.56 -57.85 -22.46
CA SER J 99 -24.96 -58.39 -23.75
C SER J 99 -24.02 -59.47 -24.25
N ASP J 100 -22.75 -59.43 -23.82
CA ASP J 100 -21.80 -60.45 -24.23
C ASP J 100 -22.25 -61.81 -23.70
N THR J 101 -22.24 -62.82 -24.57
CA THR J 101 -22.61 -64.18 -24.20
C THR J 101 -21.54 -64.87 -23.37
N SER J 102 -20.29 -64.42 -23.45
CA SER J 102 -19.19 -65.12 -22.77
C SER J 102 -19.33 -65.12 -21.26
N LEU J 103 -20.08 -64.17 -20.70
CA LEU J 103 -20.22 -64.09 -19.25
C LEU J 103 -20.90 -65.32 -18.67
N ASN J 104 -20.45 -65.72 -17.49
CA ASN J 104 -21.16 -66.73 -16.72
C ASN J 104 -22.34 -66.08 -15.98
N THR J 105 -23.18 -66.92 -15.40
CA THR J 105 -24.41 -66.44 -14.79
C THR J 105 -24.14 -65.45 -13.65
N ALA J 106 -23.03 -65.62 -12.92
CA ALA J 106 -22.76 -64.77 -11.77
C ALA J 106 -22.44 -63.34 -12.21
N SER J 107 -21.57 -63.19 -13.20
CA SER J 107 -21.23 -61.85 -13.67
C SER J 107 -22.42 -61.16 -14.29
N PHE J 108 -23.28 -61.92 -14.98
CA PHE J 108 -24.48 -61.35 -15.57
C PHE J 108 -25.44 -60.89 -14.49
N ASN J 109 -25.60 -61.69 -13.42
CA ASN J 109 -26.45 -61.27 -12.32
C ASN J 109 -25.88 -60.04 -11.60
N ALA J 110 -24.55 -59.93 -11.53
CA ALA J 110 -23.96 -58.76 -10.89
C ALA J 110 -24.19 -57.50 -11.72
N LEU J 111 -24.01 -57.59 -13.04
CA LEU J 111 -24.32 -56.45 -13.89
C LEU J 111 -25.80 -56.10 -13.85
N LYS J 112 -26.67 -57.11 -13.75
CA LYS J 112 -28.10 -56.86 -13.63
C LYS J 112 -28.41 -56.13 -12.33
N ALA J 113 -27.76 -56.52 -11.24
CA ALA J 113 -28.00 -55.86 -9.97
C ALA J 113 -27.53 -54.41 -9.99
N ASP J 114 -26.35 -54.16 -10.57
CA ASP J 114 -25.88 -52.79 -10.67
C ASP J 114 -26.78 -51.97 -11.59
N PHE J 115 -27.33 -52.60 -12.63
CA PHE J 115 -28.24 -51.88 -13.52
C PHE J 115 -29.51 -51.47 -12.80
N GLU J 116 -30.11 -52.38 -12.03
CA GLU J 116 -31.31 -52.01 -11.28
C GLU J 116 -31.00 -50.97 -10.22
N SER J 117 -29.82 -51.04 -9.60
CA SER J 117 -29.46 -50.08 -8.57
C SER J 117 -29.29 -48.69 -9.17
N LEU J 118 -28.62 -48.60 -10.32
CA LEU J 118 -28.48 -47.31 -11.00
C LEU J 118 -29.81 -46.79 -11.50
N ARG J 119 -30.73 -47.69 -11.86
CA ARG J 119 -32.07 -47.24 -12.25
C ARG J 119 -32.80 -46.61 -11.07
N ASP J 120 -32.74 -47.25 -9.90
CA ASP J 120 -33.36 -46.65 -8.72
C ASP J 120 -32.68 -45.34 -8.33
N GLN J 121 -31.36 -45.27 -8.48
CA GLN J 121 -30.66 -44.02 -8.18
C GLN J 121 -31.07 -42.92 -9.16
N LEU J 122 -31.33 -43.28 -10.41
CA LEU J 122 -31.81 -42.30 -11.38
C LEU J 122 -33.20 -41.81 -11.02
N GLN J 123 -34.07 -42.72 -10.57
CA GLN J 123 -35.41 -42.29 -10.16
C GLN J 123 -35.33 -41.37 -8.94
N LYS J 124 -34.40 -41.65 -8.03
CA LYS J 124 -34.27 -40.80 -6.85
C LYS J 124 -33.72 -39.43 -7.22
N ALA J 125 -32.70 -39.39 -8.11
CA ALA J 125 -32.17 -38.11 -8.54
C ALA J 125 -33.20 -37.31 -9.33
N ALA J 126 -34.10 -38.00 -10.02
CA ALA J 126 -35.17 -37.29 -10.74
C ALA J 126 -36.20 -36.72 -9.77
N THR J 127 -36.63 -37.51 -8.78
CA THR J 127 -37.65 -37.01 -7.86
C THR J 127 -37.11 -35.97 -6.90
N ASN J 128 -35.80 -35.93 -6.67
CA ASN J 128 -35.24 -34.95 -5.75
C ASN J 128 -35.01 -33.58 -6.37
N ALA J 129 -35.18 -33.45 -7.68
CA ALA J 129 -34.88 -32.20 -8.39
C ALA J 129 -36.06 -31.24 -8.30
N LYS J 130 -36.01 -30.37 -7.29
CA LYS J 130 -36.98 -29.30 -7.16
C LYS J 130 -36.38 -28.16 -6.35
N PHE J 131 -36.90 -26.96 -6.58
CA PHE J 131 -36.39 -25.73 -5.99
C PHE J 131 -37.55 -25.00 -5.32
N ASN J 132 -37.64 -25.13 -4.00
CA ASN J 132 -38.73 -24.53 -3.22
C ASN J 132 -40.10 -25.04 -3.69
N GLY J 133 -40.21 -26.35 -3.88
CA GLY J 133 -41.48 -26.98 -4.16
C GLY J 133 -41.93 -26.98 -5.59
N VAL J 134 -41.15 -26.43 -6.52
CA VAL J 134 -41.47 -26.45 -7.94
C VAL J 134 -40.30 -27.07 -8.68
N SER J 135 -40.61 -27.65 -9.84
CA SER J 135 -39.61 -28.43 -10.55
C SER J 135 -39.95 -28.49 -12.03
N LEU J 136 -38.89 -28.51 -12.85
CA LEU J 136 -39.02 -28.71 -14.29
C LEU J 136 -38.59 -30.10 -14.73
N ALA J 137 -38.05 -30.93 -13.82
CA ALA J 137 -37.52 -32.24 -14.18
C ALA J 137 -38.42 -33.40 -13.77
N ASP J 138 -39.11 -33.29 -12.64
CA ASP J 138 -39.93 -34.40 -12.17
C ASP J 138 -41.24 -34.54 -12.92
N GLY J 139 -41.62 -33.57 -13.74
CA GLY J 139 -42.86 -33.66 -14.48
C GLY J 139 -44.10 -33.34 -13.68
N SER J 140 -43.95 -32.72 -12.51
CA SER J 140 -45.10 -32.42 -11.66
C SER J 140 -46.06 -31.42 -12.31
N THR J 141 -45.54 -30.54 -13.17
CA THR J 141 -46.37 -29.57 -13.88
C THR J 141 -45.89 -29.43 -15.31
N THR J 142 -46.83 -29.20 -16.22
CA THR J 142 -46.48 -29.15 -17.64
C THR J 142 -45.60 -27.96 -17.96
N LYS J 143 -45.75 -26.84 -17.24
CA LYS J 143 -45.09 -25.62 -17.63
C LYS J 143 -45.12 -24.62 -16.48
N LEU J 144 -44.14 -23.72 -16.47
CA LEU J 144 -44.10 -22.60 -15.55
C LEU J 144 -44.18 -21.30 -16.33
N SER J 145 -44.88 -20.31 -15.78
CA SER J 145 -45.12 -19.03 -16.44
C SER J 145 -44.48 -17.92 -15.63
N PHE J 146 -43.36 -17.41 -16.13
CA PHE J 146 -42.62 -16.35 -15.46
C PHE J 146 -43.02 -14.97 -15.99
N LEU J 147 -42.96 -13.99 -15.10
CA LEU J 147 -43.32 -12.62 -15.44
C LEU J 147 -42.35 -12.03 -16.45
N ALA J 148 -42.88 -11.21 -17.35
CA ALA J 148 -42.03 -10.59 -18.36
C ALA J 148 -42.41 -9.17 -18.72
N ASN J 149 -43.49 -8.62 -18.18
CA ASN J 149 -43.99 -7.30 -18.58
C ASN J 149 -44.64 -6.63 -17.38
N GLU J 150 -44.96 -5.34 -17.54
CA GLU J 150 -45.74 -4.64 -16.54
C GLU J 150 -47.13 -5.26 -16.41
N ASP J 151 -47.72 -5.69 -17.52
CA ASP J 151 -49.07 -6.26 -17.53
C ASP J 151 -49.06 -7.76 -17.25
N GLY J 152 -47.90 -8.33 -16.95
CA GLY J 152 -47.85 -9.69 -16.45
C GLY J 152 -47.92 -10.79 -17.48
N SER J 153 -47.71 -10.50 -18.76
CA SER J 153 -47.70 -11.56 -19.76
C SER J 153 -46.55 -12.52 -19.48
N ASN J 154 -46.83 -13.81 -19.62
CA ASN J 154 -45.94 -14.85 -19.16
C ASN J 154 -44.72 -15.02 -20.05
N PHE J 155 -43.62 -15.43 -19.44
CA PHE J 155 -42.44 -15.93 -20.15
C PHE J 155 -42.50 -17.45 -20.03
N THR J 156 -43.05 -18.11 -21.05
CA THR J 156 -43.22 -19.56 -20.98
C THR J 156 -41.88 -20.27 -20.89
N VAL J 157 -41.82 -21.28 -20.02
CA VAL J 157 -40.69 -22.19 -19.94
C VAL J 157 -41.25 -23.60 -19.74
N THR J 158 -41.47 -24.32 -20.83
CA THR J 158 -42.11 -25.62 -20.75
C THR J 158 -41.24 -26.61 -19.99
N ALA J 159 -41.86 -27.36 -19.09
CA ALA J 159 -41.14 -28.38 -18.34
C ALA J 159 -40.73 -29.53 -19.24
N GLN J 160 -39.56 -30.10 -18.96
CA GLN J 160 -39.03 -31.25 -19.71
C GLN J 160 -38.83 -32.38 -18.71
N THR J 161 -39.74 -33.34 -18.70
CA THR J 161 -39.71 -34.40 -17.71
C THR J 161 -38.43 -35.22 -17.83
N LEU J 162 -37.79 -35.48 -16.69
CA LEU J 162 -36.60 -36.32 -16.63
C LEU J 162 -36.79 -37.57 -15.79
N SER J 163 -38.01 -37.84 -15.32
CA SER J 163 -38.29 -39.08 -14.61
C SER J 163 -38.28 -40.26 -15.56
N LEU J 164 -38.05 -41.45 -15.01
CA LEU J 164 -37.85 -42.65 -15.83
C LEU J 164 -38.96 -42.80 -16.87
N THR J 165 -40.21 -42.59 -16.45
CA THR J 165 -41.32 -42.67 -17.40
C THR J 165 -41.27 -41.56 -18.44
N GLY J 166 -40.67 -40.41 -18.09
CA GLY J 166 -40.53 -39.35 -19.07
C GLY J 166 -39.41 -39.53 -20.06
N ILE J 167 -38.45 -40.42 -19.76
CA ILE J 167 -37.39 -40.78 -20.68
C ILE J 167 -37.63 -42.13 -21.33
N GLY J 168 -38.78 -42.75 -21.06
CA GLY J 168 -39.16 -43.99 -21.69
C GLY J 168 -38.94 -45.24 -20.87
N LEU J 169 -38.09 -45.20 -19.86
CA LEU J 169 -37.90 -46.35 -18.98
C LEU J 169 -39.06 -46.49 -18.00
N THR J 170 -39.33 -47.72 -17.60
CA THR J 170 -40.26 -47.98 -16.52
C THR J 170 -39.51 -48.03 -15.18
N ALA J 171 -40.28 -47.96 -14.10
CA ALA J 171 -39.70 -48.13 -12.77
C ALA J 171 -39.11 -49.52 -12.57
N THR J 172 -39.62 -50.53 -13.28
CA THR J 172 -39.15 -51.90 -13.14
C THR J 172 -38.37 -52.38 -14.36
N SER J 173 -37.92 -51.46 -15.21
CA SER J 173 -37.18 -51.85 -16.40
C SER J 173 -35.89 -52.55 -16.02
N THR J 174 -35.61 -53.67 -16.71
CA THR J 174 -34.40 -54.44 -16.50
C THR J 174 -34.31 -55.49 -17.61
N PHE J 175 -33.11 -55.98 -17.82
CA PHE J 175 -32.86 -57.10 -18.72
C PHE J 175 -32.74 -58.39 -17.93
N THR J 176 -33.08 -59.51 -18.58
CA THR J 176 -33.03 -60.81 -17.93
C THR J 176 -32.11 -61.80 -18.64
N ASP J 177 -31.76 -61.56 -19.90
CA ASP J 177 -30.86 -62.43 -20.65
C ASP J 177 -30.12 -61.58 -21.67
N ALA J 178 -29.12 -62.19 -22.31
CA ALA J 178 -28.19 -61.42 -23.13
C ALA J 178 -28.90 -60.71 -24.28
N ALA J 179 -29.93 -61.33 -24.84
CA ALA J 179 -30.69 -60.66 -25.91
C ALA J 179 -31.44 -59.45 -25.37
N THR J 180 -32.04 -59.58 -24.18
CA THR J 180 -32.71 -58.44 -23.58
C THR J 180 -31.72 -57.34 -23.22
N ALA J 181 -30.50 -57.70 -22.81
CA ALA J 181 -29.48 -56.70 -22.57
C ALA J 181 -29.06 -56.00 -23.86
N LYS J 182 -29.00 -56.75 -24.96
CA LYS J 182 -28.63 -56.15 -26.24
C LYS J 182 -29.70 -55.19 -26.71
N THR J 183 -30.98 -55.50 -26.48
CA THR J 183 -32.04 -54.54 -26.75
C THR J 183 -31.97 -53.36 -25.80
N MET J 184 -31.59 -53.61 -24.55
CA MET J 184 -31.51 -52.55 -23.57
C MET J 184 -30.38 -51.58 -23.88
N ILE J 185 -29.36 -52.00 -24.63
CA ILE J 185 -28.35 -51.04 -25.07
C ILE J 185 -29.00 -49.92 -25.86
N ALA J 186 -29.76 -50.27 -26.90
CA ALA J 186 -30.44 -49.26 -27.70
C ALA J 186 -31.49 -48.52 -26.88
N THR J 187 -32.13 -49.20 -25.94
CA THR J 187 -33.13 -48.53 -25.11
C THR J 187 -32.49 -47.43 -24.28
N ILE J 188 -31.42 -47.75 -23.55
CA ILE J 188 -30.71 -46.77 -22.75
C ILE J 188 -30.08 -45.69 -23.63
N THR J 189 -29.67 -46.05 -24.85
CA THR J 189 -29.12 -45.04 -25.75
C THR J 189 -30.17 -44.01 -26.15
N THR J 190 -31.37 -44.47 -26.52
CA THR J 190 -32.43 -43.54 -26.88
C THR J 190 -32.85 -42.70 -25.67
N SER J 191 -32.83 -43.32 -24.48
CA SER J 191 -33.17 -42.55 -23.28
C SER J 191 -32.13 -41.49 -22.98
N LEU J 192 -30.84 -41.82 -23.17
CA LEU J 192 -29.79 -40.82 -22.96
C LEU J 192 -29.91 -39.70 -23.97
N GLN J 193 -30.29 -40.03 -25.21
CA GLN J 193 -30.43 -39.00 -26.24
C GLN J 193 -31.55 -38.03 -25.89
N THR J 194 -32.73 -38.56 -25.54
CA THR J 194 -33.82 -37.66 -25.18
C THR J 194 -33.50 -36.87 -23.92
N ALA J 195 -32.72 -37.44 -22.99
CA ALA J 195 -32.35 -36.71 -21.79
C ALA J 195 -31.44 -35.54 -22.13
N THR J 196 -30.44 -35.77 -23.00
CA THR J 196 -29.57 -34.67 -23.39
C THR J 196 -30.32 -33.60 -24.16
N ASN J 197 -31.30 -33.99 -24.98
CA ASN J 197 -32.10 -32.98 -25.66
C ASN J 197 -32.91 -32.15 -24.67
N LYS J 198 -33.42 -32.78 -23.62
CA LYS J 198 -34.21 -32.04 -22.63
C LYS J 198 -33.34 -31.07 -21.84
N LEU J 199 -32.14 -31.51 -21.43
CA LEU J 199 -31.25 -30.58 -20.73
C LEU J 199 -30.80 -29.44 -21.64
N SER J 200 -30.61 -29.71 -22.93
CA SER J 200 -30.25 -28.62 -23.84
C SER J 200 -31.37 -27.60 -23.96
N SER J 201 -32.62 -28.08 -24.02
CA SER J 201 -33.75 -27.14 -24.09
C SER J 201 -33.87 -26.34 -22.80
N LEU J 202 -33.62 -26.97 -21.65
CA LEU J 202 -33.65 -26.24 -20.39
C LEU J 202 -32.55 -25.18 -20.34
N GLY J 203 -31.37 -25.50 -20.87
CA GLY J 203 -30.30 -24.52 -20.86
C GLY J 203 -30.57 -23.35 -21.79
N THR J 204 -31.19 -23.63 -22.94
CA THR J 204 -31.58 -22.53 -23.82
C THR J 204 -32.63 -21.65 -23.17
N SER J 205 -33.56 -22.26 -22.43
CA SER J 205 -34.56 -21.45 -21.74
C SER J 205 -33.95 -20.60 -20.64
N SER J 206 -32.95 -21.14 -19.94
CA SER J 206 -32.26 -20.33 -18.94
C SER J 206 -31.49 -19.17 -19.58
N VAL J 207 -30.95 -19.40 -20.78
CA VAL J 207 -30.27 -18.32 -21.48
C VAL J 207 -31.25 -17.24 -21.90
N GLY J 208 -32.45 -17.64 -22.32
CA GLY J 208 -33.46 -16.66 -22.64
C GLY J 208 -33.89 -15.88 -21.40
N LEU J 209 -33.95 -16.56 -20.25
CA LEU J 209 -34.23 -15.87 -19.00
C LEU J 209 -33.17 -14.83 -18.68
N ASP J 210 -31.90 -15.16 -18.90
CA ASP J 210 -30.83 -14.20 -18.58
C ASP J 210 -30.86 -13.00 -19.53
N THR J 211 -31.07 -13.24 -20.82
CA THR J 211 -31.13 -12.13 -21.76
C THR J 211 -32.34 -11.24 -21.50
N HIS J 212 -33.49 -11.85 -21.17
CA HIS J 212 -34.65 -11.05 -20.83
C HIS J 212 -34.45 -10.28 -19.53
N LEU J 213 -33.68 -10.83 -18.60
CA LEU J 213 -33.37 -10.08 -17.39
C LEU J 213 -32.52 -8.85 -17.69
N THR J 214 -31.53 -9.00 -18.57
CA THR J 214 -30.73 -7.84 -18.95
C THR J 214 -31.58 -6.79 -19.67
N PHE J 215 -32.49 -7.26 -20.54
CA PHE J 215 -33.36 -6.33 -21.25
C PHE J 215 -34.30 -5.62 -20.28
N VAL J 216 -34.83 -6.34 -19.29
CA VAL J 216 -35.70 -5.71 -18.31
C VAL J 216 -34.94 -4.70 -17.47
N GLY J 217 -33.66 -4.96 -17.19
CA GLY J 217 -32.88 -3.98 -16.45
C GLY J 217 -32.67 -2.70 -17.24
N LYS J 218 -32.29 -2.84 -18.51
CA LYS J 218 -32.15 -1.65 -19.34
C LYS J 218 -33.48 -0.92 -19.51
N LEU J 219 -34.58 -1.69 -19.55
CA LEU J 219 -35.89 -1.09 -19.74
C LEU J 219 -36.32 -0.30 -18.51
N GLN J 220 -36.06 -0.84 -17.32
CA GLN J 220 -36.37 -0.09 -16.10
C GLN J 220 -35.52 1.15 -15.99
N ASP J 221 -34.25 1.07 -16.41
CA ASP J 221 -33.42 2.27 -16.39
C ASP J 221 -33.96 3.32 -17.36
N SER J 222 -34.49 2.87 -18.50
CA SER J 222 -35.07 3.81 -19.45
C SER J 222 -36.32 4.47 -18.89
N LEU J 223 -37.17 3.70 -18.22
CA LEU J 223 -38.35 4.31 -17.59
C LEU J 223 -37.97 5.29 -16.49
N ASP J 224 -36.91 4.99 -15.74
CA ASP J 224 -36.48 5.92 -14.70
C ASP J 224 -35.95 7.21 -15.30
N ALA J 225 -35.18 7.10 -16.40
CA ALA J 225 -34.71 8.31 -17.06
C ALA J 225 -35.87 9.11 -17.66
N GLY J 226 -36.90 8.41 -18.15
CA GLY J 226 -38.03 9.12 -18.73
C GLY J 226 -38.86 9.83 -17.68
N VAL J 227 -39.07 9.20 -16.53
CA VAL J 227 -39.78 9.86 -15.45
C VAL J 227 -38.99 11.05 -14.94
N GLY J 228 -37.67 10.92 -14.87
CA GLY J 228 -36.87 12.04 -14.43
C GLY J 228 -36.88 13.20 -15.40
N ASN J 229 -36.86 12.90 -16.70
CA ASN J 229 -37.01 13.97 -17.68
C ASN J 229 -38.39 14.61 -17.61
N LEU J 230 -39.41 13.81 -17.26
CA LEU J 230 -40.76 14.36 -17.14
C LEU J 230 -40.91 15.25 -15.92
N VAL J 231 -40.14 15.03 -14.85
CA VAL J 231 -40.39 15.73 -13.60
C VAL J 231 -39.22 16.59 -13.14
N ASP J 232 -37.97 16.19 -13.35
CA ASP J 232 -36.86 16.77 -12.62
C ASP J 232 -36.67 18.25 -12.97
N ALA J 233 -36.37 19.03 -11.94
CA ALA J 233 -36.13 20.46 -12.07
C ALA J 233 -34.76 20.75 -12.66
N ASP J 234 -34.66 21.88 -13.36
CA ASP J 234 -33.40 22.40 -13.87
C ASP J 234 -32.73 23.25 -12.79
N LEU J 235 -32.05 22.57 -11.86
CA LEU J 235 -31.56 23.25 -10.66
C LEU J 235 -30.51 24.30 -10.97
N ALA J 236 -29.70 24.12 -12.01
CA ALA J 236 -28.70 25.12 -12.35
C ALA J 236 -29.34 26.44 -12.74
N LYS J 237 -30.53 26.38 -13.35
CA LYS J 237 -31.31 27.59 -13.58
C LYS J 237 -32.09 27.99 -12.34
N GLU J 238 -32.43 27.03 -11.49
CA GLU J 238 -33.17 27.35 -10.28
C GLU J 238 -32.33 28.18 -9.32
N SER J 239 -31.01 28.00 -9.33
CA SER J 239 -30.16 28.82 -8.48
C SER J 239 -30.21 30.29 -8.90
N ALA J 240 -30.15 30.55 -10.20
CA ALA J 240 -30.25 31.92 -10.68
C ALA J 240 -31.65 32.49 -10.44
N LYS J 241 -32.68 31.67 -10.63
CA LYS J 241 -34.03 32.17 -10.41
C LYS J 241 -34.27 32.50 -8.94
N LEU J 242 -33.66 31.72 -8.04
CA LEU J 242 -33.78 32.01 -6.61
C LEU J 242 -33.00 33.26 -6.24
N GLN J 243 -31.79 33.40 -6.78
CA GLN J 243 -30.99 34.58 -6.49
C GLN J 243 -31.66 35.85 -7.02
N SER J 244 -32.43 35.73 -8.09
CA SER J 244 -33.16 36.89 -8.60
C SER J 244 -34.44 37.14 -7.79
N LEU J 245 -35.13 36.07 -7.39
CA LEU J 245 -36.37 36.23 -6.64
C LEU J 245 -36.13 36.82 -5.26
N GLN J 246 -34.97 36.54 -4.65
CA GLN J 246 -34.66 37.18 -3.37
C GLN J 246 -34.53 38.68 -3.53
N THR J 247 -33.79 39.12 -4.55
CA THR J 247 -33.65 40.55 -4.79
C THR J 247 -34.99 41.17 -5.16
N LYS J 248 -35.84 40.44 -5.87
CA LYS J 248 -37.14 40.98 -6.21
C LYS J 248 -38.01 41.17 -4.98
N GLN J 249 -37.98 40.19 -4.06
CA GLN J 249 -38.75 40.32 -2.82
C GLN J 249 -38.22 41.46 -1.96
N GLN J 250 -36.89 41.67 -1.95
CA GLN J 250 -36.34 42.75 -1.15
C GLN J 250 -36.69 44.11 -1.74
N LEU J 251 -36.58 44.26 -3.06
CA LEU J 251 -37.02 45.49 -3.69
C LEU J 251 -38.51 45.72 -3.50
N GLY J 252 -39.32 44.65 -3.48
CA GLY J 252 -40.74 44.85 -3.30
C GLY J 252 -41.11 45.27 -1.89
N VAL J 253 -40.45 44.69 -0.89
CA VAL J 253 -40.73 45.11 0.48
C VAL J 253 -40.22 46.53 0.72
N GLN J 254 -39.09 46.90 0.09
CA GLN J 254 -38.63 48.27 0.22
C GLN J 254 -39.58 49.24 -0.48
N ALA J 255 -40.14 48.85 -1.62
CA ALA J 255 -41.10 49.69 -2.29
C ALA J 255 -42.37 49.85 -1.46
N LEU J 256 -42.79 48.79 -0.77
CA LEU J 256 -43.96 48.92 0.10
C LEU J 256 -43.67 49.83 1.28
N SER J 257 -42.46 49.73 1.83
CA SER J 257 -42.04 50.62 2.91
C SER J 257 -41.95 52.06 2.46
N ILE J 258 -41.70 52.30 1.17
CA ILE J 258 -41.78 53.67 0.63
C ILE J 258 -43.24 54.09 0.47
N ALA J 259 -44.08 53.19 -0.03
CA ALA J 259 -45.48 53.53 -0.33
C ALA J 259 -46.28 53.83 0.92
N ASN J 260 -45.89 53.26 2.06
CA ASN J 260 -46.73 53.33 3.25
C ASN J 260 -46.92 54.77 3.75
N GLN J 261 -45.94 55.65 3.53
CA GLN J 261 -45.94 56.95 4.22
C GLN J 261 -46.13 58.14 3.29
N THR J 262 -46.32 57.93 1.98
CA THR J 262 -46.58 59.07 1.10
C THR J 262 -47.81 59.87 1.53
N PRO J 263 -48.94 59.28 1.92
CA PRO J 263 -50.06 60.10 2.44
C PRO J 263 -49.68 60.93 3.66
N GLN J 264 -48.74 60.46 4.48
CA GLN J 264 -48.43 61.11 5.74
C GLN J 264 -47.91 62.53 5.57
N THR J 265 -47.43 62.88 4.38
CA THR J 265 -46.96 64.24 4.13
C THR J 265 -48.08 65.27 4.25
N ILE J 266 -49.34 64.83 4.20
CA ILE J 266 -50.47 65.73 4.36
C ILE J 266 -50.46 66.40 5.73
N LEU J 267 -49.84 65.78 6.74
CA LEU J 267 -49.77 66.39 8.05
C LEU J 267 -48.96 67.68 8.03
N SER J 268 -48.01 67.80 7.11
CA SER J 268 -47.18 69.00 7.04
C SER J 268 -48.00 70.25 6.72
N LEU J 269 -49.11 70.12 5.98
CA LEU J 269 -49.96 71.25 5.69
C LEU J 269 -50.71 71.77 6.91
N PHE J 270 -50.87 70.96 7.94
CA PHE J 270 -51.64 71.36 9.11
C PHE J 270 -50.73 71.62 10.30
N LEU K 1 -83.46 108.16 9.45
CA LEU K 1 -82.83 106.90 9.79
C LEU K 1 -82.44 106.90 11.26
N ASN K 2 -83.00 107.86 12.00
CA ASN K 2 -82.72 108.04 13.42
C ASN K 2 -83.62 107.09 14.22
N SER K 3 -83.17 105.84 14.33
CA SER K 3 -83.93 104.80 15.03
C SER K 3 -82.95 103.90 15.77
N ILE K 4 -82.81 104.13 17.09
CA ILE K 4 -81.96 103.28 17.91
C ILE K 4 -82.58 101.91 18.13
N ASN K 5 -83.89 101.78 17.89
CA ASN K 5 -84.60 100.54 18.19
C ASN K 5 -84.05 99.36 17.39
N THR K 6 -83.53 99.61 16.19
CA THR K 6 -82.98 98.53 15.38
C THR K 6 -82.05 99.10 14.31
N ASN K 7 -81.13 98.26 13.85
CA ASN K 7 -80.25 98.60 12.73
C ASN K 7 -80.02 97.38 11.85
N PRO K 8 -80.41 97.46 10.57
CA PRO K 8 -80.24 96.31 9.66
C PRO K 8 -78.80 95.84 9.48
N GLY K 9 -77.83 96.75 9.53
CA GLY K 9 -76.47 96.40 9.10
C GLY K 9 -75.81 95.38 9.99
N ALA K 10 -76.04 95.46 11.30
CA ALA K 10 -75.51 94.43 12.18
C ALA K 10 -76.15 93.08 11.91
N LEU K 11 -77.43 93.09 11.52
CA LEU K 11 -78.10 91.83 11.18
C LEU K 11 -77.49 91.21 9.93
N LEU K 12 -77.24 92.03 8.90
CA LEU K 12 -76.65 91.49 7.68
C LEU K 12 -75.22 91.01 7.90
N ALA K 13 -74.46 91.74 8.72
CA ALA K 13 -73.12 91.28 9.05
C ALA K 13 -73.14 89.98 9.83
N LEU K 14 -74.12 89.82 10.72
CA LEU K 14 -74.27 88.56 11.43
C LEU K 14 -74.66 87.43 10.49
N GLN K 15 -75.46 87.73 9.46
CA GLN K 15 -75.80 86.69 8.50
C GLN K 15 -74.56 86.23 7.75
N ASN K 16 -73.71 87.18 7.33
CA ASN K 16 -72.48 86.81 6.66
C ASN K 16 -71.55 86.03 7.57
N LEU K 17 -71.45 86.45 8.84
CA LEU K 17 -70.57 85.77 9.77
C LEU K 17 -71.07 84.36 10.09
N ASN K 18 -72.38 84.18 10.18
CA ASN K 18 -72.94 82.85 10.40
C ASN K 18 -72.72 81.96 9.18
N SER K 19 -72.77 82.54 7.98
CA SER K 19 -72.48 81.75 6.79
C SER K 19 -71.03 81.29 6.79
N THR K 20 -70.11 82.18 7.15
CA THR K 20 -68.72 81.78 7.30
C THR K 20 -68.54 80.73 8.39
N ASN K 21 -69.33 80.83 9.46
CA ASN K 21 -69.24 79.84 10.53
C ASN K 21 -69.71 78.47 10.07
N THR K 22 -70.78 78.43 9.28
CA THR K 22 -71.24 77.14 8.76
C THR K 22 -70.23 76.54 7.79
N GLU K 23 -69.60 77.39 6.96
CA GLU K 23 -68.58 76.86 6.07
C GLU K 23 -67.38 76.33 6.85
N LEU K 24 -66.99 77.04 7.91
CA LEU K 24 -65.86 76.58 8.71
C LEU K 24 -66.20 75.29 9.45
N ALA K 25 -67.46 75.13 9.87
CA ALA K 25 -67.86 73.90 10.54
C ALA K 25 -67.86 72.73 9.56
N ALA K 26 -68.37 72.94 8.35
CA ALA K 26 -68.34 71.88 7.36
C ALA K 26 -66.91 71.49 7.01
N THR K 27 -66.01 72.47 6.94
CA THR K 27 -64.61 72.14 6.70
C THR K 27 -64.01 71.40 7.88
N GLN K 28 -64.39 71.76 9.10
CA GLN K 28 -63.89 71.03 10.26
C GLN K 28 -64.32 69.58 10.21
N GLY K 29 -65.57 69.32 9.81
CA GLY K 29 -66.03 67.95 9.71
C GLY K 29 -65.32 67.20 8.60
N ARG K 30 -65.06 67.90 7.49
CA ARG K 30 -64.38 67.24 6.37
C ARG K 30 -62.95 66.87 6.71
N ILE K 31 -62.28 67.66 7.55
CA ILE K 31 -60.91 67.31 7.92
C ILE K 31 -60.91 66.23 9.00
N ASN K 32 -61.76 66.35 10.02
CA ASN K 32 -61.72 65.35 11.09
C ASN K 32 -62.27 64.01 10.65
N THR K 33 -63.11 63.95 9.61
CA THR K 33 -63.55 62.67 9.08
C THR K 33 -62.72 62.20 7.89
N GLY K 34 -62.16 63.12 7.11
CA GLY K 34 -61.43 62.72 5.92
C GLY K 34 -62.32 62.36 4.75
N LYS K 35 -63.61 62.69 4.82
CA LYS K 35 -64.56 62.30 3.79
C LYS K 35 -65.43 63.49 3.44
N LYS K 36 -65.59 63.74 2.14
CA LYS K 36 -66.43 64.82 1.66
C LYS K 36 -67.92 64.50 1.72
N VAL K 37 -68.27 63.23 1.94
CA VAL K 37 -69.66 62.81 2.10
C VAL K 37 -69.75 61.83 3.28
N ALA K 38 -69.39 62.31 4.48
CA ALA K 38 -69.23 61.42 5.62
C ALA K 38 -70.52 60.74 6.03
N ASN K 39 -71.66 61.34 5.71
CA ASN K 39 -72.94 60.79 6.15
C ASN K 39 -74.02 61.20 5.17
N ALA K 40 -75.22 60.64 5.37
CA ALA K 40 -76.35 60.90 4.47
C ALA K 40 -76.73 62.37 4.44
N LYS K 41 -76.47 63.12 5.52
CA LYS K 41 -76.77 64.55 5.51
C LYS K 41 -75.91 65.30 4.50
N ASP K 42 -74.71 64.81 4.22
CA ASP K 42 -73.84 65.48 3.26
C ASP K 42 -74.40 65.39 1.84
N ASN K 43 -74.81 64.18 1.44
CA ASN K 43 -75.44 63.96 0.14
C ASN K 43 -75.92 62.51 0.14
N GLY K 44 -77.24 62.32 0.13
CA GLY K 44 -77.79 61.00 0.41
C GLY K 44 -77.51 59.98 -0.67
N ALA K 45 -77.53 60.40 -1.94
CA ALA K 45 -77.42 59.44 -3.03
C ALA K 45 -76.02 58.84 -3.10
N ILE K 46 -75.00 59.69 -3.13
CA ILE K 46 -73.63 59.20 -3.18
C ILE K 46 -73.29 58.46 -1.90
N TRP K 47 -73.84 58.88 -0.76
CA TRP K 47 -73.56 58.19 0.49
C TRP K 47 -74.17 56.79 0.49
N SER K 48 -75.39 56.64 -0.04
CA SER K 48 -75.99 55.31 -0.12
C SER K 48 -75.23 54.44 -1.11
N MET K 49 -74.76 55.02 -2.21
CA MET K 49 -73.97 54.25 -3.17
C MET K 49 -72.67 53.77 -2.53
N ALA K 50 -72.01 54.65 -1.77
CA ALA K 50 -70.78 54.26 -1.10
C ALA K 50 -71.05 53.22 -0.02
N LYS K 51 -72.19 53.30 0.66
CA LYS K 51 -72.50 52.30 1.68
C LYS K 51 -72.72 50.93 1.05
N MET K 52 -73.43 50.89 -0.08
CA MET K 52 -73.64 49.62 -0.75
C MET K 52 -72.33 49.05 -1.29
N GLN K 53 -71.49 49.91 -1.88
CA GLN K 53 -70.21 49.44 -2.39
C GLN K 53 -69.30 48.98 -1.25
N SER K 54 -69.34 49.66 -0.10
CA SER K 54 -68.52 49.24 1.03
C SER K 54 -69.00 47.94 1.63
N ALA K 55 -70.31 47.71 1.67
CA ALA K 55 -70.81 46.41 2.13
C ALA K 55 -70.43 45.31 1.15
N THR K 56 -70.47 45.61 -0.15
CA THR K 56 -70.05 44.63 -1.14
C THR K 56 -68.57 44.30 -1.01
N ALA K 57 -67.76 45.31 -0.67
CA ALA K 57 -66.34 45.06 -0.47
C ALA K 57 -66.08 44.28 0.80
N SER K 58 -66.82 44.59 1.88
CA SER K 58 -66.65 43.89 3.15
C SER K 58 -67.11 42.44 3.06
N SER K 59 -68.05 42.14 2.17
CA SER K 59 -68.57 40.79 2.05
C SER K 59 -67.53 39.80 1.53
N LEU K 60 -66.50 40.28 0.83
CA LEU K 60 -65.57 39.39 0.13
C LEU K 60 -64.64 38.62 1.07
N ASN K 61 -64.50 39.04 2.32
CA ASN K 61 -63.64 38.30 3.24
C ASN K 61 -64.17 36.90 3.48
N SER K 62 -65.49 36.73 3.52
CA SER K 62 -66.05 35.39 3.64
C SER K 62 -65.77 34.55 2.41
N VAL K 63 -65.76 35.16 1.22
CA VAL K 63 -65.42 34.41 0.01
C VAL K 63 -63.97 33.97 0.05
N LYS K 64 -63.08 34.86 0.52
CA LYS K 64 -61.67 34.47 0.65
C LYS K 64 -61.49 33.35 1.65
N ASP K 65 -62.23 33.41 2.77
CA ASP K 65 -62.12 32.35 3.77
C ASP K 65 -62.62 31.02 3.21
N SER K 66 -63.73 31.04 2.47
CA SER K 66 -64.23 29.81 1.88
C SER K 66 -63.25 29.26 0.85
N LEU K 67 -62.55 30.13 0.12
CA LEU K 67 -61.58 29.63 -0.86
C LEU K 67 -60.38 28.99 -0.16
N GLN K 68 -59.87 29.61 0.91
CA GLN K 68 -58.78 28.98 1.65
C GLN K 68 -59.22 27.67 2.29
N ARG K 69 -60.47 27.60 2.75
CA ARG K 69 -60.96 26.36 3.35
C ARG K 69 -61.07 25.25 2.30
N GLY K 70 -61.48 25.61 1.08
CA GLY K 70 -61.52 24.62 0.03
C GLY K 70 -60.14 24.16 -0.40
N GLN K 71 -59.17 25.09 -0.42
CA GLN K 71 -57.81 24.69 -0.72
C GLN K 71 -57.26 23.76 0.35
N SER K 72 -57.61 24.01 1.62
CA SER K 72 -57.15 23.13 2.69
C SER K 72 -57.79 21.75 2.58
N THR K 73 -59.07 21.70 2.22
CA THR K 73 -59.72 20.40 2.04
C THR K 73 -59.09 19.62 0.90
N ILE K 74 -58.79 20.31 -0.20
CA ILE K 74 -58.15 19.62 -1.32
C ILE K 74 -56.75 19.18 -0.95
N ASP K 75 -56.05 19.96 -0.12
CA ASP K 75 -54.72 19.54 0.32
C ASP K 75 -54.80 18.30 1.20
N VAL K 76 -55.82 18.19 2.04
CA VAL K 76 -55.98 16.98 2.84
C VAL K 76 -56.29 15.78 1.95
N ALA K 77 -57.13 16.00 0.92
CA ALA K 77 -57.43 14.90 0.02
C ALA K 77 -56.21 14.45 -0.75
N LEU K 78 -55.35 15.39 -1.16
CA LEU K 78 -54.11 15.01 -1.84
C LEU K 78 -53.14 14.31 -0.90
N ALA K 79 -53.12 14.72 0.37
CA ALA K 79 -52.26 14.05 1.34
C ALA K 79 -52.69 12.61 1.55
N ALA K 80 -54.00 12.36 1.50
CA ALA K 80 -54.47 10.97 1.59
C ALA K 80 -54.21 10.21 0.30
N GLY K 81 -54.30 10.89 -0.85
CA GLY K 81 -54.05 10.22 -2.11
C GLY K 81 -52.59 9.85 -2.30
N ASP K 82 -51.69 10.60 -1.66
CA ASP K 82 -50.28 10.23 -1.71
C ASP K 82 -50.03 8.87 -1.08
N THR K 83 -50.83 8.50 -0.07
CA THR K 83 -50.72 7.17 0.52
C THR K 83 -51.50 6.16 -0.29
N ILE K 84 -52.68 6.56 -0.79
CA ILE K 84 -53.52 5.61 -1.54
C ILE K 84 -52.81 5.15 -2.81
N THR K 85 -52.03 6.04 -3.43
CA THR K 85 -51.34 5.68 -4.66
C THR K 85 -50.23 4.67 -4.39
N ASP K 86 -49.42 4.89 -3.35
CA ASP K 86 -48.37 3.94 -3.02
C ASP K 86 -48.96 2.60 -2.60
N LEU K 87 -50.10 2.61 -1.91
CA LEU K 87 -50.73 1.36 -1.54
C LEU K 87 -51.25 0.61 -2.76
N LEU K 88 -51.86 1.33 -3.71
CA LEU K 88 -52.28 0.68 -4.96
C LEU K 88 -51.09 0.14 -5.72
N THR K 89 -49.95 0.85 -5.67
CA THR K 89 -48.77 0.37 -6.35
C THR K 89 -48.27 -0.93 -5.73
N LYS K 90 -48.13 -0.96 -4.41
CA LYS K 90 -47.63 -2.17 -3.75
C LYS K 90 -48.61 -3.33 -3.92
N MET K 91 -49.91 -3.05 -3.93
CA MET K 91 -50.88 -4.11 -4.23
C MET K 91 -50.69 -4.61 -5.66
N LYS K 92 -50.31 -3.72 -6.57
CA LYS K 92 -50.03 -4.15 -7.95
C LYS K 92 -48.80 -5.03 -8.00
N GLU K 93 -47.77 -4.70 -7.22
CA GLU K 93 -46.61 -5.60 -7.16
C GLU K 93 -46.99 -6.96 -6.59
N LYS K 94 -47.85 -6.98 -5.57
CA LYS K 94 -48.22 -8.25 -4.95
C LYS K 94 -49.02 -9.11 -5.92
N ALA K 95 -50.00 -8.53 -6.60
CA ALA K 95 -50.77 -9.28 -7.57
C ALA K 95 -49.90 -9.75 -8.73
N LEU K 96 -48.94 -8.92 -9.14
CA LEU K 96 -48.11 -9.26 -10.27
C LEU K 96 -47.17 -10.42 -9.94
N ALA K 97 -46.57 -10.38 -8.74
CA ALA K 97 -45.74 -11.50 -8.30
C ALA K 97 -46.58 -12.75 -8.05
N ALA K 98 -47.81 -12.60 -7.56
CA ALA K 98 -48.67 -13.75 -7.32
C ALA K 98 -49.15 -14.41 -8.61
N SER K 99 -49.19 -13.66 -9.71
CA SER K 99 -49.55 -14.28 -10.99
C SER K 99 -48.56 -15.34 -11.43
N ASP K 100 -47.30 -15.27 -10.98
CA ASP K 100 -46.29 -16.25 -11.38
C ASP K 100 -46.67 -17.64 -10.85
N THR K 101 -46.54 -18.64 -11.73
CA THR K 101 -46.78 -20.03 -11.38
C THR K 101 -45.63 -20.65 -10.59
N SER K 102 -44.43 -20.07 -10.66
CA SER K 102 -43.26 -20.62 -10.02
C SER K 102 -43.36 -20.71 -8.50
N LEU K 103 -44.15 -19.85 -7.88
CA LEU K 103 -44.23 -19.78 -6.43
C LEU K 103 -44.82 -21.05 -5.84
N ASN K 104 -44.38 -21.38 -4.63
CA ASN K 104 -45.04 -22.41 -3.83
C ASN K 104 -46.23 -21.80 -3.09
N THR K 105 -47.02 -22.69 -2.47
CA THR K 105 -48.26 -22.24 -1.84
C THR K 105 -47.99 -21.24 -0.72
N ALA K 106 -46.89 -21.40 0.01
CA ALA K 106 -46.64 -20.53 1.16
C ALA K 106 -46.36 -19.10 0.71
N SER K 107 -45.54 -18.93 -0.33
CA SER K 107 -45.27 -17.59 -0.84
C SER K 107 -46.52 -16.95 -1.43
N PHE K 108 -47.39 -17.75 -2.05
CA PHE K 108 -48.61 -17.20 -2.60
C PHE K 108 -49.55 -16.74 -1.48
N ASN K 109 -49.67 -17.53 -0.41
CA ASN K 109 -50.48 -17.08 0.72
C ASN K 109 -49.88 -15.85 1.39
N ALA K 110 -48.55 -15.73 1.41
CA ALA K 110 -47.93 -14.55 2.00
C ALA K 110 -48.23 -13.31 1.17
N LEU K 111 -48.09 -13.41 -0.15
CA LEU K 111 -48.43 -12.28 -1.02
C LEU K 111 -49.91 -11.93 -0.91
N LYS K 112 -50.77 -12.94 -0.80
CA LYS K 112 -52.20 -12.68 -0.69
C LYS K 112 -52.54 -11.98 0.62
N ALA K 113 -51.85 -12.37 1.70
CA ALA K 113 -52.11 -11.74 2.99
C ALA K 113 -51.63 -10.30 2.99
N ASP K 114 -50.45 -10.03 2.43
CA ASP K 114 -50.00 -8.64 2.37
C ASP K 114 -50.88 -7.82 1.43
N PHE K 115 -51.42 -8.44 0.38
CA PHE K 115 -52.33 -7.74 -0.52
C PHE K 115 -53.61 -7.34 0.21
N GLU K 116 -54.20 -8.27 0.97
CA GLU K 116 -55.40 -7.95 1.72
C GLU K 116 -55.13 -6.90 2.80
N SER K 117 -53.94 -6.96 3.41
CA SER K 117 -53.60 -5.98 4.43
C SER K 117 -53.44 -4.59 3.82
N LEU K 118 -52.82 -4.49 2.65
CA LEU K 118 -52.73 -3.21 1.97
C LEU K 118 -54.09 -2.72 1.51
N ARG K 119 -55.00 -3.63 1.16
CA ARG K 119 -56.35 -3.20 0.81
C ARG K 119 -57.07 -2.60 2.01
N ASP K 120 -56.91 -3.22 3.18
CA ASP K 120 -57.51 -2.68 4.39
C ASP K 120 -56.89 -1.33 4.75
N GLN K 121 -55.57 -1.20 4.59
CA GLN K 121 -54.92 0.09 4.86
C GLN K 121 -55.38 1.15 3.88
N LEU K 122 -55.65 0.78 2.63
CA LEU K 122 -56.16 1.75 1.66
C LEU K 122 -57.56 2.20 2.03
N GLN K 123 -58.40 1.28 2.48
CA GLN K 123 -59.74 1.68 2.92
C GLN K 123 -59.66 2.59 4.13
N LYS K 124 -58.69 2.33 5.03
CA LYS K 124 -58.55 3.17 6.21
C LYS K 124 -58.08 4.57 5.84
N ALA K 125 -57.08 4.66 4.97
CA ALA K 125 -56.57 5.96 4.53
C ALA K 125 -57.63 6.73 3.75
N ALA K 126 -58.49 6.03 3.00
CA ALA K 126 -59.57 6.72 2.32
C ALA K 126 -60.61 7.22 3.32
N THR K 127 -60.91 6.42 4.34
CA THR K 127 -61.86 6.85 5.36
C THR K 127 -61.37 8.04 6.17
N ASN K 128 -60.06 8.15 6.37
CA ASN K 128 -59.53 9.22 7.22
C ASN K 128 -59.37 10.55 6.50
N ALA K 129 -59.64 10.61 5.19
CA ALA K 129 -59.39 11.81 4.40
C ALA K 129 -60.53 12.82 4.52
N LYS K 130 -60.58 13.48 5.68
CA LYS K 130 -61.55 14.54 5.92
C LYS K 130 -60.91 15.67 6.70
N PHE K 131 -61.42 16.88 6.48
CA PHE K 131 -60.87 18.11 7.03
C PHE K 131 -61.99 18.86 7.73
N ASN K 132 -61.98 18.86 9.06
CA ASN K 132 -63.02 19.51 9.87
C ASN K 132 -64.42 19.01 9.49
N GLY K 133 -64.56 17.69 9.36
CA GLY K 133 -65.86 17.09 9.18
C GLY K 133 -66.37 17.03 7.75
N VAL K 134 -65.61 17.55 6.79
CA VAL K 134 -65.99 17.51 5.38
C VAL K 134 -64.85 16.89 4.60
N SER K 135 -65.19 16.31 3.45
CA SER K 135 -64.22 15.52 2.70
C SER K 135 -64.58 15.50 1.23
N LEU K 136 -63.56 15.52 0.38
CA LEU K 136 -63.73 15.38 -1.05
C LEU K 136 -63.23 14.03 -1.56
N ALA K 137 -62.76 13.14 -0.69
CA ALA K 137 -62.16 11.88 -1.11
C ALA K 137 -62.92 10.66 -0.64
N ASP K 138 -63.60 10.70 0.50
CA ASP K 138 -64.31 9.52 0.99
C ASP K 138 -65.67 9.34 0.34
N GLY K 139 -66.14 10.30 -0.46
CA GLY K 139 -67.44 10.17 -1.10
C GLY K 139 -68.62 10.47 -0.20
N SER K 140 -68.40 11.10 0.95
CA SER K 140 -69.49 11.37 1.87
C SER K 140 -70.51 12.36 1.29
N THR K 141 -70.10 13.22 0.37
CA THR K 141 -70.99 14.17 -0.27
C THR K 141 -70.63 14.28 -1.74
N THR K 142 -71.64 14.56 -2.57
CA THR K 142 -71.42 14.60 -4.02
C THR K 142 -70.52 15.76 -4.44
N LYS K 143 -70.57 16.89 -3.73
CA LYS K 143 -69.81 18.06 -4.13
C LYS K 143 -69.84 19.10 -3.01
N LEU K 144 -68.89 20.02 -3.06
CA LEU K 144 -68.80 21.15 -2.14
C LEU K 144 -68.87 22.44 -2.93
N SER K 145 -69.80 23.32 -2.56
CA SER K 145 -70.00 24.59 -3.26
C SER K 145 -69.41 25.72 -2.43
N PHE K 146 -68.16 26.07 -2.72
CA PHE K 146 -67.51 27.21 -2.09
C PHE K 146 -67.95 28.52 -2.73
N LEU K 147 -67.89 29.60 -1.94
CA LEU K 147 -68.33 30.90 -2.40
C LEU K 147 -67.40 31.44 -3.49
N ALA K 148 -67.97 32.27 -4.36
CA ALA K 148 -67.23 32.91 -5.44
C ALA K 148 -67.47 34.41 -5.54
N ASN K 149 -68.67 34.87 -5.22
CA ASN K 149 -69.02 36.29 -5.28
C ASN K 149 -69.85 36.68 -4.06
N GLU K 150 -69.98 38.00 -3.86
CA GLU K 150 -70.70 38.52 -2.70
C GLU K 150 -72.18 38.18 -2.71
N ASP K 151 -72.77 37.91 -3.88
CA ASP K 151 -74.20 37.63 -3.98
C ASP K 151 -74.51 36.16 -3.81
N GLY K 152 -73.56 35.36 -3.33
CA GLY K 152 -73.78 33.95 -3.09
C GLY K 152 -73.51 33.03 -4.26
N SER K 153 -72.99 33.54 -5.38
CA SER K 153 -72.60 32.67 -6.48
C SER K 153 -71.49 31.72 -6.02
N ASN K 154 -71.61 30.47 -6.40
CA ASN K 154 -70.77 29.40 -5.86
C ASN K 154 -69.70 28.97 -6.85
N PHE K 155 -68.60 28.47 -6.30
CA PHE K 155 -67.50 27.88 -7.06
C PHE K 155 -67.57 26.38 -6.81
N THR K 156 -68.28 25.66 -7.67
CA THR K 156 -68.50 24.24 -7.47
C THR K 156 -67.19 23.47 -7.58
N VAL K 157 -67.01 22.49 -6.69
CA VAL K 157 -65.86 21.59 -6.75
C VAL K 157 -66.36 20.17 -6.52
N THR K 158 -66.46 19.39 -7.60
CA THR K 158 -67.00 18.04 -7.50
C THR K 158 -66.10 17.16 -6.65
N ALA K 159 -66.72 16.39 -5.75
CA ALA K 159 -65.97 15.44 -4.95
C ALA K 159 -65.48 14.29 -5.81
N GLN K 160 -64.30 13.78 -5.46
CA GLN K 160 -63.67 12.66 -6.17
C GLN K 160 -63.48 11.52 -5.17
N THR K 161 -64.39 10.55 -5.20
CA THR K 161 -64.35 9.47 -4.22
C THR K 161 -63.07 8.65 -4.35
N LEU K 162 -62.44 8.38 -3.20
CA LEU K 162 -61.25 7.55 -3.16
C LEU K 162 -61.39 6.32 -2.28
N SER K 163 -62.60 6.01 -1.83
CA SER K 163 -62.85 4.76 -1.13
C SER K 163 -62.70 3.60 -2.11
N LEU K 164 -62.51 2.39 -1.56
CA LEU K 164 -62.28 1.24 -2.41
C LEU K 164 -63.37 1.07 -3.44
N THR K 165 -64.63 1.30 -3.06
CA THR K 165 -65.73 1.26 -4.03
C THR K 165 -65.65 2.41 -5.03
N GLY K 166 -65.01 3.52 -4.67
CA GLY K 166 -64.88 4.63 -5.59
C GLY K 166 -63.81 4.48 -6.64
N ILE K 167 -62.91 3.51 -6.48
CA ILE K 167 -61.91 3.19 -7.49
C ILE K 167 -62.18 1.84 -8.13
N GLY K 168 -63.34 1.25 -7.87
CA GLY K 168 -63.77 0.01 -8.47
C GLY K 168 -63.46 -1.25 -7.68
N LEU K 169 -62.65 -1.15 -6.63
CA LEU K 169 -62.37 -2.28 -5.76
C LEU K 169 -63.54 -2.52 -4.80
N THR K 170 -63.66 -3.76 -4.36
CA THR K 170 -64.58 -4.11 -3.29
C THR K 170 -63.86 -4.07 -1.94
N ALA K 171 -64.64 -3.99 -0.87
CA ALA K 171 -64.06 -4.04 0.47
C ALA K 171 -63.41 -5.38 0.77
N THR K 172 -63.85 -6.44 0.08
CA THR K 172 -63.32 -7.79 0.28
C THR K 172 -62.52 -8.26 -0.94
N SER K 173 -62.03 -7.33 -1.76
CA SER K 173 -61.31 -7.71 -2.96
C SER K 173 -60.04 -8.48 -2.63
N THR K 174 -59.83 -9.57 -3.36
CA THR K 174 -58.66 -10.43 -3.18
C THR K 174 -58.61 -11.40 -4.35
N PHE K 175 -57.45 -12.02 -4.53
CA PHE K 175 -57.26 -13.07 -5.52
C PHE K 175 -57.03 -14.40 -4.81
N THR K 176 -57.61 -15.47 -5.34
CA THR K 176 -57.49 -16.79 -4.75
C THR K 176 -56.45 -17.67 -5.42
N ASP K 177 -56.14 -17.41 -6.69
CA ASP K 177 -55.18 -18.23 -7.43
C ASP K 177 -54.51 -17.34 -8.47
N ALA K 178 -53.48 -17.91 -9.13
CA ALA K 178 -52.61 -17.11 -9.97
C ALA K 178 -53.36 -16.47 -11.14
N ALA K 179 -54.39 -17.13 -11.66
CA ALA K 179 -55.18 -16.52 -12.73
C ALA K 179 -55.98 -15.34 -12.20
N THR K 180 -56.54 -15.47 -11.00
CA THR K 180 -57.21 -14.33 -10.37
C THR K 180 -56.21 -13.22 -10.04
N ALA K 181 -54.97 -13.58 -9.70
CA ALA K 181 -53.96 -12.55 -9.51
C ALA K 181 -53.63 -11.84 -10.81
N LYS K 182 -53.61 -12.57 -11.93
CA LYS K 182 -53.33 -11.94 -13.21
C LYS K 182 -54.46 -11.04 -13.64
N THR K 183 -55.70 -11.38 -13.31
CA THR K 183 -56.80 -10.45 -13.55
C THR K 183 -56.73 -9.25 -12.60
N MET K 184 -56.30 -9.50 -11.37
CA MET K 184 -56.13 -8.42 -10.40
C MET K 184 -55.04 -7.45 -10.82
N ILE K 185 -54.08 -7.90 -11.62
CA ILE K 185 -53.08 -6.98 -12.15
C ILE K 185 -53.75 -5.85 -12.92
N ALA K 186 -54.58 -6.20 -13.91
CA ALA K 186 -55.28 -5.20 -14.68
C ALA K 186 -56.30 -4.45 -13.83
N THR K 187 -56.88 -5.12 -12.84
CA THR K 187 -57.85 -4.45 -11.97
C THR K 187 -57.19 -3.34 -11.16
N ILE K 188 -56.06 -3.65 -10.51
CA ILE K 188 -55.32 -2.64 -9.76
C ILE K 188 -54.73 -1.60 -10.70
N THR K 189 -54.41 -1.97 -11.94
CA THR K 189 -53.94 -0.97 -12.90
C THR K 189 -55.01 0.06 -13.19
N THR K 190 -56.23 -0.39 -13.48
CA THR K 190 -57.33 0.54 -13.72
C THR K 190 -57.66 1.35 -12.47
N SER K 191 -57.53 0.74 -11.28
CA SER K 191 -57.79 1.48 -10.06
C SER K 191 -56.75 2.58 -9.84
N LEU K 192 -55.48 2.28 -10.08
CA LEU K 192 -54.44 3.30 -9.97
C LEU K 192 -54.64 4.40 -11.01
N GLN K 193 -55.10 4.04 -12.21
CA GLN K 193 -55.32 5.05 -13.23
C GLN K 193 -56.44 6.00 -12.83
N THR K 194 -57.57 5.45 -12.39
CA THR K 194 -58.67 6.33 -11.98
C THR K 194 -58.32 7.12 -10.72
N ALA K 195 -57.51 6.57 -9.81
CA ALA K 195 -57.10 7.35 -8.65
C ALA K 195 -56.20 8.51 -9.05
N THR K 196 -55.28 8.27 -9.99
CA THR K 196 -54.44 9.37 -10.46
C THR K 196 -55.25 10.43 -11.19
N ASN K 197 -56.28 10.01 -11.94
CA ASN K 197 -57.12 10.99 -12.62
C ASN K 197 -57.91 11.82 -11.62
N LYS K 198 -58.39 11.20 -10.56
CA LYS K 198 -59.15 11.93 -9.55
C LYS K 198 -58.26 12.91 -8.79
N LEU K 199 -57.04 12.50 -8.46
CA LEU K 199 -56.12 13.42 -7.80
C LEU K 199 -55.72 14.57 -8.72
N SER K 200 -55.60 14.31 -10.03
CA SER K 200 -55.31 15.38 -10.97
C SER K 200 -56.46 16.39 -11.04
N SER K 201 -57.70 15.90 -11.06
CA SER K 201 -58.83 16.82 -11.05
C SER K 201 -58.89 17.61 -9.74
N LEU K 202 -58.54 16.98 -8.62
CA LEU K 202 -58.53 17.71 -7.36
C LEU K 202 -57.46 18.79 -7.35
N GLY K 203 -56.29 18.51 -7.92
CA GLY K 203 -55.25 19.53 -7.97
C GLY K 203 -55.62 20.67 -8.89
N THR K 204 -56.27 20.36 -10.02
CA THR K 204 -56.73 21.42 -10.91
C THR K 204 -57.78 22.28 -10.22
N SER K 205 -58.66 21.67 -9.42
CA SER K 205 -59.65 22.46 -8.70
C SER K 205 -59.00 23.35 -7.66
N SER K 206 -57.92 22.87 -7.01
CA SER K 206 -57.23 23.72 -6.06
C SER K 206 -56.53 24.89 -6.76
N VAL K 207 -55.97 24.64 -7.95
CA VAL K 207 -55.36 25.74 -8.69
C VAL K 207 -56.39 26.76 -9.11
N GLY K 208 -57.60 26.31 -9.45
CA GLY K 208 -58.66 27.25 -9.76
C GLY K 208 -59.11 28.03 -8.55
N LEU K 209 -59.14 27.38 -7.39
CA LEU K 209 -59.46 28.08 -6.15
C LEU K 209 -58.43 29.16 -5.85
N ASP K 210 -57.15 28.86 -6.04
CA ASP K 210 -56.10 29.85 -5.78
C ASP K 210 -56.18 31.01 -6.76
N THR K 211 -56.47 30.72 -8.03
CA THR K 211 -56.58 31.79 -9.03
C THR K 211 -57.76 32.70 -8.72
N HIS K 212 -58.91 32.11 -8.40
CA HIS K 212 -60.06 32.94 -8.05
C HIS K 212 -59.83 33.69 -6.75
N LEU K 213 -59.04 33.14 -5.83
CA LEU K 213 -58.73 33.87 -4.61
C LEU K 213 -57.89 35.09 -4.91
N THR K 214 -56.91 34.96 -5.81
CA THR K 214 -56.11 36.13 -6.19
C THR K 214 -56.97 37.17 -6.89
N PHE K 215 -57.88 36.73 -7.78
CA PHE K 215 -58.76 37.68 -8.44
C PHE K 215 -59.71 38.34 -7.44
N VAL K 216 -60.17 37.60 -6.43
CA VAL K 216 -61.04 38.19 -5.42
C VAL K 216 -60.29 39.23 -4.60
N GLY K 217 -59.00 38.99 -4.34
CA GLY K 217 -58.23 39.99 -3.63
C GLY K 217 -58.05 41.26 -4.44
N LYS K 218 -57.78 41.10 -5.75
CA LYS K 218 -57.66 42.29 -6.60
C LYS K 218 -58.99 43.02 -6.70
N LEU K 219 -60.09 42.27 -6.78
CA LEU K 219 -61.41 42.90 -6.89
C LEU K 219 -61.77 43.64 -5.60
N GLN K 220 -61.39 43.09 -4.45
CA GLN K 220 -61.67 43.77 -3.20
C GLN K 220 -60.85 45.04 -3.07
N ASP K 221 -59.57 45.00 -3.48
CA ASP K 221 -58.77 46.21 -3.45
C ASP K 221 -59.32 47.26 -4.42
N SER K 222 -59.85 46.80 -5.56
CA SER K 222 -60.42 47.73 -6.52
C SER K 222 -61.69 48.37 -5.98
N LEU K 223 -62.55 47.58 -5.31
CA LEU K 223 -63.76 48.15 -4.71
C LEU K 223 -63.43 49.11 -3.58
N ASP K 224 -62.37 48.84 -2.81
CA ASP K 224 -61.98 49.77 -1.76
C ASP K 224 -61.48 51.08 -2.36
N ALA K 225 -60.66 51.00 -3.41
CA ALA K 225 -60.22 52.23 -4.07
C ALA K 225 -61.38 52.98 -4.68
N GLY K 226 -62.39 52.26 -5.20
CA GLY K 226 -63.52 52.92 -5.80
C GLY K 226 -64.39 53.64 -4.78
N VAL K 227 -64.72 52.96 -3.68
CA VAL K 227 -65.53 53.64 -2.67
C VAL K 227 -64.75 54.80 -2.06
N GLY K 228 -63.42 54.67 -1.94
CA GLY K 228 -62.65 55.78 -1.42
C GLY K 228 -62.65 56.97 -2.34
N ASN K 229 -62.59 56.73 -3.65
CA ASN K 229 -62.73 57.84 -4.60
C ASN K 229 -64.12 58.45 -4.51
N LEU K 230 -65.15 57.64 -4.22
CA LEU K 230 -66.48 58.18 -4.02
C LEU K 230 -66.57 59.05 -2.77
N VAL K 231 -65.77 58.78 -1.75
CA VAL K 231 -65.93 59.46 -0.47
C VAL K 231 -64.75 60.34 -0.06
N ASP K 232 -63.51 59.97 -0.39
CA ASP K 232 -62.37 60.62 0.24
C ASP K 232 -62.29 62.10 -0.12
N ALA K 233 -61.95 62.90 0.89
CA ALA K 233 -61.86 64.35 0.76
C ALA K 233 -60.58 64.79 0.07
N ASP K 234 -60.64 65.97 -0.53
CA ASP K 234 -59.46 66.64 -1.11
C ASP K 234 -58.74 67.39 -0.01
N LEU K 235 -58.07 66.64 0.86
CA LEU K 235 -57.55 67.20 2.10
C LEU K 235 -56.50 68.28 1.88
N ALA K 236 -55.67 68.13 0.83
CA ALA K 236 -54.67 69.16 0.58
C ALA K 236 -55.31 70.48 0.20
N LYS K 237 -56.41 70.43 -0.55
CA LYS K 237 -57.22 71.62 -0.77
C LYS K 237 -57.92 72.06 0.51
N GLU K 238 -58.26 71.09 1.37
CA GLU K 238 -58.97 71.43 2.61
C GLU K 238 -58.09 72.23 3.56
N SER K 239 -56.77 72.04 3.50
CA SER K 239 -55.90 72.85 4.35
C SER K 239 -55.96 74.31 3.94
N ALA K 240 -55.93 74.58 2.64
CA ALA K 240 -56.05 75.97 2.17
C ALA K 240 -57.44 76.53 2.47
N LYS K 241 -58.47 75.71 2.31
CA LYS K 241 -59.82 76.19 2.60
C LYS K 241 -59.98 76.52 4.08
N LEU K 242 -59.33 75.75 4.95
CA LEU K 242 -59.36 76.04 6.38
C LEU K 242 -58.63 77.33 6.69
N GLN K 243 -57.42 77.48 6.14
CA GLN K 243 -56.62 78.66 6.44
C GLN K 243 -57.29 79.92 5.91
N SER K 244 -58.09 79.80 4.85
CA SER K 244 -58.84 80.95 4.35
C SER K 244 -60.10 81.20 5.17
N LEU K 245 -60.81 80.14 5.54
CA LEU K 245 -62.07 80.30 6.27
C LEU K 245 -61.85 80.89 7.66
N GLN K 246 -60.71 80.57 8.29
CA GLN K 246 -60.43 81.18 9.59
C GLN K 246 -60.28 82.69 9.46
N THR K 247 -59.51 83.13 8.45
CA THR K 247 -59.35 84.56 8.22
C THR K 247 -60.67 85.21 7.88
N LYS K 248 -61.51 84.54 7.09
CA LYS K 248 -62.81 85.12 6.77
C LYS K 248 -63.68 85.23 8.01
N GLN K 249 -63.57 84.28 8.95
CA GLN K 249 -64.33 84.36 10.19
C GLN K 249 -63.89 85.55 11.02
N GLN K 250 -62.57 85.74 11.16
CA GLN K 250 -62.12 86.86 12.00
C GLN K 250 -62.42 88.21 11.34
N LEU K 251 -62.34 88.29 10.02
CA LEU K 251 -62.79 89.52 9.35
C LEU K 251 -64.29 89.74 9.52
N GLY K 252 -65.07 88.67 9.56
CA GLY K 252 -66.50 88.85 9.81
C GLY K 252 -66.78 89.32 11.23
N VAL K 253 -66.00 88.83 12.19
CA VAL K 253 -66.16 89.29 13.57
C VAL K 253 -65.80 90.77 13.68
N GLN K 254 -64.69 91.18 13.04
CA GLN K 254 -64.33 92.60 13.08
C GLN K 254 -65.37 93.45 12.36
N ALA K 255 -65.96 92.93 11.28
CA ALA K 255 -67.00 93.68 10.59
C ALA K 255 -68.23 93.86 11.46
N LEU K 256 -68.61 92.82 12.22
CA LEU K 256 -69.74 92.96 13.12
C LEU K 256 -69.43 93.94 14.25
N SER K 257 -68.20 93.89 14.77
CA SER K 257 -67.85 94.80 15.86
C SER K 257 -67.88 96.25 15.38
N ILE K 258 -67.47 96.48 14.13
CA ILE K 258 -67.58 97.82 13.56
C ILE K 258 -69.04 98.20 13.32
N ALA K 259 -69.87 97.24 12.91
CA ALA K 259 -71.27 97.52 12.66
C ALA K 259 -72.02 97.88 13.94
N ASN K 260 -71.52 97.43 15.10
CA ASN K 260 -72.26 97.66 16.34
C ASN K 260 -72.42 99.16 16.66
N GLN K 261 -71.37 99.95 16.44
CA GLN K 261 -71.40 101.32 16.93
C GLN K 261 -72.03 102.34 15.97
N THR K 262 -72.38 101.95 14.75
CA THR K 262 -72.92 102.91 13.80
C THR K 262 -74.15 103.65 14.32
N PRO K 263 -75.19 102.97 14.85
CA PRO K 263 -76.27 103.74 15.51
C PRO K 263 -75.81 104.56 16.70
N GLN K 264 -74.78 104.10 17.42
CA GLN K 264 -74.41 104.68 18.70
C GLN K 264 -73.97 106.14 18.57
N THR K 265 -73.52 106.55 17.39
CA THR K 265 -73.03 107.91 17.21
C THR K 265 -74.11 108.97 17.39
N ILE K 266 -75.39 108.59 17.29
CA ILE K 266 -76.47 109.58 17.40
C ILE K 266 -76.45 110.24 18.78
N LEU K 267 -75.94 109.54 19.79
CA LEU K 267 -75.90 110.12 21.13
C LEU K 267 -75.00 111.35 21.18
N SER K 268 -73.99 111.39 20.30
CA SER K 268 -73.09 112.55 20.26
C SER K 268 -73.81 113.81 19.81
N LEU K 269 -74.90 113.68 19.06
CA LEU K 269 -75.67 114.83 18.61
C LEU K 269 -76.42 115.52 19.74
N PHE K 270 -76.63 114.86 20.87
CA PHE K 270 -77.38 115.45 21.97
C PHE K 270 -76.46 116.06 23.01
N LEU L 1 -4.20 2.57 -31.30
CA LEU L 1 -3.03 1.84 -30.80
C LEU L 1 -3.34 1.17 -29.48
N ASN L 2 -3.23 1.92 -28.39
CA ASN L 2 -3.56 1.39 -27.07
C ASN L 2 -5.04 1.06 -27.01
N SER L 3 -5.36 -0.11 -26.46
CA SER L 3 -6.76 -0.52 -26.32
C SER L 3 -6.84 -1.62 -25.28
N ILE L 4 -7.92 -1.57 -24.50
CA ILE L 4 -8.18 -2.64 -23.55
C ILE L 4 -8.99 -3.77 -24.17
N ASN L 5 -9.56 -3.57 -25.36
CA ASN L 5 -10.39 -4.61 -25.96
C ASN L 5 -9.58 -5.60 -26.77
N THR L 6 -8.60 -5.13 -27.53
CA THR L 6 -7.85 -6.00 -28.43
C THR L 6 -6.39 -5.58 -28.45
N ASN L 7 -5.50 -6.55 -28.26
CA ASN L 7 -4.06 -6.36 -28.50
C ASN L 7 -3.52 -7.32 -29.56
N PRO L 8 -3.22 -6.83 -30.76
CA PRO L 8 -2.79 -7.74 -31.84
C PRO L 8 -1.54 -8.55 -31.53
N GLY L 9 -0.62 -8.01 -30.73
CA GLY L 9 0.63 -8.71 -30.48
C GLY L 9 0.46 -10.02 -29.73
N ALA L 10 -0.49 -10.07 -28.79
CA ALA L 10 -0.76 -11.33 -28.11
C ALA L 10 -1.27 -12.38 -29.09
N LEU L 11 -2.12 -11.97 -30.03
CA LEU L 11 -2.61 -12.92 -31.04
C LEU L 11 -1.48 -13.40 -31.93
N LEU L 12 -0.58 -12.49 -32.33
CA LEU L 12 0.52 -12.89 -33.21
C LEU L 12 1.46 -13.86 -32.50
N ALA L 13 1.79 -13.57 -31.24
CA ALA L 13 2.65 -14.47 -30.49
C ALA L 13 1.97 -15.81 -30.27
N LEU L 14 0.65 -15.82 -30.09
CA LEU L 14 -0.06 -17.07 -29.93
C LEU L 14 -0.07 -17.88 -31.22
N GLN L 15 -0.09 -17.21 -32.38
CA GLN L 15 -0.02 -17.95 -33.63
C GLN L 15 1.36 -18.55 -33.85
N ASN L 16 2.42 -17.78 -33.55
CA ASN L 16 3.76 -18.37 -33.65
C ASN L 16 3.94 -19.51 -32.66
N LEU L 17 3.31 -19.41 -31.48
CA LEU L 17 3.39 -20.48 -30.51
C LEU L 17 2.66 -21.73 -30.98
N ASN L 18 1.49 -21.56 -31.61
CA ASN L 18 0.80 -22.71 -32.18
C ASN L 18 1.61 -23.34 -33.31
N SER L 19 2.30 -22.52 -34.10
CA SER L 19 3.09 -23.08 -35.20
C SER L 19 4.26 -23.90 -34.67
N THR L 20 4.97 -23.36 -33.66
CA THR L 20 6.07 -24.13 -33.09
C THR L 20 5.56 -25.36 -32.36
N ASN L 21 4.35 -25.30 -31.78
CA ASN L 21 3.77 -26.49 -31.15
C ASN L 21 3.45 -27.55 -32.18
N THR L 22 2.95 -27.15 -33.34
CA THR L 22 2.64 -28.14 -34.38
C THR L 22 3.91 -28.78 -34.92
N GLU L 23 4.95 -27.97 -35.13
CA GLU L 23 6.22 -28.54 -35.58
C GLU L 23 6.81 -29.47 -34.53
N LEU L 24 6.66 -29.11 -33.24
CA LEU L 24 7.17 -29.98 -32.18
C LEU L 24 6.39 -31.29 -32.12
N ALA L 25 5.08 -31.23 -32.35
CA ALA L 25 4.29 -32.46 -32.35
C ALA L 25 4.68 -33.36 -33.51
N ALA L 26 4.91 -32.79 -34.69
CA ALA L 26 5.35 -33.59 -35.82
C ALA L 26 6.73 -34.19 -35.56
N THR L 27 7.60 -33.45 -34.87
CA THR L 27 8.92 -33.98 -34.57
C THR L 27 8.84 -35.14 -33.58
N GLN L 28 8.01 -35.00 -32.55
CA GLN L 28 7.85 -36.09 -31.60
C GLN L 28 7.25 -37.31 -32.25
N GLY L 29 6.37 -37.11 -33.24
CA GLY L 29 5.82 -38.24 -33.96
C GLY L 29 6.87 -38.92 -34.83
N ARG L 30 7.74 -38.14 -35.46
CA ARG L 30 8.80 -38.76 -36.24
C ARG L 30 9.81 -39.49 -35.35
N ILE L 31 9.97 -39.05 -34.10
CA ILE L 31 10.89 -39.75 -33.21
C ILE L 31 10.27 -41.04 -32.69
N ASN L 32 9.04 -40.96 -32.15
CA ASN L 32 8.47 -42.16 -31.54
C ASN L 32 8.10 -43.20 -32.59
N THR L 33 7.84 -42.79 -33.84
CA THR L 33 7.64 -43.77 -34.88
C THR L 33 8.95 -44.26 -35.47
N GLY L 34 9.97 -43.40 -35.51
CA GLY L 34 11.24 -43.76 -36.09
C GLY L 34 11.28 -43.68 -37.60
N LYS L 35 10.27 -43.09 -38.23
CA LYS L 35 10.13 -43.07 -39.69
C LYS L 35 9.85 -41.65 -40.15
N LYS L 36 10.40 -41.27 -41.30
CA LYS L 36 10.07 -39.97 -41.86
C LYS L 36 8.73 -39.97 -42.58
N VAL L 37 8.16 -41.14 -42.84
CA VAL L 37 6.85 -41.27 -43.48
C VAL L 37 6.11 -42.33 -42.66
N ALA L 38 5.64 -41.94 -41.48
CA ALA L 38 4.97 -42.87 -40.57
C ALA L 38 3.60 -43.31 -41.06
N ASN L 39 2.90 -42.50 -41.85
CA ASN L 39 1.52 -42.81 -42.22
C ASN L 39 1.20 -42.08 -43.53
N ALA L 40 0.02 -42.40 -44.06
CA ALA L 40 -0.43 -41.78 -45.31
C ALA L 40 -0.58 -40.26 -45.19
N LYS L 41 -0.87 -39.75 -44.00
CA LYS L 41 -0.95 -38.31 -43.82
C LYS L 41 0.38 -37.62 -44.02
N ASP L 42 1.50 -38.29 -43.72
CA ASP L 42 2.80 -37.63 -43.79
C ASP L 42 3.22 -37.40 -45.24
N ASN L 43 3.13 -38.44 -46.07
CA ASN L 43 3.58 -38.33 -47.46
C ASN L 43 3.09 -39.55 -48.23
N GLY L 44 2.02 -39.39 -49.02
CA GLY L 44 1.33 -40.51 -49.62
C GLY L 44 2.10 -41.26 -50.69
N ALA L 45 2.89 -40.56 -51.51
CA ALA L 45 3.59 -41.24 -52.58
C ALA L 45 4.65 -42.18 -52.02
N ILE L 46 5.51 -41.66 -51.14
CA ILE L 46 6.49 -42.51 -50.48
C ILE L 46 5.80 -43.55 -49.63
N TRP L 47 4.67 -43.19 -49.00
CA TRP L 47 3.99 -44.16 -48.14
C TRP L 47 3.52 -45.36 -48.94
N SER L 48 2.81 -45.14 -50.04
CA SER L 48 2.29 -46.26 -50.82
C SER L 48 3.41 -47.03 -51.49
N MET L 49 4.42 -46.32 -52.02
CA MET L 49 5.53 -47.02 -52.67
C MET L 49 6.29 -47.89 -51.68
N ALA L 50 6.48 -47.40 -50.45
CA ALA L 50 7.16 -48.17 -49.44
C ALA L 50 6.31 -49.33 -48.94
N LYS L 51 5.01 -49.12 -48.77
CA LYS L 51 4.15 -50.21 -48.32
C LYS L 51 4.15 -51.34 -49.34
N MET L 52 4.22 -51.01 -50.63
CA MET L 52 4.24 -52.08 -51.62
C MET L 52 5.60 -52.74 -51.74
N GLN L 53 6.69 -51.98 -51.66
CA GLN L 53 7.99 -52.64 -51.70
C GLN L 53 8.17 -53.54 -50.48
N SER L 54 7.68 -53.09 -49.32
CA SER L 54 7.73 -53.92 -48.12
C SER L 54 6.80 -55.12 -48.21
N ALA L 55 5.64 -54.97 -48.86
CA ALA L 55 4.74 -56.10 -49.01
C ALA L 55 5.34 -57.16 -49.93
N THR L 56 5.99 -56.72 -51.01
CA THR L 56 6.69 -57.67 -51.87
C THR L 56 7.87 -58.30 -51.15
N ALA L 57 8.53 -57.57 -50.25
CA ALA L 57 9.60 -58.17 -49.46
C ALA L 57 9.06 -59.22 -48.49
N SER L 58 7.93 -58.92 -47.85
CA SER L 58 7.32 -59.87 -46.91
C SER L 58 6.76 -61.08 -47.63
N SER L 59 6.38 -60.92 -48.90
CA SER L 59 5.87 -62.04 -49.69
C SER L 59 6.94 -63.09 -49.96
N LEU L 60 8.22 -62.72 -49.84
CA LEU L 60 9.30 -63.66 -50.11
C LEU L 60 9.46 -64.72 -49.03
N ASN L 61 8.82 -64.54 -47.87
CA ASN L 61 8.89 -65.57 -46.83
C ASN L 61 8.31 -66.88 -47.33
N SER L 62 7.17 -66.81 -48.03
CA SER L 62 6.59 -68.02 -48.61
C SER L 62 7.47 -68.60 -49.70
N VAL L 63 8.19 -67.75 -50.43
CA VAL L 63 9.10 -68.24 -51.46
C VAL L 63 10.22 -69.05 -50.82
N LYS L 64 10.83 -68.49 -49.76
CA LYS L 64 11.89 -69.23 -49.07
C LYS L 64 11.34 -70.52 -48.45
N ASP L 65 10.10 -70.48 -47.96
CA ASP L 65 9.52 -71.68 -47.37
C ASP L 65 9.33 -72.77 -48.42
N SER L 66 8.82 -72.40 -49.59
CA SER L 66 8.66 -73.38 -50.67
C SER L 66 10.00 -73.89 -51.17
N LEU L 67 11.02 -73.04 -51.16
CA LEU L 67 12.34 -73.50 -51.59
C LEU L 67 12.92 -74.52 -50.61
N GLN L 68 12.79 -74.25 -49.31
CA GLN L 68 13.26 -75.22 -48.33
C GLN L 68 12.45 -76.51 -48.40
N ARG L 69 11.16 -76.41 -48.69
CA ARG L 69 10.34 -77.60 -48.85
C ARG L 69 10.81 -78.44 -50.03
N GLY L 70 11.12 -77.79 -51.15
CA GLY L 70 11.59 -78.53 -52.31
C GLY L 70 12.95 -79.14 -52.07
N GLN L 71 13.83 -78.44 -51.36
CA GLN L 71 15.14 -79.01 -51.05
C GLN L 71 15.02 -80.22 -50.14
N SER L 72 14.12 -80.18 -49.15
CA SER L 72 13.92 -81.33 -48.29
C SER L 72 13.34 -82.51 -49.07
N THR L 73 12.44 -82.22 -50.01
CA THR L 73 11.89 -83.30 -50.81
C THR L 73 12.94 -83.93 -51.70
N ILE L 74 13.82 -83.11 -52.29
CA ILE L 74 14.90 -83.66 -53.10
C ILE L 74 15.88 -84.45 -52.23
N ASP L 75 16.04 -84.04 -50.97
CA ASP L 75 16.92 -84.77 -50.07
C ASP L 75 16.37 -86.16 -49.76
N VAL L 76 15.08 -86.25 -49.45
CA VAL L 76 14.52 -87.58 -49.21
C VAL L 76 14.51 -88.41 -50.49
N ALA L 77 14.37 -87.74 -51.65
CA ALA L 77 14.41 -88.48 -52.92
C ALA L 77 15.79 -89.10 -53.16
N LEU L 78 16.86 -88.33 -52.91
CA LEU L 78 18.19 -88.90 -53.04
C LEU L 78 18.46 -89.97 -51.99
N ALA L 79 17.89 -89.82 -50.80
CA ALA L 79 18.06 -90.84 -49.76
C ALA L 79 17.43 -92.15 -50.18
N ALA L 80 16.33 -92.09 -50.92
CA ALA L 80 15.78 -93.32 -51.51
C ALA L 80 16.62 -93.81 -52.69
N GLY L 81 17.13 -92.88 -53.49
CA GLY L 81 17.79 -93.27 -54.73
C GLY L 81 19.13 -93.94 -54.51
N ASP L 82 19.78 -93.64 -53.37
CA ASP L 82 21.03 -94.34 -53.08
C ASP L 82 20.78 -95.83 -52.85
N THR L 83 19.76 -96.17 -52.06
CA THR L 83 19.39 -97.57 -51.87
C THR L 83 18.92 -98.18 -53.18
N ILE L 84 18.27 -97.38 -54.02
CA ILE L 84 17.86 -97.86 -55.34
C ILE L 84 19.08 -98.29 -56.16
N THR L 85 20.10 -97.44 -56.22
CA THR L 85 21.29 -97.78 -57.00
C THR L 85 22.02 -98.98 -56.40
N ASP L 86 22.05 -99.09 -55.08
CA ASP L 86 22.75 -100.24 -54.49
C ASP L 86 22.01 -101.54 -54.81
N LEU L 87 20.68 -101.51 -54.77
CA LEU L 87 19.92 -102.69 -55.14
C LEU L 87 20.10 -103.03 -56.61
N LEU L 88 20.22 -102.02 -57.46
CA LEU L 88 20.45 -102.27 -58.89
C LEU L 88 21.81 -102.90 -59.12
N THR L 89 22.84 -102.44 -58.40
CA THR L 89 24.16 -103.03 -58.55
C THR L 89 24.17 -104.47 -58.04
N LYS L 90 23.47 -104.73 -56.94
CA LYS L 90 23.43 -106.10 -56.44
C LYS L 90 22.72 -107.02 -57.43
N MET L 91 21.60 -106.56 -57.99
CA MET L 91 20.90 -107.37 -58.97
C MET L 91 21.73 -107.58 -60.23
N LYS L 92 22.54 -106.58 -60.61
CA LYS L 92 23.45 -106.77 -61.72
C LYS L 92 24.45 -107.88 -61.43
N GLU L 93 25.02 -107.88 -60.21
CA GLU L 93 25.98 -108.92 -59.87
C GLU L 93 25.32 -110.29 -59.83
N LYS L 94 24.07 -110.37 -59.35
CA LYS L 94 23.42 -111.67 -59.27
C LYS L 94 23.03 -112.19 -60.65
N ALA L 95 22.61 -111.30 -61.55
CA ALA L 95 22.35 -111.74 -62.92
C ALA L 95 23.63 -112.16 -63.61
N LEU L 96 24.74 -111.47 -63.36
CA LEU L 96 26.02 -111.87 -63.93
C LEU L 96 26.45 -113.24 -63.39
N ALA L 97 26.13 -113.50 -62.12
CA ALA L 97 26.51 -114.79 -61.53
C ALA L 97 25.62 -115.92 -62.05
N ALA L 98 24.33 -115.65 -62.24
CA ALA L 98 23.42 -116.70 -62.71
C ALA L 98 23.54 -116.92 -64.22
N SER L 99 24.16 -115.98 -64.93
CA SER L 99 24.30 -116.16 -66.38
C SER L 99 25.21 -117.31 -66.75
N ASP L 100 26.13 -117.69 -65.86
CA ASP L 100 27.01 -118.81 -66.17
C ASP L 100 26.20 -120.11 -66.26
N THR L 101 26.49 -120.89 -67.30
CA THR L 101 25.82 -122.16 -67.53
C THR L 101 26.33 -123.29 -66.63
N SER L 102 27.53 -123.15 -66.07
CA SER L 102 28.13 -124.23 -65.29
C SER L 102 27.36 -124.49 -63.99
N LEU L 103 26.60 -123.49 -63.51
CA LEU L 103 25.89 -123.64 -62.26
C LEU L 103 24.79 -124.69 -62.35
N ASN L 104 24.58 -125.38 -61.23
CA ASN L 104 23.47 -126.31 -61.06
C ASN L 104 22.16 -125.54 -60.84
N THR L 105 21.05 -126.24 -61.09
CA THR L 105 19.74 -125.59 -61.06
C THR L 105 19.42 -125.00 -59.69
N ALA L 106 19.95 -125.57 -58.61
CA ALA L 106 19.61 -125.10 -57.28
C ALA L 106 20.17 -123.71 -57.01
N SER L 107 21.45 -123.50 -57.34
CA SER L 107 22.03 -122.17 -57.16
C SER L 107 21.37 -121.15 -58.09
N PHE L 108 20.95 -121.58 -59.27
CA PHE L 108 20.26 -120.68 -60.18
C PHE L 108 18.90 -120.28 -59.61
N ASN L 109 18.17 -121.23 -59.02
CA ASN L 109 16.91 -120.89 -58.38
C ASN L 109 17.11 -119.98 -57.18
N ALA L 110 18.20 -120.18 -56.43
CA ALA L 110 18.45 -119.34 -55.27
C ALA L 110 18.79 -117.91 -55.70
N LEU L 111 19.62 -117.78 -56.74
CA LEU L 111 19.93 -116.46 -57.27
C LEU L 111 18.68 -115.78 -57.83
N LYS L 112 17.80 -116.55 -58.45
CA LYS L 112 16.57 -115.98 -58.98
C LYS L 112 15.68 -115.45 -57.85
N ALA L 113 15.45 -116.27 -56.82
CA ALA L 113 14.57 -115.85 -55.74
C ALA L 113 15.16 -114.66 -54.98
N ASP L 114 16.48 -114.61 -54.81
CA ASP L 114 17.06 -113.43 -54.19
C ASP L 114 16.92 -112.20 -55.07
N PHE L 115 16.96 -112.39 -56.39
CA PHE L 115 16.72 -111.26 -57.29
C PHE L 115 15.30 -110.74 -57.15
N GLU L 116 14.33 -111.65 -57.05
CA GLU L 116 12.94 -111.21 -56.93
C GLU L 116 12.71 -110.50 -55.59
N SER L 117 13.37 -110.99 -54.54
CA SER L 117 13.28 -110.28 -53.26
C SER L 117 13.90 -108.89 -53.36
N LEU L 118 14.98 -108.76 -54.13
CA LEU L 118 15.61 -107.45 -54.29
C LEU L 118 14.72 -106.51 -55.10
N ARG L 119 14.05 -107.01 -56.14
CA ARG L 119 13.19 -106.11 -56.90
C ARG L 119 12.00 -105.66 -56.06
N ASP L 120 11.49 -106.55 -55.20
CA ASP L 120 10.38 -106.16 -54.33
C ASP L 120 10.83 -105.13 -53.30
N GLN L 121 12.02 -105.33 -52.72
CA GLN L 121 12.55 -104.32 -51.80
C GLN L 121 12.79 -103.00 -52.52
N LEU L 122 13.16 -103.06 -53.80
CA LEU L 122 13.37 -101.84 -54.57
C LEU L 122 12.05 -101.09 -54.75
N GLN L 123 10.99 -101.79 -55.12
CA GLN L 123 9.70 -101.13 -55.29
C GLN L 123 9.20 -100.58 -53.96
N LYS L 124 9.48 -101.29 -52.85
CA LYS L 124 9.03 -100.81 -51.55
C LYS L 124 9.78 -99.55 -51.12
N ALA L 125 11.10 -99.55 -51.30
CA ALA L 125 11.89 -98.37 -50.95
C ALA L 125 11.57 -97.20 -51.85
N ALA L 126 11.14 -97.49 -53.09
CA ALA L 126 10.72 -96.41 -53.98
C ALA L 126 9.40 -95.81 -53.50
N THR L 127 8.41 -96.65 -53.23
CA THR L 127 7.09 -96.13 -52.86
C THR L 127 7.08 -95.50 -51.46
N ASN L 128 7.97 -95.94 -50.57
CA ASN L 128 7.91 -95.47 -49.19
C ASN L 128 8.39 -94.03 -49.04
N ALA L 129 9.13 -93.52 -50.02
CA ALA L 129 9.78 -92.22 -49.91
C ALA L 129 8.85 -91.13 -50.40
N LYS L 130 8.25 -90.40 -49.46
CA LYS L 130 7.45 -89.23 -49.77
C LYS L 130 7.52 -88.26 -48.60
N PHE L 131 7.49 -86.97 -48.92
CA PHE L 131 7.67 -85.90 -47.94
C PHE L 131 6.41 -85.05 -47.91
N ASN L 132 5.66 -85.13 -46.80
CA ASN L 132 4.45 -84.35 -46.58
C ASN L 132 3.48 -84.58 -47.74
N GLY L 133 3.27 -85.86 -48.07
CA GLY L 133 2.26 -86.25 -49.03
C GLY L 133 2.64 -86.12 -50.48
N VAL L 134 3.87 -85.72 -50.79
CA VAL L 134 4.31 -85.53 -52.17
C VAL L 134 5.74 -86.04 -52.29
N SER L 135 6.09 -86.46 -53.51
CA SER L 135 7.40 -87.05 -53.76
C SER L 135 7.74 -86.91 -55.24
N LEU L 136 9.04 -87.02 -55.53
CA LEU L 136 9.53 -86.94 -56.90
C LEU L 136 10.05 -88.29 -57.40
N ALA L 137 10.75 -89.04 -56.55
CA ALA L 137 11.39 -90.28 -57.00
C ALA L 137 10.38 -91.32 -57.43
N ASP L 138 9.20 -91.34 -56.83
CA ASP L 138 8.23 -92.39 -57.15
C ASP L 138 7.42 -92.10 -58.40
N GLY L 139 7.53 -90.91 -58.96
CA GLY L 139 6.76 -90.59 -60.16
C GLY L 139 5.29 -90.38 -59.91
N SER L 140 4.94 -89.87 -58.72
CA SER L 140 3.54 -89.65 -58.38
C SER L 140 2.86 -88.64 -59.30
N THR L 141 3.61 -87.70 -59.86
CA THR L 141 3.09 -86.74 -60.81
C THR L 141 4.25 -86.26 -61.67
N THR L 142 3.91 -85.64 -62.81
CA THR L 142 4.94 -85.26 -63.77
C THR L 142 5.90 -84.22 -63.19
N LYS L 143 5.40 -83.33 -62.32
CA LYS L 143 6.24 -82.26 -61.79
C LYS L 143 5.55 -81.58 -60.61
N LEU L 144 6.37 -80.97 -59.75
CA LEU L 144 5.90 -80.03 -58.75
C LEU L 144 6.59 -78.69 -58.99
N SER L 145 5.83 -77.60 -58.78
CA SER L 145 6.29 -76.26 -59.12
C SER L 145 6.46 -75.44 -57.84
N PHE L 146 7.67 -75.45 -57.30
CA PHE L 146 8.00 -74.62 -56.15
C PHE L 146 8.16 -73.16 -56.57
N LEU L 147 7.91 -72.25 -55.64
CA LEU L 147 7.99 -70.83 -55.93
C LEU L 147 9.43 -70.39 -56.18
N ALA L 148 9.57 -69.36 -57.00
CA ALA L 148 10.86 -68.75 -57.28
C ALA L 148 10.83 -67.23 -57.26
N ASN L 149 9.65 -66.61 -57.28
CA ASN L 149 9.51 -65.16 -57.36
C ASN L 149 8.11 -64.84 -56.83
N GLU L 150 7.94 -63.62 -56.30
CA GLU L 150 6.71 -63.32 -55.57
C GLU L 150 5.53 -62.97 -56.47
N ASP L 151 5.69 -62.95 -57.79
CA ASP L 151 4.52 -62.82 -58.66
C ASP L 151 3.79 -64.13 -58.83
N GLY L 152 4.36 -65.24 -58.34
CA GLY L 152 3.79 -66.55 -58.52
C GLY L 152 4.46 -67.40 -59.58
N SER L 153 5.49 -66.90 -60.26
CA SER L 153 6.22 -67.71 -61.21
C SER L 153 6.92 -68.86 -60.47
N ASN L 154 6.95 -70.02 -61.11
CA ASN L 154 7.30 -71.26 -60.42
C ASN L 154 8.67 -71.77 -60.82
N PHE L 155 9.51 -72.05 -59.84
CA PHE L 155 10.64 -72.95 -60.05
C PHE L 155 10.11 -74.35 -60.33
N THR L 156 10.68 -75.01 -61.32
CA THR L 156 10.15 -76.28 -61.81
C THR L 156 11.14 -77.40 -61.55
N VAL L 157 10.63 -78.53 -61.06
CA VAL L 157 11.44 -79.73 -60.85
C VAL L 157 10.67 -80.94 -61.37
N THR L 158 11.01 -81.37 -62.58
CA THR L 158 10.35 -82.54 -63.16
C THR L 158 10.67 -83.79 -62.35
N ALA L 159 9.67 -84.65 -62.18
CA ALA L 159 9.86 -85.88 -61.44
C ALA L 159 10.74 -86.86 -62.20
N GLN L 160 11.59 -87.57 -61.47
CA GLN L 160 12.36 -88.69 -61.98
C GLN L 160 11.76 -89.96 -61.38
N THR L 161 11.10 -90.76 -62.20
CA THR L 161 10.43 -91.95 -61.71
C THR L 161 11.44 -93.04 -61.40
N LEU L 162 12.00 -93.01 -60.19
CA LEU L 162 12.94 -94.04 -59.77
C LEU L 162 12.24 -95.33 -59.38
N SER L 163 10.90 -95.32 -59.34
CA SER L 163 10.15 -96.56 -59.16
C SER L 163 10.32 -97.44 -60.39
N LEU L 164 10.10 -98.75 -60.19
CA LEU L 164 10.48 -99.76 -61.17
C LEU L 164 10.01 -99.46 -62.59
N THR L 165 8.76 -99.02 -62.76
CA THR L 165 8.24 -98.81 -64.10
C THR L 165 8.96 -97.66 -64.81
N GLY L 166 9.45 -96.68 -64.06
CA GLY L 166 10.15 -95.56 -64.67
C GLY L 166 11.60 -95.82 -65.00
N ILE L 167 12.19 -96.87 -64.43
CA ILE L 167 13.58 -97.21 -64.71
C ILE L 167 13.72 -98.07 -65.96
N GLY L 168 12.60 -98.53 -66.53
CA GLY L 168 12.61 -99.49 -67.62
C GLY L 168 12.39 -100.92 -67.20
N LEU L 169 12.45 -101.21 -65.89
CA LEU L 169 12.10 -102.51 -65.37
C LEU L 169 10.61 -102.54 -64.99
N THR L 170 10.14 -103.72 -64.60
CA THR L 170 8.81 -103.87 -64.04
C THR L 170 8.85 -104.93 -62.94
N ALA L 171 7.83 -104.91 -62.10
CA ALA L 171 7.81 -105.78 -60.92
C ALA L 171 7.83 -107.26 -61.28
N THR L 172 7.33 -107.62 -62.45
CA THR L 172 7.29 -109.01 -62.89
C THR L 172 8.51 -109.43 -63.70
N SER L 173 9.50 -108.54 -63.84
CA SER L 173 10.69 -108.89 -64.61
C SER L 173 11.43 -110.05 -63.97
N THR L 174 11.89 -110.98 -64.80
CA THR L 174 12.59 -112.16 -64.30
C THR L 174 13.40 -112.78 -65.43
N PHE L 175 14.42 -113.55 -65.04
CA PHE L 175 15.30 -114.24 -65.97
C PHE L 175 15.23 -115.75 -65.72
N THR L 176 14.46 -116.42 -66.57
CA THR L 176 14.18 -117.85 -66.48
C THR L 176 15.40 -118.72 -66.79
N ASP L 177 16.32 -118.25 -67.63
CA ASP L 177 17.38 -119.10 -68.15
C ASP L 177 18.67 -118.29 -68.21
N ALA L 178 19.80 -119.00 -68.29
CA ALA L 178 21.09 -118.34 -68.23
C ALA L 178 21.31 -117.38 -69.40
N ALA L 179 20.80 -117.71 -70.59
CA ALA L 179 20.88 -116.75 -71.70
C ALA L 179 20.00 -115.54 -71.42
N THR L 180 18.84 -115.76 -70.82
CA THR L 180 18.00 -114.64 -70.42
C THR L 180 18.70 -113.81 -69.34
N ALA L 181 19.47 -114.46 -68.47
CA ALA L 181 20.27 -113.72 -67.50
C ALA L 181 21.37 -112.91 -68.19
N LYS L 182 21.92 -113.44 -69.29
CA LYS L 182 22.96 -112.70 -69.99
C LYS L 182 22.40 -111.45 -70.65
N THR L 183 21.20 -111.56 -71.23
CA THR L 183 20.52 -110.34 -71.70
C THR L 183 20.12 -109.44 -70.53
N MET L 184 19.77 -110.03 -69.39
CA MET L 184 19.32 -109.26 -68.26
C MET L 184 20.44 -108.47 -67.63
N ILE L 185 21.70 -108.90 -67.81
CA ILE L 185 22.83 -108.08 -67.39
C ILE L 185 22.79 -106.74 -68.11
N ALA L 186 22.60 -106.78 -69.44
CA ALA L 186 22.52 -105.53 -70.19
C ALA L 186 21.28 -104.73 -69.80
N THR L 187 20.16 -105.41 -69.53
CA THR L 187 18.96 -104.67 -69.15
C THR L 187 19.16 -103.96 -67.81
N ILE L 188 19.71 -104.65 -66.81
CA ILE L 188 19.95 -104.04 -65.52
C ILE L 188 21.04 -102.97 -65.63
N THR L 189 21.96 -103.12 -66.58
CA THR L 189 22.98 -102.09 -66.78
C THR L 189 22.36 -100.79 -67.29
N THR L 190 21.52 -100.88 -68.33
CA THR L 190 20.84 -99.69 -68.82
C THR L 190 19.92 -99.11 -67.75
N SER L 191 19.30 -99.97 -66.94
CA SER L 191 18.42 -99.47 -65.89
C SER L 191 19.21 -98.71 -64.82
N LEU L 192 20.36 -99.24 -64.41
CA LEU L 192 21.18 -98.53 -63.46
C LEU L 192 21.71 -97.23 -64.03
N GLN L 193 22.01 -97.22 -65.34
CA GLN L 193 22.49 -95.99 -65.95
C GLN L 193 21.43 -94.91 -65.96
N THR L 194 20.21 -95.26 -66.38
CA THR L 194 19.15 -94.26 -66.38
C THR L 194 18.81 -93.82 -64.96
N ALA L 195 18.91 -94.71 -63.97
CA ALA L 195 18.65 -94.31 -62.60
C ALA L 195 19.70 -93.33 -62.09
N THR L 196 20.98 -93.58 -62.41
CA THR L 196 22.02 -92.64 -62.02
C THR L 196 21.86 -91.30 -62.73
N ASN L 197 21.41 -91.30 -63.99
CA ASN L 197 21.17 -90.03 -64.66
C ASN L 197 20.01 -89.27 -64.01
N LYS L 198 18.98 -90.00 -63.57
CA LYS L 198 17.85 -89.34 -62.90
C LYS L 198 18.27 -88.75 -61.56
N LEU L 199 19.11 -89.47 -60.82
CA LEU L 199 19.62 -88.93 -59.56
C LEU L 199 20.55 -87.75 -59.79
N SER L 200 21.32 -87.76 -60.88
CA SER L 200 22.14 -86.60 -61.20
C SER L 200 21.29 -85.39 -61.54
N SER L 201 20.14 -85.63 -62.21
CA SER L 201 19.23 -84.52 -62.48
C SER L 201 18.62 -83.99 -61.18
N LEU L 202 18.30 -84.89 -60.24
CA LEU L 202 17.80 -84.44 -58.95
C LEU L 202 18.86 -83.65 -58.18
N GLY L 203 20.13 -84.03 -58.30
CA GLY L 203 21.17 -83.28 -57.61
C GLY L 203 21.39 -81.92 -58.21
N THR L 204 21.30 -81.83 -59.55
CA THR L 204 21.38 -80.52 -60.20
C THR L 204 20.20 -79.64 -59.80
N SER L 205 19.00 -80.24 -59.71
CA SER L 205 17.84 -79.47 -59.28
C SER L 205 17.99 -79.01 -57.83
N SER L 206 18.63 -79.82 -57.00
CA SER L 206 18.85 -79.41 -55.61
C SER L 206 19.85 -78.26 -55.53
N VAL L 207 20.92 -78.33 -56.33
CA VAL L 207 21.89 -77.24 -56.32
C VAL L 207 21.25 -75.95 -56.84
N GLY L 208 20.35 -76.07 -57.82
CA GLY L 208 19.68 -74.87 -58.32
C GLY L 208 18.68 -74.32 -57.32
N LEU L 209 17.99 -75.20 -56.60
CA LEU L 209 17.08 -74.75 -55.55
C LEU L 209 17.84 -74.03 -54.44
N ASP L 210 19.01 -74.55 -54.08
CA ASP L 210 19.79 -73.93 -53.00
C ASP L 210 20.34 -72.58 -53.45
N THR L 211 20.83 -72.50 -54.70
CA THR L 211 21.35 -71.22 -55.19
C THR L 211 20.24 -70.18 -55.30
N HIS L 212 19.06 -70.58 -55.80
CA HIS L 212 17.97 -69.63 -55.86
C HIS L 212 17.49 -69.22 -54.49
N LEU L 213 17.55 -70.12 -53.50
CA LEU L 213 17.15 -69.75 -52.15
C LEU L 213 18.12 -68.73 -51.57
N THR L 214 19.42 -68.91 -51.82
CA THR L 214 20.40 -67.92 -51.35
C THR L 214 20.21 -66.59 -52.05
N PHE L 215 19.83 -66.63 -53.34
CA PHE L 215 19.58 -65.38 -54.06
C PHE L 215 18.34 -64.68 -53.52
N VAL L 216 17.30 -65.46 -53.19
CA VAL L 216 16.10 -64.88 -52.61
C VAL L 216 16.41 -64.29 -51.24
N GLY L 217 17.32 -64.91 -50.49
CA GLY L 217 17.68 -64.34 -49.20
C GLY L 217 18.40 -63.01 -49.34
N LYS L 218 19.41 -62.96 -50.22
CA LYS L 218 20.10 -61.68 -50.44
C LYS L 218 19.15 -60.64 -51.02
N LEU L 219 18.19 -61.07 -51.84
CA LEU L 219 17.27 -60.12 -52.47
C LEU L 219 16.32 -59.54 -51.43
N GLN L 220 15.78 -60.37 -50.54
CA GLN L 220 14.93 -59.86 -49.48
C GLN L 220 15.71 -58.95 -48.54
N ASP L 221 16.98 -59.26 -48.29
CA ASP L 221 17.79 -58.37 -47.47
C ASP L 221 17.95 -57.02 -48.16
N SER L 222 18.20 -57.03 -49.47
CA SER L 222 18.37 -55.79 -50.20
C SER L 222 17.06 -55.00 -50.26
N LEU L 223 15.91 -55.68 -50.31
CA LEU L 223 14.65 -54.96 -50.39
C LEU L 223 14.26 -54.34 -49.05
N ASP L 224 14.51 -55.06 -47.95
CA ASP L 224 14.29 -54.44 -46.64
C ASP L 224 15.30 -53.32 -46.38
N ALA L 225 16.53 -53.45 -46.90
CA ALA L 225 17.45 -52.33 -46.82
C ALA L 225 16.96 -51.15 -47.64
N GLY L 226 16.30 -51.41 -48.77
CA GLY L 226 15.79 -50.32 -49.58
C GLY L 226 14.64 -49.60 -48.93
N VAL L 227 13.71 -50.35 -48.31
CA VAL L 227 12.62 -49.68 -47.60
C VAL L 227 13.16 -48.92 -46.40
N GLY L 228 14.23 -49.42 -45.78
CA GLY L 228 14.84 -48.67 -44.68
C GLY L 228 15.50 -47.40 -45.13
N ASN L 229 16.14 -47.44 -46.31
CA ASN L 229 16.68 -46.20 -46.88
C ASN L 229 15.57 -45.25 -47.30
N LEU L 230 14.41 -45.80 -47.66
CA LEU L 230 13.33 -44.98 -48.22
C LEU L 230 12.45 -44.37 -47.14
N VAL L 231 12.47 -44.92 -45.93
CA VAL L 231 11.49 -44.52 -44.92
C VAL L 231 12.15 -43.97 -43.66
N ASP L 232 13.30 -44.53 -43.27
CA ASP L 232 13.83 -44.33 -41.92
C ASP L 232 14.11 -42.86 -41.65
N ALA L 233 13.86 -42.46 -40.41
CA ALA L 233 14.15 -41.12 -39.92
C ALA L 233 15.63 -40.98 -39.57
N ASP L 234 16.14 -39.75 -39.68
CA ASP L 234 17.49 -39.42 -39.23
C ASP L 234 17.43 -38.98 -37.77
N LEU L 235 17.55 -39.96 -36.87
CA LEU L 235 17.37 -39.69 -35.44
C LEU L 235 18.43 -38.72 -34.91
N ALA L 236 19.66 -38.81 -35.44
CA ALA L 236 20.74 -38.00 -34.90
C ALA L 236 20.51 -36.51 -35.14
N LYS L 237 19.84 -36.15 -36.24
CA LYS L 237 19.48 -34.76 -36.47
C LYS L 237 18.18 -34.39 -35.77
N GLU L 238 17.27 -35.35 -35.62
CA GLU L 238 16.03 -35.08 -34.92
C GLU L 238 16.27 -34.78 -33.45
N SER L 239 17.35 -35.29 -32.87
CA SER L 239 17.66 -34.93 -31.48
C SER L 239 17.90 -33.43 -31.36
N ALA L 240 18.76 -32.89 -32.22
CA ALA L 240 19.05 -31.45 -32.18
C ALA L 240 17.82 -30.63 -32.57
N LYS L 241 17.03 -31.13 -33.53
CA LYS L 241 15.82 -30.40 -33.91
C LYS L 241 14.83 -30.37 -32.75
N LEU L 242 14.77 -31.45 -31.97
CA LEU L 242 13.91 -31.49 -30.80
C LEU L 242 14.36 -30.49 -29.76
N GLN L 243 15.67 -30.43 -29.49
CA GLN L 243 16.16 -29.50 -28.49
C GLN L 243 15.89 -28.06 -28.91
N SER L 244 16.09 -27.76 -30.19
CA SER L 244 15.84 -26.40 -30.66
C SER L 244 14.36 -26.05 -30.60
N LEU L 245 13.49 -27.01 -30.92
CA LEU L 245 12.06 -26.73 -30.88
C LEU L 245 11.59 -26.53 -29.44
N GLN L 246 12.16 -27.25 -28.49
CA GLN L 246 11.78 -27.03 -27.09
C GLN L 246 12.24 -25.67 -26.60
N THR L 247 13.46 -25.27 -26.98
CA THR L 247 13.92 -23.94 -26.57
C THR L 247 13.07 -22.84 -27.20
N LYS L 248 12.71 -23.02 -28.47
CA LYS L 248 11.85 -22.04 -29.13
C LYS L 248 10.46 -22.02 -28.51
N GLN L 249 9.97 -23.18 -28.05
CA GLN L 249 8.67 -23.23 -27.38
C GLN L 249 8.70 -22.45 -26.08
N GLN L 250 9.77 -22.62 -25.28
CA GLN L 250 9.86 -21.89 -24.03
C GLN L 250 9.97 -20.39 -24.28
N LEU L 251 10.78 -19.99 -25.27
CA LEU L 251 10.90 -18.58 -25.57
C LEU L 251 9.59 -18.01 -26.10
N GLY L 252 8.81 -18.81 -26.83
CA GLY L 252 7.54 -18.33 -27.32
C GLY L 252 6.51 -18.17 -26.22
N VAL L 253 6.55 -19.07 -25.22
CA VAL L 253 5.68 -18.88 -24.07
C VAL L 253 6.07 -17.62 -23.30
N GLN L 254 7.36 -17.31 -23.23
CA GLN L 254 7.75 -16.08 -22.56
C GLN L 254 7.30 -14.85 -23.34
N ALA L 255 7.42 -14.90 -24.67
CA ALA L 255 6.96 -13.78 -25.49
C ALA L 255 5.45 -13.61 -25.39
N LEU L 256 4.71 -14.72 -25.30
CA LEU L 256 3.27 -14.63 -25.11
C LEU L 256 2.93 -14.05 -23.75
N SER L 257 3.73 -14.36 -22.73
CA SER L 257 3.49 -13.75 -21.41
C SER L 257 3.69 -12.25 -21.46
N ILE L 258 4.71 -11.80 -22.21
CA ILE L 258 4.94 -10.36 -22.32
C ILE L 258 3.79 -9.70 -23.09
N ALA L 259 3.34 -10.34 -24.16
CA ALA L 259 2.24 -9.77 -24.93
C ALA L 259 0.96 -9.72 -24.11
N ASN L 260 0.78 -10.69 -23.20
CA ASN L 260 -0.37 -10.66 -22.31
C ASN L 260 -0.25 -9.58 -21.24
N GLN L 261 0.98 -9.25 -20.81
CA GLN L 261 1.09 -8.20 -19.82
C GLN L 261 1.09 -6.80 -20.45
N THR L 262 1.18 -6.70 -21.77
CA THR L 262 1.14 -5.38 -22.41
C THR L 262 -0.11 -4.55 -22.08
N PRO L 263 -1.35 -5.07 -22.18
CA PRO L 263 -2.52 -4.20 -21.96
C PRO L 263 -2.56 -3.55 -20.58
N GLN L 264 -2.03 -4.21 -19.54
CA GLN L 264 -2.30 -3.81 -18.17
C GLN L 264 -1.77 -2.42 -17.83
N THR L 265 -0.84 -1.87 -18.60
CA THR L 265 -0.24 -0.58 -18.29
C THR L 265 -1.21 0.58 -18.47
N ILE L 266 -2.33 0.37 -19.15
CA ILE L 266 -3.28 1.46 -19.42
C ILE L 266 -3.89 1.98 -18.12
N LEU L 267 -3.94 1.15 -17.08
CA LEU L 267 -4.46 1.58 -15.79
C LEU L 267 -3.64 2.70 -15.17
N SER L 268 -2.36 2.81 -15.51
CA SER L 268 -1.45 3.71 -14.80
C SER L 268 -1.85 5.17 -14.90
N LEU L 269 -2.49 5.58 -15.99
CA LEU L 269 -2.89 6.98 -16.15
C LEU L 269 -3.97 7.39 -15.14
N PHE L 270 -4.76 6.46 -14.63
CA PHE L 270 -5.88 6.79 -13.77
C PHE L 270 -5.55 6.59 -12.29
N LEU M 1 -30.37 47.55 -19.14
CA LEU M 1 -29.30 46.58 -18.93
C LEU M 1 -29.50 45.86 -17.61
N ASN M 2 -29.42 46.60 -16.51
CA ASN M 2 -29.68 46.07 -15.18
C ASN M 2 -31.14 45.65 -15.10
N SER M 3 -31.41 44.47 -14.53
CA SER M 3 -32.76 43.95 -14.44
C SER M 3 -32.80 42.83 -13.42
N ILE M 4 -33.71 42.95 -12.45
CA ILE M 4 -33.90 41.86 -11.50
C ILE M 4 -34.85 40.80 -12.05
N ASN M 5 -35.50 41.06 -13.19
CA ASN M 5 -36.38 40.04 -13.76
C ASN M 5 -35.59 38.90 -14.41
N THR M 6 -34.51 39.21 -15.11
CA THR M 6 -33.70 38.18 -15.76
C THR M 6 -32.31 38.74 -16.08
N ASN M 7 -31.30 37.89 -15.95
CA ASN M 7 -29.94 38.22 -16.36
C ASN M 7 -29.44 37.25 -17.43
N PRO M 8 -29.28 37.70 -18.69
CA PRO M 8 -28.86 36.78 -19.75
C PRO M 8 -27.55 36.07 -19.51
N GLY M 9 -26.59 36.71 -18.84
CA GLY M 9 -25.28 36.10 -18.67
C GLY M 9 -25.33 34.79 -17.91
N ALA M 10 -26.25 34.68 -16.95
CA ALA M 10 -26.43 33.39 -16.28
C ALA M 10 -26.90 32.33 -17.27
N LEU M 11 -27.72 32.73 -18.25
CA LEU M 11 -28.17 31.78 -19.26
C LEU M 11 -27.04 31.35 -20.18
N LEU M 12 -26.16 32.27 -20.54
CA LEU M 12 -25.01 31.89 -21.37
C LEU M 12 -24.07 30.95 -20.62
N ALA M 13 -23.78 31.26 -19.35
CA ALA M 13 -22.93 30.37 -18.58
C ALA M 13 -23.58 29.01 -18.35
N LEU M 14 -24.90 28.99 -18.18
CA LEU M 14 -25.61 27.72 -18.02
C LEU M 14 -25.57 26.91 -19.30
N GLN M 15 -25.67 27.57 -20.45
CA GLN M 15 -25.61 26.84 -21.72
C GLN M 15 -24.24 26.24 -21.93
N ASN M 16 -23.19 27.02 -21.66
CA ASN M 16 -21.84 26.47 -21.78
C ASN M 16 -21.59 25.35 -20.77
N LEU M 17 -22.19 25.45 -19.58
CA LEU M 17 -22.01 24.41 -18.58
C LEU M 17 -22.71 23.12 -19.00
N ASN M 18 -23.92 23.22 -19.56
CA ASN M 18 -24.58 22.03 -20.09
C ASN M 18 -23.81 21.43 -21.27
N SER M 19 -23.19 22.28 -22.09
CA SER M 19 -22.40 21.75 -23.20
C SER M 19 -21.19 20.98 -22.67
N THR M 20 -20.53 21.53 -21.65
CA THR M 20 -19.42 20.82 -21.04
C THR M 20 -19.88 19.51 -20.40
N ASN M 21 -21.08 19.52 -19.81
CA ASN M 21 -21.62 18.28 -19.24
C ASN M 21 -21.87 17.24 -20.32
N THR M 22 -22.34 17.67 -21.49
CA THR M 22 -22.60 16.71 -22.56
C THR M 22 -21.30 16.12 -23.11
N GLU M 23 -20.28 16.97 -23.32
CA GLU M 23 -19.00 16.43 -23.78
C GLU M 23 -18.39 15.50 -22.73
N LEU M 24 -18.55 15.84 -21.45
CA LEU M 24 -18.00 14.98 -20.41
C LEU M 24 -18.74 13.66 -20.33
N ALA M 25 -20.07 13.67 -20.47
CA ALA M 25 -20.83 12.43 -20.46
C ALA M 25 -20.47 11.55 -21.65
N ALA M 26 -20.24 12.17 -22.81
CA ALA M 26 -19.88 11.39 -23.99
C ALA M 26 -18.49 10.77 -23.84
N THR M 27 -17.52 11.56 -23.37
CA THR M 27 -16.17 11.03 -23.19
C THR M 27 -16.16 9.94 -22.13
N GLN M 28 -16.93 10.11 -21.06
CA GLN M 28 -16.92 9.14 -19.99
C GLN M 28 -17.64 7.86 -20.40
N GLY M 29 -18.66 7.97 -21.26
CA GLY M 29 -19.23 6.76 -21.83
C GLY M 29 -18.27 6.05 -22.75
N ARG M 30 -17.48 6.81 -23.50
CA ARG M 30 -16.45 6.21 -24.33
C ARG M 30 -15.40 5.50 -23.48
N ILE M 31 -15.11 6.05 -22.29
CA ILE M 31 -14.14 5.41 -21.41
C ILE M 31 -14.69 4.12 -20.82
N ASN M 32 -15.92 4.17 -20.28
CA ASN M 32 -16.45 2.97 -19.64
C ASN M 32 -16.76 1.86 -20.63
N THR M 33 -17.08 2.20 -21.88
CA THR M 33 -17.33 1.14 -22.86
C THR M 33 -16.08 0.70 -23.60
N GLY M 34 -15.06 1.54 -23.69
CA GLY M 34 -13.84 1.19 -24.39
C GLY M 34 -13.91 1.28 -25.90
N LYS M 35 -14.99 1.82 -26.44
CA LYS M 35 -15.21 1.90 -27.88
C LYS M 35 -15.55 3.34 -28.23
N LYS M 36 -14.83 3.90 -29.20
CA LYS M 36 -15.12 5.26 -29.63
C LYS M 36 -16.44 5.35 -30.40
N VAL M 37 -16.93 4.23 -30.93
CA VAL M 37 -18.28 4.13 -31.47
C VAL M 37 -18.96 2.91 -30.85
N ALA M 38 -19.76 3.17 -29.82
CA ALA M 38 -20.33 2.11 -28.99
C ALA M 38 -21.66 1.56 -29.49
N ASN M 39 -22.45 2.36 -30.20
CA ASN M 39 -23.79 1.93 -30.62
C ASN M 39 -24.20 2.77 -31.82
N ALA M 40 -25.44 2.55 -32.27
CA ALA M 40 -25.92 3.21 -33.48
C ALA M 40 -25.99 4.73 -33.32
N LYS M 41 -26.21 5.22 -32.10
CA LYS M 41 -26.31 6.66 -31.90
C LYS M 41 -24.99 7.38 -32.18
N ASP M 42 -23.86 6.70 -31.97
CA ASP M 42 -22.57 7.37 -32.11
C ASP M 42 -22.24 7.61 -33.58
N ASN M 43 -22.42 6.59 -34.42
CA ASN M 43 -22.20 6.72 -35.86
C ASN M 43 -22.74 5.43 -36.49
N GLY M 44 -23.88 5.53 -37.16
CA GLY M 44 -24.55 4.33 -37.65
C GLY M 44 -23.79 3.60 -38.73
N ALA M 45 -23.04 4.32 -39.56
CA ALA M 45 -22.31 3.71 -40.65
C ALA M 45 -21.25 2.75 -40.14
N ILE M 46 -20.26 3.28 -39.41
CA ILE M 46 -19.20 2.42 -38.89
C ILE M 46 -19.74 1.45 -37.85
N TRP M 47 -20.85 1.78 -37.18
CA TRP M 47 -21.42 0.82 -36.24
C TRP M 47 -21.95 -0.40 -36.96
N SER M 48 -22.66 -0.21 -38.07
CA SER M 48 -23.10 -1.36 -38.87
C SER M 48 -21.90 -2.07 -39.49
N MET M 49 -20.87 -1.31 -39.87
CA MET M 49 -19.65 -1.93 -40.37
C MET M 49 -19.08 -2.90 -39.36
N ALA M 50 -18.92 -2.45 -38.12
CA ALA M 50 -18.37 -3.28 -37.06
C ALA M 50 -19.29 -4.43 -36.73
N LYS M 51 -20.61 -4.18 -36.75
CA LYS M 51 -21.55 -5.24 -36.42
C LYS M 51 -21.45 -6.39 -37.40
N MET M 52 -21.34 -6.08 -38.69
CA MET M 52 -21.29 -7.17 -39.67
C MET M 52 -19.91 -7.78 -39.77
N GLN M 53 -18.85 -6.99 -39.55
CA GLN M 53 -17.53 -7.60 -39.53
C GLN M 53 -17.39 -8.54 -38.34
N SER M 54 -17.89 -8.13 -37.17
CA SER M 54 -17.88 -9.00 -36.00
C SER M 54 -18.83 -10.20 -36.18
N ALA M 55 -19.92 -10.03 -36.92
CA ALA M 55 -20.80 -11.16 -37.16
C ALA M 55 -20.15 -12.20 -38.05
N THR M 56 -19.47 -11.75 -39.12
CA THR M 56 -18.74 -12.68 -39.96
C THR M 56 -17.57 -13.31 -39.22
N ALA M 57 -16.98 -12.59 -38.27
CA ALA M 57 -15.90 -13.18 -37.46
C ALA M 57 -16.47 -14.23 -36.50
N SER M 58 -17.59 -13.92 -35.86
CA SER M 58 -18.21 -14.85 -34.93
C SER M 58 -18.74 -16.09 -35.63
N SER M 59 -19.12 -15.96 -36.90
CA SER M 59 -19.59 -17.10 -37.66
C SER M 59 -18.48 -18.12 -37.92
N LEU M 60 -17.23 -17.70 -37.86
CA LEU M 60 -16.11 -18.57 -38.22
C LEU M 60 -15.83 -19.65 -37.18
N ASN M 61 -16.35 -19.50 -35.95
CA ASN M 61 -16.15 -20.55 -34.96
C ASN M 61 -16.81 -21.85 -35.40
N SER M 62 -17.97 -21.75 -36.03
CA SER M 62 -18.63 -22.94 -36.56
C SER M 62 -17.80 -23.57 -37.67
N VAL M 63 -17.12 -22.73 -38.46
CA VAL M 63 -16.28 -23.24 -39.53
C VAL M 63 -15.10 -24.00 -38.96
N LYS M 64 -14.47 -23.44 -37.91
CA LYS M 64 -13.35 -24.12 -37.28
C LYS M 64 -13.79 -25.42 -36.63
N ASP M 65 -14.98 -25.43 -36.03
CA ASP M 65 -15.48 -26.66 -35.42
C ASP M 65 -15.74 -27.72 -36.47
N SER M 66 -16.29 -27.32 -37.63
CA SER M 66 -16.54 -28.29 -38.68
C SER M 66 -15.24 -28.83 -39.26
N LEU M 67 -14.23 -27.97 -39.41
CA LEU M 67 -12.94 -28.46 -39.91
C LEU M 67 -12.29 -29.40 -38.90
N GLN M 68 -12.46 -29.15 -37.60
CA GLN M 68 -11.91 -30.06 -36.60
C GLN M 68 -12.63 -31.40 -36.62
N ARG M 69 -13.95 -31.37 -36.79
CA ARG M 69 -14.71 -32.62 -36.89
C ARG M 69 -14.32 -33.40 -38.13
N GLY M 70 -14.04 -32.70 -39.23
CA GLY M 70 -13.62 -33.38 -40.43
C GLY M 70 -12.22 -33.98 -40.30
N GLN M 71 -11.33 -33.27 -39.61
CA GLN M 71 -10.01 -33.83 -39.34
C GLN M 71 -10.11 -35.06 -38.44
N SER M 72 -11.01 -35.05 -37.47
CA SER M 72 -11.19 -36.22 -36.62
C SER M 72 -11.77 -37.40 -37.41
N THR M 73 -12.66 -37.10 -38.36
CA THR M 73 -13.20 -38.18 -39.20
C THR M 73 -12.12 -38.76 -40.10
N ILE M 74 -11.29 -37.90 -40.68
CA ILE M 74 -10.21 -38.43 -41.51
C ILE M 74 -9.23 -39.24 -40.67
N ASP M 75 -9.04 -38.83 -39.41
CA ASP M 75 -8.11 -39.54 -38.54
C ASP M 75 -8.63 -40.93 -38.21
N VAL M 76 -9.91 -41.05 -37.87
CA VAL M 76 -10.45 -42.39 -37.62
C VAL M 76 -10.45 -43.21 -38.90
N ALA M 77 -10.64 -42.56 -40.06
CA ALA M 77 -10.62 -43.29 -41.32
C ALA M 77 -9.24 -43.89 -41.58
N LEU M 78 -8.19 -43.11 -41.41
CA LEU M 78 -6.83 -43.65 -41.58
C LEU M 78 -6.49 -44.67 -40.51
N ALA M 79 -6.99 -44.50 -39.29
CA ALA M 79 -6.73 -45.48 -38.24
C ALA M 79 -7.35 -46.82 -38.58
N ALA M 80 -8.48 -46.82 -39.29
CA ALA M 80 -8.99 -48.06 -39.83
C ALA M 80 -8.16 -48.52 -41.03
N GLY M 81 -7.77 -47.59 -41.90
CA GLY M 81 -7.13 -47.97 -43.14
C GLY M 81 -5.79 -48.66 -42.93
N ASP M 82 -5.12 -48.34 -41.83
CA ASP M 82 -3.92 -49.11 -41.48
C ASP M 82 -4.26 -50.58 -41.25
N THR M 83 -5.41 -50.84 -40.63
CA THR M 83 -5.84 -52.23 -40.41
C THR M 83 -6.23 -52.88 -41.72
N ILE M 84 -6.93 -52.15 -42.59
CA ILE M 84 -7.25 -52.73 -43.91
C ILE M 84 -5.97 -53.05 -44.69
N THR M 85 -4.96 -52.20 -44.59
CA THR M 85 -3.73 -52.47 -45.35
C THR M 85 -2.97 -53.66 -44.79
N ASP M 86 -2.87 -53.76 -43.46
CA ASP M 86 -2.15 -54.90 -42.89
C ASP M 86 -2.89 -56.20 -43.15
N LEU M 87 -4.23 -56.19 -43.07
CA LEU M 87 -4.98 -57.40 -43.38
C LEU M 87 -4.85 -57.76 -44.85
N LEU M 88 -4.80 -56.75 -45.74
CA LEU M 88 -4.62 -57.05 -47.15
C LEU M 88 -3.24 -57.64 -47.43
N THR M 89 -2.23 -57.20 -46.69
CA THR M 89 -0.92 -57.79 -46.83
C THR M 89 -0.91 -59.24 -46.36
N LYS M 90 -1.61 -59.53 -45.27
CA LYS M 90 -1.71 -60.91 -44.81
C LYS M 90 -2.46 -61.78 -45.81
N MET M 91 -3.52 -61.23 -46.42
CA MET M 91 -4.27 -62.00 -47.41
C MET M 91 -3.45 -62.25 -48.67
N LYS M 92 -2.62 -61.28 -49.08
CA LYS M 92 -1.76 -61.51 -50.23
C LYS M 92 -0.73 -62.57 -49.91
N GLU M 93 -0.18 -62.55 -48.69
CA GLU M 93 0.75 -63.60 -48.29
C GLU M 93 0.07 -64.96 -48.25
N LYS M 94 -1.19 -65.01 -47.83
CA LYS M 94 -1.90 -66.28 -47.77
C LYS M 94 -2.19 -66.83 -49.16
N ALA M 95 -2.68 -65.98 -50.06
CA ALA M 95 -2.94 -66.44 -51.41
C ALA M 95 -1.65 -66.83 -52.13
N LEU M 96 -0.56 -66.12 -51.84
CA LEU M 96 0.71 -66.45 -52.46
C LEU M 96 1.26 -67.77 -51.95
N ALA M 97 1.09 -68.04 -50.64
CA ALA M 97 1.49 -69.33 -50.10
C ALA M 97 0.61 -70.45 -50.66
N ALA M 98 -0.66 -70.16 -50.91
CA ALA M 98 -1.58 -71.16 -51.46
C ALA M 98 -1.41 -71.36 -52.96
N SER M 99 -0.70 -70.46 -53.64
CA SER M 99 -0.45 -70.63 -55.07
C SER M 99 0.48 -71.79 -55.38
N ASP M 100 1.23 -72.27 -54.40
CA ASP M 100 2.12 -73.41 -54.64
C ASP M 100 1.32 -74.66 -54.97
N THR M 101 1.79 -75.38 -55.99
CA THR M 101 1.22 -76.68 -56.34
C THR M 101 1.72 -77.80 -55.44
N SER M 102 2.83 -77.60 -54.73
CA SER M 102 3.43 -78.65 -53.92
C SER M 102 2.67 -78.95 -52.63
N LEU M 103 1.80 -78.05 -52.19
CA LEU M 103 1.09 -78.23 -50.93
C LEU M 103 0.08 -79.37 -51.01
N ASN M 104 -0.08 -80.06 -49.89
CA ASN M 104 -1.15 -81.04 -49.74
C ASN M 104 -2.46 -80.33 -49.41
N THR M 105 -3.56 -81.09 -49.46
CA THR M 105 -4.89 -80.49 -49.33
C THR M 105 -5.06 -79.81 -47.97
N ALA M 106 -4.42 -80.35 -46.93
CA ALA M 106 -4.66 -79.84 -45.57
C ALA M 106 -4.10 -78.43 -45.40
N SER M 107 -2.83 -78.22 -45.79
CA SER M 107 -2.24 -76.90 -45.64
C SER M 107 -2.93 -75.88 -46.53
N PHE M 108 -3.37 -76.31 -47.72
CA PHE M 108 -4.07 -75.39 -48.61
C PHE M 108 -5.43 -75.00 -48.04
N ASN M 109 -6.15 -75.97 -47.45
CA ASN M 109 -7.40 -75.63 -46.79
C ASN M 109 -7.18 -74.73 -45.59
N ALA M 110 -6.07 -74.92 -44.88
CA ALA M 110 -5.79 -74.06 -43.73
C ALA M 110 -5.53 -72.63 -44.17
N LEU M 111 -4.75 -72.46 -45.24
CA LEU M 111 -4.53 -71.11 -45.78
C LEU M 111 -5.81 -70.51 -46.31
N LYS M 112 -6.69 -71.33 -46.89
CA LYS M 112 -7.96 -70.82 -47.38
C LYS M 112 -8.84 -70.33 -46.24
N ALA M 113 -8.90 -71.10 -45.15
CA ALA M 113 -9.66 -70.66 -43.99
C ALA M 113 -9.07 -69.39 -43.37
N ASP M 114 -7.73 -69.26 -43.39
CA ASP M 114 -7.12 -68.02 -42.92
C ASP M 114 -7.53 -66.85 -43.82
N PHE M 115 -7.65 -67.11 -45.12
CA PHE M 115 -8.06 -66.04 -46.03
C PHE M 115 -9.50 -65.63 -45.78
N GLU M 116 -10.39 -66.59 -45.55
CA GLU M 116 -11.78 -66.24 -45.24
C GLU M 116 -11.88 -65.48 -43.92
N SER M 117 -11.08 -65.87 -42.93
CA SER M 117 -11.14 -65.18 -41.64
C SER M 117 -10.62 -63.76 -41.78
N LEU M 118 -9.53 -63.58 -42.52
CA LEU M 118 -8.98 -62.24 -42.74
C LEU M 118 -9.93 -61.38 -43.56
N ARG M 119 -10.68 -61.99 -44.48
CA ARG M 119 -11.63 -61.21 -45.28
C ARG M 119 -12.82 -60.77 -44.44
N ASP M 120 -13.35 -61.66 -43.60
CA ASP M 120 -14.44 -61.26 -42.72
C ASP M 120 -13.98 -60.19 -41.74
N GLN M 121 -12.75 -60.32 -41.23
CA GLN M 121 -12.21 -59.32 -40.33
C GLN M 121 -12.00 -57.99 -41.04
N LEU M 122 -11.66 -58.05 -42.34
CA LEU M 122 -11.50 -56.85 -43.14
C LEU M 122 -12.83 -56.13 -43.31
N GLN M 123 -13.89 -56.87 -43.62
CA GLN M 123 -15.20 -56.24 -43.75
C GLN M 123 -15.69 -55.69 -42.42
N LYS M 124 -15.37 -56.35 -41.31
CA LYS M 124 -15.76 -55.83 -40.01
C LYS M 124 -15.02 -54.54 -39.67
N ALA M 125 -13.70 -54.53 -39.91
CA ALA M 125 -12.93 -53.31 -39.65
C ALA M 125 -13.36 -52.17 -40.57
N ALA M 126 -13.81 -52.49 -41.79
CA ALA M 126 -14.30 -51.45 -42.67
C ALA M 126 -15.64 -50.88 -42.19
N THR M 127 -16.58 -51.76 -41.84
CA THR M 127 -17.89 -51.28 -41.42
C THR M 127 -17.86 -50.61 -40.05
N ASN M 128 -16.86 -50.91 -39.23
CA ASN M 128 -16.81 -50.34 -37.89
C ASN M 128 -16.21 -48.94 -37.84
N ALA M 129 -15.62 -48.45 -38.93
CA ALA M 129 -14.94 -47.16 -38.93
C ALA M 129 -15.93 -46.04 -39.22
N LYS M 130 -16.43 -45.44 -38.14
CA LYS M 130 -17.32 -44.29 -38.24
C LYS M 130 -17.13 -43.38 -37.03
N PHE M 131 -17.40 -42.10 -37.24
CA PHE M 131 -17.22 -41.08 -36.21
C PHE M 131 -18.48 -40.23 -36.16
N ASN M 132 -19.13 -40.18 -35.00
CA ASN M 132 -20.37 -39.44 -34.79
C ASN M 132 -21.45 -39.85 -35.80
N GLY M 133 -21.50 -41.13 -36.16
CA GLY M 133 -22.54 -41.61 -37.04
C GLY M 133 -22.27 -41.44 -38.52
N VAL M 134 -21.14 -40.84 -38.89
CA VAL M 134 -20.78 -40.65 -40.29
C VAL M 134 -19.36 -41.19 -40.50
N SER M 135 -19.06 -41.52 -41.74
CA SER M 135 -17.83 -42.25 -42.03
C SER M 135 -17.42 -41.99 -43.48
N LEU M 136 -16.19 -42.39 -43.78
CA LEU M 136 -15.67 -42.28 -45.13
C LEU M 136 -15.17 -43.59 -45.71
N ALA M 137 -14.51 -44.44 -44.94
CA ALA M 137 -14.03 -45.72 -45.43
C ALA M 137 -15.15 -46.69 -45.78
N ASP M 138 -16.30 -46.61 -45.12
CA ASP M 138 -17.37 -47.57 -45.33
C ASP M 138 -18.19 -47.31 -46.59
N GLY M 139 -18.05 -46.14 -47.21
CA GLY M 139 -18.78 -45.86 -48.43
C GLY M 139 -20.23 -45.52 -48.26
N SER M 140 -20.66 -45.19 -47.04
CA SER M 140 -22.07 -44.92 -46.77
C SER M 140 -22.59 -43.73 -47.56
N THR M 141 -21.71 -42.79 -47.91
CA THR M 141 -22.10 -41.62 -48.68
C THR M 141 -20.96 -41.26 -49.63
N THR M 142 -21.30 -40.57 -50.72
CA THR M 142 -20.30 -40.23 -51.72
C THR M 142 -19.27 -39.23 -51.19
N LYS M 143 -19.69 -38.34 -50.28
CA LYS M 143 -18.81 -37.26 -49.82
C LYS M 143 -19.40 -36.63 -48.57
N LEU M 144 -18.54 -35.95 -47.82
CA LEU M 144 -18.92 -35.16 -46.65
C LEU M 144 -18.41 -33.74 -46.87
N SER M 145 -19.32 -32.80 -47.06
CA SER M 145 -18.92 -31.41 -47.17
C SER M 145 -18.61 -30.84 -45.79
N PHE M 146 -17.74 -29.83 -45.75
CA PHE M 146 -17.36 -29.18 -44.51
C PHE M 146 -17.30 -27.68 -44.74
N LEU M 147 -17.67 -26.91 -43.72
CA LEU M 147 -17.71 -25.47 -43.87
C LEU M 147 -16.32 -24.90 -44.11
N ALA M 148 -16.27 -23.85 -44.95
CA ALA M 148 -14.99 -23.22 -45.25
C ALA M 148 -15.06 -21.71 -45.30
N ASN M 149 -16.22 -21.10 -45.04
CA ASN M 149 -16.39 -19.66 -45.14
C ASN M 149 -17.60 -19.26 -44.31
N GLU M 150 -17.61 -18.02 -43.85
CA GLU M 150 -18.77 -17.50 -43.14
C GLU M 150 -19.99 -17.34 -44.03
N ASP M 151 -19.80 -17.25 -45.35
CA ASP M 151 -20.92 -17.23 -46.28
C ASP M 151 -21.47 -18.62 -46.56
N GLY M 152 -20.80 -19.67 -46.10
CA GLY M 152 -21.32 -21.02 -46.20
C GLY M 152 -20.81 -21.86 -47.35
N SER M 153 -19.77 -21.43 -48.06
CA SER M 153 -19.17 -22.31 -49.07
C SER M 153 -18.49 -23.49 -48.38
N ASN M 154 -18.56 -24.66 -49.00
CA ASN M 154 -18.15 -25.90 -48.37
C ASN M 154 -16.77 -26.35 -48.82
N PHE M 155 -15.93 -26.71 -47.85
CA PHE M 155 -14.79 -27.58 -48.11
C PHE M 155 -15.32 -28.98 -48.42
N THR M 156 -14.71 -29.64 -49.40
CA THR M 156 -15.21 -30.92 -49.89
C THR M 156 -14.19 -32.01 -49.64
N VAL M 157 -14.67 -33.15 -49.12
CA VAL M 157 -13.83 -34.34 -48.96
C VAL M 157 -14.60 -35.53 -49.49
N THR M 158 -14.30 -35.95 -50.72
CA THR M 158 -14.97 -37.08 -51.32
C THR M 158 -14.63 -38.36 -50.56
N ALA M 159 -15.64 -39.19 -50.32
CA ALA M 159 -15.45 -40.44 -49.62
C ALA M 159 -14.63 -41.41 -50.46
N GLN M 160 -13.80 -42.19 -49.77
CA GLN M 160 -12.99 -43.24 -50.38
C GLN M 160 -13.29 -44.55 -49.68
N THR M 161 -14.12 -45.39 -50.30
CA THR M 161 -14.57 -46.61 -49.67
C THR M 161 -13.40 -47.58 -49.45
N LEU M 162 -13.35 -48.16 -48.26
CA LEU M 162 -12.41 -49.24 -47.96
C LEU M 162 -13.09 -50.56 -47.72
N SER M 163 -14.41 -50.64 -47.89
CA SER M 163 -15.14 -51.89 -47.80
C SER M 163 -14.81 -52.76 -49.01
N LEU M 164 -15.05 -54.07 -48.86
CA LEU M 164 -14.70 -55.02 -49.91
C LEU M 164 -15.37 -54.68 -51.23
N THR M 165 -16.57 -54.10 -51.18
CA THR M 165 -17.21 -53.64 -52.41
C THR M 165 -16.40 -52.52 -53.05
N GLY M 166 -15.75 -51.70 -52.25
CA GLY M 166 -14.97 -50.58 -52.74
C GLY M 166 -13.54 -50.86 -53.12
N ILE M 167 -13.04 -52.09 -52.92
CA ILE M 167 -11.64 -52.38 -53.19
C ILE M 167 -11.52 -53.61 -54.09
N GLY M 168 -12.55 -53.88 -54.89
CA GLY M 168 -12.48 -54.92 -55.89
C GLY M 168 -12.80 -56.32 -55.41
N LEU M 169 -13.15 -56.50 -54.15
CA LEU M 169 -13.55 -57.81 -53.65
C LEU M 169 -15.05 -57.80 -53.34
N THR M 170 -15.48 -58.77 -52.53
CA THR M 170 -16.84 -58.85 -52.04
C THR M 170 -16.81 -59.67 -50.77
N ALA M 171 -17.97 -59.79 -50.12
CA ALA M 171 -18.04 -60.47 -48.83
C ALA M 171 -18.03 -61.99 -48.99
N THR M 172 -17.40 -62.48 -50.06
CA THR M 172 -17.25 -63.92 -50.26
C THR M 172 -16.11 -64.24 -51.23
N SER M 173 -15.28 -63.25 -51.55
CA SER M 173 -14.14 -63.52 -52.42
C SER M 173 -13.18 -64.51 -51.77
N THR M 174 -12.72 -65.47 -52.56
CA THR M 174 -11.78 -66.48 -52.08
C THR M 174 -11.22 -67.23 -53.29
N PHE M 175 -10.03 -67.79 -53.11
CA PHE M 175 -9.46 -68.76 -54.03
C PHE M 175 -9.95 -70.15 -53.66
N THR M 176 -9.96 -71.06 -54.65
CA THR M 176 -10.35 -72.43 -54.37
C THR M 176 -9.39 -73.45 -54.98
N ASP M 177 -8.33 -72.99 -55.67
CA ASP M 177 -7.35 -73.88 -56.28
C ASP M 177 -6.07 -73.07 -56.47
N ALA M 178 -4.98 -73.78 -56.76
CA ALA M 178 -3.69 -73.11 -56.90
C ALA M 178 -3.69 -72.11 -58.06
N ALA M 179 -4.40 -72.42 -59.13
CA ALA M 179 -4.52 -71.44 -60.21
C ALA M 179 -5.38 -70.25 -59.80
N THR M 180 -6.47 -70.52 -59.08
CA THR M 180 -7.27 -69.43 -58.53
C THR M 180 -6.47 -68.62 -57.53
N ALA M 181 -5.57 -69.28 -56.78
CA ALA M 181 -4.69 -68.54 -55.89
C ALA M 181 -3.70 -67.68 -56.67
N LYS M 182 -3.23 -68.18 -57.82
CA LYS M 182 -2.29 -67.39 -58.61
C LYS M 182 -2.96 -66.15 -59.17
N THR M 183 -4.23 -66.27 -59.60
CA THR M 183 -4.99 -65.07 -59.97
C THR M 183 -5.26 -64.19 -58.75
N MET M 184 -5.45 -64.80 -57.58
CA MET M 184 -5.81 -64.03 -56.40
C MET M 184 -4.63 -63.20 -55.90
N ILE M 185 -3.40 -63.61 -56.22
CA ILE M 185 -2.24 -62.78 -55.89
C ILE M 185 -2.38 -61.41 -56.56
N ALA M 186 -2.61 -61.41 -57.87
CA ALA M 186 -2.78 -60.15 -58.59
C ALA M 186 -4.05 -59.42 -58.14
N THR M 187 -5.08 -60.17 -57.77
CA THR M 187 -6.32 -59.54 -57.31
C THR M 187 -6.07 -58.76 -56.02
N ILE M 188 -5.46 -59.40 -55.03
CA ILE M 188 -5.14 -58.73 -53.77
C ILE M 188 -4.11 -57.63 -53.98
N THR M 189 -3.22 -57.77 -54.96
CA THR M 189 -2.26 -56.69 -55.23
C THR M 189 -2.96 -55.45 -55.76
N THR M 190 -3.85 -55.62 -56.73
CA THR M 190 -4.60 -54.47 -57.24
C THR M 190 -5.50 -53.88 -56.15
N SER M 191 -6.03 -54.73 -55.27
CA SER M 191 -6.85 -54.23 -54.18
C SER M 191 -6.01 -53.42 -53.20
N LEU M 192 -4.80 -53.87 -52.92
CA LEU M 192 -3.89 -53.10 -52.07
C LEU M 192 -3.51 -51.79 -52.74
N GLN M 193 -3.39 -51.80 -54.07
CA GLN M 193 -3.13 -50.55 -54.79
C GLN M 193 -4.25 -49.55 -54.60
N THR M 194 -5.49 -50.00 -54.80
CA THR M 194 -6.63 -49.11 -54.63
C THR M 194 -6.71 -48.61 -53.19
N ALA M 195 -6.44 -49.50 -52.22
CA ALA M 195 -6.54 -49.12 -50.82
C ALA M 195 -5.49 -48.07 -50.46
N THR M 196 -4.24 -48.29 -50.86
CA THR M 196 -3.19 -47.34 -50.53
C THR M 196 -3.39 -46.00 -51.24
N ASN M 197 -3.84 -46.01 -52.49
CA ASN M 197 -4.05 -44.72 -53.17
C ASN M 197 -5.22 -43.96 -52.55
N LYS M 198 -6.29 -44.66 -52.18
CA LYS M 198 -7.43 -43.97 -51.57
C LYS M 198 -7.08 -43.44 -50.20
N LEU M 199 -6.25 -44.19 -49.44
CA LEU M 199 -5.77 -43.69 -48.16
C LEU M 199 -4.86 -42.49 -48.34
N SER M 200 -4.05 -42.48 -49.41
CA SER M 200 -3.19 -41.33 -49.67
C SER M 200 -4.02 -40.11 -50.04
N SER M 201 -5.12 -40.30 -50.78
CA SER M 201 -6.00 -39.19 -51.07
C SER M 201 -6.68 -38.67 -49.80
N LEU M 202 -7.05 -39.59 -48.90
CA LEU M 202 -7.63 -39.15 -47.63
C LEU M 202 -6.62 -38.38 -46.80
N GLY M 203 -5.35 -38.78 -46.83
CA GLY M 203 -4.34 -38.06 -46.07
C GLY M 203 -4.05 -36.69 -46.66
N THR M 204 -4.05 -36.60 -47.99
CA THR M 204 -3.93 -35.29 -48.62
C THR M 204 -5.10 -34.39 -48.29
N SER M 205 -6.31 -34.94 -48.25
CA SER M 205 -7.48 -34.15 -47.86
C SER M 205 -7.36 -33.70 -46.41
N SER M 206 -6.78 -34.54 -45.55
CA SER M 206 -6.57 -34.14 -44.17
C SER M 206 -5.55 -33.02 -44.04
N VAL M 207 -4.47 -33.09 -44.81
CA VAL M 207 -3.48 -32.03 -44.78
C VAL M 207 -4.07 -30.73 -45.29
N GLY M 208 -4.96 -30.82 -46.28
CA GLY M 208 -5.64 -29.63 -46.75
C GLY M 208 -6.63 -29.09 -45.72
N LEU M 209 -7.31 -29.99 -44.99
CA LEU M 209 -8.21 -29.55 -43.94
C LEU M 209 -7.43 -28.83 -42.84
N ASP M 210 -6.23 -29.32 -42.52
CA ASP M 210 -5.44 -28.69 -41.47
C ASP M 210 -4.90 -27.34 -41.92
N THR M 211 -4.39 -27.27 -43.16
CA THR M 211 -3.91 -25.98 -43.66
C THR M 211 -5.05 -24.97 -43.75
N HIS M 212 -6.24 -25.40 -44.17
CA HIS M 212 -7.35 -24.47 -44.24
C HIS M 212 -7.82 -24.06 -42.85
N LEU M 213 -7.74 -24.94 -41.85
CA LEU M 213 -8.11 -24.55 -40.49
C LEU M 213 -7.13 -23.51 -39.95
N THR M 214 -5.84 -23.68 -40.25
CA THR M 214 -4.86 -22.68 -39.84
C THR M 214 -5.11 -21.35 -40.56
N PHE M 215 -5.50 -21.41 -41.83
CA PHE M 215 -5.82 -20.18 -42.54
C PHE M 215 -7.07 -19.52 -41.97
N VAL M 216 -8.05 -20.31 -41.55
CA VAL M 216 -9.25 -19.73 -40.94
C VAL M 216 -8.90 -19.10 -39.60
N GLY M 217 -7.94 -19.66 -38.87
CA GLY M 217 -7.51 -19.02 -37.65
C GLY M 217 -6.81 -17.70 -37.93
N LYS M 218 -5.94 -17.69 -38.93
CA LYS M 218 -5.30 -16.44 -39.36
C LYS M 218 -6.34 -15.40 -39.74
N LEU M 219 -7.35 -15.83 -40.50
CA LEU M 219 -8.33 -14.91 -41.05
C LEU M 219 -9.23 -14.35 -39.96
N GLN M 220 -9.69 -15.21 -39.04
CA GLN M 220 -10.54 -14.72 -37.97
C GLN M 220 -9.77 -13.79 -37.05
N ASP M 221 -8.49 -14.09 -36.79
CA ASP M 221 -7.70 -13.16 -35.99
C ASP M 221 -7.58 -11.82 -36.69
N SER M 222 -7.39 -11.84 -38.01
CA SER M 222 -7.29 -10.60 -38.77
C SER M 222 -8.60 -9.82 -38.74
N LEU M 223 -9.73 -10.53 -38.77
CA LEU M 223 -11.02 -9.83 -38.79
C LEU M 223 -11.35 -9.21 -37.45
N ASP M 224 -11.13 -9.95 -36.35
CA ASP M 224 -11.34 -9.32 -35.05
C ASP M 224 -10.35 -8.18 -34.82
N ALA M 225 -9.12 -8.31 -35.30
CA ALA M 225 -8.19 -7.20 -35.19
C ALA M 225 -8.66 -6.00 -36.01
N GLY M 226 -9.28 -6.24 -37.17
CA GLY M 226 -9.75 -5.14 -37.98
C GLY M 226 -10.95 -4.44 -37.40
N VAL M 227 -11.92 -5.21 -36.88
CA VAL M 227 -13.08 -4.57 -36.27
C VAL M 227 -12.67 -3.83 -34.99
N GLY M 228 -11.67 -4.35 -34.26
CA GLY M 228 -11.19 -3.62 -33.12
C GLY M 228 -10.47 -2.35 -33.53
N ASN M 229 -9.72 -2.39 -34.64
CA ASN M 229 -9.10 -1.19 -35.16
C ASN M 229 -10.16 -0.18 -35.57
N LEU M 230 -11.33 -0.67 -35.98
CA LEU M 230 -12.42 0.24 -36.35
C LEU M 230 -13.03 0.91 -35.13
N VAL M 231 -13.31 0.14 -34.07
CA VAL M 231 -14.14 0.66 -32.98
C VAL M 231 -13.38 1.05 -31.72
N ASP M 232 -12.16 0.54 -31.51
CA ASP M 232 -11.51 0.72 -30.21
C ASP M 232 -11.21 2.18 -29.93
N ALA M 233 -11.49 2.60 -28.71
CA ALA M 233 -11.21 3.97 -28.29
C ALA M 233 -9.72 4.16 -28.01
N ASP M 234 -9.26 5.40 -28.23
CA ASP M 234 -7.90 5.81 -27.84
C ASP M 234 -7.93 6.30 -26.40
N LEU M 235 -7.95 5.33 -25.47
CA LEU M 235 -8.15 5.66 -24.06
C LEU M 235 -7.04 6.53 -23.49
N ALA M 236 -5.82 6.40 -24.00
CA ALA M 236 -4.73 7.24 -23.51
C ALA M 236 -4.99 8.71 -23.82
N LYS M 237 -5.66 9.01 -24.93
CA LYS M 237 -6.13 10.36 -25.19
C LYS M 237 -7.40 10.67 -24.40
N GLU M 238 -8.20 9.63 -24.12
CA GLU M 238 -9.44 9.82 -23.40
C GLU M 238 -9.20 10.32 -21.99
N SER M 239 -8.12 9.88 -21.35
CA SER M 239 -7.84 10.34 -19.99
C SER M 239 -7.53 11.83 -19.97
N ALA M 240 -6.76 12.31 -20.95
CA ALA M 240 -6.46 13.72 -21.04
C ALA M 240 -7.73 14.53 -21.31
N LYS M 241 -8.54 14.08 -22.27
CA LYS M 241 -9.76 14.82 -22.57
C LYS M 241 -10.71 14.81 -21.39
N LEU M 242 -10.70 13.73 -20.61
CA LEU M 242 -11.58 13.63 -19.45
C LEU M 242 -11.17 14.61 -18.35
N GLN M 243 -9.88 14.64 -18.01
CA GLN M 243 -9.46 15.58 -16.96
C GLN M 243 -9.64 17.03 -17.41
N SER M 244 -9.40 17.32 -18.70
CA SER M 244 -9.60 18.67 -19.18
C SER M 244 -11.09 19.06 -19.15
N LEU M 245 -11.97 18.12 -19.50
CA LEU M 245 -13.39 18.39 -19.44
C LEU M 245 -13.87 18.58 -18.01
N GLN M 246 -13.24 17.88 -17.06
CA GLN M 246 -13.58 18.08 -15.66
C GLN M 246 -13.18 19.47 -15.19
N THR M 247 -11.98 19.92 -15.55
CA THR M 247 -11.57 21.28 -15.19
C THR M 247 -12.49 22.31 -15.85
N LYS M 248 -12.94 22.03 -17.08
CA LYS M 248 -13.86 22.94 -17.74
C LYS M 248 -15.20 22.99 -17.01
N GLN M 249 -15.68 21.84 -16.54
CA GLN M 249 -16.94 21.81 -15.81
C GLN M 249 -16.83 22.59 -14.50
N GLN M 250 -15.68 22.51 -13.83
CA GLN M 250 -15.54 23.23 -12.57
C GLN M 250 -15.47 24.74 -12.81
N LEU M 251 -14.70 25.19 -13.80
CA LEU M 251 -14.70 26.62 -14.10
C LEU M 251 -16.06 27.10 -14.60
N GLY M 252 -16.82 26.24 -15.26
CA GLY M 252 -18.17 26.62 -15.65
C GLY M 252 -19.09 26.77 -14.46
N VAL M 253 -18.91 25.90 -13.46
CA VAL M 253 -19.69 26.05 -12.22
C VAL M 253 -19.35 27.37 -11.53
N GLN M 254 -18.07 27.72 -11.50
CA GLN M 254 -17.69 28.98 -10.86
C GLN M 254 -18.22 30.19 -11.64
N ALA M 255 -18.15 30.14 -12.97
CA ALA M 255 -18.68 31.23 -13.78
C ALA M 255 -20.18 31.35 -13.62
N LEU M 256 -20.87 30.21 -13.47
CA LEU M 256 -22.31 30.27 -13.21
C LEU M 256 -22.60 30.88 -11.86
N SER M 257 -21.75 30.62 -10.87
CA SER M 257 -21.95 31.24 -9.55
C SER M 257 -21.77 32.75 -9.63
N ILE M 258 -20.77 33.21 -10.36
CA ILE M 258 -20.57 34.66 -10.48
C ILE M 258 -21.72 35.30 -11.25
N ALA M 259 -22.22 34.61 -12.28
CA ALA M 259 -23.36 35.14 -13.02
C ALA M 259 -24.60 35.20 -12.14
N ASN M 260 -24.75 34.24 -11.22
CA ASN M 260 -25.86 34.27 -10.29
C ASN M 260 -25.71 35.42 -9.30
N GLN M 261 -24.47 35.71 -8.89
CA GLN M 261 -24.23 36.77 -7.92
C GLN M 261 -24.27 38.17 -8.53
N THR M 262 -24.18 38.28 -9.85
CA THR M 262 -24.19 39.60 -10.49
C THR M 262 -25.43 40.43 -10.17
N PRO M 263 -26.66 39.91 -10.27
CA PRO M 263 -27.84 40.77 -10.06
C PRO M 263 -27.91 41.43 -8.68
N GLN M 264 -27.38 40.80 -7.64
CA GLN M 264 -27.66 41.22 -6.26
C GLN M 264 -27.11 42.61 -5.94
N THR M 265 -26.18 43.14 -6.73
CA THR M 265 -25.61 44.45 -6.44
C THR M 265 -26.64 45.58 -6.53
N ILE M 266 -27.77 45.34 -7.20
CA ILE M 266 -28.80 46.37 -7.34
C ILE M 266 -29.35 46.78 -5.98
N LEU M 267 -29.28 45.88 -4.99
CA LEU M 267 -29.76 46.22 -3.66
C LEU M 267 -29.02 47.39 -3.06
N SER M 268 -27.75 47.58 -3.43
CA SER M 268 -26.95 48.67 -2.88
C SER M 268 -27.49 50.03 -3.29
N LEU M 269 -28.18 50.10 -4.43
CA LEU M 269 -28.75 51.37 -4.88
C LEU M 269 -29.81 51.89 -3.94
N PHE M 270 -30.46 51.01 -3.18
CA PHE M 270 -31.57 51.41 -2.32
C PHE M 270 -31.26 51.18 -0.85
N LEU N 1 -56.13 89.61 -6.37
CA LEU N 1 -54.79 89.43 -5.81
C LEU N 1 -54.88 89.15 -4.31
N ASN N 2 -55.23 90.19 -3.54
CA ASN N 2 -55.52 90.02 -2.13
C ASN N 2 -57.00 89.65 -1.99
N SER N 3 -57.26 88.44 -1.53
CA SER N 3 -58.64 87.97 -1.40
C SER N 3 -58.71 86.85 -0.39
N ILE N 4 -59.86 86.77 0.28
CA ILE N 4 -60.13 85.68 1.21
C ILE N 4 -60.91 84.55 0.57
N ASN N 5 -61.70 84.81 -0.47
CA ASN N 5 -62.52 83.77 -1.06
C ASN N 5 -61.68 82.67 -1.71
N THR N 6 -60.52 83.00 -2.26
CA THR N 6 -59.67 82.02 -2.93
C THR N 6 -58.31 82.63 -3.19
N ASN N 7 -57.31 81.76 -3.29
CA ASN N 7 -55.96 82.15 -3.70
C ASN N 7 -55.47 81.23 -4.80
N PRO N 8 -55.33 81.71 -6.04
CA PRO N 8 -54.90 80.83 -7.15
C PRO N 8 -53.56 80.15 -6.93
N GLY N 9 -52.63 80.80 -6.24
CA GLY N 9 -51.30 80.22 -6.10
C GLY N 9 -51.31 78.90 -5.35
N ALA N 10 -52.20 78.78 -4.35
CA ALA N 10 -52.34 77.50 -3.66
C ALA N 10 -52.86 76.43 -4.60
N LEU N 11 -53.75 76.81 -5.52
CA LEU N 11 -54.24 75.85 -6.50
C LEU N 11 -53.13 75.38 -7.41
N LEU N 12 -52.28 76.30 -7.86
CA LEU N 12 -51.19 75.92 -8.75
C LEU N 12 -50.17 75.05 -8.03
N ALA N 13 -49.86 75.37 -6.77
CA ALA N 13 -48.94 74.54 -6.00
C ALA N 13 -49.53 73.16 -5.76
N LEU N 14 -50.85 73.08 -5.55
CA LEU N 14 -51.49 71.78 -5.38
C LEU N 14 -51.43 70.98 -6.67
N GLN N 15 -51.60 71.63 -7.82
CA GLN N 15 -51.51 70.91 -9.08
C GLN N 15 -50.09 70.38 -9.31
N ASN N 16 -49.08 71.18 -8.96
CA ASN N 16 -47.71 70.70 -9.11
C ASN N 16 -47.43 69.54 -8.16
N LEU N 17 -47.95 69.61 -6.94
CA LEU N 17 -47.76 68.52 -5.99
C LEU N 17 -48.47 67.25 -6.47
N ASN N 18 -49.65 67.40 -7.09
CA ASN N 18 -50.35 66.25 -7.63
C ASN N 18 -49.59 65.63 -8.80
N SER N 19 -48.99 66.46 -9.65
CA SER N 19 -48.21 65.92 -10.75
C SER N 19 -46.98 65.19 -10.23
N THR N 20 -46.33 65.74 -9.20
CA THR N 20 -45.19 65.05 -8.60
C THR N 20 -45.63 63.74 -7.94
N ASN N 21 -46.82 63.73 -7.35
CA ASN N 21 -47.33 62.51 -6.73
C ASN N 21 -47.64 61.44 -7.77
N THR N 22 -48.18 61.85 -8.92
CA THR N 22 -48.46 60.87 -9.97
C THR N 22 -47.16 60.32 -10.56
N GLU N 23 -46.16 61.18 -10.76
CA GLU N 23 -44.87 60.68 -11.24
C GLU N 23 -44.21 59.76 -10.22
N LEU N 24 -44.37 60.07 -8.93
CA LEU N 24 -43.81 59.19 -7.90
C LEU N 24 -44.54 57.86 -7.88
N ALA N 25 -45.86 57.87 -8.09
CA ALA N 25 -46.61 56.63 -8.13
C ALA N 25 -46.21 55.78 -9.32
N ALA N 26 -45.94 56.41 -10.47
CA ALA N 26 -45.50 55.66 -11.64
C ALA N 26 -44.12 55.07 -11.42
N THR N 27 -43.20 55.85 -10.86
CA THR N 27 -41.87 55.33 -10.61
C THR N 27 -41.89 54.21 -9.57
N GLN N 28 -42.79 54.31 -8.59
CA GLN N 28 -42.86 53.27 -7.58
C GLN N 28 -43.48 52.00 -8.15
N GLY N 29 -44.42 52.14 -9.08
CA GLY N 29 -44.93 50.97 -9.77
C GLY N 29 -43.85 50.30 -10.60
N ARG N 30 -43.00 51.10 -11.24
CA ARG N 30 -41.90 50.54 -12.01
C ARG N 30 -40.88 49.84 -11.13
N ILE N 31 -40.62 50.37 -9.93
CA ILE N 31 -39.61 49.74 -9.09
C ILE N 31 -40.15 48.49 -8.41
N ASN N 32 -41.39 48.52 -7.91
CA ASN N 32 -41.95 47.31 -7.31
C ASN N 32 -42.29 46.24 -8.32
N THR N 33 -42.50 46.59 -9.59
CA THR N 33 -42.75 45.56 -10.59
C THR N 33 -41.45 45.10 -11.26
N GLY N 34 -40.45 45.96 -11.32
CA GLY N 34 -39.24 45.67 -12.06
C GLY N 34 -39.36 45.87 -13.54
N LYS N 35 -40.48 46.42 -14.01
CA LYS N 35 -40.80 46.51 -15.42
C LYS N 35 -41.20 47.95 -15.73
N LYS N 36 -40.70 48.49 -16.84
CA LYS N 36 -41.14 49.81 -17.25
C LYS N 36 -42.47 49.77 -18.00
N VAL N 37 -42.99 48.58 -18.28
CA VAL N 37 -44.30 48.43 -18.90
C VAL N 37 -44.97 47.17 -18.35
N ALA N 38 -45.26 47.19 -17.04
CA ALA N 38 -45.76 46.03 -16.32
C ALA N 38 -47.14 45.58 -16.76
N ASN N 39 -47.96 46.48 -17.32
CA ASN N 39 -49.34 46.14 -17.63
C ASN N 39 -49.82 46.94 -18.83
N ALA N 40 -51.01 46.58 -19.31
CA ALA N 40 -51.56 47.15 -20.54
C ALA N 40 -51.80 48.65 -20.46
N LYS N 41 -52.07 49.19 -19.26
CA LYS N 41 -52.28 50.62 -19.14
C LYS N 41 -51.01 51.42 -19.41
N ASP N 42 -49.84 50.81 -19.26
CA ASP N 42 -48.59 51.52 -19.48
C ASP N 42 -48.40 51.85 -20.96
N ASN N 43 -48.60 50.85 -21.83
CA ASN N 43 -48.54 51.02 -23.27
C ASN N 43 -49.10 49.79 -23.96
N GLY N 44 -50.22 49.94 -24.66
CA GLY N 44 -50.98 48.76 -25.09
C GLY N 44 -50.28 47.94 -26.17
N ALA N 45 -49.59 48.60 -27.09
CA ALA N 45 -49.00 47.88 -28.21
C ALA N 45 -47.82 47.03 -27.76
N ILE N 46 -46.88 47.64 -27.04
CA ILE N 46 -45.73 46.88 -26.56
C ILE N 46 -46.17 45.87 -25.52
N TRP N 47 -47.25 46.13 -24.78
CA TRP N 47 -47.74 45.14 -23.82
C TRP N 47 -48.33 43.94 -24.53
N SER N 48 -49.10 44.16 -25.61
CA SER N 48 -49.64 43.04 -26.36
C SER N 48 -48.52 42.24 -27.02
N MET N 49 -47.48 42.92 -27.49
CA MET N 49 -46.34 42.21 -28.05
C MET N 49 -45.64 41.38 -26.99
N ALA N 50 -45.44 41.95 -25.80
CA ALA N 50 -44.80 41.22 -24.72
C ALA N 50 -45.63 40.03 -24.28
N LYS N 51 -46.96 40.16 -24.29
CA LYS N 51 -47.81 39.04 -23.89
C LYS N 51 -47.74 37.92 -24.92
N MET N 52 -47.90 38.25 -26.20
CA MET N 52 -47.85 37.21 -27.23
C MET N 52 -46.47 36.55 -27.27
N GLN N 53 -45.42 37.33 -27.06
CA GLN N 53 -44.09 36.79 -27.23
C GLN N 53 -43.62 36.04 -25.99
N SER N 54 -44.09 36.44 -24.80
CA SER N 54 -43.92 35.61 -23.62
C SER N 54 -44.71 34.31 -23.73
N ALA N 55 -45.88 34.34 -24.39
CA ALA N 55 -46.57 33.09 -24.67
C ALA N 55 -45.74 32.23 -25.62
N THR N 56 -45.04 32.87 -26.55
CA THR N 56 -44.14 32.15 -27.44
C THR N 56 -43.02 31.48 -26.65
N ALA N 57 -42.43 32.22 -25.72
CA ALA N 57 -41.36 31.65 -24.91
C ALA N 57 -41.86 30.54 -23.99
N SER N 58 -43.12 30.64 -23.54
CA SER N 58 -43.64 29.67 -22.59
C SER N 58 -44.13 28.40 -23.27
N SER N 59 -44.53 28.50 -24.54
CA SER N 59 -45.08 27.35 -25.24
C SER N 59 -44.05 26.28 -25.55
N LEU N 60 -42.75 26.62 -25.52
CA LEU N 60 -41.72 25.68 -25.96
C LEU N 60 -41.38 24.63 -24.92
N ASN N 61 -41.87 24.75 -23.69
CA ASN N 61 -41.60 23.71 -22.69
C ASN N 61 -42.22 22.38 -23.10
N SER N 62 -43.43 22.43 -23.68
CA SER N 62 -44.04 21.20 -24.18
C SER N 62 -43.23 20.64 -25.35
N VAL N 63 -42.62 21.52 -26.14
CA VAL N 63 -41.77 21.07 -27.23
C VAL N 63 -40.57 20.30 -26.69
N LYS N 64 -39.86 20.89 -25.73
CA LYS N 64 -38.69 20.22 -25.18
C LYS N 64 -39.08 18.91 -24.49
N ASP N 65 -40.25 18.89 -23.86
CA ASP N 65 -40.71 17.68 -23.20
C ASP N 65 -41.02 16.58 -24.20
N SER N 66 -41.73 16.91 -25.28
CA SER N 66 -42.04 15.90 -26.29
C SER N 66 -40.75 15.40 -26.96
N LEU N 67 -39.77 16.28 -27.14
CA LEU N 67 -38.53 15.85 -27.78
C LEU N 67 -37.75 14.89 -26.90
N GLN N 68 -37.62 15.21 -25.60
CA GLN N 68 -36.93 14.28 -24.71
C GLN N 68 -37.72 12.98 -24.52
N ARG N 69 -39.05 13.04 -24.62
CA ARG N 69 -39.85 11.82 -24.58
C ARG N 69 -39.58 10.95 -25.80
N GLY N 70 -39.41 11.56 -26.97
CA GLY N 70 -39.05 10.78 -28.14
C GLY N 70 -37.65 10.22 -28.04
N GLN N 71 -36.74 10.95 -27.39
CA GLN N 71 -35.41 10.41 -27.13
C GLN N 71 -35.50 9.19 -26.23
N SER N 72 -36.37 9.23 -25.23
CA SER N 72 -36.53 8.06 -24.35
C SER N 72 -37.13 6.88 -25.10
N THR N 73 -38.05 7.15 -26.02
CA THR N 73 -38.64 6.07 -26.80
C THR N 73 -37.61 5.40 -27.70
N ILE N 74 -36.79 6.21 -28.38
CA ILE N 74 -35.74 5.63 -29.20
C ILE N 74 -34.70 4.93 -28.35
N ASP N 75 -34.49 5.39 -27.12
CA ASP N 75 -33.55 4.71 -26.23
C ASP N 75 -34.06 3.30 -25.89
N VAL N 76 -35.36 3.17 -25.60
CA VAL N 76 -35.92 1.84 -25.39
C VAL N 76 -35.82 1.00 -26.65
N ALA N 77 -36.01 1.65 -27.80
CA ALA N 77 -35.96 0.91 -29.07
C ALA N 77 -34.59 0.30 -29.29
N LEU N 78 -33.53 1.11 -29.14
CA LEU N 78 -32.18 0.58 -29.29
C LEU N 78 -31.81 -0.41 -28.18
N ALA N 79 -32.36 -0.20 -26.97
CA ALA N 79 -32.08 -1.12 -25.87
C ALA N 79 -32.66 -2.50 -26.15
N ALA N 80 -33.73 -2.57 -26.96
CA ALA N 80 -34.15 -3.88 -27.45
C ALA N 80 -33.35 -4.29 -28.67
N GLY N 81 -33.02 -3.34 -29.54
CA GLY N 81 -32.42 -3.68 -30.82
C GLY N 81 -31.07 -4.34 -30.69
N ASP N 82 -30.31 -3.99 -29.66
CA ASP N 82 -29.05 -4.71 -29.44
C ASP N 82 -29.31 -6.18 -29.16
N THR N 83 -30.39 -6.49 -28.45
CA THR N 83 -30.73 -7.87 -28.15
C THR N 83 -31.19 -8.60 -29.40
N ILE N 84 -32.04 -7.97 -30.22
CA ILE N 84 -32.43 -8.60 -31.47
C ILE N 84 -31.23 -8.80 -32.39
N THR N 85 -30.26 -7.89 -32.35
CA THR N 85 -29.07 -8.06 -33.18
C THR N 85 -28.23 -9.25 -32.73
N ASP N 86 -28.00 -9.36 -31.41
CA ASP N 86 -27.23 -10.51 -30.93
C ASP N 86 -27.95 -11.82 -31.18
N LEU N 87 -29.29 -11.82 -31.03
CA LEU N 87 -30.04 -13.03 -31.30
C LEU N 87 -29.98 -13.39 -32.78
N LEU N 88 -30.00 -12.40 -33.68
CA LEU N 88 -29.89 -12.68 -35.09
C LEU N 88 -28.52 -13.24 -35.43
N THR N 89 -27.47 -12.74 -34.79
CA THR N 89 -26.14 -13.30 -35.03
C THR N 89 -26.05 -14.74 -34.55
N LYS N 90 -26.70 -15.06 -33.42
CA LYS N 90 -26.64 -16.42 -32.93
C LYS N 90 -27.47 -17.37 -33.79
N MET N 91 -28.61 -16.90 -34.31
CA MET N 91 -29.36 -17.70 -35.27
C MET N 91 -28.56 -17.90 -36.55
N LYS N 92 -27.77 -16.90 -36.94
CA LYS N 92 -26.91 -17.04 -38.11
C LYS N 92 -25.88 -18.15 -37.90
N GLU N 93 -25.18 -18.13 -36.76
CA GLU N 93 -24.20 -19.19 -36.52
C GLU N 93 -24.87 -20.55 -36.37
N LYS N 94 -26.10 -20.59 -35.84
CA LYS N 94 -26.81 -21.86 -35.72
C LYS N 94 -27.15 -22.43 -37.10
N ALA N 95 -27.68 -21.58 -37.98
CA ALA N 95 -28.00 -22.05 -39.33
C ALA N 95 -26.75 -22.45 -40.09
N LEU N 96 -25.64 -21.73 -39.86
CA LEU N 96 -24.40 -22.05 -40.55
C LEU N 96 -23.86 -23.40 -40.09
N ALA N 97 -23.94 -23.68 -38.78
CA ALA N 97 -23.53 -24.98 -38.29
C ALA N 97 -24.48 -26.08 -38.77
N ALA N 98 -25.76 -25.76 -38.93
CA ALA N 98 -26.72 -26.74 -39.42
C ALA N 98 -26.51 -27.04 -40.90
N SER N 99 -25.88 -26.12 -41.63
CA SER N 99 -25.64 -26.34 -43.06
C SER N 99 -24.66 -27.47 -43.34
N ASP N 100 -23.86 -27.86 -42.36
CA ASP N 100 -22.86 -28.91 -42.57
C ASP N 100 -23.54 -30.23 -42.92
N THR N 101 -23.01 -30.91 -43.94
CA THR N 101 -23.52 -32.21 -44.35
C THR N 101 -23.08 -33.34 -43.43
N SER N 102 -21.95 -33.17 -42.73
CA SER N 102 -21.38 -34.27 -41.94
C SER N 102 -22.09 -34.50 -40.62
N LEU N 103 -22.98 -33.62 -40.19
CA LEU N 103 -23.67 -33.78 -38.92
C LEU N 103 -24.64 -34.95 -38.96
N ASN N 104 -24.72 -35.67 -37.85
CA ASN N 104 -25.78 -36.66 -37.64
C ASN N 104 -27.09 -35.97 -37.31
N THR N 105 -28.19 -36.69 -37.54
CA THR N 105 -29.52 -36.09 -37.45
C THR N 105 -29.81 -35.55 -36.05
N ALA N 106 -29.23 -36.13 -35.00
CA ALA N 106 -29.54 -35.68 -33.64
C ALA N 106 -28.97 -34.28 -33.39
N SER N 107 -27.71 -34.06 -33.77
CA SER N 107 -27.13 -32.74 -33.62
C SER N 107 -27.82 -31.72 -34.51
N PHE N 108 -28.29 -32.16 -35.68
CA PHE N 108 -29.04 -31.28 -36.56
C PHE N 108 -30.34 -30.84 -35.90
N ASN N 109 -31.06 -31.79 -35.28
CA ASN N 109 -32.28 -31.43 -34.58
C ASN N 109 -32.00 -30.55 -33.37
N ALA N 110 -30.85 -30.73 -32.73
CA ALA N 110 -30.50 -29.87 -31.60
C ALA N 110 -30.27 -28.43 -32.07
N LEU N 111 -29.51 -28.25 -33.15
CA LEU N 111 -29.32 -26.91 -33.69
C LEU N 111 -30.65 -26.32 -34.17
N LYS N 112 -31.53 -27.17 -34.71
CA LYS N 112 -32.82 -26.68 -35.19
C LYS N 112 -33.68 -26.18 -34.03
N ALA N 113 -33.75 -26.95 -32.95
CA ALA N 113 -34.53 -26.54 -31.80
C ALA N 113 -33.96 -25.28 -31.18
N ASP N 114 -32.62 -25.16 -31.17
CA ASP N 114 -32.00 -23.94 -30.64
C ASP N 114 -32.37 -22.75 -31.53
N PHE N 115 -32.43 -22.96 -32.84
CA PHE N 115 -32.80 -21.89 -33.77
C PHE N 115 -34.24 -21.45 -33.53
N GLU N 116 -35.16 -22.41 -33.36
CA GLU N 116 -36.55 -22.04 -33.13
C GLU N 116 -36.73 -21.32 -31.80
N SER N 117 -36.00 -21.75 -30.76
CA SER N 117 -36.10 -21.07 -29.48
C SER N 117 -35.54 -19.67 -29.55
N LEU N 118 -34.46 -19.48 -30.31
CA LEU N 118 -33.94 -18.12 -30.50
C LEU N 118 -34.92 -17.26 -31.28
N ARG N 119 -35.63 -17.84 -32.25
CA ARG N 119 -36.59 -17.05 -33.00
C ARG N 119 -37.76 -16.62 -32.11
N ASP N 120 -38.22 -17.52 -31.24
CA ASP N 120 -39.30 -17.15 -30.32
C ASP N 120 -38.84 -16.10 -29.33
N GLN N 121 -37.60 -16.21 -28.83
CA GLN N 121 -37.08 -15.18 -27.95
C GLN N 121 -36.93 -13.85 -28.67
N LEU N 122 -36.57 -13.87 -29.95
CA LEU N 122 -36.41 -12.62 -30.69
C LEU N 122 -37.77 -11.95 -30.89
N GLN N 123 -38.79 -12.74 -31.22
CA GLN N 123 -40.13 -12.18 -31.37
C GLN N 123 -40.63 -11.61 -30.06
N LYS N 124 -40.33 -12.28 -28.94
CA LYS N 124 -40.81 -11.79 -27.66
C LYS N 124 -40.10 -10.50 -27.26
N ALA N 125 -38.78 -10.45 -27.46
CA ALA N 125 -38.03 -9.23 -27.16
C ALA N 125 -38.42 -8.09 -28.08
N ALA N 126 -38.83 -8.40 -29.31
CA ALA N 126 -39.25 -7.34 -30.23
C ALA N 126 -40.61 -6.79 -29.85
N THR N 127 -41.57 -7.67 -29.54
CA THR N 127 -42.90 -7.20 -29.17
C THR N 127 -42.89 -6.53 -27.79
N ASN N 128 -41.92 -6.87 -26.94
CA ASN N 128 -41.86 -6.26 -25.62
C ASN N 128 -41.39 -4.81 -25.64
N ALA N 129 -40.70 -4.38 -26.69
CA ALA N 129 -40.06 -3.06 -26.70
C ALA N 129 -41.10 -1.98 -26.94
N LYS N 130 -41.57 -1.39 -25.84
CA LYS N 130 -42.49 -0.25 -25.90
C LYS N 130 -42.30 0.60 -24.65
N PHE N 131 -42.50 1.90 -24.82
CA PHE N 131 -42.29 2.89 -23.78
C PHE N 131 -43.54 3.76 -23.68
N ASN N 132 -44.17 3.78 -22.51
CA ASN N 132 -45.41 4.53 -22.28
C ASN N 132 -46.49 4.15 -23.28
N GLY N 133 -46.54 2.88 -23.68
CA GLY N 133 -47.58 2.40 -24.57
C GLY N 133 -47.33 2.65 -26.04
N VAL N 134 -46.22 3.27 -26.41
CA VAL N 134 -45.90 3.56 -27.80
C VAL N 134 -44.49 3.07 -28.07
N SER N 135 -44.24 2.72 -29.33
CA SER N 135 -42.97 2.10 -29.67
C SER N 135 -42.70 2.26 -31.15
N LEU N 136 -41.43 2.09 -31.51
CA LEU N 136 -40.98 2.11 -32.89
C LEU N 136 -40.54 0.74 -33.40
N ALA N 137 -39.83 -0.03 -32.59
CA ALA N 137 -39.33 -1.33 -33.04
C ALA N 137 -40.46 -2.32 -33.30
N ASP N 138 -41.56 -2.23 -32.55
CA ASP N 138 -42.63 -3.21 -32.68
C ASP N 138 -43.48 -3.02 -33.93
N GLY N 139 -43.43 -1.84 -34.55
CA GLY N 139 -44.20 -1.60 -35.75
C GLY N 139 -45.67 -1.29 -35.52
N SER N 140 -46.06 -0.98 -34.29
CA SER N 140 -47.48 -0.79 -33.98
C SER N 140 -48.05 0.39 -34.77
N THR N 141 -47.23 1.40 -35.05
CA THR N 141 -47.68 2.59 -35.76
C THR N 141 -46.65 2.99 -36.80
N THR N 142 -47.14 3.63 -37.88
CA THR N 142 -46.27 3.94 -39.00
C THR N 142 -45.18 4.94 -38.64
N LYS N 143 -45.46 5.88 -37.75
CA LYS N 143 -44.49 6.90 -37.36
C LYS N 143 -45.00 7.66 -36.15
N LEU N 144 -44.06 8.18 -35.36
CA LEU N 144 -44.36 9.01 -34.20
C LEU N 144 -43.87 10.43 -34.48
N SER N 145 -44.81 11.33 -34.71
CA SER N 145 -44.50 12.75 -34.84
C SER N 145 -44.25 13.37 -33.46
N PHE N 146 -43.50 14.46 -33.45
CA PHE N 146 -43.15 15.13 -32.20
C PHE N 146 -43.15 16.64 -32.39
N LEU N 147 -43.52 17.36 -31.34
CA LEU N 147 -43.71 18.80 -31.42
C LEU N 147 -42.39 19.52 -31.66
N ALA N 148 -42.48 20.70 -32.29
CA ALA N 148 -41.28 21.48 -32.56
C ALA N 148 -41.42 22.96 -32.23
N ASN N 149 -42.60 23.56 -32.40
CA ASN N 149 -42.75 25.01 -32.38
C ASN N 149 -44.06 25.38 -31.68
N GLU N 150 -44.45 26.66 -31.82
CA GLU N 150 -45.78 27.07 -31.38
C GLU N 150 -46.87 26.37 -32.17
N ASP N 151 -46.64 26.20 -33.47
CA ASP N 151 -47.69 26.03 -34.46
C ASP N 151 -48.23 24.62 -34.52
N GLY N 152 -47.61 23.68 -33.81
CA GLY N 152 -47.82 22.30 -34.12
C GLY N 152 -46.97 21.78 -35.26
N SER N 153 -45.91 22.49 -35.64
CA SER N 153 -44.94 21.91 -36.55
C SER N 153 -44.35 20.67 -35.88
N ASN N 154 -44.25 19.59 -36.64
CA ASN N 154 -44.01 18.29 -36.04
C ASN N 154 -42.70 17.69 -36.50
N PHE N 155 -41.78 17.50 -35.56
CA PHE N 155 -40.61 16.67 -35.79
C PHE N 155 -41.06 15.24 -36.09
N THR N 156 -40.45 14.63 -37.09
CA THR N 156 -40.91 13.34 -37.60
C THR N 156 -39.87 12.26 -37.35
N VAL N 157 -40.32 11.14 -36.80
CA VAL N 157 -39.49 9.94 -36.63
C VAL N 157 -40.29 8.78 -37.20
N THR N 158 -39.98 8.40 -38.43
CA THR N 158 -40.62 7.24 -39.04
C THR N 158 -40.27 5.98 -38.25
N ALA N 159 -41.28 5.17 -37.99
CA ALA N 159 -41.06 3.94 -37.23
C ALA N 159 -40.24 2.95 -38.03
N GLN N 160 -39.39 2.22 -37.33
CA GLN N 160 -38.55 1.18 -37.93
C GLN N 160 -38.95 -0.15 -37.30
N THR N 161 -39.74 -0.93 -38.03
CA THR N 161 -40.23 -2.20 -37.52
C THR N 161 -39.05 -3.15 -37.26
N LEU N 162 -39.09 -3.82 -36.11
CA LEU N 162 -38.07 -4.80 -35.77
C LEU N 162 -38.62 -6.16 -35.39
N SER N 163 -39.94 -6.33 -35.38
CA SER N 163 -40.52 -7.66 -35.29
C SER N 163 -40.27 -8.41 -36.60
N LEU N 164 -40.37 -9.73 -36.54
CA LEU N 164 -39.90 -10.60 -37.61
C LEU N 164 -40.56 -10.25 -38.94
N THR N 165 -41.81 -9.78 -38.90
CA THR N 165 -42.45 -9.30 -40.12
C THR N 165 -41.71 -8.09 -40.69
N GLY N 166 -41.10 -7.28 -39.84
CA GLY N 166 -40.35 -6.13 -40.28
C GLY N 166 -38.93 -6.39 -40.71
N ILE N 167 -38.40 -7.60 -40.46
CA ILE N 167 -37.04 -7.94 -40.84
C ILE N 167 -36.99 -9.15 -41.76
N GLY N 168 -38.08 -9.46 -42.43
CA GLY N 168 -38.09 -10.53 -43.41
C GLY N 168 -38.31 -11.92 -42.86
N LEU N 169 -38.62 -12.05 -41.57
CA LEU N 169 -38.88 -13.34 -40.96
C LEU N 169 -40.36 -13.46 -40.58
N THR N 170 -40.69 -14.57 -39.92
CA THR N 170 -42.05 -14.80 -39.46
C THR N 170 -42.00 -15.81 -38.31
N ALA N 171 -43.08 -15.87 -37.55
CA ALA N 171 -43.11 -16.71 -36.36
C ALA N 171 -43.27 -18.18 -36.70
N THR N 172 -42.43 -18.69 -37.60
CA THR N 172 -42.44 -20.09 -37.97
C THR N 172 -41.24 -20.40 -38.87
N SER N 173 -40.45 -19.38 -39.21
CA SER N 173 -39.33 -19.59 -40.11
C SER N 173 -38.32 -20.54 -39.48
N THR N 174 -37.87 -21.52 -40.26
CA THR N 174 -36.85 -22.47 -39.82
C THR N 174 -36.39 -23.29 -41.01
N PHE N 175 -35.14 -23.72 -40.95
CA PHE N 175 -34.61 -24.70 -41.89
C PHE N 175 -35.08 -26.10 -41.53
N THR N 176 -35.15 -26.97 -42.55
CA THR N 176 -35.48 -28.37 -42.32
C THR N 176 -34.40 -29.31 -42.82
N ASP N 177 -33.46 -28.84 -43.64
CA ASP N 177 -32.33 -29.67 -44.07
C ASP N 177 -31.13 -28.78 -44.38
N ALA N 178 -30.00 -29.39 -44.71
CA ALA N 178 -28.77 -28.63 -44.89
C ALA N 178 -28.90 -27.60 -46.01
N ALA N 179 -29.67 -27.91 -47.05
CA ALA N 179 -29.87 -26.94 -48.13
C ALA N 179 -30.72 -25.76 -47.66
N THR N 180 -31.80 -26.05 -46.94
CA THR N 180 -32.60 -24.97 -46.37
C THR N 180 -31.80 -24.19 -45.33
N ALA N 181 -30.88 -24.85 -44.63
CA ALA N 181 -30.00 -24.14 -43.71
C ALA N 181 -29.05 -23.21 -44.46
N LYS N 182 -28.54 -23.66 -45.61
CA LYS N 182 -27.66 -22.80 -46.41
C LYS N 182 -28.42 -21.60 -46.95
N THR N 183 -29.69 -21.79 -47.31
CA THR N 183 -30.51 -20.66 -47.72
C THR N 183 -30.82 -19.74 -46.54
N MET N 184 -31.02 -20.33 -45.36
CA MET N 184 -31.29 -19.55 -44.16
C MET N 184 -30.08 -18.74 -43.74
N ILE N 185 -28.87 -19.17 -44.11
CA ILE N 185 -27.69 -18.35 -43.84
C ILE N 185 -27.85 -16.98 -44.49
N ALA N 186 -28.09 -16.97 -45.81
CA ALA N 186 -28.29 -15.71 -46.50
C ALA N 186 -29.55 -14.98 -46.04
N THR N 187 -30.58 -15.73 -45.65
CA THR N 187 -31.80 -15.08 -45.18
C THR N 187 -31.56 -14.32 -43.88
N ILE N 188 -30.92 -14.96 -42.91
CA ILE N 188 -30.58 -14.30 -41.65
C ILE N 188 -29.58 -13.18 -41.89
N THR N 189 -28.71 -13.32 -42.90
CA THR N 189 -27.77 -12.24 -43.20
C THR N 189 -28.51 -11.00 -43.70
N THR N 190 -29.45 -11.18 -44.63
CA THR N 190 -30.23 -10.04 -45.12
C THR N 190 -31.11 -9.47 -44.01
N SER N 191 -31.60 -10.33 -43.11
CA SER N 191 -32.40 -9.84 -41.99
C SER N 191 -31.55 -9.00 -41.04
N LEU N 192 -30.31 -9.43 -40.79
CA LEU N 192 -29.42 -8.64 -39.97
C LEU N 192 -29.06 -7.33 -40.65
N GLN N 193 -28.98 -7.35 -41.99
CA GLN N 193 -28.70 -6.12 -42.74
C GLN N 193 -29.82 -5.11 -42.54
N THR N 194 -31.06 -5.52 -42.77
CA THR N 194 -32.16 -4.58 -42.57
C THR N 194 -32.30 -4.17 -41.11
N ALA N 195 -31.97 -5.06 -40.18
CA ALA N 195 -32.06 -4.71 -38.76
C ALA N 195 -31.06 -3.64 -38.38
N THR N 196 -29.79 -3.82 -38.77
CA THR N 196 -28.79 -2.80 -38.45
C THR N 196 -29.05 -1.50 -39.19
N ASN N 197 -29.61 -1.54 -40.41
CA ASN N 197 -29.93 -0.29 -41.08
C ASN N 197 -31.06 0.45 -40.37
N LYS N 198 -32.09 -0.28 -39.94
CA LYS N 198 -33.17 0.36 -39.19
C LYS N 198 -32.67 0.91 -37.86
N LEU N 199 -31.75 0.20 -37.21
CA LEU N 199 -31.19 0.70 -35.95
C LEU N 199 -30.35 1.95 -36.18
N SER N 200 -29.59 2.00 -37.27
CA SER N 200 -28.84 3.20 -37.59
C SER N 200 -29.77 4.38 -37.88
N SER N 201 -30.91 4.10 -38.52
CA SER N 201 -31.89 5.17 -38.74
C SER N 201 -32.47 5.66 -37.42
N LEU N 202 -32.74 4.74 -36.49
CA LEU N 202 -33.25 5.15 -35.19
C LEU N 202 -32.22 5.96 -34.43
N GLY N 203 -30.95 5.61 -34.56
CA GLY N 203 -29.92 6.37 -33.86
C GLY N 203 -29.73 7.76 -34.46
N THR N 204 -29.83 7.87 -35.78
CA THR N 204 -29.76 9.18 -36.41
C THR N 204 -30.95 10.04 -36.00
N SER N 205 -32.14 9.44 -35.89
CA SER N 205 -33.29 10.19 -35.42
C SER N 205 -33.12 10.63 -33.98
N SER N 206 -32.47 9.81 -33.15
CA SER N 206 -32.22 10.21 -31.77
C SER N 206 -31.23 11.36 -31.69
N VAL N 207 -30.17 11.31 -32.51
CA VAL N 207 -29.23 12.43 -32.55
C VAL N 207 -29.91 13.69 -33.04
N GLY N 208 -30.87 13.54 -33.96
CA GLY N 208 -31.62 14.70 -34.41
C GLY N 208 -32.52 15.25 -33.33
N LEU N 209 -33.13 14.37 -32.52
CA LEU N 209 -33.93 14.84 -31.40
C LEU N 209 -33.08 15.61 -30.41
N ASP N 210 -31.85 15.12 -30.15
CA ASP N 210 -30.99 15.80 -29.19
C ASP N 210 -30.56 17.17 -29.71
N THR N 211 -30.17 17.25 -30.99
CA THR N 211 -29.74 18.51 -31.56
C THR N 211 -30.89 19.51 -31.59
N HIS N 212 -32.08 19.07 -32.00
CA HIS N 212 -33.21 20.00 -32.02
C HIS N 212 -33.62 20.42 -30.62
N LEU N 213 -33.48 19.53 -29.63
CA LEU N 213 -33.79 19.93 -28.27
C LEU N 213 -32.84 21.02 -27.78
N THR N 214 -31.55 20.87 -28.11
CA THR N 214 -30.59 21.89 -27.71
C THR N 214 -30.89 23.22 -28.39
N PHE N 215 -31.26 23.17 -29.67
CA PHE N 215 -31.57 24.41 -30.38
C PHE N 215 -32.83 25.07 -29.82
N VAL N 216 -33.84 24.28 -29.47
CA VAL N 216 -35.05 24.84 -28.87
C VAL N 216 -34.73 25.44 -27.50
N GLY N 217 -33.79 24.86 -26.77
CA GLY N 217 -33.43 25.43 -25.49
C GLY N 217 -32.76 26.78 -25.63
N LYS N 218 -31.78 26.87 -26.53
CA LYS N 218 -31.16 28.17 -26.77
C LYS N 218 -32.15 29.17 -27.35
N LEU N 219 -33.11 28.71 -28.15
CA LEU N 219 -34.11 29.60 -28.71
C LEU N 219 -35.03 30.14 -27.62
N GLN N 220 -35.40 29.29 -26.66
CA GLN N 220 -36.25 29.76 -25.58
C GLN N 220 -35.50 30.75 -24.69
N ASP N 221 -34.20 30.51 -24.47
CA ASP N 221 -33.42 31.48 -23.70
C ASP N 221 -33.34 32.82 -24.42
N SER N 222 -33.14 32.78 -25.75
CA SER N 222 -33.10 34.02 -26.52
C SER N 222 -34.48 34.70 -26.53
N LEU N 223 -35.55 33.92 -26.49
CA LEU N 223 -36.89 34.51 -26.50
C LEU N 223 -37.19 35.23 -25.20
N ASP N 224 -36.86 34.60 -24.06
CA ASP N 224 -37.05 35.31 -22.80
C ASP N 224 -36.09 36.49 -22.67
N ALA N 225 -34.89 36.39 -23.27
CA ALA N 225 -34.02 37.56 -23.29
C ALA N 225 -34.63 38.70 -24.09
N GLY N 226 -35.31 38.37 -25.20
CA GLY N 226 -35.95 39.42 -25.98
C GLY N 226 -37.14 40.02 -25.29
N VAL N 227 -37.92 39.19 -24.58
CA VAL N 227 -39.03 39.74 -23.81
C VAL N 227 -38.50 40.64 -22.70
N GLY N 228 -37.38 40.27 -22.09
CA GLY N 228 -36.84 41.10 -21.03
C GLY N 228 -36.31 42.43 -21.56
N ASN N 229 -35.72 42.39 -22.76
CA ASN N 229 -35.35 43.66 -23.38
C ASN N 229 -36.59 44.49 -23.72
N LEU N 230 -37.70 43.83 -24.07
CA LEU N 230 -38.94 44.55 -24.34
C LEU N 230 -39.53 45.19 -23.09
N VAL N 231 -39.36 44.58 -21.92
CA VAL N 231 -40.21 44.99 -20.80
C VAL N 231 -39.41 45.46 -19.58
N ASP N 232 -38.22 44.90 -19.37
CA ASP N 232 -37.51 45.13 -18.11
C ASP N 232 -37.15 46.60 -17.91
N ALA N 233 -37.31 47.06 -16.69
CA ALA N 233 -36.97 48.42 -16.27
C ALA N 233 -35.48 48.57 -16.06
N ASP N 234 -34.99 49.80 -16.21
CA ASP N 234 -33.60 50.16 -15.91
C ASP N 234 -33.52 50.67 -14.47
N LEU N 235 -33.37 49.73 -13.53
CA LEU N 235 -33.58 50.06 -12.12
C LEU N 235 -32.54 51.04 -11.59
N ALA N 236 -31.32 51.00 -12.14
CA ALA N 236 -30.27 51.88 -11.66
C ALA N 236 -30.62 53.34 -11.89
N LYS N 237 -31.34 53.65 -12.98
CA LYS N 237 -31.88 54.99 -13.16
C LYS N 237 -33.11 55.22 -12.29
N GLU N 238 -33.86 54.15 -12.01
CA GLU N 238 -35.06 54.27 -11.20
C GLU N 238 -34.73 54.71 -9.78
N SER N 239 -33.57 54.32 -9.27
CA SER N 239 -33.19 54.76 -7.92
C SER N 239 -33.05 56.27 -7.85
N ALA N 240 -32.31 56.85 -8.80
CA ALA N 240 -32.11 58.30 -8.83
C ALA N 240 -33.42 59.01 -9.12
N LYS N 241 -34.25 58.46 -10.00
CA LYS N 241 -35.55 59.07 -10.26
C LYS N 241 -36.43 59.07 -9.02
N LEU N 242 -36.33 58.01 -8.22
CA LEU N 242 -37.12 57.92 -7.00
C LEU N 242 -36.67 58.96 -5.98
N GLN N 243 -35.35 59.07 -5.77
CA GLN N 243 -34.87 60.07 -4.81
C GLN N 243 -35.22 61.48 -5.26
N SER N 244 -35.11 61.75 -6.57
CA SER N 244 -35.43 63.09 -7.06
C SER N 244 -36.91 63.39 -6.93
N LEU N 245 -37.77 62.40 -7.21
CA LEU N 245 -39.20 62.62 -7.08
C LEU N 245 -39.60 62.80 -5.61
N GLN N 246 -38.91 62.12 -4.69
CA GLN N 246 -39.18 62.33 -3.27
C GLN N 246 -38.83 63.76 -2.87
N THR N 247 -37.65 64.22 -3.27
CA THR N 247 -37.25 65.58 -2.93
C THR N 247 -38.19 66.60 -3.56
N LYS N 248 -38.63 66.34 -4.79
CA LYS N 248 -39.54 67.26 -5.46
C LYS N 248 -40.90 67.31 -4.76
N GLN N 249 -41.37 66.16 -4.29
CA GLN N 249 -42.63 66.13 -3.56
C GLN N 249 -42.53 66.92 -2.26
N GLN N 250 -41.37 66.82 -1.58
CA GLN N 250 -41.23 67.59 -0.34
C GLN N 250 -41.15 69.09 -0.61
N LEU N 251 -40.46 69.48 -1.69
CA LEU N 251 -40.49 70.90 -2.08
C LEU N 251 -41.90 71.35 -2.43
N GLY N 252 -42.71 70.47 -3.02
CA GLY N 252 -44.07 70.85 -3.35
C GLY N 252 -44.94 71.01 -2.12
N VAL N 253 -44.73 70.15 -1.11
CA VAL N 253 -45.46 70.32 0.14
C VAL N 253 -45.06 71.62 0.82
N GLN N 254 -43.77 71.98 0.76
CA GLN N 254 -43.34 73.23 1.38
C GLN N 254 -43.94 74.45 0.67
N ALA N 255 -43.91 74.45 -0.66
CA ALA N 255 -44.49 75.56 -1.40
C ALA N 255 -45.99 75.64 -1.20
N LEU N 256 -46.67 74.48 -1.09
CA LEU N 256 -48.11 74.52 -0.83
C LEU N 256 -48.39 75.04 0.57
N SER N 257 -47.51 74.77 1.53
CA SER N 257 -47.70 75.35 2.86
C SER N 257 -47.56 76.86 2.83
N ILE N 258 -46.56 77.38 2.09
CA ILE N 258 -46.42 78.83 1.98
C ILE N 258 -47.63 79.43 1.26
N ALA N 259 -48.17 78.71 0.29
CA ALA N 259 -49.37 79.17 -0.39
C ALA N 259 -50.57 79.19 0.55
N ASN N 260 -50.63 78.23 1.48
CA ASN N 260 -51.69 78.25 2.48
C ASN N 260 -51.50 79.39 3.47
N GLN N 261 -50.26 79.81 3.71
CA GLN N 261 -50.01 80.88 4.66
C GLN N 261 -50.15 82.27 4.07
N THR N 262 -50.03 82.42 2.75
CA THR N 262 -50.14 83.77 2.17
C THR N 262 -51.47 84.47 2.46
N PRO N 263 -52.65 83.84 2.38
CA PRO N 263 -53.89 84.62 2.53
C PRO N 263 -54.05 85.32 3.86
N GLN N 264 -53.44 84.79 4.94
CA GLN N 264 -53.73 85.31 6.28
C GLN N 264 -53.20 86.73 6.50
N THR N 265 -52.31 87.21 5.63
CA THR N 265 -51.63 88.49 5.87
C THR N 265 -52.60 89.67 5.97
N ILE N 266 -53.78 89.57 5.36
CA ILE N 266 -54.76 90.65 5.42
C ILE N 266 -55.25 90.90 6.84
N LEU N 267 -55.07 89.95 7.76
CA LEU N 267 -55.43 90.18 9.15
C LEU N 267 -54.67 91.36 9.73
N SER N 268 -53.43 91.57 9.29
CA SER N 268 -52.62 92.67 9.81
C SER N 268 -53.17 94.03 9.38
N LEU N 269 -53.89 94.07 8.25
CA LEU N 269 -54.41 95.34 7.74
C LEU N 269 -55.48 95.92 8.66
N PHE N 270 -56.13 95.08 9.46
CA PHE N 270 -57.24 95.52 10.29
C PHE N 270 -56.87 95.48 11.77
N LEU O 1 -1.57 30.88 -23.41
CA LEU O 1 -0.73 30.03 -22.57
C LEU O 1 -1.61 29.15 -21.69
N ASN O 2 -2.06 29.70 -20.57
CA ASN O 2 -3.05 28.98 -19.75
C ASN O 2 -4.35 28.86 -20.54
N SER O 3 -4.94 27.67 -20.51
CA SER O 3 -6.17 27.42 -21.25
C SER O 3 -6.79 26.12 -20.76
N ILE O 4 -8.10 26.01 -20.92
CA ILE O 4 -8.77 24.75 -20.64
C ILE O 4 -8.85 23.90 -21.91
N ASN O 5 -9.13 24.53 -23.05
CA ASN O 5 -9.57 23.80 -24.23
C ASN O 5 -8.51 22.87 -24.78
N THR O 6 -7.23 23.20 -24.60
CA THR O 6 -6.19 22.31 -25.10
C THR O 6 -4.87 22.59 -24.37
N ASN O 7 -4.15 21.52 -24.10
CA ASN O 7 -2.77 21.59 -23.59
C ASN O 7 -1.84 20.85 -24.55
N PRO O 8 -1.05 21.56 -25.36
CA PRO O 8 -0.22 20.88 -26.37
C PRO O 8 0.76 19.87 -25.78
N GLY O 9 1.28 20.12 -24.58
CA GLY O 9 2.29 19.22 -24.02
C GLY O 9 1.76 17.82 -23.77
N ALA O 10 0.49 17.70 -23.38
CA ALA O 10 -0.11 16.38 -23.24
C ALA O 10 -0.19 15.66 -24.58
N LEU O 11 -0.47 16.41 -25.65
CA LEU O 11 -0.49 15.82 -26.98
C LEU O 11 0.91 15.36 -27.39
N LEU O 12 1.93 16.13 -27.04
CA LEU O 12 3.29 15.73 -27.38
C LEU O 12 3.72 14.50 -26.60
N ALA O 13 3.36 14.43 -25.32
CA ALA O 13 3.67 13.24 -24.53
C ALA O 13 2.92 12.03 -25.06
N LEU O 14 1.69 12.22 -25.51
CA LEU O 14 0.94 11.12 -26.12
C LEU O 14 1.58 10.67 -27.42
N GLN O 15 2.16 11.60 -28.18
CA GLN O 15 2.82 11.22 -29.42
C GLN O 15 4.07 10.41 -29.15
N ASN O 16 4.87 10.84 -28.17
CA ASN O 16 6.05 10.06 -27.80
C ASN O 16 5.65 8.70 -27.22
N LEU O 17 4.53 8.63 -26.50
CA LEU O 17 4.09 7.36 -25.96
C LEU O 17 3.64 6.42 -27.06
N ASN O 18 2.93 6.93 -28.06
CA ASN O 18 2.56 6.08 -29.19
C ASN O 18 3.78 5.64 -29.98
N SER O 19 4.80 6.50 -30.09
CA SER O 19 6.00 6.12 -30.83
C SER O 19 6.74 5.00 -30.10
N THR O 20 6.91 5.14 -28.78
CA THR O 20 7.55 4.06 -28.02
C THR O 20 6.68 2.81 -28.01
N ASN O 21 5.36 2.94 -28.06
CA ASN O 21 4.50 1.76 -28.17
C ASN O 21 4.71 1.05 -29.50
N THR O 22 4.91 1.81 -30.57
CA THR O 22 5.15 1.18 -31.87
C THR O 22 6.48 0.46 -31.90
N GLU O 23 7.54 1.10 -31.40
CA GLU O 23 8.83 0.42 -31.34
C GLU O 23 8.78 -0.79 -30.41
N LEU O 24 8.00 -0.71 -29.33
CA LEU O 24 7.87 -1.85 -28.43
C LEU O 24 7.15 -3.00 -29.10
N ALA O 25 6.09 -2.71 -29.86
CA ALA O 25 5.40 -3.77 -30.58
C ALA O 25 6.28 -4.40 -31.64
N ALA O 26 7.13 -3.60 -32.29
CA ALA O 26 8.04 -4.16 -33.29
C ALA O 26 9.09 -5.06 -32.63
N THR O 27 9.60 -4.63 -31.47
CA THR O 27 10.55 -5.48 -30.75
C THR O 27 9.88 -6.76 -30.26
N GLN O 28 8.62 -6.67 -29.82
CA GLN O 28 7.91 -7.87 -29.39
C GLN O 28 7.65 -8.81 -30.55
N GLY O 29 7.47 -8.26 -31.76
CA GLY O 29 7.34 -9.11 -32.93
C GLY O 29 8.65 -9.80 -33.28
N ARG O 30 9.76 -9.09 -33.10
CA ARG O 30 11.06 -9.73 -33.28
C ARG O 30 11.30 -10.78 -32.21
N ILE O 31 10.70 -10.63 -31.03
CA ILE O 31 10.85 -11.63 -29.98
C ILE O 31 10.09 -12.90 -30.32
N ASN O 32 8.80 -12.79 -30.64
CA ASN O 32 8.05 -14.03 -30.83
C ASN O 32 8.42 -14.70 -32.14
N THR O 33 8.52 -13.94 -33.23
CA THR O 33 8.82 -14.58 -34.51
C THR O 33 10.21 -15.19 -34.51
N GLY O 34 11.14 -14.59 -33.76
CA GLY O 34 12.51 -15.06 -33.74
C GLY O 34 13.37 -14.56 -34.87
N LYS O 35 12.82 -13.74 -35.76
CA LYS O 35 13.52 -13.24 -36.93
C LYS O 35 13.40 -11.73 -36.98
N LYS O 36 14.46 -11.06 -37.45
CA LYS O 36 14.38 -9.63 -37.69
C LYS O 36 13.61 -9.28 -38.95
N VAL O 37 13.38 -10.26 -39.83
CA VAL O 37 12.56 -10.07 -41.03
C VAL O 37 11.72 -11.34 -41.15
N ALA O 38 10.50 -11.31 -40.58
CA ALA O 38 9.63 -12.47 -40.60
C ALA O 38 8.46 -12.36 -41.56
N ASN O 39 8.24 -11.20 -42.18
CA ASN O 39 7.13 -11.01 -43.09
C ASN O 39 7.45 -9.87 -44.04
N ALA O 40 6.60 -9.71 -45.07
CA ALA O 40 6.86 -8.72 -46.10
C ALA O 40 6.85 -7.30 -45.54
N LYS O 41 6.09 -7.04 -44.50
CA LYS O 41 6.03 -5.69 -43.93
C LYS O 41 7.36 -5.27 -43.33
N ASP O 42 8.15 -6.23 -42.83
CA ASP O 42 9.39 -5.89 -42.16
C ASP O 42 10.45 -5.42 -43.15
N ASN O 43 10.64 -6.16 -44.24
CA ASN O 43 11.59 -5.80 -45.29
C ASN O 43 11.32 -6.73 -46.47
N GLY O 44 10.76 -6.17 -47.55
CA GLY O 44 10.25 -7.01 -48.62
C GLY O 44 11.34 -7.71 -49.42
N ALA O 45 12.47 -7.04 -49.65
CA ALA O 45 13.51 -7.63 -50.48
C ALA O 45 14.19 -8.79 -49.78
N ILE O 46 14.59 -8.59 -48.52
CA ILE O 46 15.21 -9.67 -47.76
C ILE O 46 14.23 -10.81 -47.57
N TRP O 47 12.95 -10.47 -47.40
CA TRP O 47 11.95 -11.51 -47.17
C TRP O 47 11.76 -12.36 -48.42
N SER O 48 11.63 -11.73 -49.58
CA SER O 48 11.48 -12.50 -50.81
C SER O 48 12.73 -13.29 -51.15
N MET O 49 13.91 -12.73 -50.85
CA MET O 49 15.15 -13.44 -51.08
C MET O 49 15.24 -14.70 -50.23
N ALA O 50 14.95 -14.55 -48.94
CA ALA O 50 14.95 -15.70 -48.05
C ALA O 50 13.87 -16.68 -48.42
N LYS O 51 12.75 -16.20 -48.96
CA LYS O 51 11.68 -17.11 -49.34
C LYS O 51 12.08 -17.97 -50.53
N MET O 52 12.70 -17.37 -51.54
CA MET O 52 13.16 -18.15 -52.69
C MET O 52 14.25 -19.13 -52.28
N GLN O 53 15.21 -18.68 -51.47
CA GLN O 53 16.28 -19.58 -51.06
C GLN O 53 15.76 -20.69 -50.17
N SER O 54 14.77 -20.40 -49.32
CA SER O 54 14.16 -21.44 -48.49
C SER O 54 13.38 -22.42 -49.34
N ALA O 55 12.74 -21.94 -50.41
CA ALA O 55 12.04 -22.86 -51.30
C ALA O 55 13.03 -23.79 -51.98
N THR O 56 14.20 -23.29 -52.34
CA THR O 56 15.22 -24.16 -52.92
C THR O 56 15.74 -25.17 -51.91
N ALA O 57 16.02 -24.71 -50.69
CA ALA O 57 16.52 -25.61 -49.65
C ALA O 57 15.50 -26.67 -49.28
N SER O 58 14.22 -26.33 -49.32
CA SER O 58 13.17 -27.31 -49.05
C SER O 58 12.99 -28.26 -50.23
N SER O 59 13.20 -27.76 -51.45
CA SER O 59 13.12 -28.61 -52.63
C SER O 59 14.25 -29.61 -52.71
N LEU O 60 15.38 -29.33 -52.06
CA LEU O 60 16.51 -30.26 -52.08
C LEU O 60 16.19 -31.62 -51.45
N ASN O 61 15.19 -31.69 -50.57
CA ASN O 61 14.85 -32.95 -49.92
C ASN O 61 14.41 -33.99 -50.94
N SER O 62 13.70 -33.57 -51.99
CA SER O 62 13.30 -34.52 -53.03
C SER O 62 14.50 -35.05 -53.79
N VAL O 63 15.54 -34.24 -53.97
CA VAL O 63 16.77 -34.71 -54.60
C VAL O 63 17.44 -35.74 -53.71
N LYS O 64 17.45 -35.49 -52.40
CA LYS O 64 18.03 -36.47 -51.49
C LYS O 64 17.25 -37.78 -51.53
N ASP O 65 15.93 -37.69 -51.66
CA ASP O 65 15.10 -38.88 -51.77
C ASP O 65 15.44 -39.68 -53.02
N SER O 66 15.55 -38.98 -54.15
CA SER O 66 15.86 -39.67 -55.40
C SER O 66 17.23 -40.32 -55.34
N LEU O 67 18.20 -39.65 -54.72
CA LEU O 67 19.52 -40.25 -54.61
C LEU O 67 19.52 -41.48 -53.71
N GLN O 68 18.76 -41.46 -52.61
CA GLN O 68 18.69 -42.66 -51.77
C GLN O 68 18.00 -43.82 -52.50
N ARG O 69 16.95 -43.52 -53.27
CA ARG O 69 16.30 -44.59 -54.03
C ARG O 69 17.21 -45.13 -55.13
N GLY O 70 18.05 -44.27 -55.71
CA GLY O 70 19.01 -44.76 -56.69
C GLY O 70 20.08 -45.64 -56.06
N GLN O 71 20.52 -45.28 -54.84
CA GLN O 71 21.45 -46.15 -54.13
C GLN O 71 20.82 -47.50 -53.84
N SER O 72 19.54 -47.52 -53.49
CA SER O 72 18.87 -48.78 -53.23
C SER O 72 18.77 -49.64 -54.49
N THR O 73 18.49 -48.99 -55.63
CA THR O 73 18.41 -49.73 -56.89
C THR O 73 19.76 -50.32 -57.26
N ILE O 74 20.83 -49.54 -57.12
CA ILE O 74 22.16 -50.06 -57.45
C ILE O 74 22.54 -51.19 -56.49
N ASP O 75 22.12 -51.09 -55.22
CA ASP O 75 22.40 -52.19 -54.30
C ASP O 75 21.69 -53.47 -54.72
N VAL O 76 20.44 -53.36 -55.16
CA VAL O 76 19.76 -54.55 -55.65
C VAL O 76 20.44 -55.09 -56.91
N ALA O 77 20.98 -54.19 -57.73
CA ALA O 77 21.65 -54.61 -58.96
C ALA O 77 22.89 -55.43 -58.65
N LEU O 78 23.74 -54.94 -57.75
CA LEU O 78 24.91 -55.72 -57.36
C LEU O 78 24.54 -56.99 -56.61
N ALA O 79 23.44 -56.97 -55.85
CA ALA O 79 23.01 -58.20 -55.18
C ALA O 79 22.62 -59.27 -56.19
N ALA O 80 22.07 -58.87 -57.33
CA ALA O 80 21.86 -59.84 -58.41
C ALA O 80 23.17 -60.22 -59.09
N GLY O 81 24.06 -59.24 -59.26
CA GLY O 81 25.26 -59.47 -60.05
C GLY O 81 26.24 -60.41 -59.38
N ASP O 82 26.25 -60.45 -58.05
CA ASP O 82 27.12 -61.42 -57.37
C ASP O 82 26.74 -62.85 -57.74
N THR O 83 25.45 -63.19 -57.61
CA THR O 83 25.01 -64.53 -57.98
C THR O 83 25.18 -64.78 -59.48
N ILE O 84 25.01 -63.74 -60.29
CA ILE O 84 25.18 -63.93 -61.73
C ILE O 84 26.64 -64.29 -62.04
N THR O 85 27.59 -63.61 -61.39
CA THR O 85 29.00 -63.91 -61.59
C THR O 85 29.34 -65.31 -61.08
N ASP O 86 28.73 -65.73 -59.97
CA ASP O 86 29.00 -67.07 -59.45
C ASP O 86 28.52 -68.12 -60.45
N LEU O 87 27.31 -67.94 -60.98
CA LEU O 87 26.81 -68.88 -61.97
C LEU O 87 27.63 -68.86 -63.24
N LEU O 88 28.15 -67.68 -63.65
CA LEU O 88 28.98 -67.64 -64.84
C LEU O 88 30.30 -68.38 -64.64
N THR O 89 30.89 -68.26 -63.45
CA THR O 89 32.13 -68.98 -63.19
C THR O 89 31.90 -70.49 -63.15
N LYS O 90 30.79 -70.92 -62.53
CA LYS O 90 30.48 -72.35 -62.53
C LYS O 90 30.18 -72.85 -63.94
N MET O 91 29.55 -72.02 -64.77
CA MET O 91 29.30 -72.41 -66.16
C MET O 91 30.60 -72.53 -66.94
N LYS O 92 31.56 -71.64 -66.65
CA LYS O 92 32.86 -71.73 -67.32
C LYS O 92 33.56 -73.02 -66.95
N GLU O 93 33.56 -73.36 -65.65
CA GLU O 93 34.20 -74.61 -65.24
C GLU O 93 33.46 -75.84 -65.78
N LYS O 94 32.14 -75.77 -65.90
CA LYS O 94 31.40 -76.91 -66.47
C LYS O 94 31.75 -77.10 -67.94
N ALA O 95 31.78 -76.00 -68.70
CA ALA O 95 32.16 -76.12 -70.12
C ALA O 95 33.61 -76.56 -70.27
N LEU O 96 34.49 -76.13 -69.37
CA LEU O 96 35.88 -76.54 -69.46
C LEU O 96 36.04 -78.03 -69.19
N ALA O 97 35.33 -78.54 -68.18
CA ALA O 97 35.37 -79.99 -67.94
C ALA O 97 34.71 -80.75 -69.07
N ALA O 98 33.68 -80.17 -69.69
CA ALA O 98 33.00 -80.82 -70.80
C ALA O 98 33.82 -80.82 -72.08
N SER O 99 34.81 -79.93 -72.21
CA SER O 99 35.62 -79.88 -73.42
C SER O 99 36.45 -81.15 -73.63
N ASP O 100 36.72 -81.91 -72.57
CA ASP O 100 37.57 -83.09 -72.69
C ASP O 100 36.92 -84.11 -73.60
N THR O 101 37.72 -84.69 -74.51
CA THR O 101 37.24 -85.65 -75.49
C THR O 101 37.20 -87.08 -74.97
N SER O 102 37.82 -87.36 -73.82
CA SER O 102 37.88 -88.72 -73.28
C SER O 102 36.61 -89.12 -72.54
N LEU O 103 35.71 -88.19 -72.26
CA LEU O 103 34.52 -88.51 -71.47
C LEU O 103 33.56 -89.40 -72.23
N ASN O 104 32.89 -90.28 -71.50
CA ASN O 104 31.75 -91.02 -72.03
C ASN O 104 30.54 -90.09 -72.15
N THR O 105 29.63 -90.45 -73.05
CA THR O 105 28.52 -89.56 -73.39
C THR O 105 27.64 -89.25 -72.20
N ALA O 106 27.54 -90.18 -71.23
CA ALA O 106 26.63 -89.97 -70.10
C ALA O 106 27.07 -88.78 -69.26
N SER O 107 28.35 -88.73 -68.88
CA SER O 107 28.83 -87.60 -68.10
C SER O 107 28.78 -86.30 -68.89
N PHE O 108 28.99 -86.36 -70.20
CA PHE O 108 28.94 -85.13 -71.00
C PHE O 108 27.52 -84.58 -71.01
N ASN O 109 26.53 -85.45 -71.18
CA ASN O 109 25.14 -85.00 -71.07
C ASN O 109 24.82 -84.49 -69.68
N ALA O 110 25.44 -85.07 -68.65
CA ALA O 110 25.16 -84.62 -67.28
C ALA O 110 25.67 -83.20 -67.06
N LEU O 111 26.92 -82.93 -67.48
CA LEU O 111 27.44 -81.57 -67.40
C LEU O 111 26.66 -80.61 -68.30
N LYS O 112 26.14 -81.09 -69.44
CA LYS O 112 25.27 -80.25 -70.25
C LYS O 112 24.00 -79.90 -69.50
N ALA O 113 23.49 -80.84 -68.69
CA ALA O 113 22.28 -80.58 -67.93
C ALA O 113 22.53 -79.54 -66.83
N ASP O 114 23.68 -79.64 -66.15
CA ASP O 114 24.02 -78.59 -65.20
C ASP O 114 24.22 -77.24 -65.89
N PHE O 115 24.74 -77.24 -67.13
CA PHE O 115 24.90 -75.97 -67.82
C PHE O 115 23.55 -75.35 -68.16
N GLU O 116 22.59 -76.17 -68.60
CA GLU O 116 21.27 -75.61 -68.89
C GLU O 116 20.59 -75.12 -67.62
N SER O 117 20.69 -75.88 -66.52
CA SER O 117 20.06 -75.45 -65.28
C SER O 117 20.71 -74.17 -64.76
N LEU O 118 22.03 -74.04 -64.93
CA LEU O 118 22.70 -72.82 -64.49
C LEU O 118 22.30 -71.63 -65.37
N ARG O 119 22.09 -71.86 -66.66
CA ARG O 119 21.65 -70.77 -67.52
C ARG O 119 20.24 -70.31 -67.14
N ASP O 120 19.36 -71.26 -66.81
CA ASP O 120 18.02 -70.89 -66.38
C ASP O 120 18.05 -70.15 -65.05
N GLN O 121 18.90 -70.60 -64.12
CA GLN O 121 19.03 -69.90 -62.86
C GLN O 121 19.61 -68.50 -63.05
N LEU O 122 20.50 -68.33 -64.03
CA LEU O 122 21.05 -67.01 -64.29
C LEU O 122 19.96 -66.08 -64.84
N GLN O 123 19.13 -66.59 -65.76
CA GLN O 123 18.06 -65.75 -66.28
C GLN O 123 17.06 -65.41 -65.18
N LYS O 124 16.82 -66.35 -64.26
CA LYS O 124 15.89 -66.07 -63.17
C LYS O 124 16.45 -65.03 -62.22
N ALA O 125 17.71 -65.18 -61.82
CA ALA O 125 18.33 -64.22 -60.92
C ALA O 125 18.46 -62.85 -61.58
N ALA O 126 18.54 -62.81 -62.90
CA ALA O 126 18.61 -61.52 -63.58
C ALA O 126 17.24 -60.86 -63.64
N THR O 127 16.21 -61.60 -64.06
CA THR O 127 14.90 -60.98 -64.24
C THR O 127 14.21 -60.68 -62.91
N ASN O 128 14.54 -61.42 -61.84
CA ASN O 128 13.81 -61.26 -60.59
C ASN O 128 14.31 -60.10 -59.73
N ALA O 129 15.43 -59.49 -60.09
CA ALA O 129 16.02 -58.43 -59.28
C ALA O 129 15.54 -57.07 -59.81
N LYS O 130 14.66 -56.43 -59.06
CA LYS O 130 14.20 -55.10 -59.41
C LYS O 130 13.67 -54.42 -58.15
N PHE O 131 13.95 -53.13 -58.04
CA PHE O 131 13.51 -52.33 -56.90
C PHE O 131 12.37 -51.44 -57.34
N ASN O 132 11.19 -51.65 -56.74
CA ASN O 132 9.98 -50.87 -57.02
C ASN O 132 9.57 -50.92 -58.49
N GLY O 133 9.69 -52.09 -59.11
CA GLY O 133 9.21 -52.29 -60.45
C GLY O 133 10.13 -51.81 -61.55
N VAL O 134 11.27 -51.23 -61.20
CA VAL O 134 12.26 -50.77 -62.17
C VAL O 134 13.60 -51.38 -61.79
N SER O 135 14.40 -51.72 -62.80
CA SER O 135 15.65 -52.44 -62.58
C SER O 135 16.73 -51.91 -63.52
N LEU O 136 17.97 -51.98 -63.05
CA LEU O 136 19.14 -51.61 -63.83
C LEU O 136 20.01 -52.80 -64.23
N ALA O 137 19.49 -54.02 -64.14
CA ALA O 137 20.25 -55.21 -64.48
C ALA O 137 19.61 -56.08 -65.54
N ASP O 138 18.29 -56.14 -65.61
CA ASP O 138 17.59 -56.98 -66.59
C ASP O 138 17.48 -56.34 -67.96
N GLY O 139 17.89 -55.08 -68.11
CA GLY O 139 17.79 -54.43 -69.41
C GLY O 139 16.41 -53.92 -69.77
N SER O 140 15.52 -53.76 -68.77
CA SER O 140 14.19 -53.27 -69.06
C SER O 140 14.21 -51.86 -69.66
N THR O 141 15.24 -51.08 -69.35
CA THR O 141 15.41 -49.75 -69.93
C THR O 141 16.90 -49.47 -70.07
N THR O 142 17.25 -48.73 -71.12
CA THR O 142 18.65 -48.46 -71.41
C THR O 142 19.35 -47.64 -70.34
N LYS O 143 18.60 -46.89 -69.53
CA LYS O 143 19.21 -46.10 -68.47
C LYS O 143 18.13 -45.71 -67.46
N LEU O 144 18.59 -45.17 -66.33
CA LEU O 144 17.71 -44.57 -65.34
C LEU O 144 18.19 -43.16 -65.05
N SER O 145 17.28 -42.35 -64.52
CA SER O 145 17.57 -40.95 -64.20
C SER O 145 17.15 -40.66 -62.78
N PHE O 146 18.02 -39.98 -62.04
CA PHE O 146 17.74 -39.58 -60.68
C PHE O 146 18.11 -38.12 -60.50
N LEU O 147 17.35 -37.44 -59.63
CA LEU O 147 17.53 -36.01 -59.44
C LEU O 147 18.91 -35.70 -58.88
N ALA O 148 19.45 -34.56 -59.32
CA ALA O 148 20.73 -34.08 -58.82
C ALA O 148 20.73 -32.60 -58.47
N ASN O 149 19.60 -31.91 -58.60
CA ASN O 149 19.54 -30.47 -58.40
C ASN O 149 18.09 -30.06 -58.20
N GLU O 150 17.91 -28.86 -57.61
CA GLU O 150 16.56 -28.35 -57.43
C GLU O 150 15.91 -27.99 -58.77
N ASP O 151 16.70 -27.72 -59.80
CA ASP O 151 16.16 -27.34 -61.11
C ASP O 151 15.75 -28.55 -61.94
N GLY O 152 15.97 -29.78 -61.45
CA GLY O 152 15.56 -30.97 -62.14
C GLY O 152 16.61 -31.62 -63.02
N SER O 153 17.82 -31.07 -63.09
CA SER O 153 18.88 -31.73 -63.84
C SER O 153 19.18 -33.08 -63.20
N ASN O 154 19.38 -34.10 -64.04
CA ASN O 154 19.36 -35.47 -63.57
C ASN O 154 20.78 -36.00 -63.36
N PHE O 155 20.90 -36.95 -62.42
CA PHE O 155 22.11 -37.74 -62.23
C PHE O 155 21.95 -38.98 -63.11
N THR O 156 22.42 -38.86 -64.35
CA THR O 156 22.28 -39.96 -65.29
C THR O 156 23.07 -41.18 -64.84
N VAL O 157 22.45 -42.36 -64.98
CA VAL O 157 23.10 -43.63 -64.70
C VAL O 157 22.81 -44.58 -65.85
N THR O 158 23.86 -45.03 -66.53
CA THR O 158 23.69 -46.01 -67.59
C THR O 158 23.30 -47.37 -67.01
N ALA O 159 22.40 -48.06 -67.70
CA ALA O 159 22.03 -49.41 -67.30
C ALA O 159 23.11 -50.40 -67.70
N GLN O 160 23.19 -51.49 -66.94
CA GLN O 160 24.08 -52.60 -67.25
C GLN O 160 23.22 -53.85 -67.34
N THR O 161 23.01 -54.34 -68.56
CA THR O 161 22.12 -55.47 -68.82
C THR O 161 22.84 -56.76 -68.45
N LEU O 162 22.59 -57.24 -67.24
CA LEU O 162 23.18 -58.48 -66.74
C LEU O 162 22.37 -59.72 -67.12
N SER O 163 21.26 -59.54 -67.83
CA SER O 163 20.48 -60.68 -68.29
C SER O 163 21.28 -61.48 -69.31
N LEU O 164 20.77 -62.68 -69.62
CA LEU O 164 21.48 -63.58 -70.53
C LEU O 164 21.79 -62.90 -71.86
N THR O 165 20.79 -62.25 -72.46
CA THR O 165 21.00 -61.60 -73.74
C THR O 165 21.94 -60.41 -73.65
N GLY O 166 22.05 -59.78 -72.47
CA GLY O 166 22.90 -58.61 -72.34
C GLY O 166 24.37 -58.91 -72.14
N ILE O 167 24.73 -60.15 -71.88
CA ILE O 167 26.12 -60.52 -71.65
C ILE O 167 26.66 -61.40 -72.77
N GLY O 168 25.91 -61.54 -73.86
CA GLY O 168 26.33 -62.29 -75.02
C GLY O 168 25.77 -63.69 -75.13
N LEU O 169 25.28 -64.28 -74.05
CA LEU O 169 24.62 -65.57 -74.14
C LEU O 169 23.23 -65.42 -74.73
N THR O 170 22.78 -66.48 -75.41
CA THR O 170 21.40 -66.58 -75.84
C THR O 170 20.55 -67.20 -74.73
N ALA O 171 19.23 -67.10 -74.89
CA ALA O 171 18.32 -67.71 -73.93
C ALA O 171 18.48 -69.22 -73.86
N THR O 172 18.98 -69.84 -74.93
CA THR O 172 19.20 -71.28 -74.98
C THR O 172 20.65 -71.64 -75.28
N SER O 173 21.61 -70.85 -74.80
CA SER O 173 23.01 -71.14 -75.04
C SER O 173 23.39 -72.49 -74.45
N THR O 174 24.12 -73.29 -75.22
CA THR O 174 24.52 -74.63 -74.83
C THR O 174 25.59 -75.12 -75.79
N PHE O 175 26.30 -76.16 -75.37
CA PHE O 175 27.25 -76.88 -76.20
C PHE O 175 26.73 -78.29 -76.45
N THR O 176 27.04 -78.83 -77.64
CA THR O 176 26.60 -80.17 -77.97
C THR O 176 27.75 -81.14 -78.23
N ASP O 177 28.99 -80.68 -78.19
CA ASP O 177 30.13 -81.56 -78.44
C ASP O 177 31.37 -80.94 -77.83
N ALA O 178 32.44 -81.74 -77.75
CA ALA O 178 33.64 -81.31 -77.05
C ALA O 178 34.27 -80.08 -77.71
N ALA O 179 34.20 -80.00 -79.04
CA ALA O 179 34.71 -78.80 -79.70
C ALA O 179 33.80 -77.61 -79.47
N THR O 180 32.49 -77.83 -79.49
CA THR O 180 31.57 -76.76 -79.14
C THR O 180 31.75 -76.33 -77.69
N ALA O 181 32.07 -77.29 -76.81
CA ALA O 181 32.40 -76.93 -75.43
C ALA O 181 33.69 -76.12 -75.36
N LYS O 182 34.66 -76.44 -76.22
CA LYS O 182 35.90 -75.67 -76.23
C LYS O 182 35.67 -74.25 -76.70
N THR O 183 34.78 -74.04 -77.67
CA THR O 183 34.39 -72.68 -78.04
C THR O 183 33.58 -72.00 -76.95
N MET O 184 32.72 -72.76 -76.27
CA MET O 184 31.93 -72.20 -75.18
C MET O 184 32.81 -71.77 -74.02
N ILE O 185 34.00 -72.37 -73.87
CA ILE O 185 34.93 -71.93 -72.84
C ILE O 185 35.26 -70.45 -73.03
N ALA O 186 35.75 -70.09 -74.23
CA ALA O 186 36.06 -68.71 -74.52
C ALA O 186 34.82 -67.83 -74.52
N THR O 187 33.68 -68.38 -74.95
CA THR O 187 32.45 -67.59 -74.93
C THR O 187 32.05 -67.21 -73.52
N ILE O 188 32.04 -68.18 -72.60
CA ILE O 188 31.72 -67.91 -71.21
C ILE O 188 32.78 -67.04 -70.57
N THR O 189 34.04 -67.15 -71.01
CA THR O 189 35.09 -66.32 -70.44
C THR O 189 34.88 -64.85 -70.79
N THR O 190 34.65 -64.56 -72.08
CA THR O 190 34.40 -63.17 -72.45
C THR O 190 33.09 -62.65 -71.87
N SER O 191 32.08 -63.51 -71.72
CA SER O 191 30.84 -63.05 -71.11
C SER O 191 31.04 -62.72 -69.63
N LEU O 192 31.81 -63.54 -68.92
CA LEU O 192 32.11 -63.22 -67.53
C LEU O 192 32.94 -61.94 -67.43
N GLN O 193 33.83 -61.70 -68.40
CA GLN O 193 34.61 -60.48 -68.38
C GLN O 193 33.72 -59.25 -68.57
N THR O 194 32.83 -59.28 -69.57
CA THR O 194 31.95 -58.14 -69.76
C THR O 194 30.98 -57.97 -68.60
N ALA O 195 30.58 -59.07 -67.95
CA ALA O 195 29.68 -58.95 -66.80
C ALA O 195 30.39 -58.30 -65.62
N THR O 196 31.63 -58.68 -65.35
CA THR O 196 32.38 -58.01 -64.28
C THR O 196 32.64 -56.55 -64.63
N ASN O 197 32.83 -56.23 -65.91
CA ASN O 197 33.00 -54.82 -66.28
C ASN O 197 31.72 -54.04 -66.04
N LYS O 198 30.57 -54.64 -66.34
CA LYS O 198 29.30 -53.96 -66.11
C LYS O 198 29.06 -53.75 -64.62
N LEU O 199 29.42 -54.75 -63.81
CA LEU O 199 29.27 -54.59 -62.36
C LEU O 199 30.23 -53.53 -61.81
N SER O 200 31.43 -53.43 -62.40
CA SER O 200 32.34 -52.37 -61.97
C SER O 200 31.81 -50.99 -62.31
N SER O 201 31.18 -50.86 -63.48
CA SER O 201 30.56 -49.58 -63.82
C SER O 201 29.39 -49.27 -62.89
N LEU O 202 28.61 -50.28 -62.52
CA LEU O 202 27.53 -50.06 -61.57
C LEU O 202 28.06 -49.65 -60.20
N GLY O 203 29.19 -50.22 -59.78
CA GLY O 203 29.76 -49.81 -58.50
C GLY O 203 30.31 -48.41 -58.54
N THR O 204 30.91 -48.02 -59.68
CA THR O 204 31.36 -46.64 -59.81
C THR O 204 30.19 -45.66 -59.78
N SER O 205 29.08 -46.03 -60.41
CA SER O 205 27.89 -45.17 -60.34
C SER O 205 27.33 -45.13 -58.94
N SER O 206 27.47 -46.22 -58.18
CA SER O 206 27.03 -46.23 -56.79
C SER O 206 27.87 -45.29 -55.95
N VAL O 207 29.19 -45.30 -56.13
CA VAL O 207 30.05 -44.38 -55.41
C VAL O 207 29.71 -42.95 -55.79
N GLY O 208 29.35 -42.73 -57.06
CA GLY O 208 28.98 -41.39 -57.49
C GLY O 208 27.70 -40.92 -56.85
N LEU O 209 26.69 -41.80 -56.78
CA LEU O 209 25.45 -41.45 -56.10
C LEU O 209 25.70 -41.15 -54.63
N ASP O 210 26.60 -41.91 -54.00
CA ASP O 210 26.82 -41.74 -52.57
C ASP O 210 27.50 -40.40 -52.29
N THR O 211 28.59 -40.12 -53.00
CA THR O 211 29.28 -38.86 -52.75
C THR O 211 28.43 -37.67 -53.17
N HIS O 212 27.59 -37.82 -54.22
CA HIS O 212 26.74 -36.70 -54.59
C HIS O 212 25.66 -36.46 -53.55
N LEU O 213 25.13 -37.53 -52.93
CA LEU O 213 24.17 -37.34 -51.85
C LEU O 213 24.83 -36.66 -50.66
N THR O 214 26.09 -37.00 -50.36
CA THR O 214 26.78 -36.31 -49.28
C THR O 214 26.97 -34.83 -49.59
N PHE O 215 27.31 -34.52 -50.84
CA PHE O 215 27.47 -33.12 -51.22
C PHE O 215 26.15 -32.38 -51.17
N VAL O 216 25.05 -33.04 -51.56
CA VAL O 216 23.74 -32.39 -51.49
C VAL O 216 23.34 -32.15 -50.04
N GLY O 217 23.71 -33.05 -49.13
CA GLY O 217 23.42 -32.82 -47.73
C GLY O 217 24.21 -31.66 -47.16
N LYS O 218 25.50 -31.58 -47.49
CA LYS O 218 26.29 -30.43 -47.05
C LYS O 218 25.75 -29.14 -47.66
N LEU O 219 25.27 -29.21 -48.90
CA LEU O 219 24.77 -28.02 -49.58
C LEU O 219 23.48 -27.54 -48.95
N GLN O 220 22.57 -28.46 -48.62
CA GLN O 220 21.35 -28.06 -47.95
C GLN O 220 21.63 -27.51 -46.56
N ASP O 221 22.64 -28.06 -45.86
CA ASP O 221 23.00 -27.52 -44.57
C ASP O 221 23.51 -26.09 -44.71
N SER O 222 24.38 -25.85 -45.69
CA SER O 222 24.90 -24.50 -45.92
C SER O 222 23.81 -23.54 -46.34
N LEU O 223 22.82 -24.01 -47.12
CA LEU O 223 21.73 -23.14 -47.54
C LEU O 223 20.84 -22.77 -46.35
N ASP O 224 20.55 -23.73 -45.48
CA ASP O 224 19.76 -23.41 -44.29
C ASP O 224 20.53 -22.46 -43.38
N ALA O 225 21.84 -22.65 -43.26
CA ALA O 225 22.64 -21.74 -42.46
C ALA O 225 22.67 -20.34 -43.06
N GLY O 226 22.68 -20.24 -44.39
CA GLY O 226 22.67 -18.92 -45.01
C GLY O 226 21.34 -18.22 -44.86
N VAL O 227 20.24 -18.97 -44.98
CA VAL O 227 18.94 -18.34 -44.76
C VAL O 227 18.80 -17.90 -43.31
N GLY O 228 19.36 -18.68 -42.38
CA GLY O 228 19.30 -18.27 -40.99
C GLY O 228 20.16 -17.06 -40.71
N ASN O 229 21.32 -16.98 -41.36
CA ASN O 229 22.15 -15.78 -41.25
C ASN O 229 21.43 -14.57 -41.83
N LEU O 230 20.57 -14.79 -42.83
CA LEU O 230 19.83 -13.69 -43.43
C LEU O 230 18.72 -13.19 -42.52
N VAL O 231 17.93 -14.10 -41.94
CA VAL O 231 16.68 -13.67 -41.30
C VAL O 231 16.75 -13.63 -39.78
N ASP O 232 17.59 -14.48 -39.17
CA ASP O 232 17.52 -14.65 -37.72
C ASP O 232 17.86 -13.37 -36.99
N ALA O 233 17.04 -13.05 -35.98
CA ALA O 233 17.34 -11.95 -35.07
C ALA O 233 18.34 -12.40 -34.01
N ASP O 234 19.10 -11.44 -33.50
CA ASP O 234 19.99 -11.68 -32.37
C ASP O 234 19.20 -11.40 -31.09
N LEU O 235 18.70 -12.47 -30.48
CA LEU O 235 17.83 -12.32 -29.31
C LEU O 235 18.54 -11.65 -28.14
N ALA O 236 19.86 -11.83 -28.04
CA ALA O 236 20.60 -11.24 -26.93
C ALA O 236 20.58 -9.72 -26.96
N LYS O 237 20.50 -9.12 -28.14
CA LYS O 237 20.29 -7.68 -28.26
C LYS O 237 18.83 -7.30 -28.13
N GLU O 238 17.94 -8.15 -28.65
CA GLU O 238 16.51 -7.85 -28.61
C GLU O 238 15.99 -7.82 -27.19
N SER O 239 16.55 -8.61 -26.29
CA SER O 239 16.09 -8.59 -24.90
C SER O 239 16.42 -7.26 -24.23
N ALA O 240 17.62 -6.74 -24.46
CA ALA O 240 18.00 -5.46 -23.89
C ALA O 240 17.18 -4.33 -24.51
N LYS O 241 16.96 -4.41 -25.83
CA LYS O 241 16.11 -3.40 -26.47
C LYS O 241 14.69 -3.46 -25.94
N LEU O 242 14.21 -4.67 -25.62
CA LEU O 242 12.86 -4.83 -25.10
C LEU O 242 12.73 -4.21 -23.72
N GLN O 243 13.65 -4.52 -22.82
CA GLN O 243 13.58 -3.95 -21.47
C GLN O 243 13.76 -2.43 -21.51
N SER O 244 14.60 -1.94 -22.42
CA SER O 244 14.79 -0.49 -22.51
C SER O 244 13.53 0.19 -23.02
N LEU O 245 12.87 -0.40 -24.03
CA LEU O 245 11.61 0.16 -24.51
C LEU O 245 10.53 0.09 -23.45
N GLN O 246 10.56 -0.95 -22.60
CA GLN O 246 9.59 -1.05 -21.53
C GLN O 246 9.77 0.07 -20.52
N THR O 247 11.01 0.28 -20.07
CA THR O 247 11.28 1.35 -19.11
C THR O 247 10.95 2.71 -19.72
N LYS O 248 11.21 2.87 -21.03
CA LYS O 248 10.89 4.14 -21.67
C LYS O 248 9.39 4.36 -21.76
N GLN O 249 8.62 3.31 -22.08
CA GLN O 249 7.18 3.45 -22.14
C GLN O 249 6.60 3.76 -20.77
N GLN O 250 7.19 3.20 -19.71
CA GLN O 250 6.65 3.47 -18.38
C GLN O 250 6.99 4.89 -17.93
N LEU O 251 8.20 5.36 -18.21
CA LEU O 251 8.47 6.77 -17.90
C LEU O 251 7.61 7.68 -18.76
N GLY O 252 7.27 7.25 -19.97
CA GLY O 252 6.43 8.07 -20.82
C GLY O 252 4.99 8.15 -20.33
N VAL O 253 4.47 7.05 -19.79
CA VAL O 253 3.13 7.15 -19.21
C VAL O 253 3.16 7.98 -17.94
N GLN O 254 4.27 7.93 -17.17
CA GLN O 254 4.39 8.85 -16.04
C GLN O 254 4.43 10.30 -16.49
N ALA O 255 5.15 10.57 -17.58
CA ALA O 255 5.24 11.94 -18.09
C ALA O 255 3.90 12.41 -18.64
N LEU O 256 3.12 11.52 -19.25
CA LEU O 256 1.78 11.89 -19.68
C LEU O 256 0.88 12.17 -18.49
N SER O 257 1.04 11.40 -17.41
CA SER O 257 0.27 11.67 -16.20
C SER O 257 0.63 13.01 -15.60
N ILE O 258 1.91 13.41 -15.69
CA ILE O 258 2.31 14.72 -15.21
C ILE O 258 1.77 15.81 -16.13
N ALA O 259 1.79 15.58 -17.44
CA ALA O 259 1.31 16.56 -18.39
C ALA O 259 -0.19 16.79 -18.27
N ASN O 260 -0.92 15.77 -17.84
CA ASN O 260 -2.38 15.90 -17.74
C ASN O 260 -2.79 16.87 -16.64
N GLN O 261 -1.92 17.10 -15.66
CA GLN O 261 -2.28 17.90 -14.50
C GLN O 261 -2.07 19.40 -14.70
N THR O 262 -1.53 19.83 -15.84
CA THR O 262 -1.30 21.27 -16.06
C THR O 262 -2.56 22.12 -15.94
N PRO O 263 -3.69 21.81 -16.59
CA PRO O 263 -4.83 22.73 -16.52
C PRO O 263 -5.36 23.00 -15.12
N GLN O 264 -5.29 22.02 -14.21
CA GLN O 264 -6.05 22.13 -12.97
C GLN O 264 -5.54 23.23 -12.06
N THR O 265 -4.31 23.72 -12.27
CA THR O 265 -3.83 24.84 -11.46
C THR O 265 -4.63 26.10 -11.73
N ILE O 266 -5.27 26.19 -12.90
CA ILE O 266 -6.15 27.32 -13.21
C ILE O 266 -7.33 27.35 -12.24
N LEU O 267 -7.69 26.20 -11.66
CA LEU O 267 -8.74 26.18 -10.65
C LEU O 267 -8.38 27.04 -9.45
N SER O 268 -7.10 27.15 -9.13
CA SER O 268 -6.66 27.92 -7.98
C SER O 268 -6.94 29.41 -8.12
N LEU O 269 -6.99 29.93 -9.34
CA LEU O 269 -7.12 31.37 -9.55
C LEU O 269 -8.55 31.86 -9.31
N PHE O 270 -9.52 30.96 -9.23
CA PHE O 270 -10.91 31.36 -9.08
C PHE O 270 -11.50 30.78 -7.80
N LEU P 1 -28.11 76.11 -11.07
CA LEU P 1 -27.04 75.17 -10.78
C LEU P 1 -27.62 73.97 -10.03
N ASN P 2 -27.98 74.18 -8.77
CA ASN P 2 -28.71 73.17 -8.03
C ASN P 2 -30.14 73.05 -8.58
N SER P 3 -30.65 71.82 -8.63
CA SER P 3 -31.97 71.60 -9.19
C SER P 3 -32.54 70.29 -8.65
N ILE P 4 -33.87 70.24 -8.57
CA ILE P 4 -34.54 69.01 -8.19
C ILE P 4 -34.93 68.21 -9.41
N ASN P 5 -35.26 68.90 -10.52
CA ASN P 5 -35.85 68.23 -11.66
C ASN P 5 -34.89 67.22 -12.30
N THR P 6 -33.60 67.55 -12.36
CA THR P 6 -32.60 66.69 -12.97
C THR P 6 -31.27 66.90 -12.27
N ASN P 7 -30.42 65.88 -12.33
CA ASN P 7 -29.02 66.03 -11.99
C ASN P 7 -28.15 65.36 -13.04
N PRO P 8 -26.94 65.86 -13.27
CA PRO P 8 -26.09 65.29 -14.31
C PRO P 8 -25.12 64.25 -13.77
N GLY P 9 -24.71 64.41 -12.51
CA GLY P 9 -23.75 63.47 -11.94
C GLY P 9 -24.31 62.08 -11.77
N ALA P 10 -25.59 61.96 -11.43
CA ALA P 10 -26.21 60.64 -11.36
C ALA P 10 -26.27 59.98 -12.73
N LEU P 11 -26.47 60.77 -13.78
CA LEU P 11 -26.49 60.22 -15.12
C LEU P 11 -25.10 59.76 -15.55
N LEU P 12 -24.07 60.56 -15.24
CA LEU P 12 -22.71 60.15 -15.56
C LEU P 12 -22.30 58.91 -14.78
N ALA P 13 -22.77 58.79 -13.54
CA ALA P 13 -22.55 57.56 -12.79
C ALA P 13 -23.28 56.39 -13.41
N LEU P 14 -24.48 56.63 -13.95
CA LEU P 14 -25.19 55.59 -14.68
C LEU P 14 -24.39 55.13 -15.88
N GLN P 15 -23.75 56.08 -16.57
CA GLN P 15 -23.00 55.74 -17.78
C GLN P 15 -21.76 54.93 -17.45
N ASN P 16 -21.00 55.37 -16.45
CA ASN P 16 -19.81 54.63 -16.05
C ASN P 16 -20.17 53.26 -15.49
N LEU P 17 -21.31 53.16 -14.79
CA LEU P 17 -21.72 51.88 -14.23
C LEU P 17 -22.15 50.92 -15.33
N ASN P 18 -22.87 51.43 -16.34
CA ASN P 18 -23.25 50.58 -17.46
C ASN P 18 -22.05 50.15 -18.28
N SER P 19 -21.04 51.01 -18.40
CA SER P 19 -19.83 50.62 -19.12
C SER P 19 -19.08 49.52 -18.36
N THR P 20 -18.97 49.68 -17.04
CA THR P 20 -18.36 48.62 -16.24
C THR P 20 -19.18 47.35 -16.29
N ASN P 21 -20.51 47.48 -16.38
CA ASN P 21 -21.36 46.29 -16.46
C ASN P 21 -21.18 45.56 -17.78
N THR P 22 -21.06 46.30 -18.88
CA THR P 22 -20.84 45.64 -20.16
C THR P 22 -19.47 44.98 -20.20
N GLU P 23 -18.46 45.64 -19.63
CA GLU P 23 -17.15 45.00 -19.57
C GLU P 23 -17.15 43.76 -18.70
N LEU P 24 -17.90 43.80 -17.59
CA LEU P 24 -17.99 42.64 -16.71
C LEU P 24 -18.74 41.50 -17.38
N ALA P 25 -19.77 41.82 -18.17
CA ALA P 25 -20.48 40.77 -18.89
C ALA P 25 -19.61 40.15 -19.97
N ALA P 26 -18.81 40.97 -20.65
CA ALA P 26 -17.90 40.43 -21.66
C ALA P 26 -16.83 39.56 -21.02
N THR P 27 -16.33 39.96 -19.85
CA THR P 27 -15.36 39.12 -19.14
C THR P 27 -16.01 37.82 -18.65
N GLN P 28 -17.26 37.89 -18.18
CA GLN P 28 -17.94 36.68 -17.74
C GLN P 28 -18.14 35.72 -18.90
N GLY P 29 -18.46 36.25 -20.08
CA GLY P 29 -18.62 35.38 -21.23
C GLY P 29 -17.30 34.78 -21.68
N ARG P 30 -16.24 35.59 -21.67
CA ARG P 30 -14.93 35.09 -22.08
C ARG P 30 -14.40 34.05 -21.11
N ILE P 31 -14.76 34.15 -19.84
CA ILE P 31 -14.33 33.14 -18.88
C ILE P 31 -15.15 31.87 -19.01
N ASN P 32 -16.49 31.96 -19.00
CA ASN P 32 -17.30 30.76 -19.04
C ASN P 32 -17.19 30.00 -20.35
N THR P 33 -17.05 30.70 -21.49
CA THR P 33 -16.84 29.99 -22.74
C THR P 33 -15.45 29.36 -22.81
N GLY P 34 -14.48 29.92 -22.10
CA GLY P 34 -13.11 29.46 -22.20
C GLY P 34 -12.37 29.97 -23.42
N LYS P 35 -12.94 30.92 -24.15
CA LYS P 35 -12.37 31.41 -25.40
C LYS P 35 -12.55 32.92 -25.47
N LYS P 36 -11.53 33.60 -25.99
CA LYS P 36 -11.62 35.05 -26.16
C LYS P 36 -12.34 35.46 -27.45
N VAL P 37 -12.64 34.50 -28.33
CA VAL P 37 -13.35 34.76 -29.58
C VAL P 37 -14.41 33.66 -29.75
N ALA P 38 -15.19 33.44 -28.69
CA ALA P 38 -16.09 32.29 -28.59
C ALA P 38 -17.16 32.25 -29.68
N ASN P 39 -17.59 33.39 -30.22
CA ASN P 39 -18.62 33.39 -31.24
C ASN P 39 -18.37 34.56 -32.18
N ALA P 40 -19.20 34.63 -33.23
CA ALA P 40 -18.99 35.60 -34.30
C ALA P 40 -19.04 37.04 -33.81
N LYS P 41 -19.79 37.32 -32.74
CA LYS P 41 -19.90 38.70 -32.26
C LYS P 41 -18.57 39.24 -31.74
N ASP P 42 -17.70 38.37 -31.23
CA ASP P 42 -16.45 38.86 -30.66
C ASP P 42 -15.52 39.39 -31.74
N ASN P 43 -15.36 38.64 -32.83
CA ASN P 43 -14.48 39.01 -33.92
C ASN P 43 -14.76 38.10 -35.10
N GLY P 44 -15.40 38.62 -36.14
CA GLY P 44 -15.91 37.77 -37.20
C GLY P 44 -14.82 37.09 -38.02
N ALA P 45 -13.70 37.78 -38.22
CA ALA P 45 -12.65 37.23 -39.07
C ALA P 45 -11.92 36.09 -38.37
N ILE P 46 -11.48 36.32 -37.13
CA ILE P 46 -10.76 35.28 -36.40
C ILE P 46 -11.68 34.10 -36.11
N TRP P 47 -12.94 34.38 -35.76
CA TRP P 47 -13.88 33.30 -35.54
C TRP P 47 -14.17 32.53 -36.82
N SER P 48 -14.17 33.23 -37.96
CA SER P 48 -14.46 32.56 -39.23
C SER P 48 -13.30 31.65 -39.65
N MET P 49 -12.08 32.18 -39.60
CA MET P 49 -10.94 31.35 -39.94
C MET P 49 -10.77 30.21 -38.95
N ALA P 50 -11.16 30.43 -37.69
CA ALA P 50 -11.14 29.34 -36.71
C ALA P 50 -12.20 28.29 -37.01
N LYS P 51 -13.40 28.71 -37.43
CA LYS P 51 -14.43 27.74 -37.79
C LYS P 51 -14.01 26.92 -38.98
N MET P 52 -13.40 27.55 -39.99
CA MET P 52 -13.00 26.82 -41.18
C MET P 52 -11.84 25.88 -40.88
N GLN P 53 -10.84 26.35 -40.13
CA GLN P 53 -9.73 25.47 -39.78
C GLN P 53 -10.18 24.35 -38.85
N SER P 54 -11.17 24.62 -37.99
CA SER P 54 -11.70 23.59 -37.11
C SER P 54 -12.45 22.52 -37.89
N ALA P 55 -13.19 22.94 -38.93
CA ALA P 55 -13.82 21.93 -39.79
C ALA P 55 -12.77 21.12 -40.54
N THR P 56 -11.69 21.79 -40.98
CA THR P 56 -10.62 21.09 -41.66
C THR P 56 -9.95 20.08 -40.74
N ALA P 57 -9.86 20.39 -39.45
CA ALA P 57 -9.26 19.48 -38.49
C ALA P 57 -10.20 18.34 -38.11
N SER P 58 -11.49 18.65 -37.91
CA SER P 58 -12.47 17.62 -37.56
C SER P 58 -12.71 16.65 -38.71
N SER P 59 -12.47 17.08 -39.95
CA SER P 59 -12.66 16.19 -41.09
C SER P 59 -11.65 15.05 -41.12
N LEU P 60 -10.54 15.17 -40.40
CA LEU P 60 -9.46 14.19 -40.51
C LEU P 60 -9.76 12.87 -39.80
N ASN P 61 -10.79 12.82 -38.95
CA ASN P 61 -11.12 11.55 -38.30
C ASN P 61 -11.55 10.51 -39.32
N SER P 62 -12.29 10.92 -40.36
CA SER P 62 -12.66 9.98 -41.41
C SER P 62 -11.44 9.53 -42.19
N VAL P 63 -10.45 10.40 -42.35
CA VAL P 63 -9.23 10.01 -43.03
C VAL P 63 -8.49 8.95 -42.23
N LYS P 64 -8.40 9.15 -40.91
CA LYS P 64 -7.74 8.15 -40.07
C LYS P 64 -8.51 6.84 -40.08
N ASP P 65 -9.85 6.91 -40.14
CA ASP P 65 -10.65 5.69 -40.20
C ASP P 65 -10.40 4.94 -41.50
N SER P 66 -10.32 5.66 -42.61
CA SER P 66 -10.08 5.02 -43.90
C SER P 66 -8.68 4.39 -43.94
N LEU P 67 -7.70 5.09 -43.37
CA LEU P 67 -6.36 4.52 -43.33
C LEU P 67 -6.30 3.27 -42.45
N GLN P 68 -7.04 3.26 -41.34
CA GLN P 68 -7.08 2.08 -40.48
C GLN P 68 -7.76 0.91 -41.18
N ARG P 69 -8.85 1.19 -41.91
CA ARG P 69 -9.52 0.15 -42.67
C ARG P 69 -8.62 -0.40 -43.77
N GLY P 70 -7.82 0.46 -44.40
CA GLY P 70 -6.90 -0.02 -45.41
C GLY P 70 -5.78 -0.86 -44.82
N GLN P 71 -5.31 -0.47 -43.62
CA GLN P 71 -4.32 -1.30 -42.94
C GLN P 71 -4.88 -2.67 -42.61
N SER P 72 -6.15 -2.72 -42.17
CA SER P 72 -6.74 -4.01 -41.83
C SER P 72 -6.91 -4.88 -43.07
N THR P 73 -7.36 -4.28 -44.18
CA THR P 73 -7.55 -5.05 -45.40
C THR P 73 -6.23 -5.60 -45.92
N ILE P 74 -5.20 -4.75 -45.95
CA ILE P 74 -3.92 -5.21 -46.48
C ILE P 74 -3.27 -6.23 -45.55
N ASP P 75 -3.54 -6.13 -44.23
CA ASP P 75 -3.05 -7.16 -43.33
C ASP P 75 -3.74 -8.49 -43.59
N VAL P 76 -5.03 -8.46 -43.91
CA VAL P 76 -5.72 -9.70 -44.27
C VAL P 76 -5.12 -10.28 -45.55
N ALA P 77 -4.77 -9.40 -46.49
CA ALA P 77 -4.18 -9.87 -47.74
C ALA P 77 -2.81 -10.53 -47.49
N LEU P 78 -2.00 -9.94 -46.62
CA LEU P 78 -0.72 -10.55 -46.28
C LEU P 78 -0.90 -11.87 -45.52
N ALA P 79 -1.92 -11.95 -44.66
CA ALA P 79 -2.18 -13.19 -43.94
C ALA P 79 -2.57 -14.31 -44.89
N ALA P 80 -3.27 -13.98 -45.98
CA ALA P 80 -3.53 -15.01 -46.99
C ALA P 80 -2.30 -15.28 -47.83
N GLY P 81 -1.47 -14.25 -48.06
CA GLY P 81 -0.34 -14.43 -48.95
C GLY P 81 0.74 -15.31 -48.37
N ASP P 82 0.89 -15.32 -47.05
CA ASP P 82 1.86 -16.23 -46.44
C ASP P 82 1.47 -17.68 -46.69
N THR P 83 0.19 -18.01 -46.51
CA THR P 83 -0.27 -19.37 -46.80
C THR P 83 -0.16 -19.70 -48.28
N ILE P 84 -0.42 -18.71 -49.15
CA ILE P 84 -0.28 -18.95 -50.58
C ILE P 84 1.17 -19.25 -50.92
N THR P 85 2.10 -18.60 -50.23
CA THR P 85 3.52 -18.83 -50.50
C THR P 85 3.96 -20.21 -50.02
N ASP P 86 3.49 -20.63 -48.83
CA ASP P 86 3.83 -21.98 -48.39
C ASP P 86 3.23 -23.03 -49.32
N LEU P 87 2.02 -22.78 -49.83
CA LEU P 87 1.42 -23.73 -50.76
C LEU P 87 2.19 -23.78 -52.08
N LEU P 88 2.66 -22.63 -52.56
CA LEU P 88 3.47 -22.63 -53.78
C LEU P 88 4.79 -23.37 -53.56
N THR P 89 5.37 -23.25 -52.36
CA THR P 89 6.60 -23.99 -52.08
C THR P 89 6.34 -25.49 -52.05
N LYS P 90 5.23 -25.91 -51.44
CA LYS P 90 4.90 -27.33 -51.45
C LYS P 90 4.62 -27.84 -52.85
N MET P 91 3.99 -27.02 -53.69
CA MET P 91 3.74 -27.45 -55.06
C MET P 91 5.03 -27.53 -55.87
N LYS P 92 5.97 -26.62 -55.62
CA LYS P 92 7.25 -26.73 -56.32
C LYS P 92 8.00 -27.98 -55.88
N GLU P 93 7.90 -28.34 -54.59
CA GLU P 93 8.53 -29.59 -54.16
C GLU P 93 7.85 -30.80 -54.78
N LYS P 94 6.51 -30.78 -54.90
CA LYS P 94 5.81 -31.90 -55.52
C LYS P 94 6.16 -32.04 -56.99
N ALA P 95 6.28 -30.90 -57.70
CA ALA P 95 6.66 -30.96 -59.10
C ALA P 95 8.10 -31.45 -59.27
N LEU P 96 9.00 -31.02 -58.39
CA LEU P 96 10.38 -31.48 -58.46
C LEU P 96 10.49 -32.96 -58.17
N ALA P 97 9.64 -33.48 -57.28
CA ALA P 97 9.66 -34.91 -57.00
C ALA P 97 9.04 -35.70 -58.15
N ALA P 98 7.97 -35.18 -58.75
CA ALA P 98 7.31 -35.88 -59.84
C ALA P 98 8.13 -35.84 -61.12
N SER P 99 9.07 -34.90 -61.22
CA SER P 99 9.93 -34.82 -62.41
C SER P 99 10.85 -36.03 -62.55
N ASP P 100 11.09 -36.78 -61.47
CA ASP P 100 12.02 -37.89 -61.54
C ASP P 100 11.52 -38.95 -62.52
N THR P 101 12.41 -39.41 -63.40
CA THR P 101 12.08 -40.40 -64.41
C THR P 101 11.92 -41.81 -63.84
N SER P 102 12.50 -42.09 -62.68
CA SER P 102 12.48 -43.44 -62.14
C SER P 102 11.18 -43.79 -61.44
N LEU P 103 10.28 -42.82 -61.26
CA LEU P 103 9.03 -43.08 -60.57
C LEU P 103 8.16 -44.07 -61.35
N ASN P 104 7.46 -44.93 -60.61
CA ASN P 104 6.39 -45.72 -61.20
C ASN P 104 5.13 -44.87 -61.34
N THR P 105 4.14 -45.42 -62.05
CA THR P 105 2.92 -44.67 -62.32
C THR P 105 2.17 -44.32 -61.03
N ALA P 106 2.26 -45.17 -60.01
CA ALA P 106 1.48 -44.95 -58.80
C ALA P 106 1.99 -43.76 -58.00
N SER P 107 3.31 -43.69 -57.77
CA SER P 107 3.86 -42.55 -57.04
C SER P 107 3.67 -41.26 -57.81
N PHE P 108 3.78 -41.31 -59.14
CA PHE P 108 3.57 -40.11 -59.93
C PHE P 108 2.11 -39.65 -59.85
N ASN P 109 1.17 -40.60 -59.88
CA ASN P 109 -0.23 -40.24 -59.73
C ASN P 109 -0.51 -39.66 -58.34
N ALA P 110 0.17 -40.18 -57.31
CA ALA P 110 -0.03 -39.65 -55.97
C ALA P 110 0.50 -38.23 -55.87
N LEU P 111 1.68 -37.98 -56.45
CA LEU P 111 2.22 -36.63 -56.45
C LEU P 111 1.33 -35.67 -57.26
N LYS P 112 0.73 -36.18 -58.34
CA LYS P 112 -0.15 -35.33 -59.14
C LYS P 112 -1.43 -34.99 -58.38
N ALA P 113 -1.98 -35.96 -57.65
CA ALA P 113 -3.14 -35.66 -56.82
C ALA P 113 -2.80 -34.69 -55.70
N ASP P 114 -1.57 -34.80 -55.17
CA ASP P 114 -1.13 -33.83 -54.16
C ASP P 114 -1.05 -32.43 -54.73
N PHE P 115 -0.46 -32.28 -55.92
CA PHE P 115 -0.39 -30.98 -56.58
C PHE P 115 -1.79 -30.45 -56.88
N GLU P 116 -2.71 -31.36 -57.22
CA GLU P 116 -4.08 -30.96 -57.53
C GLU P 116 -4.76 -30.38 -56.31
N SER P 117 -4.71 -31.11 -55.18
CA SER P 117 -5.35 -30.64 -53.96
C SER P 117 -4.68 -29.37 -53.44
N LEU P 118 -3.36 -29.23 -53.66
CA LEU P 118 -2.69 -28.01 -53.23
C LEU P 118 -3.10 -26.80 -54.07
N ARG P 119 -3.26 -26.98 -55.38
CA ARG P 119 -3.72 -25.84 -56.18
C ARG P 119 -5.15 -25.48 -55.82
N ASP P 120 -5.99 -26.48 -55.55
CA ASP P 120 -7.36 -26.20 -55.13
C ASP P 120 -7.36 -25.47 -53.79
N GLN P 121 -6.47 -25.86 -52.88
CA GLN P 121 -6.36 -25.14 -51.61
C GLN P 121 -5.88 -23.71 -51.81
N LEU P 122 -4.98 -23.49 -52.77
CA LEU P 122 -4.48 -22.13 -52.98
C LEU P 122 -5.59 -21.24 -53.51
N GLN P 123 -6.42 -21.77 -54.42
CA GLN P 123 -7.56 -20.96 -54.87
C GLN P 123 -8.57 -20.75 -53.75
N LYS P 124 -8.81 -21.78 -52.93
CA LYS P 124 -9.80 -21.66 -51.86
C LYS P 124 -9.34 -20.67 -50.80
N ALA P 125 -8.03 -20.54 -50.60
CA ALA P 125 -7.51 -19.57 -49.64
C ALA P 125 -7.45 -18.18 -50.26
N ALA P 126 -7.08 -18.09 -51.54
CA ALA P 126 -6.96 -16.80 -52.19
C ALA P 126 -8.31 -16.11 -52.33
N THR P 127 -9.37 -16.88 -52.60
CA THR P 127 -10.68 -16.27 -52.77
C THR P 127 -11.33 -15.90 -51.44
N ASN P 128 -10.89 -16.49 -50.33
CA ASN P 128 -11.54 -16.25 -49.05
C ASN P 128 -10.99 -15.02 -48.34
N ALA P 129 -9.92 -14.42 -48.87
CA ALA P 129 -9.23 -13.33 -48.19
C ALA P 129 -9.88 -12.01 -48.56
N LYS P 130 -10.92 -11.64 -47.81
CA LYS P 130 -11.62 -10.39 -48.05
C LYS P 130 -12.05 -9.79 -46.72
N PHE P 131 -11.90 -8.47 -46.61
CA PHE P 131 -12.20 -7.73 -45.38
C PHE P 131 -13.28 -6.70 -45.70
N ASN P 132 -14.44 -6.84 -45.07
CA ASN P 132 -15.59 -5.94 -45.27
C ASN P 132 -16.01 -5.87 -46.72
N GLY P 133 -16.02 -7.01 -47.42
CA GLY P 133 -16.55 -7.07 -48.76
C GLY P 133 -15.60 -6.70 -49.87
N VAL P 134 -14.35 -6.35 -49.56
CA VAL P 134 -13.37 -5.99 -50.56
C VAL P 134 -12.05 -6.67 -50.23
N SER P 135 -11.19 -6.80 -51.24
CA SER P 135 -9.96 -7.55 -51.07
C SER P 135 -8.92 -7.11 -52.09
N LEU P 136 -7.66 -7.23 -51.70
CA LEU P 136 -6.54 -6.93 -52.59
C LEU P 136 -6.01 -8.14 -53.33
N ALA P 137 -6.10 -9.34 -52.74
CA ALA P 137 -5.51 -10.54 -53.32
C ALA P 137 -6.45 -11.28 -54.27
N ASP P 138 -7.76 -11.11 -54.13
CA ASP P 138 -8.70 -11.88 -54.95
C ASP P 138 -8.73 -11.44 -56.40
N GLY P 139 -8.22 -10.26 -56.72
CA GLY P 139 -8.30 -9.74 -58.07
C GLY P 139 -9.64 -9.14 -58.44
N SER P 140 -10.53 -8.93 -57.46
CA SER P 140 -11.86 -8.41 -57.77
C SER P 140 -11.81 -6.99 -58.30
N THR P 141 -10.76 -6.23 -57.99
CA THR P 141 -10.65 -4.86 -58.46
C THR P 141 -9.18 -4.51 -58.65
N THR P 142 -8.93 -3.58 -59.56
CA THR P 142 -7.55 -3.21 -59.88
C THR P 142 -6.86 -2.50 -58.72
N LYS P 143 -7.59 -1.77 -57.89
CA LYS P 143 -6.97 -0.95 -56.86
C LYS P 143 -8.00 -0.61 -55.80
N LEU P 144 -7.51 -0.18 -54.64
CA LEU P 144 -8.35 0.29 -53.54
C LEU P 144 -7.79 1.61 -53.05
N SER P 145 -8.46 2.71 -53.41
CA SER P 145 -8.03 4.04 -53.00
C SER P 145 -8.61 4.36 -51.63
N PHE P 146 -7.76 4.80 -50.71
CA PHE P 146 -8.17 5.21 -49.38
C PHE P 146 -7.90 6.69 -49.19
N LEU P 147 -8.69 7.31 -48.31
CA LEU P 147 -8.60 8.74 -48.09
C LEU P 147 -7.24 9.12 -47.50
N ALA P 148 -6.76 10.29 -47.91
CA ALA P 148 -5.49 10.80 -47.42
C ALA P 148 -5.47 12.29 -47.15
N ASN P 149 -6.58 13.01 -47.29
CA ASN P 149 -6.62 14.44 -47.07
C ASN P 149 -8.05 14.87 -46.84
N GLU P 150 -8.23 16.02 -46.19
CA GLU P 150 -9.56 16.58 -46.04
C GLU P 150 -10.14 17.06 -47.38
N ASP P 151 -9.29 17.31 -48.36
CA ASP P 151 -9.75 17.71 -49.69
C ASP P 151 -10.24 16.54 -50.53
N GLY P 152 -10.09 15.31 -50.05
CA GLY P 152 -10.56 14.13 -50.75
C GLY P 152 -9.56 13.45 -51.64
N SER P 153 -8.31 13.92 -51.70
CA SER P 153 -7.28 13.20 -52.43
C SER P 153 -7.03 11.85 -51.76
N ASN P 154 -6.87 10.81 -52.58
CA ASN P 154 -6.86 9.44 -52.10
C ASN P 154 -5.45 8.86 -52.04
N PHE P 155 -5.15 8.20 -50.92
CA PHE P 155 -4.04 7.26 -50.88
C PHE P 155 -4.37 6.07 -51.77
N THR P 156 -3.38 5.62 -52.55
CA THR P 156 -3.60 4.54 -53.51
C THR P 156 -2.88 3.28 -53.05
N VAL P 157 -3.59 2.16 -53.11
CA VAL P 157 -3.01 0.84 -52.83
C VAL P 157 -3.47 -0.11 -53.92
N THR P 158 -2.65 -0.29 -54.95
CA THR P 158 -3.01 -1.17 -56.05
C THR P 158 -3.10 -2.61 -55.57
N ALA P 159 -4.14 -3.30 -56.01
CA ALA P 159 -4.33 -4.70 -55.65
C ALA P 159 -3.31 -5.59 -56.36
N GLN P 160 -2.87 -6.63 -55.67
CA GLN P 160 -1.99 -7.64 -56.22
C GLN P 160 -2.74 -8.96 -56.28
N THR P 161 -2.92 -9.49 -57.48
CA THR P 161 -3.78 -10.65 -57.70
C THR P 161 -3.02 -11.91 -57.33
N LEU P 162 -3.19 -12.36 -56.07
CA LEU P 162 -2.54 -13.57 -55.60
C LEU P 162 -3.31 -14.83 -55.96
N SER P 163 -4.49 -14.68 -56.57
CA SER P 163 -5.25 -15.82 -57.07
C SER P 163 -4.51 -16.48 -58.25
N LEU P 164 -4.87 -17.73 -58.53
CA LEU P 164 -4.13 -18.50 -59.51
C LEU P 164 -4.07 -17.82 -60.86
N THR P 165 -5.13 -17.09 -61.24
CA THR P 165 -5.10 -16.37 -62.50
C THR P 165 -4.06 -15.25 -62.49
N GLY P 166 -3.81 -14.65 -61.33
CA GLY P 166 -2.88 -13.53 -61.26
C GLY P 166 -1.43 -13.92 -61.06
N ILE P 167 -1.15 -15.19 -60.78
CA ILE P 167 0.23 -15.63 -60.52
C ILE P 167 0.70 -16.53 -61.65
N GLY P 168 0.00 -16.51 -62.78
CA GLY P 168 0.41 -17.27 -63.93
C GLY P 168 -0.08 -18.69 -64.00
N LEU P 169 -0.86 -19.15 -63.02
CA LEU P 169 -1.48 -20.46 -63.08
C LEU P 169 -2.93 -20.30 -63.51
N THR P 170 -3.72 -21.37 -63.34
CA THR P 170 -5.15 -21.33 -63.63
C THR P 170 -5.83 -22.40 -62.79
N ALA P 171 -7.14 -22.53 -62.99
CA ALA P 171 -7.94 -23.41 -62.13
C ALA P 171 -7.80 -24.87 -62.51
N THR P 172 -7.12 -25.17 -63.62
CA THR P 172 -6.92 -26.55 -64.04
C THR P 172 -5.46 -26.90 -64.27
N SER P 173 -4.52 -26.10 -63.78
CA SER P 173 -3.11 -26.38 -64.02
C SER P 173 -2.69 -27.68 -63.33
N THR P 174 -1.85 -28.44 -64.03
CA THR P 174 -1.29 -29.69 -63.51
C THR P 174 -0.23 -30.22 -64.47
N PHE P 175 0.22 -31.45 -64.27
CA PHE P 175 1.22 -32.08 -65.12
C PHE P 175 0.85 -33.55 -65.33
N THR P 176 1.18 -34.06 -66.52
CA THR P 176 0.81 -35.43 -66.85
C THR P 176 1.98 -36.37 -67.06
N ASP P 177 3.22 -35.88 -67.08
CA ASP P 177 4.38 -36.75 -67.23
C ASP P 177 5.61 -36.02 -66.69
N ALA P 178 6.72 -36.75 -66.61
CA ALA P 178 7.92 -36.20 -65.99
C ALA P 178 8.44 -34.98 -66.74
N ALA P 179 8.26 -34.92 -68.05
CA ALA P 179 8.72 -33.75 -68.80
C ALA P 179 7.85 -32.54 -68.52
N THR P 180 6.53 -32.72 -68.50
CA THR P 180 5.65 -31.62 -68.14
C THR P 180 5.88 -31.21 -66.69
N ALA P 181 6.21 -32.16 -65.82
CA ALA P 181 6.56 -31.81 -64.44
C ALA P 181 7.87 -31.03 -64.38
N LYS P 182 8.81 -31.34 -65.29
CA LYS P 182 10.06 -30.61 -65.31
C LYS P 182 9.85 -29.17 -65.77
N THR P 183 8.99 -28.95 -66.76
CA THR P 183 8.62 -27.57 -67.11
C THR P 183 7.82 -26.93 -65.99
N MET P 184 7.02 -27.70 -65.27
CA MET P 184 6.22 -27.19 -64.17
C MET P 184 7.11 -26.74 -63.01
N ILE P 185 8.30 -27.31 -62.86
CA ILE P 185 9.22 -26.83 -61.83
C ILE P 185 9.53 -25.36 -62.07
N ALA P 186 9.95 -25.02 -63.30
CA ALA P 186 10.23 -23.63 -63.61
C ALA P 186 8.97 -22.77 -63.59
N THR P 187 7.82 -23.34 -63.96
CA THR P 187 6.58 -22.57 -63.93
C THR P 187 6.21 -22.18 -62.51
N ILE P 188 6.24 -23.15 -61.59
CA ILE P 188 5.94 -22.88 -60.19
C ILE P 188 6.99 -21.98 -59.57
N THR P 189 8.25 -22.09 -60.00
CA THR P 189 9.27 -21.19 -59.49
C THR P 189 9.00 -19.75 -59.90
N THR P 190 8.62 -19.53 -61.17
CA THR P 190 8.30 -18.19 -61.61
C THR P 190 7.05 -17.66 -60.92
N SER P 191 6.06 -18.52 -60.70
CA SER P 191 4.86 -18.06 -59.99
C SER P 191 5.17 -17.71 -58.54
N LEU P 192 6.04 -18.48 -57.89
CA LEU P 192 6.43 -18.15 -56.54
C LEU P 192 7.22 -16.85 -56.49
N GLN P 193 8.05 -16.60 -57.50
CA GLN P 193 8.81 -15.35 -57.53
C GLN P 193 7.88 -14.16 -57.69
N THR P 194 6.93 -14.24 -58.63
CA THR P 194 6.00 -13.13 -58.78
C THR P 194 5.06 -12.99 -57.58
N ALA P 195 4.75 -14.09 -56.88
CA ALA P 195 3.92 -13.98 -55.69
C ALA P 195 4.66 -13.29 -54.56
N THR P 196 5.94 -13.62 -54.36
CA THR P 196 6.73 -12.90 -53.36
C THR P 196 6.90 -11.44 -53.75
N ASN P 197 7.01 -11.12 -55.05
CA ASN P 197 7.10 -9.72 -55.44
C ASN P 197 5.81 -8.98 -55.15
N LYS P 198 4.66 -9.61 -55.40
CA LYS P 198 3.39 -8.97 -55.09
C LYS P 198 3.23 -8.78 -53.58
N LEU P 199 3.67 -9.75 -52.80
CA LEU P 199 3.57 -9.63 -51.35
C LEU P 199 4.51 -8.56 -50.81
N SER P 200 5.68 -8.39 -51.44
CA SER P 200 6.57 -7.30 -51.06
C SER P 200 5.96 -5.95 -51.40
N SER P 201 5.26 -5.86 -52.54
CA SER P 201 4.55 -4.62 -52.86
C SER P 201 3.44 -4.35 -51.85
N LEU P 202 2.75 -5.40 -51.39
CA LEU P 202 1.75 -5.21 -50.36
C LEU P 202 2.38 -4.75 -49.05
N GLY P 203 3.56 -5.25 -48.72
CA GLY P 203 4.21 -4.81 -47.50
C GLY P 203 4.65 -3.36 -47.59
N THR P 204 5.11 -2.94 -48.77
CA THR P 204 5.48 -1.55 -48.95
C THR P 204 4.27 -0.64 -48.87
N SER P 205 3.15 -1.05 -49.47
CA SER P 205 1.94 -0.24 -49.37
C SER P 205 1.42 -0.16 -47.94
N SER P 206 1.58 -1.25 -47.17
CA SER P 206 1.15 -1.22 -45.77
C SER P 206 2.02 -0.29 -44.94
N VAL P 207 3.33 -0.32 -45.17
CA VAL P 207 4.21 0.61 -44.46
C VAL P 207 3.88 2.04 -44.83
N GLY P 208 3.50 2.28 -46.09
CA GLY P 208 3.12 3.63 -46.47
C GLY P 208 1.82 4.08 -45.83
N LEU P 209 0.86 3.16 -45.71
CA LEU P 209 -0.39 3.49 -45.02
C LEU P 209 -0.13 3.81 -43.56
N ASP P 210 0.75 3.05 -42.92
CA ASP P 210 1.03 3.30 -41.50
C ASP P 210 1.74 4.63 -41.31
N THR P 211 2.72 4.93 -42.18
CA THR P 211 3.44 6.19 -42.05
C THR P 211 2.51 7.38 -42.32
N HIS P 212 1.65 7.28 -43.33
CA HIS P 212 0.74 8.40 -43.58
C HIS P 212 -0.28 8.54 -42.46
N LEU P 213 -0.68 7.44 -41.83
CA LEU P 213 -1.59 7.56 -40.69
C LEU P 213 -0.93 8.27 -39.53
N THR P 214 0.34 7.93 -39.24
CA THR P 214 1.04 8.63 -38.18
C THR P 214 1.20 10.11 -38.50
N PHE P 215 1.45 10.43 -39.78
CA PHE P 215 1.63 11.82 -40.15
C PHE P 215 0.33 12.60 -40.05
N VAL P 216 -0.79 11.99 -40.48
CA VAL P 216 -2.06 12.71 -40.39
C VAL P 216 -2.49 12.86 -38.94
N GLY P 217 -2.09 11.92 -38.07
CA GLY P 217 -2.37 12.10 -36.66
C GLY P 217 -1.61 13.28 -36.07
N LYS P 218 -0.32 13.36 -36.38
CA LYS P 218 0.46 14.52 -35.91
C LYS P 218 -0.07 15.81 -36.50
N LEU P 219 -0.54 15.75 -37.75
CA LEU P 219 -1.03 16.95 -38.42
C LEU P 219 -2.35 17.43 -37.81
N GLN P 220 -3.25 16.49 -37.49
CA GLN P 220 -4.48 16.88 -36.81
C GLN P 220 -4.19 17.43 -35.41
N ASP P 221 -3.17 16.89 -34.74
CA ASP P 221 -2.80 17.43 -33.44
C ASP P 221 -2.32 18.86 -33.57
N SER P 222 -1.44 19.11 -34.55
CA SER P 222 -0.95 20.47 -34.76
C SER P 222 -2.06 21.42 -35.18
N LEU P 223 -3.04 20.93 -35.96
CA LEU P 223 -4.16 21.77 -36.36
C LEU P 223 -5.01 22.17 -35.16
N ASP P 224 -5.33 21.20 -34.30
CA ASP P 224 -6.11 21.54 -33.12
C ASP P 224 -5.33 22.45 -32.18
N ALA P 225 -4.01 22.25 -32.08
CA ALA P 225 -3.21 23.13 -31.25
C ALA P 225 -3.20 24.56 -31.81
N GLY P 226 -3.18 24.70 -33.13
CA GLY P 226 -3.21 26.02 -33.71
C GLY P 226 -4.54 26.71 -33.53
N VAL P 227 -5.64 25.96 -33.68
CA VAL P 227 -6.94 26.55 -33.45
C VAL P 227 -7.08 26.98 -31.99
N GLY P 228 -6.49 26.21 -31.08
CA GLY P 228 -6.51 26.61 -29.68
C GLY P 228 -5.66 27.83 -29.42
N ASN P 229 -4.52 27.94 -30.11
CA ASN P 229 -3.69 29.14 -29.98
C ASN P 229 -4.44 30.38 -30.46
N LEU P 230 -5.30 30.21 -31.48
CA LEU P 230 -6.09 31.36 -31.92
C LEU P 230 -7.25 31.69 -30.97
N VAL P 231 -8.03 30.69 -30.55
CA VAL P 231 -9.29 30.98 -29.87
C VAL P 231 -9.17 31.05 -28.35
N ASP P 232 -8.28 30.28 -27.71
CA ASP P 232 -8.30 30.17 -26.27
C ASP P 232 -7.93 31.49 -25.60
N ALA P 233 -8.69 31.86 -24.57
CA ALA P 233 -8.35 33.00 -23.73
C ALA P 233 -7.27 32.61 -22.72
N ASP P 234 -6.49 33.60 -22.31
CA ASP P 234 -5.49 33.41 -21.25
C ASP P 234 -6.20 33.66 -19.92
N LEU P 235 -6.68 32.57 -19.31
CA LEU P 235 -7.53 32.69 -18.13
C LEU P 235 -6.82 33.35 -16.96
N ALA P 236 -5.50 33.21 -16.88
CA ALA P 236 -4.77 33.82 -15.77
C ALA P 236 -4.89 35.34 -15.78
N LYS P 237 -4.96 35.94 -16.98
CA LYS P 237 -5.26 37.36 -17.07
C LYS P 237 -6.74 37.64 -16.83
N GLU P 238 -7.61 36.71 -17.23
CA GLU P 238 -9.03 36.91 -17.07
C GLU P 238 -9.44 36.97 -15.60
N SER P 239 -8.77 36.23 -14.73
CA SER P 239 -9.12 36.31 -13.31
C SER P 239 -8.84 37.70 -12.77
N ALA P 240 -7.70 38.27 -13.14
CA ALA P 240 -7.35 39.62 -12.71
C ALA P 240 -8.31 40.64 -13.28
N LYS P 241 -8.59 40.56 -14.58
CA LYS P 241 -9.52 41.52 -15.19
C LYS P 241 -10.91 41.40 -14.59
N LEU P 242 -11.32 40.17 -14.26
CA LEU P 242 -12.64 39.95 -13.68
C LEU P 242 -12.75 40.60 -12.31
N GLN P 243 -11.81 40.29 -11.42
CA GLN P 243 -11.91 40.84 -10.08
C GLN P 243 -11.72 42.36 -10.07
N SER P 244 -10.90 42.87 -10.99
CA SER P 244 -10.76 44.32 -11.10
C SER P 244 -12.07 44.97 -11.57
N LEU P 245 -12.75 44.35 -12.53
CA LEU P 245 -14.04 44.88 -12.96
C LEU P 245 -15.09 44.77 -11.85
N GLN P 246 -15.01 43.73 -11.02
CA GLN P 246 -15.94 43.62 -9.90
C GLN P 246 -15.72 44.75 -8.90
N THR P 247 -14.46 45.04 -8.58
CA THR P 247 -14.17 46.13 -7.65
C THR P 247 -14.60 47.46 -8.25
N LYS P 248 -14.38 47.66 -9.55
CA LYS P 248 -14.80 48.89 -10.19
C LYS P 248 -16.33 49.01 -10.25
N GLN P 249 -17.03 47.88 -10.40
CA GLN P 249 -18.49 47.91 -10.41
C GLN P 249 -19.04 48.28 -9.05
N GLN P 250 -18.45 47.72 -7.98
CA GLN P 250 -18.91 48.07 -6.65
C GLN P 250 -18.61 49.53 -6.32
N LEU P 251 -17.42 50.01 -6.72
CA LEU P 251 -17.13 51.42 -6.52
C LEU P 251 -18.05 52.30 -7.36
N GLY P 252 -18.46 51.83 -8.53
CA GLY P 252 -19.34 52.63 -9.36
C GLY P 252 -20.73 52.76 -8.79
N VAL P 253 -21.29 51.64 -8.33
CA VAL P 253 -22.61 51.72 -7.70
C VAL P 253 -22.55 52.52 -6.41
N GLN P 254 -21.42 52.43 -5.69
CA GLN P 254 -21.31 53.18 -4.45
C GLN P 254 -21.18 54.68 -4.71
N ALA P 255 -20.35 55.07 -5.68
CA ALA P 255 -20.25 56.47 -6.05
C ALA P 255 -21.57 56.99 -6.63
N LEU P 256 -22.32 56.13 -7.31
CA LEU P 256 -23.66 56.52 -7.75
C LEU P 256 -24.57 56.75 -6.54
N SER P 257 -24.36 55.98 -5.48
CA SER P 257 -25.12 56.21 -4.25
C SER P 257 -24.81 57.59 -3.69
N ILE P 258 -23.53 57.97 -3.63
CA ILE P 258 -23.21 59.33 -3.20
C ILE P 258 -23.77 60.36 -4.16
N ALA P 259 -23.79 60.05 -5.45
CA ALA P 259 -24.30 61.00 -6.45
C ALA P 259 -25.78 61.26 -6.26
N ASN P 260 -26.53 60.27 -5.77
CA ASN P 260 -27.97 60.44 -5.63
C ASN P 260 -28.36 61.49 -4.59
N GLN P 261 -27.54 61.69 -3.55
CA GLN P 261 -27.95 62.56 -2.45
C GLN P 261 -27.76 64.05 -2.73
N THR P 262 -27.09 64.42 -3.81
CA THR P 262 -26.84 65.84 -4.07
C THR P 262 -28.09 66.71 -4.13
N PRO P 263 -29.17 66.34 -4.84
CA PRO P 263 -30.35 67.22 -4.87
C PRO P 263 -30.97 67.51 -3.51
N GLN P 264 -30.93 66.57 -2.57
CA GLN P 264 -31.68 66.72 -1.33
C GLN P 264 -31.11 67.80 -0.41
N THR P 265 -29.88 68.25 -0.65
CA THR P 265 -29.26 69.22 0.25
C THR P 265 -30.05 70.52 0.33
N ILE P 266 -30.75 70.90 -0.75
CA ILE P 266 -31.42 72.18 -0.78
C ILE P 266 -32.65 72.23 0.09
N LEU P 267 -33.08 71.07 0.61
CA LEU P 267 -34.21 71.03 1.54
C LEU P 267 -33.93 71.88 2.77
N SER P 268 -32.65 72.01 3.15
CA SER P 268 -32.29 72.85 4.28
C SER P 268 -32.60 74.32 4.02
N LEU P 269 -32.56 74.75 2.76
CA LEU P 269 -32.87 76.14 2.42
C LEU P 269 -34.32 76.50 2.73
N PHE P 270 -35.23 75.53 2.69
CA PHE P 270 -36.64 75.77 3.00
C PHE P 270 -37.02 75.06 4.28
N LEU Q 1 -54.15 119.64 1.06
CA LEU Q 1 -53.25 118.91 1.95
C LEU Q 1 -54.04 117.99 2.86
N ASN Q 2 -54.57 118.53 3.96
CA ASN Q 2 -55.48 117.77 4.79
C ASN Q 2 -56.76 117.47 4.02
N SER Q 3 -57.24 116.23 4.12
CA SER Q 3 -58.43 115.84 3.38
C SER Q 3 -59.01 114.57 3.98
N ILE Q 4 -60.32 114.43 3.87
CA ILE Q 4 -61.01 113.23 4.33
C ILE Q 4 -61.21 112.24 3.18
N ASN Q 5 -61.50 112.75 1.98
CA ASN Q 5 -61.97 111.90 0.89
C ASN Q 5 -60.93 110.91 0.37
N THR Q 6 -59.64 111.26 0.37
CA THR Q 6 -58.65 110.38 -0.24
C THR Q 6 -57.27 110.69 0.34
N ASN Q 7 -56.52 109.62 0.61
CA ASN Q 7 -55.13 109.72 1.04
C ASN Q 7 -54.22 109.05 0.00
N PRO Q 8 -53.42 109.81 -0.75
CA PRO Q 8 -52.57 109.18 -1.79
C PRO Q 8 -51.61 108.13 -1.28
N GLY Q 9 -51.10 108.31 -0.05
CA GLY Q 9 -50.09 107.39 0.45
C GLY Q 9 -50.61 105.98 0.61
N ALA Q 10 -51.89 105.83 0.95
CA ALA Q 10 -52.47 104.50 1.00
C ALA Q 10 -52.49 103.86 -0.38
N LEU Q 11 -52.75 104.65 -1.43
CA LEU Q 11 -52.73 104.11 -2.78
C LEU Q 11 -51.31 103.71 -3.20
N LEU Q 12 -50.31 104.50 -2.78
CA LEU Q 12 -48.93 104.14 -3.07
C LEU Q 12 -48.54 102.85 -2.37
N ALA Q 13 -48.96 102.70 -1.11
CA ALA Q 13 -48.69 101.47 -0.40
C ALA Q 13 -49.43 100.29 -1.03
N LEU Q 14 -50.63 100.52 -1.56
CA LEU Q 14 -51.37 99.45 -2.22
C LEU Q 14 -50.64 98.98 -3.48
N GLN Q 15 -50.22 99.92 -4.33
CA GLN Q 15 -49.55 99.49 -5.56
C GLN Q 15 -48.20 98.85 -5.28
N ASN Q 16 -47.47 99.33 -4.26
CA ASN Q 16 -46.21 98.67 -3.91
C ASN Q 16 -46.46 97.28 -3.37
N LEU Q 17 -47.47 97.13 -2.51
CA LEU Q 17 -47.78 95.82 -1.95
C LEU Q 17 -48.29 94.86 -3.02
N ASN Q 18 -48.97 95.39 -4.04
CA ASN Q 18 -49.46 94.53 -5.12
C ASN Q 18 -48.34 94.10 -6.04
N SER Q 19 -47.37 94.98 -6.32
CA SER Q 19 -46.18 94.55 -7.03
C SER Q 19 -45.41 93.50 -6.22
N THR Q 20 -45.41 93.67 -4.89
CA THR Q 20 -44.80 92.64 -4.05
C THR Q 20 -45.55 91.32 -4.16
N ASN Q 21 -46.87 91.37 -4.24
CA ASN Q 21 -47.65 90.13 -4.32
C ASN Q 21 -47.41 89.43 -5.65
N THR Q 22 -47.39 90.19 -6.75
CA THR Q 22 -47.18 89.54 -8.04
C THR Q 22 -45.77 88.98 -8.16
N GLU Q 23 -44.77 89.69 -7.61
CA GLU Q 23 -43.42 89.15 -7.64
C GLU Q 23 -43.30 87.91 -6.76
N LEU Q 24 -43.95 87.92 -5.59
CA LEU Q 24 -43.93 86.74 -4.73
C LEU Q 24 -44.66 85.57 -5.37
N ALA Q 25 -45.75 85.85 -6.09
CA ALA Q 25 -46.47 84.79 -6.78
C ALA Q 25 -45.63 84.19 -7.90
N ALA Q 26 -44.86 85.03 -8.59
CA ALA Q 26 -43.98 84.50 -9.63
C ALA Q 26 -42.89 83.63 -9.03
N THR Q 27 -42.23 84.14 -7.98
CA THR Q 27 -41.18 83.34 -7.34
C THR Q 27 -41.74 82.06 -6.75
N GLN Q 28 -42.95 82.12 -6.21
CA GLN Q 28 -43.55 80.95 -5.59
C GLN Q 28 -43.95 79.90 -6.62
N GLY Q 29 -44.41 80.35 -7.79
CA GLY Q 29 -44.68 79.40 -8.86
C GLY Q 29 -43.41 78.79 -9.38
N ARG Q 30 -42.33 79.58 -9.46
CA ARG Q 30 -41.05 79.04 -9.88
C ARG Q 30 -40.50 78.05 -8.86
N ILE Q 31 -40.83 78.22 -7.59
CA ILE Q 31 -40.40 77.26 -6.57
C ILE Q 31 -41.22 75.98 -6.64
N ASN Q 32 -42.55 76.10 -6.69
CA ASN Q 32 -43.38 74.90 -6.69
C ASN Q 32 -43.31 74.11 -7.99
N THR Q 33 -42.95 74.73 -9.12
CA THR Q 33 -42.76 73.95 -10.33
C THR Q 33 -41.31 73.48 -10.50
N GLY Q 34 -40.35 74.15 -9.88
CA GLY Q 34 -38.96 73.77 -9.99
C GLY Q 34 -38.26 74.27 -11.24
N LYS Q 35 -38.93 75.08 -12.05
CA LYS Q 35 -38.36 75.55 -13.31
C LYS Q 35 -38.45 77.06 -13.38
N LYS Q 36 -37.38 77.69 -13.86
CA LYS Q 36 -37.43 79.12 -14.09
C LYS Q 36 -38.44 79.46 -15.19
N VAL Q 37 -38.64 78.56 -16.14
CA VAL Q 37 -39.69 78.67 -17.15
C VAL Q 37 -40.41 77.33 -17.17
N ALA Q 38 -41.74 77.38 -17.12
CA ALA Q 38 -42.56 76.16 -17.03
C ALA Q 38 -43.87 76.26 -17.81
N ASN Q 39 -44.21 77.44 -18.33
CA ASN Q 39 -45.42 77.62 -19.10
C ASN Q 39 -45.19 78.76 -20.09
N ALA Q 40 -46.14 78.94 -21.00
CA ALA Q 40 -45.95 79.90 -22.10
C ALA Q 40 -45.79 81.32 -21.60
N LYS Q 41 -46.45 81.68 -20.49
CA LYS Q 41 -46.30 83.02 -19.95
C LYS Q 41 -44.93 83.26 -19.35
N ASP Q 42 -44.24 82.21 -18.91
CA ASP Q 42 -42.94 82.40 -18.28
C ASP Q 42 -41.93 83.00 -19.24
N ASN Q 43 -41.81 82.39 -20.43
CA ASN Q 43 -41.01 82.93 -21.54
C ASN Q 43 -41.26 82.06 -22.76
N GLY Q 44 -41.96 82.61 -23.76
CA GLY Q 44 -42.45 81.78 -24.85
C GLY Q 44 -41.36 81.18 -25.71
N ALA Q 45 -40.26 81.92 -25.92
CA ALA Q 45 -39.19 81.41 -26.77
C ALA Q 45 -38.53 80.21 -26.14
N ILE Q 46 -38.10 80.34 -24.88
CA ILE Q 46 -37.50 79.21 -24.19
C ILE Q 46 -38.54 78.12 -23.94
N TRP Q 47 -39.82 78.49 -23.81
CA TRP Q 47 -40.86 77.49 -23.60
C TRP Q 47 -40.99 76.58 -24.82
N SER Q 48 -41.15 77.16 -26.00
CA SER Q 48 -41.23 76.36 -27.22
C SER Q 48 -39.91 75.65 -27.49
N MET Q 49 -38.78 76.27 -27.16
CA MET Q 49 -37.49 75.63 -27.37
C MET Q 49 -37.39 74.35 -26.55
N ALA Q 50 -37.70 74.45 -25.26
CA ALA Q 50 -37.62 73.29 -24.38
C ALA Q 50 -38.66 72.24 -24.75
N LYS Q 51 -39.84 72.65 -25.18
CA LYS Q 51 -40.84 71.65 -25.56
C LYS Q 51 -40.41 70.88 -26.80
N MET Q 52 -39.85 71.58 -27.80
CA MET Q 52 -39.39 70.90 -29.00
C MET Q 52 -38.25 69.95 -28.69
N GLN Q 53 -37.24 70.42 -27.96
CA GLN Q 53 -36.11 69.56 -27.66
C GLN Q 53 -36.51 68.42 -26.71
N SER Q 54 -37.51 68.65 -25.85
CA SER Q 54 -37.96 67.58 -24.97
C SER Q 54 -38.71 66.50 -25.73
N ALA Q 55 -39.52 66.89 -26.73
CA ALA Q 55 -40.12 65.87 -27.59
C ALA Q 55 -39.05 65.13 -28.39
N THR Q 56 -37.99 65.84 -28.78
CA THR Q 56 -36.88 65.20 -29.47
C THR Q 56 -36.22 64.14 -28.60
N ALA Q 57 -36.00 64.47 -27.33
CA ALA Q 57 -35.46 63.48 -26.39
C ALA Q 57 -36.46 62.36 -26.13
N SER Q 58 -37.76 62.68 -26.14
CA SER Q 58 -38.78 61.69 -25.81
C SER Q 58 -38.90 60.61 -26.89
N SER Q 59 -38.68 60.97 -28.15
CA SER Q 59 -38.69 59.95 -29.21
C SER Q 59 -37.54 58.95 -29.08
N LEU Q 60 -36.50 59.32 -28.35
CA LEU Q 60 -35.34 58.46 -28.21
C LEU Q 60 -35.68 57.18 -27.45
N ASN Q 61 -36.71 57.21 -26.60
CA ASN Q 61 -37.16 55.98 -25.95
C ASN Q 61 -37.66 54.98 -26.96
N SER Q 62 -38.49 55.42 -27.91
CA SER Q 62 -38.97 54.50 -28.94
C SER Q 62 -37.85 54.03 -29.85
N VAL Q 63 -36.88 54.90 -30.17
CA VAL Q 63 -35.83 54.42 -31.06
C VAL Q 63 -34.95 53.39 -30.35
N LYS Q 64 -34.72 53.57 -29.04
CA LYS Q 64 -34.01 52.52 -28.30
C LYS Q 64 -34.82 51.24 -28.19
N ASP Q 65 -36.15 51.35 -28.12
CA ASP Q 65 -36.97 50.14 -28.13
C ASP Q 65 -36.78 49.36 -29.42
N SER Q 66 -36.80 50.07 -30.55
CA SER Q 66 -36.58 49.40 -31.83
C SER Q 66 -35.19 48.80 -31.91
N LEU Q 67 -34.18 49.49 -31.35
CA LEU Q 67 -32.83 48.96 -31.39
C LEU Q 67 -32.70 47.69 -30.56
N GLN Q 68 -33.30 47.68 -29.36
CA GLN Q 68 -33.23 46.49 -28.53
C GLN Q 68 -33.96 45.33 -29.18
N ARG Q 69 -35.08 45.61 -29.88
CA ARG Q 69 -35.80 44.55 -30.55
C ARG Q 69 -34.97 43.95 -31.68
N GLY Q 70 -34.30 44.79 -32.47
CA GLY Q 70 -33.46 44.28 -33.54
C GLY Q 70 -32.25 43.54 -33.01
N GLN Q 71 -31.70 43.99 -31.88
CA GLN Q 71 -30.57 43.29 -31.28
C GLN Q 71 -30.98 41.90 -30.82
N SER Q 72 -32.14 41.78 -30.16
CA SER Q 72 -32.61 40.47 -29.74
C SER Q 72 -32.90 39.57 -30.94
N THR Q 73 -33.38 40.15 -32.03
CA THR Q 73 -33.61 39.35 -33.24
C THR Q 73 -32.30 38.79 -33.77
N ILE Q 74 -31.26 39.63 -33.83
CA ILE Q 74 -29.97 39.15 -34.33
C ILE Q 74 -29.37 38.12 -33.39
N ASP Q 75 -29.62 38.25 -32.08
CA ASP Q 75 -29.15 37.22 -31.17
C ASP Q 75 -29.82 35.89 -31.44
N VAL Q 76 -31.13 35.90 -31.76
CA VAL Q 76 -31.78 34.66 -32.17
C VAL Q 76 -31.17 34.15 -33.48
N ALA Q 77 -30.75 35.06 -34.35
CA ALA Q 77 -30.16 34.65 -35.63
C ALA Q 77 -28.86 33.89 -35.41
N LEU Q 78 -27.97 34.43 -34.57
CA LEU Q 78 -26.75 33.70 -34.25
C LEU Q 78 -27.02 32.41 -33.48
N ALA Q 79 -28.07 32.40 -32.65
CA ALA Q 79 -28.42 31.18 -31.93
C ALA Q 79 -28.81 30.07 -32.90
N ALA Q 80 -29.43 30.44 -34.01
CA ALA Q 80 -29.68 29.46 -35.07
C ALA Q 80 -28.41 29.13 -35.84
N GLY Q 81 -27.59 30.15 -36.12
CA GLY Q 81 -26.47 29.95 -37.01
C GLY Q 81 -25.38 29.06 -36.44
N ASP Q 82 -25.25 29.04 -35.11
CA ASP Q 82 -24.25 28.16 -34.51
C ASP Q 82 -24.55 26.70 -34.83
N THR Q 83 -25.80 26.28 -34.60
CA THR Q 83 -26.18 24.91 -34.95
C THR Q 83 -26.19 24.70 -36.46
N ILE Q 84 -26.47 25.75 -37.24
CA ILE Q 84 -26.41 25.59 -38.69
C ILE Q 84 -24.98 25.25 -39.12
N THR Q 85 -23.99 25.91 -38.52
CA THR Q 85 -22.61 25.65 -38.92
C THR Q 85 -22.12 24.30 -38.42
N ASP Q 86 -22.46 23.91 -37.19
CA ASP Q 86 -21.99 22.59 -36.77
C ASP Q 86 -22.69 21.48 -37.57
N LEU Q 87 -23.94 21.70 -37.99
CA LEU Q 87 -24.59 20.73 -38.86
C LEU Q 87 -23.91 20.67 -40.23
N LEU Q 88 -23.50 21.83 -40.76
CA LEU Q 88 -22.77 21.82 -42.02
C LEU Q 88 -21.43 21.12 -41.89
N THR Q 89 -20.78 21.25 -40.73
CA THR Q 89 -19.52 20.57 -40.52
C THR Q 89 -19.71 19.06 -40.44
N LYS Q 90 -20.78 18.62 -39.78
CA LYS Q 90 -21.09 17.19 -39.75
C LYS Q 90 -21.43 16.67 -41.14
N MET Q 91 -22.10 17.49 -41.97
CA MET Q 91 -22.39 17.08 -43.33
C MET Q 91 -21.12 16.98 -44.15
N LYS Q 92 -20.16 17.87 -43.93
CA LYS Q 92 -18.89 17.77 -44.64
C LYS Q 92 -18.15 16.51 -44.23
N GLU Q 93 -18.18 16.19 -42.93
CA GLU Q 93 -17.55 14.96 -42.46
C GLU Q 93 -18.21 13.73 -43.06
N LYS Q 94 -19.54 13.74 -43.19
CA LYS Q 94 -20.24 12.58 -43.74
C LYS Q 94 -19.96 12.42 -45.23
N ALA Q 95 -19.98 13.52 -45.99
CA ALA Q 95 -19.67 13.44 -47.41
C ALA Q 95 -18.23 13.02 -47.63
N LEU Q 96 -17.32 13.46 -46.75
CA LEU Q 96 -15.92 13.07 -46.88
C LEU Q 96 -15.74 11.58 -46.58
N ALA Q 97 -16.43 11.07 -45.56
CA ALA Q 97 -16.36 9.65 -45.26
C ALA Q 97 -17.00 8.82 -46.36
N ALA Q 98 -18.04 9.35 -47.02
CA ALA Q 98 -18.70 8.60 -48.07
C ALA Q 98 -17.97 8.72 -49.41
N SER Q 99 -17.01 9.65 -49.51
CA SER Q 99 -16.24 9.77 -50.74
C SER Q 99 -15.28 8.61 -50.95
N ASP Q 100 -14.97 7.87 -49.89
CA ASP Q 100 -14.00 6.78 -50.00
C ASP Q 100 -14.49 5.71 -50.96
N THR Q 101 -13.61 5.29 -51.86
CA THR Q 101 -13.93 4.29 -52.88
C THR Q 101 -14.00 2.87 -52.32
N SER Q 102 -13.37 2.59 -51.18
CA SER Q 102 -13.28 1.25 -50.65
C SER Q 102 -14.54 0.81 -49.90
N LEU Q 103 -15.46 1.71 -49.64
CA LEU Q 103 -16.62 1.39 -48.82
C LEU Q 103 -17.56 0.42 -49.52
N ASN Q 104 -18.16 -0.46 -48.73
CA ASN Q 104 -19.22 -1.35 -49.17
C ASN Q 104 -20.53 -0.57 -49.33
N THR Q 105 -21.42 -1.10 -50.16
CA THR Q 105 -22.63 -0.38 -50.52
C THR Q 105 -23.53 -0.10 -49.32
N ALA Q 106 -23.55 -1.00 -48.33
CA ALA Q 106 -24.43 -0.80 -47.18
C ALA Q 106 -23.99 0.40 -46.35
N SER Q 107 -22.69 0.52 -46.11
CA SER Q 107 -22.16 1.68 -45.41
C SER Q 107 -22.41 2.95 -46.20
N PHE Q 108 -22.38 2.85 -47.53
CA PHE Q 108 -22.57 4.01 -48.39
C PHE Q 108 -24.01 4.51 -48.28
N ASN Q 109 -24.97 3.58 -48.34
CA ASN Q 109 -26.37 3.98 -48.16
C ASN Q 109 -26.62 4.49 -46.75
N ALA Q 110 -25.93 3.94 -45.75
CA ALA Q 110 -26.10 4.45 -44.38
C ALA Q 110 -25.63 5.88 -44.27
N LEU Q 111 -24.46 6.18 -44.86
CA LEU Q 111 -23.97 7.55 -44.85
C LEU Q 111 -24.88 8.48 -45.66
N LYS Q 112 -25.48 7.98 -46.75
CA LYS Q 112 -26.36 8.82 -47.54
C LYS Q 112 -27.62 9.17 -46.76
N ALA Q 113 -28.21 8.18 -46.08
CA ALA Q 113 -29.39 8.46 -45.26
C ALA Q 113 -29.05 9.39 -44.09
N ASP Q 114 -27.83 9.25 -43.54
CA ASP Q 114 -27.43 10.17 -42.47
C ASP Q 114 -27.29 11.59 -43.00
N PHE Q 115 -26.73 11.74 -44.21
CA PHE Q 115 -26.62 13.07 -44.79
C PHE Q 115 -28.00 13.65 -45.07
N GLU Q 116 -28.95 12.79 -45.46
CA GLU Q 116 -30.32 13.25 -45.65
C GLU Q 116 -30.92 13.77 -44.36
N SER Q 117 -30.79 13.02 -43.27
CA SER Q 117 -31.37 13.44 -42.00
C SER Q 117 -30.72 14.72 -41.50
N LEU Q 118 -29.41 14.86 -41.73
CA LEU Q 118 -28.72 16.08 -41.32
C LEU Q 118 -29.18 17.27 -42.15
N ARG Q 119 -29.37 17.10 -43.45
CA ARG Q 119 -29.85 18.20 -44.28
C ARG Q 119 -31.28 18.58 -43.90
N ASP Q 120 -32.10 17.59 -43.52
CA ASP Q 120 -33.46 17.90 -43.09
C ASP Q 120 -33.44 18.71 -41.80
N GLN Q 121 -32.63 18.29 -40.83
CA GLN Q 121 -32.53 19.08 -39.61
C GLN Q 121 -31.92 20.45 -39.86
N LEU Q 122 -31.07 20.58 -40.87
CA LEU Q 122 -30.47 21.89 -41.11
C LEU Q 122 -31.49 22.85 -41.71
N GLN Q 123 -32.27 22.38 -42.70
CA GLN Q 123 -33.37 23.21 -43.19
C GLN Q 123 -34.37 23.51 -42.10
N LYS Q 124 -34.58 22.57 -41.19
CA LYS Q 124 -35.58 22.74 -40.14
C LYS Q 124 -35.13 23.75 -39.09
N ALA Q 125 -33.87 23.65 -38.66
CA ALA Q 125 -33.32 24.64 -37.73
C ALA Q 125 -33.19 26.01 -38.40
N ALA Q 126 -32.99 26.05 -39.72
CA ALA Q 126 -32.94 27.33 -40.40
C ALA Q 126 -34.31 28.00 -40.42
N THR Q 127 -35.34 27.24 -40.80
CA THR Q 127 -36.67 27.83 -40.90
C THR Q 127 -37.32 28.07 -39.53
N ASN Q 128 -36.86 27.40 -38.47
CA ASN Q 128 -37.60 27.49 -37.21
C ASN Q 128 -37.33 28.80 -36.47
N ALA Q 129 -36.08 29.25 -36.41
CA ALA Q 129 -35.73 30.40 -35.59
C ALA Q 129 -36.35 31.68 -36.13
N LYS Q 130 -36.87 32.51 -35.23
CA LYS Q 130 -37.39 33.84 -35.55
C LYS Q 130 -37.68 34.55 -34.24
N PHE Q 131 -37.77 35.88 -34.31
CA PHE Q 131 -38.10 36.70 -33.14
C PHE Q 131 -39.27 37.61 -33.51
N ASN Q 132 -40.37 37.50 -32.75
CA ASN Q 132 -41.57 38.32 -32.95
C ASN Q 132 -42.11 38.18 -34.38
N GLY Q 133 -41.91 37.01 -34.99
CA GLY Q 133 -42.44 36.73 -36.30
C GLY Q 133 -41.61 37.19 -37.47
N VAL Q 134 -40.51 37.91 -37.22
CA VAL Q 134 -39.57 38.28 -38.26
C VAL Q 134 -38.30 37.47 -38.06
N SER Q 135 -37.57 37.26 -39.15
CA SER Q 135 -36.37 36.44 -39.08
C SER Q 135 -35.38 36.87 -40.15
N LEU Q 136 -34.11 36.58 -39.90
CA LEU Q 136 -33.02 36.94 -40.80
C LEU Q 136 -32.47 35.73 -41.55
N ALA Q 137 -32.11 34.66 -40.84
CA ALA Q 137 -31.49 33.50 -41.44
C ALA Q 137 -32.41 32.72 -42.38
N ASP Q 138 -33.73 32.80 -42.19
CA ASP Q 138 -34.65 31.98 -42.97
C ASP Q 138 -34.87 32.49 -44.38
N GLY Q 139 -34.41 33.71 -44.69
CA GLY Q 139 -34.59 34.25 -46.02
C GLY Q 139 -35.95 34.84 -46.30
N SER Q 140 -36.77 35.07 -45.27
CA SER Q 140 -38.13 35.55 -45.48
C SER Q 140 -38.16 36.93 -46.11
N THR Q 141 -37.13 37.75 -45.87
CA THR Q 141 -37.10 39.11 -46.38
C THR Q 141 -35.65 39.58 -46.47
N THR Q 142 -35.41 40.53 -47.37
CA THR Q 142 -34.05 40.95 -47.69
C THR Q 142 -33.36 41.65 -46.53
N LYS Q 143 -34.10 42.36 -45.69
CA LYS Q 143 -33.47 43.18 -44.66
C LYS Q 143 -34.49 43.56 -43.60
N LEU Q 144 -33.98 44.03 -42.47
CA LEU Q 144 -34.79 44.53 -41.37
C LEU Q 144 -34.23 45.88 -40.93
N SER Q 145 -34.88 46.96 -41.31
CA SER Q 145 -34.51 48.28 -40.84
C SER Q 145 -34.96 48.48 -39.41
N PHE Q 146 -34.22 49.32 -38.67
CA PHE Q 146 -34.55 49.62 -37.29
C PHE Q 146 -34.28 51.10 -37.05
N LEU Q 147 -35.14 51.72 -36.23
CA LEU Q 147 -35.05 53.15 -36.01
C LEU Q 147 -33.73 53.52 -35.36
N ALA Q 148 -33.13 54.61 -35.84
CA ALA Q 148 -31.85 55.09 -35.32
C ALA Q 148 -31.90 56.55 -34.92
N ASN Q 149 -33.03 57.23 -35.11
CA ASN Q 149 -33.15 58.65 -34.81
C ASN Q 149 -34.62 58.99 -34.66
N GLU Q 150 -34.88 60.15 -34.04
CA GLU Q 150 -36.26 60.63 -33.92
C GLU Q 150 -36.90 60.88 -35.28
N ASP Q 151 -36.10 61.18 -36.29
CA ASP Q 151 -36.59 61.47 -37.63
C ASP Q 151 -36.95 60.22 -38.42
N GLY Q 152 -36.65 59.04 -37.88
CA GLY Q 152 -36.96 57.80 -38.56
C GLY Q 152 -35.85 57.23 -39.43
N SER Q 153 -34.67 57.84 -39.44
CA SER Q 153 -33.56 57.25 -40.18
C SER Q 153 -33.21 55.89 -39.59
N ASN Q 154 -33.01 54.91 -40.47
CA ASN Q 154 -32.95 53.52 -40.07
C ASN Q 154 -31.51 53.02 -39.99
N PHE Q 155 -31.30 52.05 -39.09
CA PHE Q 155 -30.07 51.28 -38.99
C PHE Q 155 -30.32 50.00 -39.78
N THR Q 156 -29.97 50.01 -41.06
CA THR Q 156 -30.22 48.85 -41.91
C THR Q 156 -29.37 47.67 -41.47
N VAL Q 157 -29.99 46.49 -41.45
CA VAL Q 157 -29.28 45.24 -41.20
C VAL Q 157 -29.75 44.25 -42.26
N THR Q 158 -28.91 44.00 -43.26
CA THR Q 158 -29.29 43.08 -44.33
C THR Q 158 -29.44 41.67 -43.77
N ALA Q 159 -30.53 41.01 -44.17
CA ALA Q 159 -30.72 39.62 -43.78
C ALA Q 159 -29.71 38.72 -44.49
N GLN Q 160 -29.21 37.74 -43.76
CA GLN Q 160 -28.28 36.77 -44.30
C GLN Q 160 -28.99 35.41 -44.39
N THR Q 161 -29.54 35.14 -45.58
CA THR Q 161 -30.38 33.96 -45.78
C THR Q 161 -29.58 32.68 -45.57
N LEU Q 162 -29.69 32.11 -44.38
CA LEU Q 162 -28.89 30.95 -43.98
C LEU Q 162 -29.60 29.62 -44.21
N SER Q 163 -30.79 29.64 -44.82
CA SER Q 163 -31.48 28.42 -45.19
C SER Q 163 -30.74 27.71 -46.33
N LEU Q 164 -31.15 26.47 -46.62
CA LEU Q 164 -30.47 25.69 -47.64
C LEU Q 164 -30.46 26.42 -48.98
N THR Q 165 -31.55 27.13 -49.30
CA THR Q 165 -31.58 27.89 -50.54
C THR Q 165 -30.57 29.03 -50.52
N GLY Q 166 -30.28 29.58 -49.34
CA GLY Q 166 -29.34 30.67 -49.23
C GLY Q 166 -27.88 30.30 -49.14
N ILE Q 167 -27.56 29.00 -49.06
CA ILE Q 167 -26.18 28.57 -48.94
C ILE Q 167 -25.85 27.54 -50.01
N GLY Q 168 -26.51 27.67 -51.16
CA GLY Q 168 -26.17 26.83 -52.29
C GLY Q 168 -26.70 25.42 -52.24
N LEU Q 169 -27.64 25.14 -51.35
CA LEU Q 169 -28.22 23.81 -51.21
C LEU Q 169 -29.71 23.86 -51.54
N THR Q 170 -30.36 22.71 -51.42
CA THR Q 170 -31.78 22.59 -51.70
C THR Q 170 -32.30 21.32 -51.03
N ALA Q 171 -33.64 21.19 -51.02
CA ALA Q 171 -34.29 20.07 -50.36
C ALA Q 171 -33.95 18.73 -50.99
N THR Q 172 -33.57 18.70 -52.26
CA THR Q 172 -33.22 17.43 -52.90
C THR Q 172 -31.72 17.17 -52.93
N SER Q 173 -30.92 17.95 -52.21
CA SER Q 173 -29.48 17.77 -52.24
C SER Q 173 -29.10 16.39 -51.71
N THR Q 174 -28.13 15.76 -52.38
CA THR Q 174 -27.74 14.38 -52.09
C THR Q 174 -26.50 14.04 -52.90
N PHE Q 175 -26.00 12.83 -52.71
CA PHE Q 175 -24.94 12.24 -53.51
C PHE Q 175 -25.25 10.76 -53.72
N THR Q 176 -24.86 10.22 -54.87
CA THR Q 176 -25.23 8.86 -55.25
C THR Q 176 -24.04 7.93 -55.38
N ASP Q 177 -22.88 8.46 -55.76
CA ASP Q 177 -21.69 7.63 -55.92
C ASP Q 177 -20.48 8.40 -55.38
N ALA Q 178 -19.35 7.71 -55.30
CA ALA Q 178 -18.18 8.27 -54.64
C ALA Q 178 -17.69 9.54 -55.34
N ALA Q 179 -17.86 9.63 -56.67
CA ALA Q 179 -17.37 10.81 -57.38
C ALA Q 179 -18.21 12.04 -57.05
N THR Q 180 -19.52 11.91 -57.10
CA THR Q 180 -20.36 13.05 -56.70
C THR Q 180 -20.26 13.31 -55.21
N ALA Q 181 -19.91 12.31 -54.41
CA ALA Q 181 -19.61 12.57 -53.00
C ALA Q 181 -18.35 13.41 -52.84
N LYS Q 182 -17.33 13.14 -53.66
CA LYS Q 182 -16.13 13.98 -53.65
C LYS Q 182 -16.45 15.39 -54.12
N THR Q 183 -17.36 15.53 -55.07
CA THR Q 183 -17.83 16.87 -55.45
C THR Q 183 -18.62 17.52 -54.33
N MET Q 184 -19.39 16.73 -53.59
CA MET Q 184 -20.17 17.24 -52.46
C MET Q 184 -19.27 17.73 -51.35
N ILE Q 185 -18.06 17.16 -51.24
CA ILE Q 185 -17.10 17.67 -50.27
C ILE Q 185 -16.83 19.16 -50.51
N ALA Q 186 -16.43 19.49 -51.74
CA ALA Q 186 -16.15 20.88 -52.07
C ALA Q 186 -17.42 21.74 -52.02
N THR Q 187 -18.57 21.14 -52.36
CA THR Q 187 -19.82 21.90 -52.31
C THR Q 187 -20.17 22.30 -50.88
N ILE Q 188 -20.12 21.34 -49.95
CA ILE Q 188 -20.41 21.63 -48.56
C ILE Q 188 -19.35 22.58 -47.99
N THR Q 189 -18.11 22.48 -48.47
CA THR Q 189 -17.08 23.40 -48.01
C THR Q 189 -17.39 24.83 -48.43
N THR Q 190 -17.81 25.02 -49.68
CA THR Q 190 -18.20 26.36 -50.13
C THR Q 190 -19.43 26.86 -49.39
N SER Q 191 -20.36 25.96 -49.06
CA SER Q 191 -21.54 26.37 -48.32
C SER Q 191 -21.16 26.81 -46.91
N LEU Q 192 -20.24 26.09 -46.27
CA LEU Q 192 -19.78 26.48 -44.94
C LEU Q 192 -19.03 27.80 -45.00
N GLN Q 193 -18.30 28.04 -46.09
CA GLN Q 193 -17.63 29.32 -46.29
C GLN Q 193 -18.63 30.47 -46.32
N THR Q 194 -19.62 30.36 -47.21
CA THR Q 194 -20.58 31.45 -47.34
C THR Q 194 -21.42 31.62 -46.07
N ALA Q 195 -21.72 30.52 -45.37
CA ALA Q 195 -22.49 30.63 -44.14
C ALA Q 195 -21.70 31.33 -43.06
N THR Q 196 -20.42 30.99 -42.91
CA THR Q 196 -19.60 31.63 -41.90
C THR Q 196 -19.40 33.11 -42.22
N ASN Q 197 -19.27 33.46 -43.49
CA ASN Q 197 -19.13 34.88 -43.83
C ASN Q 197 -20.41 35.65 -43.53
N LYS Q 198 -21.57 35.05 -43.81
CA LYS Q 198 -22.82 35.74 -43.49
C LYS Q 198 -23.01 35.89 -41.99
N LEU Q 199 -22.59 34.88 -41.20
CA LEU Q 199 -22.64 35.04 -39.76
C LEU Q 199 -21.67 36.10 -39.25
N SER Q 200 -20.52 36.26 -39.92
CA SER Q 200 -19.62 37.33 -39.53
C SER Q 200 -20.24 38.70 -39.80
N SER Q 201 -20.95 38.82 -40.93
CA SER Q 201 -21.66 40.06 -41.20
C SER Q 201 -22.78 40.30 -40.18
N LEU Q 202 -23.44 39.22 -39.74
CA LEU Q 202 -24.48 39.35 -38.72
C LEU Q 202 -23.90 39.83 -37.40
N GLY Q 203 -22.71 39.33 -37.05
CA GLY Q 203 -22.08 39.77 -35.82
C GLY Q 203 -21.62 41.21 -35.89
N THR Q 204 -21.14 41.63 -37.07
CA THR Q 204 -20.80 43.04 -37.24
C THR Q 204 -22.02 43.93 -37.11
N SER Q 205 -23.16 43.49 -37.65
CA SER Q 205 -24.37 44.28 -37.50
C SER Q 205 -24.85 44.32 -36.05
N SER Q 206 -24.68 43.23 -35.31
CA SER Q 206 -25.05 43.24 -33.90
C SER Q 206 -24.17 44.18 -33.09
N VAL Q 207 -22.86 44.20 -33.39
CA VAL Q 207 -21.96 45.12 -32.72
C VAL Q 207 -22.31 46.56 -33.09
N GLY Q 208 -22.76 46.79 -34.32
CA GLY Q 208 -23.15 48.14 -34.70
C GLY Q 208 -24.41 48.59 -33.99
N LEU Q 209 -25.36 47.67 -33.78
CA LEU Q 209 -26.52 48.02 -32.96
C LEU Q 209 -26.13 48.30 -31.52
N ASP Q 210 -25.14 47.55 -30.99
CA ASP Q 210 -24.71 47.80 -29.62
C ASP Q 210 -24.13 49.20 -29.49
N THR Q 211 -23.24 49.56 -30.42
CA THR Q 211 -22.61 50.87 -30.36
C THR Q 211 -23.64 51.99 -30.57
N HIS Q 212 -24.55 51.82 -31.53
CA HIS Q 212 -25.53 52.86 -31.75
C HIS Q 212 -26.50 52.99 -30.58
N LEU Q 213 -26.81 51.89 -29.90
CA LEU Q 213 -27.70 51.97 -28.76
C LEU Q 213 -27.04 52.71 -27.60
N THR Q 214 -25.76 52.42 -27.35
CA THR Q 214 -25.06 53.17 -26.30
C THR Q 214 -24.98 54.64 -26.67
N PHE Q 215 -24.77 54.94 -27.95
CA PHE Q 215 -24.66 56.34 -28.36
C PHE Q 215 -25.98 57.07 -28.23
N VAL Q 216 -27.08 56.44 -28.63
CA VAL Q 216 -28.38 57.10 -28.53
C VAL Q 216 -28.79 57.26 -27.07
N GLY Q 217 -28.36 56.35 -26.18
CA GLY Q 217 -28.60 56.58 -24.77
C GLY Q 217 -27.83 57.77 -24.23
N LYS Q 218 -26.56 57.90 -24.65
CA LYS Q 218 -25.78 59.07 -24.26
C LYS Q 218 -26.41 60.35 -24.80
N LEU Q 219 -26.97 60.27 -26.01
CA LEU Q 219 -27.59 61.44 -26.62
C LEU Q 219 -28.86 61.83 -25.89
N GLN Q 220 -29.67 60.85 -25.47
CA GLN Q 220 -30.86 61.20 -24.72
C GLN Q 220 -30.50 61.78 -23.36
N ASP Q 221 -29.44 61.27 -22.73
CA ASP Q 221 -29.01 61.87 -21.47
C ASP Q 221 -28.56 63.30 -21.68
N SER Q 222 -27.82 63.56 -22.76
CA SER Q 222 -27.36 64.91 -23.04
C SER Q 222 -28.52 65.85 -23.35
N LEU Q 223 -29.54 65.37 -24.06
CA LEU Q 223 -30.66 66.22 -24.40
C LEU Q 223 -31.52 66.53 -23.17
N ASP Q 224 -31.72 65.53 -22.30
CA ASP Q 224 -32.47 65.81 -21.08
C ASP Q 224 -31.72 66.76 -20.18
N ALA Q 225 -30.39 66.61 -20.09
CA ALA Q 225 -29.60 67.55 -19.30
C ALA Q 225 -29.64 68.95 -19.91
N GLY Q 226 -29.68 69.06 -21.24
CA GLY Q 226 -29.74 70.37 -21.85
C GLY Q 226 -31.08 71.04 -21.67
N VAL Q 227 -32.17 70.26 -21.72
CA VAL Q 227 -33.48 70.85 -21.50
C VAL Q 227 -33.61 71.31 -20.05
N GLY Q 228 -33.14 70.48 -19.11
CA GLY Q 228 -33.22 70.87 -17.72
C GLY Q 228 -32.36 72.07 -17.40
N ASN Q 229 -31.18 72.15 -18.04
CA ASN Q 229 -30.36 73.34 -17.89
C ASN Q 229 -31.04 74.56 -18.50
N LEU Q 230 -31.81 74.36 -19.57
CA LEU Q 230 -32.55 75.47 -20.17
C LEU Q 230 -33.68 75.97 -19.28
N VAL Q 231 -34.27 75.10 -18.46
CA VAL Q 231 -35.50 75.43 -17.75
C VAL Q 231 -35.30 75.59 -16.25
N ASP Q 232 -34.45 74.76 -15.64
CA ASP Q 232 -34.46 74.66 -14.18
C ASP Q 232 -34.04 75.96 -13.51
N ALA Q 233 -34.80 76.35 -12.48
CA ALA Q 233 -34.47 77.51 -11.66
C ALA Q 233 -33.38 77.17 -10.66
N ASP Q 234 -32.64 78.19 -10.25
CA ASP Q 234 -31.64 78.05 -9.20
C ASP Q 234 -32.36 78.14 -7.86
N LEU Q 235 -32.67 76.98 -7.28
CA LEU Q 235 -33.59 76.93 -6.14
C LEU Q 235 -33.04 77.65 -4.91
N ALA Q 236 -31.72 77.71 -4.73
CA ALA Q 236 -31.18 78.44 -3.59
C ALA Q 236 -31.41 79.93 -3.73
N LYS Q 237 -31.20 80.47 -4.94
CA LYS Q 237 -31.55 81.85 -5.20
C LYS Q 237 -33.05 82.07 -5.05
N GLU Q 238 -33.85 81.07 -5.44
CA GLU Q 238 -35.29 81.18 -5.24
C GLU Q 238 -35.65 81.26 -3.77
N SER Q 239 -34.92 80.53 -2.92
CA SER Q 239 -35.20 80.56 -1.49
C SER Q 239 -34.80 81.90 -0.88
N ALA Q 240 -33.64 82.42 -1.27
CA ALA Q 240 -33.21 83.71 -0.73
C ALA Q 240 -34.14 84.83 -1.17
N LYS Q 241 -34.51 84.84 -2.46
CA LYS Q 241 -35.46 85.85 -2.93
C LYS Q 241 -36.84 85.65 -2.32
N LEU Q 242 -37.20 84.40 -1.99
CA LEU Q 242 -38.48 84.15 -1.35
C LEU Q 242 -38.51 84.74 0.05
N GLN Q 243 -37.44 84.54 0.82
CA GLN Q 243 -37.38 85.13 2.15
C GLN Q 243 -37.39 86.65 2.08
N SER Q 244 -36.65 87.21 1.10
CA SER Q 244 -36.64 88.67 0.97
C SER Q 244 -38.01 89.19 0.58
N LEU Q 245 -38.71 88.48 -0.31
CA LEU Q 245 -40.04 88.91 -0.73
C LEU Q 245 -41.04 88.80 0.41
N GLN Q 246 -40.92 87.78 1.26
CA GLN Q 246 -41.83 87.66 2.39
C GLN Q 246 -41.62 88.78 3.38
N THR Q 247 -40.35 89.09 3.69
CA THR Q 247 -40.09 90.17 4.61
C THR Q 247 -40.55 91.51 4.05
N LYS Q 248 -40.31 91.74 2.76
CA LYS Q 248 -40.71 93.01 2.17
C LYS Q 248 -42.24 93.10 2.08
N GLN Q 249 -42.91 91.97 1.90
CA GLN Q 249 -44.37 91.97 1.90
C GLN Q 249 -44.92 92.31 3.27
N GLN Q 250 -44.33 91.74 4.33
CA GLN Q 250 -44.78 92.08 5.67
C GLN Q 250 -44.56 93.56 5.98
N LEU Q 251 -43.40 94.09 5.58
CA LEU Q 251 -43.18 95.51 5.81
C LEU Q 251 -44.11 96.38 4.96
N GLY Q 252 -44.49 95.92 3.76
CA GLY Q 252 -45.42 96.70 2.97
C GLY Q 252 -46.82 96.69 3.56
N VAL Q 253 -47.23 95.56 4.13
CA VAL Q 253 -48.52 95.50 4.81
C VAL Q 253 -48.52 96.43 6.02
N GLN Q 254 -47.46 96.37 6.83
CA GLN Q 254 -47.40 97.25 7.99
C GLN Q 254 -47.30 98.71 7.58
N ALA Q 255 -46.64 98.97 6.43
CA ALA Q 255 -46.57 100.33 5.92
C ALA Q 255 -47.92 100.85 5.50
N LEU Q 256 -48.74 99.99 4.87
CA LEU Q 256 -50.10 100.39 4.58
C LEU Q 256 -50.90 100.60 5.86
N SER Q 257 -50.61 99.81 6.90
CA SER Q 257 -51.28 99.99 8.18
C SER Q 257 -50.94 101.34 8.80
N ILE Q 258 -49.71 101.82 8.62
CA ILE Q 258 -49.34 103.10 9.21
C ILE Q 258 -49.77 104.24 8.29
N ALA Q 259 -49.98 103.96 7.00
CA ALA Q 259 -50.42 104.98 6.07
C ALA Q 259 -51.92 105.24 6.19
N ASN Q 260 -52.70 104.19 6.45
CA ASN Q 260 -54.14 104.36 6.62
C ASN Q 260 -54.48 105.17 7.86
N GLN Q 261 -53.59 105.16 8.86
CA GLN Q 261 -53.90 105.81 10.13
C GLN Q 261 -53.80 107.32 10.07
N THR Q 262 -53.15 107.86 9.05
CA THR Q 262 -52.92 109.30 8.97
C THR Q 262 -54.20 110.15 8.96
N PRO Q 263 -55.23 109.86 8.15
CA PRO Q 263 -56.37 110.79 8.06
C PRO Q 263 -57.09 111.07 9.37
N GLN Q 264 -57.14 110.11 10.30
CA GLN Q 264 -57.93 110.30 11.50
C GLN Q 264 -57.39 111.41 12.40
N THR Q 265 -56.13 111.82 12.19
CA THR Q 265 -55.58 112.94 12.95
C THR Q 265 -56.37 114.22 12.73
N ILE Q 266 -57.04 114.35 11.58
CA ILE Q 266 -57.87 115.51 11.30
C ILE Q 266 -59.00 115.64 12.32
N LEU Q 267 -59.43 114.51 12.90
CA LEU Q 267 -60.48 114.55 13.90
C LEU Q 267 -60.06 115.39 15.10
N SER Q 268 -58.76 115.46 15.38
CA SER Q 268 -58.27 116.29 16.48
C SER Q 268 -58.44 117.77 16.21
N LEU Q 269 -58.58 118.18 14.94
CA LEU Q 269 -58.70 119.60 14.63
C LEU Q 269 -59.96 120.21 15.22
N PHE Q 270 -61.01 119.41 15.40
CA PHE Q 270 -62.26 119.91 15.97
C PHE Q 270 -62.42 119.47 17.42
N LEU R 1 24.01 12.25 -17.45
CA LEU R 1 24.48 10.93 -17.09
C LEU R 1 23.32 9.93 -17.07
N ASN R 2 22.24 10.29 -16.39
CA ASN R 2 21.01 9.50 -16.50
C ASN R 2 20.51 9.55 -17.95
N SER R 3 20.11 8.40 -18.47
CA SER R 3 19.78 8.30 -19.89
C SER R 3 18.84 7.11 -20.07
N ILE R 4 17.55 7.40 -20.25
CA ILE R 4 16.59 6.32 -20.44
C ILE R 4 16.62 5.80 -21.88
N ASN R 5 17.21 6.57 -22.80
CA ASN R 5 17.22 6.17 -24.19
C ASN R 5 18.03 4.90 -24.39
N THR R 6 19.36 5.01 -24.43
CA THR R 6 20.22 3.84 -24.52
C THR R 6 21.38 3.97 -23.54
N ASN R 7 21.69 2.88 -22.84
CA ASN R 7 22.82 2.85 -21.91
C ASN R 7 23.98 2.10 -22.54
N PRO R 8 25.16 2.71 -22.64
CA PRO R 8 26.29 2.04 -23.29
C PRO R 8 26.70 0.72 -22.62
N GLY R 9 26.52 0.59 -21.31
CA GLY R 9 27.01 -0.59 -20.62
C GLY R 9 26.40 -1.88 -21.10
N ALA R 10 25.11 -1.86 -21.45
CA ALA R 10 24.50 -3.05 -22.04
C ALA R 10 25.12 -3.36 -23.39
N LEU R 11 25.50 -2.32 -24.14
CA LEU R 11 26.15 -2.54 -25.43
C LEU R 11 27.50 -3.22 -25.25
N LEU R 12 28.29 -2.74 -24.29
CA LEU R 12 29.59 -3.35 -24.05
C LEU R 12 29.46 -4.77 -23.50
N ALA R 13 28.44 -5.02 -22.67
CA ALA R 13 28.24 -6.37 -22.15
C ALA R 13 27.83 -7.32 -23.26
N LEU R 14 26.97 -6.87 -24.17
CA LEU R 14 26.61 -7.68 -25.33
C LEU R 14 27.80 -7.92 -26.23
N GLN R 15 28.69 -6.93 -26.36
CA GLN R 15 29.88 -7.10 -27.18
C GLN R 15 30.79 -8.17 -26.61
N ASN R 16 31.01 -8.12 -25.29
CA ASN R 16 31.80 -9.18 -24.66
C ASN R 16 31.13 -10.53 -24.75
N LEU R 17 29.80 -10.58 -24.67
CA LEU R 17 29.11 -11.86 -24.74
C LEU R 17 29.25 -12.49 -26.13
N ASN R 18 29.02 -11.70 -27.17
CA ASN R 18 29.19 -12.22 -28.53
C ASN R 18 30.64 -12.58 -28.80
N SER R 19 31.58 -11.81 -28.25
CA SER R 19 33.00 -12.15 -28.41
C SER R 19 33.34 -13.48 -27.73
N THR R 20 32.71 -13.77 -26.59
CA THR R 20 32.88 -15.10 -26.00
C THR R 20 32.22 -16.17 -26.85
N ASN R 21 31.07 -15.84 -27.45
CA ASN R 21 30.34 -16.83 -28.25
C ASN R 21 31.10 -17.23 -29.50
N THR R 22 31.86 -16.30 -30.09
CA THR R 22 32.62 -16.66 -31.28
C THR R 22 33.74 -17.64 -30.95
N GLU R 23 34.49 -17.38 -29.87
CA GLU R 23 35.50 -18.33 -29.45
C GLU R 23 34.89 -19.65 -29.00
N LEU R 24 33.69 -19.61 -28.44
CA LEU R 24 33.02 -20.85 -28.05
C LEU R 24 32.68 -21.69 -29.28
N ALA R 25 32.15 -21.05 -30.33
CA ALA R 25 31.86 -21.79 -31.56
C ALA R 25 33.15 -22.32 -32.20
N ALA R 26 34.23 -21.55 -32.12
CA ALA R 26 35.50 -22.02 -32.68
C ALA R 26 36.01 -23.23 -31.92
N THR R 27 35.92 -23.21 -30.59
CA THR R 27 36.34 -24.36 -29.80
C THR R 27 35.43 -25.55 -30.03
N GLN R 28 34.14 -25.32 -30.23
CA GLN R 28 33.22 -26.43 -30.48
C GLN R 28 33.50 -27.08 -31.82
N GLY R 29 33.89 -26.29 -32.83
CA GLY R 29 34.30 -26.87 -34.09
C GLY R 29 35.62 -27.60 -33.98
N ARG R 30 36.54 -27.06 -33.17
CA ARG R 30 37.81 -27.75 -32.94
C ARG R 30 37.58 -29.08 -32.22
N ILE R 31 36.53 -29.16 -31.41
CA ILE R 31 36.27 -30.38 -30.66
C ILE R 31 35.57 -31.41 -31.54
N ASN R 32 34.50 -31.02 -32.23
CA ASN R 32 33.76 -31.99 -33.01
C ASN R 32 34.52 -32.46 -34.24
N THR R 33 35.41 -31.63 -34.80
CA THR R 33 36.23 -32.10 -35.91
C THR R 33 37.43 -32.91 -35.43
N GLY R 34 37.96 -32.58 -34.26
CA GLY R 34 39.14 -33.27 -33.76
C GLY R 34 40.45 -32.75 -34.31
N LYS R 35 40.42 -31.71 -35.15
CA LYS R 35 41.60 -31.14 -35.76
C LYS R 35 41.68 -29.66 -35.42
N LYS R 36 42.89 -29.17 -35.19
CA LYS R 36 43.05 -27.75 -34.89
C LYS R 36 43.08 -26.89 -36.14
N VAL R 37 43.12 -27.50 -37.32
CA VAL R 37 43.02 -26.79 -38.60
C VAL R 37 42.11 -27.59 -39.52
N ALA R 38 40.85 -27.75 -39.10
CA ALA R 38 39.95 -28.67 -39.79
C ALA R 38 39.63 -28.22 -41.22
N ASN R 39 39.71 -26.92 -41.50
CA ASN R 39 39.32 -26.42 -42.80
C ASN R 39 40.17 -25.19 -43.14
N ALA R 40 40.01 -24.72 -44.38
CA ALA R 40 40.84 -23.62 -44.86
C ALA R 40 40.63 -22.33 -44.08
N LYS R 41 39.47 -22.16 -43.44
CA LYS R 41 39.25 -20.94 -42.66
C LYS R 41 40.22 -20.82 -41.49
N ASP R 42 40.64 -21.94 -40.92
CA ASP R 42 41.46 -21.90 -39.71
C ASP R 42 42.88 -21.44 -40.00
N ASN R 43 43.51 -22.00 -41.03
CA ASN R 43 44.89 -21.65 -41.37
C ASN R 43 45.22 -22.21 -42.74
N GLY R 44 45.38 -21.34 -43.74
CA GLY R 44 45.49 -21.81 -45.12
C GLY R 44 46.79 -22.54 -45.41
N ALA R 45 47.89 -22.09 -44.83
CA ALA R 45 49.19 -22.66 -45.16
C ALA R 45 49.29 -24.11 -44.69
N ILE R 46 49.04 -24.34 -43.40
CA ILE R 46 49.12 -25.69 -42.87
C ILE R 46 48.03 -26.56 -43.47
N TRP R 47 46.87 -25.99 -43.78
CA TRP R 47 45.80 -26.80 -44.37
C TRP R 47 46.17 -27.27 -45.78
N SER R 48 46.75 -26.38 -46.60
CA SER R 48 47.17 -26.80 -47.93
C SER R 48 48.31 -27.79 -47.85
N MET R 49 49.25 -27.56 -46.92
CA MET R 49 50.34 -28.51 -46.72
C MET R 49 49.80 -29.87 -46.29
N ALA R 50 48.76 -29.87 -45.47
CA ALA R 50 48.20 -31.12 -44.97
C ALA R 50 47.44 -31.85 -46.07
N LYS R 51 46.68 -31.14 -46.88
CA LYS R 51 45.98 -31.79 -47.98
C LYS R 51 46.95 -32.35 -49.01
N MET R 52 48.03 -31.62 -49.28
CA MET R 52 49.02 -32.11 -50.23
C MET R 52 49.73 -33.36 -49.70
N GLN R 53 50.20 -33.28 -48.44
CA GLN R 53 50.90 -34.42 -47.87
C GLN R 53 49.95 -35.60 -47.66
N SER R 54 48.67 -35.34 -47.44
CA SER R 54 47.71 -36.42 -47.24
C SER R 54 47.40 -37.12 -48.55
N ALA R 55 47.26 -36.35 -49.65
CA ALA R 55 47.12 -36.99 -50.95
C ALA R 55 48.37 -37.78 -51.30
N THR R 56 49.54 -37.27 -50.90
CA THR R 56 50.77 -38.01 -51.14
C THR R 56 50.78 -39.33 -50.37
N ALA R 57 50.42 -39.28 -49.08
CA ALA R 57 50.40 -40.50 -48.27
C ALA R 57 49.36 -41.48 -48.75
N SER R 58 48.22 -40.98 -49.24
CA SER R 58 47.19 -41.85 -49.80
C SER R 58 47.58 -42.43 -51.14
N SER R 59 48.52 -41.79 -51.84
CA SER R 59 48.99 -42.31 -53.12
C SER R 59 49.71 -43.64 -52.99
N LEU R 60 50.26 -43.96 -51.82
CA LEU R 60 51.05 -45.18 -51.66
C LEU R 60 50.23 -46.45 -51.61
N ASN R 61 48.90 -46.36 -51.45
CA ASN R 61 48.09 -47.57 -51.45
C ASN R 61 48.13 -48.28 -52.80
N SER R 62 48.02 -47.51 -53.89
CA SER R 62 48.16 -48.10 -55.21
C SER R 62 49.57 -48.64 -55.43
N VAL R 63 50.58 -47.99 -54.85
CA VAL R 63 51.95 -48.48 -54.97
C VAL R 63 52.08 -49.83 -54.30
N LYS R 64 51.51 -49.97 -53.10
CA LYS R 64 51.56 -51.25 -52.40
C LYS R 64 50.79 -52.32 -53.17
N ASP R 65 49.67 -51.94 -53.80
CA ASP R 65 48.92 -52.91 -54.58
C ASP R 65 49.72 -53.39 -55.77
N SER R 66 50.40 -52.49 -56.46
CA SER R 66 51.22 -52.89 -57.60
C SER R 66 52.41 -53.73 -57.17
N LEU R 67 53.02 -53.39 -56.04
CA LEU R 67 54.12 -54.21 -55.54
C LEU R 67 53.64 -55.60 -55.15
N GLN R 68 52.42 -55.71 -54.63
CA GLN R 68 51.85 -57.01 -54.30
C GLN R 68 51.58 -57.82 -55.58
N ARG R 69 51.06 -57.17 -56.61
CA ARG R 69 50.85 -57.87 -57.86
C ARG R 69 52.17 -58.35 -58.47
N GLY R 70 53.23 -57.55 -58.32
CA GLY R 70 54.52 -57.97 -58.85
C GLY R 70 55.13 -59.11 -58.08
N GLN R 71 55.02 -59.09 -56.74
CA GLN R 71 55.52 -60.21 -55.98
C GLN R 71 54.72 -61.47 -56.24
N SER R 72 53.41 -61.34 -56.49
CA SER R 72 52.62 -62.51 -56.86
C SER R 72 53.05 -63.07 -58.22
N THR R 73 53.37 -62.19 -59.17
CA THR R 73 53.85 -62.65 -60.46
C THR R 73 55.17 -63.39 -60.31
N ILE R 74 56.10 -62.84 -59.54
CA ILE R 74 57.38 -63.51 -59.36
C ILE R 74 57.21 -64.81 -58.57
N ASP R 75 56.20 -64.87 -57.69
CA ASP R 75 55.93 -66.12 -57.00
C ASP R 75 55.48 -67.21 -57.97
N VAL R 76 54.58 -66.85 -58.89
CA VAL R 76 54.17 -67.83 -59.89
C VAL R 76 55.36 -68.23 -60.77
N ALA R 77 56.24 -67.27 -61.06
CA ALA R 77 57.40 -67.57 -61.90
C ALA R 77 58.34 -68.56 -61.23
N LEU R 78 58.65 -68.34 -59.95
CA LEU R 78 59.50 -69.28 -59.21
C LEU R 78 58.82 -70.62 -59.00
N ALA R 79 57.49 -70.62 -58.82
CA ALA R 79 56.78 -71.88 -58.64
C ALA R 79 56.84 -72.73 -59.89
N ALA R 80 56.87 -72.11 -61.07
CA ALA R 80 57.11 -72.89 -62.28
C ALA R 80 58.59 -73.19 -62.49
N GLY R 81 59.48 -72.32 -62.03
CA GLY R 81 60.90 -72.53 -62.26
C GLY R 81 61.47 -73.68 -61.45
N ASP R 82 60.83 -74.01 -60.33
CA ASP R 82 61.24 -75.20 -59.60
C ASP R 82 61.08 -76.46 -60.46
N THR R 83 59.90 -76.62 -61.06
CA THR R 83 59.68 -77.73 -61.99
C THR R 83 60.58 -77.60 -63.22
N ILE R 84 60.90 -76.37 -63.62
CA ILE R 84 61.79 -76.17 -64.76
C ILE R 84 63.16 -76.79 -64.47
N THR R 85 63.73 -76.45 -63.30
CA THR R 85 65.03 -76.99 -62.93
C THR R 85 64.98 -78.50 -62.71
N ASP R 86 63.88 -79.01 -62.16
CA ASP R 86 63.77 -80.45 -61.96
C ASP R 86 63.76 -81.19 -63.30
N LEU R 87 63.00 -80.68 -64.27
CA LEU R 87 62.99 -81.28 -65.59
C LEU R 87 64.33 -81.16 -66.29
N LEU R 88 65.05 -80.06 -66.06
CA LEU R 88 66.38 -79.94 -66.67
C LEU R 88 67.35 -80.95 -66.08
N THR R 89 67.29 -81.20 -64.78
CA THR R 89 68.17 -82.19 -64.19
C THR R 89 67.84 -83.60 -64.67
N LYS R 90 66.54 -83.92 -64.73
CA LYS R 90 66.15 -85.24 -65.23
C LYS R 90 66.52 -85.40 -66.70
N MET R 91 66.46 -84.31 -67.46
CA MET R 91 66.87 -84.35 -68.87
C MET R 91 68.36 -84.59 -69.00
N LYS R 92 69.17 -83.97 -68.14
CA LYS R 92 70.60 -84.23 -68.19
C LYS R 92 70.90 -85.68 -67.83
N GLU R 93 70.16 -86.24 -66.88
CA GLU R 93 70.37 -87.65 -66.54
C GLU R 93 69.97 -88.57 -67.69
N LYS R 94 68.85 -88.28 -68.35
CA LYS R 94 68.45 -89.09 -69.49
C LYS R 94 69.44 -88.96 -70.65
N ALA R 95 70.02 -87.77 -70.84
CA ALA R 95 71.01 -87.60 -71.89
C ALA R 95 72.29 -88.38 -71.57
N LEU R 96 72.71 -88.37 -70.31
CA LEU R 96 73.89 -89.16 -69.94
C LEU R 96 73.62 -90.64 -70.09
N ALA R 97 72.40 -91.08 -69.79
CA ALA R 97 72.05 -92.48 -70.02
C ALA R 97 72.06 -92.82 -71.50
N ALA R 98 71.66 -91.86 -72.34
CA ALA R 98 71.65 -92.10 -73.79
C ALA R 98 73.05 -92.02 -74.41
N SER R 99 73.99 -91.35 -73.75
CA SER R 99 75.28 -91.10 -74.39
C SER R 99 76.11 -92.37 -74.57
N ASP R 100 75.87 -93.39 -73.75
CA ASP R 100 76.72 -94.58 -73.79
C ASP R 100 76.54 -95.34 -75.10
N THR R 101 77.67 -95.79 -75.66
CA THR R 101 77.67 -96.41 -76.99
C THR R 101 77.05 -97.80 -76.98
N SER R 102 77.10 -98.49 -75.84
CA SER R 102 76.78 -99.91 -75.79
C SER R 102 75.30 -100.23 -75.97
N LEU R 103 74.41 -99.26 -75.76
CA LEU R 103 72.99 -99.54 -75.73
C LEU R 103 72.47 -99.97 -77.10
N ASN R 104 71.50 -100.87 -77.09
CA ASN R 104 70.76 -101.26 -78.28
C ASN R 104 69.80 -100.15 -78.71
N THR R 105 69.43 -100.18 -79.99
CA THR R 105 68.70 -99.06 -80.58
C THR R 105 67.35 -98.84 -79.90
N ALA R 106 66.74 -99.90 -79.38
CA ALA R 106 65.43 -99.76 -78.75
C ALA R 106 65.51 -98.92 -77.48
N SER R 107 66.51 -99.18 -76.63
CA SER R 107 66.68 -98.37 -75.42
C SER R 107 67.04 -96.94 -75.77
N PHE R 108 67.78 -96.74 -76.87
CA PHE R 108 68.11 -95.38 -77.27
C PHE R 108 66.86 -94.63 -77.73
N ASN R 109 65.98 -95.32 -78.47
CA ASN R 109 64.72 -94.70 -78.88
C ASN R 109 63.84 -94.40 -77.67
N ALA R 110 63.88 -95.25 -76.65
CA ALA R 110 63.09 -95.00 -75.46
C ALA R 110 63.60 -93.79 -74.70
N LEU R 111 64.93 -93.67 -74.55
CA LEU R 111 65.49 -92.50 -73.91
C LEU R 111 65.23 -91.23 -74.72
N LYS R 112 65.21 -91.36 -76.05
CA LYS R 112 64.91 -90.21 -76.90
C LYS R 112 63.46 -89.75 -76.71
N ALA R 113 62.53 -90.71 -76.67
CA ALA R 113 61.13 -90.34 -76.47
C ALA R 113 60.90 -89.74 -75.10
N ASP R 114 61.58 -90.28 -74.07
CA ASP R 114 61.45 -89.70 -72.74
C ASP R 114 62.03 -88.30 -72.69
N PHE R 115 63.15 -88.07 -73.37
CA PHE R 115 63.76 -86.75 -73.36
C PHE R 115 62.87 -85.74 -74.08
N GLU R 116 62.25 -86.16 -75.18
CA GLU R 116 61.34 -85.26 -75.89
C GLU R 116 60.09 -84.96 -75.07
N SER R 117 59.58 -85.96 -74.34
CA SER R 117 58.43 -85.69 -73.48
C SER R 117 58.78 -84.74 -72.35
N LEU R 118 59.98 -84.90 -71.78
CA LEU R 118 60.42 -83.96 -70.77
C LEU R 118 60.58 -82.55 -71.34
N ARG R 119 61.05 -82.45 -72.59
CA ARG R 119 61.18 -81.14 -73.22
C ARG R 119 59.82 -80.50 -73.43
N ASP R 120 58.80 -81.31 -73.75
CA ASP R 120 57.46 -80.78 -73.98
C ASP R 120 56.83 -80.28 -72.69
N GLN R 121 56.89 -81.09 -71.62
CA GLN R 121 56.40 -80.59 -70.34
C GLN R 121 57.24 -79.43 -69.84
N LEU R 122 58.51 -79.37 -70.23
CA LEU R 122 59.35 -78.22 -69.89
C LEU R 122 58.79 -76.94 -70.51
N GLN R 123 58.48 -76.99 -71.81
CA GLN R 123 57.91 -75.81 -72.47
C GLN R 123 56.55 -75.47 -71.91
N LYS R 124 55.76 -76.48 -71.53
CA LYS R 124 54.44 -76.19 -70.99
C LYS R 124 54.53 -75.53 -69.61
N ALA R 125 55.40 -76.03 -68.74
CA ALA R 125 55.60 -75.39 -67.44
C ALA R 125 56.18 -74.00 -67.61
N ALA R 126 56.97 -73.78 -68.66
CA ALA R 126 57.50 -72.44 -68.90
C ALA R 126 56.41 -71.48 -69.34
N THR R 127 55.53 -71.91 -70.25
CA THR R 127 54.52 -71.01 -70.79
C THR R 127 53.30 -70.85 -69.89
N ASN R 128 53.09 -71.72 -68.91
CA ASN R 128 51.93 -71.59 -68.03
C ASN R 128 52.18 -70.68 -66.83
N ALA R 129 53.39 -70.16 -66.67
CA ALA R 129 53.74 -69.38 -65.48
C ALA R 129 53.36 -67.91 -65.68
N LYS R 130 52.06 -67.64 -65.61
CA LYS R 130 51.57 -66.28 -65.81
C LYS R 130 50.50 -65.95 -64.79
N PHE R 131 50.48 -64.69 -64.37
CA PHE R 131 49.52 -64.17 -63.39
C PHE R 131 48.81 -62.98 -64.00
N ASN R 132 47.48 -63.02 -64.03
CA ASN R 132 46.63 -62.02 -64.66
C ASN R 132 46.98 -61.83 -66.14
N GLY R 133 47.43 -62.89 -66.81
CA GLY R 133 47.78 -62.82 -68.21
C GLY R 133 49.19 -62.31 -68.50
N VAL R 134 49.97 -62.02 -67.46
CA VAL R 134 51.31 -61.44 -67.64
C VAL R 134 52.31 -62.35 -66.92
N SER R 135 53.50 -62.47 -67.49
CA SER R 135 54.42 -63.50 -67.03
C SER R 135 55.86 -63.01 -67.15
N LEU R 136 56.72 -63.61 -66.31
CA LEU R 136 58.16 -63.39 -66.36
C LEU R 136 58.93 -64.61 -66.81
N ALA R 137 58.27 -65.72 -67.14
CA ALA R 137 58.94 -66.97 -67.45
C ALA R 137 58.94 -67.31 -68.94
N ASP R 138 57.85 -67.04 -69.66
CA ASP R 138 57.77 -67.45 -71.06
C ASP R 138 58.58 -66.53 -71.98
N GLY R 139 59.01 -65.37 -71.48
CA GLY R 139 59.74 -64.44 -72.32
C GLY R 139 58.88 -63.61 -73.24
N SER R 140 57.57 -63.59 -73.04
CA SER R 140 56.67 -62.83 -73.90
C SER R 140 56.95 -61.34 -73.87
N THR R 141 57.50 -60.82 -72.77
CA THR R 141 57.82 -59.40 -72.67
C THR R 141 59.21 -59.24 -72.09
N THR R 142 59.88 -58.15 -72.49
CA THR R 142 61.26 -57.93 -72.08
C THR R 142 61.39 -57.67 -70.58
N LYS R 143 60.39 -57.04 -69.97
CA LYS R 143 60.47 -56.68 -68.56
C LYS R 143 59.10 -56.19 -68.09
N LEU R 144 58.96 -56.09 -66.77
CA LEU R 144 57.79 -55.48 -66.15
C LEU R 144 58.20 -54.38 -65.19
N SER R 145 57.38 -53.34 -65.12
CA SER R 145 57.58 -52.23 -64.20
C SER R 145 56.49 -52.26 -63.14
N PHE R 146 56.82 -51.75 -61.96
CA PHE R 146 55.88 -51.68 -60.85
C PHE R 146 56.15 -50.43 -60.04
N LEU R 147 55.09 -49.88 -59.45
CA LEU R 147 55.19 -48.57 -58.82
C LEU R 147 56.18 -48.58 -57.66
N ALA R 148 56.90 -47.49 -57.52
CA ALA R 148 57.78 -47.26 -56.39
C ALA R 148 57.49 -45.98 -55.61
N ASN R 149 57.05 -44.91 -56.27
CA ASN R 149 56.80 -43.62 -55.64
C ASN R 149 55.39 -43.17 -55.98
N GLU R 150 54.96 -42.10 -55.32
CA GLU R 150 53.73 -41.41 -55.70
C GLU R 150 53.88 -40.61 -56.98
N ASP R 151 55.11 -40.39 -57.43
CA ASP R 151 55.40 -39.67 -58.67
C ASP R 151 55.31 -40.56 -59.89
N GLY R 152 55.01 -41.85 -59.72
CA GLY R 152 54.98 -42.77 -60.83
C GLY R 152 56.28 -43.45 -61.15
N SER R 153 57.32 -43.24 -60.34
CA SER R 153 58.57 -43.97 -60.53
C SER R 153 58.32 -45.46 -60.40
N ASN R 154 58.97 -46.24 -61.26
CA ASN R 154 58.66 -47.65 -61.41
C ASN R 154 59.82 -48.52 -60.95
N PHE R 155 59.55 -49.38 -59.97
CA PHE R 155 60.39 -50.55 -59.77
C PHE R 155 60.27 -51.45 -61.00
N THR R 156 61.42 -51.95 -61.48
CA THR R 156 61.46 -52.66 -62.75
C THR R 156 62.18 -53.99 -62.55
N VAL R 157 61.41 -55.07 -62.50
CA VAL R 157 61.96 -56.42 -62.53
C VAL R 157 62.28 -56.78 -63.98
N THR R 158 63.48 -57.27 -64.22
CA THR R 158 63.81 -57.80 -65.54
C THR R 158 63.11 -59.14 -65.73
N ALA R 159 62.69 -59.41 -66.96
CA ALA R 159 62.14 -60.72 -67.28
C ALA R 159 63.27 -61.73 -67.38
N GLN R 160 62.95 -62.98 -67.03
CA GLN R 160 63.91 -64.08 -67.09
C GLN R 160 63.24 -65.23 -67.83
N THR R 161 63.49 -65.32 -69.13
CA THR R 161 62.81 -66.31 -69.95
C THR R 161 63.19 -67.72 -69.50
N LEU R 162 62.19 -68.58 -69.36
CA LEU R 162 62.40 -69.97 -68.99
C LEU R 162 61.93 -70.93 -70.07
N SER R 163 61.48 -70.41 -71.22
CA SER R 163 61.11 -71.24 -72.34
C SER R 163 62.37 -71.84 -72.97
N LEU R 164 62.17 -72.94 -73.72
CA LEU R 164 63.30 -73.65 -74.29
C LEU R 164 64.16 -72.77 -75.18
N THR R 165 63.54 -71.79 -75.86
CA THR R 165 64.33 -70.88 -76.69
C THR R 165 65.27 -70.03 -75.87
N GLY R 166 64.88 -69.67 -74.65
CA GLY R 166 65.68 -68.80 -73.81
C GLY R 166 66.76 -69.46 -72.98
N ILE R 167 66.76 -70.79 -72.88
CA ILE R 167 67.71 -71.50 -72.05
C ILE R 167 68.83 -72.12 -72.89
N GLY R 168 69.00 -71.65 -74.12
CA GLY R 168 70.01 -72.20 -75.01
C GLY R 168 69.58 -73.42 -75.80
N LEU R 169 68.32 -73.84 -75.67
CA LEU R 169 67.79 -74.97 -76.41
C LEU R 169 66.83 -74.49 -77.49
N THR R 170 66.20 -75.46 -78.15
CA THR R 170 65.15 -75.19 -79.13
C THR R 170 64.02 -76.18 -78.90
N ALA R 171 62.85 -75.84 -79.42
CA ALA R 171 61.67 -76.68 -79.22
C ALA R 171 61.83 -78.06 -79.87
N THR R 172 62.58 -78.17 -80.96
CA THR R 172 62.76 -79.42 -81.68
C THR R 172 64.00 -80.18 -81.22
N SER R 173 64.85 -79.58 -80.37
CA SER R 173 66.16 -80.14 -80.08
C SER R 173 66.06 -81.54 -79.49
N THR R 174 66.89 -82.44 -79.98
CA THR R 174 66.98 -83.82 -79.50
C THR R 174 68.25 -84.46 -80.06
N PHE R 175 68.80 -85.40 -79.29
CA PHE R 175 69.96 -86.17 -79.72
C PHE R 175 69.55 -87.26 -80.71
N THR R 176 70.49 -87.59 -81.60
CA THR R 176 70.27 -88.62 -82.61
C THR R 176 71.21 -89.81 -82.48
N ASP R 177 72.45 -89.61 -82.04
CA ASP R 177 73.39 -90.71 -81.86
C ASP R 177 74.16 -90.47 -80.57
N ALA R 178 75.14 -91.33 -80.31
CA ALA R 178 75.95 -91.20 -79.10
C ALA R 178 76.74 -89.89 -79.09
N ALA R 179 77.17 -89.42 -80.27
CA ALA R 179 77.95 -88.19 -80.31
C ALA R 179 77.07 -86.97 -80.08
N THR R 180 75.88 -86.93 -80.70
CA THR R 180 74.96 -85.84 -80.44
C THR R 180 74.52 -85.85 -78.98
N ALA R 181 74.37 -87.04 -78.39
CA ALA R 181 74.03 -87.11 -76.98
C ALA R 181 75.16 -86.61 -76.10
N LYS R 182 76.41 -86.92 -76.48
CA LYS R 182 77.55 -86.44 -75.69
C LYS R 182 77.70 -84.92 -75.80
N THR R 183 77.35 -84.33 -76.94
CA THR R 183 77.34 -82.88 -77.03
C THR R 183 76.18 -82.27 -76.25
N MET R 184 75.02 -82.94 -76.28
CA MET R 184 73.88 -82.49 -75.50
C MET R 184 74.13 -82.59 -74.02
N ILE R 185 75.08 -83.44 -73.60
CA ILE R 185 75.52 -83.43 -72.20
C ILE R 185 75.89 -82.01 -71.78
N ALA R 186 76.92 -81.45 -72.42
CA ALA R 186 77.35 -80.09 -72.09
C ALA R 186 76.29 -79.06 -72.44
N THR R 187 75.48 -79.30 -73.48
CA THR R 187 74.44 -78.34 -73.83
C THR R 187 73.41 -78.22 -72.71
N ILE R 188 72.89 -79.35 -72.24
CA ILE R 188 71.92 -79.35 -71.15
C ILE R 188 72.57 -78.89 -69.85
N THR R 189 73.86 -79.13 -69.67
CA THR R 189 74.54 -78.61 -68.49
C THR R 189 74.54 -77.09 -68.49
N THR R 190 74.89 -76.48 -69.61
CA THR R 190 74.85 -75.02 -69.72
C THR R 190 73.42 -74.50 -69.60
N SER R 191 72.44 -75.24 -70.11
CA SER R 191 71.05 -74.81 -69.98
C SER R 191 70.60 -74.84 -68.52
N LEU R 192 70.98 -75.88 -67.77
CA LEU R 192 70.64 -75.93 -66.36
C LEU R 192 71.34 -74.81 -65.59
N GLN R 193 72.57 -74.48 -65.98
CA GLN R 193 73.29 -73.41 -65.32
C GLN R 193 72.60 -72.06 -65.54
N THR R 194 72.27 -71.75 -66.79
CA THR R 194 71.62 -70.48 -67.06
C THR R 194 70.22 -70.44 -66.44
N ALA R 195 69.54 -71.58 -66.34
CA ALA R 195 68.22 -71.59 -65.72
C ALA R 195 68.31 -71.30 -64.22
N THR R 196 69.28 -71.92 -63.54
CA THR R 196 69.44 -71.62 -62.13
C THR R 196 69.86 -70.17 -61.92
N ASN R 197 70.66 -69.61 -62.84
CA ASN R 197 71.03 -68.21 -62.70
C ASN R 197 69.82 -67.29 -62.89
N LYS R 198 68.95 -67.61 -63.85
CA LYS R 198 67.76 -66.79 -64.06
C LYS R 198 66.82 -66.89 -62.88
N LEU R 199 66.66 -68.08 -62.30
CA LEU R 199 65.82 -68.19 -61.11
C LEU R 199 66.42 -67.47 -59.91
N SER R 200 67.75 -67.45 -59.80
CA SER R 200 68.37 -66.70 -58.72
C SER R 200 68.15 -65.21 -58.88
N SER R 201 68.20 -64.72 -60.13
CA SER R 201 67.89 -63.32 -60.37
C SER R 201 66.42 -63.00 -60.09
N LEU R 202 65.52 -63.94 -60.40
CA LEU R 202 64.11 -63.73 -60.10
C LEU R 202 63.88 -63.68 -58.59
N GLY R 203 64.60 -64.51 -57.84
CA GLY R 203 64.47 -64.47 -56.39
C GLY R 203 65.04 -63.20 -55.80
N THR R 204 66.15 -62.70 -56.37
CA THR R 204 66.69 -61.43 -55.92
C THR R 204 65.71 -60.29 -56.19
N SER R 205 65.05 -60.31 -57.35
CA SER R 205 64.05 -59.28 -57.62
C SER R 205 62.87 -59.39 -56.68
N SER R 206 62.48 -60.61 -56.30
CA SER R 206 61.40 -60.76 -55.33
C SER R 206 61.79 -60.23 -53.96
N VAL R 207 63.06 -60.45 -53.56
CA VAL R 207 63.53 -59.94 -52.28
C VAL R 207 63.52 -58.41 -52.31
N GLY R 208 63.92 -57.83 -53.43
CA GLY R 208 63.88 -56.38 -53.55
C GLY R 208 62.47 -55.83 -53.53
N LEU R 209 61.53 -56.55 -54.15
CA LEU R 209 60.14 -56.11 -54.14
C LEU R 209 59.58 -56.14 -52.72
N ASP R 210 59.89 -57.19 -51.96
CA ASP R 210 59.39 -57.27 -50.59
C ASP R 210 60.01 -56.19 -49.71
N THR R 211 61.31 -55.93 -49.88
CA THR R 211 61.95 -54.89 -49.09
C THR R 211 61.39 -53.52 -49.42
N HIS R 212 61.14 -53.25 -50.71
CA HIS R 212 60.54 -51.98 -51.08
C HIS R 212 59.13 -51.85 -50.55
N LEU R 213 58.37 -52.96 -50.50
CA LEU R 213 57.02 -52.89 -49.95
C LEU R 213 57.05 -52.57 -48.46
N THR R 214 58.00 -53.15 -47.73
CA THR R 214 58.11 -52.85 -46.31
C THR R 214 58.49 -51.39 -46.09
N PHE R 215 59.44 -50.90 -46.90
CA PHE R 215 59.84 -49.50 -46.77
C PHE R 215 58.70 -48.57 -47.13
N VAL R 216 57.88 -48.96 -48.11
CA VAL R 216 56.73 -48.13 -48.49
C VAL R 216 55.72 -48.07 -47.37
N GLY R 217 55.50 -49.19 -46.68
CA GLY R 217 54.55 -49.18 -45.58
C GLY R 217 55.02 -48.32 -44.41
N LYS R 218 56.33 -48.41 -44.13
CA LYS R 218 56.91 -47.55 -43.09
C LYS R 218 56.84 -46.08 -43.48
N LEU R 219 57.12 -45.77 -44.74
CA LEU R 219 57.03 -44.40 -45.19
C LEU R 219 55.60 -43.90 -45.08
N GLN R 220 54.62 -44.77 -45.33
CA GLN R 220 53.24 -44.32 -45.33
C GLN R 220 52.74 -44.04 -43.93
N ASP R 221 52.98 -44.95 -42.97
CA ASP R 221 52.48 -44.63 -41.63
C ASP R 221 53.28 -43.48 -41.02
N SER R 222 54.55 -43.30 -41.42
CA SER R 222 55.27 -42.13 -40.95
C SER R 222 54.69 -40.83 -41.53
N LEU R 223 54.30 -40.85 -42.80
CA LEU R 223 53.68 -39.66 -43.39
C LEU R 223 52.34 -39.36 -42.73
N ASP R 224 51.57 -40.41 -42.39
CA ASP R 224 50.32 -40.18 -41.67
C ASP R 224 50.58 -39.64 -40.27
N ALA R 225 51.65 -40.10 -39.61
CA ALA R 225 51.99 -39.56 -38.30
C ALA R 225 52.37 -38.09 -38.41
N GLY R 226 53.06 -37.71 -39.50
CA GLY R 226 53.40 -36.31 -39.67
C GLY R 226 52.19 -35.45 -39.99
N VAL R 227 51.25 -35.98 -40.76
CA VAL R 227 50.02 -35.22 -41.01
C VAL R 227 49.24 -35.06 -39.72
N GLY R 228 49.27 -36.06 -38.85
CA GLY R 228 48.61 -35.92 -37.57
C GLY R 228 49.31 -34.93 -36.67
N ASN R 229 50.63 -34.84 -36.76
CA ASN R 229 51.34 -33.80 -35.96
C ASN R 229 50.61 -32.45 -36.05
N LEU R 230 50.80 -31.73 -37.17
CA LEU R 230 50.22 -30.37 -37.27
C LEU R 230 48.68 -30.31 -37.24
N VAL R 231 47.98 -31.19 -37.97
CA VAL R 231 46.48 -31.10 -38.05
C VAL R 231 45.80 -31.36 -36.71
N ASP R 232 46.28 -32.34 -35.93
CA ASP R 232 45.55 -32.76 -34.69
C ASP R 232 45.53 -31.69 -33.61
N ALA R 233 44.44 -31.62 -32.85
CA ALA R 233 44.35 -30.69 -31.71
C ALA R 233 44.22 -31.53 -30.45
N ASP R 234 45.02 -31.28 -29.40
CA ASP R 234 44.79 -32.11 -28.20
C ASP R 234 43.38 -31.79 -27.68
N LEU R 235 42.61 -32.82 -27.35
CA LEU R 235 41.24 -32.63 -26.81
C LEU R 235 41.31 -31.94 -25.44
N ALA R 236 42.29 -32.30 -24.61
CA ALA R 236 42.30 -31.79 -23.21
C ALA R 236 42.41 -30.26 -23.15
N LYS R 237 43.24 -29.64 -23.99
CA LYS R 237 43.27 -28.16 -23.96
C LYS R 237 41.88 -27.64 -24.37
N GLU R 238 41.28 -28.25 -25.38
CA GLU R 238 39.97 -27.79 -25.88
C GLU R 238 38.92 -27.97 -24.76
N SER R 239 39.00 -29.09 -24.03
CA SER R 239 38.03 -29.37 -22.95
C SER R 239 38.10 -28.28 -21.89
N ALA R 240 39.31 -27.95 -21.44
CA ALA R 240 39.49 -26.93 -20.41
C ALA R 240 39.05 -25.56 -20.91
N LYS R 241 39.39 -25.22 -22.15
CA LYS R 241 38.93 -23.97 -22.72
C LYS R 241 37.42 -23.96 -22.92
N LEU R 242 36.83 -25.11 -23.21
CA LEU R 242 35.37 -25.20 -23.30
C LEU R 242 34.75 -24.88 -21.95
N GLN R 243 35.32 -25.43 -20.87
CA GLN R 243 34.80 -25.17 -19.54
C GLN R 243 34.90 -23.68 -19.22
N SER R 244 36.08 -23.09 -19.50
CA SER R 244 36.28 -21.68 -19.18
C SER R 244 35.36 -20.78 -19.99
N LEU R 245 35.13 -21.12 -21.26
CA LEU R 245 34.29 -20.28 -22.11
C LEU R 245 32.82 -20.39 -21.73
N GLN R 246 32.32 -21.59 -21.41
CA GLN R 246 30.94 -21.66 -20.94
C GLN R 246 30.76 -20.95 -19.61
N THR R 247 31.78 -21.00 -18.73
CA THR R 247 31.66 -20.28 -17.46
C THR R 247 31.62 -18.77 -17.70
N LYS R 248 32.50 -18.28 -18.58
CA LYS R 248 32.50 -16.85 -18.86
C LYS R 248 31.24 -16.43 -19.61
N GLN R 249 30.66 -17.32 -20.41
CA GLN R 249 29.40 -16.99 -21.08
C GLN R 249 28.27 -16.86 -20.07
N GLN R 250 28.21 -17.76 -19.09
CA GLN R 250 27.20 -17.64 -18.05
C GLN R 250 27.38 -16.33 -17.29
N LEU R 251 28.63 -16.03 -16.92
CA LEU R 251 28.90 -14.78 -16.20
C LEU R 251 28.56 -13.57 -17.06
N GLY R 252 28.72 -13.69 -18.38
CA GLY R 252 28.38 -12.58 -19.26
C GLY R 252 26.88 -12.40 -19.40
N VAL R 253 26.12 -13.49 -19.37
CA VAL R 253 24.67 -13.36 -19.33
C VAL R 253 24.25 -12.65 -18.05
N GLN R 254 24.91 -12.96 -16.93
CA GLN R 254 24.58 -12.26 -15.69
C GLN R 254 24.93 -10.77 -15.79
N ALA R 255 26.10 -10.45 -16.36
CA ALA R 255 26.50 -9.07 -16.49
C ALA R 255 25.58 -8.30 -17.43
N LEU R 256 25.11 -8.94 -18.50
CA LEU R 256 24.17 -8.29 -19.40
C LEU R 256 22.84 -8.05 -18.70
N SER R 257 22.40 -9.00 -17.87
CA SER R 257 21.17 -8.78 -17.11
C SER R 257 21.33 -7.61 -16.14
N ILE R 258 22.51 -7.46 -15.55
CA ILE R 258 22.71 -6.35 -14.61
C ILE R 258 22.74 -5.02 -15.35
N ALA R 259 23.45 -4.96 -16.48
CA ALA R 259 23.50 -3.73 -17.25
C ALA R 259 22.12 -3.35 -17.76
N ASN R 260 21.30 -4.34 -18.09
CA ASN R 260 19.95 -4.06 -18.53
C ASN R 260 19.04 -3.63 -17.37
N GLN R 261 19.32 -4.15 -16.16
CA GLN R 261 18.58 -3.68 -15.00
C GLN R 261 18.96 -2.25 -14.62
N THR R 262 20.16 -1.81 -14.99
CA THR R 262 20.66 -0.51 -14.57
C THR R 262 19.75 0.67 -14.89
N PRO R 263 19.20 0.84 -16.10
CA PRO R 263 18.35 2.02 -16.38
C PRO R 263 17.09 2.09 -15.54
N GLN R 264 16.61 0.98 -14.99
CA GLN R 264 15.29 0.91 -14.39
C GLN R 264 15.09 1.91 -13.24
N THR R 265 16.18 2.36 -12.60
CA THR R 265 16.04 3.20 -11.42
C THR R 265 15.48 4.58 -11.73
N ILE R 266 15.50 4.98 -13.01
CA ILE R 266 15.08 6.33 -13.38
C ILE R 266 13.61 6.59 -13.05
N LEU R 267 12.80 5.53 -13.00
CA LEU R 267 11.37 5.71 -12.76
C LEU R 267 11.09 6.24 -11.36
N SER R 268 11.99 6.00 -10.41
CA SER R 268 11.71 6.34 -9.02
C SER R 268 11.59 7.84 -8.80
N LEU R 269 12.28 8.65 -9.62
CA LEU R 269 12.22 10.09 -9.42
C LEU R 269 10.83 10.67 -9.72
N PHE R 270 10.05 9.98 -10.54
CA PHE R 270 8.71 10.46 -10.87
C PHE R 270 7.64 9.55 -10.28
N LEU S 1 -1.13 56.86 -7.07
CA LEU S 1 -0.80 55.66 -6.33
C LEU S 1 -2.01 54.73 -6.22
N ASN S 2 -3.04 55.17 -5.48
CA ASN S 2 -4.29 54.45 -5.49
C ASN S 2 -4.90 54.52 -6.89
N SER S 3 -5.39 53.37 -7.37
CA SER S 3 -5.89 53.29 -8.74
C SER S 3 -6.76 52.06 -8.95
N ILE S 4 -8.08 52.25 -9.00
CA ILE S 4 -8.99 51.14 -9.22
C ILE S 4 -9.07 50.73 -10.68
N ASN S 5 -8.60 51.57 -11.60
CA ASN S 5 -8.68 51.23 -13.02
C ASN S 5 -7.89 49.96 -13.34
N THR S 6 -6.63 49.92 -12.95
CA THR S 6 -5.78 48.74 -13.12
C THR S 6 -4.58 48.88 -12.21
N ASN S 7 -4.15 47.76 -11.62
CA ASN S 7 -2.96 47.81 -10.79
C ASN S 7 -1.80 47.12 -11.47
N PRO S 8 -0.64 47.76 -11.54
CA PRO S 8 0.52 47.13 -12.20
C PRO S 8 0.94 45.81 -11.59
N GLY S 9 0.75 45.65 -10.28
CA GLY S 9 1.28 44.46 -9.61
C GLY S 9 0.66 43.18 -10.14
N ALA S 10 -0.63 43.20 -10.48
CA ALA S 10 -1.22 42.04 -11.12
C ALA S 10 -0.59 41.76 -12.47
N LEU S 11 -0.20 42.80 -13.20
CA LEU S 11 0.43 42.60 -14.49
C LEU S 11 1.82 41.96 -14.33
N LEU S 12 2.61 42.45 -13.36
CA LEU S 12 3.92 41.84 -13.13
C LEU S 12 3.81 40.42 -12.60
N ALA S 13 2.80 40.15 -11.76
CA ALA S 13 2.60 38.77 -11.29
C ALA S 13 2.20 37.86 -12.43
N LEU S 14 1.38 38.38 -13.36
CA LEU S 14 1.03 37.61 -14.54
C LEU S 14 2.24 37.36 -15.41
N GLN S 15 3.15 38.33 -15.47
CA GLN S 15 4.37 38.17 -16.27
C GLN S 15 5.24 37.07 -15.68
N ASN S 16 5.43 37.09 -14.36
CA ASN S 16 6.22 36.04 -13.71
C ASN S 16 5.55 34.68 -13.82
N LEU S 17 4.22 34.63 -13.75
CA LEU S 17 3.54 33.34 -13.83
C LEU S 17 3.64 32.76 -15.24
N ASN S 18 3.48 33.60 -16.26
CA ASN S 18 3.69 33.12 -17.63
C ASN S 18 5.14 32.73 -17.86
N SER S 19 6.09 33.45 -17.24
CA SER S 19 7.50 33.12 -17.42
C SER S 19 7.85 31.78 -16.79
N THR S 20 7.26 31.46 -15.64
CA THR S 20 7.49 30.14 -15.07
C THR S 20 6.73 29.07 -15.82
N ASN S 21 5.55 29.41 -16.38
CA ASN S 21 4.78 28.43 -17.14
C ASN S 21 5.48 28.03 -18.42
N THR S 22 6.18 28.96 -19.08
CA THR S 22 6.88 28.62 -20.31
C THR S 22 8.05 27.69 -20.03
N GLU S 23 8.86 28.01 -19.01
CA GLU S 23 9.96 27.13 -18.65
C GLU S 23 9.46 25.78 -18.16
N LEU S 24 8.31 25.75 -17.49
CA LEU S 24 7.75 24.49 -17.05
C LEU S 24 7.29 23.66 -18.24
N ALA S 25 6.68 24.28 -19.25
CA ALA S 25 6.31 23.55 -20.45
C ALA S 25 7.54 23.04 -21.20
N ALA S 26 8.62 23.81 -21.19
CA ALA S 26 9.84 23.38 -21.87
C ALA S 26 10.48 22.19 -21.17
N THR S 27 10.61 22.25 -19.84
CA THR S 27 11.13 21.11 -19.12
C THR S 27 10.19 19.93 -19.16
N GLN S 28 8.88 20.18 -19.28
CA GLN S 28 7.93 19.08 -19.44
C GLN S 28 8.10 18.40 -20.79
N GLY S 29 8.43 19.17 -21.83
CA GLY S 29 8.76 18.56 -23.11
C GLY S 29 10.05 17.79 -23.04
N ARG S 30 11.03 18.32 -22.29
CA ARG S 30 12.27 17.58 -22.09
C ARG S 30 12.05 16.29 -21.30
N ILE S 31 11.04 16.26 -20.43
CA ILE S 31 10.69 15.02 -19.74
C ILE S 31 10.04 14.04 -20.70
N ASN S 32 8.96 14.44 -21.36
CA ASN S 32 8.21 13.44 -22.11
C ASN S 32 8.91 12.98 -23.38
N THR S 33 9.89 13.74 -23.88
CA THR S 33 10.64 13.24 -25.03
C THR S 33 11.88 12.46 -24.63
N GLY S 34 12.42 12.69 -23.43
CA GLY S 34 13.64 12.04 -23.01
C GLY S 34 14.91 12.62 -23.60
N LYS S 35 14.85 13.80 -24.21
CA LYS S 35 15.99 14.39 -24.90
C LYS S 35 16.00 15.89 -24.66
N LYS S 36 17.20 16.46 -24.56
CA LYS S 36 17.32 17.91 -24.43
C LYS S 36 17.27 18.63 -25.77
N VAL S 37 17.31 17.89 -26.88
CA VAL S 37 17.24 18.46 -28.23
C VAL S 37 16.32 17.59 -29.09
N ALA S 38 15.07 17.45 -28.65
CA ALA S 38 14.12 16.55 -29.31
C ALA S 38 13.84 16.97 -30.75
N ASN S 39 13.92 18.26 -31.05
CA ASN S 39 13.53 18.77 -32.35
C ASN S 39 14.39 19.98 -32.68
N ALA S 40 14.26 20.45 -33.92
CA ALA S 40 15.11 21.54 -34.40
C ALA S 40 14.89 22.83 -33.61
N LYS S 41 13.70 23.03 -33.03
CA LYS S 41 13.47 24.24 -32.25
C LYS S 41 14.34 24.31 -31.01
N ASP S 42 14.70 23.16 -30.44
CA ASP S 42 15.49 23.16 -29.21
C ASP S 42 16.89 23.71 -29.45
N ASN S 43 17.53 23.26 -30.53
CA ASN S 43 18.86 23.75 -30.90
C ASN S 43 19.18 23.14 -32.27
N GLY S 44 19.13 23.97 -33.31
CA GLY S 44 19.19 23.44 -34.67
C GLY S 44 20.52 22.83 -35.04
N ALA S 45 21.62 23.37 -34.50
CA ALA S 45 22.95 22.88 -34.88
C ALA S 45 23.17 21.46 -34.37
N ILE S 46 23.02 21.25 -33.06
CA ILE S 46 23.21 19.92 -32.51
C ILE S 46 22.13 18.98 -33.00
N TRP S 47 20.93 19.48 -33.27
CA TRP S 47 19.88 18.60 -33.76
C TRP S 47 20.17 18.10 -35.17
N SER S 48 20.62 18.99 -36.05
CA SER S 48 20.97 18.57 -37.40
C SER S 48 22.19 17.65 -37.38
N MET S 49 23.13 17.92 -36.47
CA MET S 49 24.30 17.04 -36.36
C MET S 49 23.88 15.64 -35.90
N ALA S 50 23.00 15.58 -34.90
CA ALA S 50 22.52 14.29 -34.42
C ALA S 50 21.69 13.57 -35.47
N LYS S 51 20.96 14.33 -36.30
CA LYS S 51 20.18 13.69 -37.36
C LYS S 51 21.10 13.10 -38.42
N MET S 52 22.14 13.83 -38.80
CA MET S 52 23.09 13.31 -39.78
C MET S 52 23.81 12.08 -39.25
N GLN S 53 24.29 12.15 -38.02
CA GLN S 53 24.97 10.99 -37.43
C GLN S 53 24.02 9.82 -37.21
N SER S 54 22.74 10.09 -36.93
CA SER S 54 21.79 9.00 -36.76
C SER S 54 21.51 8.32 -38.08
N ALA S 55 21.40 9.09 -39.17
CA ALA S 55 21.25 8.47 -40.48
C ALA S 55 22.49 7.67 -40.84
N THR S 56 23.67 8.19 -40.50
CA THR S 56 24.91 7.47 -40.79
C THR S 56 25.00 6.17 -40.01
N ALA S 57 24.48 6.15 -38.79
CA ALA S 57 24.50 4.92 -37.99
C ALA S 57 23.43 3.94 -38.46
N SER S 58 22.24 4.44 -38.81
CA SER S 58 21.18 3.56 -39.30
C SER S 58 21.52 2.95 -40.65
N SER S 59 22.35 3.64 -41.45
CA SER S 59 22.75 3.10 -42.74
C SER S 59 23.63 1.85 -42.64
N LEU S 60 24.28 1.62 -41.50
CA LEU S 60 25.21 0.51 -41.34
C LEU S 60 24.52 -0.84 -41.27
N ASN S 61 23.21 -0.89 -41.03
CA ASN S 61 22.50 -2.16 -41.00
C ASN S 61 22.58 -2.86 -42.35
N SER S 62 22.47 -2.10 -43.44
CA SER S 62 22.61 -2.69 -44.77
C SER S 62 24.03 -3.19 -45.00
N VAL S 63 25.02 -2.51 -44.42
CA VAL S 63 26.40 -2.97 -44.52
C VAL S 63 26.56 -4.32 -43.83
N LYS S 64 26.00 -4.44 -42.62
CA LYS S 64 26.04 -5.73 -41.93
C LYS S 64 25.27 -6.79 -42.72
N ASP S 65 24.19 -6.38 -43.40
CA ASP S 65 23.42 -7.32 -44.20
C ASP S 65 24.26 -7.88 -45.34
N SER S 66 24.90 -7.01 -46.11
CA SER S 66 25.72 -7.47 -47.22
C SER S 66 26.92 -8.28 -46.72
N LEU S 67 27.47 -7.93 -45.56
CA LEU S 67 28.59 -8.69 -45.04
C LEU S 67 28.17 -10.09 -44.62
N GLN S 68 27.00 -10.23 -43.99
CA GLN S 68 26.49 -11.56 -43.66
C GLN S 68 26.17 -12.36 -44.92
N ARG S 69 25.68 -11.69 -45.97
CA ARG S 69 25.40 -12.40 -47.21
C ARG S 69 26.66 -12.92 -47.87
N GLY S 70 27.73 -12.12 -47.84
CA GLY S 70 29.00 -12.59 -48.37
C GLY S 70 29.59 -13.69 -47.52
N GLN S 71 29.38 -13.62 -46.20
CA GLN S 71 29.80 -14.70 -45.32
C GLN S 71 29.13 -16.00 -45.72
N SER S 72 27.81 -15.97 -45.91
CA SER S 72 27.08 -17.19 -46.28
C SER S 72 27.51 -17.70 -47.64
N THR S 73 27.78 -16.79 -48.58
CA THR S 73 28.17 -17.22 -49.92
C THR S 73 29.52 -17.92 -49.90
N ILE S 74 30.51 -17.31 -49.24
CA ILE S 74 31.81 -17.98 -49.17
C ILE S 74 31.76 -19.23 -48.31
N ASP S 75 30.82 -19.31 -47.35
CA ASP S 75 30.64 -20.56 -46.62
C ASP S 75 30.18 -21.67 -47.56
N VAL S 76 29.24 -21.37 -48.46
CA VAL S 76 28.81 -22.37 -49.44
C VAL S 76 29.96 -22.74 -50.37
N ALA S 77 30.79 -21.74 -50.72
CA ALA S 77 31.91 -22.01 -51.62
C ALA S 77 32.91 -22.96 -50.97
N LEU S 78 33.24 -22.72 -49.70
CA LEU S 78 34.14 -23.61 -48.98
C LEU S 78 33.51 -24.97 -48.76
N ALA S 79 32.18 -25.02 -48.56
CA ALA S 79 31.50 -26.28 -48.37
C ALA S 79 31.52 -27.13 -49.62
N ALA S 80 31.66 -26.49 -50.79
CA ALA S 80 31.88 -27.29 -52.00
C ALA S 80 33.35 -27.61 -52.21
N GLY S 81 34.26 -26.69 -51.88
CA GLY S 81 35.66 -26.94 -52.12
C GLY S 81 36.23 -28.03 -51.24
N ASP S 82 35.66 -28.22 -50.06
CA ASP S 82 36.16 -29.26 -49.17
C ASP S 82 35.98 -30.64 -49.79
N THR S 83 34.92 -30.85 -50.58
CA THR S 83 34.75 -32.13 -51.25
C THR S 83 35.44 -32.13 -52.62
N ILE S 84 35.60 -30.95 -53.24
CA ILE S 84 36.36 -30.92 -54.49
C ILE S 84 37.80 -31.35 -54.25
N THR S 85 38.35 -31.04 -53.07
CA THR S 85 39.72 -31.43 -52.78
C THR S 85 39.87 -32.96 -52.71
N ASP S 86 39.00 -33.62 -51.95
CA ASP S 86 39.04 -35.07 -51.90
C ASP S 86 38.72 -35.70 -53.25
N LEU S 87 37.89 -35.05 -54.06
CA LEU S 87 37.61 -35.58 -55.38
C LEU S 87 38.87 -35.55 -56.24
N LEU S 88 39.62 -34.45 -56.20
CA LEU S 88 40.89 -34.39 -56.93
C LEU S 88 41.89 -35.40 -56.38
N THR S 89 41.83 -35.66 -55.06
CA THR S 89 42.73 -36.67 -54.50
C THR S 89 42.41 -38.06 -55.05
N LYS S 90 41.12 -38.40 -55.13
CA LYS S 90 40.75 -39.70 -55.69
C LYS S 90 41.07 -39.78 -57.18
N MET S 91 40.96 -38.65 -57.90
CA MET S 91 41.32 -38.66 -59.32
C MET S 91 42.82 -38.90 -59.50
N LYS S 92 43.65 -38.28 -58.65
CA LYS S 92 45.07 -38.58 -58.68
C LYS S 92 45.35 -40.01 -58.31
N GLU S 93 44.56 -40.57 -57.39
CA GLU S 93 44.72 -41.98 -57.04
C GLU S 93 44.47 -42.88 -58.24
N LYS S 94 43.35 -42.66 -58.94
CA LYS S 94 43.05 -43.47 -60.11
C LYS S 94 44.08 -43.28 -61.22
N ALA S 95 44.58 -42.06 -61.41
CA ALA S 95 45.58 -41.84 -62.44
C ALA S 95 46.88 -42.56 -62.11
N LEU S 96 47.31 -42.48 -60.86
CA LEU S 96 48.52 -43.18 -60.45
C LEU S 96 48.35 -44.69 -60.52
N ALA S 97 47.14 -45.19 -60.24
CA ALA S 97 46.89 -46.62 -60.37
C ALA S 97 46.92 -47.07 -61.82
N ALA S 98 46.44 -46.21 -62.72
CA ALA S 98 46.42 -46.56 -64.15
C ALA S 98 47.75 -46.28 -64.85
N SER S 99 48.67 -45.57 -64.20
CA SER S 99 49.97 -45.27 -64.82
C SER S 99 50.80 -46.51 -65.07
N ASP S 100 50.59 -47.59 -64.32
CA ASP S 100 51.43 -48.77 -64.42
C ASP S 100 51.27 -49.46 -65.78
N THR S 101 52.37 -49.98 -66.29
CA THR S 101 52.39 -50.71 -67.56
C THR S 101 51.99 -52.18 -67.43
N SER S 102 51.97 -52.73 -66.23
CA SER S 102 51.74 -54.15 -66.03
C SER S 102 50.27 -54.55 -66.03
N LEU S 103 49.35 -53.59 -65.98
CA LEU S 103 47.94 -53.94 -65.95
C LEU S 103 47.44 -54.40 -67.32
N ASN S 104 46.42 -55.26 -67.27
CA ASN S 104 45.64 -55.65 -68.44
C ASN S 104 44.69 -54.52 -68.84
N THR S 105 44.18 -54.61 -70.07
CA THR S 105 43.37 -53.52 -70.62
C THR S 105 42.10 -53.28 -69.82
N ALA S 106 41.57 -54.34 -69.19
CA ALA S 106 40.29 -54.21 -68.49
C ALA S 106 40.39 -53.30 -67.28
N SER S 107 41.41 -53.51 -66.44
CA SER S 107 41.58 -52.65 -65.27
C SER S 107 41.88 -51.22 -65.68
N PHE S 108 42.58 -51.03 -66.80
CA PHE S 108 42.85 -49.67 -67.28
C PHE S 108 41.57 -48.99 -67.71
N ASN S 109 40.70 -49.71 -68.43
CA ASN S 109 39.42 -49.12 -68.84
C ASN S 109 38.55 -48.82 -67.64
N ALA S 110 38.59 -49.67 -66.60
CA ALA S 110 37.79 -49.42 -65.42
C ALA S 110 38.28 -48.19 -64.66
N LEU S 111 39.60 -48.06 -64.53
CA LEU S 111 40.15 -46.88 -63.88
C LEU S 111 39.87 -45.62 -64.68
N LYS S 112 39.86 -45.73 -66.01
CA LYS S 112 39.57 -44.57 -66.84
C LYS S 112 38.13 -44.13 -66.68
N ALA S 113 37.20 -45.10 -66.63
CA ALA S 113 35.80 -44.75 -66.43
C ALA S 113 35.57 -44.15 -65.04
N ASP S 114 36.28 -44.66 -64.03
CA ASP S 114 36.14 -44.07 -62.70
C ASP S 114 36.70 -42.65 -62.65
N PHE S 115 37.82 -42.42 -63.35
CA PHE S 115 38.39 -41.08 -63.41
C PHE S 115 37.44 -40.11 -64.11
N GLU S 116 36.80 -40.57 -65.20
CA GLU S 116 35.87 -39.70 -65.90
C GLU S 116 34.65 -39.40 -65.05
N SER S 117 34.15 -40.39 -64.32
CA SER S 117 33.00 -40.13 -63.46
C SER S 117 33.37 -39.17 -62.34
N LEU S 118 34.57 -39.31 -61.78
CA LEU S 118 35.00 -38.39 -60.73
C LEU S 118 35.14 -36.98 -61.27
N ARG S 119 35.59 -36.84 -62.51
CA ARG S 119 35.68 -35.51 -63.12
C ARG S 119 34.30 -34.90 -63.31
N ASP S 120 33.32 -35.71 -63.71
CA ASP S 120 31.97 -35.18 -63.90
C ASP S 120 31.37 -34.74 -62.58
N GLN S 121 31.56 -35.54 -61.52
CA GLN S 121 31.06 -35.12 -60.22
C GLN S 121 31.79 -33.88 -59.69
N LEU S 122 33.08 -33.75 -59.99
CA LEU S 122 33.78 -32.53 -59.59
C LEU S 122 33.19 -31.32 -60.30
N GLN S 123 32.82 -31.49 -61.58
CA GLN S 123 32.18 -30.39 -62.29
C GLN S 123 30.85 -30.03 -61.66
N LYS S 124 30.01 -31.03 -61.37
CA LYS S 124 28.70 -30.75 -60.80
C LYS S 124 28.81 -30.14 -59.42
N ALA S 125 29.81 -30.55 -58.63
CA ALA S 125 29.99 -29.99 -57.30
C ALA S 125 30.49 -28.56 -57.38
N ALA S 126 31.39 -28.27 -58.32
CA ALA S 126 31.86 -26.90 -58.49
C ALA S 126 30.76 -25.98 -58.99
N THR S 127 29.83 -26.50 -59.80
CA THR S 127 28.79 -25.63 -60.34
C THR S 127 27.64 -25.44 -59.35
N ASN S 128 27.39 -26.44 -58.49
CA ASN S 128 26.24 -26.34 -57.60
C ASN S 128 26.48 -25.36 -56.47
N ALA S 129 27.72 -24.94 -56.25
CA ALA S 129 28.06 -24.09 -55.12
C ALA S 129 27.67 -22.64 -55.36
N LYS S 130 26.40 -22.31 -55.18
CA LYS S 130 25.96 -20.93 -55.36
C LYS S 130 24.83 -20.62 -54.39
N PHE S 131 24.85 -19.39 -53.88
CA PHE S 131 23.87 -18.93 -52.90
C PHE S 131 23.22 -17.65 -53.44
N ASN S 132 21.90 -17.67 -53.52
CA ASN S 132 21.13 -16.58 -54.11
C ASN S 132 21.53 -16.32 -55.56
N GLY S 133 21.90 -17.38 -56.27
CA GLY S 133 22.18 -17.26 -57.69
C GLY S 133 23.57 -16.79 -58.05
N VAL S 134 24.45 -16.60 -57.07
CA VAL S 134 25.81 -16.14 -57.32
C VAL S 134 26.79 -17.05 -56.60
N SER S 135 28.01 -17.11 -57.13
CA SER S 135 28.98 -18.10 -56.67
C SER S 135 30.39 -17.56 -56.84
N LEU S 136 31.29 -18.04 -55.98
CA LEU S 136 32.72 -17.80 -56.13
C LEU S 136 33.48 -19.01 -56.62
N ALA S 137 32.84 -20.17 -56.75
CA ALA S 137 33.53 -21.38 -57.17
C ALA S 137 33.34 -21.75 -58.63
N ASP S 138 32.19 -21.47 -59.24
CA ASP S 138 31.95 -21.88 -60.61
C ASP S 138 32.62 -20.97 -61.63
N GLY S 139 33.15 -19.82 -61.22
CA GLY S 139 33.82 -18.94 -62.16
C GLY S 139 32.91 -18.11 -63.02
N SER S 140 31.62 -18.03 -62.67
CA SER S 140 30.67 -17.30 -63.50
C SER S 140 30.99 -15.80 -63.51
N THR S 141 31.68 -15.29 -62.49
CA THR S 141 32.05 -13.89 -62.43
C THR S 141 33.41 -13.75 -61.76
N THR S 142 34.12 -12.68 -62.14
CA THR S 142 35.48 -12.48 -61.66
C THR S 142 35.53 -12.21 -60.17
N LYS S 143 34.55 -11.48 -59.63
CA LYS S 143 34.58 -11.12 -58.22
C LYS S 143 33.22 -10.56 -57.81
N LEU S 144 32.95 -10.58 -56.51
CA LEU S 144 31.74 -10.01 -55.93
C LEU S 144 32.11 -9.01 -54.86
N SER S 145 31.78 -7.74 -55.09
CA SER S 145 31.95 -6.69 -54.10
C SER S 145 30.87 -6.78 -53.03
N PHE S 146 31.17 -6.27 -51.84
CA PHE S 146 30.25 -6.23 -50.73
C PHE S 146 30.41 -4.92 -49.97
N LEU S 147 29.29 -4.39 -49.48
CA LEU S 147 29.29 -3.09 -48.82
C LEU S 147 30.15 -3.12 -47.56
N ALA S 148 30.89 -2.03 -47.34
CA ALA S 148 31.75 -1.93 -46.17
C ALA S 148 31.62 -0.59 -45.45
N ASN S 149 30.91 0.38 -46.01
CA ASN S 149 30.87 1.73 -45.48
C ASN S 149 29.48 2.31 -45.70
N GLU S 150 29.22 3.43 -45.04
CA GLU S 150 27.97 4.16 -45.25
C GLU S 150 27.99 5.02 -46.51
N ASP S 151 29.15 5.17 -47.17
CA ASP S 151 29.22 5.86 -48.45
C ASP S 151 29.38 4.89 -49.62
N GLY S 152 29.22 3.59 -49.37
CA GLY S 152 29.17 2.60 -50.42
C GLY S 152 30.50 2.02 -50.88
N SER S 153 31.60 2.32 -50.20
CA SER S 153 32.85 1.66 -50.56
C SER S 153 32.74 0.17 -50.30
N ASN S 154 33.30 -0.62 -51.21
CA ASN S 154 33.02 -2.05 -51.28
C ASN S 154 34.18 -2.87 -50.71
N PHE S 155 33.86 -3.81 -49.83
CA PHE S 155 34.74 -4.95 -49.60
C PHE S 155 34.73 -5.81 -50.85
N THR S 156 35.90 -6.29 -51.25
CA THR S 156 36.04 -7.04 -52.49
C THR S 156 36.59 -8.42 -52.20
N VAL S 157 35.96 -9.44 -52.80
CA VAL S 157 36.45 -10.81 -52.75
C VAL S 157 36.57 -11.32 -54.18
N THR S 158 37.78 -11.65 -54.60
CA THR S 158 37.98 -12.27 -55.90
C THR S 158 37.42 -13.68 -55.89
N ALA S 159 36.75 -14.05 -56.98
CA ALA S 159 36.28 -15.42 -57.12
C ALA S 159 37.45 -16.37 -57.41
N GLN S 160 37.35 -17.58 -56.89
CA GLN S 160 38.34 -18.63 -57.14
C GLN S 160 37.66 -19.73 -57.94
N THR S 161 38.04 -19.85 -59.21
CA THR S 161 37.36 -20.71 -60.16
C THR S 161 37.74 -22.17 -59.90
N LEU S 162 36.96 -22.83 -59.04
CA LEU S 162 37.16 -24.24 -58.73
C LEU S 162 36.49 -25.16 -59.74
N SER S 163 35.82 -24.61 -60.75
CA SER S 163 35.27 -25.41 -61.84
C SER S 163 36.41 -26.02 -62.65
N LEU S 164 36.08 -27.08 -63.39
CA LEU S 164 37.12 -27.85 -64.07
C LEU S 164 37.93 -26.98 -65.01
N THR S 165 37.29 -25.97 -65.62
CA THR S 165 38.03 -25.05 -66.48
C THR S 165 39.03 -24.23 -65.67
N GLY S 166 38.69 -23.91 -64.42
CA GLY S 166 39.54 -23.02 -63.63
C GLY S 166 40.66 -23.69 -62.89
N ILE S 167 40.66 -25.01 -62.81
CA ILE S 167 41.71 -25.75 -62.15
C ILE S 167 42.71 -26.34 -63.16
N GLY S 168 42.63 -25.92 -64.41
CA GLY S 168 43.54 -26.39 -65.43
C GLY S 168 43.10 -27.65 -66.15
N LEU S 169 41.98 -28.25 -65.75
CA LEU S 169 41.42 -29.39 -66.45
C LEU S 169 40.44 -28.93 -67.52
N THR S 170 39.97 -29.88 -68.31
CA THR S 170 38.93 -29.68 -69.30
C THR S 170 37.72 -30.53 -68.94
N ALA S 171 36.63 -30.32 -69.67
CA ALA S 171 35.43 -31.14 -69.49
C ALA S 171 35.60 -32.57 -69.97
N THR S 172 36.57 -32.83 -70.85
CA THR S 172 36.77 -34.16 -71.40
C THR S 172 38.16 -34.73 -71.07
N SER S 173 38.79 -34.25 -70.00
CA SER S 173 40.13 -34.73 -69.66
C SER S 173 40.09 -36.22 -69.33
N THR S 174 41.05 -36.96 -69.89
CA THR S 174 41.17 -38.39 -69.68
C THR S 174 42.53 -38.85 -70.23
N PHE S 175 42.97 -40.01 -69.77
CA PHE S 175 44.18 -40.65 -70.27
C PHE S 175 43.83 -41.88 -71.11
N THR S 176 44.57 -42.07 -72.20
CA THR S 176 44.33 -43.18 -73.10
C THR S 176 45.37 -44.30 -73.00
N ASP S 177 46.48 -44.07 -72.30
CA ASP S 177 47.52 -45.07 -72.15
C ASP S 177 48.33 -44.74 -70.90
N ALA S 178 49.21 -45.66 -70.53
CA ALA S 178 49.96 -45.53 -69.28
C ALA S 178 50.85 -44.29 -69.26
N ALA S 179 51.36 -43.87 -70.42
CA ALA S 179 52.20 -42.68 -70.46
C ALA S 179 51.37 -41.42 -70.24
N THR S 180 50.20 -41.34 -70.88
CA THR S 180 49.33 -40.21 -70.64
C THR S 180 48.82 -40.20 -69.21
N ALA S 181 48.63 -41.38 -68.61
CA ALA S 181 48.28 -41.44 -67.20
C ALA S 181 49.43 -40.96 -66.31
N LYS S 182 50.66 -41.28 -66.69
CA LYS S 182 51.80 -40.82 -65.92
C LYS S 182 51.97 -39.32 -66.00
N THR S 183 51.61 -38.71 -67.15
CA THR S 183 51.60 -37.26 -67.22
C THR S 183 50.42 -36.67 -66.46
N MET S 184 49.28 -37.34 -66.49
CA MET S 184 48.11 -36.89 -65.75
C MET S 184 48.35 -36.96 -64.25
N ILE S 185 49.28 -37.80 -63.80
CA ILE S 185 49.65 -37.80 -62.38
C ILE S 185 50.08 -36.40 -61.96
N ALA S 186 51.11 -35.86 -62.63
CA ALA S 186 51.58 -34.51 -62.31
C ALA S 186 50.55 -33.45 -62.65
N THR S 187 49.73 -33.68 -63.68
CA THR S 187 48.71 -32.71 -64.03
C THR S 187 47.68 -32.57 -62.91
N ILE S 188 47.14 -33.69 -62.43
CA ILE S 188 46.17 -33.66 -61.35
C ILE S 188 46.85 -33.20 -60.06
N THR S 189 48.15 -33.45 -59.91
CA THR S 189 48.85 -32.96 -58.73
C THR S 189 48.88 -31.43 -58.70
N THR S 190 49.29 -30.81 -59.82
CA THR S 190 49.29 -29.35 -59.85
C THR S 190 47.88 -28.78 -59.79
N SER S 191 46.89 -29.52 -60.31
CA SER S 191 45.50 -29.07 -60.19
C SER S 191 45.05 -29.08 -58.73
N LEU S 192 45.41 -30.12 -57.98
CA LEU S 192 45.07 -30.16 -56.56
C LEU S 192 45.81 -29.05 -55.80
N GLN S 193 47.03 -28.75 -56.22
CA GLN S 193 47.78 -27.68 -55.54
C GLN S 193 47.10 -26.33 -55.75
N THR S 194 46.75 -26.00 -56.99
CA THR S 194 46.09 -24.73 -57.23
C THR S 194 44.70 -24.70 -56.59
N ALA S 195 44.03 -25.85 -56.48
CA ALA S 195 42.73 -25.86 -55.83
C ALA S 195 42.85 -25.58 -54.33
N THR S 196 43.84 -26.18 -53.67
CA THR S 196 44.04 -25.85 -52.27
C THR S 196 44.45 -24.40 -52.08
N ASN S 197 45.20 -23.83 -53.02
CA ASN S 197 45.55 -22.42 -52.91
C ASN S 197 44.30 -21.54 -53.06
N LYS S 198 43.40 -21.90 -53.97
CA LYS S 198 42.16 -21.14 -54.11
C LYS S 198 41.31 -21.24 -52.86
N LEU S 199 41.27 -22.42 -52.25
CA LEU S 199 40.49 -22.58 -51.01
C LEU S 199 41.11 -21.80 -49.86
N SER S 200 42.45 -21.74 -49.80
CA SER S 200 43.09 -20.93 -48.77
C SER S 200 42.78 -19.45 -48.96
N SER S 201 42.73 -19.00 -50.21
CA SER S 201 42.33 -17.61 -50.46
C SER S 201 40.89 -17.37 -50.05
N LEU S 202 40.00 -18.34 -50.29
CA LEU S 202 38.61 -18.19 -49.87
C LEU S 202 38.51 -18.11 -48.34
N GLY S 203 39.35 -18.88 -47.65
CA GLY S 203 39.31 -18.83 -46.19
C GLY S 203 39.84 -17.53 -45.64
N THR S 204 40.88 -16.98 -46.28
CA THR S 204 41.38 -15.67 -45.87
C THR S 204 40.33 -14.59 -46.11
N SER S 205 39.60 -14.69 -47.21
CA SER S 205 38.55 -13.70 -47.48
C SER S 205 37.41 -13.82 -46.49
N SER S 206 37.06 -15.05 -46.09
CA SER S 206 36.01 -15.21 -45.09
C SER S 206 36.45 -14.68 -43.74
N VAL S 207 37.71 -14.87 -43.38
CA VAL S 207 38.22 -14.32 -42.12
C VAL S 207 38.19 -12.80 -42.16
N GLY S 208 38.48 -12.22 -43.32
CA GLY S 208 38.43 -10.77 -43.43
C GLY S 208 37.01 -10.23 -43.35
N LEU S 209 36.06 -10.95 -43.92
CA LEU S 209 34.66 -10.54 -43.80
C LEU S 209 34.18 -10.63 -42.36
N ASP S 210 34.63 -11.65 -41.63
CA ASP S 210 34.26 -11.76 -40.23
C ASP S 210 34.81 -10.60 -39.41
N THR S 211 36.10 -10.31 -39.60
CA THR S 211 36.72 -9.22 -38.85
C THR S 211 36.08 -7.88 -39.19
N HIS S 212 35.78 -7.64 -40.47
CA HIS S 212 35.15 -6.37 -40.81
C HIS S 212 33.71 -6.28 -40.31
N LEU S 213 32.99 -7.40 -40.26
CA LEU S 213 31.64 -7.34 -39.68
C LEU S 213 31.70 -7.03 -38.20
N THR S 214 32.67 -7.59 -37.48
CA THR S 214 32.82 -7.24 -36.07
C THR S 214 33.17 -5.77 -35.91
N PHE S 215 34.03 -5.26 -36.79
CA PHE S 215 34.40 -3.85 -36.70
C PHE S 215 33.21 -2.95 -37.01
N VAL S 216 32.38 -3.32 -37.98
CA VAL S 216 31.20 -2.53 -38.30
C VAL S 216 30.22 -2.54 -37.14
N GLY S 217 30.11 -3.67 -36.43
CA GLY S 217 29.23 -3.71 -35.28
C GLY S 217 29.72 -2.81 -34.15
N LYS S 218 31.02 -2.87 -33.87
CA LYS S 218 31.58 -2.00 -32.84
C LYS S 218 31.45 -0.53 -33.23
N LEU S 219 31.60 -0.23 -34.52
CA LEU S 219 31.51 1.15 -34.97
C LEU S 219 30.08 1.67 -34.87
N GLN S 220 29.10 0.86 -35.24
CA GLN S 220 27.72 1.28 -35.09
C GLN S 220 27.35 1.46 -33.62
N ASP S 221 27.91 0.62 -32.74
CA ASP S 221 27.67 0.79 -31.32
C ASP S 221 28.24 2.12 -30.83
N SER S 222 29.48 2.43 -31.24
CA SER S 222 30.08 3.68 -30.83
C SER S 222 29.34 4.89 -31.38
N LEU S 223 28.81 4.76 -32.61
CA LEU S 223 28.09 5.89 -33.20
C LEU S 223 26.77 6.13 -32.48
N ASP S 224 26.04 5.06 -32.17
CA ASP S 224 24.80 5.23 -31.42
C ASP S 224 25.09 5.78 -30.02
N ALA S 225 26.19 5.35 -29.41
CA ALA S 225 26.54 5.86 -28.09
C ALA S 225 26.88 7.35 -28.15
N GLY S 226 27.56 7.78 -29.21
CA GLY S 226 27.87 9.20 -29.33
C GLY S 226 26.67 10.05 -29.63
N VAL S 227 25.74 9.54 -30.44
CA VAL S 227 24.52 10.29 -30.71
C VAL S 227 23.69 10.42 -29.45
N GLY S 228 23.65 9.35 -28.64
CA GLY S 228 22.94 9.43 -27.38
C GLY S 228 23.61 10.35 -26.39
N ASN S 229 24.95 10.35 -26.38
CA ASN S 229 25.68 11.27 -25.52
C ASN S 229 25.40 12.72 -25.92
N LEU S 230 25.17 12.97 -27.21
CA LEU S 230 24.82 14.32 -27.63
C LEU S 230 23.39 14.70 -27.26
N VAL S 231 22.43 13.80 -27.46
CA VAL S 231 21.02 14.21 -27.37
C VAL S 231 20.41 13.97 -25.99
N ASP S 232 20.89 12.98 -25.23
CA ASP S 232 20.16 12.52 -24.06
C ASP S 232 20.09 13.59 -22.98
N ALA S 233 18.90 13.76 -22.41
CA ALA S 233 18.71 14.61 -21.25
C ALA S 233 19.13 13.88 -19.98
N ASP S 234 19.54 14.65 -18.97
CA ASP S 234 19.89 14.11 -17.66
C ASP S 234 18.64 14.18 -16.79
N LEU S 235 17.97 13.03 -16.65
CA LEU S 235 16.59 13.04 -16.14
C LEU S 235 16.48 13.54 -14.70
N ALA S 236 17.52 13.34 -13.88
CA ALA S 236 17.40 13.75 -12.47
C ALA S 236 17.32 15.26 -12.35
N LYS S 237 18.16 15.99 -13.11
CA LYS S 237 18.07 17.44 -13.08
C LYS S 237 16.75 17.93 -13.63
N GLU S 238 16.21 17.24 -14.64
CA GLU S 238 14.91 17.63 -15.17
C GLU S 238 13.81 17.43 -14.14
N SER S 239 13.91 16.36 -13.34
CA SER S 239 12.91 16.13 -12.30
C SER S 239 13.01 17.18 -11.20
N ALA S 240 14.24 17.53 -10.81
CA ALA S 240 14.42 18.54 -9.78
C ALA S 240 13.86 19.89 -10.24
N LYS S 241 14.23 20.30 -11.45
CA LYS S 241 13.69 21.54 -11.99
C LYS S 241 12.19 21.47 -12.18
N LEU S 242 11.65 20.28 -12.45
CA LEU S 242 10.21 20.12 -12.61
C LEU S 242 9.48 20.42 -11.31
N GLN S 243 9.88 19.75 -10.22
CA GLN S 243 9.20 19.99 -8.95
C GLN S 243 9.45 21.41 -8.44
N SER S 244 10.64 21.96 -8.71
CA SER S 244 10.90 23.33 -8.29
C SER S 244 10.03 24.32 -9.04
N LEU S 245 9.84 24.10 -10.35
CA LEU S 245 8.98 24.99 -11.12
C LEU S 245 7.52 24.85 -10.70
N GLN S 246 7.10 23.64 -10.29
CA GLN S 246 5.72 23.52 -9.84
C GLN S 246 5.51 24.25 -8.51
N THR S 247 6.47 24.15 -7.59
CA THR S 247 6.35 24.90 -6.34
C THR S 247 6.34 26.40 -6.60
N LYS S 248 7.23 26.87 -7.48
CA LYS S 248 7.25 28.29 -7.80
C LYS S 248 5.97 28.73 -8.49
N GLN S 249 5.35 27.84 -9.28
CA GLN S 249 4.13 28.21 -9.96
C GLN S 249 2.96 28.34 -8.99
N GLN S 250 2.87 27.45 -8.00
CA GLN S 250 1.84 27.63 -6.98
C GLN S 250 2.09 28.90 -6.17
N LEU S 251 3.35 29.21 -5.88
CA LEU S 251 3.64 30.45 -5.17
C LEU S 251 3.27 31.66 -6.02
N GLY S 252 3.41 31.54 -7.34
CA GLY S 252 3.05 32.63 -8.22
C GLY S 252 1.55 32.81 -8.33
N VAL S 253 0.81 31.71 -8.28
CA VAL S 253 -0.65 31.83 -8.20
C VAL S 253 -1.06 32.54 -6.91
N GLN S 254 -0.38 32.24 -5.81
CA GLN S 254 -0.69 32.94 -4.57
C GLN S 254 -0.38 34.42 -4.66
N ALA S 255 0.76 34.76 -5.25
CA ALA S 255 1.11 36.16 -5.43
C ALA S 255 0.15 36.88 -6.35
N LEU S 256 -0.33 36.19 -7.40
CA LEU S 256 -1.30 36.81 -8.30
C LEU S 256 -2.63 37.04 -7.60
N SER S 257 -3.03 36.12 -6.74
CA SER S 257 -4.24 36.34 -5.95
C SER S 257 -4.08 37.51 -5.00
N ILE S 258 -2.90 37.67 -4.41
CA ILE S 258 -2.66 38.84 -3.56
C ILE S 258 -2.71 40.12 -4.39
N ALA S 259 -2.23 40.04 -5.63
CA ALA S 259 -2.24 41.21 -6.50
C ALA S 259 -3.66 41.65 -6.81
N ASN S 260 -4.53 40.69 -7.09
CA ASN S 260 -5.94 41.03 -7.28
C ASN S 260 -6.59 41.48 -5.99
N GLN S 261 -6.13 40.98 -4.84
CA GLN S 261 -6.68 41.45 -3.57
C GLN S 261 -6.30 42.89 -3.27
N THR S 262 -5.17 43.35 -3.77
CA THR S 262 -4.67 44.69 -3.42
C THR S 262 -5.64 45.82 -3.75
N PRO S 263 -6.22 45.93 -4.95
CA PRO S 263 -7.10 47.08 -5.24
C PRO S 263 -8.29 47.23 -4.31
N GLN S 264 -8.83 46.13 -3.76
CA GLN S 264 -10.19 46.15 -3.24
C GLN S 264 -10.38 47.11 -2.07
N THR S 265 -9.31 47.50 -1.37
CA THR S 265 -9.48 48.20 -0.10
C THR S 265 -9.97 49.64 -0.27
N ILE S 266 -9.96 50.15 -1.51
CA ILE S 266 -10.42 51.51 -1.75
C ILE S 266 -11.91 51.65 -1.48
N LEU S 267 -12.65 50.54 -1.52
CA LEU S 267 -14.09 50.59 -1.33
C LEU S 267 -14.47 51.11 0.05
N SER S 268 -13.59 50.91 1.05
CA SER S 268 -13.90 51.34 2.40
C SER S 268 -13.76 52.84 2.61
N LEU S 269 -13.11 53.55 1.68
CA LEU S 269 -12.83 54.96 1.89
C LEU S 269 -14.10 55.82 1.97
N PHE S 270 -15.18 55.42 1.31
CA PHE S 270 -16.41 56.21 1.32
C PHE S 270 -17.43 55.59 2.28
N LEU T 1 -27.04 101.36 5.56
CA LEU T 1 -26.89 100.04 6.16
C LEU T 1 -28.14 99.19 5.93
N ASN T 2 -29.25 99.63 6.50
CA ASN T 2 -30.51 98.92 6.32
C ASN T 2 -30.97 99.00 4.87
N SER T 3 -31.54 97.90 4.37
CA SER T 3 -31.97 97.82 2.99
C SER T 3 -32.88 96.62 2.76
N ILE T 4 -34.18 96.78 2.97
CA ILE T 4 -35.09 95.64 2.84
C ILE T 4 -35.23 95.20 1.39
N ASN T 5 -35.03 96.10 0.44
CA ASN T 5 -35.31 95.77 -0.96
C ASN T 5 -34.40 94.66 -1.47
N THR T 6 -33.15 94.61 -1.00
CA THR T 6 -32.19 93.57 -1.36
C THR T 6 -31.01 93.71 -0.40
N ASN T 7 -30.35 92.59 -0.12
CA ASN T 7 -29.16 92.63 0.72
C ASN T 7 -28.01 91.92 0.04
N PRO T 8 -26.78 92.36 0.31
CA PRO T 8 -25.61 91.77 -0.38
C PRO T 8 -25.07 90.51 0.26
N GLY T 9 -25.24 90.33 1.57
CA GLY T 9 -24.61 89.20 2.23
C GLY T 9 -25.18 87.87 1.78
N ALA T 10 -26.49 87.82 1.53
CA ALA T 10 -27.08 86.61 0.98
C ALA T 10 -26.56 86.33 -0.42
N LEU T 11 -26.28 87.38 -1.19
CA LEU T 11 -25.72 87.19 -2.53
C LEU T 11 -24.31 86.62 -2.46
N LEU T 12 -23.49 87.15 -1.56
CA LEU T 12 -22.12 86.63 -1.42
C LEU T 12 -22.12 85.20 -0.87
N ALA T 13 -23.06 84.89 0.03
CA ALA T 13 -23.19 83.52 0.50
C ALA T 13 -23.64 82.59 -0.62
N LEU T 14 -24.52 83.07 -1.50
CA LEU T 14 -24.91 82.30 -2.67
C LEU T 14 -23.70 82.07 -3.58
N GLN T 15 -22.82 83.06 -3.68
CA GLN T 15 -21.63 82.92 -4.50
C GLN T 15 -20.72 81.83 -3.97
N ASN T 16 -20.42 81.88 -2.66
CA ASN T 16 -19.57 80.86 -2.08
C ASN T 16 -20.21 79.49 -2.12
N LEU T 17 -21.53 79.42 -1.96
CA LEU T 17 -22.21 78.13 -1.97
C LEU T 17 -22.19 77.51 -3.36
N ASN T 18 -22.47 78.31 -4.39
CA ASN T 18 -22.41 77.79 -5.75
C ASN T 18 -21.00 77.41 -6.16
N SER T 19 -19.99 78.15 -5.68
CA SER T 19 -18.61 77.77 -6.00
C SER T 19 -18.23 76.46 -5.33
N THR T 20 -18.63 76.28 -4.07
CA THR T 20 -18.39 75.01 -3.40
C THR T 20 -19.15 73.88 -4.08
N ASN T 21 -20.36 74.16 -4.58
CA ASN T 21 -21.10 73.13 -5.30
C ASN T 21 -20.44 72.77 -6.63
N THR T 22 -19.81 73.74 -7.30
CA THR T 22 -19.08 73.44 -8.53
C THR T 22 -17.86 72.58 -8.23
N GLU T 23 -17.12 72.91 -7.17
CA GLU T 23 -16.00 72.05 -6.80
C GLU T 23 -16.47 70.66 -6.41
N LEU T 24 -17.62 70.57 -5.75
CA LEU T 24 -18.17 69.27 -5.38
C LEU T 24 -18.60 68.47 -6.60
N ALA T 25 -19.16 69.15 -7.61
CA ALA T 25 -19.53 68.46 -8.84
C ALA T 25 -18.31 67.98 -9.60
N ALA T 26 -17.24 68.79 -9.62
CA ALA T 26 -16.02 68.35 -10.29
C ALA T 26 -15.42 67.14 -9.59
N THR T 27 -15.37 67.19 -8.25
CA THR T 27 -14.87 66.04 -7.50
C THR T 27 -15.76 64.81 -7.67
N GLN T 28 -17.08 65.01 -7.75
CA GLN T 28 -17.98 63.88 -7.92
C GLN T 28 -17.82 63.23 -9.28
N GLY T 29 -17.59 64.05 -10.31
CA GLY T 29 -17.34 63.49 -11.62
C GLY T 29 -16.01 62.76 -11.69
N ARG T 30 -14.99 63.31 -11.03
CA ARG T 30 -13.71 62.64 -11.02
C ARG T 30 -13.75 61.38 -10.17
N ILE T 31 -14.70 61.30 -9.23
CA ILE T 31 -14.86 60.08 -8.44
C ILE T 31 -15.58 59.00 -9.24
N ASN T 32 -16.71 59.33 -9.86
CA ASN T 32 -17.43 58.25 -10.53
C ASN T 32 -16.81 57.88 -11.87
N THR T 33 -15.93 58.71 -12.43
CA THR T 33 -15.15 58.24 -13.57
C THR T 33 -13.89 57.49 -13.16
N GLY T 34 -13.33 57.79 -11.98
CA GLY T 34 -12.11 57.17 -11.56
C GLY T 34 -10.85 57.74 -12.18
N LYS T 35 -10.95 58.88 -12.86
CA LYS T 35 -9.84 59.48 -13.58
C LYS T 35 -9.87 60.99 -13.36
N LYS T 36 -8.69 61.59 -13.21
CA LYS T 36 -8.63 63.05 -13.08
C LYS T 36 -8.71 63.76 -14.42
N VAL T 37 -8.61 63.04 -15.54
CA VAL T 37 -8.70 63.62 -16.88
C VAL T 37 -9.57 62.74 -17.76
N ALA T 38 -10.71 62.29 -17.23
CA ALA T 38 -11.52 61.30 -17.92
C ALA T 38 -12.10 61.83 -19.22
N ASN T 39 -12.33 63.14 -19.32
CA ASN T 39 -12.92 63.74 -20.51
C ASN T 39 -12.12 64.96 -20.91
N ALA T 40 -12.33 65.41 -22.15
CA ALA T 40 -11.47 66.43 -22.74
C ALA T 40 -11.55 67.74 -21.99
N LYS T 41 -12.68 68.02 -21.33
CA LYS T 41 -12.83 69.29 -20.63
C LYS T 41 -11.85 69.44 -19.47
N ASP T 42 -11.43 68.32 -18.88
CA ASP T 42 -10.54 68.39 -17.72
C ASP T 42 -9.16 68.90 -18.09
N ASN T 43 -8.57 68.33 -19.16
CA ASN T 43 -7.21 68.71 -19.57
C ASN T 43 -6.99 68.11 -20.95
N GLY T 44 -7.00 68.97 -21.98
CA GLY T 44 -6.99 68.49 -23.35
C GLY T 44 -5.70 67.82 -23.77
N ALA T 45 -4.56 68.32 -23.29
CA ALA T 45 -3.28 67.78 -23.71
C ALA T 45 -3.07 66.37 -23.17
N ILE T 46 -3.29 66.19 -21.87
CA ILE T 46 -3.13 64.87 -21.27
C ILE T 46 -4.16 63.91 -21.85
N TRP T 47 -5.33 64.41 -22.20
CA TRP T 47 -6.42 63.56 -22.70
C TRP T 47 -6.14 63.09 -24.12
N SER T 48 -5.69 63.99 -24.99
CA SER T 48 -5.29 63.57 -26.33
C SER T 48 -4.08 62.64 -26.28
N MET T 49 -3.11 62.95 -25.41
CA MET T 49 -1.94 62.10 -25.27
C MET T 49 -2.33 60.71 -24.78
N ALA T 50 -3.29 60.65 -23.86
CA ALA T 50 -3.72 59.39 -23.30
C ALA T 50 -4.45 58.55 -24.34
N LYS T 51 -5.31 59.16 -25.15
CA LYS T 51 -5.95 58.36 -26.19
C LYS T 51 -4.99 57.97 -27.30
N MET T 52 -3.96 58.78 -27.55
CA MET T 52 -2.95 58.36 -28.53
C MET T 52 -2.23 57.11 -28.04
N GLN T 53 -1.73 57.15 -26.81
CA GLN T 53 -1.08 55.97 -26.25
C GLN T 53 -2.05 54.81 -26.06
N SER T 54 -3.33 55.10 -25.79
CA SER T 54 -4.30 54.05 -25.57
C SER T 54 -4.61 53.31 -26.86
N ALA T 55 -4.80 54.05 -27.95
CA ALA T 55 -4.99 53.41 -29.25
C ALA T 55 -3.73 52.66 -29.67
N THR T 56 -2.55 53.20 -29.35
CA THR T 56 -1.31 52.51 -29.70
C THR T 56 -1.19 51.19 -28.95
N ALA T 57 -1.61 51.16 -27.69
CA ALA T 57 -1.54 49.92 -26.91
C ALA T 57 -2.63 48.95 -27.30
N SER T 58 -3.84 49.45 -27.58
CA SER T 58 -4.94 48.60 -27.98
C SER T 58 -4.71 47.98 -29.35
N SER T 59 -3.91 48.63 -30.20
CA SER T 59 -3.61 48.06 -31.51
C SER T 59 -2.75 46.81 -31.42
N LEU T 60 -2.07 46.59 -30.30
CA LEU T 60 -1.17 45.45 -30.16
C LEU T 60 -1.88 44.11 -30.09
N ASN T 61 -3.20 44.09 -29.83
CA ASN T 61 -3.92 42.82 -29.81
C ASN T 61 -3.89 42.17 -31.18
N SER T 62 -4.01 42.96 -32.26
CA SER T 62 -3.90 42.40 -33.59
C SER T 62 -2.50 41.89 -33.87
N VAL T 63 -1.48 42.55 -33.32
CA VAL T 63 -0.11 42.09 -33.50
C VAL T 63 0.09 40.75 -32.80
N LYS T 64 -0.46 40.61 -31.59
CA LYS T 64 -0.37 39.33 -30.89
C LYS T 64 -1.14 38.25 -31.65
N ASP T 65 -2.26 38.62 -32.26
CA ASP T 65 -3.04 37.64 -33.04
C ASP T 65 -2.24 37.15 -34.24
N SER T 66 -1.58 38.08 -34.95
CA SER T 66 -0.80 37.68 -36.11
C SER T 66 0.41 36.84 -35.70
N LEU T 67 1.09 37.23 -34.62
CA LEU T 67 2.24 36.44 -34.17
C LEU T 67 1.80 35.05 -33.73
N GLN T 68 0.62 34.92 -33.11
CA GLN T 68 0.14 33.61 -32.72
C GLN T 68 -0.20 32.75 -33.93
N ARG T 69 -0.81 33.36 -34.95
CA ARG T 69 -1.08 32.61 -36.18
C ARG T 69 0.20 32.17 -36.86
N GLY T 70 1.23 33.01 -36.83
CA GLY T 70 2.50 32.62 -37.41
C GLY T 70 3.18 31.52 -36.63
N GLN T 71 3.07 31.57 -35.30
CA GLN T 71 3.59 30.47 -34.50
C GLN T 71 2.88 29.16 -34.80
N SER T 72 1.56 29.22 -34.99
CA SER T 72 0.84 28.00 -35.32
C SER T 72 1.26 27.46 -36.68
N THR T 73 1.50 28.36 -37.64
CA THR T 73 1.91 27.91 -38.97
C THR T 73 3.29 27.28 -38.94
N ILE T 74 4.24 27.90 -38.23
CA ILE T 74 5.58 27.32 -38.14
C ILE T 74 5.54 26.03 -37.34
N ASP T 75 4.62 25.90 -36.39
CA ASP T 75 4.49 24.62 -35.69
C ASP T 75 4.03 23.52 -36.64
N VAL T 76 3.07 23.82 -37.50
CA VAL T 76 2.65 22.82 -38.49
C VAL T 76 3.81 22.48 -39.43
N ALA T 77 4.61 23.48 -39.77
CA ALA T 77 5.71 23.25 -40.70
C ALA T 77 6.77 22.34 -40.08
N LEU T 78 7.13 22.60 -38.81
CA LEU T 78 8.09 21.73 -38.14
C LEU T 78 7.52 20.34 -37.88
N ALA T 79 6.21 20.24 -37.61
CA ALA T 79 5.60 18.93 -37.42
C ALA T 79 5.66 18.12 -38.71
N ALA T 80 5.61 18.80 -39.85
CA ALA T 80 5.85 18.10 -41.12
C ALA T 80 7.31 17.71 -41.26
N GLY T 81 8.22 18.66 -41.00
CA GLY T 81 9.62 18.39 -41.25
C GLY T 81 10.14 17.23 -40.43
N ASP T 82 9.53 16.99 -39.27
CA ASP T 82 9.94 15.86 -38.43
C ASP T 82 9.77 14.53 -39.17
N THR T 83 8.77 14.42 -40.05
CA THR T 83 8.59 13.18 -40.81
C THR T 83 9.25 13.23 -42.19
N ILE T 84 9.37 14.41 -42.81
CA ILE T 84 10.19 14.49 -44.02
C ILE T 84 11.61 14.02 -43.72
N THR T 85 12.12 14.30 -42.53
CA THR T 85 13.49 13.89 -42.23
C THR T 85 13.61 12.37 -42.14
N ASP T 86 12.66 11.70 -41.46
CA ASP T 86 12.73 10.24 -41.38
C ASP T 86 12.55 9.59 -42.74
N LEU T 87 11.69 10.17 -43.59
CA LEU T 87 11.52 9.61 -44.92
C LEU T 87 12.79 9.75 -45.73
N LEU T 88 13.48 10.89 -45.62
CA LEU T 88 14.74 11.05 -46.33
C LEU T 88 15.80 10.10 -45.81
N THR T 89 15.80 9.84 -44.49
CA THR T 89 16.77 8.91 -43.93
C THR T 89 16.53 7.49 -44.42
N LYS T 90 15.26 7.06 -44.44
CA LYS T 90 14.96 5.71 -44.93
C LYS T 90 15.26 5.57 -46.41
N MET T 91 15.06 6.64 -47.19
CA MET T 91 15.40 6.55 -48.60
C MET T 91 16.92 6.46 -48.79
N LYS T 92 17.70 7.16 -47.96
CA LYS T 92 19.15 6.97 -48.02
C LYS T 92 19.51 5.54 -47.64
N GLU T 93 18.77 4.97 -46.68
CA GLU T 93 19.04 3.61 -46.25
C GLU T 93 18.85 2.62 -47.38
N LYS T 94 17.70 2.69 -48.06
CA LYS T 94 17.46 1.72 -49.13
C LYS T 94 18.19 2.05 -50.42
N ALA T 95 18.60 3.30 -50.63
CA ALA T 95 19.49 3.59 -51.74
C ALA T 95 20.84 2.93 -51.50
N LEU T 96 21.34 2.99 -50.26
CA LEU T 96 22.56 2.27 -49.92
C LEU T 96 22.36 0.76 -50.03
N ALA T 97 21.17 0.28 -49.68
CA ALA T 97 20.90 -1.15 -49.76
C ALA T 97 20.91 -1.64 -51.20
N ALA T 98 20.40 -0.81 -52.12
CA ALA T 98 20.41 -1.18 -53.53
C ALA T 98 21.72 -0.84 -54.22
N SER T 99 22.61 -0.11 -53.55
CA SER T 99 23.92 0.17 -54.15
C SER T 99 24.77 -1.09 -54.32
N ASP T 100 24.51 -2.14 -53.54
CA ASP T 100 25.31 -3.35 -53.59
C ASP T 100 25.15 -4.04 -54.94
N THR T 101 26.27 -4.48 -55.53
CA THR T 101 26.26 -5.09 -56.85
C THR T 101 25.95 -6.59 -56.83
N SER T 102 25.93 -7.23 -55.67
CA SER T 102 25.67 -8.66 -55.58
C SER T 102 24.19 -9.01 -55.60
N LEU T 103 23.31 -8.01 -55.50
CA LEU T 103 21.88 -8.27 -55.42
C LEU T 103 21.34 -8.86 -56.72
N ASN T 104 20.37 -9.76 -56.57
CA ASN T 104 19.54 -10.22 -57.67
C ASN T 104 18.52 -9.15 -58.05
N THR T 105 18.00 -9.26 -59.28
CA THR T 105 17.14 -8.22 -59.82
C THR T 105 15.89 -8.00 -58.96
N ALA T 106 15.42 -9.05 -58.29
CA ALA T 106 14.18 -8.94 -57.54
C ALA T 106 14.32 -8.02 -56.34
N SER T 107 15.38 -8.19 -55.55
CA SER T 107 15.59 -7.32 -54.40
C SER T 107 15.84 -5.88 -54.84
N PHE T 108 16.52 -5.70 -55.97
CA PHE T 108 16.77 -4.35 -56.46
C PHE T 108 15.48 -3.67 -56.87
N ASN T 109 14.59 -4.40 -57.56
CA ASN T 109 13.28 -3.83 -57.87
C ASN T 109 12.48 -3.55 -56.61
N ALA T 110 12.65 -4.38 -55.58
CA ALA T 110 11.91 -4.18 -54.34
C ALA T 110 12.33 -2.89 -53.65
N LEU T 111 13.64 -2.69 -53.49
CA LEU T 111 14.12 -1.44 -52.91
C LEU T 111 13.83 -0.25 -53.81
N LYS T 112 13.83 -0.43 -55.13
CA LYS T 112 13.52 0.67 -56.02
C LYS T 112 12.07 1.14 -55.84
N ALA T 113 11.13 0.18 -55.85
CA ALA T 113 9.73 0.56 -55.68
C ALA T 113 9.45 1.10 -54.29
N ASP T 114 10.19 0.61 -53.29
CA ASP T 114 10.06 1.11 -51.88
C ASP T 114 10.55 2.55 -51.83
N PHE T 115 11.60 2.82 -52.59
CA PHE T 115 12.12 4.19 -52.69
C PHE T 115 11.11 5.10 -53.38
N GLU T 116 10.46 4.61 -54.45
CA GLU T 116 9.45 5.43 -55.11
C GLU T 116 8.28 5.71 -54.17
N SER T 117 7.89 4.72 -53.37
CA SER T 117 6.77 4.91 -52.46
C SER T 117 7.10 5.93 -51.38
N LEU T 118 8.31 5.85 -50.83
CA LEU T 118 8.72 6.83 -49.83
C LEU T 118 8.87 8.23 -50.43
N ARG T 119 9.27 8.32 -51.70
CA ARG T 119 9.33 9.63 -52.34
C ARG T 119 7.94 10.21 -52.54
N ASP T 120 6.97 9.37 -52.91
CA ASP T 120 5.60 9.87 -53.03
C ASP T 120 5.04 10.26 -51.67
N GLN T 121 5.39 9.51 -50.62
CA GLN T 121 4.99 9.91 -49.27
C GLN T 121 5.65 11.22 -48.87
N LEU T 122 6.88 11.46 -49.34
CA LEU T 122 7.56 12.71 -49.06
C LEU T 122 6.79 13.87 -49.69
N GLN T 123 6.45 13.75 -50.98
CA GLN T 123 5.71 14.83 -51.63
C GLN T 123 4.35 15.02 -50.99
N LYS T 124 3.72 13.94 -50.55
CA LYS T 124 2.38 14.03 -49.97
C LYS T 124 2.41 14.73 -48.61
N ALA T 125 3.34 14.32 -47.74
CA ALA T 125 3.44 14.96 -46.43
C ALA T 125 3.91 16.40 -46.57
N ALA T 126 4.76 16.68 -47.56
CA ALA T 126 5.19 18.07 -47.78
C ALA T 126 4.05 18.95 -48.27
N THR T 127 3.12 18.40 -49.05
CA THR T 127 2.04 19.22 -49.56
C THR T 127 0.89 19.36 -48.56
N ASN T 128 0.58 18.28 -47.82
CA ASN T 128 -0.61 18.28 -46.97
C ASN T 128 -0.48 19.26 -45.81
N ALA T 129 0.75 19.55 -45.38
CA ALA T 129 0.98 20.33 -44.16
C ALA T 129 0.93 21.81 -44.50
N LYS T 130 -0.24 22.40 -44.24
CA LYS T 130 -0.45 23.84 -44.37
C LYS T 130 -1.51 24.25 -43.37
N PHE T 131 -1.32 25.42 -42.76
CA PHE T 131 -2.23 25.93 -41.75
C PHE T 131 -2.94 27.17 -42.28
N ASN T 132 -4.27 27.15 -42.23
CA ASN T 132 -5.12 28.22 -42.79
C ASN T 132 -4.83 28.44 -44.28
N GLY T 133 -4.48 27.38 -44.99
CA GLY T 133 -4.29 27.46 -46.43
C GLY T 133 -2.94 27.94 -46.88
N VAL T 134 -2.00 28.16 -45.96
CA VAL T 134 -0.66 28.63 -46.31
C VAL T 134 0.36 27.72 -45.64
N SER T 135 1.53 27.62 -46.26
CA SER T 135 2.56 26.68 -45.83
C SER T 135 3.94 27.30 -45.96
N LEU T 136 4.83 26.88 -45.07
CA LEU T 136 6.23 27.29 -45.09
C LEU T 136 7.16 26.18 -45.57
N ALA T 137 6.63 25.00 -45.93
CA ALA T 137 7.46 23.89 -46.37
C ALA T 137 7.29 23.51 -47.84
N ASP T 138 6.10 23.70 -48.42
CA ASP T 138 5.87 23.26 -49.79
C ASP T 138 6.52 24.15 -50.83
N GLY T 139 7.00 25.34 -50.45
CA GLY T 139 7.58 26.25 -51.41
C GLY T 139 6.58 27.03 -52.23
N SER T 140 5.31 27.04 -51.83
CA SER T 140 4.29 27.75 -52.60
C SER T 140 4.55 29.25 -52.64
N THR T 141 5.21 29.79 -51.63
CA THR T 141 5.57 31.20 -51.61
C THR T 141 6.89 31.38 -50.88
N THR T 142 7.66 32.39 -51.29
CA THR T 142 9.02 32.55 -50.80
C THR T 142 9.07 32.84 -49.30
N LYS T 143 8.09 33.58 -48.78
CA LYS T 143 8.13 33.99 -47.38
C LYS T 143 6.77 34.48 -46.96
N LEU T 144 6.56 34.52 -45.63
CA LEU T 144 5.32 35.02 -45.03
C LEU T 144 5.65 36.11 -44.03
N SER T 145 5.10 37.30 -44.25
CA SER T 145 5.23 38.42 -43.33
C SER T 145 4.24 38.29 -42.18
N PHE T 146 4.59 38.88 -41.04
CA PHE T 146 3.74 38.88 -39.86
C PHE T 146 3.94 40.19 -39.10
N LEU T 147 2.86 40.69 -38.50
CA LEU T 147 2.89 41.99 -37.84
C LEU T 147 3.83 41.98 -36.65
N ALA T 148 4.51 43.12 -36.43
CA ALA T 148 5.43 43.25 -35.32
C ALA T 148 5.27 44.54 -34.54
N ASN T 149 4.61 45.56 -35.09
CA ASN T 149 4.50 46.85 -34.45
C ASN T 149 3.15 47.47 -34.77
N GLU T 150 2.81 48.54 -34.03
CA GLU T 150 1.64 49.34 -34.35
C GLU T 150 1.78 49.99 -35.72
N ASP T 151 3.03 50.26 -36.13
CA ASP T 151 3.30 50.82 -37.45
C ASP T 151 3.02 49.84 -38.57
N GLY T 152 2.89 48.55 -38.26
CA GLY T 152 2.65 47.55 -39.26
C GLY T 152 3.89 46.94 -39.88
N SER T 153 5.08 47.30 -39.41
CA SER T 153 6.29 46.68 -39.93
C SER T 153 6.23 45.18 -39.69
N ASN T 154 6.62 44.41 -40.70
CA ASN T 154 6.37 42.98 -40.74
C ASN T 154 7.57 42.20 -40.21
N PHE T 155 7.31 41.27 -39.31
CA PHE T 155 8.26 40.19 -39.05
C PHE T 155 8.34 39.32 -40.30
N THR T 156 9.54 38.93 -40.68
CA THR T 156 9.77 38.21 -41.92
C THR T 156 10.33 36.82 -41.63
N VAL T 157 9.60 35.80 -42.07
CA VAL T 157 10.09 34.42 -42.05
C VAL T 157 10.16 33.93 -43.49
N THR T 158 11.38 33.63 -43.96
CA THR T 158 11.53 32.98 -45.25
C THR T 158 10.96 31.57 -45.17
N ALA T 159 10.19 31.20 -46.19
CA ALA T 159 9.76 29.81 -46.28
C ALA T 159 10.96 28.93 -46.65
N GLN T 160 11.04 27.77 -46.03
CA GLN T 160 12.10 26.81 -46.28
C GLN T 160 11.46 25.63 -47.01
N THR T 161 11.62 25.60 -48.34
CA THR T 161 10.97 24.59 -49.15
C THR T 161 11.44 23.20 -48.76
N LEU T 162 10.49 22.28 -48.58
CA LEU T 162 10.80 20.92 -48.20
C LEU T 162 10.16 19.87 -49.09
N SER T 163 9.34 20.26 -50.07
CA SER T 163 8.88 19.33 -51.09
C SER T 163 10.05 18.90 -51.96
N LEU T 164 9.88 17.74 -52.61
CA LEU T 164 10.97 17.09 -53.34
C LEU T 164 11.72 18.04 -54.25
N THR T 165 11.01 18.99 -54.87
CA THR T 165 11.67 19.98 -55.70
C THR T 165 12.62 20.85 -54.89
N GLY T 166 12.29 21.10 -53.62
CA GLY T 166 13.11 22.00 -52.82
C GLY T 166 14.32 21.38 -52.18
N ILE T 167 14.43 20.04 -52.20
CA ILE T 167 15.57 19.36 -51.63
C ILE T 167 16.49 18.78 -52.70
N GLY T 168 16.34 19.21 -53.95
CA GLY T 168 17.13 18.69 -55.04
C GLY T 168 16.60 17.43 -55.69
N LEU T 169 15.50 16.90 -55.20
CA LEU T 169 14.83 15.76 -55.81
C LEU T 169 13.81 16.25 -56.83
N THR T 170 13.19 15.32 -57.55
CA THR T 170 12.04 15.62 -58.39
C THR T 170 11.03 14.50 -58.23
N ALA T 171 9.82 14.74 -58.72
CA ALA T 171 8.73 13.81 -58.52
C ALA T 171 8.99 12.45 -59.15
N THR T 172 9.82 12.39 -60.19
CA THR T 172 10.15 11.14 -60.86
C THR T 172 11.53 10.60 -60.50
N SER T 173 12.15 11.13 -59.44
CA SER T 173 13.50 10.68 -59.09
C SER T 173 13.52 9.20 -58.75
N THR T 174 14.60 8.54 -59.15
CA THR T 174 14.78 7.10 -58.93
C THR T 174 16.18 6.67 -59.35
N PHE T 175 16.41 5.36 -59.39
CA PHE T 175 17.69 4.81 -59.83
C PHE T 175 17.42 3.49 -60.52
N THR T 176 18.26 3.16 -61.51
CA THR T 176 18.02 1.96 -62.30
C THR T 176 19.15 0.93 -62.22
N ASP T 177 20.26 1.23 -61.57
CA ASP T 177 21.35 0.26 -61.47
C ASP T 177 22.18 0.56 -60.24
N ALA T 178 23.11 -0.36 -59.93
CA ALA T 178 23.91 -0.22 -58.72
C ALA T 178 24.77 1.03 -58.75
N ALA T 179 25.23 1.46 -59.93
CA ALA T 179 26.02 2.68 -59.99
C ALA T 179 25.17 3.92 -59.78
N THR T 180 23.99 3.97 -60.40
CA THR T 180 23.07 5.06 -60.11
C THR T 180 22.63 5.05 -58.65
N ALA T 181 22.50 3.86 -58.05
CA ALA T 181 22.17 3.80 -56.63
C ALA T 181 23.33 4.33 -55.77
N LYS T 182 24.57 4.04 -56.16
CA LYS T 182 25.71 4.55 -55.41
C LYS T 182 25.81 6.07 -55.52
N THR T 183 25.45 6.62 -56.68
CA THR T 183 25.37 8.08 -56.79
C THR T 183 24.18 8.62 -55.99
N MET T 184 23.08 7.87 -55.96
CA MET T 184 21.90 8.29 -55.22
C MET T 184 22.18 8.33 -53.73
N ILE T 185 23.13 7.52 -53.26
CA ILE T 185 23.54 7.60 -51.86
C ILE T 185 23.96 9.02 -51.52
N ALA T 186 24.94 9.54 -52.25
CA ALA T 186 25.44 10.88 -51.98
C ALA T 186 24.39 11.95 -52.27
N THR T 187 23.54 11.75 -53.28
CA THR T 187 22.55 12.78 -53.58
C THR T 187 21.51 12.88 -52.47
N ILE T 188 20.99 11.73 -52.01
CA ILE T 188 20.02 11.74 -50.93
C ILE T 188 20.67 12.20 -49.62
N THR T 189 21.98 11.93 -49.44
CA THR T 189 22.66 12.44 -48.26
C THR T 189 22.72 13.96 -48.27
N THR T 190 23.07 14.55 -49.42
CA THR T 190 23.08 16.00 -49.52
C THR T 190 21.67 16.57 -49.33
N SER T 191 20.65 15.86 -49.84
CA SER T 191 19.29 16.35 -49.67
C SER T 191 18.87 16.30 -48.21
N LEU T 192 19.27 15.27 -47.48
CA LEU T 192 18.96 15.20 -46.06
C LEU T 192 19.67 16.30 -45.29
N GLN T 193 20.90 16.62 -45.69
CA GLN T 193 21.63 17.70 -45.03
C GLN T 193 20.92 19.04 -45.25
N THR T 194 20.50 19.31 -46.50
CA THR T 194 19.78 20.55 -46.76
C THR T 194 18.44 20.59 -46.03
N ALA T 195 17.78 19.43 -45.90
CA ALA T 195 16.50 19.40 -45.19
C ALA T 195 16.70 19.72 -43.71
N THR T 196 17.74 19.17 -43.10
CA THR T 196 18.02 19.51 -41.71
C THR T 196 18.38 20.98 -41.54
N ASN T 197 19.13 21.56 -42.49
CA ASN T 197 19.46 22.97 -42.36
C ASN T 197 18.22 23.85 -42.49
N LYS T 198 17.31 23.49 -43.40
CA LYS T 198 16.09 24.27 -43.54
C LYS T 198 15.21 24.14 -42.31
N LEU T 199 15.17 22.96 -41.70
CA LEU T 199 14.42 22.81 -40.46
C LEU T 199 15.06 23.61 -39.32
N SER T 200 16.39 23.71 -39.32
CA SER T 200 17.05 24.55 -38.32
C SER T 200 16.70 26.02 -38.52
N SER T 201 16.59 26.46 -39.78
CA SER T 201 16.18 27.84 -40.02
C SER T 201 14.74 28.08 -39.59
N LEU T 202 13.88 27.10 -39.81
CA LEU T 202 12.50 27.23 -39.32
C LEU T 202 12.45 27.26 -37.80
N GLY T 203 13.34 26.53 -37.14
CA GLY T 203 13.35 26.55 -35.68
C GLY T 203 13.87 27.88 -35.14
N THR T 204 14.86 28.46 -35.82
CA THR T 204 15.30 29.80 -35.43
C THR T 204 14.18 30.81 -35.62
N SER T 205 13.41 30.69 -36.70
CA SER T 205 12.32 31.63 -36.92
C SER T 205 11.24 31.46 -35.86
N SER T 206 10.96 30.22 -35.46
CA SER T 206 9.94 30.00 -34.45
C SER T 206 10.37 30.55 -33.09
N VAL T 207 11.66 30.39 -32.77
CA VAL T 207 12.17 30.98 -31.53
C VAL T 207 12.07 32.50 -31.60
N GLY T 208 12.26 33.08 -32.78
CA GLY T 208 12.16 34.51 -32.90
C GLY T 208 10.73 35.02 -32.75
N LEU T 209 9.76 34.29 -33.29
CA LEU T 209 8.37 34.66 -33.05
C LEU T 209 7.99 34.52 -31.58
N ASP T 210 8.53 33.52 -30.88
CA ASP T 210 8.24 33.39 -29.46
C ASP T 210 8.79 34.59 -28.70
N THR T 211 10.04 34.96 -28.97
CA THR T 211 10.65 36.08 -28.27
C THR T 211 9.92 37.38 -28.57
N HIS T 212 9.57 37.62 -29.84
CA HIS T 212 8.88 38.86 -30.17
C HIS T 212 7.48 38.89 -29.57
N LEU T 213 6.79 37.75 -29.48
CA LEU T 213 5.47 37.76 -28.87
C LEU T 213 5.56 38.09 -27.39
N THR T 214 6.57 37.55 -26.70
CA THR T 214 6.76 37.90 -25.30
C THR T 214 7.06 39.38 -25.13
N PHE T 215 7.90 39.91 -26.03
CA PHE T 215 8.26 41.33 -25.94
C PHE T 215 7.05 42.22 -26.20
N VAL T 216 6.21 41.84 -27.17
CA VAL T 216 5.01 42.62 -27.44
C VAL T 216 4.07 42.58 -26.25
N GLY T 217 4.01 41.45 -25.54
CA GLY T 217 3.18 41.40 -24.36
C GLY T 217 3.67 42.32 -23.25
N LYS T 218 4.97 42.26 -22.96
CA LYS T 218 5.51 43.16 -21.93
C LYS T 218 5.36 44.62 -22.34
N LEU T 219 5.50 44.91 -23.63
CA LEU T 219 5.33 46.28 -24.09
C LEU T 219 3.88 46.74 -23.91
N GLN T 220 2.92 45.84 -24.13
CA GLN T 220 1.53 46.25 -23.95
C GLN T 220 1.23 46.50 -22.47
N ASP T 221 1.75 45.66 -21.58
CA ASP T 221 1.52 45.91 -20.15
C ASP T 221 2.19 47.22 -19.72
N SER T 222 3.38 47.51 -20.27
CA SER T 222 4.05 48.74 -19.89
C SER T 222 3.31 49.97 -20.40
N LEU T 223 2.79 49.91 -21.63
CA LEU T 223 2.02 51.03 -22.15
C LEU T 223 0.73 51.23 -21.39
N ASP T 224 0.08 50.14 -20.97
CA ASP T 224 -1.13 50.29 -20.17
C ASP T 224 -0.82 50.87 -18.80
N ALA T 225 0.31 50.47 -18.21
CA ALA T 225 0.70 51.05 -16.93
C ALA T 225 1.01 52.53 -17.08
N GLY T 226 1.60 52.93 -18.20
CA GLY T 226 1.88 54.34 -18.40
C GLY T 226 0.62 55.18 -18.62
N VAL T 227 -0.33 54.64 -19.38
CA VAL T 227 -1.58 55.35 -19.57
C VAL T 227 -2.33 55.47 -18.25
N GLY T 228 -2.25 54.43 -17.41
CA GLY T 228 -2.87 54.52 -16.10
C GLY T 228 -2.19 55.52 -15.19
N ASN T 229 -0.86 55.60 -15.27
CA ASN T 229 -0.16 56.62 -14.50
C ASN T 229 -0.54 58.01 -14.97
N LEU T 230 -0.90 58.13 -16.24
CA LEU T 230 -1.34 59.44 -16.73
C LEU T 230 -2.75 59.79 -16.26
N VAL T 231 -3.69 58.84 -16.32
CA VAL T 231 -5.10 59.19 -16.19
C VAL T 231 -5.68 58.96 -14.79
N ASP T 232 -5.16 57.95 -14.08
CA ASP T 232 -5.85 57.47 -12.88
C ASP T 232 -5.90 58.52 -11.78
N ALA T 233 -7.07 58.63 -11.15
CA ALA T 233 -7.24 59.44 -9.95
C ALA T 233 -6.73 58.69 -8.72
N ASP T 234 -6.33 59.46 -7.71
CA ASP T 234 -5.91 58.90 -6.43
C ASP T 234 -7.10 58.98 -5.48
N LEU T 235 -7.84 57.88 -5.36
CA LEU T 235 -9.22 57.94 -4.85
C LEU T 235 -9.31 58.35 -3.39
N ALA T 236 -8.29 58.08 -2.57
CA ALA T 236 -8.39 58.44 -1.16
C ALA T 236 -8.36 59.95 -0.96
N LYS T 237 -7.50 60.64 -1.72
CA LYS T 237 -7.56 62.10 -1.73
C LYS T 237 -8.92 62.59 -2.19
N GLU T 238 -9.55 61.83 -3.10
CA GLU T 238 -10.83 62.24 -3.64
C GLU T 238 -11.91 62.13 -2.57
N SER T 239 -11.88 61.06 -1.77
CA SER T 239 -12.82 60.94 -0.67
C SER T 239 -12.60 62.01 0.39
N ALA T 240 -11.33 62.37 0.65
CA ALA T 240 -11.05 63.39 1.64
C ALA T 240 -11.60 64.75 1.19
N LYS T 241 -11.30 65.13 -0.05
CA LYS T 241 -11.83 66.37 -0.58
C LYS T 241 -13.34 66.32 -0.69
N LEU T 242 -13.91 65.15 -0.96
CA LEU T 242 -15.36 65.01 -1.02
C LEU T 242 -15.99 65.34 0.32
N GLN T 243 -15.46 64.74 1.40
CA GLN T 243 -16.00 65.03 2.73
C GLN T 243 -15.83 66.50 3.08
N SER T 244 -14.71 67.09 2.68
CA SER T 244 -14.47 68.49 2.98
C SER T 244 -15.49 69.39 2.28
N LEU T 245 -15.71 69.17 0.98
CA LEU T 245 -16.67 70.01 0.26
C LEU T 245 -18.11 69.78 0.71
N GLN T 246 -18.47 68.56 1.14
CA GLN T 246 -19.82 68.41 1.67
C GLN T 246 -19.99 69.17 2.98
N THR T 247 -18.97 69.13 3.85
CA THR T 247 -19.08 69.86 5.11
C THR T 247 -19.14 71.36 4.85
N LYS T 248 -18.34 71.84 3.89
CA LYS T 248 -18.40 73.26 3.53
C LYS T 248 -19.73 73.61 2.88
N GLN T 249 -20.33 72.67 2.14
CA GLN T 249 -21.63 72.93 1.51
C GLN T 249 -22.70 73.14 2.57
N GLN T 250 -22.76 72.24 3.55
CA GLN T 250 -23.77 72.39 4.60
C GLN T 250 -23.51 73.63 5.46
N LEU T 251 -22.23 73.95 5.69
CA LEU T 251 -21.95 75.19 6.43
C LEU T 251 -22.36 76.42 5.61
N GLY T 252 -22.23 76.34 4.29
CA GLY T 252 -22.64 77.46 3.46
C GLY T 252 -24.14 77.61 3.40
N VAL T 253 -24.88 76.50 3.41
CA VAL T 253 -26.33 76.59 3.51
C VAL T 253 -26.75 77.23 4.82
N GLN T 254 -26.05 76.90 5.91
CA GLN T 254 -26.38 77.51 7.19
C GLN T 254 -26.06 79.00 7.20
N ALA T 255 -24.91 79.39 6.63
CA ALA T 255 -24.55 80.79 6.56
C ALA T 255 -25.51 81.57 5.66
N LEU T 256 -26.00 80.94 4.58
CA LEU T 256 -26.97 81.60 3.72
C LEU T 256 -28.29 81.80 4.46
N SER T 257 -28.67 80.81 5.28
CA SER T 257 -29.87 80.98 6.08
C SER T 257 -29.72 82.14 7.07
N ILE T 258 -28.54 82.26 7.69
CA ILE T 258 -28.33 83.34 8.63
C ILE T 258 -28.35 84.69 7.91
N ALA T 259 -27.81 84.72 6.69
CA ALA T 259 -27.87 85.96 5.90
C ALA T 259 -29.30 86.33 5.54
N ASN T 260 -30.16 85.33 5.32
CA ASN T 260 -31.58 85.62 5.12
C ASN T 260 -32.26 86.08 6.41
N GLN T 261 -31.81 85.59 7.57
CA GLN T 261 -32.37 86.10 8.82
C GLN T 261 -31.95 87.54 9.10
N THR T 262 -30.82 87.97 8.54
CA THR T 262 -30.32 89.32 8.82
C THR T 262 -31.31 90.45 8.51
N PRO T 263 -31.97 90.51 7.35
CA PRO T 263 -32.89 91.63 7.09
C PRO T 263 -34.05 91.76 8.06
N GLN T 264 -34.50 90.66 8.65
CA GLN T 264 -35.83 90.63 9.28
C GLN T 264 -35.98 91.63 10.41
N THR T 265 -34.88 92.09 10.99
CA THR T 265 -34.96 92.89 12.22
C THR T 265 -35.67 94.22 12.01
N ILE T 266 -35.74 94.70 10.76
CA ILE T 266 -36.31 96.02 10.50
C ILE T 266 -37.78 96.09 10.89
N LEU T 267 -38.51 94.98 10.80
CA LEU T 267 -39.94 95.03 11.06
C LEU T 267 -40.25 95.46 12.48
N SER T 268 -39.40 95.11 13.44
CA SER T 268 -39.61 95.50 14.82
C SER T 268 -39.20 96.94 15.12
N LEU T 269 -38.46 97.58 14.22
CA LEU T 269 -37.92 98.92 14.48
C LEU T 269 -38.98 100.02 14.40
N PHE T 270 -40.12 99.76 13.79
CA PHE T 270 -41.19 100.77 13.72
C PHE T 270 -41.88 100.96 15.06
N LEU U 1 -53.36 145.81 19.71
CA LEU U 1 -53.19 144.40 19.40
C LEU U 1 -54.53 143.72 19.18
N ASN U 2 -55.61 144.42 19.51
CA ASN U 2 -56.94 143.89 19.28
C ASN U 2 -57.18 143.71 17.79
N SER U 3 -57.85 142.63 17.41
CA SER U 3 -58.12 142.34 16.01
C SER U 3 -59.21 141.28 15.94
N ILE U 4 -60.46 141.72 16.09
CA ILE U 4 -61.59 140.80 16.06
C ILE U 4 -61.76 140.19 14.66
N ASN U 5 -61.29 140.89 13.62
CA ASN U 5 -61.51 140.39 12.26
C ASN U 5 -60.65 139.16 11.97
N THR U 6 -59.38 139.20 12.31
CA THR U 6 -58.46 138.11 12.00
C THR U 6 -57.22 138.25 12.87
N ASN U 7 -56.48 137.16 13.01
CA ASN U 7 -55.25 137.17 13.79
C ASN U 7 -54.12 136.50 13.00
N PRO U 8 -52.88 136.91 13.24
CA PRO U 8 -51.75 136.33 12.48
C PRO U 8 -51.19 135.06 13.08
N GLY U 9 -51.29 134.91 14.40
CA GLY U 9 -50.66 133.78 15.05
C GLY U 9 -51.23 132.45 14.62
N ALA U 10 -52.54 132.40 14.38
CA ALA U 10 -53.14 131.18 13.83
C ALA U 10 -52.61 130.90 12.44
N LEU U 11 -52.33 131.97 11.67
CA LEU U 11 -51.79 131.77 10.32
C LEU U 11 -50.40 131.16 10.38
N LEU U 12 -49.53 131.70 11.23
CA LEU U 12 -48.19 131.11 11.35
C LEU U 12 -48.25 129.70 11.91
N ALA U 13 -49.20 129.42 12.81
CA ALA U 13 -49.31 128.08 13.38
C ALA U 13 -49.74 127.08 12.32
N LEU U 14 -50.76 127.42 11.53
CA LEU U 14 -51.18 126.53 10.46
C LEU U 14 -50.12 126.41 9.38
N GLN U 15 -49.31 127.45 9.17
CA GLN U 15 -48.22 127.35 8.22
C GLN U 15 -47.19 126.33 8.69
N ASN U 16 -46.78 126.40 9.96
CA ASN U 16 -45.85 125.40 10.48
C ASN U 16 -46.46 124.02 10.49
N LEU U 17 -47.78 123.93 10.72
CA LEU U 17 -48.43 122.62 10.72
C LEU U 17 -48.46 122.02 9.32
N ASN U 18 -48.76 122.84 8.32
CA ASN U 18 -48.72 122.33 6.94
C ASN U 18 -47.30 121.94 6.55
N SER U 19 -46.30 122.67 7.06
CA SER U 19 -44.93 122.29 6.80
C SER U 19 -44.62 120.91 7.39
N THR U 20 -44.95 120.72 8.67
CA THR U 20 -44.65 119.41 9.25
C THR U 20 -45.46 118.31 8.56
N ASN U 21 -46.66 118.61 8.05
CA ASN U 21 -47.35 117.63 7.22
C ASN U 21 -46.60 117.34 5.92
N THR U 22 -45.92 118.33 5.34
CA THR U 22 -45.18 118.07 4.10
C THR U 22 -44.00 117.14 4.35
N GLU U 23 -43.17 117.44 5.34
CA GLU U 23 -42.11 116.49 5.67
C GLU U 23 -42.65 115.15 6.18
N LEU U 24 -43.80 115.13 6.85
CA LEU U 24 -44.34 113.84 7.28
C LEU U 24 -44.80 113.01 6.08
N ALA U 25 -45.42 113.64 5.09
CA ALA U 25 -45.82 112.91 3.90
C ALA U 25 -44.61 112.43 3.10
N ALA U 26 -43.56 113.25 3.05
CA ALA U 26 -42.35 112.84 2.34
C ALA U 26 -41.69 111.65 3.03
N THR U 27 -41.61 111.69 4.37
CA THR U 27 -41.05 110.56 5.08
C THR U 27 -41.93 109.33 4.96
N GLN U 28 -43.26 109.50 4.98
CA GLN U 28 -44.16 108.37 4.87
C GLN U 28 -43.98 107.69 3.53
N GLY U 29 -43.79 108.48 2.47
CA GLY U 29 -43.50 107.89 1.18
C GLY U 29 -42.14 107.22 1.15
N ARG U 30 -41.17 107.81 1.84
CA ARG U 30 -39.83 107.23 1.82
C ARG U 30 -39.79 105.89 2.52
N ILE U 31 -40.60 105.69 3.58
CA ILE U 31 -40.68 104.34 4.14
C ILE U 31 -41.51 103.42 3.25
N ASN U 32 -42.71 103.84 2.83
CA ASN U 32 -43.57 102.86 2.18
C ASN U 32 -43.04 102.42 0.82
N THR U 33 -42.17 103.22 0.18
CA THR U 33 -41.51 102.73 -1.01
C THR U 33 -40.22 101.97 -0.71
N GLY U 34 -39.59 102.23 0.43
CA GLY U 34 -38.34 101.59 0.77
C GLY U 34 -37.11 102.17 0.10
N LYS U 35 -37.21 103.35 -0.51
CA LYS U 35 -36.11 103.95 -1.25
C LYS U 35 -36.13 105.46 -1.07
N LYS U 36 -34.95 106.05 -0.90
CA LYS U 36 -34.86 107.49 -0.72
C LYS U 36 -35.01 108.26 -2.02
N VAL U 37 -34.85 107.62 -3.17
CA VAL U 37 -34.97 108.27 -4.47
C VAL U 37 -35.85 107.43 -5.39
N ALA U 38 -37.02 107.03 -4.89
CA ALA U 38 -37.86 106.05 -5.59
C ALA U 38 -38.37 106.57 -6.93
N ASN U 39 -38.43 107.89 -7.12
CA ASN U 39 -39.04 108.43 -8.33
C ASN U 39 -38.27 109.67 -8.76
N ALA U 40 -38.63 110.16 -9.95
CA ALA U 40 -37.92 111.30 -10.55
C ALA U 40 -38.05 112.56 -9.70
N LYS U 41 -39.18 112.72 -8.99
CA LYS U 41 -39.39 113.93 -8.22
C LYS U 41 -38.43 114.05 -7.04
N ASP U 42 -37.89 112.93 -6.56
CA ASP U 42 -36.93 112.96 -5.47
C ASP U 42 -35.63 113.61 -5.92
N ASN U 43 -34.80 112.86 -6.64
CA ASN U 43 -33.59 113.38 -7.27
C ASN U 43 -33.50 112.75 -8.65
N GLY U 44 -33.68 113.56 -9.69
CA GLY U 44 -33.82 113.02 -11.03
C GLY U 44 -32.53 112.46 -11.60
N ALA U 45 -31.39 113.04 -11.23
CA ALA U 45 -30.11 112.56 -11.76
C ALA U 45 -29.80 111.18 -11.21
N ILE U 46 -29.91 111.02 -9.88
CA ILE U 46 -29.69 109.71 -9.28
C ILE U 46 -30.75 108.72 -9.76
N TRP U 47 -31.98 109.18 -9.98
CA TRP U 47 -33.02 108.28 -10.46
C TRP U 47 -32.70 107.77 -11.86
N SER U 48 -32.29 108.66 -12.76
CA SER U 48 -31.99 108.25 -14.12
C SER U 48 -30.75 107.35 -14.15
N MET U 49 -29.75 107.64 -13.32
CA MET U 49 -28.58 106.79 -13.25
C MET U 49 -28.95 105.40 -12.74
N ALA U 50 -29.85 105.33 -11.77
CA ALA U 50 -30.27 104.04 -11.24
C ALA U 50 -31.08 103.27 -12.27
N LYS U 51 -31.98 103.94 -12.99
CA LYS U 51 -32.75 103.26 -14.02
C LYS U 51 -31.86 102.76 -15.14
N MET U 52 -30.83 103.52 -15.49
CA MET U 52 -29.92 103.09 -16.54
C MET U 52 -29.09 101.90 -16.09
N GLN U 53 -28.53 101.95 -14.89
CA GLN U 53 -27.72 100.84 -14.40
C GLN U 53 -28.57 99.59 -14.19
N SER U 54 -29.84 99.78 -13.80
CA SER U 54 -30.70 98.61 -13.59
C SER U 54 -31.16 98.02 -14.92
N ALA U 55 -31.46 98.87 -15.91
CA ALA U 55 -31.79 98.36 -17.23
C ALA U 55 -30.60 97.67 -17.87
N THR U 56 -29.38 98.11 -17.53
CA THR U 56 -28.19 97.41 -18.00
C THR U 56 -28.07 96.04 -17.31
N ALA U 57 -28.24 96.02 -15.98
CA ALA U 57 -28.08 94.78 -15.24
C ALA U 57 -29.16 93.75 -15.58
N SER U 58 -30.37 94.21 -15.93
CA SER U 58 -31.48 93.28 -16.13
C SER U 58 -31.26 92.37 -17.33
N SER U 59 -30.53 92.84 -18.35
CA SER U 59 -30.30 92.02 -19.53
C SER U 59 -29.22 90.98 -19.33
N LEU U 60 -28.47 91.05 -18.23
CA LEU U 60 -27.55 89.97 -17.92
C LEU U 60 -28.27 88.66 -17.69
N ASN U 61 -29.57 88.69 -17.36
CA ASN U 61 -30.36 87.47 -17.33
C ASN U 61 -30.37 86.80 -18.70
N SER U 62 -30.69 87.55 -19.75
CA SER U 62 -30.66 86.99 -21.10
C SER U 62 -29.24 86.63 -21.52
N VAL U 63 -28.25 87.38 -21.05
CA VAL U 63 -26.86 87.08 -21.38
C VAL U 63 -26.48 85.71 -20.81
N LYS U 64 -26.81 85.48 -19.54
CA LYS U 64 -26.56 84.17 -18.93
C LYS U 64 -27.38 83.09 -19.59
N ASP U 65 -28.58 83.41 -20.06
CA ASP U 65 -29.40 82.43 -20.76
C ASP U 65 -28.71 81.96 -22.03
N SER U 66 -28.20 82.91 -22.82
CA SER U 66 -27.51 82.54 -24.05
C SER U 66 -26.22 81.78 -23.75
N LEU U 67 -25.48 82.21 -22.73
CA LEU U 67 -24.24 81.52 -22.39
C LEU U 67 -24.52 80.10 -21.92
N GLN U 68 -25.62 79.89 -21.21
CA GLN U 68 -25.94 78.58 -20.69
C GLN U 68 -26.42 77.67 -21.81
N ARG U 69 -27.15 78.23 -22.77
CA ARG U 69 -27.54 77.47 -23.96
C ARG U 69 -26.31 77.04 -24.75
N GLY U 70 -25.30 77.92 -24.85
CA GLY U 70 -24.08 77.54 -25.53
C GLY U 70 -23.32 76.47 -24.78
N GLN U 71 -23.33 76.54 -23.44
CA GLN U 71 -22.74 75.48 -22.65
C GLN U 71 -23.41 74.14 -22.94
N SER U 72 -24.75 74.13 -22.99
CA SER U 72 -25.45 72.88 -23.25
C SER U 72 -25.12 72.33 -24.64
N THR U 73 -25.00 73.23 -25.62
CA THR U 73 -24.70 72.78 -26.97
C THR U 73 -23.31 72.15 -27.05
N ILE U 74 -22.29 72.83 -26.50
CA ILE U 74 -20.95 72.25 -26.54
C ILE U 74 -20.84 71.01 -25.66
N ASP U 75 -21.62 70.90 -24.60
CA ASP U 75 -21.61 69.66 -23.83
C ASP U 75 -22.15 68.51 -24.67
N VAL U 76 -23.19 68.76 -25.48
CA VAL U 76 -23.66 67.72 -26.39
C VAL U 76 -22.59 67.39 -27.42
N ALA U 77 -21.84 68.40 -27.85
CA ALA U 77 -20.80 68.18 -28.85
C ALA U 77 -19.71 67.27 -28.32
N LEU U 78 -19.22 67.54 -27.11
CA LEU U 78 -18.25 66.63 -26.50
C LEU U 78 -18.86 65.26 -26.21
N ALA U 79 -20.15 65.20 -25.86
CA ALA U 79 -20.76 63.91 -25.60
C ALA U 79 -20.78 63.04 -26.85
N ALA U 80 -20.88 63.67 -28.02
CA ALA U 80 -20.75 62.90 -29.26
C ALA U 80 -19.29 62.61 -29.62
N GLY U 81 -18.39 63.55 -29.34
CA GLY U 81 -17.00 63.32 -29.68
C GLY U 81 -16.37 62.19 -28.89
N ASP U 82 -16.88 61.96 -27.68
CA ASP U 82 -16.37 60.84 -26.87
C ASP U 82 -16.60 59.49 -27.56
N THR U 83 -17.69 59.36 -28.34
CA THR U 83 -17.85 58.11 -29.09
C THR U 83 -17.20 58.20 -30.47
N ILE U 84 -17.09 59.40 -31.04
CA ILE U 84 -16.35 59.51 -32.31
C ILE U 84 -14.92 59.02 -32.13
N THR U 85 -14.34 59.29 -30.97
CA THR U 85 -12.91 58.98 -30.81
C THR U 85 -12.66 57.48 -30.68
N ASP U 86 -13.43 56.78 -29.85
CA ASP U 86 -13.22 55.34 -29.74
C ASP U 86 -13.69 54.60 -30.99
N LEU U 87 -14.65 55.17 -31.73
CA LEU U 87 -14.97 54.61 -33.04
C LEU U 87 -13.77 54.71 -33.98
N LEU U 88 -13.08 55.85 -33.96
CA LEU U 88 -11.86 55.99 -34.75
C LEU U 88 -10.79 55.02 -34.28
N THR U 89 -10.73 54.77 -32.99
CA THR U 89 -9.73 53.83 -32.45
C THR U 89 -10.00 52.41 -32.95
N LYS U 90 -11.26 51.98 -32.89
CA LYS U 90 -11.60 50.65 -33.38
C LYS U 90 -11.38 50.54 -34.88
N MET U 91 -11.66 51.61 -35.63
CA MET U 91 -11.35 51.56 -37.06
C MET U 91 -9.85 51.47 -37.31
N LYS U 92 -9.03 52.10 -36.47
CA LYS U 92 -7.59 51.99 -36.67
C LYS U 92 -7.11 50.57 -36.38
N GLU U 93 -7.62 49.96 -35.31
CA GLU U 93 -7.18 48.58 -35.03
C GLU U 93 -7.72 47.60 -36.08
N LYS U 94 -8.90 47.85 -36.65
CA LYS U 94 -9.35 47.01 -37.77
C LYS U 94 -8.48 47.19 -39.00
N ALA U 95 -8.10 48.41 -39.33
CA ALA U 95 -7.23 48.61 -40.50
C ALA U 95 -5.87 47.98 -40.26
N LEU U 96 -5.38 48.04 -39.01
CA LEU U 96 -4.09 47.46 -38.70
C LEU U 96 -4.12 45.94 -38.77
N ALA U 97 -5.20 45.32 -38.30
CA ALA U 97 -5.35 43.88 -38.45
C ALA U 97 -5.52 43.50 -39.92
N ALA U 98 -6.14 44.38 -40.72
CA ALA U 98 -6.31 44.11 -42.13
C ALA U 98 -5.03 44.32 -42.93
N SER U 99 -4.03 44.98 -42.35
CA SER U 99 -2.76 45.18 -43.05
C SER U 99 -2.00 43.88 -43.26
N ASP U 100 -2.31 42.81 -42.54
CA ASP U 100 -1.52 41.60 -42.61
C ASP U 100 -1.55 40.98 -44.00
N THR U 101 -0.36 40.58 -44.48
CA THR U 101 -0.24 39.98 -45.80
C THR U 101 -0.81 38.56 -45.84
N SER U 102 -0.72 37.83 -44.73
CA SER U 102 -1.01 36.41 -44.70
C SER U 102 -2.50 36.07 -44.63
N LEU U 103 -3.36 37.07 -44.45
CA LEU U 103 -4.77 36.80 -44.26
C LEU U 103 -5.41 36.20 -45.51
N ASN U 104 -6.37 35.31 -45.28
CA ASN U 104 -7.25 34.83 -46.35
C ASN U 104 -8.25 35.92 -46.74
N THR U 105 -8.74 35.83 -47.97
CA THR U 105 -9.57 36.90 -48.52
C THR U 105 -10.87 37.10 -47.74
N ALA U 106 -11.41 36.02 -47.16
CA ALA U 106 -12.68 36.14 -46.46
C ALA U 106 -12.56 37.01 -45.21
N SER U 107 -11.50 36.80 -44.41
CA SER U 107 -11.30 37.65 -43.25
C SER U 107 -11.05 39.10 -43.64
N PHE U 108 -10.35 39.31 -44.76
CA PHE U 108 -10.08 40.68 -45.20
C PHE U 108 -11.37 41.38 -45.62
N ASN U 109 -12.27 40.65 -46.28
CA ASN U 109 -13.57 41.21 -46.60
C ASN U 109 -14.38 41.48 -45.33
N ALA U 110 -14.20 40.64 -44.30
CA ALA U 110 -14.89 40.87 -43.04
C ALA U 110 -14.44 42.17 -42.39
N LEU U 111 -13.13 42.39 -42.33
CA LEU U 111 -12.63 43.66 -41.79
C LEU U 111 -13.02 44.84 -42.68
N LYS U 112 -13.12 44.63 -43.99
CA LYS U 112 -13.59 45.72 -44.86
C LYS U 112 -15.01 46.13 -44.51
N ALA U 113 -15.90 45.14 -44.39
CA ALA U 113 -17.28 45.45 -44.03
C ALA U 113 -17.37 46.05 -42.64
N ASP U 114 -16.51 45.61 -41.72
CA ASP U 114 -16.51 46.17 -40.37
C ASP U 114 -16.07 47.63 -40.40
N PHE U 115 -15.06 47.93 -41.22
CA PHE U 115 -14.56 49.31 -41.32
C PHE U 115 -15.63 50.22 -41.90
N GLU U 116 -16.34 49.76 -42.93
CA GLU U 116 -17.44 50.56 -43.46
C GLU U 116 -18.56 50.71 -42.43
N SER U 117 -18.76 49.69 -41.59
CA SER U 117 -19.79 49.79 -40.57
C SER U 117 -19.44 50.87 -39.55
N LEU U 118 -18.18 50.89 -39.12
CA LEU U 118 -17.76 51.86 -38.09
C LEU U 118 -17.69 53.27 -38.68
N ARG U 119 -17.40 53.41 -39.99
CA ARG U 119 -17.39 54.75 -40.57
C ARG U 119 -18.81 55.29 -40.74
N ASP U 120 -19.75 54.43 -41.14
CA ASP U 120 -21.14 54.88 -41.18
C ASP U 120 -21.65 55.22 -39.78
N GLN U 121 -21.18 54.48 -38.77
CA GLN U 121 -21.57 54.82 -37.40
C GLN U 121 -21.00 56.16 -36.97
N LEU U 122 -19.76 56.46 -37.37
CA LEU U 122 -19.16 57.74 -37.06
C LEU U 122 -19.92 58.87 -37.74
N GLN U 123 -20.37 58.65 -38.98
CA GLN U 123 -21.13 59.69 -39.66
C GLN U 123 -22.48 59.90 -38.98
N LYS U 124 -23.16 58.81 -38.62
CA LYS U 124 -24.46 58.91 -37.99
C LYS U 124 -24.36 59.57 -36.62
N ALA U 125 -23.24 59.35 -35.92
CA ALA U 125 -23.08 59.96 -34.61
C ALA U 125 -22.68 61.43 -34.73
N ALA U 126 -21.82 61.77 -35.68
CA ALA U 126 -21.42 63.16 -35.86
C ALA U 126 -22.57 64.04 -36.33
N THR U 127 -23.47 63.50 -37.16
CA THR U 127 -24.60 64.32 -37.61
C THR U 127 -25.60 64.59 -36.50
N ASN U 128 -25.68 63.70 -35.49
CA ASN U 128 -26.68 63.83 -34.44
C ASN U 128 -26.26 64.71 -33.28
N ALA U 129 -25.05 65.25 -33.30
CA ALA U 129 -24.56 66.06 -32.18
C ALA U 129 -25.11 67.48 -32.26
N LYS U 130 -26.41 67.65 -32.09
CA LYS U 130 -27.06 68.93 -32.30
C LYS U 130 -28.03 69.23 -31.16
N PHE U 131 -28.08 70.50 -30.79
CA PHE U 131 -28.95 70.99 -29.72
C PHE U 131 -29.74 72.19 -30.24
N ASN U 132 -31.06 72.12 -30.09
CA ASN U 132 -31.99 73.10 -30.65
C ASN U 132 -31.82 73.28 -32.15
N GLY U 133 -31.52 72.20 -32.87
CA GLY U 133 -31.41 72.25 -34.31
C GLY U 133 -30.09 72.75 -34.85
N VAL U 134 -29.10 72.99 -33.99
CA VAL U 134 -27.81 73.51 -34.43
C VAL U 134 -26.71 72.69 -33.77
N SER U 135 -25.64 72.43 -34.53
CA SER U 135 -24.59 71.53 -34.09
C SER U 135 -23.23 72.18 -34.25
N LEU U 136 -22.31 71.81 -33.36
CA LEU U 136 -20.92 72.23 -33.48
C LEU U 136 -20.00 71.08 -33.89
N ALA U 137 -20.51 69.86 -33.96
CA ALA U 137 -19.68 68.71 -34.32
C ALA U 137 -19.80 68.30 -35.78
N ASP U 138 -20.95 68.49 -36.44
CA ASP U 138 -21.09 68.04 -37.81
C ASP U 138 -20.42 68.96 -38.82
N GLY U 139 -20.01 70.17 -38.41
CA GLY U 139 -19.40 71.11 -39.32
C GLY U 139 -20.37 71.86 -40.21
N SER U 140 -21.67 71.83 -39.91
CA SER U 140 -22.64 72.53 -40.74
C SER U 140 -22.41 74.04 -40.75
N THR U 141 -21.84 74.59 -39.69
CA THR U 141 -21.55 76.03 -39.63
C THR U 141 -20.17 76.21 -39.04
N THR U 142 -19.46 77.22 -39.55
CA THR U 142 -18.08 77.45 -39.14
C THR U 142 -17.98 77.84 -37.67
N LYS U 143 -18.98 78.52 -37.14
CA LYS U 143 -18.91 78.99 -35.76
C LYS U 143 -20.31 79.30 -35.25
N LEU U 144 -20.44 79.30 -33.92
CA LEU U 144 -21.59 79.87 -33.24
C LEU U 144 -21.11 80.98 -32.31
N SER U 145 -21.99 81.94 -32.04
CA SER U 145 -21.69 83.02 -31.12
C SER U 145 -22.90 83.26 -30.23
N PHE U 146 -22.64 83.49 -28.95
CA PHE U 146 -23.68 83.69 -27.96
C PHE U 146 -23.47 85.03 -27.26
N LEU U 147 -24.57 85.60 -26.78
CA LEU U 147 -24.50 86.89 -26.12
C LEU U 147 -23.59 86.83 -24.91
N ALA U 148 -22.76 87.85 -24.76
CA ALA U 148 -21.81 87.90 -23.66
C ALA U 148 -21.80 89.23 -22.92
N ASN U 149 -22.52 90.23 -23.41
CA ASN U 149 -22.49 91.56 -22.81
C ASN U 149 -23.84 92.23 -23.02
N GLU U 150 -24.08 93.28 -22.25
CA GLU U 150 -25.31 94.06 -22.39
C GLU U 150 -25.41 94.72 -23.77
N ASP U 151 -24.27 95.10 -24.34
CA ASP U 151 -24.24 95.77 -25.64
C ASP U 151 -24.17 94.80 -26.81
N GLY U 152 -24.36 93.50 -26.56
CA GLY U 152 -24.42 92.53 -27.63
C GLY U 152 -23.10 91.97 -28.10
N SER U 153 -22.00 92.26 -27.41
CA SER U 153 -20.74 91.63 -27.77
C SER U 153 -20.87 90.12 -27.64
N ASN U 154 -20.32 89.40 -28.61
CA ASN U 154 -20.51 87.96 -28.72
C ASN U 154 -19.28 87.21 -28.24
N PHE U 155 -19.49 86.26 -27.34
CA PHE U 155 -18.53 85.19 -27.14
C PHE U 155 -18.53 84.30 -28.37
N THR U 156 -17.33 83.88 -28.79
CA THR U 156 -17.17 83.16 -30.05
C THR U 156 -16.49 81.82 -29.80
N VAL U 157 -17.08 80.76 -30.34
CA VAL U 157 -16.54 79.41 -30.24
C VAL U 157 -16.42 78.86 -31.65
N THR U 158 -15.20 78.61 -32.10
CA THR U 158 -14.99 77.98 -33.40
C THR U 158 -15.56 76.57 -33.38
N ALA U 159 -16.29 76.21 -34.43
CA ALA U 159 -16.75 74.84 -34.57
C ALA U 159 -15.58 73.92 -34.87
N GLN U 160 -15.60 72.74 -34.27
CA GLN U 160 -14.56 71.72 -34.47
C GLN U 160 -15.24 70.54 -35.14
N THR U 161 -15.11 70.47 -36.47
CA THR U 161 -15.82 69.46 -37.24
C THR U 161 -15.40 68.05 -36.84
N LEU U 162 -16.38 67.16 -36.75
CA LEU U 162 -16.14 65.78 -36.35
C LEU U 162 -16.70 64.75 -37.32
N SER U 163 -17.45 65.16 -38.35
CA SER U 163 -17.90 64.26 -39.38
C SER U 163 -16.73 63.79 -40.22
N LEU U 164 -16.94 62.68 -40.95
CA LEU U 164 -15.84 62.04 -41.65
C LEU U 164 -15.15 63.00 -42.62
N THR U 165 -15.91 63.88 -43.27
CA THR U 165 -15.30 64.88 -44.14
C THR U 165 -14.42 65.84 -43.34
N GLY U 166 -14.81 66.11 -42.09
CA GLY U 166 -14.03 67.01 -41.27
C GLY U 166 -12.88 66.37 -40.54
N ILE U 167 -12.73 65.05 -40.65
CA ILE U 167 -11.63 64.35 -40.02
C ILE U 167 -10.78 63.60 -41.06
N GLY U 168 -10.74 64.11 -42.30
CA GLY U 168 -9.83 63.60 -43.30
C GLY U 168 -10.26 62.35 -44.04
N LEU U 169 -11.51 61.92 -43.90
CA LEU U 169 -11.99 60.74 -44.59
C LEU U 169 -13.15 61.08 -45.51
N THR U 170 -13.18 60.42 -46.66
CA THR U 170 -14.35 60.45 -47.53
C THR U 170 -15.43 59.56 -46.94
N ALA U 171 -16.69 59.88 -47.26
CA ALA U 171 -17.80 59.04 -46.82
C ALA U 171 -17.70 57.64 -47.41
N THR U 172 -17.08 57.49 -48.57
CA THR U 172 -16.92 56.22 -49.25
C THR U 172 -15.65 55.48 -48.83
N SER U 173 -14.80 56.09 -48.01
CA SER U 173 -13.45 55.57 -47.80
C SER U 173 -13.47 54.13 -47.31
N THR U 174 -12.62 53.31 -47.92
CA THR U 174 -12.44 51.91 -47.53
C THR U 174 -11.15 51.42 -48.18
N PHE U 175 -10.43 50.57 -47.45
CA PHE U 175 -9.28 49.88 -48.00
C PHE U 175 -9.74 48.77 -48.94
N THR U 176 -8.92 48.48 -49.94
CA THR U 176 -9.19 47.40 -50.88
C THR U 176 -8.19 46.26 -50.81
N ASP U 177 -6.94 46.52 -50.43
CA ASP U 177 -5.91 45.50 -50.37
C ASP U 177 -4.98 45.84 -49.21
N ALA U 178 -4.09 44.89 -48.88
CA ALA U 178 -3.27 45.03 -47.69
C ALA U 178 -2.39 46.28 -47.72
N ALA U 179 -1.93 46.68 -48.91
CA ALA U 179 -1.18 47.94 -48.99
C ALA U 179 -2.08 49.14 -48.73
N THR U 180 -3.32 49.09 -49.22
CA THR U 180 -4.25 50.17 -48.95
C THR U 180 -4.59 50.24 -47.47
N ALA U 181 -4.73 49.08 -46.82
CA ALA U 181 -4.93 49.08 -45.37
C ALA U 181 -3.69 49.58 -44.63
N LYS U 182 -2.50 49.30 -45.17
CA LYS U 182 -1.29 49.78 -44.53
C LYS U 182 -1.17 51.29 -44.59
N THR U 183 -1.59 51.89 -45.71
CA THR U 183 -1.70 53.34 -45.77
C THR U 183 -2.85 53.86 -44.91
N MET U 184 -3.93 53.08 -44.81
CA MET U 184 -5.06 53.48 -43.98
C MET U 184 -4.68 53.51 -42.51
N ILE U 185 -3.67 52.73 -42.12
CA ILE U 185 -3.19 52.77 -40.73
C ILE U 185 -2.78 54.19 -40.36
N ALA U 186 -1.86 54.77 -41.14
CA ALA U 186 -1.42 56.14 -40.88
C ALA U 186 -2.54 57.14 -41.14
N THR U 187 -3.42 56.85 -42.09
CA THR U 187 -4.53 57.77 -42.35
C THR U 187 -5.45 57.89 -41.14
N ILE U 188 -5.87 56.76 -40.59
CA ILE U 188 -6.73 56.77 -39.40
C ILE U 188 -5.96 57.29 -38.20
N THR U 189 -4.64 57.10 -38.15
CA THR U 189 -3.87 57.64 -37.05
C THR U 189 -3.91 59.17 -37.06
N THR U 190 -3.64 59.78 -38.20
CA THR U 190 -3.70 61.24 -38.27
C THR U 190 -5.13 61.74 -38.10
N SER U 191 -6.12 60.96 -38.53
CA SER U 191 -7.51 61.37 -38.33
C SER U 191 -7.88 61.38 -36.86
N LEU U 192 -7.48 60.35 -36.11
CA LEU U 192 -7.76 60.32 -34.69
C LEU U 192 -7.00 61.41 -33.96
N GLN U 193 -5.78 61.74 -34.42
CA GLN U 193 -5.04 62.82 -33.80
C GLN U 193 -5.75 64.15 -34.01
N THR U 194 -6.26 64.39 -35.23
CA THR U 194 -7.01 65.61 -35.48
C THR U 194 -8.29 65.64 -34.66
N ALA U 195 -8.92 64.48 -34.45
CA ALA U 195 -10.15 64.43 -33.68
C ALA U 195 -9.91 64.79 -32.22
N THR U 196 -8.83 64.23 -31.65
CA THR U 196 -8.50 64.60 -30.28
C THR U 196 -8.12 66.07 -30.16
N ASN U 197 -7.43 66.63 -31.16
CA ASN U 197 -7.10 68.05 -31.09
C ASN U 197 -8.35 68.93 -31.15
N LYS U 198 -9.30 68.57 -32.02
CA LYS U 198 -10.52 69.35 -32.12
C LYS U 198 -11.37 69.23 -30.85
N LEU U 199 -11.42 68.03 -30.26
CA LEU U 199 -12.17 67.89 -29.01
C LEU U 199 -11.50 68.65 -27.87
N SER U 200 -10.16 68.72 -27.87
CA SER U 200 -9.48 69.53 -26.87
C SER U 200 -9.82 71.00 -27.04
N SER U 201 -9.91 71.46 -28.29
CA SER U 201 -10.34 72.85 -28.51
C SER U 201 -11.77 73.07 -28.07
N LEU U 202 -12.64 72.08 -28.28
CA LEU U 202 -14.03 72.22 -27.86
C LEU U 202 -14.13 72.28 -26.34
N GLY U 203 -13.30 71.51 -25.65
CA GLY U 203 -13.31 71.54 -24.19
C GLY U 203 -12.74 72.83 -23.63
N THR U 204 -11.73 73.39 -24.31
CA THR U 204 -11.25 74.70 -23.93
C THR U 204 -12.33 75.76 -24.10
N SER U 205 -13.11 75.68 -25.18
CA SER U 205 -14.21 76.62 -25.35
C SER U 205 -15.26 76.44 -24.27
N SER U 206 -15.49 75.19 -23.83
CA SER U 206 -16.46 74.96 -22.76
C SER U 206 -15.97 75.55 -21.44
N VAL U 207 -14.68 75.41 -21.16
CA VAL U 207 -14.12 75.97 -19.93
C VAL U 207 -14.22 77.50 -19.97
N GLY U 208 -14.03 78.08 -21.16
CA GLY U 208 -14.18 79.52 -21.27
C GLY U 208 -15.61 79.97 -21.08
N LEU U 209 -16.57 79.18 -21.56
CA LEU U 209 -17.96 79.51 -21.31
C LEU U 209 -18.28 79.43 -19.82
N ASP U 210 -17.70 78.46 -19.12
CA ASP U 210 -17.94 78.34 -17.69
C ASP U 210 -17.41 79.56 -16.95
N THR U 211 -16.17 79.94 -17.25
CA THR U 211 -15.56 81.07 -16.57
C THR U 211 -16.33 82.36 -16.86
N HIS U 212 -16.76 82.55 -18.11
CA HIS U 212 -17.48 83.78 -18.44
C HIS U 212 -18.87 83.80 -17.84
N LEU U 213 -19.54 82.65 -17.72
CA LEU U 213 -20.84 82.63 -17.07
C LEU U 213 -20.71 82.96 -15.58
N THR U 214 -19.69 82.41 -14.92
CA THR U 214 -19.49 82.74 -13.52
C THR U 214 -19.18 84.22 -13.36
N PHE U 215 -18.40 84.78 -14.29
CA PHE U 215 -18.06 86.20 -14.17
C PHE U 215 -19.27 87.08 -14.42
N VAL U 216 -20.09 86.77 -15.42
CA VAL U 216 -21.26 87.61 -15.68
C VAL U 216 -22.27 87.50 -14.53
N GLY U 217 -22.32 86.35 -13.87
CA GLY U 217 -23.20 86.25 -12.72
C GLY U 217 -22.72 87.09 -11.55
N LYS U 218 -21.41 87.03 -11.27
CA LYS U 218 -20.87 87.90 -10.22
C LYS U 218 -21.04 89.36 -10.59
N LEU U 219 -20.96 89.69 -11.88
CA LEU U 219 -21.08 91.07 -12.31
C LEU U 219 -22.50 91.57 -12.12
N GLN U 220 -23.49 90.74 -12.45
CA GLN U 220 -24.88 91.14 -12.19
C GLN U 220 -25.14 91.30 -10.70
N ASP U 221 -24.51 90.44 -9.89
CA ASP U 221 -24.69 90.57 -8.45
C ASP U 221 -24.12 91.89 -7.94
N SER U 222 -22.91 92.23 -8.40
CA SER U 222 -22.29 93.48 -7.97
C SER U 222 -23.05 94.70 -8.51
N LEU U 223 -23.63 94.59 -9.70
CA LEU U 223 -24.39 95.72 -10.23
C LEU U 223 -25.67 95.92 -9.44
N ASP U 224 -26.36 94.83 -9.06
CA ASP U 224 -27.53 94.99 -8.21
C ASP U 224 -27.15 95.53 -6.84
N ALA U 225 -25.98 95.14 -6.32
CA ALA U 225 -25.54 95.68 -5.04
C ALA U 225 -25.24 97.17 -5.15
N GLY U 226 -24.67 97.61 -6.27
CA GLY U 226 -24.38 99.03 -6.43
C GLY U 226 -25.64 99.86 -6.65
N VAL U 227 -26.60 99.32 -7.40
CA VAL U 227 -27.87 100.03 -7.56
C VAL U 227 -28.59 100.11 -6.22
N GLY U 228 -28.46 99.08 -5.39
CA GLY U 228 -29.04 99.15 -4.06
C GLY U 228 -28.34 100.15 -3.17
N ASN U 229 -27.01 100.26 -3.30
CA ASN U 229 -26.29 101.28 -2.55
C ASN U 229 -26.69 102.68 -2.99
N LEU U 230 -27.08 102.83 -4.26
CA LEU U 230 -27.51 104.15 -4.72
C LEU U 230 -28.95 104.48 -4.29
N VAL U 231 -29.87 103.52 -4.42
CA VAL U 231 -31.29 103.82 -4.32
C VAL U 231 -31.92 103.45 -2.97
N ASP U 232 -31.41 102.43 -2.27
CA ASP U 232 -32.07 101.95 -1.06
C ASP U 232 -32.02 102.99 0.06
N ALA U 233 -33.11 103.06 0.82
CA ALA U 233 -33.26 103.98 1.93
C ALA U 233 -32.68 103.40 3.22
N ASP U 234 -32.34 104.30 4.15
CA ASP U 234 -31.94 103.94 5.51
C ASP U 234 -33.22 103.94 6.35
N LEU U 235 -33.77 102.74 6.57
CA LEU U 235 -35.09 102.64 7.18
C LEU U 235 -35.14 103.13 8.62
N ALA U 236 -34.01 103.06 9.33
CA ALA U 236 -34.03 103.40 10.76
C ALA U 236 -34.11 104.91 10.98
N LYS U 237 -33.29 105.67 10.26
CA LYS U 237 -33.44 107.13 10.28
C LYS U 237 -34.84 107.52 9.80
N GLU U 238 -35.38 106.74 8.86
CA GLU U 238 -36.71 107.01 8.35
C GLU U 238 -37.76 106.89 9.45
N SER U 239 -37.72 105.78 10.19
CA SER U 239 -38.70 105.58 11.26
C SER U 239 -38.52 106.58 12.39
N ALA U 240 -37.27 106.95 12.70
CA ALA U 240 -37.03 107.91 13.76
C ALA U 240 -37.59 109.28 13.38
N LYS U 241 -37.27 109.74 12.17
CA LYS U 241 -37.83 111.01 11.71
C LYS U 241 -39.34 110.94 11.57
N LEU U 242 -39.87 109.76 11.25
CA LEU U 242 -41.31 109.60 11.11
C LEU U 242 -42.01 109.85 12.44
N GLN U 243 -41.58 109.14 13.48
CA GLN U 243 -42.21 109.31 14.79
C GLN U 243 -41.99 110.72 15.33
N SER U 244 -40.81 111.30 15.07
CA SER U 244 -40.55 112.65 15.54
C SER U 244 -41.46 113.66 14.84
N LEU U 245 -41.70 113.46 13.55
CA LEU U 245 -42.61 114.36 12.83
C LEU U 245 -44.05 114.19 13.28
N GLN U 246 -44.45 112.97 13.65
CA GLN U 246 -45.80 112.83 14.19
C GLN U 246 -45.94 113.54 15.54
N THR U 247 -44.91 113.46 16.38
CA THR U 247 -44.97 114.18 17.65
C THR U 247 -45.01 115.69 17.42
N LYS U 248 -44.23 116.18 16.46
CA LYS U 248 -44.26 117.61 16.17
C LYS U 248 -45.59 118.02 15.56
N GLN U 249 -46.23 117.13 14.78
CA GLN U 249 -47.55 117.45 14.24
C GLN U 249 -48.59 117.53 15.33
N GLN U 250 -48.47 116.68 16.35
CA GLN U 250 -49.39 116.79 17.49
C GLN U 250 -49.17 118.09 18.24
N LEU U 251 -47.90 118.47 18.45
CA LEU U 251 -47.65 119.76 19.10
C LEU U 251 -48.15 120.91 18.24
N GLY U 252 -48.08 120.78 16.92
CA GLY U 252 -48.53 121.85 16.05
C GLY U 252 -50.04 122.00 16.04
N VAL U 253 -50.78 120.89 16.07
CA VAL U 253 -52.23 121.02 16.15
C VAL U 253 -52.63 121.56 17.52
N GLN U 254 -51.87 121.25 18.57
CA GLN U 254 -52.15 121.85 19.87
C GLN U 254 -51.90 123.35 19.85
N ALA U 255 -50.79 123.78 19.25
CA ALA U 255 -50.50 125.20 19.14
C ALA U 255 -51.53 125.91 18.27
N LEU U 256 -52.03 125.24 17.23
CA LEU U 256 -53.07 125.84 16.39
C LEU U 256 -54.37 126.00 17.17
N SER U 257 -54.69 125.02 18.03
CA SER U 257 -55.88 125.15 18.86
C SER U 257 -55.72 126.30 19.84
N ILE U 258 -54.52 126.49 20.38
CA ILE U 258 -54.30 127.61 21.30
C ILE U 258 -54.43 128.93 20.55
N ALA U 259 -53.91 129.00 19.33
CA ALA U 259 -54.01 130.22 18.55
C ALA U 259 -55.45 130.55 18.19
N ASN U 260 -56.28 129.53 17.94
CA ASN U 260 -57.70 129.78 17.72
C ASN U 260 -58.41 130.18 19.01
N GLN U 261 -57.95 129.68 20.15
CA GLN U 261 -58.51 130.12 21.43
C GLN U 261 -58.16 131.56 21.76
N THR U 262 -57.04 132.06 21.23
CA THR U 262 -56.60 133.41 21.58
C THR U 262 -57.62 134.51 21.28
N PRO U 263 -58.24 134.58 20.10
CA PRO U 263 -59.14 135.72 19.82
C PRO U 263 -60.31 135.86 20.78
N GLN U 264 -60.80 134.76 21.36
CA GLN U 264 -62.10 134.78 22.04
C GLN U 264 -62.12 135.71 23.26
N THR U 265 -60.96 136.10 23.77
CA THR U 265 -60.91 136.92 24.97
C THR U 265 -61.60 138.28 24.77
N ILE U 266 -61.67 138.75 23.52
CA ILE U 266 -62.28 140.06 23.26
C ILE U 266 -63.76 140.05 23.64
N LEU U 267 -64.43 138.89 23.56
CA LEU U 267 -65.84 138.81 23.90
C LEU U 267 -66.10 139.13 25.37
N SER U 268 -65.11 138.95 26.24
CA SER U 268 -65.30 139.24 27.66
C SER U 268 -65.38 140.73 27.93
N LEU U 269 -64.97 141.58 26.98
CA LEU U 269 -64.92 143.02 27.23
C LEU U 269 -66.28 143.64 27.47
N PHE U 270 -67.35 143.06 26.93
CA PHE U 270 -68.69 143.62 27.16
C PHE U 270 -69.42 142.84 28.24
N LEU V 1 17.16 32.13 4.10
CA LEU V 1 17.25 30.69 3.90
C LEU V 1 16.16 30.22 2.94
N ASN V 2 15.00 30.86 3.00
CA ASN V 2 13.94 30.57 2.06
C ASN V 2 14.38 30.96 0.66
N SER V 3 14.09 30.08 -0.31
CA SER V 3 14.51 30.31 -1.69
C SER V 3 13.67 29.47 -2.64
N ILE V 4 12.55 30.01 -3.10
CA ILE V 4 11.65 29.27 -3.99
C ILE V 4 12.32 29.02 -5.34
N ASN V 5 13.25 29.88 -5.75
CA ASN V 5 13.81 29.78 -7.09
C ASN V 5 14.65 28.52 -7.26
N THR V 6 15.62 28.30 -6.39
CA THR V 6 16.46 27.12 -6.49
C THR V 6 17.14 26.87 -5.14
N ASN V 7 17.22 25.59 -4.77
CA ASN V 7 17.87 25.15 -3.54
C ASN V 7 19.20 24.45 -3.82
N PRO V 8 20.29 24.94 -3.22
CA PRO V 8 21.60 24.29 -3.41
C PRO V 8 21.63 22.83 -2.99
N GLY V 9 20.84 22.45 -1.98
CA GLY V 9 20.91 21.08 -1.50
C GLY V 9 20.51 20.05 -2.54
N ALA V 10 19.52 20.37 -3.36
CA ALA V 10 19.18 19.47 -4.46
C ALA V 10 20.31 19.40 -5.48
N LEU V 11 21.06 20.49 -5.65
CA LEU V 11 22.21 20.44 -6.55
C LEU V 11 23.29 19.51 -6.01
N LEU V 12 23.54 19.58 -4.70
CA LEU V 12 24.50 18.66 -4.10
C LEU V 12 24.00 17.22 -4.16
N ALA V 13 22.69 17.02 -4.06
CA ALA V 13 22.13 15.67 -4.19
C ALA V 13 22.32 15.14 -5.61
N LEU V 14 22.15 16.02 -6.60
CA LEU V 14 22.40 15.64 -7.98
C LEU V 14 23.86 15.28 -8.19
N GLN V 15 24.76 16.03 -7.55
CA GLN V 15 26.18 15.77 -7.71
C GLN V 15 26.57 14.43 -7.08
N ASN V 16 26.03 14.14 -5.90
CA ASN V 16 26.33 12.86 -5.26
C ASN V 16 25.75 11.70 -6.05
N LEU V 17 24.54 11.87 -6.60
CA LEU V 17 23.95 10.80 -7.37
C LEU V 17 24.74 10.55 -8.66
N ASN V 18 25.23 11.62 -9.28
CA ASN V 18 26.04 11.46 -10.49
C ASN V 18 27.37 10.79 -10.17
N SER V 19 28.00 11.18 -9.07
CA SER V 19 29.26 10.57 -8.68
C SER V 19 29.06 9.09 -8.33
N THR V 20 27.89 8.75 -7.82
CA THR V 20 27.59 7.33 -7.58
C THR V 20 27.40 6.59 -8.89
N ASN V 21 26.66 7.19 -9.82
CA ASN V 21 26.37 6.50 -11.09
C ASN V 21 27.62 6.31 -11.94
N THR V 22 28.58 7.25 -11.90
CA THR V 22 29.80 7.04 -12.68
C THR V 22 30.59 5.85 -12.16
N GLU V 23 30.76 5.78 -10.84
CA GLU V 23 31.48 4.67 -10.26
C GLU V 23 30.72 3.35 -10.49
N LEU V 24 29.38 3.41 -10.48
CA LEU V 24 28.60 2.20 -10.77
C LEU V 24 28.76 1.75 -12.22
N ALA V 25 28.87 2.71 -13.15
CA ALA V 25 29.09 2.34 -14.55
C ALA V 25 30.47 1.73 -14.74
N ALA V 26 31.48 2.32 -14.11
CA ALA V 26 32.82 1.71 -14.17
C ALA V 26 32.82 0.34 -13.52
N THR V 27 32.01 0.16 -12.47
CA THR V 27 31.94 -1.13 -11.80
C THR V 27 31.32 -2.19 -12.68
N GLN V 28 30.20 -1.87 -13.34
CA GLN V 28 29.59 -2.86 -14.22
C GLN V 28 30.46 -3.11 -15.46
N GLY V 29 31.26 -2.12 -15.86
CA GLY V 29 32.23 -2.38 -16.91
C GLY V 29 33.28 -3.38 -16.48
N ARG V 30 33.79 -3.23 -15.25
CA ARG V 30 34.75 -4.20 -14.74
C ARG V 30 34.10 -5.55 -14.47
N ILE V 31 32.78 -5.56 -14.30
CA ILE V 31 32.04 -6.82 -14.31
C ILE V 31 32.08 -7.46 -15.69
N ASN V 32 31.41 -6.83 -16.66
CA ASN V 32 31.12 -7.49 -17.93
C ASN V 32 32.36 -7.77 -18.75
N THR V 33 33.43 -6.98 -18.61
CA THR V 33 34.63 -7.32 -19.36
C THR V 33 35.46 -8.38 -18.64
N GLY V 34 35.30 -8.50 -17.32
CA GLY V 34 36.08 -9.46 -16.55
C GLY V 34 37.51 -9.04 -16.30
N LYS V 35 37.87 -7.78 -16.57
CA LYS V 35 39.23 -7.31 -16.46
C LYS V 35 39.25 -5.92 -15.83
N LYS V 36 40.25 -5.66 -15.00
CA LYS V 36 40.41 -4.34 -14.40
C LYS V 36 41.18 -3.38 -15.29
N VAL V 37 41.76 -3.84 -16.39
CA VAL V 37 42.47 -2.98 -17.34
C VAL V 37 42.10 -3.41 -18.76
N ALA V 38 40.79 -3.54 -19.01
CA ALA V 38 40.32 -4.10 -20.28
C ALA V 38 40.69 -3.22 -21.46
N ASN V 39 40.87 -1.92 -21.24
CA ASN V 39 41.10 -1.00 -22.33
C ASN V 39 42.00 0.13 -21.85
N ALA V 40 42.45 0.95 -22.81
CA ALA V 40 43.43 1.99 -22.53
C ALA V 40 42.91 3.03 -21.56
N LYS V 41 41.59 3.26 -21.49
CA LYS V 41 41.06 4.29 -20.60
C LYS V 41 41.32 3.96 -19.14
N ASP V 42 41.42 2.68 -18.80
CA ASP V 42 41.67 2.26 -17.42
C ASP V 42 43.06 2.71 -16.98
N ASN V 43 44.08 2.00 -17.44
CA ASN V 43 45.47 2.36 -17.19
C ASN V 43 46.27 1.98 -18.42
N GLY V 44 46.76 2.98 -19.15
CA GLY V 44 47.36 2.71 -20.44
C GLY V 44 48.64 1.90 -20.34
N ALA V 45 49.40 2.09 -19.27
CA ALA V 45 50.67 1.38 -19.15
C ALA V 45 50.46 -0.12 -19.00
N ILE V 46 49.61 -0.53 -18.05
CA ILE V 46 49.36 -1.95 -17.85
C ILE V 46 48.69 -2.56 -19.07
N TRP V 47 47.83 -1.79 -19.74
CA TRP V 47 47.13 -2.32 -20.91
C TRP V 47 48.09 -2.54 -22.07
N SER V 48 48.99 -1.59 -22.32
CA SER V 48 49.97 -1.78 -23.38
C SER V 48 50.92 -2.91 -23.05
N MET V 49 51.29 -3.04 -21.77
CA MET V 49 52.18 -4.12 -21.37
C MET V 49 51.51 -5.48 -21.56
N ALA V 50 50.22 -5.56 -21.21
CA ALA V 50 49.49 -6.81 -21.36
C ALA V 50 49.28 -7.15 -22.83
N LYS V 51 48.96 -6.15 -23.66
CA LYS V 51 48.79 -6.43 -25.09
C LYS V 51 50.09 -6.89 -25.72
N MET V 52 51.22 -6.32 -25.29
CA MET V 52 52.50 -6.73 -25.84
C MET V 52 52.89 -8.14 -25.40
N GLN V 53 52.76 -8.43 -24.10
CA GLN V 53 53.12 -9.76 -23.65
C GLN V 53 52.15 -10.81 -24.21
N SER V 54 50.88 -10.45 -24.39
CA SER V 54 49.94 -11.37 -25.01
C SER V 54 50.27 -11.60 -26.48
N ALA V 55 50.77 -10.58 -27.17
CA ALA V 55 51.23 -10.80 -28.54
C ALA V 55 52.45 -11.70 -28.57
N THR V 56 53.36 -11.54 -27.61
CA THR V 56 54.54 -12.40 -27.55
C THR V 56 54.15 -13.83 -27.25
N ALA V 57 53.08 -14.04 -26.47
CA ALA V 57 52.64 -15.40 -26.17
C ALA V 57 51.88 -16.00 -27.34
N SER V 58 51.03 -15.20 -27.99
CA SER V 58 50.27 -15.69 -29.13
C SER V 58 51.17 -15.99 -30.32
N SER V 59 52.33 -15.34 -30.40
CA SER V 59 53.27 -15.61 -31.48
C SER V 59 53.84 -17.02 -31.42
N LEU V 60 53.83 -17.65 -30.24
CA LEU V 60 54.49 -18.94 -30.04
C LEU V 60 53.76 -20.10 -30.68
N ASN V 61 52.49 -19.94 -31.07
CA ASN V 61 51.77 -21.04 -31.70
C ASN V 61 52.40 -21.41 -33.04
N SER V 62 52.87 -20.42 -33.80
CA SER V 62 53.55 -20.71 -35.05
C SER V 62 54.88 -21.41 -34.80
N VAL V 63 55.57 -21.05 -33.72
CA VAL V 63 56.81 -21.74 -33.37
C VAL V 63 56.52 -23.19 -33.02
N LYS V 64 55.42 -23.43 -32.32
CA LYS V 64 55.06 -24.81 -31.98
C LYS V 64 54.72 -25.61 -33.22
N ASP V 65 53.99 -25.01 -34.15
CA ASP V 65 53.66 -25.72 -35.39
C ASP V 65 54.90 -26.01 -36.22
N SER V 66 55.86 -25.07 -36.26
CA SER V 66 57.09 -25.31 -37.00
C SER V 66 57.93 -26.39 -36.36
N LEU V 67 57.98 -26.43 -35.02
CA LEU V 67 58.72 -27.50 -34.36
C LEU V 67 58.03 -28.84 -34.57
N GLN V 68 56.71 -28.86 -34.66
CA GLN V 68 56.01 -30.12 -34.97
C GLN V 68 56.33 -30.60 -36.37
N ARG V 69 56.40 -29.67 -37.33
CA ARG V 69 56.80 -30.04 -38.68
C ARG V 69 58.23 -30.58 -38.70
N GLY V 70 59.12 -29.98 -37.90
CA GLY V 70 60.50 -30.44 -37.89
C GLY V 70 60.66 -31.81 -37.25
N GLN V 71 59.92 -32.07 -36.17
CA GLN V 71 60.00 -33.40 -35.58
C GLN V 71 59.39 -34.44 -36.51
N SER V 72 58.35 -34.09 -37.28
CA SER V 72 57.83 -35.03 -38.26
C SER V 72 58.87 -35.32 -39.34
N THR V 73 59.62 -34.30 -39.74
CA THR V 73 60.65 -34.51 -40.76
C THR V 73 61.75 -35.43 -40.26
N ILE V 74 62.23 -35.19 -39.04
CA ILE V 74 63.28 -36.09 -38.54
C ILE V 74 62.73 -37.49 -38.26
N ASP V 75 61.44 -37.60 -37.92
CA ASP V 75 60.86 -38.92 -37.72
C ASP V 75 60.85 -39.72 -39.01
N VAL V 76 60.41 -39.10 -40.11
CA VAL V 76 60.45 -39.83 -41.38
C VAL V 76 61.89 -40.10 -41.81
N ALA V 77 62.81 -39.21 -41.46
CA ALA V 77 64.22 -39.43 -41.79
C ALA V 77 64.76 -40.67 -41.09
N LEU V 78 64.48 -40.81 -39.79
CA LEU V 78 64.92 -42.01 -39.07
C LEU V 78 64.20 -43.25 -39.57
N ALA V 79 62.94 -43.10 -39.99
CA ALA V 79 62.22 -44.25 -40.53
C ALA V 79 62.85 -44.76 -41.82
N ALA V 80 63.41 -43.87 -42.64
CA ALA V 80 64.18 -44.34 -43.79
C ALA V 80 65.55 -44.86 -43.38
N GLY V 81 66.15 -44.24 -42.36
CA GLY V 81 67.50 -44.62 -41.98
C GLY V 81 67.60 -46.01 -41.37
N ASP V 82 66.52 -46.46 -40.72
CA ASP V 82 66.52 -47.83 -40.21
C ASP V 82 66.67 -48.85 -41.34
N THR V 83 65.85 -48.71 -42.39
CA THR V 83 65.96 -49.60 -43.53
C THR V 83 67.30 -49.43 -44.24
N ILE V 84 67.82 -48.20 -44.26
CA ILE V 84 69.12 -47.99 -44.89
C ILE V 84 70.22 -48.75 -44.16
N THR V 85 70.20 -48.71 -42.82
CA THR V 85 71.20 -49.46 -42.06
C THR V 85 71.02 -50.97 -42.23
N ASP V 86 69.79 -51.44 -42.30
CA ASP V 86 69.58 -52.87 -42.52
C ASP V 86 70.11 -53.30 -43.88
N LEU V 87 69.89 -52.46 -44.90
CA LEU V 87 70.42 -52.76 -46.22
C LEU V 87 71.94 -52.75 -46.23
N LEU V 88 72.56 -51.84 -45.46
CA LEU V 88 74.01 -51.82 -45.38
C LEU V 88 74.56 -53.06 -44.69
N THR V 89 73.84 -53.58 -43.69
CA THR V 89 74.30 -54.80 -43.03
C THR V 89 74.19 -55.99 -43.98
N LYS V 90 73.06 -56.12 -44.67
CA LYS V 90 72.93 -57.21 -45.64
C LYS V 90 73.94 -57.07 -46.77
N MET V 91 74.29 -55.84 -47.13
CA MET V 91 75.24 -55.63 -48.21
C MET V 91 76.65 -56.03 -47.79
N LYS V 92 77.03 -55.72 -46.54
CA LYS V 92 78.31 -56.23 -46.04
C LYS V 92 78.30 -57.75 -45.98
N GLU V 93 77.15 -58.35 -45.64
CA GLU V 93 77.06 -59.81 -45.63
C GLU V 93 77.33 -60.39 -47.01
N LYS V 94 76.68 -59.83 -48.03
CA LYS V 94 76.89 -60.31 -49.40
C LYS V 94 78.32 -60.05 -49.87
N ALA V 95 78.92 -58.94 -49.45
CA ALA V 95 80.30 -58.68 -49.86
C ALA V 95 81.25 -59.69 -49.25
N LEU V 96 81.10 -59.96 -47.95
CA LEU V 96 81.98 -60.94 -47.30
C LEU V 96 81.76 -62.34 -47.85
N ALA V 97 80.52 -62.69 -48.17
CA ALA V 97 80.26 -64.00 -48.73
C ALA V 97 80.77 -64.11 -50.16
N ALA V 98 80.85 -62.99 -50.89
CA ALA V 98 81.46 -63.00 -52.21
C ALA V 98 82.98 -62.91 -52.17
N SER V 99 83.56 -62.59 -51.01
CA SER V 99 85.01 -62.47 -50.90
C SER V 99 85.75 -63.78 -51.07
N ASP V 100 85.10 -64.92 -50.84
CA ASP V 100 85.83 -66.19 -50.79
C ASP V 100 86.44 -66.53 -52.15
N THR V 101 87.71 -66.96 -52.12
CA THR V 101 88.44 -67.24 -53.36
C THR V 101 87.91 -68.51 -54.03
N SER V 102 87.42 -69.47 -53.26
CA SER V 102 87.11 -70.80 -53.77
C SER V 102 85.80 -70.87 -54.54
N LEU V 103 84.97 -69.82 -54.49
CA LEU V 103 83.69 -69.84 -55.17
C LEU V 103 83.83 -69.98 -56.68
N ASN V 104 82.91 -70.72 -57.28
CA ASN V 104 82.80 -70.74 -58.72
C ASN V 104 82.23 -69.41 -59.21
N THR V 105 82.54 -69.08 -60.47
CA THR V 105 82.27 -67.75 -60.98
C THR V 105 80.77 -67.44 -60.99
N ALA V 106 79.92 -68.45 -61.20
CA ALA V 106 78.49 -68.19 -61.26
C ALA V 106 77.97 -67.71 -59.90
N SER V 107 78.49 -68.25 -58.81
CA SER V 107 78.09 -67.76 -57.49
C SER V 107 78.57 -66.33 -57.29
N PHE V 108 79.75 -65.99 -57.80
CA PHE V 108 80.25 -64.63 -57.64
C PHE V 108 79.37 -63.66 -58.41
N ASN V 109 78.90 -64.07 -59.60
CA ASN V 109 77.96 -63.25 -60.35
C ASN V 109 76.64 -63.11 -59.59
N ALA V 110 76.22 -64.18 -58.91
CA ALA V 110 74.96 -64.14 -58.19
C ALA V 110 75.02 -63.17 -57.02
N LEU V 111 76.06 -63.26 -56.19
CA LEU V 111 76.20 -62.30 -55.10
C LEU V 111 76.48 -60.90 -55.60
N LYS V 112 77.11 -60.76 -56.77
CA LYS V 112 77.28 -59.41 -57.32
C LYS V 112 75.93 -58.81 -57.69
N ALA V 113 75.05 -59.62 -58.28
CA ALA V 113 73.70 -59.13 -58.58
C ALA V 113 72.94 -58.81 -57.30
N ASP V 114 73.14 -59.61 -56.26
CA ASP V 114 72.53 -59.31 -54.97
C ASP V 114 73.02 -57.97 -54.41
N PHE V 115 74.31 -57.71 -54.56
CA PHE V 115 74.88 -56.46 -54.07
C PHE V 115 74.33 -55.28 -54.86
N GLU V 116 74.23 -55.40 -56.18
CA GLU V 116 73.68 -54.31 -56.97
C GLU V 116 72.21 -54.07 -56.62
N SER V 117 71.45 -55.13 -56.35
CA SER V 117 70.06 -54.93 -55.97
C SER V 117 69.94 -54.23 -54.62
N LEU V 118 70.77 -54.64 -53.66
CA LEU V 118 70.74 -53.98 -52.36
C LEU V 118 71.16 -52.52 -52.46
N ARG V 119 72.12 -52.21 -53.33
CA ARG V 119 72.57 -50.83 -53.47
C ARG V 119 71.52 -49.97 -54.15
N ASP V 120 70.86 -50.51 -55.17
CA ASP V 120 69.79 -49.76 -55.84
C ASP V 120 68.63 -49.51 -54.90
N GLN V 121 68.25 -50.51 -54.10
CA GLN V 121 67.19 -50.29 -53.13
C GLN V 121 67.60 -49.31 -52.05
N LEU V 122 68.88 -49.30 -51.68
CA LEU V 122 69.34 -48.35 -50.68
C LEU V 122 69.21 -46.92 -51.18
N GLN V 123 69.65 -46.68 -52.43
CA GLN V 123 69.50 -45.34 -52.98
C GLN V 123 68.04 -44.97 -53.17
N LYS V 124 67.22 -45.92 -53.61
CA LYS V 124 65.80 -45.63 -53.84
C LYS V 124 65.08 -45.32 -52.55
N ALA V 125 65.50 -45.94 -51.44
CA ALA V 125 64.90 -45.62 -50.15
C ALA V 125 65.43 -44.31 -49.59
N ALA V 126 66.72 -44.02 -49.80
CA ALA V 126 67.26 -42.75 -49.33
C ALA V 126 66.63 -41.57 -50.05
N THR V 127 66.29 -41.73 -51.33
CA THR V 127 65.68 -40.62 -52.06
C THR V 127 64.26 -40.34 -51.60
N ASN V 128 63.56 -41.35 -51.08
CA ASN V 128 62.12 -41.25 -50.88
C ASN V 128 61.70 -40.56 -49.59
N ALA V 129 62.63 -40.29 -48.68
CA ALA V 129 62.28 -39.78 -47.36
C ALA V 129 62.18 -38.25 -47.39
N LYS V 130 61.06 -37.76 -47.92
CA LYS V 130 60.77 -36.33 -47.93
C LYS V 130 59.41 -36.09 -47.30
N PHE V 131 59.38 -35.29 -46.24
CA PHE V 131 58.13 -34.79 -45.67
C PHE V 131 57.95 -33.35 -46.11
N ASN V 132 56.77 -33.04 -46.66
CA ASN V 132 56.47 -31.71 -47.21
C ASN V 132 57.46 -31.31 -48.29
N GLY V 133 58.01 -32.29 -49.00
CA GLY V 133 58.88 -32.01 -50.12
C GLY V 133 60.32 -31.70 -49.76
N VAL V 134 60.65 -31.69 -48.47
CA VAL V 134 62.01 -31.45 -48.02
C VAL V 134 62.49 -32.71 -47.29
N SER V 135 63.80 -32.94 -47.33
CA SER V 135 64.38 -34.16 -46.80
C SER V 135 65.64 -33.85 -46.01
N LEU V 136 65.80 -34.54 -44.90
CA LEU V 136 67.03 -34.49 -44.11
C LEU V 136 67.92 -35.71 -44.34
N ALA V 137 67.55 -36.58 -45.28
CA ALA V 137 68.33 -37.76 -45.60
C ALA V 137 68.84 -37.76 -47.03
N ASP V 138 68.07 -37.20 -47.98
CA ASP V 138 68.50 -37.18 -49.37
C ASP V 138 69.74 -36.31 -49.58
N GLY V 139 69.95 -35.32 -48.71
CA GLY V 139 71.09 -34.45 -48.84
C GLY V 139 70.96 -33.35 -49.87
N SER V 140 69.75 -33.09 -50.36
CA SER V 140 69.55 -32.02 -51.34
C SER V 140 69.90 -30.66 -50.76
N THR V 141 69.80 -30.50 -49.44
CA THR V 141 70.16 -29.26 -48.77
C THR V 141 71.04 -29.57 -47.57
N THR V 142 71.95 -28.63 -47.27
CA THR V 142 72.91 -28.85 -46.19
C THR V 142 72.24 -28.91 -44.82
N LYS V 143 71.12 -28.22 -44.63
CA LYS V 143 70.46 -28.19 -43.33
C LYS V 143 69.06 -27.62 -43.48
N LEU V 144 68.20 -27.97 -42.51
CA LEU V 144 66.87 -27.39 -42.39
C LEU V 144 66.77 -26.61 -41.08
N SER V 145 65.91 -25.60 -41.07
CA SER V 145 65.74 -24.74 -39.90
C SER V 145 64.27 -24.61 -39.57
N PHE V 146 63.97 -24.44 -38.29
CA PHE V 146 62.61 -24.26 -37.80
C PHE V 146 62.64 -23.27 -36.65
N LEU V 147 61.48 -22.65 -36.41
CA LEU V 147 61.39 -21.59 -35.41
C LEU V 147 61.71 -22.13 -34.03
N ALA V 148 62.44 -21.33 -33.25
CA ALA V 148 62.75 -21.67 -31.87
C ALA V 148 62.39 -20.58 -30.89
N ASN V 149 62.07 -19.37 -31.36
CA ASN V 149 61.78 -18.24 -30.49
C ASN V 149 60.79 -17.34 -31.20
N GLU V 150 60.19 -16.43 -30.44
CA GLU V 150 59.23 -15.47 -30.98
C GLU V 150 59.88 -14.45 -31.90
N ASP V 151 61.18 -14.21 -31.79
CA ASP V 151 61.88 -13.25 -32.63
C ASP V 151 62.44 -13.90 -33.90
N GLY V 152 62.05 -15.13 -34.19
CA GLY V 152 62.44 -15.81 -35.40
C GLY V 152 63.77 -16.52 -35.36
N SER V 153 64.39 -16.67 -34.19
CA SER V 153 65.62 -17.45 -34.10
C SER V 153 65.35 -18.91 -34.49
N ASN V 154 66.28 -19.48 -35.24
CA ASN V 154 66.13 -20.82 -35.78
C ASN V 154 66.88 -21.84 -34.93
N PHE V 155 66.36 -23.06 -34.93
CA PHE V 155 67.03 -24.23 -34.36
C PHE V 155 67.55 -25.04 -35.55
N THR V 156 68.85 -24.89 -35.83
CA THR V 156 69.45 -25.57 -36.97
C THR V 156 69.42 -27.08 -36.78
N VAL V 157 69.14 -27.79 -37.87
CA VAL V 157 69.18 -29.25 -37.89
C VAL V 157 70.01 -29.63 -39.11
N THR V 158 71.30 -29.90 -38.89
CA THR V 158 72.19 -30.24 -40.00
C THR V 158 71.74 -31.53 -40.66
N ALA V 159 71.72 -31.53 -41.99
CA ALA V 159 71.37 -32.73 -42.73
C ALA V 159 72.46 -33.78 -42.58
N GLN V 160 72.04 -35.03 -42.45
CA GLN V 160 72.95 -36.18 -42.41
C GLN V 160 72.62 -37.01 -43.65
N THR V 161 73.41 -36.82 -44.71
CA THR V 161 73.09 -37.44 -45.99
C THR V 161 73.12 -38.95 -45.89
N LEU V 162 72.08 -39.59 -46.44
CA LEU V 162 71.98 -41.04 -46.44
C LEU V 162 72.01 -41.63 -47.84
N SER V 163 72.23 -40.82 -48.87
CA SER V 163 72.39 -41.32 -50.22
C SER V 163 73.75 -41.99 -50.37
N LEU V 164 73.91 -42.76 -51.44
CA LEU V 164 75.14 -43.53 -51.64
C LEU V 164 76.35 -42.61 -51.69
N THR V 165 76.20 -41.41 -52.24
CA THR V 165 77.29 -40.45 -52.24
C THR V 165 77.61 -39.96 -50.83
N GLY V 166 76.62 -39.94 -49.95
CA GLY V 166 76.81 -39.41 -48.61
C GLY V 166 77.45 -40.37 -47.63
N ILE V 167 77.26 -41.68 -47.86
CA ILE V 167 77.82 -42.70 -46.97
C ILE V 167 79.24 -43.08 -47.34
N GLY V 168 79.79 -42.50 -48.40
CA GLY V 168 81.11 -42.84 -48.87
C GLY V 168 81.15 -43.79 -50.05
N LEU V 169 80.00 -44.10 -50.64
CA LEU V 169 79.91 -44.97 -51.80
C LEU V 169 79.61 -44.15 -53.05
N THR V 170 79.38 -44.85 -54.16
CA THR V 170 78.95 -44.25 -55.41
C THR V 170 77.79 -45.07 -55.97
N ALA V 171 77.06 -44.47 -56.89
CA ALA V 171 75.91 -45.15 -57.48
C ALA V 171 76.29 -46.41 -58.23
N THR V 172 77.49 -46.46 -58.80
CA THR V 172 77.95 -47.60 -59.58
C THR V 172 78.92 -48.50 -58.84
N SER V 173 79.11 -48.29 -57.53
CA SER V 173 80.08 -49.07 -56.79
C SER V 173 79.73 -50.55 -56.83
N THR V 174 80.74 -51.39 -57.05
CA THR V 174 80.61 -52.84 -57.07
C THR V 174 82.01 -53.44 -57.06
N PHE V 175 82.10 -54.69 -56.62
CA PHE V 175 83.32 -55.47 -56.70
C PHE V 175 83.39 -56.20 -58.04
N THR V 176 84.62 -56.59 -58.42
CA THR V 176 84.83 -57.29 -59.68
C THR V 176 85.49 -58.65 -59.46
N ASP V 177 86.48 -58.70 -58.57
CA ASP V 177 87.18 -59.94 -58.26
C ASP V 177 87.16 -60.16 -56.75
N ALA V 178 87.79 -61.27 -56.32
CA ALA V 178 87.79 -61.61 -54.90
C ALA V 178 88.57 -60.59 -54.08
N ALA V 179 89.61 -59.99 -54.66
CA ALA V 179 90.38 -58.99 -53.92
C ALA V 179 89.63 -57.68 -53.78
N THR V 180 88.97 -57.23 -54.86
CA THR V 180 88.16 -56.04 -54.76
C THR V 180 87.00 -56.24 -53.80
N ALA V 181 86.44 -57.45 -53.74
CA ALA V 181 85.39 -57.73 -52.76
C ALA V 181 85.95 -57.75 -51.35
N LYS V 182 87.17 -58.27 -51.17
CA LYS V 182 87.78 -58.27 -49.85
C LYS V 182 88.06 -56.86 -49.36
N THR V 183 88.40 -55.94 -50.26
CA THR V 183 88.55 -54.54 -49.86
C THR V 183 87.19 -53.87 -49.65
N MET V 184 86.20 -54.26 -50.47
CA MET V 184 84.87 -53.70 -50.39
C MET V 184 84.18 -54.07 -49.10
N ILE V 185 84.59 -55.18 -48.48
CA ILE V 185 84.11 -55.50 -47.14
C ILE V 185 84.41 -54.36 -46.19
N ALA V 186 85.68 -53.96 -46.12
CA ALA V 186 86.07 -52.87 -45.24
C ALA V 186 85.45 -51.54 -45.66
N THR V 187 85.29 -51.32 -46.98
CA THR V 187 84.64 -50.08 -47.40
C THR V 187 83.19 -50.01 -46.94
N ILE V 188 82.46 -51.12 -47.08
CA ILE V 188 81.07 -51.15 -46.65
C ILE V 188 80.98 -51.04 -45.14
N THR V 189 81.97 -51.60 -44.43
CA THR V 189 81.99 -51.48 -42.97
C THR V 189 82.17 -50.03 -42.56
N THR V 190 83.06 -49.30 -43.24
CA THR V 190 83.23 -47.89 -42.95
C THR V 190 81.98 -47.08 -43.29
N SER V 191 81.30 -47.42 -44.39
CA SER V 191 80.08 -46.70 -44.73
C SER V 191 78.99 -46.93 -43.70
N LEU V 192 78.87 -48.16 -43.19
CA LEU V 192 77.91 -48.42 -42.13
C LEU V 192 78.29 -47.71 -40.85
N GLN V 193 79.59 -47.65 -40.55
CA GLN V 193 80.06 -46.96 -39.36
C GLN V 193 79.73 -45.48 -39.42
N THR V 194 79.76 -44.90 -40.62
CA THR V 194 79.36 -43.51 -40.82
C THR V 194 77.85 -43.31 -40.74
N ALA V 195 77.07 -44.22 -41.35
CA ALA V 195 75.63 -44.07 -41.35
C ALA V 195 75.05 -44.19 -39.94
N THR V 196 75.67 -45.04 -39.09
CA THR V 196 75.17 -45.15 -37.73
C THR V 196 75.36 -43.85 -36.95
N ASN V 197 76.51 -43.20 -37.15
CA ASN V 197 76.72 -41.90 -36.52
C ASN V 197 75.75 -40.86 -37.06
N LYS V 198 75.41 -40.94 -38.35
CA LYS V 198 74.46 -39.99 -38.91
C LYS V 198 73.08 -40.16 -38.30
N LEU V 199 72.63 -41.41 -38.15
CA LEU V 199 71.34 -41.64 -37.49
C LEU V 199 71.38 -41.24 -36.02
N SER V 200 72.54 -41.40 -35.36
CA SER V 200 72.63 -40.98 -33.97
C SER V 200 72.50 -39.46 -33.85
N SER V 201 73.15 -38.71 -34.74
CA SER V 201 72.99 -37.26 -34.72
C SER V 201 71.57 -36.84 -35.08
N LEU V 202 70.91 -37.57 -35.98
CA LEU V 202 69.52 -37.25 -36.30
C LEU V 202 68.61 -37.47 -35.10
N GLY V 203 68.87 -38.53 -34.34
CA GLY V 203 68.08 -38.78 -33.15
C GLY V 203 68.33 -37.75 -32.07
N THR V 204 69.59 -37.30 -31.95
CA THR V 204 69.89 -36.25 -30.99
C THR V 204 69.17 -34.95 -31.35
N SER V 205 69.12 -34.63 -32.65
CA SER V 205 68.38 -33.44 -33.08
C SER V 205 66.88 -33.59 -32.82
N SER V 206 66.34 -34.80 -32.97
CA SER V 206 64.92 -34.99 -32.67
C SER V 206 64.64 -34.83 -31.18
N VAL V 207 65.54 -35.34 -30.34
CA VAL V 207 65.36 -35.18 -28.90
C VAL V 207 65.44 -33.70 -28.53
N GLY V 208 66.30 -32.95 -29.23
CA GLY V 208 66.38 -31.52 -28.96
C GLY V 208 65.13 -30.78 -29.37
N LEU V 209 64.53 -31.18 -30.50
CA LEU V 209 63.28 -30.54 -30.90
C LEU V 209 62.17 -30.84 -29.91
N ASP V 210 62.11 -32.09 -29.42
CA ASP V 210 61.05 -32.42 -28.46
C ASP V 210 61.23 -31.64 -27.16
N THR V 211 62.47 -31.50 -26.70
CA THR V 211 62.72 -30.76 -25.48
C THR V 211 62.37 -29.28 -25.64
N HIS V 212 62.77 -28.69 -26.78
CA HIS V 212 62.44 -27.28 -27.00
C HIS V 212 60.94 -27.08 -27.18
N LEU V 213 60.24 -28.08 -27.74
CA LEU V 213 58.80 -27.95 -27.89
C LEU V 213 58.10 -27.96 -26.54
N THR V 214 58.52 -28.85 -25.64
CA THR V 214 57.95 -28.83 -24.30
C THR V 214 58.32 -27.54 -23.58
N PHE V 215 59.51 -27.00 -23.86
CA PHE V 215 59.91 -25.74 -23.24
C PHE V 215 59.00 -24.60 -23.68
N VAL V 216 58.79 -24.47 -24.99
CA VAL V 216 57.94 -23.39 -25.48
C VAL V 216 56.50 -23.58 -25.04
N GLY V 217 56.06 -24.84 -24.87
CA GLY V 217 54.72 -25.08 -24.38
C GLY V 217 54.56 -24.69 -22.93
N LYS V 218 55.63 -24.82 -22.14
CA LYS V 218 55.61 -24.30 -20.78
C LYS V 218 55.62 -22.77 -20.78
N LEU V 219 56.47 -22.17 -21.62
CA LEU V 219 56.62 -20.72 -21.61
C LEU V 219 55.34 -20.03 -22.05
N GLN V 220 54.59 -20.64 -22.97
CA GLN V 220 53.42 -19.97 -23.51
C GLN V 220 52.35 -19.77 -22.44
N ASP V 221 51.94 -20.85 -21.77
CA ASP V 221 50.94 -20.67 -20.73
C ASP V 221 51.50 -20.01 -19.48
N SER V 222 52.83 -20.04 -19.27
CA SER V 222 53.38 -19.24 -18.18
C SER V 222 53.21 -17.75 -18.46
N LEU V 223 53.51 -17.31 -19.68
CA LEU V 223 53.26 -15.91 -20.03
C LEU V 223 51.78 -15.59 -20.06
N ASP V 224 50.93 -16.56 -20.38
CA ASP V 224 49.49 -16.33 -20.31
C ASP V 224 49.04 -16.09 -18.87
N ALA V 225 49.56 -16.89 -17.93
CA ALA V 225 49.24 -16.66 -16.52
C ALA V 225 49.79 -15.34 -16.04
N GLY V 226 50.94 -14.93 -16.55
CA GLY V 226 51.49 -13.65 -16.17
C GLY V 226 50.67 -12.47 -16.69
N VAL V 227 50.14 -12.59 -17.91
CA VAL V 227 49.22 -11.56 -18.41
C VAL V 227 47.93 -11.56 -17.61
N GLY V 228 47.47 -12.74 -17.17
CA GLY V 228 46.22 -12.81 -16.44
C GLY V 228 46.35 -12.30 -15.02
N ASN V 229 47.56 -12.32 -14.47
CA ASN V 229 47.78 -11.69 -13.18
C ASN V 229 47.56 -10.18 -13.26
N LEU V 230 47.79 -9.60 -14.44
CA LEU V 230 47.64 -8.16 -14.61
C LEU V 230 46.25 -7.75 -15.09
N VAL V 231 45.65 -8.49 -16.02
CA VAL V 231 44.42 -8.03 -16.65
C VAL V 231 43.19 -8.31 -15.79
N ASP V 232 43.07 -9.51 -15.26
CA ASP V 232 41.83 -9.94 -14.61
C ASP V 232 41.64 -9.18 -13.30
N ALA V 233 40.37 -8.91 -12.98
CA ALA V 233 40.02 -8.18 -11.77
C ALA V 233 39.60 -9.15 -10.67
N ASP V 234 39.25 -8.61 -9.50
CA ASP V 234 38.76 -9.40 -8.38
C ASP V 234 37.23 -9.36 -8.40
N LEU V 235 36.64 -10.44 -8.90
CA LEU V 235 35.21 -10.47 -9.15
C LEU V 235 34.38 -10.39 -7.87
N ALA V 236 34.86 -10.96 -6.77
CA ALA V 236 34.08 -10.94 -5.54
C ALA V 236 34.05 -9.55 -4.93
N LYS V 237 35.21 -8.90 -4.84
CA LYS V 237 35.25 -7.52 -4.39
C LYS V 237 34.44 -6.61 -5.29
N GLU V 238 34.42 -6.90 -6.58
CA GLU V 238 33.73 -6.01 -7.50
C GLU V 238 32.23 -6.19 -7.42
N SER V 239 31.76 -7.43 -7.24
CA SER V 239 30.34 -7.64 -6.99
C SER V 239 29.92 -7.03 -5.66
N ALA V 240 30.83 -7.01 -4.68
CA ALA V 240 30.53 -6.36 -3.41
C ALA V 240 30.38 -4.86 -3.58
N LYS V 241 31.27 -4.25 -4.36
CA LYS V 241 31.13 -2.82 -4.67
C LYS V 241 29.87 -2.56 -5.48
N LEU V 242 29.49 -3.50 -6.35
CA LEU V 242 28.26 -3.35 -7.12
C LEU V 242 27.05 -3.29 -6.20
N GLN V 243 26.95 -4.25 -5.27
CA GLN V 243 25.84 -4.23 -4.34
C GLN V 243 25.87 -2.99 -3.45
N SER V 244 27.06 -2.54 -3.06
CA SER V 244 27.15 -1.37 -2.20
C SER V 244 26.67 -0.11 -2.93
N LEU V 245 27.10 0.06 -4.17
CA LEU V 245 26.68 1.24 -4.93
C LEU V 245 25.20 1.18 -5.29
N GLN V 246 24.67 -0.02 -5.58
CA GLN V 246 23.24 -0.12 -5.84
C GLN V 246 22.42 0.18 -4.59
N THR V 247 22.94 -0.16 -3.41
CA THR V 247 22.27 0.25 -2.18
C THR V 247 22.35 1.75 -1.98
N LYS V 248 23.51 2.36 -2.31
CA LYS V 248 23.67 3.79 -2.11
C LYS V 248 22.80 4.61 -3.05
N GLN V 249 22.56 4.10 -4.27
CA GLN V 249 21.84 4.90 -5.26
C GLN V 249 20.40 5.17 -4.84
N GLN V 250 19.75 4.19 -4.19
CA GLN V 250 18.39 4.41 -3.72
C GLN V 250 18.36 5.46 -2.64
N LEU V 251 19.37 5.47 -1.75
CA LEU V 251 19.45 6.52 -0.75
C LEU V 251 19.68 7.88 -1.40
N GLY V 252 20.42 7.91 -2.51
CA GLY V 252 20.62 9.17 -3.20
C GLY V 252 19.34 9.69 -3.83
N VAL V 253 18.53 8.78 -4.39
CA VAL V 253 17.25 9.20 -4.94
C VAL V 253 16.30 9.67 -3.83
N GLN V 254 16.37 9.02 -2.66
CA GLN V 254 15.51 9.44 -1.56
C GLN V 254 15.93 10.81 -1.03
N ALA V 255 17.24 11.05 -0.92
CA ALA V 255 17.72 12.36 -0.51
C ALA V 255 17.37 13.42 -1.56
N LEU V 256 17.35 13.03 -2.83
CA LEU V 256 16.91 13.95 -3.87
C LEU V 256 15.46 14.33 -3.70
N SER V 257 14.60 13.34 -3.42
CA SER V 257 13.20 13.64 -3.19
C SER V 257 13.00 14.51 -1.97
N ILE V 258 13.82 14.32 -0.93
CA ILE V 258 13.71 15.17 0.26
C ILE V 258 14.14 16.60 -0.07
N ALA V 259 15.21 16.74 -0.85
CA ALA V 259 15.66 18.09 -1.20
C ALA V 259 14.64 18.81 -2.06
N ASN V 260 13.94 18.08 -2.93
CA ASN V 260 12.88 18.72 -3.72
C ASN V 260 11.65 19.01 -2.88
N GLN V 261 11.40 18.20 -1.85
CA GLN V 261 10.29 18.50 -0.95
C GLN V 261 10.57 19.66 -0.02
N THR V 262 11.84 19.98 0.20
CA THR V 262 12.20 21.05 1.13
C THR V 262 11.57 22.40 0.82
N PRO V 263 11.61 22.93 -0.41
CA PRO V 263 11.03 24.28 -0.64
C PRO V 263 9.52 24.34 -0.48
N GLN V 264 8.83 23.20 -0.47
CA GLN V 264 7.37 23.19 -0.58
C GLN V 264 6.68 23.94 0.56
N THR V 265 7.32 24.05 1.72
CA THR V 265 6.65 24.59 2.91
C THR V 265 6.24 26.05 2.76
N ILE V 266 6.84 26.79 1.83
CA ILE V 266 6.65 28.23 1.75
C ILE V 266 5.20 28.60 1.45
N LEU V 267 4.47 27.71 0.76
CA LEU V 267 3.11 28.03 0.35
C LEU V 267 2.20 28.27 1.55
N SER V 268 2.48 27.62 2.67
CA SER V 268 1.65 27.76 3.86
C SER V 268 1.67 29.18 4.42
N LEU V 269 2.73 29.95 4.14
CA LEU V 269 2.89 31.26 4.74
C LEU V 269 2.00 32.33 4.12
N PHE V 270 1.40 32.05 2.96
CA PHE V 270 0.48 32.98 2.33
C PHE V 270 -0.92 32.38 2.22
N LEU W 1 -7.05 77.66 14.51
CA LEU W 1 -7.33 76.28 14.88
C LEU W 1 -8.48 75.71 14.07
N ASN W 2 -9.71 76.14 14.39
CA ASN W 2 -10.86 75.71 13.62
C ASN W 2 -10.77 76.27 12.20
N SER W 3 -11.04 75.42 11.23
CA SER W 3 -10.92 75.78 9.82
C SER W 3 -11.55 74.71 8.94
N ILE W 4 -12.77 74.96 8.47
CA ILE W 4 -13.50 73.97 7.69
C ILE W 4 -12.93 73.74 6.30
N ASN W 5 -12.17 74.70 5.77
CA ASN W 5 -11.73 74.62 4.38
C ASN W 5 -10.93 73.35 4.12
N THR W 6 -9.92 73.08 4.94
CA THR W 6 -9.16 71.84 4.85
C THR W 6 -8.49 71.58 6.19
N ASN W 7 -8.44 70.31 6.58
CA ASN W 7 -7.81 69.88 7.81
C ASN W 7 -6.44 69.28 7.54
N PRO W 8 -5.38 69.83 8.14
CA PRO W 8 -4.05 69.25 7.92
C PRO W 8 -3.93 67.79 8.34
N GLY W 9 -4.69 67.37 9.35
CA GLY W 9 -4.59 66.00 9.83
C GLY W 9 -4.97 64.97 8.79
N ALA W 10 -5.99 65.28 7.98
CA ALA W 10 -6.32 64.38 6.88
C ALA W 10 -5.19 64.32 5.85
N LEU W 11 -4.49 65.44 5.65
CA LEU W 11 -3.34 65.43 4.75
C LEU W 11 -2.25 64.50 5.27
N LEU W 12 -1.93 64.62 6.56
CA LEU W 12 -0.91 63.72 7.14
C LEU W 12 -1.37 62.27 7.13
N ALA W 13 -2.67 62.02 7.33
CA ALA W 13 -3.17 60.65 7.32
C ALA W 13 -3.05 60.04 5.93
N LEU W 14 -3.42 60.80 4.91
CA LEU W 14 -3.24 60.33 3.54
C LEU W 14 -1.77 60.17 3.18
N GLN W 15 -0.91 61.01 3.72
CA GLN W 15 0.52 60.86 3.48
C GLN W 15 1.04 59.55 4.05
N ASN W 16 0.65 59.24 5.28
CA ASN W 16 1.03 57.96 5.88
C ASN W 16 0.43 56.78 5.10
N LEU W 17 -0.79 56.96 4.59
CA LEU W 17 -1.42 55.89 3.83
C LEU W 17 -0.66 55.64 2.51
N ASN W 18 -0.23 56.71 1.85
CA ASN W 18 0.55 56.55 0.63
C ASN W 18 1.91 55.93 0.93
N SER W 19 2.52 56.31 2.05
CA SER W 19 3.79 55.70 2.43
C SER W 19 3.64 54.22 2.73
N THR W 20 2.50 53.82 3.29
CA THR W 20 2.23 52.40 3.47
C THR W 20 1.99 51.71 2.14
N ASN W 21 1.31 52.38 1.21
CA ASN W 21 0.94 51.73 -0.05
C ASN W 21 2.16 51.48 -0.92
N THR W 22 3.09 52.44 -1.00
CA THR W 22 4.28 52.21 -1.83
C THR W 22 5.13 51.08 -1.26
N GLU W 23 5.23 51.00 0.07
CA GLU W 23 5.99 49.92 0.68
C GLU W 23 5.30 48.58 0.48
N LEU W 24 3.97 48.54 0.50
CA LEU W 24 3.26 47.30 0.22
C LEU W 24 3.45 46.88 -1.24
N ALA W 25 3.54 47.86 -2.14
CA ALA W 25 3.79 47.54 -3.54
C ALA W 25 5.19 46.97 -3.73
N ALA W 26 6.18 47.56 -3.08
CA ALA W 26 7.54 46.99 -3.14
C ALA W 26 7.58 45.62 -2.48
N THR W 27 6.78 45.43 -1.43
CA THR W 27 6.69 44.13 -0.77
C THR W 27 6.18 43.06 -1.72
N GLN W 28 5.06 43.33 -2.38
CA GLN W 28 4.52 42.32 -3.27
C GLN W 28 5.38 42.16 -4.52
N GLY W 29 6.13 43.19 -4.91
CA GLY W 29 7.10 43.00 -5.96
C GLY W 29 8.17 41.99 -5.57
N ARG W 30 8.74 42.17 -4.37
CA ARG W 30 9.72 41.22 -3.88
C ARG W 30 9.12 39.82 -3.73
N ILE W 31 7.82 39.74 -3.49
CA ILE W 31 7.12 38.46 -3.40
C ILE W 31 7.02 37.81 -4.77
N ASN W 32 6.25 38.42 -5.68
CA ASN W 32 5.92 37.75 -6.93
C ASN W 32 7.16 37.52 -7.79
N THR W 33 8.13 38.43 -7.78
CA THR W 33 9.35 38.13 -8.52
C THR W 33 10.18 37.03 -7.85
N GLY W 34 10.02 36.85 -6.54
CA GLY W 34 10.77 35.83 -5.84
C GLY W 34 12.21 36.19 -5.60
N LYS W 35 12.61 37.43 -5.82
CA LYS W 35 13.99 37.85 -5.70
C LYS W 35 14.03 39.27 -5.15
N LYS W 36 15.02 39.54 -4.30
CA LYS W 36 15.16 40.86 -3.70
C LYS W 36 15.87 41.86 -4.61
N VAL W 37 16.46 41.40 -5.73
CA VAL W 37 17.09 42.27 -6.71
C VAL W 37 16.72 41.80 -8.11
N ALA W 38 15.45 41.51 -8.33
CA ALA W 38 15.01 40.89 -9.58
C ALA W 38 15.21 41.80 -10.79
N ASN W 39 15.26 43.11 -10.59
CA ASN W 39 15.39 44.03 -11.70
C ASN W 39 16.34 45.17 -11.32
N ALA W 40 16.80 45.88 -12.34
CA ALA W 40 17.87 46.86 -12.15
C ALA W 40 17.45 48.00 -11.22
N LYS W 41 16.16 48.33 -11.17
CA LYS W 41 15.71 49.44 -10.33
C LYS W 41 15.94 49.16 -8.84
N ASP W 42 15.84 47.89 -8.43
CA ASP W 42 15.94 47.56 -7.00
C ASP W 42 17.34 47.84 -6.46
N ASN W 43 18.37 47.53 -7.25
CA ASN W 43 19.76 47.67 -6.81
C ASN W 43 20.64 47.39 -8.02
N GLY W 44 21.11 48.45 -8.68
CA GLY W 44 21.71 48.29 -9.99
C GLY W 44 23.02 47.52 -9.98
N ALA W 45 23.84 47.73 -8.96
CA ALA W 45 25.18 47.14 -8.96
C ALA W 45 25.12 45.64 -8.79
N ILE W 46 24.41 45.16 -7.77
CA ILE W 46 24.30 43.73 -7.56
C ILE W 46 23.51 43.09 -8.69
N TRP W 47 22.55 43.81 -9.28
CA TRP W 47 21.81 43.26 -10.41
C TRP W 47 22.70 43.09 -11.64
N SER W 48 23.61 44.04 -11.88
CA SER W 48 24.54 43.89 -12.99
C SER W 48 25.51 42.74 -12.72
N MET W 49 25.94 42.59 -11.46
CA MET W 49 26.80 41.47 -11.11
C MET W 49 26.07 40.15 -11.32
N ALA W 50 24.79 40.10 -10.97
CA ALA W 50 24.02 38.88 -11.10
C ALA W 50 23.78 38.54 -12.56
N LYS W 51 23.48 39.54 -13.39
CA LYS W 51 23.28 39.28 -14.81
C LYS W 51 24.57 38.83 -15.47
N MET W 52 25.70 39.41 -15.08
CA MET W 52 26.97 39.02 -15.68
C MET W 52 27.36 37.61 -15.27
N GLN W 53 27.27 37.30 -13.97
CA GLN W 53 27.60 35.95 -13.54
C GLN W 53 26.60 34.93 -14.06
N SER W 54 25.35 35.33 -14.27
CA SER W 54 24.36 34.40 -14.82
C SER W 54 24.63 34.10 -16.29
N ALA W 55 25.01 35.12 -17.07
CA ALA W 55 25.45 34.84 -18.44
C ALA W 55 26.70 33.97 -18.43
N THR W 56 27.60 34.23 -17.48
CA THR W 56 28.83 33.45 -17.38
C THR W 56 28.55 31.98 -17.06
N ALA W 57 27.53 31.72 -16.25
CA ALA W 57 27.20 30.35 -15.89
C ALA W 57 26.39 29.67 -16.98
N SER W 58 25.47 30.40 -17.62
CA SER W 58 24.68 29.82 -18.70
C SER W 58 25.54 29.53 -19.92
N SER W 59 26.68 30.21 -20.06
CA SER W 59 27.57 29.97 -21.19
C SER W 59 28.18 28.56 -21.17
N LEU W 60 28.25 27.90 -20.01
CA LEU W 60 28.94 26.62 -19.92
C LEU W 60 28.16 25.44 -20.49
N ASN W 61 26.88 25.62 -20.84
CA ASN W 61 26.16 24.51 -21.48
C ASN W 61 26.80 24.12 -22.80
N SER W 62 27.22 25.12 -23.59
CA SER W 62 27.93 24.83 -24.83
C SER W 62 29.29 24.20 -24.57
N VAL W 63 29.96 24.60 -23.48
CA VAL W 63 31.24 23.99 -23.13
C VAL W 63 31.04 22.52 -22.79
N LYS W 64 29.96 22.22 -22.06
CA LYS W 64 29.68 20.84 -21.70
C LYS W 64 29.34 20.02 -22.94
N ASP W 65 28.58 20.60 -23.87
CA ASP W 65 28.27 19.87 -25.09
C ASP W 65 29.51 19.62 -25.93
N SER W 66 30.43 20.58 -25.98
CA SER W 66 31.66 20.37 -26.73
C SER W 66 32.53 19.29 -26.08
N LEU W 67 32.58 19.28 -24.75
CA LEU W 67 33.34 18.22 -24.07
C LEU W 67 32.70 16.85 -24.28
N GLN W 68 31.36 16.79 -24.36
CA GLN W 68 30.71 15.52 -24.64
C GLN W 68 31.00 15.06 -26.07
N ARG W 69 31.06 16.00 -27.02
CA ARG W 69 31.42 15.62 -28.38
C ARG W 69 32.85 15.11 -28.46
N GLY W 70 33.75 15.72 -27.69
CA GLY W 70 35.11 15.21 -27.64
C GLY W 70 35.19 13.85 -26.99
N GLN W 71 34.34 13.62 -25.99
CA GLN W 71 34.28 12.30 -25.37
C GLN W 71 33.84 11.24 -26.38
N SER W 72 32.81 11.56 -27.17
CA SER W 72 32.34 10.60 -28.17
C SER W 72 33.39 10.34 -29.23
N THR W 73 34.15 11.38 -29.61
CA THR W 73 35.20 11.19 -30.60
C THR W 73 36.31 10.31 -30.07
N ILE W 74 36.76 10.55 -28.83
CA ILE W 74 37.79 9.69 -28.27
C ILE W 74 37.28 8.27 -28.08
N ASP W 75 35.99 8.11 -27.79
CA ASP W 75 35.44 6.77 -27.62
C ASP W 75 35.48 5.99 -28.93
N VAL W 76 35.01 6.60 -30.02
CA VAL W 76 35.06 5.87 -31.29
C VAL W 76 36.50 5.64 -31.72
N ALA W 77 37.41 6.56 -31.39
CA ALA W 77 38.81 6.38 -31.76
C ALA W 77 39.41 5.17 -31.04
N LEU W 78 39.15 5.05 -29.74
CA LEU W 78 39.65 3.89 -29.00
C LEU W 78 38.98 2.60 -29.46
N ALA W 79 37.69 2.66 -29.79
CA ALA W 79 37.00 1.46 -30.24
C ALA W 79 37.56 0.96 -31.56
N ALA W 80 38.02 1.86 -32.42
CA ALA W 80 38.71 1.41 -33.62
C ALA W 80 40.14 0.96 -33.33
N GLY W 81 40.80 1.64 -32.40
CA GLY W 81 42.22 1.35 -32.17
C GLY W 81 42.43 0.00 -31.53
N ASP W 82 41.48 -0.48 -30.74
CA ASP W 82 41.63 -1.83 -30.19
C ASP W 82 41.63 -2.89 -31.30
N THR W 83 40.72 -2.76 -32.26
CA THR W 83 40.70 -3.67 -33.39
C THR W 83 41.97 -3.52 -34.23
N ILE W 84 42.49 -2.30 -34.34
CA ILE W 84 43.73 -2.11 -35.08
C ILE W 84 44.89 -2.83 -34.40
N THR W 85 44.94 -2.78 -33.07
CA THR W 85 45.99 -3.51 -32.36
C THR W 85 45.83 -5.02 -32.51
N ASP W 86 44.59 -5.51 -32.53
CA ASP W 86 44.38 -6.94 -32.72
C ASP W 86 44.85 -7.38 -34.10
N LEU W 87 44.52 -6.60 -35.12
CA LEU W 87 44.98 -6.90 -36.47
C LEU W 87 46.50 -6.83 -36.54
N LEU W 88 47.11 -5.90 -35.80
CA LEU W 88 48.56 -5.79 -35.82
C LEU W 88 49.22 -7.01 -35.19
N THR W 89 48.64 -7.52 -34.11
CA THR W 89 49.19 -8.73 -33.49
C THR W 89 49.04 -9.93 -34.42
N LYS W 90 47.91 -10.02 -35.13
CA LYS W 90 47.78 -11.10 -36.09
C LYS W 90 48.76 -10.96 -37.25
N MET W 91 49.08 -9.73 -37.64
CA MET W 91 50.09 -9.51 -38.67
C MET W 91 51.46 -9.94 -38.19
N LYS W 92 51.79 -9.67 -36.92
CA LYS W 92 53.06 -10.16 -36.40
C LYS W 92 53.09 -11.68 -36.34
N GLU W 93 51.95 -12.30 -36.05
CA GLU W 93 51.90 -13.76 -36.05
C GLU W 93 52.14 -14.31 -37.45
N LYS W 94 51.51 -13.71 -38.46
CA LYS W 94 51.72 -14.16 -39.84
C LYS W 94 53.16 -13.92 -40.30
N ALA W 95 53.78 -12.82 -39.86
CA ALA W 95 55.17 -12.57 -40.26
C ALA W 95 56.10 -13.59 -39.63
N LEU W 96 55.88 -13.90 -38.34
CA LEU W 96 56.70 -14.91 -37.69
C LEU W 96 56.49 -16.29 -38.31
N ALA W 97 55.26 -16.57 -38.75
CA ALA W 97 54.99 -17.83 -39.43
C ALA W 97 55.68 -17.90 -40.79
N ALA W 98 55.76 -16.76 -41.49
CA ALA W 98 56.37 -16.74 -42.80
C ALA W 98 57.89 -16.60 -42.74
N SER W 99 58.45 -16.35 -41.55
CA SER W 99 59.89 -16.23 -41.43
C SER W 99 60.61 -17.57 -41.68
N ASP W 100 59.90 -18.69 -41.63
CA ASP W 100 60.54 -20.00 -41.70
C ASP W 100 61.25 -20.20 -43.02
N THR W 101 62.46 -20.77 -42.96
CA THR W 101 63.22 -21.09 -44.17
C THR W 101 62.74 -22.39 -44.82
N SER W 102 62.31 -23.35 -44.01
CA SER W 102 61.95 -24.69 -44.49
C SER W 102 60.61 -24.74 -45.18
N LEU W 103 59.78 -23.69 -45.08
CA LEU W 103 58.45 -23.73 -45.65
C LEU W 103 58.48 -23.85 -47.17
N ASN W 104 57.54 -24.62 -47.70
CA ASN W 104 57.32 -24.68 -49.13
C ASN W 104 56.70 -23.37 -49.61
N THR W 105 56.92 -23.08 -50.90
CA THR W 105 56.56 -21.77 -51.43
C THR W 105 55.07 -21.49 -51.35
N ALA W 106 54.22 -22.52 -51.44
CA ALA W 106 52.79 -22.29 -51.42
C ALA W 106 52.34 -21.76 -50.05
N SER W 107 52.88 -22.30 -48.97
CA SER W 107 52.55 -21.79 -47.64
C SER W 107 53.04 -20.37 -47.47
N PHE W 108 54.19 -20.04 -48.06
CA PHE W 108 54.70 -18.68 -47.98
C PHE W 108 53.76 -17.72 -48.72
N ASN W 109 53.26 -18.13 -49.89
CA ASN W 109 52.31 -17.29 -50.61
C ASN W 109 51.01 -17.14 -49.83
N ALA W 110 50.59 -18.19 -49.12
CA ALA W 110 49.35 -18.10 -48.36
C ALA W 110 49.48 -17.13 -47.21
N LEU W 111 50.56 -17.24 -46.43
CA LEU W 111 50.77 -16.29 -45.34
C LEU W 111 51.01 -14.88 -45.86
N LYS W 112 51.64 -14.74 -47.04
CA LYS W 112 51.82 -13.43 -47.62
C LYS W 112 50.49 -12.79 -47.99
N ALA W 113 49.61 -13.57 -48.62
CA ALA W 113 48.29 -13.05 -48.98
C ALA W 113 47.49 -12.70 -47.74
N ASP W 114 47.60 -13.51 -46.69
CA ASP W 114 46.88 -13.19 -45.45
C ASP W 114 47.43 -11.92 -44.81
N PHE W 115 48.74 -11.69 -44.92
CA PHE W 115 49.32 -10.47 -44.40
C PHE W 115 48.83 -9.26 -45.19
N GLU W 116 48.76 -9.39 -46.52
CA GLU W 116 48.23 -8.30 -47.32
C GLU W 116 46.79 -8.00 -46.93
N SER W 117 46.00 -9.06 -46.70
CA SER W 117 44.60 -8.86 -46.33
C SER W 117 44.49 -8.16 -44.99
N LEU W 118 45.25 -8.62 -43.98
CA LEU W 118 45.15 -8.02 -42.67
C LEU W 118 45.59 -6.57 -42.69
N ARG W 119 46.59 -6.25 -43.52
CA ARG W 119 46.98 -4.85 -43.68
C ARG W 119 45.85 -4.05 -44.33
N ASP W 120 45.11 -4.67 -45.24
CA ASP W 120 44.01 -3.96 -45.89
C ASP W 120 42.88 -3.66 -44.91
N GLN W 121 42.46 -4.66 -44.10
CA GLN W 121 41.43 -4.34 -43.11
C GLN W 121 41.96 -3.39 -42.04
N LEU W 122 43.26 -3.42 -41.77
CA LEU W 122 43.80 -2.45 -40.80
C LEU W 122 43.62 -1.03 -41.31
N GLN W 123 44.02 -0.78 -42.56
CA GLN W 123 43.83 0.56 -43.11
C GLN W 123 42.36 0.91 -43.24
N LYS W 124 41.53 -0.06 -43.64
CA LYS W 124 40.10 0.21 -43.82
C LYS W 124 39.41 0.54 -42.50
N ALA W 125 39.84 -0.09 -41.40
CA ALA W 125 39.27 0.22 -40.10
C ALA W 125 39.79 1.56 -39.59
N ALA W 126 41.07 1.85 -39.87
CA ALA W 126 41.62 3.14 -39.44
C ALA W 126 40.94 4.31 -40.14
N THR W 127 40.56 4.14 -41.41
CA THR W 127 39.94 5.24 -42.14
C THR W 127 38.54 5.57 -41.62
N ASN W 128 37.81 4.58 -41.12
CA ASN W 128 36.40 4.78 -40.80
C ASN W 128 36.14 5.31 -39.39
N ALA W 129 37.19 5.50 -38.59
CA ALA W 129 37.02 5.88 -37.19
C ALA W 129 36.82 7.40 -37.06
N LYS W 130 35.68 7.85 -37.56
CA LYS W 130 35.36 9.28 -37.54
C LYS W 130 33.96 9.49 -37.00
N PHE W 131 33.76 10.61 -36.32
CA PHE W 131 32.49 10.97 -35.73
C PHE W 131 32.21 12.44 -36.06
N ASN W 132 31.03 12.72 -36.59
CA ASN W 132 30.67 14.04 -37.12
C ASN W 132 31.66 14.50 -38.19
N GLY W 133 32.23 13.55 -38.92
CA GLY W 133 33.12 13.86 -40.02
C GLY W 133 34.55 14.14 -39.63
N VAL W 134 34.89 14.08 -38.34
CA VAL W 134 36.24 14.33 -37.88
C VAL W 134 36.75 13.10 -37.14
N SER W 135 38.07 12.93 -37.17
CA SER W 135 38.68 11.72 -36.62
C SER W 135 40.02 12.07 -36.01
N LEU W 136 40.37 11.33 -34.95
CA LEU W 136 41.67 11.42 -34.31
C LEU W 136 42.49 10.15 -34.49
N ALA W 137 42.07 9.24 -35.37
CA ALA W 137 42.80 8.01 -35.62
C ALA W 137 43.43 7.93 -36.99
N ASP W 138 42.76 8.42 -38.04
CA ASP W 138 43.28 8.36 -39.40
C ASP W 138 44.37 9.39 -39.67
N GLY W 139 44.55 10.37 -38.80
CA GLY W 139 45.58 11.38 -39.01
C GLY W 139 45.24 12.44 -40.03
N SER W 140 43.96 12.63 -40.36
CA SER W 140 43.59 13.64 -41.35
C SER W 140 43.94 15.05 -40.89
N THR W 141 43.99 15.30 -39.58
CA THR W 141 44.40 16.59 -39.05
C THR W 141 45.27 16.35 -37.81
N THR W 142 46.19 17.28 -37.57
CA THR W 142 47.18 17.08 -36.52
C THR W 142 46.57 17.08 -35.13
N LYS W 143 45.46 17.79 -34.91
CA LYS W 143 44.82 17.76 -33.60
C LYS W 143 43.39 18.29 -33.71
N LEU W 144 42.57 17.90 -32.74
CA LEU W 144 41.25 18.49 -32.52
C LEU W 144 41.25 19.31 -31.24
N SER W 145 40.28 20.22 -31.14
CA SER W 145 40.15 21.09 -29.99
C SER W 145 38.69 21.15 -29.55
N PHE W 146 38.48 21.36 -28.26
CA PHE W 146 37.14 21.43 -27.69
C PHE W 146 37.13 22.45 -26.56
N LEU W 147 35.94 23.01 -26.32
CA LEU W 147 35.80 24.08 -25.36
C LEU W 147 36.17 23.63 -23.96
N ALA W 148 36.81 24.53 -23.20
CA ALA W 148 37.14 24.25 -21.82
C ALA W 148 36.82 25.39 -20.87
N ASN W 149 36.55 26.60 -21.38
CA ASN W 149 36.38 27.77 -20.54
C ASN W 149 35.19 28.59 -21.02
N GLU W 150 34.77 29.53 -20.17
CA GLU W 150 33.74 30.48 -20.53
C GLU W 150 34.20 31.40 -21.64
N ASP W 151 35.50 31.66 -21.75
CA ASP W 151 36.05 32.58 -22.74
C ASP W 151 36.76 31.87 -23.88
N GLY W 152 36.33 30.65 -24.21
CA GLY W 152 36.79 29.99 -25.41
C GLY W 152 38.12 29.26 -25.32
N SER W 153 38.69 29.09 -24.13
CA SER W 153 39.90 28.29 -24.01
C SER W 153 39.63 26.86 -24.42
N ASN W 154 40.60 26.26 -25.12
CA ASN W 154 40.44 24.95 -25.72
C ASN W 154 41.19 23.89 -24.93
N PHE W 155 40.58 22.72 -24.81
CA PHE W 155 41.26 21.52 -24.31
C PHE W 155 41.80 20.80 -25.54
N THR W 156 43.08 21.02 -25.82
CA THR W 156 43.70 20.42 -27.00
C THR W 156 43.74 18.91 -26.86
N VAL W 157 43.40 18.21 -27.95
CA VAL W 157 43.44 16.75 -28.00
C VAL W 157 44.31 16.39 -29.20
N THR W 158 45.59 16.15 -28.96
CA THR W 158 46.52 15.82 -30.03
C THR W 158 46.11 14.51 -30.70
N ALA W 159 46.14 14.49 -32.03
CA ALA W 159 45.80 13.29 -32.77
C ALA W 159 46.93 12.27 -32.65
N GLN W 160 46.54 10.99 -32.63
CA GLN W 160 47.48 9.87 -32.66
C GLN W 160 47.09 9.01 -33.85
N THR W 161 47.81 9.16 -34.96
CA THR W 161 47.43 8.48 -36.18
C THR W 161 47.47 6.96 -36.02
N LEU W 162 46.42 6.30 -36.48
CA LEU W 162 46.32 4.85 -36.41
C LEU W 162 46.31 4.18 -37.78
N SER W 163 46.37 4.97 -38.86
CA SER W 163 46.52 4.42 -40.19
C SER W 163 47.94 3.88 -40.36
N LEU W 164 48.14 3.11 -41.45
CA LEU W 164 49.43 2.47 -41.67
C LEU W 164 50.56 3.47 -41.76
N THR W 165 50.28 4.67 -42.30
CA THR W 165 51.33 5.68 -42.43
C THR W 165 51.82 6.15 -41.07
N GLY W 166 50.95 6.19 -40.06
CA GLY W 166 51.32 6.65 -38.74
C GLY W 166 51.98 5.62 -37.85
N ILE W 167 52.00 4.36 -38.27
CA ILE W 167 52.58 3.29 -37.47
C ILE W 167 53.84 2.74 -38.13
N GLY W 168 54.45 3.49 -39.04
CA GLY W 168 55.66 3.02 -39.69
C GLY W 168 55.45 2.07 -40.84
N LEU W 169 54.22 1.96 -41.35
CA LEU W 169 53.93 1.07 -42.46
C LEU W 169 53.41 1.88 -43.64
N THR W 170 53.13 1.17 -44.73
CA THR W 170 52.57 1.75 -45.94
C THR W 170 51.51 0.79 -46.48
N ALA W 171 50.67 1.30 -47.39
CA ALA W 171 49.65 0.46 -47.99
C ALA W 171 50.24 -0.67 -48.82
N THR W 172 51.42 -0.48 -49.41
CA THR W 172 52.08 -1.49 -50.22
C THR W 172 53.04 -2.36 -49.41
N SER W 173 53.12 -2.18 -48.10
CA SER W 173 54.07 -2.92 -47.29
C SER W 173 53.83 -4.41 -47.38
N THR W 174 54.92 -5.17 -47.44
CA THR W 174 54.85 -6.62 -47.67
C THR W 174 56.21 -7.27 -47.53
N PHE W 175 56.28 -8.57 -47.80
CA PHE W 175 57.53 -9.32 -47.80
C PHE W 175 57.48 -10.33 -48.94
N THR W 176 58.66 -10.66 -49.47
CA THR W 176 58.75 -11.56 -50.61
C THR W 176 59.64 -12.78 -50.38
N ASP W 177 60.44 -12.81 -49.32
CA ASP W 177 61.27 -13.96 -49.01
C ASP W 177 61.45 -14.04 -47.50
N ALA W 178 61.99 -15.17 -47.03
CA ALA W 178 62.02 -15.45 -45.61
C ALA W 178 62.82 -14.40 -44.83
N ALA W 179 63.86 -13.83 -45.45
CA ALA W 179 64.61 -12.79 -44.77
C ALA W 179 63.80 -11.50 -44.63
N THR W 180 63.05 -11.14 -45.66
CA THR W 180 62.19 -9.96 -45.55
C THR W 180 61.11 -10.16 -44.51
N ALA W 181 60.60 -11.38 -44.39
CA ALA W 181 59.62 -11.67 -43.34
C ALA W 181 60.27 -11.61 -41.96
N LYS W 182 61.52 -12.07 -41.86
CA LYS W 182 62.22 -12.03 -40.58
C LYS W 182 62.48 -10.59 -40.14
N THR W 183 62.71 -9.69 -41.10
CA THR W 183 62.81 -8.27 -40.77
C THR W 183 61.44 -7.66 -40.49
N MET W 184 60.41 -8.11 -41.20
CA MET W 184 59.06 -7.63 -40.97
C MET W 184 58.59 -8.00 -39.57
N ILE W 185 59.17 -9.06 -38.99
CA ILE W 185 58.84 -9.40 -37.61
C ILE W 185 59.13 -8.21 -36.69
N ALA W 186 60.37 -7.72 -36.72
CA ALA W 186 60.72 -6.57 -35.90
C ALA W 186 60.01 -5.30 -36.35
N THR W 187 59.72 -5.19 -37.64
CA THR W 187 59.00 -4.01 -38.12
C THR W 187 57.59 -3.94 -37.51
N ILE W 188 56.86 -5.06 -37.56
CA ILE W 188 55.54 -5.11 -36.97
C ILE W 188 55.62 -4.99 -35.45
N THR W 189 56.71 -5.48 -34.83
CA THR W 189 56.85 -5.32 -33.39
C THR W 189 56.99 -3.84 -33.01
N THR W 190 57.78 -3.09 -33.77
CA THR W 190 57.89 -1.65 -33.53
C THR W 190 56.58 -0.93 -33.84
N SER W 191 55.85 -1.41 -34.86
CA SER W 191 54.54 -0.83 -35.12
C SER W 191 53.58 -1.07 -33.96
N LEU W 192 53.69 -2.23 -33.30
CA LEU W 192 52.86 -2.51 -32.14
C LEU W 192 53.27 -1.64 -30.95
N GLN W 193 54.58 -1.42 -30.78
CA GLN W 193 55.12 -0.42 -29.85
C GLN W 193 54.31 0.86 -29.99
N THR W 194 54.44 1.46 -31.18
CA THR W 194 53.87 2.78 -31.43
C THR W 194 52.35 2.78 -31.31
N ALA W 195 51.70 1.70 -31.72
CA ALA W 195 50.23 1.68 -31.70
C ALA W 195 49.70 1.61 -30.26
N THR W 196 50.30 0.76 -29.43
CA THR W 196 49.87 0.70 -28.03
C THR W 196 50.17 2.01 -27.32
N ASN W 197 51.28 2.67 -27.66
CA ASN W 197 51.55 3.96 -27.03
C ASN W 197 50.54 5.01 -27.46
N LYS W 198 50.14 5.02 -28.74
CA LYS W 198 49.16 5.99 -29.18
C LYS W 198 47.79 5.74 -28.54
N LEU W 199 47.41 4.47 -28.38
CA LEU W 199 46.15 4.20 -27.69
C LEU W 199 46.23 4.58 -26.22
N SER W 200 47.39 4.46 -25.58
CA SER W 200 47.53 4.93 -24.21
C SER W 200 47.36 6.45 -24.14
N SER W 201 47.90 7.16 -25.13
CA SER W 201 47.71 8.60 -25.17
C SER W 201 46.24 8.97 -25.38
N LEU W 202 45.54 8.21 -26.22
CA LEU W 202 44.12 8.46 -26.45
C LEU W 202 43.31 8.21 -25.18
N GLY W 203 43.68 7.19 -24.42
CA GLY W 203 42.97 6.93 -23.16
C GLY W 203 43.25 8.00 -22.13
N THR W 204 44.48 8.52 -22.11
CA THR W 204 44.78 9.65 -21.22
C THR W 204 43.95 10.87 -21.59
N SER W 205 43.80 11.13 -22.88
CA SER W 205 42.97 12.26 -23.31
C SER W 205 41.51 12.04 -22.93
N SER W 206 41.04 10.79 -22.99
CA SER W 206 39.66 10.51 -22.58
C SER W 206 39.47 10.76 -21.10
N VAL W 207 40.42 10.31 -20.28
CA VAL W 207 40.31 10.52 -18.84
C VAL W 207 40.33 12.01 -18.51
N GLY W 208 41.14 12.78 -19.25
CA GLY W 208 41.18 14.20 -19.01
C GLY W 208 39.89 14.90 -19.43
N LEU W 209 39.29 14.46 -20.52
CA LEU W 209 38.02 15.04 -20.94
C LEU W 209 36.91 14.74 -19.93
N ASP W 210 36.90 13.52 -19.39
CA ASP W 210 35.90 13.18 -18.39
C ASP W 210 36.09 14.01 -17.12
N THR W 211 37.34 14.17 -16.68
CA THR W 211 37.60 14.94 -15.46
C THR W 211 37.22 16.40 -15.65
N HIS W 212 37.58 16.99 -16.79
CA HIS W 212 37.20 18.38 -17.01
C HIS W 212 35.69 18.54 -17.15
N LEU W 213 35.00 17.54 -17.69
CA LEU W 213 33.54 17.66 -17.78
C LEU W 213 32.91 17.65 -16.39
N THR W 214 33.38 16.78 -15.50
CA THR W 214 32.85 16.81 -14.14
C THR W 214 33.22 18.11 -13.42
N PHE W 215 34.40 18.65 -13.73
CA PHE W 215 34.78 19.93 -13.12
C PHE W 215 33.86 21.05 -13.57
N VAL W 216 33.54 21.08 -14.86
CA VAL W 216 32.61 22.09 -15.37
C VAL W 216 31.22 21.90 -14.77
N GLY W 217 30.81 20.65 -14.57
CA GLY W 217 29.49 20.41 -14.01
C GLY W 217 29.40 20.84 -12.56
N LYS W 218 30.50 20.73 -11.82
CA LYS W 218 30.53 21.29 -10.47
C LYS W 218 30.52 22.81 -10.50
N LEU W 219 31.36 23.40 -11.35
CA LEU W 219 31.53 24.84 -11.34
C LEU W 219 30.26 25.57 -11.77
N GLN W 220 29.48 24.98 -12.69
CA GLN W 220 28.30 25.67 -13.20
C GLN W 220 27.25 25.85 -12.11
N ASP W 221 26.87 24.76 -11.45
CA ASP W 221 25.85 24.89 -10.41
C ASP W 221 26.41 25.56 -9.17
N SER W 222 27.73 25.55 -8.99
CA SER W 222 28.31 26.36 -7.92
C SER W 222 28.09 27.85 -8.19
N LEU W 223 28.32 28.29 -9.44
CA LEU W 223 28.05 29.69 -9.77
C LEU W 223 26.56 30.00 -9.70
N ASP W 224 25.71 29.02 -10.05
CA ASP W 224 24.27 29.24 -9.93
C ASP W 224 23.85 29.42 -8.49
N ALA W 225 24.41 28.61 -7.58
CA ALA W 225 24.13 28.77 -6.16
C ALA W 225 24.66 30.11 -5.64
N GLY W 226 25.79 30.56 -6.20
CA GLY W 226 26.31 31.86 -5.80
C GLY W 226 25.46 33.02 -6.26
N VAL W 227 24.88 32.92 -7.46
CA VAL W 227 23.93 33.95 -7.90
C VAL W 227 22.66 33.89 -7.05
N GLY W 228 22.22 32.69 -6.69
CA GLY W 228 21.01 32.56 -5.89
C GLY W 228 21.19 33.04 -4.47
N ASN W 229 22.41 32.97 -3.95
CA ASN W 229 22.69 33.54 -2.64
C ASN W 229 22.47 35.05 -2.65
N LEU W 230 22.64 35.70 -3.79
CA LEU W 230 22.58 37.15 -3.86
C LEU W 230 21.28 37.68 -4.44
N VAL W 231 20.47 36.87 -5.12
CA VAL W 231 19.27 37.36 -5.78
C VAL W 231 18.01 37.08 -4.95
N ASP W 232 17.88 35.89 -4.38
CA ASP W 232 16.61 35.47 -3.83
C ASP W 232 16.28 36.22 -2.53
N ALA W 233 14.99 36.39 -2.28
CA ALA W 233 14.51 37.08 -1.09
C ALA W 233 14.08 36.08 -0.02
N ASP W 234 14.00 36.57 1.22
CA ASP W 234 13.58 35.77 2.37
C ASP W 234 12.06 35.85 2.47
N LEU W 235 11.38 34.80 2.00
CA LEU W 235 9.93 34.85 1.85
C LEU W 235 9.20 34.88 3.18
N ALA W 236 9.79 34.34 4.24
CA ALA W 236 9.13 34.38 5.55
C ALA W 236 9.07 35.81 6.08
N LYS W 237 10.22 36.50 6.06
CA LYS W 237 10.25 37.91 6.41
C LYS W 237 9.33 38.71 5.51
N GLU W 238 9.22 38.29 4.26
CA GLU W 238 8.44 39.02 3.27
C GLU W 238 6.95 38.91 3.58
N SER W 239 6.48 37.71 3.92
CA SER W 239 5.09 37.53 4.31
C SER W 239 4.80 38.22 5.64
N ALA W 240 5.80 38.27 6.53
CA ALA W 240 5.60 38.98 7.80
C ALA W 240 5.39 40.47 7.56
N LYS W 241 6.22 41.06 6.69
CA LYS W 241 6.04 42.47 6.35
C LYS W 241 4.74 42.68 5.58
N LEU W 242 4.33 41.69 4.78
CA LEU W 242 3.02 41.75 4.15
C LEU W 242 1.91 41.92 5.16
N GLN W 243 1.86 41.02 6.15
CA GLN W 243 0.78 41.08 7.13
C GLN W 243 0.86 42.34 7.96
N SER W 244 2.09 42.82 8.25
CA SER W 244 2.23 44.02 9.07
C SER W 244 1.70 45.24 8.33
N LEU W 245 2.12 45.43 7.07
CA LEU W 245 1.64 46.57 6.30
C LEU W 245 0.14 46.48 6.02
N GLN W 246 -0.38 45.27 5.78
CA GLN W 246 -1.81 45.17 5.53
C GLN W 246 -2.61 45.50 6.78
N THR W 247 -2.14 45.09 7.97
CA THR W 247 -2.82 45.50 9.19
C THR W 247 -2.69 47.00 9.42
N LYS W 248 -1.56 47.60 9.04
CA LYS W 248 -1.39 49.04 9.20
C LYS W 248 -2.33 49.83 8.29
N GLN W 249 -2.63 49.29 7.11
CA GLN W 249 -3.34 50.09 6.11
C GLN W 249 -4.78 50.38 6.54
N GLN W 250 -5.45 49.44 7.20
CA GLN W 250 -6.80 49.74 7.66
C GLN W 250 -6.81 50.77 8.78
N LEU W 251 -5.79 50.77 9.65
CA LEU W 251 -5.68 51.84 10.63
C LEU W 251 -5.43 53.18 9.96
N GLY W 252 -4.71 53.17 8.84
CA GLY W 252 -4.54 54.40 8.09
C GLY W 252 -5.85 54.91 7.51
N VAL W 253 -6.66 53.99 6.98
CA VAL W 253 -7.98 54.39 6.46
C VAL W 253 -8.88 54.87 7.59
N GLN W 254 -8.77 54.26 8.78
CA GLN W 254 -9.60 54.68 9.90
C GLN W 254 -9.20 56.06 10.39
N ALA W 255 -7.90 56.34 10.47
CA ALA W 255 -7.45 57.68 10.84
C ALA W 255 -7.84 58.70 9.78
N LEU W 256 -7.86 58.28 8.51
CA LEU W 256 -8.32 59.17 7.45
C LEU W 256 -9.80 59.52 7.63
N SER W 257 -10.62 58.54 8.00
CA SER W 257 -12.03 58.81 8.23
C SER W 257 -12.23 59.70 9.45
N ILE W 258 -11.43 59.49 10.49
CA ILE W 258 -11.55 60.32 11.69
C ILE W 258 -11.16 61.76 11.37
N ALA W 259 -10.11 61.93 10.57
CA ALA W 259 -9.72 63.27 10.15
C ALA W 259 -10.76 63.91 9.25
N ASN W 260 -11.46 63.12 8.43
CA ASN W 260 -12.53 63.68 7.62
C ASN W 260 -13.69 64.14 8.50
N GLN W 261 -13.96 63.40 9.58
CA GLN W 261 -15.07 63.75 10.45
C GLN W 261 -14.71 64.83 11.46
N THR W 262 -13.42 65.11 11.66
CA THR W 262 -13.03 66.18 12.59
C THR W 262 -13.65 67.52 12.22
N PRO W 263 -13.62 67.99 10.96
CA PRO W 263 -14.30 69.25 10.63
C PRO W 263 -15.80 69.22 10.87
N GLN W 264 -16.42 68.04 10.93
CA GLN W 264 -17.88 67.94 10.89
C GLN W 264 -18.55 68.71 12.02
N THR W 265 -17.86 68.92 13.14
CA THR W 265 -18.50 69.44 14.35
C THR W 265 -18.69 70.96 14.32
N ILE W 266 -18.21 71.65 13.28
CA ILE W 266 -18.29 73.11 13.22
C ILE W 266 -19.74 73.60 13.23
N LEU W 267 -20.65 72.87 12.59
CA LEU W 267 -22.04 73.33 12.50
C LEU W 267 -22.74 73.32 13.84
N SER W 268 -22.23 72.56 14.82
CA SER W 268 -22.81 72.61 16.15
C SER W 268 -22.71 73.99 16.76
N LEU W 269 -21.71 74.77 16.34
CA LEU W 269 -21.58 76.14 16.81
C LEU W 269 -22.72 77.03 16.32
N PHE W 270 -23.32 76.68 15.18
CA PHE W 270 -24.41 77.48 14.62
C PHE W 270 -25.71 76.68 14.59
N LEU X 1 -32.34 122.35 26.04
CA LEU X 1 -32.41 120.93 26.35
C LEU X 1 -33.68 120.32 25.75
N ASN X 2 -34.84 120.80 26.20
CA ASN X 2 -36.09 120.38 25.61
C ASN X 2 -36.15 120.84 24.16
N SER X 3 -36.58 119.94 23.27
CA SER X 3 -36.61 120.23 21.84
C SER X 3 -37.39 119.17 21.09
N ILE X 4 -38.57 119.52 20.58
CA ILE X 4 -39.37 118.58 19.80
C ILE X 4 -38.90 118.48 18.36
N ASN X 5 -38.00 119.36 17.93
CA ASN X 5 -37.49 119.33 16.56
C ASN X 5 -36.84 117.98 16.28
N THR X 6 -35.74 117.68 16.96
CA THR X 6 -35.04 116.40 16.86
C THR X 6 -34.18 116.27 18.10
N ASN X 7 -33.95 115.02 18.52
CA ASN X 7 -33.19 114.85 19.75
C ASN X 7 -31.85 114.20 19.47
N PRO X 8 -30.80 114.58 20.21
CA PRO X 8 -29.50 113.90 20.06
C PRO X 8 -29.55 112.41 20.33
N GLY X 9 -30.41 111.96 21.26
CA GLY X 9 -30.30 110.61 21.75
C GLY X 9 -30.63 109.56 20.70
N ALA X 10 -31.64 109.81 19.87
CA ALA X 10 -31.93 108.89 18.79
C ALA X 10 -30.80 108.84 17.78
N LEU X 11 -30.14 109.97 17.54
CA LEU X 11 -29.01 110.01 16.62
C LEU X 11 -27.86 109.16 17.14
N LEU X 12 -27.50 109.32 18.41
CA LEU X 12 -26.41 108.53 18.97
C LEU X 12 -26.77 107.05 19.04
N ALA X 13 -28.02 106.75 19.36
CA ALA X 13 -28.43 105.34 19.45
C ALA X 13 -28.38 104.68 18.08
N LEU X 14 -28.79 105.40 17.03
CA LEU X 14 -28.72 104.81 15.71
C LEU X 14 -27.29 104.78 15.18
N GLN X 15 -26.42 105.68 15.67
CA GLN X 15 -25.00 105.57 15.32
C GLN X 15 -24.42 104.29 15.88
N ASN X 16 -24.75 103.98 17.14
CA ASN X 16 -24.31 102.72 17.73
C ASN X 16 -24.94 101.52 17.01
N LEU X 17 -26.21 101.64 16.61
CA LEU X 17 -26.84 100.56 15.87
C LEU X 17 -26.19 100.35 14.51
N ASN X 18 -25.73 101.43 13.88
CA ASN X 18 -25.05 101.32 12.59
C ASN X 18 -23.71 100.62 12.75
N SER X 19 -22.96 100.98 13.81
CA SER X 19 -21.70 100.28 14.07
C SER X 19 -21.94 98.81 14.36
N THR X 20 -23.03 98.51 15.07
CA THR X 20 -23.35 97.12 15.38
C THR X 20 -23.69 96.33 14.13
N ASN X 21 -24.54 96.90 13.27
CA ASN X 21 -24.89 96.22 12.03
C ASN X 21 -23.69 96.07 11.11
N THR X 22 -22.77 97.03 11.12
CA THR X 22 -21.58 96.93 10.28
C THR X 22 -20.68 95.80 10.75
N GLU X 23 -20.43 95.71 12.07
CA GLU X 23 -19.61 94.61 12.54
C GLU X 23 -20.31 93.26 12.35
N LEU X 24 -21.65 93.24 12.46
CA LEU X 24 -22.36 91.99 12.21
C LEU X 24 -22.26 91.58 10.76
N ALA X 25 -22.30 92.55 9.84
CA ALA X 25 -22.10 92.22 8.43
C ALA X 25 -20.68 91.74 8.16
N ALA X 26 -19.69 92.29 8.86
CA ALA X 26 -18.32 91.80 8.70
C ALA X 26 -18.20 90.37 9.19
N THR X 27 -18.83 90.06 10.32
CA THR X 27 -18.83 88.68 10.80
C THR X 27 -19.60 87.77 9.85
N GLN X 28 -20.67 88.28 9.23
CA GLN X 28 -21.41 87.47 8.27
C GLN X 28 -20.55 87.14 7.06
N GLY X 29 -19.73 88.09 6.63
CA GLY X 29 -18.83 87.81 5.52
C GLY X 29 -17.76 86.82 5.90
N ARG X 30 -17.20 86.95 7.11
CA ARG X 30 -16.17 86.02 7.52
C ARG X 30 -16.74 84.62 7.76
N ILE X 31 -18.04 84.54 8.07
CA ILE X 31 -18.69 83.24 8.23
C ILE X 31 -18.97 82.59 6.89
N ASN X 32 -19.67 83.29 5.99
CA ASN X 32 -20.05 82.62 4.75
C ASN X 32 -18.85 82.37 3.84
N THR X 33 -17.78 83.17 3.96
CA THR X 33 -16.56 82.86 3.22
C THR X 33 -15.70 81.79 3.88
N GLY X 34 -15.71 81.69 5.20
CA GLY X 34 -14.87 80.74 5.89
C GLY X 34 -13.43 81.16 6.04
N LYS X 35 -13.10 82.40 5.69
CA LYS X 35 -11.73 82.90 5.69
C LYS X 35 -11.71 84.30 6.29
N LYS X 36 -10.81 84.51 7.26
CA LYS X 36 -10.70 85.82 7.88
C LYS X 36 -10.18 86.88 6.92
N VAL X 37 -9.45 86.48 5.88
CA VAL X 37 -8.95 87.41 4.87
C VAL X 37 -9.27 86.88 3.48
N ALA X 38 -10.56 86.65 3.22
CA ALA X 38 -11.01 86.03 1.99
C ALA X 38 -10.86 86.90 0.75
N ASN X 39 -10.67 88.22 0.92
CA ASN X 39 -10.57 89.12 -0.21
C ASN X 39 -9.58 90.22 0.11
N ALA X 40 -9.18 90.95 -0.93
CA ALA X 40 -8.12 91.95 -0.78
C ALA X 40 -8.54 93.09 0.14
N LYS X 41 -9.83 93.38 0.23
CA LYS X 41 -10.29 94.50 1.05
C LYS X 41 -10.00 94.27 2.53
N ASP X 42 -9.95 93.01 2.97
CA ASP X 42 -9.70 92.69 4.37
C ASP X 42 -8.31 93.15 4.79
N ASN X 43 -7.31 92.32 4.54
CA ASN X 43 -5.90 92.67 4.76
C ASN X 43 -5.17 92.36 3.46
N GLY X 44 -4.83 93.40 2.71
CA GLY X 44 -4.32 93.19 1.37
C GLY X 44 -2.94 92.57 1.32
N ALA X 45 -2.11 92.84 2.32
CA ALA X 45 -0.76 92.28 2.33
C ALA X 45 -0.80 90.77 2.45
N ILE X 46 -1.49 90.26 3.47
CA ILE X 46 -1.62 88.81 3.61
C ILE X 46 -2.43 88.23 2.47
N TRP X 47 -3.36 88.99 1.90
CA TRP X 47 -4.15 88.46 0.79
C TRP X 47 -3.27 88.20 -0.42
N SER X 48 -2.51 89.21 -0.87
CA SER X 48 -1.62 89.01 -2.00
C SER X 48 -0.53 87.99 -1.67
N MET X 49 -0.13 87.94 -0.40
CA MET X 49 0.88 86.99 0.04
C MET X 49 0.38 85.57 -0.17
N ALA X 50 -0.81 85.28 0.33
CA ALA X 50 -1.42 83.96 0.20
C ALA X 50 -1.76 83.66 -1.25
N LYS X 51 -2.09 84.68 -2.04
CA LYS X 51 -2.38 84.44 -3.46
C LYS X 51 -1.13 84.02 -4.22
N MET X 52 -0.01 84.70 -3.97
CA MET X 52 1.24 84.30 -4.62
C MET X 52 1.64 82.89 -4.18
N GLN X 53 1.58 82.61 -2.88
CA GLN X 53 1.96 81.28 -2.42
C GLN X 53 1.00 80.21 -2.91
N SER X 54 -0.29 80.53 -3.07
CA SER X 54 -1.26 79.54 -3.50
C SER X 54 -1.12 79.25 -4.99
N ALA X 55 -0.87 80.27 -5.80
CA ALA X 55 -0.59 80.01 -7.21
C ALA X 55 0.70 79.22 -7.35
N THR X 56 1.70 79.54 -6.52
CA THR X 56 2.93 78.76 -6.54
C THR X 56 2.70 77.31 -6.16
N ALA X 57 1.77 77.05 -5.25
CA ALA X 57 1.48 75.68 -4.85
C ALA X 57 0.65 74.95 -5.88
N SER X 58 -0.32 75.64 -6.49
CA SER X 58 -1.18 75.03 -7.49
C SER X 58 -0.45 74.75 -8.79
N SER X 59 0.68 75.41 -9.03
CA SER X 59 1.48 75.13 -10.22
C SER X 59 2.05 73.73 -10.24
N LEU X 60 2.21 73.08 -9.08
CA LEU X 60 2.96 71.83 -8.98
C LEU X 60 2.21 70.60 -9.50
N ASN X 61 0.92 70.69 -9.78
CA ASN X 61 0.25 69.53 -10.37
C ASN X 61 0.83 69.20 -11.75
N SER X 62 1.20 70.22 -12.52
CA SER X 62 1.87 69.97 -13.78
C SER X 62 3.25 69.36 -13.58
N VAL X 63 3.93 69.74 -12.50
CA VAL X 63 5.22 69.15 -12.20
C VAL X 63 5.08 67.67 -11.86
N LYS X 64 4.05 67.34 -11.08
CA LYS X 64 3.80 65.94 -10.75
C LYS X 64 3.43 65.16 -12.01
N ASP X 65 2.70 65.79 -12.92
CA ASP X 65 2.34 65.11 -14.16
C ASP X 65 3.56 64.84 -15.02
N SER X 66 4.49 65.80 -15.08
CA SER X 66 5.71 65.58 -15.86
C SER X 66 6.58 64.50 -15.23
N LEU X 67 6.64 64.47 -13.89
CA LEU X 67 7.39 63.42 -13.22
C LEU X 67 6.76 62.06 -13.47
N GLN X 68 5.43 61.99 -13.54
CA GLN X 68 4.76 60.72 -13.86
C GLN X 68 5.06 60.31 -15.29
N ARG X 69 5.13 61.27 -16.21
CA ARG X 69 5.49 60.94 -17.58
C ARG X 69 6.90 60.38 -17.65
N GLY X 70 7.82 60.95 -16.87
CA GLY X 70 9.18 60.43 -16.88
C GLY X 70 9.28 59.06 -16.24
N GLN X 71 8.50 58.82 -15.19
CA GLN X 71 8.48 57.48 -14.58
C GLN X 71 7.95 56.44 -15.57
N SER X 72 6.89 56.78 -16.30
CA SER X 72 6.36 55.84 -17.28
C SER X 72 7.36 55.59 -18.40
N THR X 73 8.10 56.62 -18.79
CA THR X 73 9.08 56.45 -19.87
C THR X 73 10.21 55.53 -19.43
N ILE X 74 10.78 55.76 -18.26
CA ILE X 74 11.85 54.87 -17.80
C ILE X 74 11.30 53.47 -17.50
N ASP X 75 10.02 53.36 -17.15
CA ASP X 75 9.42 52.06 -16.95
C ASP X 75 9.46 51.26 -18.25
N VAL X 76 8.99 51.87 -19.34
CA VAL X 76 9.03 51.18 -20.64
C VAL X 76 10.46 50.90 -21.04
N ALA X 77 11.39 51.80 -20.71
CA ALA X 77 12.79 51.62 -21.09
C ALA X 77 13.39 50.39 -20.40
N LEU X 78 13.20 50.27 -19.09
CA LEU X 78 13.72 49.10 -18.37
C LEU X 78 13.01 47.82 -18.80
N ALA X 79 11.71 47.93 -19.12
CA ALA X 79 10.97 46.75 -19.56
C ALA X 79 11.51 46.22 -20.88
N ALA X 80 11.99 47.10 -21.76
CA ALA X 80 12.66 46.63 -22.97
C ALA X 80 14.09 46.18 -22.68
N GLY X 81 14.76 46.84 -21.74
CA GLY X 81 16.16 46.52 -21.49
C GLY X 81 16.36 45.16 -20.88
N ASP X 82 15.36 44.66 -20.14
CA ASP X 82 15.45 43.29 -19.65
C ASP X 82 15.58 42.31 -20.80
N THR X 83 14.69 42.41 -21.79
CA THR X 83 14.77 41.55 -22.96
C THR X 83 16.04 41.79 -23.75
N ILE X 84 16.53 43.03 -23.77
CA ILE X 84 17.78 43.32 -24.48
C ILE X 84 18.94 42.55 -23.85
N THR X 85 19.01 42.58 -22.52
CA THR X 85 20.08 41.83 -21.84
C THR X 85 19.93 40.33 -22.03
N ASP X 86 18.68 39.83 -22.05
CA ASP X 86 18.50 38.39 -22.26
C ASP X 86 18.93 37.99 -23.67
N LEU X 87 18.61 38.83 -24.65
CA LEU X 87 19.03 38.55 -26.03
C LEU X 87 20.54 38.62 -26.14
N LEU X 88 21.18 39.54 -25.42
CA LEU X 88 22.64 39.62 -25.44
C LEU X 88 23.27 38.38 -24.83
N THR X 89 22.68 37.85 -23.75
CA THR X 89 23.23 36.64 -23.16
C THR X 89 23.07 35.45 -24.11
N LYS X 90 21.91 35.34 -24.76
CA LYS X 90 21.73 34.23 -25.69
C LYS X 90 22.66 34.34 -26.90
N MET X 91 22.89 35.57 -27.37
CA MET X 91 23.85 35.77 -28.45
C MET X 91 25.26 35.41 -28.01
N LYS X 92 25.60 35.69 -26.75
CA LYS X 92 26.92 35.33 -26.27
C LYS X 92 27.08 33.81 -26.19
N GLU X 93 26.00 33.11 -25.81
CA GLU X 93 26.04 31.66 -25.84
C GLU X 93 26.21 31.13 -27.26
N LYS X 94 25.53 31.77 -28.22
CA LYS X 94 25.67 31.34 -29.61
C LYS X 94 27.09 31.56 -30.12
N ALA X 95 27.70 32.68 -29.73
CA ALA X 95 29.08 32.95 -30.15
C ALA X 95 30.05 31.97 -29.51
N LEU X 96 29.86 31.68 -28.22
CA LEU X 96 30.74 30.72 -27.56
C LEU X 96 30.60 29.33 -28.16
N ALA X 97 29.38 28.97 -28.57
CA ALA X 97 29.19 27.66 -29.19
C ALA X 97 29.79 27.63 -30.59
N ALA X 98 29.73 28.75 -31.31
CA ALA X 98 30.26 28.76 -32.67
C ALA X 98 31.77 28.95 -32.69
N SER X 99 32.37 29.27 -31.55
CA SER X 99 33.82 29.39 -31.48
C SER X 99 34.55 28.06 -31.69
N ASP X 100 33.88 26.93 -31.49
CA ASP X 100 34.57 25.65 -31.54
C ASP X 100 35.15 25.38 -32.92
N THR X 101 36.41 24.95 -32.96
CA THR X 101 37.10 24.61 -34.20
C THR X 101 36.62 23.29 -34.80
N SER X 102 36.14 22.35 -33.98
CA SER X 102 35.81 21.01 -34.43
C SER X 102 34.49 20.93 -35.17
N LEU X 103 33.68 21.99 -35.13
CA LEU X 103 32.34 21.96 -35.70
C LEU X 103 32.38 21.80 -37.22
N ASN X 104 31.39 21.07 -37.74
CA ASN X 104 31.13 21.04 -39.16
C ASN X 104 30.49 22.35 -39.63
N THR X 105 30.64 22.62 -40.93
CA THR X 105 30.21 23.91 -41.46
C THR X 105 28.71 24.14 -41.29
N ALA X 106 27.90 23.08 -41.31
CA ALA X 106 26.46 23.24 -41.24
C ALA X 106 26.03 23.79 -39.88
N SER X 107 26.54 23.19 -38.79
CA SER X 107 26.21 23.70 -37.47
C SER X 107 26.77 25.10 -37.25
N PHE X 108 27.91 25.41 -37.88
CA PHE X 108 28.47 26.75 -37.77
C PHE X 108 27.55 27.77 -38.44
N ASN X 109 27.04 27.43 -39.63
CA ASN X 109 26.09 28.31 -40.30
C ASN X 109 24.79 28.44 -39.50
N ALA X 110 24.37 27.37 -38.83
CA ALA X 110 23.16 27.45 -38.03
C ALA X 110 23.34 28.37 -36.83
N LEU X 111 24.48 28.26 -36.15
CA LEU X 111 24.77 29.17 -35.04
C LEU X 111 24.92 30.60 -35.53
N LYS X 112 25.47 30.79 -36.73
CA LYS X 112 25.59 32.13 -37.29
C LYS X 112 24.22 32.71 -37.61
N ALA X 113 23.31 31.89 -38.14
CA ALA X 113 21.95 32.36 -38.40
C ALA X 113 21.23 32.69 -37.10
N ASP X 114 21.50 31.93 -36.04
CA ASP X 114 20.93 32.26 -34.74
C ASP X 114 21.45 33.61 -34.26
N PHE X 115 22.74 33.87 -34.48
CA PHE X 115 23.32 35.14 -34.08
C PHE X 115 22.71 36.30 -34.85
N GLU X 116 22.54 36.13 -36.17
CA GLU X 116 21.95 37.19 -36.98
C GLU X 116 20.52 37.48 -36.55
N SER X 117 19.74 36.42 -36.32
CA SER X 117 18.35 36.62 -35.95
C SER X 117 18.24 37.28 -34.60
N LEU X 118 19.04 36.84 -33.62
CA LEU X 118 18.99 37.46 -32.31
C LEU X 118 19.44 38.92 -32.35
N ARG X 119 20.40 39.25 -33.22
CA ARG X 119 20.83 40.64 -33.33
C ARG X 119 19.75 41.51 -33.94
N ASP X 120 19.10 41.02 -35.00
CA ASP X 120 18.01 41.78 -35.61
C ASP X 120 16.86 41.97 -34.63
N GLN X 121 16.57 40.95 -33.83
CA GLN X 121 15.50 41.10 -32.84
C GLN X 121 15.90 42.00 -31.68
N LEU X 122 17.19 42.06 -31.36
CA LEU X 122 17.64 43.02 -30.36
C LEU X 122 17.42 44.44 -30.85
N GLN X 123 17.76 44.70 -32.12
CA GLN X 123 17.48 46.03 -32.67
C GLN X 123 15.98 46.31 -32.73
N LYS X 124 15.19 45.29 -33.09
CA LYS X 124 13.74 45.49 -33.19
C LYS X 124 13.12 45.79 -31.84
N ALA X 125 13.66 45.19 -30.78
CA ALA X 125 13.15 45.48 -29.44
C ALA X 125 13.65 46.82 -28.92
N ALA X 126 14.90 47.18 -29.24
CA ALA X 126 15.42 48.45 -28.79
C ALA X 126 14.70 49.63 -29.45
N THR X 127 14.29 49.48 -30.72
CA THR X 127 13.60 50.59 -31.38
C THR X 127 12.16 50.76 -30.90
N ASN X 128 11.54 49.70 -30.39
CA ASN X 128 10.12 49.77 -30.06
C ASN X 128 9.87 50.35 -28.68
N ALA X 129 10.93 50.57 -27.91
CA ALA X 129 10.77 50.98 -26.52
C ALA X 129 10.50 52.46 -26.38
N LYS X 130 9.45 52.96 -27.04
CA LYS X 130 9.12 54.37 -27.00
C LYS X 130 7.75 54.56 -26.34
N PHE X 131 7.67 55.53 -25.43
CA PHE X 131 6.42 55.92 -24.80
C PHE X 131 6.10 57.33 -25.23
N ASN X 132 4.90 57.52 -25.79
CA ASN X 132 4.45 58.82 -26.31
C ASN X 132 5.39 59.36 -27.38
N GLY X 133 5.98 58.47 -28.17
CA GLY X 133 6.82 58.88 -29.27
C GLY X 133 8.24 59.25 -28.90
N VAL X 134 8.62 59.11 -27.64
CA VAL X 134 9.97 59.41 -27.18
C VAL X 134 10.48 58.22 -26.39
N SER X 135 11.81 58.09 -26.38
CA SER X 135 12.41 56.91 -25.76
C SER X 135 13.80 57.25 -25.26
N LEU X 136 14.22 56.55 -24.21
CA LEU X 136 15.57 56.62 -23.68
C LEU X 136 16.41 55.42 -24.07
N ALA X 137 15.87 54.50 -24.87
CA ALA X 137 16.56 53.28 -25.25
C ALA X 137 17.04 53.29 -26.71
N ASP X 138 16.24 53.82 -27.62
CA ASP X 138 16.61 53.78 -29.04
C ASP X 138 17.68 54.82 -29.41
N GLY X 139 17.96 55.77 -28.53
CA GLY X 139 19.00 56.75 -28.79
C GLY X 139 18.63 57.89 -29.72
N SER X 140 17.33 58.09 -29.98
CA SER X 140 16.92 59.17 -30.87
C SER X 140 17.31 60.55 -30.35
N THR X 141 17.44 60.70 -29.03
CA THR X 141 17.89 61.95 -28.44
C THR X 141 18.78 61.63 -27.24
N THR X 142 19.73 62.52 -26.97
CA THR X 142 20.73 62.25 -25.94
C THR X 142 20.13 62.21 -24.55
N LYS X 143 19.03 62.94 -24.32
CA LYS X 143 18.47 63.01 -22.97
C LYS X 143 17.04 63.52 -23.04
N LEU X 144 16.31 63.30 -21.95
CA LEU X 144 14.99 63.89 -21.74
C LEU X 144 14.95 64.59 -20.39
N SER X 145 14.16 65.66 -20.33
CA SER X 145 14.02 66.45 -19.11
C SER X 145 12.55 66.60 -18.79
N PHE X 146 12.26 66.76 -17.50
CA PHE X 146 10.90 66.86 -17.01
C PHE X 146 10.84 67.91 -15.91
N LEU X 147 9.65 68.48 -15.74
CA LEU X 147 9.48 69.60 -14.82
C LEU X 147 9.79 69.17 -13.39
N ALA X 148 10.45 70.06 -12.66
CA ALA X 148 10.85 69.78 -11.28
C ALA X 148 10.32 70.77 -10.27
N ASN X 149 10.12 72.03 -10.68
CA ASN X 149 9.65 73.04 -9.74
C ASN X 149 8.93 74.14 -10.50
N GLU X 150 8.26 75.05 -9.78
CA GLU X 150 7.52 76.15 -10.39
C GLU X 150 8.38 77.06 -11.25
N ASP X 151 9.68 77.14 -10.95
CA ASP X 151 10.59 78.04 -11.64
C ASP X 151 11.04 77.53 -13.00
N GLY X 152 10.56 76.35 -13.42
CA GLY X 152 10.94 75.78 -14.69
C GLY X 152 12.20 74.94 -14.67
N SER X 153 12.77 74.68 -13.51
CA SER X 153 13.90 73.77 -13.44
C SER X 153 13.49 72.37 -13.89
N ASN X 154 14.38 71.73 -14.63
CA ASN X 154 14.11 70.43 -15.22
C ASN X 154 14.91 69.34 -14.52
N PHE X 155 14.32 68.16 -14.43
CA PHE X 155 15.00 66.98 -13.91
C PHE X 155 15.59 66.25 -15.12
N THR X 156 16.89 66.46 -15.35
CA THR X 156 17.56 65.83 -16.47
C THR X 156 17.61 64.31 -16.30
N VAL X 157 17.39 63.59 -17.39
CA VAL X 157 17.50 62.14 -17.43
C VAL X 157 18.26 61.79 -18.69
N THR X 158 19.57 61.57 -18.56
CA THR X 158 20.38 61.22 -19.71
C THR X 158 19.93 59.88 -20.29
N ALA X 159 19.80 59.82 -21.61
CA ALA X 159 19.44 58.58 -22.26
C ALA X 159 20.60 57.61 -22.27
N GLN X 160 20.29 56.33 -22.18
CA GLN X 160 21.27 55.25 -22.30
C GLN X 160 20.82 54.38 -23.47
N THR X 161 21.48 54.55 -24.61
CA THR X 161 21.04 53.89 -25.84
C THR X 161 21.12 52.38 -25.69
N LEU X 162 20.05 51.70 -26.10
CA LEU X 162 19.98 50.25 -26.10
C LEU X 162 20.00 49.65 -27.49
N SER X 163 20.06 50.46 -28.53
CA SER X 163 20.24 49.99 -29.88
C SER X 163 21.66 49.47 -30.08
N LEU X 164 21.82 48.59 -31.08
CA LEU X 164 23.11 47.93 -31.28
C LEU X 164 24.24 48.92 -31.48
N THR X 165 23.95 50.09 -32.07
CA THR X 165 24.98 51.11 -32.19
C THR X 165 25.43 51.64 -30.84
N GLY X 166 24.52 51.66 -29.85
CA GLY X 166 24.86 52.19 -28.54
C GLY X 166 25.52 51.20 -27.61
N ILE X 167 25.65 49.94 -28.03
CA ILE X 167 26.25 48.90 -27.19
C ILE X 167 27.49 48.32 -27.86
N GLY X 168 28.12 49.07 -28.76
CA GLY X 168 29.37 48.64 -29.35
C GLY X 168 29.28 47.73 -30.54
N LEU X 169 28.08 47.45 -31.04
CA LEU X 169 27.89 46.59 -32.20
C LEU X 169 27.30 47.40 -33.35
N THR X 170 27.04 46.70 -34.46
CA THR X 170 26.44 47.28 -35.65
C THR X 170 25.41 46.31 -36.18
N ALA X 171 24.53 46.81 -37.06
CA ALA X 171 23.49 45.98 -37.64
C ALA X 171 24.05 44.83 -38.46
N THR X 172 25.24 45.00 -39.04
CA THR X 172 25.87 43.97 -39.84
C THR X 172 26.79 43.05 -39.05
N SER X 173 26.88 43.22 -37.74
CA SER X 173 27.85 42.47 -36.95
C SER X 173 27.58 40.96 -37.05
N THR X 174 28.65 40.19 -37.14
CA THR X 174 28.57 38.74 -37.34
C THR X 174 29.95 38.10 -37.23
N PHE X 175 30.05 36.86 -37.72
CA PHE X 175 31.33 36.15 -37.75
C PHE X 175 31.28 35.13 -38.88
N THR X 176 32.45 34.83 -39.44
CA THR X 176 32.54 33.91 -40.56
C THR X 176 33.46 32.73 -40.33
N ASP X 177 34.21 32.70 -39.23
CA ASP X 177 35.10 31.59 -38.92
C ASP X 177 35.30 31.54 -37.41
N ALA X 178 35.94 30.46 -36.95
CA ALA X 178 36.06 30.23 -35.51
C ALA X 178 36.87 31.32 -34.83
N ALA X 179 37.84 31.92 -35.54
CA ALA X 179 38.64 32.97 -34.91
C ALA X 179 37.85 34.26 -34.74
N THR X 180 37.10 34.66 -35.76
CA THR X 180 36.27 35.85 -35.64
C THR X 180 35.18 35.63 -34.58
N ALA X 181 34.67 34.41 -34.49
CA ALA X 181 33.70 34.11 -33.44
C ALA X 181 34.33 34.16 -32.06
N LYS X 182 35.59 33.71 -31.94
CA LYS X 182 36.27 33.75 -30.65
C LYS X 182 36.55 35.19 -30.22
N THR X 183 36.85 36.07 -31.17
CA THR X 183 36.95 37.48 -30.84
C THR X 183 35.58 38.09 -30.53
N MET X 184 34.54 37.61 -31.22
CA MET X 184 33.19 38.09 -30.96
C MET X 184 32.73 37.71 -29.57
N ILE X 185 33.28 36.63 -29.01
CA ILE X 185 32.96 36.25 -27.63
C ILE X 185 33.26 37.41 -26.70
N ALA X 186 34.51 37.87 -26.69
CA ALA X 186 34.89 38.97 -25.82
C ALA X 186 34.20 40.27 -26.22
N THR X 187 33.97 40.48 -27.52
CA THR X 187 33.31 41.71 -27.95
C THR X 187 31.90 41.80 -27.38
N ILE X 188 31.11 40.74 -27.54
CA ILE X 188 29.75 40.75 -27.01
C ILE X 188 29.76 40.68 -25.50
N THR X 189 30.81 40.12 -24.89
CA THR X 189 30.91 40.15 -23.44
C THR X 189 31.02 41.60 -22.96
N THR X 190 31.88 42.39 -23.61
CA THR X 190 31.98 43.81 -23.29
C THR X 190 30.67 44.54 -23.60
N SER X 191 29.98 44.12 -24.66
CA SER X 191 28.72 44.78 -25.02
C SER X 191 27.67 44.59 -23.93
N LEU X 192 27.48 43.35 -23.47
CA LEU X 192 26.53 43.11 -22.39
C LEU X 192 26.99 43.76 -21.09
N GLN X 193 28.31 43.78 -20.84
CA GLN X 193 28.83 44.41 -19.64
C GLN X 193 28.54 45.90 -19.62
N THR X 194 28.51 46.54 -20.78
CA THR X 194 28.10 47.94 -20.87
C THR X 194 26.59 48.12 -20.79
N ALA X 195 25.82 47.23 -21.42
CA ALA X 195 24.37 47.38 -21.41
C ALA X 195 23.81 47.24 -20.00
N THR X 196 24.41 46.37 -19.18
CA THR X 196 23.94 46.25 -17.79
C THR X 196 24.20 47.52 -17.00
N ASN X 197 25.35 48.17 -17.21
CA ASN X 197 25.60 49.45 -16.54
C ASN X 197 24.63 50.52 -17.03
N LYS X 198 24.26 50.48 -18.30
CA LYS X 198 23.29 51.44 -18.79
C LYS X 198 21.93 51.25 -18.14
N LEU X 199 21.48 50.00 -18.00
CA LEU X 199 20.22 49.75 -17.31
C LEU X 199 20.31 50.13 -15.84
N SER X 200 21.49 49.97 -15.21
CA SER X 200 21.63 50.38 -13.83
C SER X 200 21.50 51.91 -13.69
N SER X 201 22.07 52.65 -14.65
CA SER X 201 21.91 54.10 -14.63
C SER X 201 20.45 54.49 -14.86
N LEU X 202 19.75 53.76 -15.73
CA LEU X 202 18.33 54.06 -15.94
C LEU X 202 17.52 53.78 -14.68
N GLY X 203 17.86 52.74 -13.94
CA GLY X 203 17.16 52.47 -12.69
C GLY X 203 17.46 53.52 -11.64
N THR X 204 18.70 54.00 -11.59
CA THR X 204 19.02 55.09 -10.68
C THR X 204 18.25 56.35 -11.03
N SER X 205 18.05 56.62 -12.32
CA SER X 205 17.27 57.78 -12.73
C SER X 205 15.81 57.61 -12.35
N SER X 206 15.26 56.41 -12.48
CA SER X 206 13.88 56.19 -12.08
C SER X 206 13.71 56.35 -10.58
N VAL X 207 14.72 55.92 -9.81
CA VAL X 207 14.66 56.10 -8.36
C VAL X 207 14.70 57.57 -8.01
N GLY X 208 15.51 58.36 -8.73
CA GLY X 208 15.53 59.78 -8.49
C GLY X 208 14.21 60.44 -8.84
N LEU X 209 13.57 59.96 -9.91
CA LEU X 209 12.28 60.53 -10.30
C LEU X 209 11.21 60.24 -9.24
N ASP X 210 11.10 58.99 -8.79
CA ASP X 210 10.05 58.70 -7.81
C ASP X 210 10.34 59.39 -6.48
N THR X 211 11.62 59.55 -6.12
CA THR X 211 11.93 60.27 -4.89
C THR X 211 11.54 61.74 -4.99
N HIS X 212 11.86 62.38 -6.11
CA HIS X 212 11.45 63.77 -6.28
C HIS X 212 9.95 63.91 -6.39
N LEU X 213 9.24 62.90 -6.89
CA LEU X 213 7.78 62.99 -6.94
C LEU X 213 7.19 62.90 -5.54
N THR X 214 7.74 62.03 -4.69
CA THR X 214 7.29 62.03 -3.30
C THR X 214 7.63 63.36 -2.63
N PHE X 215 8.76 63.97 -2.98
CA PHE X 215 9.11 65.25 -2.36
C PHE X 215 8.16 66.36 -2.80
N VAL X 216 7.81 66.39 -4.09
CA VAL X 216 6.87 67.41 -4.55
C VAL X 216 5.50 67.18 -3.94
N GLY X 217 5.13 65.92 -3.70
CA GLY X 217 3.87 65.65 -3.03
C GLY X 217 3.88 66.09 -1.57
N LYS X 218 5.05 66.02 -0.92
CA LYS X 218 5.18 66.58 0.42
C LYS X 218 5.04 68.10 0.39
N LEU X 219 5.78 68.74 -0.53
CA LEU X 219 5.84 70.19 -0.54
C LEU X 219 4.50 70.81 -0.89
N GLN X 220 3.70 70.15 -1.75
CA GLN X 220 2.46 70.77 -2.19
C GLN X 220 1.47 70.90 -1.04
N ASP X 221 1.16 69.80 -0.37
CA ASP X 221 0.22 69.89 0.75
C ASP X 221 0.83 70.60 1.96
N SER X 222 2.16 70.62 2.07
CA SER X 222 2.76 71.44 3.13
C SER X 222 2.50 72.93 2.89
N LEU X 223 2.68 73.38 1.64
CA LEU X 223 2.35 74.78 1.33
C LEU X 223 0.85 75.04 1.43
N ASP X 224 0.03 74.04 1.16
CA ASP X 224 -1.41 74.20 1.34
C ASP X 224 -1.75 74.40 2.81
N ALA X 225 -1.13 73.63 3.70
CA ALA X 225 -1.31 73.86 5.12
C ALA X 225 -0.77 75.22 5.54
N GLY X 226 0.31 75.67 4.89
CA GLY X 226 0.89 76.94 5.26
C GLY X 226 0.01 78.13 4.89
N VAL X 227 -0.62 78.07 3.71
CA VAL X 227 -1.59 79.11 3.38
C VAL X 227 -2.85 78.97 4.22
N GLY X 228 -3.17 77.74 4.66
CA GLY X 228 -4.33 77.56 5.50
C GLY X 228 -4.18 78.14 6.89
N ASN X 229 -2.96 78.10 7.43
CA ASN X 229 -2.72 78.79 8.70
C ASN X 229 -2.92 80.29 8.59
N LEU X 230 -2.70 80.87 7.42
CA LEU X 230 -2.77 82.31 7.25
C LEU X 230 -4.14 82.83 6.86
N VAL X 231 -4.89 82.12 6.01
CA VAL X 231 -6.08 82.71 5.43
C VAL X 231 -7.36 82.30 6.17
N ASP X 232 -7.37 81.11 6.75
CA ASP X 232 -8.61 80.57 7.29
C ASP X 232 -9.07 81.33 8.53
N ALA X 233 -10.39 81.48 8.65
CA ALA X 233 -11.01 82.20 9.76
C ALA X 233 -11.06 81.34 11.03
N ASP X 234 -11.12 82.02 12.17
CA ASP X 234 -11.29 81.38 13.47
C ASP X 234 -12.78 81.27 13.75
N LEU X 235 -13.36 80.11 13.46
CA LEU X 235 -14.81 79.95 13.45
C LEU X 235 -15.43 80.08 14.83
N ALA X 236 -14.71 79.68 15.89
CA ALA X 236 -15.32 79.71 17.22
C ALA X 236 -15.51 81.13 17.72
N LYS X 237 -14.47 81.96 17.60
CA LYS X 237 -14.62 83.37 17.96
C LYS X 237 -15.65 84.05 17.06
N GLU X 238 -15.74 83.62 15.80
CA GLU X 238 -16.71 84.21 14.89
C GLU X 238 -18.14 83.89 15.32
N SER X 239 -18.38 82.65 15.77
CA SER X 239 -19.72 82.32 16.28
C SER X 239 -20.03 83.09 17.55
N ALA X 240 -19.06 83.15 18.47
CA ALA X 240 -19.31 83.86 19.72
C ALA X 240 -19.66 85.31 19.44
N LYS X 241 -18.87 85.98 18.61
CA LYS X 241 -19.13 87.37 18.25
C LYS X 241 -20.42 87.51 17.44
N LEU X 242 -20.79 86.49 16.67
CA LEU X 242 -21.99 86.59 15.85
C LEU X 242 -23.24 86.64 16.72
N GLN X 243 -23.41 85.66 17.61
CA GLN X 243 -24.53 85.77 18.55
C GLN X 243 -24.38 86.95 19.49
N SER X 244 -23.16 87.36 19.83
CA SER X 244 -23.01 88.54 20.69
C SER X 244 -23.57 89.79 20.02
N LEU X 245 -23.19 90.03 18.77
CA LEU X 245 -23.69 91.19 18.04
C LEU X 245 -25.19 91.08 17.78
N GLN X 246 -25.70 89.85 17.58
CA GLN X 246 -27.13 89.72 17.37
C GLN X 246 -27.92 90.09 18.62
N THR X 247 -27.46 89.63 19.79
CA THR X 247 -28.14 90.04 21.02
C THR X 247 -27.97 91.53 21.29
N LYS X 248 -26.85 92.11 20.88
CA LYS X 248 -26.69 93.55 21.05
C LYS X 248 -27.62 94.35 20.16
N GLN X 249 -27.94 93.83 18.97
CA GLN X 249 -28.71 94.61 18.00
C GLN X 249 -30.14 94.87 18.48
N GLN X 250 -30.78 93.88 19.10
CA GLN X 250 -32.14 94.09 19.56
C GLN X 250 -32.20 95.11 20.69
N LEU X 251 -31.19 95.10 21.57
CA LEU X 251 -31.14 96.13 22.59
C LEU X 251 -30.87 97.50 21.98
N GLY X 252 -30.14 97.55 20.86
CA GLY X 252 -29.99 98.82 20.18
C GLY X 252 -31.29 99.32 19.57
N VAL X 253 -32.10 98.40 19.05
CA VAL X 253 -33.42 98.79 18.54
C VAL X 253 -34.32 99.26 19.68
N GLN X 254 -34.21 98.63 20.85
CA GLN X 254 -34.99 99.08 22.00
C GLN X 254 -34.54 100.45 22.47
N ALA X 255 -33.24 100.72 22.44
CA ALA X 255 -32.75 102.04 22.78
C ALA X 255 -33.23 103.07 21.75
N LEU X 256 -33.34 102.65 20.50
CA LEU X 256 -33.86 103.55 19.46
C LEU X 256 -35.31 103.91 19.76
N SER X 257 -36.13 102.91 20.11
CA SER X 257 -37.54 103.19 20.40
C SER X 257 -37.69 104.07 21.63
N ILE X 258 -36.86 103.85 22.65
CA ILE X 258 -36.96 104.68 23.85
C ILE X 258 -36.53 106.11 23.55
N ALA X 259 -35.48 106.28 22.75
CA ALA X 259 -35.04 107.62 22.40
C ALA X 259 -36.09 108.34 21.56
N ASN X 260 -36.82 107.61 20.72
CA ASN X 260 -37.93 108.23 20.00
C ASN X 260 -39.07 108.59 20.94
N GLN X 261 -39.31 107.78 21.99
CA GLN X 261 -40.40 108.12 22.90
C GLN X 261 -40.06 109.24 23.86
N THR X 262 -38.77 109.55 24.09
CA THR X 262 -38.45 110.60 25.06
C THR X 262 -39.07 111.95 24.72
N PRO X 263 -39.02 112.47 23.49
CA PRO X 263 -39.67 113.76 23.22
C PRO X 263 -41.17 113.77 23.41
N GLN X 264 -41.82 112.60 23.38
CA GLN X 264 -43.28 112.53 23.28
C GLN X 264 -43.96 113.22 24.46
N THR X 265 -43.28 113.32 25.60
CA THR X 265 -43.92 113.83 26.81
C THR X 265 -44.04 115.35 26.84
N ILE X 266 -43.49 116.06 25.85
CA ILE X 266 -43.59 117.51 25.82
C ILE X 266 -45.05 117.96 25.73
N LEU X 267 -45.91 117.14 25.11
CA LEU X 267 -47.31 117.50 24.95
C LEU X 267 -48.02 117.65 26.29
N SER X 268 -47.59 116.91 27.31
CA SER X 268 -48.19 117.04 28.63
C SER X 268 -47.98 118.43 29.22
N LEU X 269 -46.91 119.12 28.81
CA LEU X 269 -46.68 120.47 29.30
C LEU X 269 -47.77 121.44 28.87
N PHE X 270 -48.39 121.19 27.72
CA PHE X 270 -49.41 122.10 27.21
C PHE X 270 -50.77 121.42 27.17
N LEU Y 1 4.04 47.55 23.30
CA LEU Y 1 3.50 46.20 23.22
C LEU Y 1 2.41 46.09 22.16
N ASN Y 2 1.44 47.01 22.20
CA ASN Y 2 0.42 47.08 21.17
C ASN Y 2 0.97 47.87 19.98
N SER Y 3 1.95 47.23 19.33
CA SER Y 3 2.74 47.87 18.27
C SER Y 3 2.36 47.27 16.93
N ILE Y 4 2.16 48.12 15.93
CA ILE Y 4 1.82 47.65 14.59
C ILE Y 4 2.93 48.02 13.60
N ASN Y 5 3.67 49.09 13.90
CA ASN Y 5 4.82 49.43 13.07
C ASN Y 5 5.89 48.35 13.17
N THR Y 6 6.01 47.70 14.32
CA THR Y 6 6.93 46.60 14.55
C THR Y 6 6.28 45.63 15.53
N ASN Y 7 6.83 44.43 15.62
CA ASN Y 7 6.53 43.52 16.72
C ASN Y 7 7.66 42.52 16.92
N PRO Y 8 8.28 42.51 18.11
CA PRO Y 8 9.42 41.63 18.34
C PRO Y 8 9.15 40.15 18.16
N GLY Y 9 7.94 39.69 18.48
CA GLY Y 9 7.71 38.26 18.59
C GLY Y 9 7.73 37.56 17.25
N ALA Y 10 7.13 38.17 16.23
CA ALA Y 10 7.19 37.58 14.90
C ALA Y 10 8.61 37.55 14.37
N LEU Y 11 9.43 38.55 14.70
CA LEU Y 11 10.80 38.58 14.20
C LEU Y 11 11.66 37.53 14.92
N LEU Y 12 11.41 37.32 16.20
CA LEU Y 12 12.06 36.21 16.88
C LEU Y 12 11.60 34.87 16.32
N ALA Y 13 10.33 34.77 15.90
CA ALA Y 13 9.88 33.56 15.23
C ALA Y 13 10.58 33.37 13.90
N LEU Y 14 10.86 34.47 13.19
CA LEU Y 14 11.65 34.37 11.96
C LEU Y 14 13.04 33.84 12.25
N GLN Y 15 13.69 34.37 13.29
CA GLN Y 15 15.05 33.93 13.60
C GLN Y 15 15.07 32.47 14.02
N ASN Y 16 14.04 32.03 14.77
CA ASN Y 16 13.99 30.64 15.19
C ASN Y 16 13.74 29.70 14.01
N LEU Y 17 12.81 30.07 13.13
CA LEU Y 17 12.57 29.25 11.95
C LEU Y 17 13.79 29.23 11.04
N ASN Y 18 14.56 30.33 11.00
CA ASN Y 18 15.77 30.37 10.20
C ASN Y 18 16.83 29.44 10.77
N SER Y 19 16.98 29.43 12.09
CA SER Y 19 17.93 28.49 12.69
C SER Y 19 17.49 27.05 12.49
N THR Y 20 16.19 26.79 12.54
CA THR Y 20 15.69 25.44 12.31
C THR Y 20 15.93 25.02 10.86
N ASN Y 21 15.71 25.93 9.91
CA ASN Y 21 15.97 25.62 8.51
C ASN Y 21 17.46 25.43 8.25
N THR Y 22 18.32 26.15 8.97
CA THR Y 22 19.75 25.94 8.81
C THR Y 22 20.16 24.55 9.30
N GLU Y 23 19.67 24.16 10.48
CA GLU Y 23 19.98 22.82 10.97
C GLU Y 23 19.38 21.75 10.08
N LEU Y 24 18.20 21.99 9.51
CA LEU Y 24 17.60 21.02 8.60
C LEU Y 24 18.38 20.92 7.30
N ALA Y 25 18.95 22.03 6.83
CA ALA Y 25 19.80 21.98 5.64
C ALA Y 25 21.07 21.18 5.92
N ALA Y 26 21.64 21.35 7.12
CA ALA Y 26 22.80 20.54 7.48
C ALA Y 26 22.46 19.07 7.56
N THR Y 27 21.27 18.74 8.10
CA THR Y 27 20.87 17.34 8.17
C THR Y 27 20.63 16.77 6.77
N GLN Y 28 20.05 17.58 5.88
CA GLN Y 28 19.85 17.14 4.51
C GLN Y 28 21.18 16.91 3.79
N GLY Y 29 22.18 17.74 4.08
CA GLY Y 29 23.49 17.50 3.49
C GLY Y 29 24.13 16.24 4.04
N ARG Y 30 23.94 15.98 5.33
CA ARG Y 30 24.48 14.74 5.90
C ARG Y 30 23.81 13.51 5.32
N ILE Y 31 22.49 13.57 5.12
CA ILE Y 31 21.78 12.40 4.62
C ILE Y 31 21.95 12.22 3.13
N ASN Y 32 22.30 13.29 2.40
CA ASN Y 32 22.52 13.11 0.96
C ASN Y 32 23.95 12.71 0.65
N THR Y 33 24.93 13.27 1.35
CA THR Y 33 26.31 12.85 1.13
C THR Y 33 26.57 11.46 1.68
N GLY Y 34 25.78 11.02 2.66
CA GLY Y 34 26.08 9.77 3.34
C GLY Y 34 27.25 9.86 4.27
N LYS Y 35 27.62 11.07 4.71
CA LYS Y 35 28.86 11.31 5.42
C LYS Y 35 28.64 12.42 6.43
N LYS Y 36 29.21 12.27 7.63
CA LYS Y 36 29.15 13.33 8.62
C LYS Y 36 30.22 14.39 8.44
N VAL Y 37 31.33 14.04 7.77
CA VAL Y 37 32.34 15.01 7.38
C VAL Y 37 32.60 14.88 5.88
N ALA Y 38 31.84 15.65 5.09
CA ALA Y 38 31.92 15.55 3.64
C ALA Y 38 33.00 16.46 3.08
N ASN Y 39 32.74 17.75 3.02
CA ASN Y 39 33.69 18.74 2.58
C ASN Y 39 34.58 19.17 3.74
N ALA Y 40 35.62 19.94 3.41
CA ALA Y 40 36.50 20.50 4.43
C ALA Y 40 35.78 21.47 5.36
N LYS Y 41 34.65 22.05 4.93
CA LYS Y 41 33.94 23.01 5.76
C LYS Y 41 33.39 22.39 7.04
N ASP Y 42 33.09 21.08 7.02
CA ASP Y 42 32.51 20.43 8.19
C ASP Y 42 33.47 20.51 9.38
N ASN Y 43 34.72 20.13 9.16
CA ASN Y 43 35.81 20.40 10.09
C ASN Y 43 37.12 20.14 9.35
N GLY Y 44 38.19 20.77 9.82
CA GLY Y 44 39.43 20.77 9.05
C GLY Y 44 40.28 19.53 9.28
N ALA Y 45 40.67 19.30 10.53
CA ALA Y 45 41.69 18.29 10.79
C ALA Y 45 41.22 16.89 10.42
N ILE Y 46 39.98 16.53 10.79
CA ILE Y 46 39.48 15.20 10.49
C ILE Y 46 39.31 15.01 8.99
N TRP Y 47 38.90 16.06 8.28
CA TRP Y 47 38.73 15.93 6.84
C TRP Y 47 40.06 15.79 6.12
N SER Y 48 41.07 16.56 6.57
CA SER Y 48 42.40 16.43 5.97
C SER Y 48 43.00 15.07 6.26
N MET Y 49 42.80 14.56 7.48
CA MET Y 49 43.25 13.22 7.81
C MET Y 49 42.55 12.17 6.96
N ALA Y 50 41.25 12.36 6.70
CA ALA Y 50 40.52 11.40 5.89
C ALA Y 50 41.02 11.40 4.45
N LYS Y 51 41.26 12.60 3.90
CA LYS Y 51 41.73 12.67 2.52
C LYS Y 51 43.13 12.08 2.39
N MET Y 52 44.01 12.36 3.37
CA MET Y 52 45.34 11.79 3.32
C MET Y 52 45.33 10.28 3.47
N GLN Y 53 44.51 9.76 4.39
CA GLN Y 53 44.48 8.32 4.59
C GLN Y 53 43.89 7.62 3.37
N SER Y 54 42.85 8.22 2.77
CA SER Y 54 42.29 7.63 1.56
C SER Y 54 43.27 7.68 0.40
N ALA Y 55 44.05 8.75 0.31
CA ALA Y 55 45.05 8.82 -0.76
C ALA Y 55 46.13 7.76 -0.57
N THR Y 56 46.62 7.61 0.66
CA THR Y 56 47.62 6.59 0.94
C THR Y 56 47.09 5.18 0.75
N ALA Y 57 45.82 4.93 1.06
CA ALA Y 57 45.25 3.60 0.88
C ALA Y 57 45.02 3.29 -0.59
N SER Y 58 44.52 4.27 -1.35
CA SER Y 58 44.34 4.10 -2.79
C SER Y 58 45.67 3.98 -3.51
N SER Y 59 46.74 4.54 -2.93
CA SER Y 59 48.06 4.46 -3.55
C SER Y 59 48.64 3.05 -3.49
N LEU Y 60 48.12 2.19 -2.62
CA LEU Y 60 48.68 0.84 -2.46
C LEU Y 60 48.39 -0.06 -3.66
N ASN Y 61 47.41 0.30 -4.50
CA ASN Y 61 47.06 -0.56 -5.63
C ASN Y 61 48.20 -0.67 -6.63
N SER Y 62 48.99 0.39 -6.80
CA SER Y 62 50.15 0.31 -7.68
C SER Y 62 51.21 -0.63 -7.11
N VAL Y 63 51.39 -0.62 -5.79
CA VAL Y 63 52.29 -1.56 -5.16
C VAL Y 63 51.79 -2.98 -5.35
N LYS Y 64 50.47 -3.16 -5.31
CA LYS Y 64 49.91 -4.50 -5.53
C LYS Y 64 50.16 -4.98 -6.96
N ASP Y 65 49.96 -4.10 -7.93
CA ASP Y 65 50.19 -4.48 -9.32
C ASP Y 65 51.66 -4.77 -9.58
N SER Y 66 52.56 -4.01 -8.93
CA SER Y 66 53.98 -4.30 -9.07
C SER Y 66 54.35 -5.63 -8.43
N LEU Y 67 53.71 -5.95 -7.30
CA LEU Y 67 53.96 -7.23 -6.67
C LEU Y 67 53.49 -8.38 -7.56
N GLN Y 68 52.38 -8.18 -8.27
CA GLN Y 68 51.90 -9.21 -9.19
C GLN Y 68 52.83 -9.35 -10.40
N ARG Y 69 53.38 -8.23 -10.87
CA ARG Y 69 54.34 -8.30 -11.97
C ARG Y 69 55.59 -9.06 -11.54
N GLY Y 70 56.03 -8.85 -10.30
CA GLY Y 70 57.16 -9.61 -9.79
C GLY Y 70 56.83 -11.08 -9.60
N GLN Y 71 55.59 -11.38 -9.26
CA GLN Y 71 55.14 -12.77 -9.15
C GLN Y 71 55.27 -13.46 -10.49
N SER Y 72 54.79 -12.81 -11.55
CA SER Y 72 54.91 -13.42 -12.88
C SER Y 72 56.36 -13.54 -13.33
N THR Y 73 57.19 -12.55 -12.97
CA THR Y 73 58.58 -12.57 -13.41
C THR Y 73 59.35 -13.70 -12.72
N ILE Y 74 59.10 -13.94 -11.43
CA ILE Y 74 59.75 -15.06 -10.76
C ILE Y 74 59.15 -16.39 -11.21
N ASP Y 75 57.88 -16.39 -11.60
CA ASP Y 75 57.24 -17.63 -12.02
C ASP Y 75 57.87 -18.14 -13.30
N VAL Y 76 58.06 -17.26 -14.29
CA VAL Y 76 58.69 -17.70 -15.54
C VAL Y 76 60.12 -18.17 -15.28
N ALA Y 77 60.80 -17.55 -14.30
CA ALA Y 77 62.16 -17.92 -14.00
C ALA Y 77 62.24 -19.33 -13.44
N LEU Y 78 61.38 -19.66 -12.47
CA LEU Y 78 61.35 -21.02 -11.95
C LEU Y 78 60.92 -22.02 -13.02
N ALA Y 79 59.99 -21.61 -13.89
CA ALA Y 79 59.50 -22.49 -14.94
C ALA Y 79 60.60 -22.87 -15.92
N ALA Y 80 61.53 -21.95 -16.17
CA ALA Y 80 62.68 -22.30 -17.02
C ALA Y 80 63.76 -23.01 -16.21
N GLY Y 81 63.85 -22.72 -14.92
CA GLY Y 81 64.91 -23.32 -14.12
C GLY Y 81 64.74 -24.81 -13.90
N ASP Y 82 63.48 -25.27 -13.79
CA ASP Y 82 63.28 -26.71 -13.67
C ASP Y 82 63.77 -27.44 -14.92
N THR Y 83 63.53 -26.84 -16.09
CA THR Y 83 64.04 -27.41 -17.33
C THR Y 83 65.56 -27.37 -17.38
N ILE Y 84 66.14 -26.30 -16.83
CA ILE Y 84 67.60 -26.24 -16.79
C ILE Y 84 68.16 -27.36 -15.93
N THR Y 85 67.49 -27.66 -14.81
CA THR Y 85 67.94 -28.76 -13.96
C THR Y 85 67.80 -30.10 -14.68
N ASP Y 86 66.75 -30.26 -15.48
CA ASP Y 86 66.61 -31.50 -16.25
C ASP Y 86 67.72 -31.66 -17.27
N LEU Y 87 68.05 -30.58 -17.99
CA LEU Y 87 69.15 -30.64 -18.95
C LEU Y 87 70.48 -30.90 -18.25
N LEU Y 88 70.66 -30.35 -17.05
CA LEU Y 88 71.88 -30.64 -16.31
C LEU Y 88 71.96 -32.10 -15.89
N THR Y 89 70.82 -32.69 -15.52
CA THR Y 89 70.84 -34.10 -15.14
C THR Y 89 71.16 -34.98 -16.34
N LYS Y 90 70.61 -34.64 -17.51
CA LYS Y 90 70.96 -35.41 -18.70
C LYS Y 90 72.43 -35.25 -19.06
N MET Y 91 73.00 -34.06 -18.86
CA MET Y 91 74.43 -33.91 -19.08
C MET Y 91 75.24 -34.70 -18.06
N LYS Y 92 74.73 -34.86 -16.84
CA LYS Y 92 75.40 -35.72 -15.87
C LYS Y 92 75.43 -37.16 -16.36
N GLU Y 93 74.29 -37.68 -16.82
CA GLU Y 93 74.31 -39.04 -17.34
C GLU Y 93 75.21 -39.18 -18.56
N LYS Y 94 75.27 -38.14 -19.40
CA LYS Y 94 76.09 -38.24 -20.61
C LYS Y 94 77.58 -38.25 -20.26
N ALA Y 95 78.03 -37.33 -19.41
CA ALA Y 95 79.43 -37.31 -19.01
C ALA Y 95 79.80 -38.50 -18.14
N LEU Y 96 78.83 -39.09 -17.44
CA LEU Y 96 79.11 -40.31 -16.68
C LEU Y 96 79.31 -41.49 -17.62
N ALA Y 97 78.46 -41.61 -18.65
CA ALA Y 97 78.62 -42.68 -19.63
C ALA Y 97 79.89 -42.51 -20.44
N ALA Y 98 80.32 -41.27 -20.68
CA ALA Y 98 81.49 -41.03 -21.51
C ALA Y 98 82.78 -41.41 -20.80
N SER Y 99 82.74 -41.54 -19.47
CA SER Y 99 83.97 -41.74 -18.70
C SER Y 99 84.65 -43.08 -18.97
N ASP Y 100 83.89 -44.09 -19.41
CA ASP Y 100 84.46 -45.43 -19.53
C ASP Y 100 85.56 -45.43 -20.59
N THR Y 101 86.67 -46.09 -20.27
CA THR Y 101 87.83 -46.15 -21.14
C THR Y 101 87.71 -47.23 -22.22
N SER Y 102 86.95 -48.30 -21.95
CA SER Y 102 86.85 -49.40 -22.90
C SER Y 102 85.96 -49.08 -24.10
N LEU Y 103 85.26 -47.94 -24.07
CA LEU Y 103 84.37 -47.57 -25.15
C LEU Y 103 85.12 -47.38 -26.46
N ASN Y 104 84.48 -47.75 -27.56
CA ASN Y 104 84.99 -47.43 -28.88
C ASN Y 104 84.80 -45.93 -29.15
N THR Y 105 85.65 -45.38 -30.01
CA THR Y 105 85.69 -43.94 -30.19
C THR Y 105 84.39 -43.39 -30.77
N ALA Y 106 83.66 -44.19 -31.56
CA ALA Y 106 82.45 -43.68 -32.20
C ALA Y 106 81.37 -43.37 -31.17
N SER Y 107 81.16 -44.27 -30.22
CA SER Y 107 80.17 -44.02 -29.17
C SER Y 107 80.59 -42.85 -28.31
N PHE Y 108 81.90 -42.68 -28.09
CA PHE Y 108 82.38 -41.54 -27.31
C PHE Y 108 82.11 -40.23 -28.02
N ASN Y 109 82.33 -40.20 -29.34
CA ASN Y 109 82.01 -38.99 -30.09
C ASN Y 109 80.52 -38.72 -30.14
N ALA Y 110 79.70 -39.77 -30.17
CA ALA Y 110 78.25 -39.56 -30.13
C ALA Y 110 77.80 -39.02 -28.78
N LEU Y 111 78.42 -39.52 -27.70
CA LEU Y 111 78.12 -38.99 -26.37
C LEU Y 111 78.57 -37.54 -26.26
N LYS Y 112 79.67 -37.19 -26.92
CA LYS Y 112 80.14 -35.81 -26.92
C LYS Y 112 79.19 -34.91 -27.69
N ALA Y 113 78.67 -35.38 -28.82
CA ALA Y 113 77.69 -34.59 -29.56
C ALA Y 113 76.40 -34.43 -28.76
N ASP Y 114 76.03 -35.46 -27.99
CA ASP Y 114 74.86 -35.33 -27.14
C ASP Y 114 75.09 -34.31 -26.04
N PHE Y 115 76.30 -34.29 -25.47
CA PHE Y 115 76.63 -33.27 -24.48
C PHE Y 115 76.60 -31.88 -25.10
N GLU Y 116 77.01 -31.77 -26.35
CA GLU Y 116 76.98 -30.48 -27.04
C GLU Y 116 75.54 -30.00 -27.22
N SER Y 117 74.67 -30.88 -27.70
CA SER Y 117 73.27 -30.49 -27.91
C SER Y 117 72.58 -30.16 -26.59
N LEU Y 118 72.91 -30.90 -25.52
CA LEU Y 118 72.31 -30.62 -24.23
C LEU Y 118 72.77 -29.27 -23.69
N ARG Y 119 74.06 -28.94 -23.88
CA ARG Y 119 74.56 -27.63 -23.49
C ARG Y 119 73.88 -26.52 -24.29
N ASP Y 120 73.65 -26.75 -25.58
CA ASP Y 120 73.00 -25.75 -26.42
C ASP Y 120 71.57 -25.51 -25.94
N GLN Y 121 70.85 -26.59 -25.64
CA GLN Y 121 69.48 -26.44 -25.14
C GLN Y 121 69.45 -25.74 -23.79
N LEU Y 122 70.44 -26.01 -22.93
CA LEU Y 122 70.44 -25.34 -21.62
C LEU Y 122 70.66 -23.84 -21.80
N GLN Y 123 71.66 -23.45 -22.59
CA GLN Y 123 71.92 -22.03 -22.76
C GLN Y 123 70.74 -21.34 -23.46
N LYS Y 124 70.09 -22.03 -24.40
CA LYS Y 124 68.95 -21.45 -25.09
C LYS Y 124 67.80 -21.22 -24.13
N ALA Y 125 67.47 -22.22 -23.31
CA ALA Y 125 66.40 -22.05 -22.34
C ALA Y 125 66.75 -21.01 -21.29
N ALA Y 126 68.03 -20.89 -20.94
CA ALA Y 126 68.43 -19.87 -19.98
C ALA Y 126 68.25 -18.47 -20.56
N THR Y 127 68.44 -18.31 -21.88
CA THR Y 127 68.26 -17.00 -22.48
C THR Y 127 66.81 -16.67 -22.81
N ASN Y 128 65.97 -17.66 -23.10
CA ASN Y 128 64.59 -17.36 -23.48
C ASN Y 128 63.69 -17.05 -22.30
N ALA Y 129 64.17 -17.24 -21.07
CA ALA Y 129 63.34 -17.05 -19.87
C ALA Y 129 63.33 -15.57 -19.50
N LYS Y 130 62.30 -14.85 -19.96
CA LYS Y 130 62.13 -13.46 -19.58
C LYS Y 130 60.67 -13.07 -19.65
N PHE Y 131 60.28 -12.15 -18.79
CA PHE Y 131 58.94 -11.56 -18.76
C PHE Y 131 59.09 -10.05 -18.73
N ASN Y 132 58.17 -9.35 -19.39
CA ASN Y 132 58.15 -7.89 -19.43
C ASN Y 132 59.43 -7.32 -20.04
N GLY Y 133 60.17 -8.13 -20.78
CA GLY Y 133 61.43 -7.69 -21.33
C GLY Y 133 62.61 -7.79 -20.39
N VAL Y 134 62.40 -8.26 -19.17
CA VAL Y 134 63.45 -8.40 -18.16
C VAL Y 134 63.46 -9.84 -17.68
N SER Y 135 64.58 -10.24 -17.08
CA SER Y 135 64.73 -11.63 -16.70
C SER Y 135 65.51 -11.76 -15.40
N LEU Y 136 65.06 -12.68 -14.54
CA LEU Y 136 65.79 -13.08 -13.35
C LEU Y 136 66.70 -14.28 -13.59
N ALA Y 137 66.70 -14.86 -14.80
CA ALA Y 137 67.38 -16.12 -15.04
C ALA Y 137 68.54 -16.01 -16.03
N ASP Y 138 68.43 -15.14 -17.04
CA ASP Y 138 69.48 -15.03 -18.04
C ASP Y 138 70.75 -14.35 -17.51
N GLY Y 139 70.67 -13.68 -16.37
CA GLY Y 139 71.83 -13.00 -15.82
C GLY Y 139 72.15 -11.65 -16.41
N SER Y 140 71.21 -11.04 -17.14
CA SER Y 140 71.45 -9.73 -17.74
C SER Y 140 71.65 -8.64 -16.69
N THR Y 141 71.10 -8.82 -15.50
CA THR Y 141 71.27 -7.85 -14.42
C THR Y 141 71.31 -8.58 -13.09
N THR Y 142 71.95 -7.94 -12.11
CA THR Y 142 72.16 -8.56 -10.81
C THR Y 142 70.92 -8.59 -9.92
N LYS Y 143 69.91 -7.76 -10.17
CA LYS Y 143 68.77 -7.70 -9.28
C LYS Y 143 67.61 -6.98 -9.94
N LEU Y 144 66.42 -7.18 -9.38
CA LEU Y 144 65.23 -6.44 -9.73
C LEU Y 144 64.59 -5.90 -8.46
N SER Y 145 63.92 -4.75 -8.59
CA SER Y 145 63.46 -3.97 -7.43
C SER Y 145 61.96 -3.64 -7.60
N PHE Y 146 61.12 -4.63 -7.36
CA PHE Y 146 59.69 -4.37 -7.26
C PHE Y 146 59.36 -3.71 -5.92
N LEU Y 147 58.29 -2.92 -5.93
CA LEU Y 147 57.94 -2.15 -4.74
C LEU Y 147 57.61 -3.04 -3.57
N ALA Y 148 58.05 -2.62 -2.39
CA ALA Y 148 57.66 -3.24 -1.14
C ALA Y 148 56.62 -2.43 -0.37
N ASN Y 149 56.63 -1.11 -0.49
CA ASN Y 149 55.84 -0.26 0.38
C ASN Y 149 55.35 0.94 -0.40
N GLU Y 150 54.39 1.64 0.18
CA GLU Y 150 53.80 2.82 -0.44
C GLU Y 150 54.83 3.94 -0.58
N ASP Y 151 55.87 3.92 0.25
CA ASP Y 151 56.87 4.98 0.24
C ASP Y 151 57.94 4.80 -0.83
N GLY Y 152 57.79 3.81 -1.71
CA GLY Y 152 58.78 3.54 -2.73
C GLY Y 152 59.89 2.60 -2.32
N SER Y 153 59.80 2.00 -1.13
CA SER Y 153 60.74 0.94 -0.78
C SER Y 153 60.60 -0.22 -1.75
N ASN Y 154 61.74 -0.77 -2.15
CA ASN Y 154 61.77 -1.87 -3.10
C ASN Y 154 62.07 -3.18 -2.38
N PHE Y 155 61.30 -4.21 -2.70
CA PHE Y 155 61.60 -5.57 -2.25
C PHE Y 155 62.54 -6.16 -3.30
N THR Y 156 63.84 -6.03 -3.05
CA THR Y 156 64.84 -6.54 -3.98
C THR Y 156 64.66 -8.05 -4.16
N VAL Y 157 64.68 -8.48 -5.41
CA VAL Y 157 64.62 -9.89 -5.77
C VAL Y 157 65.94 -10.18 -6.48
N THR Y 158 66.92 -10.68 -5.74
CA THR Y 158 68.24 -10.86 -6.31
C THR Y 158 68.19 -11.84 -7.48
N ALA Y 159 68.82 -11.46 -8.59
CA ALA Y 159 68.84 -12.33 -9.76
C ALA Y 159 69.78 -13.51 -9.51
N GLN Y 160 69.38 -14.67 -10.02
CA GLN Y 160 70.18 -15.88 -9.91
C GLN Y 160 70.42 -16.39 -11.32
N THR Y 161 71.64 -16.21 -11.82
CA THR Y 161 71.94 -16.52 -13.21
C THR Y 161 71.76 -18.00 -13.50
N LEU Y 162 71.06 -18.30 -14.60
CA LEU Y 162 70.93 -19.66 -15.09
C LEU Y 162 71.75 -19.90 -16.35
N SER Y 163 72.46 -18.88 -16.84
CA SER Y 163 73.32 -19.02 -17.99
C SER Y 163 74.57 -19.82 -17.64
N LEU Y 164 75.21 -20.36 -18.67
CA LEU Y 164 76.32 -21.29 -18.45
C LEU Y 164 77.43 -20.64 -17.64
N THR Y 165 77.67 -19.34 -17.84
CA THR Y 165 78.68 -18.66 -17.04
C THR Y 165 78.23 -18.41 -15.62
N GLY Y 166 76.92 -18.48 -15.35
CA GLY Y 166 76.42 -18.42 -14.00
C GLY Y 166 76.45 -19.73 -13.26
N ILE Y 167 76.69 -20.84 -13.96
CA ILE Y 167 76.77 -22.16 -13.33
C ILE Y 167 78.18 -22.71 -13.52
N GLY Y 168 79.12 -21.85 -13.89
CA GLY Y 168 80.50 -22.28 -14.05
C GLY Y 168 80.82 -23.01 -15.34
N LEU Y 169 79.96 -22.90 -16.34
CA LEU Y 169 80.19 -23.54 -17.62
C LEU Y 169 80.37 -22.49 -18.72
N THR Y 170 80.63 -22.98 -19.93
CA THR Y 170 80.76 -22.15 -21.12
C THR Y 170 80.27 -22.93 -22.32
N ALA Y 171 80.00 -22.22 -23.42
CA ALA Y 171 79.64 -22.89 -24.66
C ALA Y 171 80.80 -23.73 -25.19
N THR Y 172 82.03 -23.32 -24.90
CA THR Y 172 83.19 -24.10 -25.34
C THR Y 172 83.45 -25.30 -24.44
N SER Y 173 82.83 -25.34 -23.26
CA SER Y 173 83.10 -26.42 -22.32
C SER Y 173 82.66 -27.76 -22.91
N THR Y 174 83.53 -28.75 -22.82
CA THR Y 174 83.28 -30.09 -23.34
C THR Y 174 84.43 -31.00 -22.91
N PHE Y 175 84.09 -32.25 -22.65
CA PHE Y 175 85.10 -33.29 -22.48
C PHE Y 175 85.65 -33.71 -23.84
N THR Y 176 86.93 -34.07 -23.86
CA THR Y 176 87.63 -34.44 -25.08
C THR Y 176 88.23 -35.84 -25.05
N ASP Y 177 88.39 -36.43 -23.87
CA ASP Y 177 88.89 -37.80 -23.75
C ASP Y 177 88.35 -38.39 -22.45
N ALA Y 178 88.94 -39.50 -22.01
CA ALA Y 178 88.46 -40.17 -20.81
C ALA Y 178 88.74 -39.34 -19.56
N ALA Y 179 90.00 -38.92 -19.38
CA ALA Y 179 90.35 -38.20 -18.16
C ALA Y 179 89.65 -36.86 -18.07
N THR Y 180 89.47 -36.18 -19.21
CA THR Y 180 88.76 -34.91 -19.20
C THR Y 180 87.29 -35.11 -18.85
N ALA Y 181 86.71 -36.25 -19.25
CA ALA Y 181 85.32 -36.54 -18.87
C ALA Y 181 85.21 -36.85 -17.39
N LYS Y 182 86.16 -37.63 -16.85
CA LYS Y 182 86.15 -37.93 -15.43
C LYS Y 182 86.33 -36.67 -14.59
N THR Y 183 87.10 -35.71 -15.11
CA THR Y 183 87.20 -34.42 -14.43
C THR Y 183 85.91 -33.62 -14.57
N MET Y 184 85.27 -33.67 -15.74
CA MET Y 184 84.05 -32.91 -15.98
C MET Y 184 82.87 -33.39 -15.15
N ILE Y 185 82.89 -34.65 -14.71
CA ILE Y 185 81.78 -35.15 -13.91
C ILE Y 185 81.58 -34.30 -12.66
N ALA Y 186 82.66 -34.05 -11.91
CA ALA Y 186 82.53 -33.28 -10.69
C ALA Y 186 82.11 -31.85 -10.98
N THR Y 187 82.57 -31.29 -12.10
CA THR Y 187 82.21 -29.92 -12.44
C THR Y 187 80.73 -29.80 -12.77
N ILE Y 188 80.19 -30.73 -13.56
CA ILE Y 188 78.78 -30.67 -13.92
C ILE Y 188 77.90 -30.96 -12.70
N THR Y 189 78.37 -31.82 -11.78
CA THR Y 189 77.61 -32.03 -10.55
C THR Y 189 77.61 -30.77 -9.70
N THR Y 190 78.74 -30.06 -9.64
CA THR Y 190 78.78 -28.81 -8.90
C THR Y 190 77.87 -27.76 -9.54
N SER Y 191 77.77 -27.78 -10.88
CA SER Y 191 76.89 -26.84 -11.56
C SER Y 191 75.43 -27.14 -11.24
N LEU Y 192 75.06 -28.43 -11.20
CA LEU Y 192 73.69 -28.77 -10.82
C LEU Y 192 73.40 -28.38 -9.38
N GLN Y 193 74.41 -28.48 -8.51
CA GLN Y 193 74.23 -28.08 -7.11
C GLN Y 193 73.98 -26.58 -7.02
N THR Y 194 74.79 -25.79 -7.72
CA THR Y 194 74.62 -24.34 -7.70
C THR Y 194 73.29 -23.93 -8.32
N ALA Y 195 72.85 -24.63 -9.37
CA ALA Y 195 71.57 -24.31 -9.99
C ALA Y 195 70.42 -24.61 -9.04
N THR Y 196 70.49 -25.73 -8.31
CA THR Y 196 69.44 -26.06 -7.36
C THR Y 196 69.41 -25.04 -6.23
N ASN Y 197 70.59 -24.58 -5.78
CA ASN Y 197 70.62 -23.57 -4.72
C ASN Y 197 69.99 -22.27 -5.20
N LYS Y 198 70.31 -21.86 -6.44
CA LYS Y 198 69.78 -20.62 -6.95
C LYS Y 198 68.27 -20.69 -7.13
N LEU Y 199 67.76 -21.85 -7.60
CA LEU Y 199 66.32 -22.00 -7.72
C LEU Y 199 65.63 -22.03 -6.35
N SER Y 200 66.29 -22.58 -5.33
CA SER Y 200 65.70 -22.55 -4.00
C SER Y 200 65.61 -21.12 -3.48
N SER Y 201 66.65 -20.32 -3.71
CA SER Y 201 66.59 -18.93 -3.31
C SER Y 201 65.51 -18.18 -4.08
N LEU Y 202 65.33 -18.50 -5.36
CA LEU Y 202 64.28 -17.86 -6.14
C LEU Y 202 62.90 -18.22 -5.62
N GLY Y 203 62.71 -19.48 -5.21
CA GLY Y 203 61.42 -19.88 -4.69
C GLY Y 203 61.10 -19.24 -3.35
N THR Y 204 62.12 -19.07 -2.50
CA THR Y 204 61.90 -18.35 -1.25
C THR Y 204 61.55 -16.90 -1.52
N SER Y 205 62.21 -16.28 -2.50
CA SER Y 205 61.85 -14.91 -2.84
C SER Y 205 60.43 -14.83 -3.35
N SER Y 206 59.97 -15.84 -4.09
CA SER Y 206 58.61 -15.82 -4.61
C SER Y 206 57.58 -15.96 -3.49
N VAL Y 207 57.79 -16.92 -2.59
CA VAL Y 207 56.81 -17.11 -1.52
C VAL Y 207 56.77 -15.90 -0.60
N GLY Y 208 57.92 -15.26 -0.36
CA GLY Y 208 57.90 -14.04 0.43
C GLY Y 208 57.21 -12.91 -0.29
N LEU Y 209 57.34 -12.87 -1.62
CA LEU Y 209 56.62 -11.88 -2.41
C LEU Y 209 55.11 -12.07 -2.31
N ASP Y 210 54.64 -13.32 -2.31
CA ASP Y 210 53.21 -13.56 -2.17
C ASP Y 210 52.71 -13.17 -0.79
N THR Y 211 53.49 -13.49 0.25
CA THR Y 211 53.08 -13.08 1.60
C THR Y 211 53.06 -11.57 1.74
N HIS Y 212 54.00 -10.87 1.08
CA HIS Y 212 53.98 -9.42 1.12
C HIS Y 212 52.77 -8.86 0.38
N LEU Y 213 52.36 -9.52 -0.71
CA LEU Y 213 51.20 -9.05 -1.44
C LEU Y 213 49.93 -9.18 -0.59
N THR Y 214 49.76 -10.33 0.07
CA THR Y 214 48.59 -10.45 0.95
C THR Y 214 48.67 -9.51 2.14
N PHE Y 215 49.89 -9.18 2.59
CA PHE Y 215 50.05 -8.20 3.66
C PHE Y 215 49.53 -6.83 3.24
N VAL Y 216 49.94 -6.38 2.05
CA VAL Y 216 49.45 -5.10 1.55
C VAL Y 216 47.96 -5.15 1.29
N GLY Y 217 47.44 -6.32 0.89
CA GLY Y 217 46.01 -6.44 0.67
C GLY Y 217 45.21 -6.30 1.95
N LYS Y 218 45.75 -6.83 3.06
CA LYS Y 218 45.11 -6.61 4.35
C LYS Y 218 45.19 -5.14 4.76
N LEU Y 219 46.36 -4.52 4.54
CA LEU Y 219 46.56 -3.16 4.99
C LEU Y 219 45.65 -2.18 4.25
N GLN Y 220 45.35 -2.47 2.99
CA GLN Y 220 44.45 -1.61 2.23
C GLN Y 220 43.05 -1.56 2.84
N ASP Y 221 42.47 -2.74 3.10
CA ASP Y 221 41.15 -2.78 3.71
C ASP Y 221 41.17 -2.21 5.11
N SER Y 222 42.29 -2.36 5.83
CA SER Y 222 42.37 -1.77 7.17
C SER Y 222 42.29 -0.25 7.10
N LEU Y 223 43.06 0.36 6.19
CA LEU Y 223 43.01 1.81 6.04
C LEU Y 223 41.64 2.28 5.53
N ASP Y 224 40.99 1.49 4.68
CA ASP Y 224 39.68 1.89 4.19
C ASP Y 224 38.65 1.85 5.32
N ALA Y 225 38.71 0.82 6.17
CA ALA Y 225 37.83 0.78 7.32
C ALA Y 225 38.14 1.92 8.28
N GLY Y 226 39.40 2.33 8.38
CA GLY Y 226 39.73 3.45 9.25
C GLY Y 226 39.13 4.75 8.76
N VAL Y 227 39.28 5.04 7.47
CA VAL Y 227 38.67 6.26 6.94
C VAL Y 227 37.16 6.19 7.03
N GLY Y 228 36.59 4.99 6.93
CA GLY Y 228 35.15 4.85 7.08
C GLY Y 228 34.69 5.13 8.50
N ASN Y 229 35.48 4.72 9.49
CA ASN Y 229 35.16 5.07 10.87
C ASN Y 229 35.28 6.56 11.11
N LEU Y 230 36.27 7.21 10.49
CA LEU Y 230 36.45 8.62 10.74
C LEU Y 230 35.52 9.51 9.91
N VAL Y 231 34.83 8.97 8.90
CA VAL Y 231 34.03 9.78 8.01
C VAL Y 231 32.54 9.45 8.08
N ASP Y 232 32.19 8.17 8.02
CA ASP Y 232 30.80 7.77 7.81
C ASP Y 232 29.89 8.22 8.95
N ALA Y 233 28.69 8.67 8.58
CA ALA Y 233 27.65 9.05 9.53
C ALA Y 233 26.65 7.90 9.71
N ASP Y 234 25.96 7.92 10.85
CA ASP Y 234 24.93 6.93 11.15
C ASP Y 234 23.60 7.48 10.67
N LEU Y 235 23.13 7.00 9.51
CA LEU Y 235 21.93 7.53 8.89
C LEU Y 235 20.68 7.29 9.72
N ALA Y 236 20.62 6.16 10.45
CA ALA Y 236 19.46 5.89 11.29
C ALA Y 236 19.34 6.94 12.39
N LYS Y 237 20.48 7.45 12.86
CA LYS Y 237 20.45 8.60 13.76
C LYS Y 237 19.92 9.85 13.07
N GLU Y 238 20.21 10.00 11.78
CA GLU Y 238 19.77 11.18 11.04
C GLU Y 238 18.28 11.18 10.73
N SER Y 239 17.65 10.01 10.59
CA SER Y 239 16.24 9.99 10.22
C SER Y 239 15.36 10.60 11.32
N ALA Y 240 15.69 10.33 12.59
CA ALA Y 240 14.93 10.91 13.68
C ALA Y 240 15.09 12.42 13.71
N LYS Y 241 16.32 12.90 13.50
CA LYS Y 241 16.56 14.34 13.48
C LYS Y 241 15.84 14.99 12.31
N LEU Y 242 15.75 14.29 11.18
CA LEU Y 242 15.04 14.81 10.03
C LEU Y 242 13.56 14.95 10.31
N GLN Y 243 12.94 13.91 10.86
CA GLN Y 243 11.50 13.98 11.15
C GLN Y 243 11.21 15.04 12.20
N SER Y 244 12.04 15.12 13.24
CA SER Y 244 11.82 16.12 14.29
C SER Y 244 12.02 17.54 13.76
N LEU Y 245 13.00 17.73 12.87
CA LEU Y 245 13.22 19.06 12.32
C LEU Y 245 12.09 19.47 11.39
N GLN Y 246 11.51 18.54 10.63
CA GLN Y 246 10.35 18.93 9.83
C GLN Y 246 9.15 19.27 10.70
N THR Y 247 8.93 18.51 11.77
CA THR Y 247 7.84 18.86 12.67
C THR Y 247 8.06 20.23 13.31
N LYS Y 248 9.32 20.51 13.69
CA LYS Y 248 9.64 21.81 14.26
C LYS Y 248 9.48 22.93 13.24
N GLN Y 249 9.77 22.65 11.98
CA GLN Y 249 9.58 23.64 10.93
C GLN Y 249 8.11 23.98 10.75
N GLN Y 250 7.24 22.97 10.78
CA GLN Y 250 5.81 23.24 10.65
C GLN Y 250 5.28 24.00 11.86
N LEU Y 251 5.72 23.63 13.06
CA LEU Y 251 5.32 24.40 14.25
C LEU Y 251 5.85 25.82 14.21
N GLY Y 252 7.04 26.03 13.65
CA GLY Y 252 7.55 27.38 13.53
C GLY Y 252 6.78 28.20 12.51
N VAL Y 253 6.34 27.58 11.43
CA VAL Y 253 5.52 28.28 10.44
C VAL Y 253 4.18 28.68 11.06
N GLN Y 254 3.56 27.77 11.81
CA GLN Y 254 2.29 28.09 12.44
C GLN Y 254 2.46 29.16 13.51
N ALA Y 255 3.58 29.13 14.25
CA ALA Y 255 3.85 30.17 15.24
C ALA Y 255 4.10 31.51 14.57
N LEU Y 256 4.75 31.51 13.40
CA LEU Y 256 4.90 32.74 12.66
C LEU Y 256 3.56 33.28 12.18
N SER Y 257 2.63 32.37 11.86
CA SER Y 257 1.29 32.81 11.46
C SER Y 257 0.58 33.49 12.63
N ILE Y 258 0.59 32.86 13.81
CA ILE Y 258 -0.08 33.48 14.95
C ILE Y 258 0.60 34.78 15.35
N ALA Y 259 1.93 34.85 15.20
CA ALA Y 259 2.61 36.10 15.48
C ALA Y 259 2.24 37.19 14.48
N ASN Y 260 2.00 36.82 13.22
CA ASN Y 260 1.52 37.80 12.24
C ASN Y 260 0.13 38.28 12.59
N GLN Y 261 -0.70 37.39 13.15
CA GLN Y 261 -2.05 37.80 13.55
C GLN Y 261 -2.10 38.50 14.89
N THR Y 262 -1.01 38.49 15.66
CA THR Y 262 -1.00 39.18 16.95
C THR Y 262 -1.36 40.66 16.86
N PRO Y 263 -0.80 41.47 15.96
CA PRO Y 263 -1.19 42.88 15.90
C PRO Y 263 -2.47 43.14 15.11
N GLN Y 264 -3.23 42.09 14.76
CA GLN Y 264 -4.46 42.30 14.01
C GLN Y 264 -5.55 42.96 14.84
N THR Y 265 -5.50 42.84 16.16
CA THR Y 265 -6.63 43.22 17.01
C THR Y 265 -6.79 44.72 17.20
N ILE Y 266 -5.79 45.52 16.86
CA ILE Y 266 -5.89 46.97 17.08
C ILE Y 266 -6.98 47.58 16.20
N LEU Y 267 -7.29 46.94 15.09
CA LEU Y 267 -8.33 47.44 14.19
C LEU Y 267 -9.68 47.50 14.87
N SER Y 268 -9.95 46.60 15.82
CA SER Y 268 -11.23 46.55 16.50
C SER Y 268 -11.44 47.70 17.48
N LEU Y 269 -10.37 48.37 17.91
CA LEU Y 269 -10.50 49.41 18.93
C LEU Y 269 -11.07 50.72 18.41
N PHE Y 270 -11.13 50.90 17.09
CA PHE Y 270 -11.62 52.16 16.53
C PHE Y 270 -12.89 51.96 15.72
N LEU Z 1 -22.15 93.38 35.68
CA LEU Z 1 -22.07 91.94 35.49
C LEU Z 1 -22.88 91.52 34.26
N ASN Z 2 -23.98 92.23 34.02
CA ASN Z 2 -24.79 92.04 32.82
C ASN Z 2 -24.14 92.82 31.69
N SER Z 3 -23.62 92.11 30.70
CA SER Z 3 -22.73 92.70 29.70
C SER Z 3 -23.18 92.27 28.32
N ILE Z 4 -23.87 93.17 27.60
CA ILE Z 4 -24.19 92.92 26.21
C ILE Z 4 -22.93 92.91 25.36
N ASN Z 5 -21.92 93.72 25.74
CA ASN Z 5 -20.78 93.93 24.88
C ASN Z 5 -19.71 92.86 25.04
N THR Z 6 -19.82 92.01 26.07
CA THR Z 6 -18.78 91.03 26.34
C THR Z 6 -19.33 89.94 27.24
N ASN Z 7 -18.62 88.82 27.27
CA ASN Z 7 -18.96 87.67 28.10
C ASN Z 7 -17.75 86.78 28.37
N PRO Z 8 -17.00 87.06 29.45
CA PRO Z 8 -15.71 86.39 29.65
C PRO Z 8 -15.82 84.87 29.73
N GLY Z 9 -16.93 84.35 30.24
CA GLY Z 9 -17.07 82.89 30.30
C GLY Z 9 -17.08 82.26 28.93
N ALA Z 10 -17.67 82.94 27.94
CA ALA Z 10 -17.64 82.41 26.58
C ALA Z 10 -16.22 82.35 26.02
N LEU Z 11 -15.38 83.33 26.38
CA LEU Z 11 -14.00 83.30 25.90
C LEU Z 11 -13.17 82.24 26.63
N LEU Z 12 -13.48 82.01 27.92
CA LEU Z 12 -12.85 80.89 28.60
C LEU Z 12 -13.28 79.57 27.98
N ALA Z 13 -14.54 79.47 27.54
CA ALA Z 13 -14.99 78.30 26.80
C ALA Z 13 -14.27 78.19 25.47
N LEU Z 14 -13.95 79.33 24.85
CA LEU Z 14 -13.16 79.31 23.63
C LEU Z 14 -11.79 78.69 23.88
N GLN Z 15 -11.12 79.13 24.94
CA GLN Z 15 -9.80 78.56 25.25
C GLN Z 15 -9.88 77.09 25.61
N ASN Z 16 -10.94 76.68 26.32
CA ASN Z 16 -11.06 75.27 26.67
C ASN Z 16 -11.32 74.41 25.43
N LEU Z 17 -12.20 74.88 24.54
CA LEU Z 17 -12.44 74.15 23.30
C LEU Z 17 -11.20 74.12 22.43
N ASN Z 18 -10.40 75.18 22.46
CA ASN Z 18 -9.16 75.22 21.69
C ASN Z 18 -8.16 74.20 22.22
N SER Z 19 -8.02 74.13 23.55
CA SER Z 19 -7.13 73.14 24.12
C SER Z 19 -7.60 71.72 23.83
N THR Z 20 -8.92 71.52 23.84
CA THR Z 20 -9.46 70.19 23.53
C THR Z 20 -9.17 69.80 22.09
N ASN Z 21 -9.44 70.71 21.15
CA ASN Z 21 -9.14 70.41 19.75
C ASN Z 21 -7.64 70.24 19.50
N THR Z 22 -6.80 70.97 20.22
CA THR Z 22 -5.37 70.82 20.04
C THR Z 22 -4.90 69.45 20.51
N GLU Z 23 -5.35 69.03 21.70
CA GLU Z 23 -4.97 67.71 22.18
C GLU Z 23 -5.55 66.61 21.29
N LEU Z 24 -6.77 66.81 20.76
CA LEU Z 24 -7.33 65.84 19.85
C LEU Z 24 -6.56 65.79 18.54
N ALA Z 25 -6.01 66.91 18.08
CA ALA Z 25 -5.20 66.91 16.88
C ALA Z 25 -3.89 66.17 17.11
N ALA Z 26 -3.29 66.35 18.28
CA ALA Z 26 -2.09 65.57 18.58
C ALA Z 26 -2.41 64.08 18.68
N THR Z 27 -3.58 63.73 19.21
CA THR Z 27 -3.99 62.33 19.28
C THR Z 27 -4.20 61.77 17.87
N GLN Z 28 -4.82 62.55 17.00
CA GLN Z 28 -5.03 62.11 15.62
C GLN Z 28 -3.71 61.95 14.89
N GLY Z 29 -2.72 62.78 15.21
CA GLY Z 29 -1.41 62.60 14.61
C GLY Z 29 -0.74 61.33 15.09
N ARG Z 30 -0.81 61.06 16.40
CA ARG Z 30 -0.23 59.81 16.90
C ARG Z 30 -0.96 58.59 16.36
N ILE Z 31 -2.25 58.71 16.06
CA ILE Z 31 -2.99 57.57 15.54
C ILE Z 31 -2.66 57.34 14.06
N ASN Z 32 -2.67 58.41 13.26
CA ASN Z 32 -2.39 58.23 11.84
C ASN Z 32 -0.96 57.80 11.58
N THR Z 33 -0.02 58.20 12.45
CA THR Z 33 1.33 57.73 12.28
C THR Z 33 1.60 56.45 13.06
N GLY Z 34 0.97 56.30 14.22
CA GLY Z 34 1.28 55.15 15.06
C GLY Z 34 2.61 55.22 15.75
N LYS Z 35 3.12 56.44 16.01
CA LYS Z 35 4.41 56.61 16.67
C LYS Z 35 4.30 57.78 17.64
N LYS Z 36 4.86 57.62 18.84
CA LYS Z 36 4.89 58.73 19.80
C LYS Z 36 5.78 59.86 19.32
N VAL Z 37 6.83 59.56 18.57
CA VAL Z 37 7.79 60.56 18.11
C VAL Z 37 7.98 60.44 16.62
N ALA Z 38 6.91 60.73 15.87
CA ALA Z 38 6.95 60.63 14.42
C ALA Z 38 7.91 61.60 13.78
N ASN Z 39 8.17 62.73 14.44
CA ASN Z 39 8.93 63.82 13.83
C ASN Z 39 9.59 64.63 14.94
N ALA Z 40 10.46 65.54 14.53
CA ALA Z 40 11.27 66.31 15.48
C ALA Z 40 10.41 67.17 16.39
N LYS Z 41 9.22 67.58 15.96
CA LYS Z 41 8.33 68.35 16.82
C LYS Z 41 7.90 67.56 18.05
N ASP Z 42 7.81 66.22 17.94
CA ASP Z 42 7.32 65.44 19.06
C ASP Z 42 8.33 65.40 20.20
N ASN Z 43 9.59 65.10 19.89
CA ASN Z 43 10.68 65.09 20.86
C ASN Z 43 12.00 64.89 20.13
N GLY Z 44 12.86 65.92 20.15
CA GLY Z 44 14.02 65.90 19.29
C GLY Z 44 15.05 64.85 19.66
N ALA Z 45 15.24 64.62 20.97
CA ALA Z 45 16.29 63.69 21.39
C ALA Z 45 15.97 62.26 20.98
N ILE Z 46 14.79 61.77 21.35
CA ILE Z 46 14.43 60.40 21.04
C ILE Z 46 14.30 60.21 19.54
N TRP Z 47 13.81 61.22 18.84
CA TRP Z 47 13.62 61.12 17.40
C TRP Z 47 14.97 61.06 16.68
N SER Z 48 15.91 61.93 17.02
CA SER Z 48 17.22 61.87 16.39
C SER Z 48 17.94 60.56 16.74
N MET Z 49 17.74 60.08 17.97
CA MET Z 49 18.40 58.85 18.39
C MET Z 49 17.84 57.67 17.59
N ALA Z 50 16.52 57.67 17.40
CA ALA Z 50 15.88 56.61 16.62
C ALA Z 50 16.29 56.66 15.15
N LYS Z 51 16.42 57.86 14.58
CA LYS Z 51 16.89 57.92 13.19
C LYS Z 51 18.32 57.43 13.06
N MET Z 52 19.18 57.72 14.04
CA MET Z 52 20.54 57.23 13.95
C MET Z 52 20.59 55.71 14.03
N GLN Z 53 19.86 55.13 14.99
CA GLN Z 53 19.87 53.67 15.07
C GLN Z 53 19.19 53.02 13.86
N SER Z 54 18.14 53.64 13.32
CA SER Z 54 17.51 53.11 12.14
C SER Z 54 18.43 53.19 10.93
N ALA Z 55 19.24 54.25 10.85
CA ALA Z 55 20.21 54.36 9.76
C ALA Z 55 21.25 53.27 9.87
N THR Z 56 21.69 52.95 11.09
CA THR Z 56 22.66 51.87 11.25
C THR Z 56 22.05 50.51 10.89
N ALA Z 57 20.82 50.27 11.37
CA ALA Z 57 20.19 48.97 11.12
C ALA Z 57 19.93 48.78 9.64
N SER Z 58 19.54 49.85 8.94
CA SER Z 58 19.40 49.76 7.48
C SER Z 58 20.75 49.59 6.81
N SER Z 59 21.80 50.21 7.37
CA SER Z 59 23.13 50.13 6.76
C SER Z 59 23.74 48.76 6.85
N LEU Z 60 23.34 47.95 7.84
CA LEU Z 60 23.95 46.62 7.96
C LEU Z 60 23.58 45.68 6.80
N ASN Z 61 22.57 46.01 6.00
CA ASN Z 61 22.17 45.15 4.90
C ASN Z 61 23.29 45.00 3.86
N SER Z 62 24.08 46.06 3.68
CA SER Z 62 25.24 45.96 2.79
C SER Z 62 26.27 44.99 3.35
N VAL Z 63 26.48 44.99 4.67
CA VAL Z 63 27.36 43.98 5.25
C VAL Z 63 26.79 42.59 5.02
N LYS Z 64 25.46 42.47 5.08
CA LYS Z 64 24.83 41.16 4.91
C LYS Z 64 25.07 40.62 3.51
N ASP Z 65 24.74 41.41 2.47
CA ASP Z 65 24.90 40.87 1.13
C ASP Z 65 26.38 40.75 0.74
N SER Z 66 27.27 41.57 1.32
CA SER Z 66 28.69 41.37 1.07
C SER Z 66 29.18 40.07 1.68
N LEU Z 67 28.68 39.72 2.87
CA LEU Z 67 29.01 38.42 3.44
C LEU Z 67 28.45 37.29 2.59
N GLN Z 68 27.31 37.52 1.94
CA GLN Z 68 26.77 36.52 1.03
C GLN Z 68 27.66 36.33 -0.19
N ARG Z 69 28.16 37.43 -0.76
CA ARG Z 69 29.11 37.29 -1.87
C ARG Z 69 30.36 36.57 -1.41
N GLY Z 70 30.78 36.81 -0.16
CA GLY Z 70 31.98 36.15 0.32
C GLY Z 70 31.79 34.65 0.50
N GLN Z 71 30.63 34.24 1.00
CA GLN Z 71 30.41 32.80 1.13
C GLN Z 71 30.27 32.13 -0.23
N SER Z 72 29.72 32.81 -1.23
CA SER Z 72 29.73 32.23 -2.57
C SER Z 72 31.15 32.11 -3.11
N THR Z 73 31.97 33.15 -2.88
CA THR Z 73 33.33 33.16 -3.39
C THR Z 73 34.19 32.08 -2.73
N ILE Z 74 33.90 31.76 -1.47
CA ILE Z 74 34.65 30.67 -0.84
C ILE Z 74 34.08 29.32 -1.22
N ASP Z 75 32.78 29.23 -1.50
CA ASP Z 75 32.20 27.97 -1.93
C ASP Z 75 32.76 27.54 -3.28
N VAL Z 76 32.99 28.49 -4.19
CA VAL Z 76 33.57 28.08 -5.48
C VAL Z 76 35.00 27.55 -5.29
N ALA Z 77 35.74 28.13 -4.34
CA ALA Z 77 37.10 27.67 -4.09
C ALA Z 77 37.11 26.28 -3.48
N LEU Z 78 36.19 26.01 -2.55
CA LEU Z 78 36.10 24.66 -1.99
C LEU Z 78 35.69 23.65 -3.06
N ALA Z 79 34.80 24.05 -3.97
CA ALA Z 79 34.42 23.15 -5.05
C ALA Z 79 35.59 22.85 -5.97
N ALA Z 80 36.48 23.83 -6.19
CA ALA Z 80 37.68 23.54 -6.98
C ALA Z 80 38.64 22.64 -6.21
N GLY Z 81 38.73 22.83 -4.88
CA GLY Z 81 39.66 22.03 -4.12
C GLY Z 81 39.24 20.58 -4.01
N ASP Z 82 37.93 20.32 -4.05
CA ASP Z 82 37.47 18.93 -4.05
C ASP Z 82 37.97 18.17 -5.27
N THR Z 83 38.15 18.87 -6.40
CA THR Z 83 38.71 18.22 -7.58
C THR Z 83 40.23 18.19 -7.53
N ILE Z 84 40.86 19.26 -7.05
CA ILE Z 84 42.31 19.31 -7.03
C ILE Z 84 42.88 18.24 -6.09
N THR Z 85 42.15 17.90 -5.03
CA THR Z 85 42.61 16.82 -4.17
C THR Z 85 42.65 15.49 -4.91
N ASP Z 86 41.60 15.18 -5.69
CA ASP Z 86 41.60 13.95 -6.48
C ASP Z 86 42.68 13.97 -7.54
N LEU Z 87 42.96 15.13 -8.14
CA LEU Z 87 44.01 15.21 -9.14
C LEU Z 87 45.38 14.95 -8.52
N LEU Z 88 45.62 15.52 -7.33
CA LEU Z 88 46.88 15.23 -6.65
C LEU Z 88 46.98 13.77 -6.22
N THR Z 89 45.86 13.15 -5.86
CA THR Z 89 45.90 11.74 -5.46
C THR Z 89 46.23 10.85 -6.65
N LYS Z 90 45.59 11.11 -7.79
CA LYS Z 90 45.90 10.33 -8.99
C LYS Z 90 47.33 10.58 -9.45
N MET Z 91 47.82 11.82 -9.32
CA MET Z 91 49.20 12.10 -9.69
C MET Z 91 50.18 11.38 -8.77
N LYS Z 92 49.85 11.28 -7.49
CA LYS Z 92 50.72 10.56 -6.55
C LYS Z 92 50.73 9.08 -6.85
N GLU Z 93 49.57 8.53 -7.23
CA GLU Z 93 49.54 7.14 -7.67
C GLU Z 93 50.37 6.94 -8.94
N LYS Z 94 50.32 7.91 -9.86
CA LYS Z 94 51.07 7.78 -11.10
C LYS Z 94 52.56 7.79 -10.85
N ALA Z 95 53.02 8.70 -9.99
CA ALA Z 95 54.46 8.77 -9.71
C ALA Z 95 54.94 7.52 -8.96
N LEU Z 96 54.15 7.05 -8.00
CA LEU Z 96 54.58 5.85 -7.28
C LEU Z 96 54.61 4.64 -8.19
N ALA Z 97 53.68 4.57 -9.15
CA ALA Z 97 53.74 3.51 -10.16
C ALA Z 97 54.92 3.70 -11.09
N ALA Z 98 55.35 4.94 -11.31
CA ALA Z 98 56.51 5.22 -12.15
C ALA Z 98 57.83 4.95 -11.44
N SER Z 99 57.81 4.72 -10.14
CA SER Z 99 59.01 4.50 -9.36
C SER Z 99 59.73 3.19 -9.70
N ASP Z 100 59.07 2.23 -10.36
CA ASP Z 100 59.67 0.92 -10.58
C ASP Z 100 60.94 1.03 -11.42
N THR Z 101 61.96 0.25 -11.03
CA THR Z 101 63.13 0.03 -11.87
C THR Z 101 62.96 -1.17 -12.80
N SER Z 102 61.96 -2.02 -12.55
CA SER Z 102 61.76 -3.22 -13.37
C SER Z 102 60.87 -2.99 -14.59
N LEU Z 103 60.14 -1.88 -14.64
CA LEU Z 103 59.25 -1.64 -15.76
C LEU Z 103 60.02 -1.24 -17.02
N ASN Z 104 59.45 -1.58 -18.18
CA ASN Z 104 60.01 -1.20 -19.45
C ASN Z 104 59.80 0.29 -19.71
N THR Z 105 60.72 0.86 -20.51
CA THR Z 105 60.76 2.31 -20.70
C THR Z 105 59.48 2.86 -21.31
N ALA Z 106 58.77 2.09 -22.15
CA ALA Z 106 57.55 2.58 -22.74
C ALA Z 106 56.47 2.82 -21.68
N SER Z 107 56.37 1.93 -20.69
CA SER Z 107 55.45 2.15 -19.60
C SER Z 107 55.86 3.36 -18.76
N PHE Z 108 57.17 3.61 -18.66
CA PHE Z 108 57.63 4.82 -17.98
C PHE Z 108 57.18 6.07 -18.72
N ASN Z 109 57.27 6.05 -20.05
CA ASN Z 109 56.82 7.19 -20.83
C ASN Z 109 55.31 7.38 -20.70
N ALA Z 110 54.57 6.27 -20.62
CA ALA Z 110 53.12 6.39 -20.47
C ALA Z 110 52.75 6.96 -19.11
N LEU Z 111 53.41 6.50 -18.05
CA LEU Z 111 53.14 7.05 -16.73
C LEU Z 111 53.55 8.51 -16.65
N LYS Z 112 54.65 8.89 -17.32
CA LYS Z 112 55.06 10.29 -17.32
C LYS Z 112 54.06 11.16 -18.08
N ALA Z 113 53.52 10.65 -19.19
CA ALA Z 113 52.51 11.40 -19.93
C ALA Z 113 51.24 11.56 -19.10
N ASP Z 114 50.88 10.52 -18.34
CA ASP Z 114 49.73 10.66 -17.44
C ASP Z 114 50.01 11.67 -16.35
N PHE Z 115 51.26 11.76 -15.88
CA PHE Z 115 51.63 12.74 -14.87
C PHE Z 115 51.49 14.15 -15.44
N GLU Z 116 52.02 14.38 -16.63
CA GLU Z 116 51.91 15.71 -17.24
C GLU Z 116 50.46 16.07 -17.51
N SER Z 117 49.64 15.08 -17.87
CA SER Z 117 48.24 15.35 -18.14
C SER Z 117 47.52 15.77 -16.88
N LEU Z 118 47.69 15.01 -15.80
CA LEU Z 118 47.05 15.36 -14.52
C LEU Z 118 47.56 16.69 -14.01
N ARG Z 119 48.83 17.01 -14.27
CA ARG Z 119 49.40 18.28 -13.85
C ARG Z 119 48.77 19.45 -14.58
N ASP Z 120 48.69 19.36 -15.91
CA ASP Z 120 48.06 20.44 -16.66
C ASP Z 120 46.58 20.57 -16.32
N GLN Z 121 45.92 19.45 -16.03
CA GLN Z 121 44.52 19.53 -15.60
C GLN Z 121 44.39 20.19 -14.24
N LEU Z 122 45.35 19.97 -13.35
CA LEU Z 122 45.31 20.62 -12.05
C LEU Z 122 45.50 22.12 -12.21
N GLN Z 123 46.38 22.55 -13.12
CA GLN Z 123 46.53 23.98 -13.35
C GLN Z 123 45.28 24.56 -13.98
N LYS Z 124 44.67 23.84 -14.91
CA LYS Z 124 43.46 24.32 -15.57
C LYS Z 124 42.30 24.43 -14.57
N ALA Z 125 42.25 23.55 -13.59
CA ALA Z 125 41.19 23.63 -12.58
C ALA Z 125 41.47 24.74 -11.58
N ALA Z 126 42.72 24.88 -11.16
CA ALA Z 126 43.07 25.89 -10.18
C ALA Z 126 42.91 27.31 -10.73
N THR Z 127 43.15 27.52 -12.02
CA THR Z 127 43.02 28.86 -12.55
C THR Z 127 41.59 29.23 -12.91
N ASN Z 128 40.69 28.25 -13.04
CA ASN Z 128 39.33 28.50 -13.47
C ASN Z 128 38.36 28.78 -12.33
N ALA Z 129 38.79 28.65 -11.08
CA ALA Z 129 37.91 28.78 -9.93
C ALA Z 129 37.84 30.25 -9.52
N LYS Z 130 36.83 30.95 -9.99
CA LYS Z 130 36.67 32.35 -9.63
C LYS Z 130 35.19 32.73 -9.69
N PHE Z 131 34.84 33.74 -8.90
CA PHE Z 131 33.47 34.22 -8.82
C PHE Z 131 33.52 35.74 -8.79
N ASN Z 132 32.76 36.38 -9.68
CA ASN Z 132 32.77 37.83 -9.85
C ASN Z 132 34.18 38.33 -10.17
N GLY Z 133 34.93 37.54 -10.94
CA GLY Z 133 36.22 37.98 -11.41
C GLY Z 133 37.35 37.91 -10.42
N VAL Z 134 37.12 37.29 -9.25
CA VAL Z 134 38.14 37.17 -8.22
C VAL Z 134 38.16 35.73 -7.73
N SER Z 135 39.30 35.32 -7.18
CA SER Z 135 39.51 33.93 -6.84
C SER Z 135 40.31 33.81 -5.54
N LEU Z 136 39.99 32.76 -4.78
CA LEU Z 136 40.71 32.43 -3.56
C LEU Z 136 41.66 31.25 -3.76
N ALA Z 137 41.77 30.74 -4.99
CA ALA Z 137 42.56 29.54 -5.23
C ALA Z 137 43.65 29.68 -6.29
N ASP Z 138 43.53 30.63 -7.23
CA ASP Z 138 44.53 30.81 -8.27
C ASP Z 138 45.76 31.60 -7.81
N GLY Z 139 45.70 32.26 -6.66
CA GLY Z 139 46.80 33.08 -6.20
C GLY Z 139 46.92 34.44 -6.84
N SER Z 140 45.87 34.92 -7.52
CA SER Z 140 45.93 36.23 -8.17
C SER Z 140 46.09 37.37 -7.17
N THR Z 141 45.64 37.19 -5.93
CA THR Z 141 45.77 38.21 -4.91
C THR Z 141 46.05 37.53 -3.57
N THR Z 142 46.80 38.23 -2.72
CA THR Z 142 47.21 37.63 -1.44
C THR Z 142 46.03 37.42 -0.49
N LYS Z 143 44.97 38.25 -0.60
CA LYS Z 143 43.85 38.12 0.32
C LYS Z 143 42.61 38.88 -0.14
N LEU Z 144 41.47 38.19 -0.22
CA LEU Z 144 40.19 38.85 -0.39
C LEU Z 144 39.70 39.42 0.94
N SER Z 145 38.86 40.44 0.85
CA SER Z 145 38.27 41.08 2.02
C SER Z 145 36.80 41.36 1.78
N PHE Z 146 36.02 41.31 2.86
CA PHE Z 146 34.59 41.53 2.78
C PHE Z 146 34.14 42.32 4.01
N LEU Z 147 33.04 43.04 3.85
CA LEU Z 147 32.51 43.85 4.93
C LEU Z 147 32.12 42.98 6.11
N ALA Z 148 32.43 43.45 7.31
CA ALA Z 148 32.11 42.69 8.52
C ALA Z 148 31.30 43.53 9.48
N ASN Z 149 31.35 44.85 9.33
CA ASN Z 149 30.69 45.76 10.24
C ASN Z 149 30.24 47.03 9.52
N GLU Z 150 29.36 47.76 10.20
CA GLU Z 150 28.84 49.02 9.65
C GLU Z 150 29.94 50.06 9.47
N ASP Z 151 30.99 50.02 10.27
CA ASP Z 151 32.05 51.01 10.22
C ASP Z 151 33.11 50.70 9.16
N GLY Z 152 32.84 49.74 8.28
CA GLY Z 152 33.76 49.38 7.22
C GLY Z 152 34.82 48.37 7.60
N SER Z 153 34.80 47.84 8.82
CA SER Z 153 35.76 46.83 9.20
C SER Z 153 35.63 45.60 8.30
N ASN Z 154 36.78 45.11 7.83
CA ASN Z 154 36.82 44.04 6.86
C ASN Z 154 37.03 42.71 7.58
N PHE Z 155 36.28 41.68 7.13
CA PHE Z 155 36.55 40.30 7.53
C PHE Z 155 37.52 39.73 6.50
N THR Z 156 38.81 39.87 6.79
CA THR Z 156 39.83 39.35 5.89
C THR Z 156 39.68 37.84 5.74
N VAL Z 157 39.77 37.37 4.51
CA VAL Z 157 39.77 35.94 4.19
C VAL Z 157 41.02 35.70 3.35
N THR Z 158 42.11 35.31 4.01
CA THR Z 158 43.39 35.18 3.32
C THR Z 158 43.29 34.16 2.20
N ALA Z 159 43.80 34.52 1.03
CA ALA Z 159 43.84 33.60 -0.08
C ALA Z 159 44.83 32.48 0.19
N GLN Z 160 44.45 31.26 -0.18
CA GLN Z 160 45.31 30.10 -0.08
C GLN Z 160 45.41 29.53 -1.49
N THR Z 161 46.58 29.70 -2.11
CA THR Z 161 46.75 29.33 -3.51
C THR Z 161 46.64 27.82 -3.70
N LEU Z 162 45.89 27.41 -4.72
CA LEU Z 162 45.86 26.01 -5.15
C LEU Z 162 46.46 25.81 -6.54
N SER Z 163 47.06 26.85 -7.12
CA SER Z 163 47.75 26.69 -8.39
C SER Z 163 49.02 25.87 -8.19
N LEU Z 164 49.61 25.41 -9.30
CA LEU Z 164 50.77 24.55 -9.21
C LEU Z 164 51.91 25.23 -8.46
N THR Z 165 52.09 26.53 -8.66
CA THR Z 165 53.10 27.26 -7.91
C THR Z 165 52.72 27.45 -6.45
N GLY Z 166 51.43 27.37 -6.12
CA GLY Z 166 50.99 27.51 -4.76
C GLY Z 166 51.02 26.25 -3.93
N ILE Z 167 51.37 25.12 -4.54
CA ILE Z 167 51.43 23.85 -3.82
C ILE Z 167 52.81 23.23 -3.97
N GLY Z 168 53.81 24.06 -4.24
CA GLY Z 168 55.17 23.58 -4.34
C GLY Z 168 55.51 22.86 -5.63
N LEU Z 169 54.83 23.19 -6.72
CA LEU Z 169 55.08 22.57 -8.01
C LEU Z 169 55.30 23.64 -9.06
N THR Z 170 55.81 23.21 -10.21
CA THR Z 170 56.01 24.07 -11.37
C THR Z 170 55.38 23.43 -12.59
N ALA Z 171 55.16 24.25 -13.63
CA ALA Z 171 54.64 23.72 -14.88
C ALA Z 171 55.59 22.75 -15.55
N THR Z 172 56.88 22.84 -15.24
CA THR Z 172 57.89 21.93 -15.77
C THR Z 172 58.13 20.71 -14.89
N SER Z 173 57.45 20.59 -13.76
CA SER Z 173 57.74 19.50 -12.82
C SER Z 173 57.45 18.15 -13.46
N THR Z 174 58.36 17.20 -13.26
CA THR Z 174 58.27 15.86 -13.84
C THR Z 174 59.36 14.95 -13.31
N PHE Z 175 59.55 13.80 -13.95
CA PHE Z 175 60.63 12.88 -13.62
C PHE Z 175 61.11 12.18 -14.87
N THR Z 176 62.43 12.06 -15.01
CA THR Z 176 63.04 11.48 -16.19
C THR Z 176 63.58 10.06 -15.98
N ASP Z 177 63.65 9.56 -14.76
CA ASP Z 177 64.10 8.20 -14.51
C ASP Z 177 63.49 7.72 -13.19
N ALA Z 178 63.75 6.47 -12.84
CA ALA Z 178 63.11 5.87 -11.68
C ALA Z 178 63.51 6.59 -10.39
N ALA Z 179 64.78 6.98 -10.28
CA ALA Z 179 65.23 7.66 -9.07
C ALA Z 179 64.58 9.03 -8.91
N THR Z 180 64.41 9.74 -10.02
CA THR Z 180 63.76 11.04 -9.94
C THR Z 180 62.29 10.90 -9.57
N ALA Z 181 61.63 9.83 -9.99
CA ALA Z 181 60.25 9.60 -9.56
C ALA Z 181 60.18 9.23 -8.09
N LYS Z 182 61.13 8.42 -7.62
CA LYS Z 182 61.17 8.06 -6.21
C LYS Z 182 61.40 9.29 -5.34
N THR Z 183 62.18 10.25 -5.85
CA THR Z 183 62.33 11.52 -5.14
C THR Z 183 61.07 12.37 -5.28
N MET Z 184 60.39 12.30 -6.43
CA MET Z 184 59.20 13.09 -6.68
C MET Z 184 58.06 12.67 -5.76
N ILE Z 185 58.09 11.42 -5.28
CA ILE Z 185 57.03 10.92 -4.40
C ILE Z 185 56.88 11.84 -3.18
N ALA Z 186 57.99 12.13 -2.50
CA ALA Z 186 57.90 12.96 -1.31
C ALA Z 186 57.44 14.38 -1.62
N THR Z 187 57.84 14.92 -2.77
CA THR Z 187 57.45 16.27 -3.14
C THR Z 187 55.94 16.36 -3.38
N ILE Z 188 55.39 15.42 -4.15
CA ILE Z 188 53.96 15.41 -4.42
C ILE Z 188 53.17 15.07 -3.15
N THR Z 189 53.74 14.28 -2.25
CA THR Z 189 53.06 14.01 -0.99
C THR Z 189 52.97 15.27 -0.13
N THR Z 190 54.08 16.03 -0.06
CA THR Z 190 54.05 17.30 0.65
C THR Z 190 53.10 18.29 -0.03
N SER Z 191 53.00 18.23 -1.36
CA SER Z 191 52.08 19.10 -2.07
C SER Z 191 50.63 18.77 -1.72
N LEU Z 192 50.29 17.48 -1.67
CA LEU Z 192 48.94 17.12 -1.27
C LEU Z 192 48.68 17.51 0.18
N GLN Z 193 49.70 17.43 1.04
CA GLN Z 193 49.52 17.85 2.43
C GLN Z 193 49.23 19.33 2.53
N THR Z 194 50.04 20.17 1.87
CA THR Z 194 49.79 21.60 1.92
C THR Z 194 48.49 21.99 1.25
N ALA Z 195 48.05 21.25 0.22
CA ALA Z 195 46.76 21.52 -0.39
C ALA Z 195 45.62 21.21 0.58
N THR Z 196 45.71 20.09 1.28
CA THR Z 196 44.68 19.76 2.26
C THR Z 196 44.66 20.76 3.39
N ASN Z 197 45.83 21.25 3.80
CA ASN Z 197 45.88 22.25 4.87
C ASN Z 197 45.24 23.56 4.41
N LYS Z 198 45.52 23.97 3.18
CA LYS Z 198 44.95 25.22 2.69
C LYS Z 198 43.44 25.11 2.53
N LEU Z 199 42.95 23.95 2.09
CA LEU Z 199 41.50 23.77 2.01
C LEU Z 199 40.87 23.74 3.39
N SER Z 200 41.57 23.21 4.40
CA SER Z 200 41.04 23.25 5.76
C SER Z 200 40.95 24.68 6.27
N SER Z 201 41.95 25.50 5.94
CA SER Z 201 41.89 26.91 6.33
C SER Z 201 40.76 27.64 5.62
N LEU Z 202 40.53 27.32 4.35
CA LEU Z 202 39.42 27.94 3.62
C LEU Z 202 38.08 27.53 4.23
N GLY Z 203 37.96 26.27 4.66
CA GLY Z 203 36.72 25.84 5.27
C GLY Z 203 36.48 26.49 6.63
N THR Z 204 37.55 26.68 7.40
CA THR Z 204 37.39 27.38 8.67
C THR Z 204 36.97 28.83 8.45
N SER Z 205 37.53 29.45 7.41
CA SER Z 205 37.12 30.82 7.09
C SER Z 205 35.66 30.88 6.66
N SER Z 206 35.19 29.87 5.91
CA SER Z 206 33.79 29.86 5.51
C SER Z 206 32.87 29.67 6.72
N VAL Z 207 33.28 28.80 7.66
CA VAL Z 207 32.44 28.57 8.83
C VAL Z 207 32.32 29.85 9.66
N GLY Z 208 33.44 30.55 9.84
CA GLY Z 208 33.39 31.82 10.54
C GLY Z 208 32.59 32.86 9.80
N LEU Z 209 32.60 32.78 8.46
CA LEU Z 209 31.84 33.73 7.65
C LEU Z 209 30.33 33.54 7.83
N ASP Z 210 29.86 32.29 7.76
CA ASP Z 210 28.44 32.06 8.01
C ASP Z 210 28.06 32.36 9.45
N THR Z 211 28.98 32.15 10.40
CA THR Z 211 28.68 32.52 11.79
C THR Z 211 28.50 34.02 11.92
N HIS Z 212 29.38 34.81 11.29
CA HIS Z 212 29.21 36.25 11.32
C HIS Z 212 27.95 36.68 10.59
N LEU Z 213 27.55 35.95 9.55
CA LEU Z 213 26.33 36.31 8.83
C LEU Z 213 25.10 36.11 9.70
N THR Z 214 25.00 34.95 10.36
CA THR Z 214 23.86 34.77 11.25
C THR Z 214 23.91 35.74 12.42
N PHE Z 215 25.11 36.14 12.86
CA PHE Z 215 25.21 37.08 13.97
C PHE Z 215 24.73 38.47 13.57
N VAL Z 216 25.13 38.94 12.39
CA VAL Z 216 24.65 40.25 11.95
C VAL Z 216 23.15 40.19 11.67
N GLY Z 217 22.64 39.02 11.24
CA GLY Z 217 21.21 38.88 11.06
C GLY Z 217 20.45 38.95 12.37
N LYS Z 218 21.08 38.49 13.46
CA LYS Z 218 20.49 38.69 14.78
C LYS Z 218 20.55 40.15 15.19
N LEU Z 219 21.71 40.78 15.01
CA LEU Z 219 21.92 42.14 15.54
C LEU Z 219 21.05 43.16 14.83
N GLN Z 220 20.81 43.00 13.53
CA GLN Z 220 19.95 43.94 12.82
C GLN Z 220 18.52 43.86 13.34
N ASP Z 221 18.03 42.64 13.57
CA ASP Z 221 16.69 42.46 14.11
C ASP Z 221 16.59 43.03 15.52
N SER Z 222 17.65 42.88 16.31
CA SER Z 222 17.61 43.39 17.68
C SER Z 222 17.59 44.92 17.69
N LEU Z 223 18.38 45.55 16.80
CA LEU Z 223 18.37 47.01 16.73
C LEU Z 223 17.04 47.53 16.20
N ASP Z 224 16.40 46.82 15.25
CA ASP Z 224 15.09 47.24 14.76
C ASP Z 224 14.06 47.12 15.87
N ALA Z 225 14.15 46.05 16.67
CA ALA Z 225 13.25 45.93 17.80
C ALA Z 225 13.46 47.05 18.82
N GLY Z 226 14.71 47.46 19.04
CA GLY Z 226 14.96 48.52 20.00
C GLY Z 226 14.42 49.86 19.52
N VAL Z 227 14.63 50.17 18.24
CA VAL Z 227 14.07 51.43 17.74
C VAL Z 227 12.54 51.35 17.77
N GLY Z 228 11.98 50.14 17.66
CA GLY Z 228 10.55 50.00 17.81
C GLY Z 228 10.04 50.25 19.22
N ASN Z 229 10.80 49.83 20.23
CA ASN Z 229 10.44 50.21 21.60
C ASN Z 229 10.55 51.72 21.81
N LEU Z 230 11.50 52.37 21.15
CA LEU Z 230 11.63 53.81 21.39
C LEU Z 230 10.58 54.65 20.67
N VAL Z 231 10.28 54.35 19.41
CA VAL Z 231 9.44 55.28 18.63
C VAL Z 231 7.95 54.98 18.78
N ASP Z 232 7.56 53.72 18.84
CA ASP Z 232 6.17 53.34 18.62
C ASP Z 232 5.28 53.70 19.81
N ALA Z 233 4.02 53.99 19.51
CA ALA Z 233 3.00 54.37 20.47
C ALA Z 233 2.14 53.16 20.86
N ASP Z 234 1.53 53.26 22.03
CA ASP Z 234 0.53 52.29 22.47
C ASP Z 234 -0.83 52.77 22.01
N LEU Z 235 -1.31 52.22 20.89
CA LEU Z 235 -2.52 52.72 20.27
C LEU Z 235 -3.76 52.51 21.15
N ALA Z 236 -3.76 51.45 21.97
CA ALA Z 236 -4.89 51.23 22.87
C ALA Z 236 -5.01 52.37 23.86
N LYS Z 237 -3.88 52.93 24.30
CA LYS Z 237 -3.93 54.12 25.14
C LYS Z 237 -4.45 55.32 24.37
N GLU Z 238 -4.16 55.41 23.08
CA GLU Z 238 -4.64 56.54 22.28
C GLU Z 238 -6.14 56.48 22.04
N SER Z 239 -6.73 55.27 21.97
CA SER Z 239 -8.14 55.17 21.63
C SER Z 239 -9.02 55.82 22.70
N ALA Z 240 -8.78 55.47 23.97
CA ALA Z 240 -9.59 56.02 25.04
C ALA Z 240 -9.44 57.54 25.10
N LYS Z 241 -8.23 58.02 24.83
CA LYS Z 241 -8.03 59.46 24.74
C LYS Z 241 -8.83 60.05 23.60
N LEU Z 242 -8.98 59.32 22.50
CA LEU Z 242 -9.80 59.81 21.40
C LEU Z 242 -11.24 60.02 21.83
N GLN Z 243 -11.89 58.96 22.37
CA GLN Z 243 -13.29 59.15 22.73
C GLN Z 243 -13.46 60.17 23.85
N SER Z 244 -12.51 60.23 24.79
CA SER Z 244 -12.66 61.16 25.89
C SER Z 244 -12.51 62.60 25.42
N LEU Z 245 -11.52 62.88 24.59
CA LEU Z 245 -11.34 64.23 24.06
C LEU Z 245 -12.50 64.64 23.17
N GLN Z 246 -13.06 63.70 22.41
CA GLN Z 246 -14.17 64.11 21.57
C GLN Z 246 -15.43 64.40 22.38
N THR Z 247 -15.72 63.60 23.42
CA THR Z 247 -16.85 63.93 24.28
C THR Z 247 -16.62 65.24 25.00
N LYS Z 248 -15.37 65.52 25.36
CA LYS Z 248 -15.03 66.83 25.91
C LYS Z 248 -15.30 67.92 24.89
N GLN Z 249 -15.13 67.62 23.61
CA GLN Z 249 -15.33 68.64 22.58
C GLN Z 249 -16.82 68.95 22.39
N GLN Z 250 -17.67 67.92 22.37
CA GLN Z 250 -19.10 68.25 22.33
C GLN Z 250 -19.55 68.97 23.61
N LEU Z 251 -19.01 68.60 24.77
CA LEU Z 251 -19.40 69.32 25.98
C LEU Z 251 -18.90 70.76 25.96
N GLY Z 252 -17.75 71.02 25.35
CA GLY Z 252 -17.29 72.37 25.19
C GLY Z 252 -18.12 73.17 24.22
N VAL Z 253 -18.61 72.53 23.15
CA VAL Z 253 -19.50 73.23 22.23
C VAL Z 253 -20.80 73.60 22.93
N GLN Z 254 -21.34 72.68 23.73
CA GLN Z 254 -22.56 73.01 24.46
C GLN Z 254 -22.33 74.09 25.52
N ALA Z 255 -21.18 74.05 26.19
CA ALA Z 255 -20.88 75.10 27.16
C ALA Z 255 -20.72 76.46 26.48
N LEU Z 256 -20.15 76.47 25.27
CA LEU Z 256 -20.07 77.71 24.51
C LEU Z 256 -21.46 78.19 24.11
N SER Z 257 -22.37 77.27 23.80
CA SER Z 257 -23.74 77.67 23.47
C SER Z 257 -24.43 78.30 24.66
N ILE Z 258 -24.23 77.71 25.86
CA ILE Z 258 -24.83 78.30 27.05
C ILE Z 258 -24.21 79.65 27.37
N ALA Z 259 -22.89 79.77 27.17
CA ALA Z 259 -22.25 81.05 27.44
C ALA Z 259 -22.72 82.13 26.48
N ASN Z 260 -22.98 81.75 25.22
CA ASN Z 260 -23.58 82.68 24.27
C ASN Z 260 -25.01 83.01 24.65
N GLN Z 261 -25.72 82.06 25.26
CA GLN Z 261 -27.09 82.32 25.69
C GLN Z 261 -27.14 83.25 26.89
N THR Z 262 -26.09 83.27 27.72
CA THR Z 262 -26.14 84.08 28.94
C THR Z 262 -26.42 85.55 28.69
N PRO Z 263 -25.80 86.23 27.71
CA PRO Z 263 -26.19 87.63 27.47
C PRO Z 263 -27.65 87.82 27.13
N GLN Z 264 -28.28 86.84 26.49
CA GLN Z 264 -29.58 87.07 25.86
C GLN Z 264 -30.64 87.46 26.90
N THR Z 265 -30.47 86.98 28.15
CA THR Z 265 -31.46 87.23 29.19
C THR Z 265 -31.61 88.72 29.52
N ILE Z 266 -30.56 89.53 29.31
CA ILE Z 266 -30.63 90.94 29.66
C ILE Z 266 -31.62 91.67 28.75
N LEU Z 267 -31.90 91.10 27.58
CA LEU Z 267 -32.78 91.75 26.61
C LEU Z 267 -34.20 91.93 27.15
N SER Z 268 -34.64 91.05 28.04
CA SER Z 268 -36.00 91.07 28.53
C SER Z 268 -36.25 92.17 29.56
N LEU Z 269 -35.21 92.86 30.04
CA LEU Z 269 -35.37 93.85 31.09
C LEU Z 269 -36.02 95.13 30.59
N PHE Z 270 -36.09 95.32 29.27
CA PHE Z 270 -36.66 96.54 28.71
C PHE Z 270 -37.96 96.23 27.97
N LEU AA 1 -45.00 136.13 47.44
CA LEU AA 1 -46.36 135.80 47.87
C LEU AA 1 -47.27 135.59 46.67
N ASN AA 2 -48.55 135.95 46.82
CA ASN AA 2 -49.48 135.91 45.70
C ASN AA 2 -49.07 136.93 44.64
N SER AA 3 -49.25 136.55 43.37
CA SER AA 3 -48.80 137.39 42.26
C SER AA 3 -49.27 136.84 40.91
N ILE AA 4 -50.12 137.60 40.22
CA ILE AA 4 -50.49 137.23 38.86
C ILE AA 4 -49.29 137.36 37.92
N ASN AA 5 -48.34 138.24 38.25
CA ASN AA 5 -47.22 138.49 37.36
C ASN AA 5 -46.25 137.30 37.28
N THR AA 6 -46.06 136.56 38.37
CA THR AA 6 -44.98 135.60 38.45
C THR AA 6 -45.24 134.60 39.57
N ASN AA 7 -44.41 133.54 39.61
CA ASN AA 7 -44.48 132.47 40.59
C ASN AA 7 -43.17 131.67 40.73
N PRO AA 8 -42.42 131.90 41.82
CA PRO AA 8 -41.12 131.21 41.98
C PRO AA 8 -41.21 129.69 41.97
N GLY AA 9 -42.32 129.13 42.46
CA GLY AA 9 -42.45 127.69 42.50
C GLY AA 9 -42.43 127.05 41.12
N ALA AA 10 -42.99 127.72 40.13
CA ALA AA 10 -42.88 127.22 38.76
C ALA AA 10 -41.42 127.21 38.31
N LEU AA 11 -40.63 128.18 38.75
CA LEU AA 11 -39.22 128.19 38.39
C LEU AA 11 -38.50 127.00 39.01
N LEU AA 12 -38.79 126.72 40.28
CA LEU AA 12 -38.21 125.54 40.90
C LEU AA 12 -38.69 124.27 40.22
N ALA AA 13 -39.92 124.26 39.72
CA ALA AA 13 -40.42 123.09 39.01
C ALA AA 13 -39.69 122.88 37.69
N LEU AA 14 -39.43 123.98 36.96
CA LEU AA 14 -38.61 123.86 35.75
C LEU AA 14 -37.21 123.37 36.08
N GLN AA 15 -36.67 123.78 37.23
CA GLN AA 15 -35.33 123.33 37.57
C GLN AA 15 -35.31 121.84 37.92
N ASN AA 16 -36.30 121.37 38.66
CA ASN AA 16 -36.36 119.94 38.97
C ASN AA 16 -36.58 119.11 37.72
N LEU AA 17 -37.48 119.57 36.83
CA LEU AA 17 -37.69 118.86 35.58
C LEU AA 17 -36.47 118.92 34.68
N ASN AA 18 -35.69 120.00 34.77
CA ASN AA 18 -34.47 120.12 33.98
C ASN AA 18 -33.43 119.11 34.44
N SER AA 19 -33.24 119.01 35.76
CA SER AA 19 -32.32 118.01 36.29
C SER AA 19 -32.78 116.61 35.96
N THR AA 20 -34.10 116.38 35.97
CA THR AA 20 -34.61 115.06 35.63
C THR AA 20 -34.36 114.73 34.17
N ASN AA 21 -34.58 115.70 33.28
CA ASN AA 21 -34.33 115.46 31.86
C ASN AA 21 -32.84 115.25 31.59
N THR AA 22 -31.97 115.94 32.33
CA THR AA 22 -30.54 115.74 32.16
C THR AA 22 -30.12 114.35 32.61
N GLU AA 23 -30.59 113.94 33.80
CA GLU AA 23 -30.25 112.61 34.30
C GLU AA 23 -30.80 111.53 33.38
N LEU AA 24 -32.01 111.75 32.83
CA LEU AA 24 -32.60 110.77 31.94
C LEU AA 24 -31.87 110.70 30.60
N ALA AA 25 -31.39 111.83 30.09
CA ALA AA 25 -30.63 111.81 28.85
C ALA AA 25 -29.31 111.09 29.04
N ALA AA 26 -28.64 111.33 30.18
CA ALA AA 26 -27.42 110.59 30.45
C ALA AA 26 -27.69 109.10 30.61
N THR AA 27 -28.81 108.74 31.24
CA THR AA 27 -29.13 107.32 31.39
C THR AA 27 -29.40 106.67 30.04
N GLN AA 28 -30.16 107.36 29.18
CA GLN AA 28 -30.39 106.84 27.83
C GLN AA 28 -29.08 106.72 27.07
N GLY AA 29 -28.11 107.59 27.35
CA GLY AA 29 -26.80 107.40 26.77
C GLY AA 29 -26.12 106.12 27.27
N ARG AA 30 -26.28 105.81 28.56
CA ARG AA 30 -25.76 104.54 29.05
C ARG AA 30 -26.45 103.32 28.41
N ILE AA 31 -27.75 103.39 28.13
CA ILE AA 31 -28.38 102.25 27.45
C ILE AA 31 -27.92 102.16 26.00
N ASN AA 32 -27.92 103.29 25.28
CA ASN AA 32 -27.65 103.21 23.84
C ASN AA 32 -26.18 102.94 23.54
N THR AA 33 -25.25 103.61 24.23
CA THR AA 33 -23.84 103.30 24.03
C THR AA 33 -23.50 101.91 24.55
N GLY AA 34 -24.17 101.45 25.60
CA GLY AA 34 -23.88 100.18 26.21
C GLY AA 34 -22.73 100.20 27.20
N LYS AA 35 -22.11 101.36 27.41
CA LYS AA 35 -21.00 101.49 28.35
C LYS AA 35 -21.35 102.57 29.37
N LYS AA 36 -20.82 102.44 30.59
CA LYS AA 36 -20.90 103.57 31.51
C LYS AA 36 -19.93 104.67 31.15
N VAL AA 37 -18.90 104.37 30.35
CA VAL AA 37 -17.97 105.36 29.83
C VAL AA 37 -17.70 105.05 28.37
N ALA AA 38 -17.85 106.06 27.51
CA ALA AA 38 -17.64 105.89 26.07
C ALA AA 38 -16.89 107.03 25.41
N ASN AA 39 -16.82 108.20 26.02
CA ASN AA 39 -16.08 109.34 25.49
C ASN AA 39 -15.37 110.03 26.65
N ALA AA 40 -14.66 111.11 26.33
CA ALA AA 40 -13.92 111.83 27.37
C ALA AA 40 -14.84 112.45 28.40
N LYS AA 41 -16.07 112.80 28.01
CA LYS AA 41 -16.98 113.46 28.94
C LYS AA 41 -17.41 112.54 30.07
N ASP AA 42 -17.49 111.23 29.82
CA ASP AA 42 -17.90 110.30 30.88
C ASP AA 42 -16.84 110.24 31.98
N ASN AA 43 -15.58 110.01 31.59
CA ASN AA 43 -14.44 110.11 32.48
C ASN AA 43 -13.17 109.97 31.66
N GLY AA 44 -12.26 110.94 31.77
CA GLY AA 44 -11.09 110.95 30.94
C GLY AA 44 -10.12 109.81 31.16
N ALA AA 45 -9.73 109.57 32.42
CA ALA AA 45 -8.69 108.58 32.69
C ALA AA 45 -9.15 107.18 32.32
N ILE AA 46 -10.40 106.83 32.61
CA ILE AA 46 -10.88 105.49 32.35
C ILE AA 46 -10.99 105.25 30.86
N TRP AA 47 -11.62 106.18 30.13
CA TRP AA 47 -11.79 106.00 28.70
C TRP AA 47 -10.44 106.03 27.97
N SER AA 48 -9.49 106.81 28.47
CA SER AA 48 -8.17 106.86 27.83
C SER AA 48 -7.40 105.56 28.06
N MET AA 49 -7.44 105.05 29.30
CA MET AA 49 -6.79 103.77 29.56
C MET AA 49 -7.45 102.66 28.75
N ALA AA 50 -8.76 102.74 28.56
CA ALA AA 50 -9.45 101.74 27.77
C ALA AA 50 -9.06 101.82 26.30
N LYS AA 51 -8.91 103.04 25.78
CA LYS AA 51 -8.51 103.19 24.39
C LYS AA 51 -7.10 102.63 24.17
N MET AA 52 -6.19 102.91 25.12
CA MET AA 52 -4.83 102.42 24.96
C MET AA 52 -4.76 100.90 25.09
N GLN AA 53 -5.47 100.34 26.07
CA GLN AA 53 -5.45 98.89 26.26
C GLN AA 53 -6.10 98.18 25.09
N SER AA 54 -7.18 98.74 24.55
CA SER AA 54 -7.81 98.15 23.37
C SER AA 54 -6.92 98.28 22.15
N ALA AA 55 -6.15 99.35 22.03
CA ALA AA 55 -5.21 99.47 20.93
C ALA AA 55 -4.14 98.39 21.02
N THR AA 56 -3.68 98.10 22.25
CA THR AA 56 -2.72 97.01 22.42
C THR AA 56 -3.34 95.67 22.07
N ALA AA 57 -4.56 95.41 22.54
CA ALA AA 57 -5.20 94.13 22.28
C ALA AA 57 -5.46 93.92 20.80
N SER AA 58 -5.81 94.99 20.09
CA SER AA 58 -5.96 94.91 18.64
C SER AA 58 -4.61 94.73 17.95
N SER AA 59 -3.55 95.31 18.50
CA SER AA 59 -2.23 95.18 17.89
C SER AA 59 -1.68 93.76 18.03
N LEU AA 60 -2.10 93.01 19.05
CA LEU AA 60 -1.65 91.62 19.17
C LEU AA 60 -2.12 90.72 18.02
N ASN AA 61 -3.16 91.11 17.29
CA ASN AA 61 -3.63 90.27 16.19
C ASN AA 61 -2.56 90.15 15.10
N SER AA 62 -1.82 91.24 14.83
CA SER AA 62 -0.73 91.16 13.88
C SER AA 62 0.38 90.24 14.38
N VAL AA 63 0.63 90.23 15.68
CA VAL AA 63 1.61 89.31 16.23
C VAL AA 63 1.15 87.87 16.05
N LYS AA 64 -0.15 87.62 16.19
CA LYS AA 64 -0.67 86.28 15.95
C LYS AA 64 -0.50 85.88 14.50
N ASP AA 65 -0.74 86.80 13.58
CA ASP AA 65 -0.56 86.49 12.16
C ASP AA 65 0.90 86.20 11.84
N SER AA 66 1.82 86.94 12.47
CA SER AA 66 3.24 86.70 12.24
C SER AA 66 3.65 85.34 12.79
N LEU AA 67 3.13 84.98 13.96
CA LEU AA 67 3.44 83.66 14.52
C LEU AA 67 2.88 82.54 13.65
N GLN AA 68 1.71 82.75 13.03
CA GLN AA 68 1.16 81.72 12.15
C GLN AA 68 2.01 81.57 10.89
N ARG AA 69 2.47 82.69 10.33
CA ARG AA 69 3.38 82.61 9.18
C ARG AA 69 4.68 81.92 9.55
N GLY AA 70 5.16 82.14 10.78
CA GLY AA 70 6.37 81.45 11.21
C GLY AA 70 6.14 79.96 11.39
N GLN AA 71 4.96 79.58 11.88
CA GLN AA 71 4.62 78.16 11.96
C GLN AA 71 4.59 77.53 10.58
N SER AA 72 4.09 78.26 9.58
CA SER AA 72 4.08 77.72 8.23
C SER AA 72 5.50 77.51 7.70
N THR AA 73 6.38 78.49 7.95
CA THR AA 73 7.75 78.36 7.46
C THR AA 73 8.49 77.22 8.14
N ILE AA 74 8.35 77.11 9.48
CA ILE AA 74 9.02 76.03 10.17
C ILE AA 74 8.42 74.68 9.77
N ASP AA 75 7.15 74.65 9.40
CA ASP AA 75 6.53 73.41 8.96
C ASP AA 75 7.14 72.96 7.63
N VAL AA 76 7.29 73.88 6.68
CA VAL AA 76 7.87 73.48 5.40
C VAL AA 76 9.33 73.09 5.58
N ALA AA 77 10.04 73.72 6.52
CA ALA AA 77 11.43 73.35 6.77
C ALA AA 77 11.53 71.95 7.37
N LEU AA 78 10.66 71.62 8.32
CA LEU AA 78 10.67 70.27 8.87
C LEU AA 78 10.28 69.24 7.81
N ALA AA 79 9.38 69.61 6.90
CA ALA AA 79 9.03 68.71 5.81
C ALA AA 79 10.23 68.48 4.88
N ALA AA 80 11.08 69.50 4.69
CA ALA AA 80 12.30 69.30 3.93
C ALA AA 80 13.26 68.36 4.66
N GLY AA 81 13.38 68.52 5.97
CA GLY AA 81 14.31 67.71 6.72
C GLY AA 81 13.89 66.25 6.80
N ASP AA 82 12.58 65.99 6.78
CA ASP AA 82 12.08 64.64 6.91
C ASP AA 82 12.58 63.76 5.76
N THR AA 83 12.75 64.33 4.57
CA THR AA 83 13.31 63.58 3.45
C THR AA 83 14.81 63.78 3.29
N ILE AA 84 15.36 64.91 3.77
CA ILE AA 84 16.81 65.09 3.68
C ILE AA 84 17.51 64.04 4.54
N THR AA 85 16.92 63.68 5.68
CA THR AA 85 17.51 62.62 6.49
C THR AA 85 17.47 61.26 5.79
N ASP AA 86 16.37 60.97 5.08
CA ASP AA 86 16.30 59.70 4.36
C ASP AA 86 17.31 59.65 3.21
N LEU AA 87 17.51 60.79 2.54
CA LEU AA 87 18.53 60.83 1.50
C LEU AA 87 19.92 60.63 2.08
N LEU AA 88 20.19 61.24 3.24
CA LEU AA 88 21.48 61.02 3.88
C LEU AA 88 21.65 59.56 4.30
N THR AA 89 20.58 58.91 4.72
CA THR AA 89 20.67 57.50 5.07
C THR AA 89 20.97 56.64 3.85
N LYS AA 90 20.37 56.98 2.71
CA LYS AA 90 20.67 56.21 1.50
C LYS AA 90 22.09 56.45 1.01
N MET AA 91 22.59 57.68 1.12
CA MET AA 91 23.98 57.93 0.79
C MET AA 91 24.92 57.20 1.75
N LYS AA 92 24.54 57.10 3.02
CA LYS AA 92 25.33 56.32 3.96
C LYS AA 92 25.34 54.85 3.58
N GLU AA 93 24.20 54.34 3.13
CA GLU AA 93 24.12 52.96 2.66
C GLU AA 93 25.04 52.73 1.46
N LYS AA 94 24.98 53.61 0.47
CA LYS AA 94 25.80 53.43 -0.73
C LYS AA 94 27.28 53.58 -0.43
N ALA AA 95 27.63 54.56 0.41
CA ALA AA 95 29.03 54.76 0.76
C ALA AA 95 29.60 53.62 1.59
N LEU AA 96 28.77 52.97 2.41
CA LEU AA 96 29.28 51.80 3.13
C LEU AA 96 29.38 50.59 2.21
N ALA AA 97 28.40 50.41 1.32
CA ALA AA 97 28.43 49.27 0.41
C ALA AA 97 29.58 49.35 -0.58
N ALA AA 98 29.99 50.57 -0.97
CA ALA AA 98 30.98 50.71 -2.03
C ALA AA 98 32.40 50.55 -1.51
N SER AA 99 32.59 50.46 -0.20
CA SER AA 99 33.92 50.40 0.38
C SER AA 99 34.58 49.04 0.28
N ASP AA 100 33.84 48.00 -0.10
CA ASP AA 100 34.41 46.66 -0.15
C ASP AA 100 35.52 46.58 -1.18
N THR AA 101 36.65 45.99 -0.79
CA THR AA 101 37.81 45.88 -1.67
C THR AA 101 37.66 44.77 -2.71
N SER AA 102 36.79 43.80 -2.49
CA SER AA 102 36.58 42.71 -3.43
C SER AA 102 35.67 43.08 -4.59
N LEU AA 103 35.03 44.25 -4.53
CA LEU AA 103 34.04 44.62 -5.54
C LEU AA 103 34.68 44.80 -6.91
N ASN AA 104 33.94 44.41 -7.95
CA ASN AA 104 34.35 44.69 -9.31
C ASN AA 104 34.12 46.16 -9.64
N THR AA 105 34.91 46.67 -10.59
CA THR AA 105 34.89 48.10 -10.87
C THR AA 105 33.52 48.58 -11.36
N ALA AA 106 32.76 47.73 -12.05
CA ALA AA 106 31.50 48.17 -12.61
C ALA AA 106 30.46 48.44 -11.53
N SER AA 107 30.35 47.52 -10.57
CA SER AA 107 29.44 47.75 -9.45
C SER AA 107 29.90 48.92 -8.60
N PHE AA 108 31.20 49.16 -8.52
CA PHE AA 108 31.70 50.32 -7.78
C PHE AA 108 31.30 51.61 -8.47
N ASN AA 109 31.41 51.65 -9.80
CA ASN AA 109 30.94 52.83 -10.52
C ASN AA 109 29.43 53.00 -10.41
N ALA AA 110 28.68 51.90 -10.33
CA ALA AA 110 27.24 52.01 -10.18
C ALA AA 110 26.87 52.58 -8.81
N LEU AA 111 27.56 52.11 -7.77
CA LEU AA 111 27.34 52.66 -6.43
C LEU AA 111 27.76 54.12 -6.36
N LYS AA 112 28.81 54.49 -7.09
CA LYS AA 112 29.24 55.88 -7.13
C LYS AA 112 28.20 56.75 -7.84
N ALA AA 113 27.61 56.24 -8.92
CA ALA AA 113 26.57 57.00 -9.60
C ALA AA 113 25.33 57.13 -8.73
N ASP AA 114 25.00 56.10 -7.95
CA ASP AA 114 23.91 56.23 -7.00
C ASP AA 114 24.20 57.29 -5.96
N PHE AA 115 25.46 57.36 -5.52
CA PHE AA 115 25.86 58.39 -4.56
C PHE AA 115 25.73 59.78 -5.17
N GLU AA 116 26.15 59.94 -6.43
CA GLU AA 116 26.02 61.24 -7.09
C GLU AA 116 24.56 61.64 -7.24
N SER AA 117 23.71 60.69 -7.61
CA SER AA 117 22.31 61.00 -7.82
C SER AA 117 21.63 61.39 -6.51
N LEU AA 118 21.91 60.65 -5.43
CA LEU AA 118 21.33 61.02 -4.14
C LEU AA 118 21.89 62.35 -3.64
N ARG AA 119 23.17 62.62 -3.90
CA ARG AA 119 23.75 63.88 -3.47
C ARG AA 119 23.14 65.06 -4.20
N ASP AA 120 22.83 64.90 -5.49
CA ASP AA 120 22.17 65.97 -6.24
C ASP AA 120 20.72 66.13 -5.82
N GLN AA 121 20.03 65.02 -5.56
CA GLN AA 121 18.66 65.11 -5.10
C GLN AA 121 18.57 65.75 -3.73
N LEU AA 122 19.62 65.62 -2.90
CA LEU AA 122 19.64 66.30 -1.62
C LEU AA 122 19.57 67.82 -1.80
N GLN AA 123 20.37 68.36 -2.72
CA GLN AA 123 20.30 69.79 -3.00
C GLN AA 123 18.98 70.18 -3.64
N LYS AA 124 18.46 69.32 -4.51
CA LYS AA 124 17.17 69.63 -5.15
C LYS AA 124 16.05 69.67 -4.13
N ALA AA 125 16.14 68.87 -3.07
CA ALA AA 125 15.14 68.91 -2.02
C ALA AA 125 15.38 70.06 -1.05
N ALA AA 126 16.64 70.43 -0.83
CA ALA AA 126 16.93 71.48 0.14
C ALA AA 126 16.58 72.85 -0.42
N THR AA 127 17.02 73.16 -1.65
CA THR AA 127 16.83 74.50 -2.19
C THR AA 127 15.36 74.82 -2.46
N ASN AA 128 14.57 73.83 -2.86
CA ASN AA 128 13.21 74.08 -3.32
C ASN AA 128 12.20 74.19 -2.18
N ALA AA 129 12.57 73.82 -0.95
CA ALA AA 129 11.65 73.86 0.18
C ALA AA 129 11.77 75.22 0.86
N LYS AA 130 10.88 76.12 0.47
CA LYS AA 130 10.87 77.48 1.00
C LYS AA 130 9.45 78.02 0.95
N PHE AA 131 9.05 78.70 2.02
CA PHE AA 131 7.71 79.24 2.15
C PHE AA 131 7.76 80.75 1.99
N ASN AA 132 6.95 81.27 1.08
CA ASN AA 132 6.81 82.71 0.86
C ASN AA 132 8.17 83.36 0.57
N GLY AA 133 8.96 82.74 -0.30
CA GLY AA 133 10.16 83.39 -0.75
C GLY AA 133 11.31 83.37 0.23
N VAL AA 134 11.23 82.56 1.28
CA VAL AA 134 12.29 82.49 2.29
C VAL AA 134 12.28 81.09 2.86
N SER AA 135 13.45 80.65 3.36
CA SER AA 135 13.60 79.27 3.81
C SER AA 135 14.44 79.24 5.07
N LEU AA 136 14.18 78.23 5.90
CA LEU AA 136 14.99 77.93 7.07
C LEU AA 136 15.93 76.75 6.85
N ALA AA 137 15.96 76.19 5.64
CA ALA AA 137 16.74 74.99 5.35
C ALA AA 137 17.85 75.19 4.33
N ASP AA 138 17.61 75.99 3.28
CA ASP AA 138 18.61 76.19 2.24
C ASP AA 138 19.84 76.95 2.73
N GLY AA 139 19.75 77.66 3.84
CA GLY AA 139 20.90 78.39 4.37
C GLY AA 139 21.17 79.73 3.72
N SER AA 140 20.23 80.26 2.94
CA SER AA 140 20.44 81.55 2.30
C SER AA 140 20.54 82.69 3.32
N THR AA 141 19.98 82.50 4.51
CA THR AA 141 20.01 83.51 5.56
C THR AA 141 20.20 82.84 6.91
N THR AA 142 20.76 83.60 7.85
CA THR AA 142 21.10 83.08 9.17
C THR AA 142 19.90 82.91 10.11
N LYS AA 143 18.86 83.73 9.97
CA LYS AA 143 17.76 83.68 10.93
C LYS AA 143 16.56 84.41 10.36
N LEU AA 144 15.38 84.07 10.92
CA LEU AA 144 14.16 84.82 10.71
C LEU AA 144 13.62 85.26 12.07
N SER AA 145 12.97 86.42 12.09
CA SER AA 145 12.58 87.07 13.36
C SER AA 145 11.12 87.50 13.29
N PHE AA 146 10.23 86.61 13.71
CA PHE AA 146 8.80 86.89 13.73
C PHE AA 146 8.39 87.60 15.02
N LEU AA 147 7.29 88.37 14.92
CA LEU AA 147 6.83 89.21 16.01
C LEU AA 147 6.42 88.35 17.21
N ALA AA 148 6.63 88.92 18.40
CA ALA AA 148 6.27 88.24 19.64
C ALA AA 148 5.51 89.19 20.56
N ASN AA 149 5.79 90.48 20.46
CA ASN AA 149 5.24 91.48 21.35
C ASN AA 149 4.51 92.56 20.56
N GLU AA 150 3.58 93.24 21.24
CA GLU AA 150 3.04 94.50 20.75
C GLU AA 150 4.13 95.56 20.66
N ASP AA 151 5.14 95.48 21.53
CA ASP AA 151 6.32 96.33 21.43
C ASP AA 151 7.08 96.08 20.14
N GLY AA 152 7.00 94.88 19.58
CA GLY AA 152 7.71 94.53 18.37
C GLY AA 152 8.95 93.69 18.57
N SER AA 153 9.25 93.26 19.80
CA SER AA 153 10.36 92.35 20.00
C SER AA 153 10.11 91.05 19.25
N ASN AA 154 11.13 90.60 18.53
CA ASN AA 154 10.99 89.46 17.63
C ASN AA 154 11.24 88.14 18.35
N PHE AA 155 10.56 87.11 17.87
CA PHE AA 155 10.83 85.72 18.25
C PHE AA 155 11.83 85.18 17.24
N THR AA 156 13.11 85.22 17.61
CA THR AA 156 14.16 84.76 16.70
C THR AA 156 14.01 83.27 16.42
N VAL AA 157 14.19 82.91 15.14
CA VAL AA 157 14.20 81.51 14.72
C VAL AA 157 15.45 81.29 13.89
N THR AA 158 16.52 80.79 14.53
CA THR AA 158 17.77 80.60 13.83
C THR AA 158 17.62 79.58 12.71
N ALA AA 159 18.16 79.91 11.55
CA ALA AA 159 18.17 78.96 10.43
C ALA AA 159 19.17 77.85 10.68
N GLN AA 160 18.82 76.65 10.23
CA GLN AA 160 19.69 75.49 10.30
C GLN AA 160 19.86 74.95 8.90
N THR AA 161 21.00 75.25 8.28
CA THR AA 161 21.22 74.91 6.88
C THR AA 161 21.20 73.40 6.68
N LEU AA 162 20.47 72.96 5.66
CA LEU AA 162 20.43 71.55 5.28
C LEU AA 162 20.99 71.30 3.88
N SER AA 163 21.49 72.34 3.20
CA SER AA 163 22.21 72.15 1.96
C SER AA 163 23.58 71.52 2.24
N LEU AA 164 24.16 70.90 1.21
CA LEU AA 164 25.33 70.06 1.43
C LEU AA 164 26.46 70.85 2.09
N THR AA 165 26.57 72.15 1.79
CA THR AA 165 27.55 72.97 2.47
C THR AA 165 27.26 73.14 3.97
N GLY AA 166 25.99 73.15 4.36
CA GLY AA 166 25.64 73.28 5.76
C GLY AA 166 25.73 71.98 6.53
N ILE AA 167 25.72 70.86 5.81
CA ILE AA 167 25.85 69.54 6.43
C ILE AA 167 27.27 69.00 6.32
N GLY AA 168 28.21 69.81 5.85
CA GLY AA 168 29.59 69.39 5.75
C GLY AA 168 30.00 68.72 4.46
N LEU AA 169 29.15 68.74 3.44
CA LEU AA 169 29.46 68.13 2.15
C LEU AA 169 29.58 69.20 1.08
N THR AA 170 29.85 68.76 -0.14
CA THR AA 170 29.95 69.62 -1.31
C THR AA 170 29.36 68.90 -2.52
N ALA AA 171 29.08 69.66 -3.58
CA ALA AA 171 28.63 69.04 -4.82
C ALA AA 171 29.71 68.15 -5.43
N THR AA 172 30.98 68.46 -5.17
CA THR AA 172 32.08 67.66 -5.68
C THR AA 172 32.31 66.40 -4.86
N SER AA 173 31.68 66.29 -3.68
CA SER AA 173 31.98 65.19 -2.78
C SER AA 173 31.62 63.85 -3.41
N THR AA 174 32.52 62.88 -3.27
CA THR AA 174 32.37 61.56 -3.85
C THR AA 174 33.50 60.68 -3.33
N PHE AA 175 33.58 59.47 -3.85
CA PHE AA 175 34.67 58.54 -3.53
C PHE AA 175 35.16 57.88 -4.82
N THR AA 176 36.47 57.86 -5.02
CA THR AA 176 37.06 57.34 -6.24
C THR AA 176 37.62 55.94 -6.12
N ASP AA 177 37.69 55.38 -4.92
CA ASP AA 177 38.18 54.01 -4.75
C ASP AA 177 37.63 53.47 -3.42
N ALA AA 178 38.17 52.34 -2.97
CA ALA AA 178 37.67 51.70 -1.76
C ALA AA 178 38.05 52.49 -0.50
N ALA AA 179 39.30 52.91 -0.40
CA ALA AA 179 39.73 53.62 0.80
C ALA AA 179 39.05 54.98 0.92
N THR AA 180 38.84 55.67 -0.20
CA THR AA 180 38.09 56.92 -0.14
C THR AA 180 36.64 56.69 0.27
N ALA AA 181 36.06 55.56 -0.14
CA ALA AA 181 34.72 55.24 0.32
C ALA AA 181 34.69 54.95 1.82
N LYS AA 182 35.72 54.27 2.32
CA LYS AA 182 35.79 53.99 3.76
C LYS AA 182 35.93 55.27 4.55
N THR AA 183 36.71 56.23 4.03
CA THR AA 183 36.77 57.54 4.67
C THR AA 183 35.44 58.29 4.54
N MET AA 184 34.73 58.09 3.43
CA MET AA 184 33.46 58.77 3.19
C MET AA 184 32.36 58.27 4.11
N ILE AA 185 32.47 57.03 4.59
CA ILE AA 185 31.43 56.49 5.48
C ILE AA 185 31.29 57.38 6.72
N ALA AA 186 32.41 57.67 7.39
CA ALA AA 186 32.35 58.47 8.60
C ALA AA 186 31.92 59.89 8.31
N THR AA 187 32.29 60.42 7.13
CA THR AA 187 31.86 61.77 6.78
C THR AA 187 30.35 61.84 6.59
N ILE AA 188 29.77 60.86 5.90
CA ILE AA 188 28.33 60.83 5.73
C ILE AA 188 27.63 60.61 7.06
N THR AA 189 28.25 59.83 7.95
CA THR AA 189 27.66 59.61 9.27
C THR AA 189 27.62 60.89 10.07
N THR AA 190 28.73 61.64 10.07
CA THR AA 190 28.77 62.90 10.79
C THR AA 190 27.81 63.91 10.18
N SER AA 191 27.65 63.88 8.86
CA SER AA 191 26.70 64.78 8.22
C SER AA 191 25.27 64.46 8.62
N LEU AA 192 24.91 63.18 8.66
CA LEU AA 192 23.57 62.80 9.09
C LEU AA 192 23.34 63.16 10.55
N GLN AA 193 24.39 63.04 11.38
CA GLN AA 193 24.25 63.42 12.78
C GLN AA 193 23.99 64.92 12.91
N THR AA 194 24.76 65.73 12.19
CA THR AA 194 24.57 67.17 12.24
C THR AA 194 23.21 67.57 11.68
N ALA AA 195 22.72 66.87 10.66
CA ALA AA 195 21.40 67.18 10.10
C ALA AA 195 20.30 66.85 11.10
N THR AA 196 20.42 65.71 11.79
CA THR AA 196 19.43 65.36 12.78
C THR AA 196 19.43 66.33 13.95
N ASN AA 197 20.62 66.80 14.36
CA ASN AA 197 20.68 67.80 15.43
C ASN AA 197 20.05 69.12 14.99
N LYS AA 198 20.27 69.52 13.74
CA LYS AA 198 19.68 70.75 13.25
C LYS AA 198 18.16 70.64 13.18
N LEU AA 199 17.65 69.50 12.75
CA LEU AA 199 16.20 69.30 12.71
C LEU AA 199 15.61 69.28 14.11
N SER AA 200 16.35 68.73 15.09
CA SER AA 200 15.84 68.75 16.46
C SER AA 200 15.77 70.17 17.00
N SER AA 201 16.78 70.99 16.68
CA SER AA 201 16.72 72.39 17.08
C SER AA 201 15.57 73.12 16.39
N LEU AA 202 15.30 72.77 15.13
CA LEU AA 202 14.19 73.40 14.43
C LEU AA 202 12.86 73.02 15.07
N GLY AA 203 12.73 71.76 15.51
CA GLY AA 203 11.50 71.35 16.17
C GLY AA 203 11.31 71.99 17.53
N THR AA 204 12.41 72.19 18.27
CA THR AA 204 12.32 72.92 19.52
C THR AA 204 11.88 74.35 19.28
N SER AA 205 12.42 74.99 18.26
CA SER AA 205 11.98 76.35 17.94
C SER AA 205 10.52 76.38 17.54
N SER AA 206 10.04 75.33 16.85
CA SER AA 206 8.65 75.30 16.44
C SER AA 206 7.70 75.13 17.62
N VAL AA 207 8.04 74.24 18.55
CA VAL AA 207 7.16 74.05 19.71
C VAL AA 207 7.16 75.30 20.58
N GLY AA 208 8.29 76.01 20.65
CA GLY AA 208 8.31 77.28 21.36
C GLY AA 208 7.47 78.33 20.66
N LEU AA 209 7.46 78.32 19.33
CA LEU AA 209 6.62 79.25 18.58
C LEU AA 209 5.14 78.98 18.85
N ASP AA 210 4.74 77.71 18.88
CA ASP AA 210 3.34 77.39 19.16
C ASP AA 210 2.95 77.78 20.58
N THR AA 211 3.86 77.56 21.53
CA THR AA 211 3.56 77.95 22.91
C THR AA 211 3.42 79.46 23.04
N HIS AA 212 4.28 80.21 22.37
CA HIS AA 212 4.17 81.67 22.44
C HIS AA 212 2.90 82.16 21.75
N LEU AA 213 2.45 81.47 20.69
CA LEU AA 213 1.20 81.88 20.05
C LEU AA 213 0.02 81.65 20.97
N THR AA 214 0.00 80.51 21.67
CA THR AA 214 -1.07 80.28 22.65
C THR AA 214 -1.02 81.30 23.77
N PHE AA 215 0.19 81.71 24.17
CA PHE AA 215 0.34 82.71 25.21
C PHE AA 215 -0.23 84.05 24.74
N VAL AA 216 0.01 84.39 23.48
CA VAL AA 216 -0.52 85.64 22.93
C VAL AA 216 -2.04 85.60 22.87
N GLY AA 217 -2.61 84.43 22.57
CA GLY AA 217 -4.06 84.34 22.54
C GLY AA 217 -4.68 84.47 23.92
N LYS AA 218 -4.06 83.84 24.92
CA LYS AA 218 -4.55 84.00 26.29
C LYS AA 218 -4.44 85.45 26.75
N LEU AA 219 -3.35 86.12 26.38
CA LEU AA 219 -3.17 87.51 26.78
C LEU AA 219 -4.21 88.41 26.11
N GLN AA 220 -4.55 88.11 24.85
CA GLN AA 220 -5.56 88.91 24.18
C GLN AA 220 -6.93 88.72 24.83
N ASP AA 221 -7.25 87.48 25.22
CA ASP AA 221 -8.52 87.26 25.93
C ASP AA 221 -8.52 87.99 27.27
N SER AA 222 -7.37 88.01 27.95
CA SER AA 222 -7.31 88.68 29.24
C SER AA 222 -7.50 90.18 29.09
N LEU AA 223 -6.87 90.79 28.07
CA LEU AA 223 -7.05 92.21 27.85
C LEU AA 223 -8.48 92.55 27.43
N ASP AA 224 -9.13 91.67 26.68
CA ASP AA 224 -10.52 91.91 26.32
C ASP AA 224 -11.42 91.86 27.55
N ALA AA 225 -11.19 90.87 28.41
CA ALA AA 225 -11.98 90.79 29.64
C ALA AA 225 -11.70 91.99 30.55
N GLY AA 226 -10.47 92.50 30.53
CA GLY AA 226 -10.16 93.65 31.37
C GLY AA 226 -10.83 94.92 30.89
N VAL AA 227 -10.77 95.18 29.57
CA VAL AA 227 -11.43 96.37 29.06
C VAL AA 227 -12.94 96.27 29.25
N GLY AA 228 -13.49 95.06 29.13
CA GLY AA 228 -14.92 94.90 29.35
C GLY AA 228 -15.31 95.10 30.80
N ASN AA 229 -14.47 94.66 31.74
CA ASN AA 229 -14.71 94.94 33.14
C ASN AA 229 -14.60 96.44 33.42
N LEU AA 230 -13.76 97.14 32.65
CA LEU AA 230 -13.46 98.53 32.99
C LEU AA 230 -14.51 99.49 32.43
N VAL AA 231 -15.04 99.23 31.23
CA VAL AA 231 -15.92 100.23 30.61
C VAL AA 231 -17.38 99.84 30.65
N ASP AA 232 -17.70 98.55 30.53
CA ASP AA 232 -19.10 98.16 30.35
C ASP AA 232 -19.91 98.47 31.61
N ALA AA 233 -21.09 99.05 31.39
CA ALA AA 233 -22.03 99.33 32.47
C ALA AA 233 -22.84 98.10 32.84
N ASP AA 234 -23.28 98.06 34.09
CA ASP AA 234 -24.30 97.11 34.52
C ASP AA 234 -25.65 97.76 34.26
N LEU AA 235 -26.16 97.58 33.05
CA LEU AA 235 -27.36 98.31 32.65
C LEU AA 235 -28.64 97.69 33.18
N ALA AA 236 -28.57 96.55 33.86
CA ALA AA 236 -29.72 96.09 34.63
C ALA AA 236 -30.08 97.11 35.71
N LYS AA 237 -29.08 97.77 36.28
CA LYS AA 237 -29.32 98.94 37.11
C LYS AA 237 -29.88 100.11 36.29
N GLU AA 238 -29.46 100.22 35.03
CA GLU AA 238 -29.94 101.30 34.19
C GLU AA 238 -31.43 101.16 33.89
N SER AA 239 -31.94 99.92 33.81
CA SER AA 239 -33.37 99.76 33.59
C SER AA 239 -34.18 100.29 34.76
N ALA AA 240 -33.72 100.01 35.98
CA ALA AA 240 -34.41 100.51 37.17
C ALA AA 240 -34.31 102.03 37.26
N LYS AA 241 -33.11 102.58 37.01
CA LYS AA 241 -32.97 104.04 37.04
C LYS AA 241 -33.80 104.69 35.94
N LEU AA 242 -33.96 104.00 34.81
CA LEU AA 242 -34.71 104.54 33.69
C LEU AA 242 -36.20 104.61 34.01
N GLN AA 243 -36.76 103.52 34.55
CA GLN AA 243 -38.17 103.57 34.93
C GLN AA 243 -38.41 104.54 36.08
N SER AA 244 -37.43 104.68 36.98
CA SER AA 244 -37.59 105.64 38.06
C SER AA 244 -37.67 107.07 37.53
N LEU AA 245 -36.78 107.41 36.59
CA LEU AA 245 -36.85 108.73 35.96
C LEU AA 245 -38.10 108.87 35.10
N GLN AA 246 -38.58 107.78 34.50
CA GLN AA 246 -39.77 107.83 33.66
C GLN AA 246 -41.05 107.90 34.46
N THR AA 247 -40.99 107.72 35.78
CA THR AA 247 -42.10 108.18 36.62
C THR AA 247 -41.86 109.57 37.18
N LYS AA 248 -40.59 109.89 37.49
CA LYS AA 248 -40.27 111.19 38.08
C LYS AA 248 -40.59 112.33 37.14
N GLN AA 249 -40.47 112.11 35.82
CA GLN AA 249 -40.74 113.19 34.88
C GLN AA 249 -42.22 113.54 34.83
N GLN AA 250 -43.12 112.55 34.90
CA GLN AA 250 -44.54 112.86 34.98
C GLN AA 250 -44.91 113.51 36.31
N LEU AA 251 -44.26 113.08 37.40
CA LEU AA 251 -44.52 113.77 38.67
C LEU AA 251 -44.04 115.22 38.62
N GLY AA 252 -42.94 115.48 37.91
CA GLY AA 252 -42.49 116.86 37.75
C GLY AA 252 -43.42 117.67 36.87
N VAL AA 253 -43.99 117.03 35.83
CA VAL AA 253 -44.95 117.70 34.99
C VAL AA 253 -46.19 118.10 35.79
N GLN AA 254 -46.70 117.17 36.61
CA GLN AA 254 -47.85 117.50 37.44
C GLN AA 254 -47.52 118.57 38.47
N ALA AA 255 -46.29 118.56 39.01
CA ALA AA 255 -45.91 119.59 39.96
C ALA AA 255 -45.89 120.97 39.29
N LEU AA 256 -45.37 121.03 38.07
CA LEU AA 256 -45.40 122.28 37.33
C LEU AA 256 -46.82 122.69 36.95
N SER AA 257 -47.70 121.72 36.73
CA SER AA 257 -49.10 122.07 36.44
C SER AA 257 -49.77 122.72 37.65
N ILE AA 258 -49.54 122.18 38.84
CA ILE AA 258 -50.08 122.83 40.04
C ILE AA 258 -49.41 124.18 40.28
N ALA AA 259 -48.11 124.28 40.00
CA ALA AA 259 -47.43 125.57 40.14
C ALA AA 259 -47.98 126.60 39.16
N ASN AA 260 -48.44 126.16 38.00
CA ASN AA 260 -49.04 127.07 37.03
C ASN AA 260 -50.44 127.47 37.47
N GLN AA 261 -51.20 126.51 38.03
CA GLN AA 261 -52.57 126.81 38.43
C GLN AA 261 -52.62 127.68 39.69
N THR AA 262 -51.61 127.62 40.56
CA THR AA 262 -51.69 128.36 41.82
C THR AA 262 -51.86 129.87 41.66
N PRO AA 263 -51.18 130.58 40.75
CA PRO AA 263 -51.47 132.02 40.59
C PRO AA 263 -52.92 132.30 40.22
N GLN AA 264 -53.58 131.39 39.50
CA GLN AA 264 -54.82 131.70 38.80
C GLN AA 264 -55.95 132.13 39.73
N THR AA 265 -55.89 131.76 41.01
CA THR AA 265 -56.97 132.06 41.93
C THR AA 265 -57.20 133.56 42.11
N ILE AA 266 -56.22 134.39 41.76
CA ILE AA 266 -56.34 135.84 41.97
C ILE AA 266 -57.52 136.41 41.18
N LEU AA 267 -57.89 135.79 40.05
CA LEU AA 267 -59.02 136.29 39.28
C LEU AA 267 -60.32 136.22 40.06
N SER AA 268 -60.44 135.29 41.00
CA SER AA 268 -61.62 135.22 41.85
C SER AA 268 -61.70 136.40 42.82
N LEU AA 269 -60.58 137.06 43.10
CA LEU AA 269 -60.57 138.15 44.06
C LEU AA 269 -61.41 139.33 43.57
N PHE AA 270 -61.52 139.51 42.25
CA PHE AA 270 -62.31 140.60 41.70
C PHE AA 270 -63.56 140.08 40.99
N LEU BA 1 7.90 14.11 27.29
CA LEU BA 1 6.87 13.27 26.68
C LEU BA 1 6.30 13.89 25.41
N ASN BA 2 6.19 15.21 25.40
CA ASN BA 2 5.61 15.95 24.28
C ASN BA 2 6.59 17.00 23.78
N SER BA 3 7.88 16.70 23.89
CA SER BA 3 8.95 17.60 23.50
C SER BA 3 9.18 17.48 21.99
N ILE BA 4 8.96 18.57 21.26
CA ILE BA 4 9.21 18.57 19.83
C ILE BA 4 10.71 18.53 19.53
N ASN BA 5 11.53 19.07 20.42
CA ASN BA 5 12.96 19.21 20.14
C ASN BA 5 13.73 17.90 20.20
N THR BA 6 13.18 16.88 20.87
CA THR BA 6 13.82 15.57 20.93
C THR BA 6 12.83 14.58 21.52
N ASN BA 7 13.08 13.29 21.27
CA ASN BA 7 12.32 12.23 21.94
C ASN BA 7 13.26 11.15 22.47
N PRO BA 8 13.07 10.71 23.72
CA PRO BA 8 13.83 9.54 24.21
C PRO BA 8 13.59 8.26 23.43
N GLY BA 9 12.37 8.06 22.90
CA GLY BA 9 12.02 6.74 22.41
C GLY BA 9 12.81 6.32 21.18
N ALA BA 10 12.99 7.24 20.22
CA ALA BA 10 13.74 6.91 19.03
C ALA BA 10 15.21 6.66 19.35
N LEU BA 11 15.77 7.37 20.33
CA LEU BA 11 17.15 7.12 20.73
C LEU BA 11 17.32 5.78 21.45
N LEU BA 12 16.36 5.38 22.30
CA LEU BA 12 16.46 4.03 22.87
C LEU BA 12 16.31 2.96 21.79
N ALA BA 13 15.42 3.17 20.83
CA ALA BA 13 15.29 2.22 19.73
C ALA BA 13 16.56 2.16 18.89
N LEU BA 14 17.21 3.31 18.70
CA LEU BA 14 18.47 3.32 17.95
C LEU BA 14 19.57 2.58 18.68
N GLN BA 15 19.59 2.68 20.02
CA GLN BA 15 20.61 1.93 20.76
C GLN BA 15 20.35 0.44 20.70
N ASN BA 16 19.08 0.03 20.79
CA ASN BA 16 18.78 -1.40 20.62
C ASN BA 16 19.11 -1.87 19.21
N LEU BA 17 18.91 -1.01 18.21
CA LEU BA 17 19.28 -1.37 16.85
C LEU BA 17 20.78 -1.51 16.70
N ASN BA 18 21.55 -0.64 17.36
CA ASN BA 18 23.01 -0.77 17.32
C ASN BA 18 23.45 -2.06 17.99
N SER BA 19 22.77 -2.45 19.06
CA SER BA 19 23.13 -3.69 19.74
C SER BA 19 22.87 -4.91 18.86
N THR BA 20 21.66 -4.97 18.28
CA THR BA 20 21.37 -6.11 17.41
C THR BA 20 22.25 -6.09 16.16
N ASN BA 21 22.63 -4.91 15.67
CA ASN BA 21 23.50 -4.83 14.50
C ASN BA 21 24.89 -5.35 14.83
N THR BA 22 25.45 -4.95 15.98
CA THR BA 22 26.79 -5.43 16.29
C THR BA 22 26.81 -6.92 16.59
N GLU BA 23 25.76 -7.46 17.20
CA GLU BA 23 25.80 -8.90 17.46
C GLU BA 23 25.51 -9.69 16.18
N LEU BA 24 24.73 -9.13 15.26
CA LEU BA 24 24.60 -9.75 13.95
C LEU BA 24 25.91 -9.69 13.16
N ALA BA 25 26.70 -8.63 13.34
CA ALA BA 25 27.99 -8.57 12.67
C ALA BA 25 28.94 -9.61 13.23
N ALA BA 26 28.94 -9.78 14.56
CA ALA BA 26 29.75 -10.85 15.14
C ALA BA 26 29.27 -12.22 14.68
N THR BA 27 27.96 -12.37 14.48
CA THR BA 27 27.44 -13.63 13.94
C THR BA 27 27.93 -13.87 12.52
N GLN BA 28 27.91 -12.82 11.69
CA GLN BA 28 28.34 -12.98 10.30
C GLN BA 28 29.83 -13.31 10.24
N GLY BA 29 30.62 -12.74 11.16
CA GLY BA 29 32.03 -13.10 11.20
C GLY BA 29 32.26 -14.52 11.66
N ARG BA 30 31.45 -14.97 12.62
CA ARG BA 30 31.56 -16.37 13.03
C ARG BA 30 31.09 -17.31 11.92
N ILE BA 31 30.19 -16.84 11.04
CA ILE BA 31 29.76 -17.65 9.91
C ILE BA 31 30.88 -17.76 8.89
N ASN BA 32 31.44 -16.63 8.47
CA ASN BA 32 32.37 -16.69 7.33
C ASN BA 32 33.72 -17.25 7.75
N THR BA 33 34.18 -16.95 8.97
CA THR BA 33 35.44 -17.52 9.42
C THR BA 33 35.35 -19.04 9.62
N GLY BA 34 34.18 -19.54 10.02
CA GLY BA 34 34.07 -20.93 10.40
C GLY BA 34 34.59 -21.22 11.79
N LYS BA 35 34.87 -20.18 12.58
CA LYS BA 35 35.51 -20.31 13.88
C LYS BA 35 34.79 -19.41 14.88
N LYS BA 36 34.65 -19.89 16.11
CA LYS BA 36 34.10 -19.04 17.16
C LYS BA 36 35.17 -18.19 17.84
N VAL BA 37 36.45 -18.44 17.56
CA VAL BA 37 37.54 -17.60 18.05
C VAL BA 37 38.43 -17.27 16.86
N ALA BA 38 37.94 -16.40 15.97
CA ALA BA 38 38.64 -16.04 14.74
C ALA BA 38 39.92 -15.26 14.98
N ASN BA 39 40.01 -14.50 16.06
CA ASN BA 39 41.13 -13.58 16.26
C ASN BA 39 41.27 -13.32 17.76
N ALA BA 40 42.31 -12.57 18.11
CA ALA BA 40 42.57 -12.26 19.51
C ALA BA 40 41.42 -11.49 20.14
N LYS BA 41 40.67 -10.73 19.34
CA LYS BA 41 39.55 -9.97 19.90
C LYS BA 41 38.46 -10.89 20.44
N ASP BA 42 38.28 -12.07 19.86
CA ASP BA 42 37.21 -12.96 20.30
C ASP BA 42 37.52 -13.57 21.66
N ASN BA 43 38.76 -13.99 21.88
CA ASN BA 43 39.18 -14.62 23.13
C ASN BA 43 40.69 -14.82 23.11
N GLY BA 44 41.43 -13.93 23.76
CA GLY BA 44 42.87 -13.93 23.63
C GLY BA 44 43.54 -15.16 24.23
N ALA BA 45 43.02 -15.67 25.34
CA ALA BA 45 43.63 -16.83 25.98
C ALA BA 45 43.56 -18.06 25.08
N ILE BA 46 42.34 -18.41 24.64
CA ILE BA 46 42.17 -19.56 23.76
C ILE BA 46 42.86 -19.32 22.43
N TRP BA 47 42.92 -18.07 21.99
CA TRP BA 47 43.63 -17.76 20.75
C TRP BA 47 45.10 -18.11 20.87
N SER BA 48 45.75 -17.66 21.94
CA SER BA 48 47.17 -17.98 22.12
C SER BA 48 47.38 -19.47 22.33
N MET BA 49 46.48 -20.12 23.09
CA MET BA 49 46.59 -21.55 23.30
C MET BA 49 46.59 -22.27 21.95
N ALA BA 50 45.46 -22.19 21.24
CA ALA BA 50 45.32 -22.92 20.00
C ALA BA 50 46.36 -22.51 18.97
N LYS BA 51 46.83 -21.26 19.02
CA LYS BA 51 47.88 -20.84 18.10
C LYS BA 51 49.16 -21.61 18.36
N MET BA 52 49.59 -21.71 19.63
CA MET BA 52 50.79 -22.49 19.88
C MET BA 52 50.57 -23.99 19.68
N GLN BA 53 49.37 -24.51 19.92
CA GLN BA 53 49.16 -25.93 19.66
C GLN BA 53 49.28 -26.23 18.17
N SER BA 54 48.68 -25.39 17.33
CA SER BA 54 48.82 -25.59 15.90
C SER BA 54 50.26 -25.37 15.44
N ALA BA 55 50.96 -24.39 16.03
CA ALA BA 55 52.33 -24.12 15.63
C ALA BA 55 53.27 -25.27 15.98
N THR BA 56 53.06 -25.90 17.14
CA THR BA 56 53.89 -27.06 17.49
C THR BA 56 53.43 -28.34 16.79
N ALA BA 57 52.16 -28.44 16.41
CA ALA BA 57 51.72 -29.57 15.59
C ALA BA 57 52.29 -29.49 14.17
N SER BA 58 52.49 -28.26 13.66
CA SER BA 58 52.98 -28.11 12.30
C SER BA 58 54.42 -28.60 12.16
N SER BA 59 55.17 -28.61 13.26
CA SER BA 59 56.59 -28.93 13.22
C SER BA 59 56.86 -30.43 13.11
N LEU BA 60 55.83 -31.28 13.28
CA LEU BA 60 56.03 -32.73 13.22
C LEU BA 60 56.44 -33.20 11.83
N ASN BA 61 56.15 -32.43 10.79
CA ASN BA 61 56.54 -32.86 9.44
C ASN BA 61 58.06 -32.95 9.30
N SER BA 62 58.80 -32.08 10.00
CA SER BA 62 60.25 -32.11 9.89
C SER BA 62 60.84 -33.37 10.54
N VAL BA 63 60.35 -33.71 11.73
CA VAL BA 63 60.82 -34.94 12.36
C VAL BA 63 60.36 -36.16 11.56
N LYS BA 64 59.20 -36.09 10.91
CA LYS BA 64 58.79 -37.20 10.06
C LYS BA 64 59.72 -37.36 8.86
N ASP BA 65 60.14 -36.25 8.27
CA ASP BA 65 61.09 -36.34 7.16
C ASP BA 65 62.43 -36.89 7.64
N SER BA 66 62.86 -36.50 8.84
CA SER BA 66 64.09 -37.07 9.38
C SER BA 66 63.95 -38.57 9.64
N LEU BA 67 62.77 -39.01 10.07
CA LEU BA 67 62.58 -40.43 10.34
C LEU BA 67 62.59 -41.24 9.05
N GLN BA 68 61.92 -40.74 8.02
CA GLN BA 68 61.95 -41.43 6.73
C GLN BA 68 63.35 -41.43 6.14
N ARG BA 69 64.10 -40.34 6.33
CA ARG BA 69 65.48 -40.31 5.85
C ARG BA 69 66.34 -41.33 6.59
N GLY BA 70 66.09 -41.53 7.89
CA GLY BA 70 66.87 -42.51 8.62
C GLY BA 70 66.52 -43.94 8.23
N GLN BA 71 65.24 -44.21 7.96
CA GLN BA 71 64.88 -45.54 7.51
C GLN BA 71 65.46 -45.83 6.13
N SER BA 72 65.43 -44.84 5.24
CA SER BA 72 66.07 -45.01 3.94
C SER BA 72 67.57 -45.17 4.06
N THR BA 73 68.19 -44.53 5.05
CA THR BA 73 69.62 -44.72 5.26
C THR BA 73 69.94 -46.13 5.74
N ILE BA 74 69.12 -46.68 6.64
CA ILE BA 74 69.39 -48.04 7.07
C ILE BA 74 69.10 -49.05 5.96
N ASP BA 75 68.23 -48.71 5.00
CA ASP BA 75 67.90 -49.66 3.95
C ASP BA 75 69.12 -50.00 3.09
N VAL BA 76 69.93 -48.99 2.75
CA VAL BA 76 71.08 -49.25 1.89
C VAL BA 76 72.13 -50.07 2.63
N ALA BA 77 72.31 -49.81 3.92
CA ALA BA 77 73.23 -50.62 4.71
C ALA BA 77 72.71 -52.03 4.87
N LEU BA 78 71.38 -52.21 4.90
CA LEU BA 78 70.81 -53.54 4.98
C LEU BA 78 71.07 -54.34 3.71
N ALA BA 79 70.91 -53.70 2.56
CA ALA BA 79 71.23 -54.39 1.31
C ALA BA 79 72.71 -54.71 1.22
N ALA BA 80 73.56 -53.76 1.64
CA ALA BA 80 75.00 -54.01 1.63
C ALA BA 80 75.37 -55.16 2.56
N GLY BA 81 74.69 -55.29 3.69
CA GLY BA 81 74.95 -56.41 4.58
C GLY BA 81 74.43 -57.71 4.02
N ASP BA 82 73.31 -57.68 3.29
CA ASP BA 82 72.84 -58.88 2.60
C ASP BA 82 73.86 -59.36 1.59
N THR BA 83 74.60 -58.43 0.98
CA THR BA 83 75.69 -58.85 0.09
C THR BA 83 76.90 -59.35 0.88
N ILE BA 84 77.28 -58.62 1.94
CA ILE BA 84 78.50 -58.95 2.67
C ILE BA 84 78.41 -60.29 3.36
N THR BA 85 77.22 -60.68 3.84
CA THR BA 85 77.11 -61.99 4.47
C THR BA 85 77.36 -63.11 3.47
N ASP BA 86 76.86 -62.96 2.23
CA ASP BA 86 77.13 -63.96 1.21
C ASP BA 86 78.61 -63.99 0.85
N LEU BA 87 79.23 -62.81 0.77
CA LEU BA 87 80.66 -62.78 0.46
C LEU BA 87 81.48 -63.43 1.57
N LEU BA 88 81.08 -63.22 2.83
CA LEU BA 88 81.78 -63.87 3.93
C LEU BA 88 81.57 -65.37 3.93
N THR BA 89 80.38 -65.83 3.54
CA THR BA 89 80.14 -67.27 3.48
C THR BA 89 80.97 -67.92 2.38
N LYS BA 90 81.08 -67.25 1.22
CA LYS BA 90 81.92 -67.79 0.16
C LYS BA 90 83.39 -67.75 0.54
N MET BA 91 83.81 -66.69 1.23
CA MET BA 91 85.20 -66.60 1.67
C MET BA 91 85.49 -67.70 2.70
N LYS BA 92 84.51 -68.02 3.53
CA LYS BA 92 84.66 -69.08 4.52
C LYS BA 92 84.79 -70.44 3.85
N GLU BA 93 83.93 -70.72 2.86
CA GLU BA 93 84.04 -72.01 2.19
C GLU BA 93 85.33 -72.12 1.39
N LYS BA 94 85.83 -71.01 0.85
CA LYS BA 94 87.12 -71.04 0.18
C LYS BA 94 88.24 -71.39 1.14
N ALA BA 95 88.29 -70.72 2.30
CA ALA BA 95 89.35 -71.03 3.26
C ALA BA 95 89.22 -72.45 3.81
N LEU BA 96 87.98 -72.93 3.99
CA LEU BA 96 87.79 -74.28 4.51
C LEU BA 96 88.22 -75.32 3.50
N ALA BA 97 87.92 -75.10 2.22
CA ALA BA 97 88.39 -76.01 1.18
C ALA BA 97 89.91 -75.92 1.03
N ALA BA 98 90.49 -74.75 1.28
CA ALA BA 98 91.93 -74.57 1.16
C ALA BA 98 92.70 -75.12 2.34
N SER BA 99 92.03 -75.41 3.47
CA SER BA 99 92.73 -75.92 4.63
C SER BA 99 93.35 -77.30 4.40
N ASP BA 100 92.83 -78.08 3.46
CA ASP BA 100 93.32 -79.44 3.27
C ASP BA 100 94.77 -79.45 2.81
N THR BA 101 95.55 -80.39 3.34
CA THR BA 101 96.93 -80.59 2.93
C THR BA 101 97.09 -81.42 1.66
N SER BA 102 96.06 -82.19 1.28
CA SER BA 102 96.16 -83.10 0.14
C SER BA 102 96.26 -82.39 -1.20
N LEU BA 103 95.80 -81.14 -1.28
CA LEU BA 103 95.74 -80.45 -2.56
C LEU BA 103 97.13 -80.14 -3.10
N ASN BA 104 97.25 -80.17 -4.43
CA ASN BA 104 98.45 -79.72 -5.09
C ASN BA 104 98.57 -78.20 -5.02
N THR BA 105 99.80 -77.70 -5.13
CA THR BA 105 100.07 -76.28 -4.91
C THR BA 105 99.30 -75.38 -5.89
N ALA BA 106 99.01 -75.89 -7.08
CA ALA BA 106 98.29 -75.07 -8.06
C ALA BA 106 96.87 -74.75 -7.57
N SER BA 107 96.14 -75.77 -7.11
CA SER BA 107 94.81 -75.52 -6.56
C SER BA 107 94.89 -74.69 -5.29
N PHE BA 108 95.97 -74.83 -4.53
CA PHE BA 108 96.16 -74.02 -3.34
C PHE BA 108 96.26 -72.54 -3.70
N ASN BA 109 97.08 -72.21 -4.69
CA ASN BA 109 97.19 -70.83 -5.15
C ASN BA 109 95.90 -70.34 -5.77
N ALA BA 110 95.15 -71.23 -6.44
CA ALA BA 110 93.88 -70.82 -7.01
C ALA BA 110 92.87 -70.44 -5.93
N LEU BA 111 92.77 -71.26 -4.89
CA LEU BA 111 91.87 -70.93 -3.79
C LEU BA 111 92.33 -69.67 -3.05
N LYS BA 112 93.64 -69.46 -2.93
CA LYS BA 112 94.13 -68.24 -2.32
C LYS BA 112 93.77 -67.02 -3.16
N ALA BA 113 93.81 -67.16 -4.49
CA ALA BA 113 93.43 -66.05 -5.36
C ALA BA 113 91.94 -65.74 -5.25
N ASP BA 114 91.11 -66.78 -5.22
CA ASP BA 114 89.67 -66.56 -5.02
C ASP BA 114 89.39 -65.93 -3.66
N PHE BA 115 90.18 -66.31 -2.66
CA PHE BA 115 90.05 -65.76 -1.31
C PHE BA 115 90.36 -64.27 -1.31
N GLU BA 116 91.47 -63.89 -1.95
CA GLU BA 116 91.83 -62.48 -2.06
C GLU BA 116 90.80 -61.69 -2.86
N SER BA 117 90.28 -62.29 -3.93
CA SER BA 117 89.33 -61.57 -4.79
C SER BA 117 88.02 -61.32 -4.05
N LEU BA 118 87.53 -62.33 -3.32
CA LEU BA 118 86.33 -62.14 -2.52
C LEU BA 118 86.57 -61.12 -1.41
N ARG BA 119 87.78 -61.08 -0.85
CA ARG BA 119 88.05 -60.11 0.20
C ARG BA 119 88.00 -58.68 -0.35
N ASP BA 120 88.68 -58.44 -1.47
CA ASP BA 120 88.65 -57.11 -2.05
C ASP BA 120 87.25 -56.71 -2.54
N GLN BA 121 86.48 -57.66 -3.06
CA GLN BA 121 85.10 -57.34 -3.44
C GLN BA 121 84.26 -57.02 -2.22
N LEU BA 122 84.52 -57.69 -1.09
CA LEU BA 122 83.79 -57.36 0.14
C LEU BA 122 84.17 -55.98 0.62
N GLN BA 123 85.44 -55.59 0.42
CA GLN BA 123 85.87 -54.25 0.80
C GLN BA 123 85.14 -53.20 -0.05
N LYS BA 124 85.02 -53.46 -1.35
CA LYS BA 124 84.31 -52.54 -2.23
C LYS BA 124 82.83 -52.44 -1.83
N ALA BA 125 82.21 -53.59 -1.55
CA ALA BA 125 80.79 -53.59 -1.19
C ALA BA 125 80.54 -52.90 0.14
N ALA BA 126 81.50 -53.00 1.07
CA ALA BA 126 81.35 -52.31 2.35
C ALA BA 126 81.52 -50.81 2.17
N THR BA 127 82.46 -50.39 1.33
CA THR BA 127 82.67 -48.97 1.10
C THR BA 127 81.53 -48.31 0.33
N ASN BA 128 80.82 -49.06 -0.52
CA ASN BA 128 79.85 -48.45 -1.42
C ASN BA 128 78.56 -48.01 -0.75
N ALA BA 129 78.26 -48.47 0.47
CA ALA BA 129 76.96 -48.22 1.09
C ALA BA 129 76.94 -46.83 1.72
N LYS BA 130 76.08 -45.96 1.20
CA LYS BA 130 75.79 -44.67 1.81
C LYS BA 130 74.56 -44.07 1.14
N PHE BA 131 73.99 -43.05 1.78
CA PHE BA 131 72.80 -42.38 1.26
C PHE BA 131 72.89 -40.89 1.59
N ASN BA 132 72.90 -40.07 0.53
CA ASN BA 132 73.14 -38.62 0.62
C ASN BA 132 74.45 -38.29 1.33
N GLY BA 133 75.50 -39.07 1.08
CA GLY BA 133 76.81 -38.76 1.62
C GLY BA 133 77.06 -39.20 3.04
N VAL BA 134 76.08 -39.82 3.69
CA VAL BA 134 76.24 -40.36 5.04
C VAL BA 134 75.90 -41.85 4.99
N SER BA 135 76.49 -42.59 5.93
CA SER BA 135 76.43 -44.04 5.88
C SER BA 135 76.39 -44.63 7.27
N LEU BA 136 76.05 -45.92 7.33
CA LEU BA 136 76.04 -46.71 8.55
C LEU BA 136 76.79 -48.02 8.35
N ALA BA 137 77.85 -48.00 7.53
CA ALA BA 137 78.55 -49.24 7.20
C ALA BA 137 80.06 -49.09 7.02
N ASP BA 138 80.55 -48.05 6.35
CA ASP BA 138 81.97 -47.93 6.03
C ASP BA 138 82.80 -47.42 7.21
N GLY BA 139 82.17 -47.10 8.34
CA GLY BA 139 82.89 -46.52 9.45
C GLY BA 139 83.14 -45.04 9.34
N SER BA 140 82.29 -44.33 8.60
CA SER BA 140 82.47 -42.89 8.42
C SER BA 140 82.35 -42.12 9.72
N THR BA 141 81.54 -42.61 10.66
CA THR BA 141 81.32 -41.93 11.93
C THR BA 141 80.85 -42.95 12.95
N THR BA 142 80.88 -42.55 14.23
CA THR BA 142 80.44 -43.42 15.33
C THR BA 142 78.94 -43.57 15.44
N LYS BA 143 78.16 -42.55 15.09
CA LYS BA 143 76.71 -42.61 15.28
C LYS BA 143 76.04 -41.51 14.49
N LEU BA 144 74.72 -41.61 14.38
CA LEU BA 144 73.85 -40.62 13.75
C LEU BA 144 72.89 -40.06 14.79
N SER BA 145 72.04 -39.11 14.37
CA SER BA 145 71.11 -38.49 15.30
C SER BA 145 69.86 -37.98 14.61
N PHE BA 146 68.99 -38.88 14.18
CA PHE BA 146 67.71 -38.50 13.58
C PHE BA 146 66.73 -38.02 14.64
N LEU BA 147 65.85 -37.11 14.25
CA LEU BA 147 64.94 -36.46 15.18
C LEU BA 147 63.89 -37.43 15.70
N ALA BA 148 63.36 -37.12 16.87
CA ALA BA 148 62.31 -37.95 17.45
C ALA BA 148 61.19 -37.15 18.11
N ASN BA 149 61.28 -35.82 18.19
CA ASN BA 149 60.27 -35.05 18.92
C ASN BA 149 60.38 -33.61 18.44
N GLU BA 150 59.31 -32.83 18.65
CA GLU BA 150 59.32 -31.45 18.21
C GLU BA 150 60.21 -30.57 19.09
N ASP BA 151 60.68 -31.07 20.23
CA ASP BA 151 61.64 -30.33 21.02
C ASP BA 151 63.05 -30.40 20.46
N GLY BA 152 63.28 -31.24 19.45
CA GLY BA 152 64.60 -31.45 18.89
C GLY BA 152 65.39 -32.61 19.48
N SER BA 153 64.80 -33.37 20.40
CA SER BA 153 65.50 -34.54 20.92
C SER BA 153 65.73 -35.55 19.81
N ASN BA 154 66.91 -36.17 19.83
CA ASN BA 154 67.35 -37.02 18.74
C ASN BA 154 67.08 -38.49 19.04
N PHE BA 155 66.71 -39.23 18.01
CA PHE BA 155 66.69 -40.69 18.05
C PHE BA 155 68.02 -41.18 17.52
N THR BA 156 68.97 -41.43 18.42
CA THR BA 156 70.29 -41.87 18.01
C THR BA 156 70.20 -43.22 17.32
N VAL BA 157 70.93 -43.36 16.21
CA VAL BA 157 71.05 -44.61 15.48
C VAL BA 157 72.53 -44.93 15.38
N THR BA 158 72.96 -45.94 16.13
CA THR BA 158 74.38 -46.25 16.20
C THR BA 158 74.91 -46.71 14.85
N ALA BA 159 76.09 -46.21 14.49
CA ALA BA 159 76.75 -46.67 13.29
C ALA BA 159 77.32 -48.07 13.48
N GLN BA 160 77.25 -48.87 12.42
CA GLN BA 160 77.76 -50.23 12.40
C GLN BA 160 78.85 -50.31 11.34
N THR BA 161 80.10 -50.47 11.76
CA THR BA 161 81.23 -50.48 10.83
C THR BA 161 81.33 -51.84 10.14
N LEU BA 162 80.92 -51.91 8.88
CA LEU BA 162 80.94 -53.15 8.11
C LEU BA 162 82.18 -53.29 7.24
N SER BA 163 83.16 -52.42 7.40
CA SER BA 163 84.40 -52.53 6.64
C SER BA 163 85.28 -53.65 7.22
N LEU BA 164 86.35 -53.98 6.50
CA LEU BA 164 87.22 -55.07 6.94
C LEU BA 164 87.82 -54.77 8.31
N THR BA 165 88.19 -53.50 8.55
CA THR BA 165 88.67 -53.11 9.88
C THR BA 165 87.57 -53.18 10.92
N GLY BA 166 86.32 -52.95 10.53
CA GLY BA 166 85.21 -53.06 11.45
C GLY BA 166 84.75 -54.47 11.72
N ILE BA 167 85.17 -55.43 10.90
CA ILE BA 167 84.84 -56.83 11.10
C ILE BA 167 86.08 -57.63 11.51
N GLY BA 168 87.16 -56.94 11.88
CA GLY BA 168 88.35 -57.56 12.40
C GLY BA 168 89.35 -58.05 11.36
N LEU BA 169 89.10 -57.82 10.08
CA LEU BA 169 89.99 -58.27 9.01
C LEU BA 169 90.86 -57.12 8.53
N THR BA 170 91.88 -57.46 7.73
CA THR BA 170 92.82 -56.48 7.21
C THR BA 170 93.20 -56.84 5.77
N ALA BA 171 93.73 -55.84 5.06
CA ALA BA 171 94.13 -56.04 3.67
C ALA BA 171 95.25 -57.06 3.54
N THR BA 172 96.15 -57.13 4.51
CA THR BA 172 97.22 -58.12 4.49
C THR BA 172 96.71 -59.54 4.68
N SER BA 173 95.57 -59.71 5.34
CA SER BA 173 95.09 -61.04 5.75
C SER BA 173 94.86 -61.94 4.55
N THR BA 174 95.55 -63.08 4.52
CA THR BA 174 95.46 -64.08 3.47
C THR BA 174 96.30 -65.28 3.88
N PHE BA 175 95.68 -66.46 3.87
CA PHE BA 175 96.41 -67.66 4.26
C PHE BA 175 97.55 -67.96 3.29
N THR BA 176 98.71 -68.28 3.86
CA THR BA 176 99.90 -68.64 3.09
C THR BA 176 100.16 -70.14 3.07
N ASP BA 177 99.57 -70.88 4.01
CA ASP BA 177 99.77 -72.31 4.10
C ASP BA 177 98.57 -72.93 4.80
N ALA BA 178 98.54 -74.27 4.84
CA ALA BA 178 97.38 -74.97 5.37
C ALA BA 178 97.14 -74.64 6.83
N ALA BA 179 98.20 -74.35 7.59
CA ALA BA 179 98.02 -73.97 8.99
C ALA BA 179 97.30 -72.62 9.10
N THR BA 180 97.76 -71.63 8.35
CA THR BA 180 97.08 -70.35 8.34
C THR BA 180 95.69 -70.47 7.74
N ALA BA 181 95.51 -71.38 6.78
CA ALA BA 181 94.19 -71.63 6.23
C ALA BA 181 93.23 -72.18 7.28
N LYS BA 182 93.76 -72.98 8.20
CA LYS BA 182 92.91 -73.47 9.28
C LYS BA 182 92.62 -72.39 10.31
N THR BA 183 93.62 -71.56 10.63
CA THR BA 183 93.39 -70.48 11.58
C THR BA 183 92.41 -69.44 11.06
N MET BA 184 92.36 -69.26 9.73
CA MET BA 184 91.53 -68.20 9.15
C MET BA 184 90.04 -68.52 9.23
N ILE BA 185 89.68 -69.80 9.39
CA ILE BA 185 88.27 -70.20 9.35
C ILE BA 185 87.51 -69.61 10.54
N ALA BA 186 88.10 -69.71 11.73
CA ALA BA 186 87.45 -69.14 12.90
C ALA BA 186 87.33 -67.63 12.80
N THR BA 187 88.34 -66.99 12.19
CA THR BA 187 88.28 -65.54 12.01
C THR BA 187 87.12 -65.16 11.11
N ILE BA 188 86.98 -65.85 9.97
CA ILE BA 188 85.87 -65.56 9.06
C ILE BA 188 84.53 -65.88 9.72
N THR BA 189 84.48 -66.91 10.55
CA THR BA 189 83.22 -67.29 11.20
C THR BA 189 82.78 -66.22 12.19
N THR BA 190 83.69 -65.77 13.05
CA THR BA 190 83.36 -64.69 13.97
C THR BA 190 83.02 -63.41 13.22
N SER BA 191 83.66 -63.19 12.07
CA SER BA 191 83.34 -62.01 11.27
C SER BA 191 81.89 -62.06 10.76
N LEU BA 192 81.49 -63.22 10.21
CA LEU BA 192 80.11 -63.35 9.74
C LEU BA 192 79.13 -63.22 10.91
N GLN BA 193 79.51 -63.71 12.08
CA GLN BA 193 78.61 -63.67 13.23
C GLN BA 193 78.40 -62.23 13.70
N THR BA 194 79.48 -61.47 13.89
CA THR BA 194 79.31 -60.09 14.31
C THR BA 194 78.60 -59.27 13.25
N ALA BA 195 78.83 -59.57 11.96
CA ALA BA 195 78.12 -58.84 10.91
C ALA BA 195 76.62 -59.11 10.96
N THR BA 196 76.25 -60.38 11.22
CA THR BA 196 74.83 -60.70 11.31
C THR BA 196 74.18 -60.03 12.51
N ASN BA 197 74.90 -59.96 13.62
CA ASN BA 197 74.34 -59.28 14.80
C ASN BA 197 74.16 -57.79 14.53
N LYS BA 198 75.12 -57.18 13.82
CA LYS BA 198 75.02 -55.76 13.51
C LYS BA 198 73.84 -55.49 12.58
N LEU BA 199 73.61 -56.39 11.62
CA LEU BA 199 72.46 -56.25 10.73
C LEU BA 199 71.14 -56.39 11.48
N SER BA 200 71.10 -57.32 12.45
CA SER BA 200 69.87 -57.48 13.23
C SER BA 200 69.59 -56.25 14.08
N SER BA 201 70.63 -55.64 14.64
CA SER BA 201 70.43 -54.41 15.40
C SER BA 201 69.93 -53.28 14.49
N LEU BA 202 70.46 -53.21 13.26
CA LEU BA 202 70.01 -52.19 12.34
C LEU BA 202 68.54 -52.40 11.96
N GLY BA 203 68.12 -53.65 11.81
CA GLY BA 203 66.73 -53.91 11.47
C GLY BA 203 65.79 -53.58 12.60
N THR BA 204 66.22 -53.84 13.84
CA THR BA 204 65.40 -53.44 14.98
C THR BA 204 65.30 -51.92 15.06
N SER BA 205 66.39 -51.21 14.76
CA SER BA 205 66.33 -49.76 14.77
C SER BA 205 65.40 -49.22 13.68
N SER BA 206 65.36 -49.88 12.53
CA SER BA 206 64.44 -49.45 11.48
C SER BA 206 62.98 -49.68 11.89
N VAL BA 207 62.71 -50.81 12.57
CA VAL BA 207 61.35 -51.04 13.05
C VAL BA 207 60.97 -49.99 14.10
N GLY BA 208 61.93 -49.58 14.93
CA GLY BA 208 61.64 -48.55 15.90
C GLY BA 208 61.36 -47.21 15.26
N LEU BA 209 62.09 -46.89 14.18
CA LEU BA 209 61.79 -45.68 13.44
C LEU BA 209 60.39 -45.70 12.86
N ASP BA 210 59.98 -46.85 12.30
CA ASP BA 210 58.64 -46.92 11.72
C ASP BA 210 57.58 -46.75 12.80
N THR BA 211 57.80 -47.33 13.98
CA THR BA 211 56.82 -47.19 15.06
C THR BA 211 56.73 -45.75 15.54
N HIS BA 212 57.87 -45.08 15.72
CA HIS BA 212 57.83 -43.69 16.16
C HIS BA 212 57.22 -42.79 15.10
N LEU BA 213 57.39 -43.12 13.82
CA LEU BA 213 56.77 -42.32 12.77
C LEU BA 213 55.25 -42.48 12.80
N THR BA 214 54.77 -43.70 13.05
CA THR BA 214 53.33 -43.87 13.22
C THR BA 214 52.81 -43.12 14.45
N PHE BA 215 53.63 -43.06 15.51
CA PHE BA 215 53.20 -42.36 16.71
C PHE BA 215 53.07 -40.86 16.47
N VAL BA 216 54.08 -40.26 15.82
CA VAL BA 216 53.98 -38.84 15.53
C VAL BA 216 52.86 -38.55 14.53
N GLY BA 217 52.57 -39.50 13.63
CA GLY BA 217 51.46 -39.31 12.72
C GLY BA 217 50.12 -39.30 13.45
N LYS BA 218 49.98 -40.14 14.48
CA LYS BA 218 48.78 -40.08 15.31
C LYS BA 218 48.74 -38.78 16.11
N LEU BA 219 49.88 -38.35 16.62
CA LEU BA 219 49.90 -37.17 17.49
C LEU BA 219 49.55 -35.90 16.74
N GLN BA 220 49.89 -35.83 15.45
CA GLN BA 220 49.50 -34.65 14.67
C GLN BA 220 47.99 -34.54 14.57
N ASP BA 221 47.32 -35.63 14.23
CA ASP BA 221 45.86 -35.62 14.16
C ASP BA 221 45.25 -35.36 15.53
N SER BA 222 45.89 -35.82 16.60
CA SER BA 222 45.37 -35.56 17.94
C SER BA 222 45.39 -34.07 18.25
N LEU BA 223 46.52 -33.41 17.99
CA LEU BA 223 46.59 -31.97 18.24
C LEU BA 223 45.70 -31.18 17.30
N ASP BA 224 45.49 -31.65 16.07
CA ASP BA 224 44.59 -30.94 15.17
C ASP BA 224 43.14 -31.09 15.62
N ALA BA 225 42.75 -32.27 16.09
CA ALA BA 225 41.43 -32.42 16.68
C ALA BA 225 41.28 -31.55 17.92
N GLY BA 226 42.35 -31.37 18.67
CA GLY BA 226 42.27 -30.52 19.84
C GLY BA 226 42.06 -29.06 19.48
N VAL BA 227 42.83 -28.56 18.52
CA VAL BA 227 42.66 -27.16 18.13
C VAL BA 227 41.28 -26.95 17.51
N GLY BA 228 40.74 -27.97 16.84
CA GLY BA 228 39.39 -27.87 16.34
C GLY BA 228 38.36 -27.85 17.45
N ASN BA 229 38.58 -28.64 18.51
CA ASN BA 229 37.68 -28.58 19.65
C ASN BA 229 37.72 -27.23 20.35
N LEU BA 230 38.87 -26.56 20.30
CA LEU BA 230 38.94 -25.21 20.85
C LEU BA 230 38.27 -24.19 19.93
N VAL BA 231 38.95 -23.80 18.85
CA VAL BA 231 38.57 -22.56 18.15
C VAL BA 231 37.35 -22.68 17.24
N ASP BA 232 36.91 -23.89 16.89
CA ASP BA 232 35.85 -24.00 15.89
C ASP BA 232 34.49 -23.62 16.48
N ALA BA 233 33.63 -23.08 15.61
CA ALA BA 233 32.27 -22.69 15.95
C ALA BA 233 31.28 -23.80 15.57
N ASP BA 234 30.10 -23.72 16.18
CA ASP BA 234 28.98 -24.63 15.88
C ASP BA 234 28.03 -23.88 14.95
N LEU BA 235 28.24 -24.05 13.64
CA LEU BA 235 27.47 -23.29 12.66
C LEU BA 235 25.98 -23.63 12.68
N ALA BA 236 25.64 -24.89 12.97
CA ALA BA 236 24.23 -25.29 12.94
C ALA BA 236 23.44 -24.57 14.03
N LYS BA 237 24.05 -24.32 15.19
CA LYS BA 237 23.43 -23.47 16.18
C LYS BA 237 23.35 -22.03 15.70
N GLU BA 238 24.31 -21.62 14.87
CA GLU BA 238 24.40 -20.22 14.44
C GLU BA 238 23.39 -19.89 13.35
N SER BA 239 22.84 -20.88 12.65
CA SER BA 239 21.85 -20.57 11.63
C SER BA 239 20.59 -19.95 12.24
N ALA BA 240 20.11 -20.54 13.34
CA ALA BA 240 18.96 -19.99 14.04
C ALA BA 240 19.27 -18.61 14.62
N LYS BA 241 20.50 -18.42 15.10
CA LYS BA 241 20.89 -17.12 15.62
C LYS BA 241 20.87 -16.06 14.52
N LEU BA 242 21.36 -16.43 13.33
CA LEU BA 242 21.38 -15.50 12.22
C LEU BA 242 19.98 -15.15 11.77
N GLN BA 243 19.07 -16.13 11.71
CA GLN BA 243 17.71 -15.82 11.28
C GLN BA 243 16.96 -15.00 12.32
N SER BA 244 17.14 -15.32 13.61
CA SER BA 244 16.49 -14.53 14.65
C SER BA 244 17.02 -13.11 14.68
N LEU BA 245 18.32 -12.93 14.41
CA LEU BA 245 18.88 -11.60 14.34
C LEU BA 245 18.40 -10.83 13.13
N GLN BA 246 18.21 -11.51 12.00
CA GLN BA 246 17.65 -10.84 10.83
C GLN BA 246 16.20 -10.43 11.07
N THR BA 247 15.47 -11.18 11.91
CA THR BA 247 14.14 -10.73 12.30
C THR BA 247 14.21 -9.54 13.26
N LYS BA 248 15.12 -9.60 14.23
CA LYS BA 248 15.24 -8.52 15.20
C LYS BA 248 15.68 -7.22 14.54
N GLN BA 249 16.42 -7.31 13.43
CA GLN BA 249 16.80 -6.11 12.69
C GLN BA 249 15.58 -5.37 12.17
N GLN BA 250 14.67 -6.11 11.51
CA GLN BA 250 13.45 -5.47 11.01
C GLN BA 250 12.58 -4.98 12.15
N LEU BA 251 12.52 -5.72 13.26
CA LEU BA 251 11.72 -5.24 14.39
C LEU BA 251 12.29 -3.96 14.97
N GLY BA 252 13.62 -3.84 15.02
CA GLY BA 252 14.22 -2.61 15.51
C GLY BA 252 14.00 -1.45 14.56
N VAL BA 253 14.05 -1.71 13.26
CA VAL BA 253 13.81 -0.65 12.29
C VAL BA 253 12.39 -0.13 12.41
N GLN BA 254 11.41 -1.03 12.49
CA GLN BA 254 10.03 -0.58 12.63
C GLN BA 254 9.79 0.11 13.97
N ALA BA 255 10.44 -0.37 15.04
CA ALA BA 255 10.29 0.33 16.31
C ALA BA 255 10.85 1.73 16.25
N LEU BA 256 11.96 1.92 15.52
CA LEU BA 256 12.47 3.26 15.29
C LEU BA 256 11.49 4.08 14.46
N SER BA 257 10.78 3.44 13.54
CA SER BA 257 9.85 4.17 12.70
C SER BA 257 8.67 4.71 13.50
N ILE BA 258 8.04 3.87 14.33
CA ILE BA 258 6.97 4.39 15.17
C ILE BA 258 7.50 5.36 16.22
N ALA BA 259 8.72 5.14 16.73
CA ALA BA 259 9.28 6.10 17.68
C ALA BA 259 9.53 7.45 17.03
N ASN BA 260 9.78 7.46 15.72
CA ASN BA 260 9.95 8.72 15.00
C ASN BA 260 8.61 9.36 14.68
N GLN BA 261 7.62 8.55 14.32
CA GLN BA 261 6.31 9.09 13.96
C GLN BA 261 5.57 9.62 15.18
N THR BA 262 5.90 9.12 16.38
CA THR BA 262 5.18 9.56 17.58
C THR BA 262 5.23 11.07 17.80
N PRO BA 263 6.38 11.76 17.66
CA PRO BA 263 6.36 13.23 17.83
C PRO BA 263 5.42 13.96 16.89
N GLN BA 264 5.20 13.47 15.67
CA GLN BA 264 4.39 14.22 14.71
C GLN BA 264 2.97 14.42 15.20
N THR BA 265 2.51 13.58 16.14
CA THR BA 265 1.14 13.65 16.61
C THR BA 265 0.80 14.99 17.24
N ILE BA 266 1.80 15.71 17.77
CA ILE BA 266 1.56 17.01 18.39
C ILE BA 266 1.06 18.02 17.37
N LEU BA 267 1.31 17.77 16.09
CA LEU BA 267 0.98 18.74 15.04
C LEU BA 267 -0.50 19.05 14.98
N SER BA 268 -1.37 18.09 15.31
CA SER BA 268 -2.81 18.30 15.19
C SER BA 268 -3.32 19.34 16.18
N LEU BA 269 -2.62 19.57 17.28
CA LEU BA 269 -3.07 20.50 18.31
C LEU BA 269 -3.11 21.95 17.80
N PHE BA 270 -2.32 22.26 16.78
CA PHE BA 270 -2.24 23.62 16.26
C PHE BA 270 -2.74 23.69 14.82
N LEU CA 1 -15.98 58.80 38.86
CA LEU CA 1 -16.99 58.01 38.17
C LEU CA 1 -17.39 58.64 36.84
N ASN CA 2 -18.40 59.49 36.87
CA ASN CA 2 -18.92 60.17 35.68
C ASN CA 2 -18.06 61.41 35.38
N SER CA 3 -16.88 61.18 34.83
CA SER CA 3 -15.90 62.25 34.64
C SER CA 3 -15.33 62.16 33.23
N ILE CA 4 -15.54 63.21 32.43
CA ILE CA 4 -15.07 63.19 31.05
C ILE CA 4 -13.55 63.19 30.97
N ASN CA 5 -12.88 63.85 31.91
CA ASN CA 5 -11.42 63.99 31.82
C ASN CA 5 -10.70 62.67 31.95
N THR CA 6 -11.26 61.72 32.71
CA THR CA 6 -10.65 60.41 32.86
C THR CA 6 -11.69 59.41 33.31
N ASN CA 7 -11.60 58.20 32.79
CA ASN CA 7 -12.39 57.07 33.25
C ASN CA 7 -11.46 55.96 33.72
N PRO CA 8 -11.27 55.81 35.03
CA PRO CA 8 -10.25 54.86 35.52
C PRO CA 8 -10.47 53.43 35.07
N GLY CA 9 -11.72 53.01 34.88
CA GLY CA 9 -11.98 51.64 34.50
C GLY CA 9 -11.40 51.27 33.15
N ALA CA 10 -11.39 52.23 32.21
CA ALA CA 10 -10.73 51.97 30.93
C ALA CA 10 -9.24 51.79 31.10
N LEU CA 11 -8.63 52.52 32.04
CA LEU CA 11 -7.21 52.38 32.27
C LEU CA 11 -6.89 51.03 32.90
N LEU CA 12 -7.77 50.57 33.80
CA LEU CA 12 -7.61 49.24 34.37
C LEU CA 12 -7.77 48.15 33.32
N ALA CA 13 -8.75 48.31 32.42
CA ALA CA 13 -8.92 47.35 31.34
C ALA CA 13 -7.72 47.36 30.41
N LEU CA 14 -7.11 48.51 30.19
CA LEU CA 14 -5.91 48.58 29.37
C LEU CA 14 -4.76 47.83 30.02
N GLN CA 15 -4.61 47.96 31.34
CA GLN CA 15 -3.56 47.19 32.02
C GLN CA 15 -3.82 45.69 31.95
N ASN CA 16 -5.09 45.28 32.10
CA ASN CA 16 -5.38 43.85 32.01
C ASN CA 16 -5.16 43.33 30.59
N LEU CA 17 -5.48 44.13 29.58
CA LEU CA 17 -5.17 43.73 28.21
C LEU CA 17 -3.67 43.67 27.98
N ASN CA 18 -2.91 44.55 28.63
CA ASN CA 18 -1.45 44.48 28.51
C ASN CA 18 -0.90 43.22 29.14
N SER CA 19 -1.43 42.83 30.30
CA SER CA 19 -1.00 41.59 30.94
C SER CA 19 -1.36 40.38 30.08
N THR CA 20 -2.54 40.43 29.46
CA THR CA 20 -2.94 39.33 28.58
C THR CA 20 -2.05 39.25 27.35
N ASN CA 21 -1.70 40.39 26.77
CA ASN CA 21 -0.82 40.39 25.61
C ASN CA 21 0.59 39.93 25.98
N THR CA 22 1.03 40.24 27.19
CA THR CA 22 2.36 39.79 27.63
C THR CA 22 2.38 38.29 27.84
N GLU CA 23 1.34 37.74 28.47
CA GLU CA 23 1.28 36.30 28.63
C GLU CA 23 1.16 35.60 27.29
N LEU CA 24 0.41 36.20 26.35
CA LEU CA 24 0.31 35.63 25.02
C LEU CA 24 1.64 35.69 24.28
N ALA CA 25 2.43 36.74 24.50
CA ALA CA 25 3.74 36.83 23.87
C ALA CA 25 4.69 35.78 24.42
N ALA CA 26 4.65 35.57 25.73
CA ALA CA 26 5.48 34.51 26.32
C ALA CA 26 5.06 33.14 25.83
N THR CA 27 3.75 32.93 25.66
CA THR CA 27 3.28 31.67 25.11
C THR CA 27 3.70 31.50 23.65
N GLN CA 28 3.68 32.59 22.89
CA GLN CA 28 4.12 32.52 21.50
C GLN CA 28 5.60 32.20 21.42
N GLY CA 29 6.39 32.71 22.37
CA GLY CA 29 7.80 32.37 22.39
C GLY CA 29 8.03 30.92 22.76
N ARG CA 30 7.26 30.40 23.72
CA ARG CA 30 7.36 29.00 24.06
C ARG CA 30 6.90 28.12 22.90
N ILE CA 31 5.96 28.59 22.09
CA ILE CA 31 5.46 27.81 20.97
C ILE CA 31 6.49 27.78 19.84
N ASN CA 32 6.99 28.95 19.44
CA ASN CA 32 7.95 28.99 18.35
C ASN CA 32 9.27 28.34 18.72
N THR CA 33 9.66 28.38 19.99
CA THR CA 33 10.88 27.69 20.38
C THR CA 33 10.67 26.21 20.68
N GLY CA 34 9.54 25.88 21.32
CA GLY CA 34 9.35 24.53 21.82
C GLY CA 34 10.03 24.24 23.13
N LYS CA 35 10.58 25.26 23.79
CA LYS CA 35 11.27 25.11 25.07
C LYS CA 35 10.75 26.18 26.03
N LYS CA 36 10.60 25.80 27.30
CA LYS CA 36 10.16 26.72 28.33
C LYS CA 36 11.31 27.53 28.93
N VAL CA 37 12.54 27.23 28.53
CA VAL CA 37 13.70 28.02 28.94
C VAL CA 37 14.61 28.22 27.73
N ALA CA 38 14.11 28.95 26.74
CA ALA CA 38 14.83 29.13 25.48
C ALA CA 38 16.14 29.90 25.65
N ASN CA 39 16.20 30.77 26.65
CA ASN CA 39 17.36 31.64 26.83
C ASN CA 39 17.48 31.97 28.31
N ALA CA 40 18.54 32.69 28.67
CA ALA CA 40 18.79 33.02 30.07
C ALA CA 40 17.66 33.86 30.65
N LYS CA 41 16.91 34.57 29.81
CA LYS CA 41 15.80 35.38 30.30
C LYS CA 41 14.71 34.54 30.97
N ASP CA 42 14.52 33.30 30.54
CA ASP CA 42 13.46 32.47 31.13
C ASP CA 42 13.85 32.01 32.53
N ASN CA 43 15.09 31.57 32.69
CA ASN CA 43 15.59 31.04 33.97
C ASN CA 43 17.09 30.82 33.84
N GLY CA 44 17.88 31.67 34.50
CA GLY CA 44 19.31 31.64 34.28
C GLY CA 44 19.98 30.37 34.80
N ALA CA 45 19.49 29.85 35.93
CA ALA CA 45 20.13 28.68 36.53
C ALA CA 45 19.92 27.43 35.67
N ILE CA 46 18.67 27.12 35.33
CA ILE CA 46 18.39 25.94 34.52
C ILE CA 46 19.00 26.09 33.12
N TRP CA 47 19.01 27.32 32.59
CA TRP CA 47 19.62 27.55 31.29
C TRP CA 47 21.11 27.29 31.34
N SER CA 48 21.80 27.74 32.39
CA SER CA 48 23.22 27.47 32.50
C SER CA 48 23.49 25.99 32.71
N MET CA 49 22.65 25.31 33.50
CA MET CA 49 22.86 23.89 33.73
C MET CA 49 22.71 23.09 32.44
N ALA CA 50 21.63 23.34 31.70
CA ALA CA 50 21.42 22.61 30.47
C ALA CA 50 22.46 22.97 29.41
N LYS CA 51 22.89 24.23 29.37
CA LYS CA 51 23.93 24.59 28.43
C LYS CA 51 25.24 23.91 28.77
N MET CA 52 25.54 23.74 30.06
CA MET CA 52 26.74 23.03 30.45
C MET CA 52 26.66 21.56 30.09
N GLN CA 53 25.50 20.94 30.35
CA GLN CA 53 25.33 19.54 30.02
C GLN CA 53 25.41 19.31 28.52
N SER CA 54 24.88 20.25 27.73
CA SER CA 54 24.98 20.11 26.28
C SER CA 54 26.39 20.34 25.79
N ALA CA 55 27.10 21.31 26.38
CA ALA CA 55 28.46 21.59 25.97
C ALA CA 55 29.40 20.44 26.31
N THR CA 56 29.10 19.70 27.38
CA THR CA 56 29.93 18.53 27.68
C THR CA 56 29.48 17.32 26.89
N ALA CA 57 28.18 17.19 26.62
CA ALA CA 57 27.70 16.07 25.80
C ALA CA 57 28.24 16.16 24.38
N SER CA 58 28.38 17.37 23.85
CA SER CA 58 28.85 17.52 22.48
C SER CA 58 30.28 17.03 22.32
N SER CA 59 31.07 17.07 23.40
CA SER CA 59 32.49 16.80 23.34
C SER CA 59 32.83 15.32 23.15
N LEU CA 60 31.87 14.42 23.35
CA LEU CA 60 32.16 12.99 23.30
C LEU CA 60 32.43 12.49 21.89
N ASN CA 61 32.10 13.28 20.86
CA ASN CA 61 32.37 12.85 19.49
C ASN CA 61 33.87 12.70 19.25
N SER CA 62 34.68 13.55 19.89
CA SER CA 62 36.13 13.49 19.69
C SER CA 62 36.72 12.26 20.37
N VAL CA 63 36.28 11.96 21.58
CA VAL CA 63 36.75 10.75 22.24
C VAL CA 63 36.27 9.50 21.51
N LYS CA 64 35.08 9.56 20.89
CA LYS CA 64 34.63 8.43 20.09
C LYS CA 64 35.54 8.22 18.88
N ASP CA 65 35.89 9.33 18.21
CA ASP CA 65 36.81 9.22 17.07
C ASP CA 65 38.17 8.72 17.50
N SER CA 66 38.62 9.11 18.70
CA SER CA 66 39.92 8.64 19.18
C SER CA 66 39.89 7.15 19.48
N LEU CA 67 38.80 6.66 20.10
CA LEU CA 67 38.69 5.23 20.34
C LEU CA 67 38.58 4.44 19.04
N GLN CA 68 37.92 5.00 18.01
CA GLN CA 68 37.86 4.30 16.73
C GLN CA 68 39.24 4.25 16.08
N ARG CA 69 39.99 5.34 16.16
CA ARG CA 69 41.34 5.36 15.63
C ARG CA 69 42.23 4.36 16.36
N GLY CA 70 42.02 4.21 17.67
CA GLY CA 70 42.80 3.25 18.42
C GLY CA 70 42.45 1.82 18.08
N GLN CA 71 41.17 1.55 17.84
CA GLN CA 71 40.77 0.21 17.42
C GLN CA 71 41.36 -0.12 16.06
N SER CA 72 41.40 0.85 15.16
CA SER CA 72 42.01 0.59 13.86
C SER CA 72 43.52 0.35 13.99
N THR CA 73 44.17 1.10 14.88
CA THR CA 73 45.60 0.90 15.10
C THR CA 73 45.89 -0.46 15.72
N ILE CA 74 45.00 -0.96 16.59
CA ILE CA 74 45.16 -2.32 17.10
C ILE CA 74 44.95 -3.33 15.99
N ASP CA 75 43.98 -3.06 15.10
CA ASP CA 75 43.69 -4.02 14.04
C ASP CA 75 44.86 -4.18 13.08
N VAL CA 76 45.58 -3.08 12.80
CA VAL CA 76 46.71 -3.19 11.88
C VAL CA 76 47.82 -4.04 12.49
N ALA CA 77 48.13 -3.80 13.77
CA ALA CA 77 49.15 -4.60 14.43
C ALA CA 77 48.73 -6.06 14.57
N LEU CA 78 47.43 -6.32 14.74
CA LEU CA 78 46.96 -7.70 14.79
C LEU CA 78 47.12 -8.39 13.44
N ALA CA 79 46.85 -7.67 12.35
CA ALA CA 79 47.06 -8.23 11.02
C ALA CA 79 48.53 -8.49 10.75
N ALA CA 80 49.43 -7.67 11.29
CA ALA CA 80 50.86 -7.96 11.13
C ALA CA 80 51.29 -9.15 11.99
N GLY CA 81 50.75 -9.26 13.20
CA GLY CA 81 51.14 -10.36 14.07
C GLY CA 81 50.63 -11.70 13.62
N ASP CA 82 49.48 -11.71 12.94
CA ASP CA 82 48.99 -12.96 12.36
C ASP CA 82 49.99 -13.50 11.33
N THR CA 83 50.67 -12.61 10.61
CA THR CA 83 51.71 -13.04 9.68
C THR CA 83 52.97 -13.44 10.43
N ILE CA 84 53.36 -12.64 11.43
CA ILE CA 84 54.61 -12.90 12.14
C ILE CA 84 54.57 -14.26 12.82
N THR CA 85 53.38 -14.70 13.24
CA THR CA 85 53.27 -16.02 13.85
C THR CA 85 53.61 -17.13 12.87
N ASP CA 86 53.08 -17.01 11.63
CA ASP CA 86 53.39 -18.03 10.62
C ASP CA 86 54.86 -17.99 10.23
N LEU CA 87 55.44 -16.79 10.20
CA LEU CA 87 56.87 -16.69 9.93
C LEU CA 87 57.68 -17.42 11.00
N LEU CA 88 57.36 -17.20 12.28
CA LEU CA 88 58.07 -17.87 13.34
C LEU CA 88 57.83 -19.37 13.33
N THR CA 89 56.64 -19.82 12.93
CA THR CA 89 56.37 -21.25 12.89
C THR CA 89 57.20 -21.93 11.80
N LYS CA 90 57.25 -21.32 10.61
CA LYS CA 90 58.10 -21.86 9.56
C LYS CA 90 59.58 -21.77 9.94
N MET CA 91 59.96 -20.73 10.68
CA MET CA 91 61.33 -20.61 11.16
C MET CA 91 61.70 -21.75 12.10
N LYS CA 92 60.80 -22.05 13.03
CA LYS CA 92 61.04 -23.17 13.94
C LYS CA 92 61.07 -24.50 13.17
N GLU CA 93 60.29 -24.61 12.10
CA GLU CA 93 60.35 -25.82 11.28
C GLU CA 93 61.72 -25.96 10.63
N LYS CA 94 62.27 -24.88 10.07
CA LYS CA 94 63.58 -24.96 9.44
C LYS CA 94 64.66 -25.28 10.45
N ALA CA 95 64.66 -24.56 11.59
CA ALA CA 95 65.68 -24.79 12.61
C ALA CA 95 65.57 -26.17 13.22
N LEU CA 96 64.36 -26.73 13.27
CA LEU CA 96 64.20 -28.08 13.80
C LEU CA 96 64.71 -29.11 12.82
N ALA CA 97 64.38 -28.96 11.53
CA ALA CA 97 64.85 -29.93 10.54
C ALA CA 97 66.35 -29.87 10.36
N ALA CA 98 66.96 -28.72 10.60
CA ALA CA 98 68.39 -28.55 10.30
C ALA CA 98 69.30 -29.20 11.32
N SER CA 99 68.77 -29.66 12.46
CA SER CA 99 69.62 -30.10 13.56
C SER CA 99 70.25 -31.47 13.32
N ASP CA 100 69.77 -32.23 12.34
CA ASP CA 100 70.31 -33.57 12.08
C ASP CA 100 71.77 -33.50 11.64
N THR CA 101 72.57 -34.45 12.12
CA THR CA 101 73.91 -34.67 11.60
C THR CA 101 73.91 -35.41 10.27
N SER CA 102 72.81 -36.09 9.92
CA SER CA 102 72.76 -36.87 8.70
C SER CA 102 72.80 -35.99 7.46
N LEU CA 103 72.37 -34.75 7.60
CA LEU CA 103 72.29 -33.86 6.45
C LEU CA 103 73.68 -33.60 5.88
N ASN CA 104 73.77 -33.63 4.56
CA ASN CA 104 74.97 -33.17 3.88
C ASN CA 104 75.04 -31.64 3.91
N THR CA 105 76.26 -31.11 3.76
CA THR CA 105 76.47 -29.68 3.92
C THR CA 105 75.62 -28.86 2.95
N ALA CA 106 75.31 -29.41 1.78
CA ALA CA 106 74.48 -28.68 0.82
C ALA CA 106 73.08 -28.45 1.36
N SER CA 107 72.42 -29.51 1.84
CA SER CA 107 71.08 -29.35 2.41
C SER CA 107 71.10 -28.51 3.67
N PHE CA 108 72.17 -28.60 4.45
CA PHE CA 108 72.31 -27.79 5.66
C PHE CA 108 72.37 -26.31 5.29
N ASN CA 109 73.19 -25.97 4.29
CA ASN CA 109 73.26 -24.59 3.84
C ASN CA 109 71.95 -24.14 3.23
N ALA CA 110 71.20 -25.06 2.61
CA ALA CA 110 69.92 -24.69 2.02
C ALA CA 110 68.91 -24.34 3.11
N LEU CA 111 68.83 -25.17 4.15
CA LEU CA 111 67.95 -24.85 5.27
C LEU CA 111 68.39 -23.57 5.97
N LYS CA 112 69.70 -23.34 6.03
CA LYS CA 112 70.19 -22.11 6.64
C LYS CA 112 69.79 -20.89 5.83
N ALA CA 113 69.90 -20.98 4.50
CA ALA CA 113 69.48 -19.87 3.63
C ALA CA 113 67.99 -19.62 3.74
N ASP CA 114 67.20 -20.70 3.87
CA ASP CA 114 65.79 -20.52 4.15
C ASP CA 114 65.60 -19.79 5.48
N PHE CA 115 66.48 -20.04 6.43
CA PHE CA 115 66.37 -19.42 7.75
C PHE CA 115 66.62 -17.91 7.65
N GLU CA 116 67.71 -17.50 6.98
CA GLU CA 116 67.94 -16.06 6.86
C GLU CA 116 66.83 -15.41 6.03
N SER CA 117 66.32 -16.10 5.01
CA SER CA 117 65.26 -15.52 4.21
C SER CA 117 64.00 -15.30 5.05
N LEU CA 118 63.68 -16.27 5.90
CA LEU CA 118 62.50 -16.15 6.76
C LEU CA 118 62.65 -15.01 7.75
N ARG CA 119 63.82 -14.88 8.38
CA ARG CA 119 63.98 -13.77 9.33
C ARG CA 119 64.02 -12.43 8.62
N ASP CA 120 64.57 -12.38 7.41
CA ASP CA 120 64.58 -11.12 6.66
C ASP CA 120 63.18 -10.69 6.28
N GLN CA 121 62.31 -11.65 5.95
CA GLN CA 121 60.91 -11.31 5.76
C GLN CA 121 60.25 -10.90 7.07
N LEU CA 122 60.66 -11.52 8.19
CA LEU CA 122 60.01 -11.25 9.47
C LEU CA 122 60.29 -9.82 9.93
N GLN CA 123 61.51 -9.34 9.74
CA GLN CA 123 61.85 -7.99 10.20
C GLN CA 123 61.03 -6.93 9.49
N LYS CA 124 60.97 -7.03 8.15
CA LYS CA 124 60.16 -6.08 7.38
C LYS CA 124 58.67 -6.25 7.65
N ALA CA 125 58.19 -7.48 7.84
CA ALA CA 125 56.78 -7.67 8.14
C ALA CA 125 56.42 -7.07 9.49
N ALA CA 126 57.39 -7.04 10.41
CA ALA CA 126 57.15 -6.39 11.69
C ALA CA 126 57.17 -4.87 11.55
N THR CA 127 58.12 -4.33 10.80
CA THR CA 127 58.28 -2.87 10.77
C THR CA 127 57.25 -2.18 9.87
N ASN CA 128 56.65 -2.87 8.91
CA ASN CA 128 55.77 -2.17 7.97
C ASN CA 128 54.40 -1.85 8.56
N ALA CA 129 54.03 -2.43 9.69
CA ALA CA 129 52.68 -2.25 10.25
C ALA CA 129 52.59 -0.89 10.92
N LYS CA 130 51.68 -0.04 10.43
CA LYS CA 130 51.38 1.23 11.09
C LYS CA 130 50.13 1.82 10.48
N PHE CA 131 49.42 2.61 11.29
CA PHE CA 131 48.30 3.43 10.85
C PHE CA 131 48.51 4.80 11.48
N ASN CA 132 48.24 5.85 10.71
CA ASN CA 132 48.64 7.24 11.00
C ASN CA 132 50.15 7.44 10.83
N GLY CA 133 50.94 6.36 10.84
CA GLY CA 133 52.37 6.39 10.95
C GLY CA 133 52.88 6.05 12.34
N VAL CA 134 52.04 6.20 13.36
CA VAL CA 134 52.33 5.59 14.65
C VAL CA 134 52.02 4.10 14.57
N SER CA 135 52.71 3.31 15.39
CA SER CA 135 52.55 1.87 15.32
C SER CA 135 52.79 1.24 16.68
N LEU CA 136 52.19 0.07 16.88
CA LEU CA 136 52.25 -0.64 18.15
C LEU CA 136 53.00 -1.96 18.06
N ALA CA 137 53.71 -2.22 16.96
CA ALA CA 137 54.44 -3.47 16.79
C ALA CA 137 55.92 -3.30 16.53
N ASP CA 138 56.35 -2.20 15.89
CA ASP CA 138 57.75 -2.01 15.55
C ASP CA 138 58.61 -1.64 16.74
N GLY CA 139 58.01 -1.26 17.86
CA GLY CA 139 58.77 -0.80 19.00
C GLY CA 139 59.26 0.62 18.92
N SER CA 140 58.72 1.42 17.99
CA SER CA 140 59.14 2.81 17.86
C SER CA 140 58.75 3.63 19.08
N THR CA 141 57.73 3.21 19.82
CA THR CA 141 57.29 3.94 21.01
C THR CA 141 56.76 2.93 22.03
N THR CA 142 56.85 3.32 23.30
CA THR CA 142 56.47 2.44 24.40
C THR CA 142 54.96 2.30 24.59
N LYS CA 143 54.19 3.35 24.28
CA LYS CA 143 52.75 3.31 24.48
C LYS CA 143 52.09 4.45 23.72
N LEU CA 144 50.87 4.22 23.26
CA LEU CA 144 50.04 5.25 22.65
C LEU CA 144 48.86 5.56 23.55
N SER CA 145 48.67 6.84 23.85
CA SER CA 145 47.47 7.32 24.52
C SER CA 145 46.31 7.39 23.54
N PHE CA 146 45.10 7.23 24.06
CA PHE CA 146 43.86 7.48 23.32
C PHE CA 146 42.84 8.02 24.30
N LEU CA 147 42.00 8.94 23.83
CA LEU CA 147 41.05 9.58 24.72
C LEU CA 147 40.05 8.56 25.28
N ALA CA 148 39.70 8.75 26.54
CA ALA CA 148 38.67 7.95 27.19
C ALA CA 148 37.62 8.77 27.92
N ASN CA 149 38.00 9.79 28.66
CA ASN CA 149 37.09 10.62 29.43
C ASN CA 149 36.86 11.94 28.71
N GLU CA 150 35.74 12.59 29.02
CA GLU CA 150 35.44 13.89 28.44
C GLU CA 150 36.31 15.01 28.98
N ASP CA 151 36.95 14.80 30.14
CA ASP CA 151 37.91 15.76 30.67
C ASP CA 151 39.33 15.56 30.15
N GLY CA 152 39.55 14.55 29.30
CA GLY CA 152 40.81 14.37 28.61
C GLY CA 152 41.73 13.31 29.16
N SER CA 153 41.32 12.54 30.17
CA SER CA 153 42.18 11.47 30.66
C SER CA 153 42.37 10.40 29.59
N ASN CA 154 43.60 9.94 29.45
CA ASN CA 154 43.95 9.01 28.39
C ASN CA 154 43.51 7.59 28.71
N PHE CA 155 43.21 6.83 27.66
CA PHE CA 155 43.07 5.39 27.71
C PHE CA 155 44.38 4.82 27.18
N THR CA 156 45.34 4.62 28.09
CA THR CA 156 46.67 4.18 27.68
C THR CA 156 46.62 2.80 27.06
N VAL CA 157 47.39 2.60 26.00
CA VAL CA 157 47.52 1.31 25.31
C VAL CA 157 49.00 0.97 25.25
N THR CA 158 49.35 -0.20 25.79
CA THR CA 158 50.74 -0.63 25.84
C THR CA 158 51.19 -1.13 24.48
N ALA CA 159 52.36 -0.66 24.05
CA ALA CA 159 52.93 -1.16 22.80
C ALA CA 159 53.51 -2.56 22.99
N GLN CA 160 53.50 -3.32 21.90
CA GLN CA 160 54.00 -4.70 21.90
C GLN CA 160 55.05 -4.80 20.79
N THR CA 161 56.32 -4.81 21.18
CA THR CA 161 57.41 -4.76 20.23
C THR CA 161 57.58 -6.10 19.52
N LEU CA 162 56.91 -6.25 18.38
CA LEU CA 162 56.99 -7.47 17.58
C LEU CA 162 58.19 -7.48 16.65
N SER CA 163 58.99 -6.42 16.63
CA SER CA 163 60.21 -6.39 15.84
C SER CA 163 61.22 -7.39 16.40
N LEU CA 164 62.15 -7.81 15.54
CA LEU CA 164 63.03 -8.93 15.87
C LEU CA 164 63.75 -8.71 17.19
N THR CA 165 64.18 -7.48 17.45
CA THR CA 165 64.83 -7.19 18.73
C THR CA 165 63.86 -7.30 19.90
N GLY CA 166 62.57 -7.03 19.68
CA GLY CA 166 61.59 -7.14 20.73
C GLY CA 166 61.09 -8.53 21.03
N ILE CA 167 61.39 -9.50 20.17
CA ILE CA 167 60.99 -10.88 20.37
C ILE CA 167 62.17 -11.75 20.80
N GLY CA 168 63.28 -11.13 21.20
CA GLY CA 168 64.42 -11.89 21.67
C GLY CA 168 65.33 -12.42 20.58
N LEU CA 169 65.38 -11.75 19.44
CA LEU CA 169 66.23 -12.17 18.34
C LEU CA 169 66.96 -10.97 17.75
N THR CA 170 67.98 -11.24 16.95
CA THR CA 170 68.76 -10.21 16.28
C THR CA 170 68.84 -10.52 14.79
N ALA CA 171 69.11 -9.48 14.01
CA ALA CA 171 69.18 -9.65 12.56
C ALA CA 171 70.34 -10.55 12.15
N THR CA 172 71.40 -10.61 12.97
CA THR CA 172 72.53 -11.48 12.66
C THR CA 172 72.39 -12.89 13.22
N SER CA 173 71.39 -13.15 14.06
CA SER CA 173 71.29 -14.46 14.69
C SER CA 173 71.02 -15.54 13.66
N THR CA 174 71.78 -16.64 13.74
CA THR CA 174 71.65 -17.79 12.85
C THR CA 174 72.52 -18.95 13.33
N PHE CA 175 72.02 -20.17 13.22
CA PHE CA 175 72.83 -21.35 13.46
C PHE CA 175 73.87 -21.55 12.36
N THR CA 176 75.03 -22.08 12.75
CA THR CA 176 76.10 -22.39 11.80
C THR CA 176 76.51 -23.86 11.80
N ASP CA 177 76.14 -24.62 12.82
CA ASP CA 177 76.43 -26.05 12.85
C ASP CA 177 75.32 -26.75 13.64
N ALA CA 178 75.36 -28.09 13.62
CA ALA CA 178 74.23 -28.87 14.12
C ALA CA 178 73.99 -28.63 15.61
N ALA CA 179 75.03 -28.35 16.38
CA ALA CA 179 74.84 -28.11 17.81
C ALA CA 179 74.07 -26.82 18.06
N THR CA 180 74.51 -25.72 17.47
CA THR CA 180 73.73 -24.50 17.60
C THR CA 180 72.42 -24.57 16.82
N ALA CA 181 72.35 -25.45 15.82
CA ALA CA 181 71.07 -25.69 15.17
C ALA CA 181 70.08 -26.31 16.14
N LYS CA 182 70.57 -27.18 17.03
CA LYS CA 182 69.72 -27.70 18.11
C LYS CA 182 69.41 -26.62 19.13
N THR CA 183 70.39 -25.75 19.41
CA THR CA 183 70.19 -24.69 20.39
C THR CA 183 69.14 -23.68 19.93
N MET CA 184 69.04 -23.45 18.62
CA MET CA 184 68.23 -22.34 18.09
C MET CA 184 66.74 -22.55 18.35
N ILE CA 185 66.30 -23.82 18.45
CA ILE CA 185 64.88 -24.14 18.47
C ILE CA 185 64.23 -23.55 19.72
N ALA CA 186 64.94 -23.55 20.84
CA ALA CA 186 64.36 -23.11 22.09
C ALA CA 186 64.10 -21.61 22.08
N THR CA 187 65.08 -20.82 21.65
CA THR CA 187 64.87 -19.39 21.56
C THR CA 187 63.83 -19.02 20.49
N ILE CA 188 63.73 -19.80 19.41
CA ILE CA 188 62.67 -19.50 18.45
C ILE CA 188 61.31 -19.77 19.05
N THR CA 189 61.16 -20.86 19.82
CA THR CA 189 59.89 -21.12 20.47
C THR CA 189 59.58 -20.04 21.52
N THR CA 190 60.61 -19.55 22.20
CA THR CA 190 60.40 -18.49 23.18
C THR CA 190 59.96 -17.19 22.50
N SER CA 191 60.51 -16.90 21.32
CA SER CA 191 60.09 -15.74 20.57
C SER CA 191 58.65 -15.87 20.12
N LEU CA 192 58.26 -17.07 19.68
CA LEU CA 192 56.86 -17.28 19.30
C LEU CA 192 55.95 -17.11 20.51
N GLN CA 193 56.41 -17.52 21.68
CA GLN CA 193 55.61 -17.40 22.90
C GLN CA 193 55.38 -15.93 23.26
N THR CA 194 56.46 -15.15 23.29
CA THR CA 194 56.30 -13.74 23.62
C THR CA 194 55.47 -13.01 22.57
N ALA CA 195 55.58 -13.43 21.30
CA ALA CA 195 54.79 -12.80 20.25
C ALA CA 195 53.30 -13.07 20.42
N THR CA 196 52.93 -14.33 20.66
CA THR CA 196 51.51 -14.62 20.84
C THR CA 196 50.95 -13.99 22.11
N ASN CA 197 51.76 -13.88 23.17
CA ASN CA 197 51.30 -13.17 24.35
C ASN CA 197 51.04 -11.70 24.05
N LYS CA 198 51.93 -11.08 23.28
CA LYS CA 198 51.75 -9.67 22.95
C LYS CA 198 50.51 -9.46 22.10
N LEU CA 199 50.23 -10.39 21.18
CA LEU CA 199 49.04 -10.27 20.35
C LEU CA 199 47.76 -10.47 21.16
N SER CA 200 47.78 -11.39 22.14
CA SER CA 200 46.61 -11.56 22.99
C SER CA 200 46.37 -10.31 23.83
N SER CA 201 47.43 -9.67 24.30
CA SER CA 201 47.27 -8.43 25.05
C SER CA 201 46.69 -7.33 24.17
N LEU CA 202 47.12 -7.27 22.90
CA LEU CA 202 46.53 -6.30 21.98
C LEU CA 202 45.05 -6.57 21.76
N GLY CA 203 44.67 -7.85 21.71
CA GLY CA 203 43.26 -8.16 21.50
C GLY CA 203 42.40 -7.76 22.68
N THR CA 204 42.88 -7.99 23.90
CA THR CA 204 42.12 -7.55 25.07
C THR CA 204 42.04 -6.02 25.12
N SER CA 205 43.11 -5.34 24.70
CA SER CA 205 43.05 -3.89 24.67
C SER CA 205 42.04 -3.39 23.64
N SER CA 206 41.91 -4.08 22.52
CA SER CA 206 40.92 -3.66 21.52
C SER CA 206 39.50 -3.88 22.03
N VAL CA 207 39.24 -5.01 22.69
CA VAL CA 207 37.90 -5.23 23.23
C VAL CA 207 37.56 -4.20 24.30
N GLY CA 208 38.56 -3.81 25.10
CA GLY CA 208 38.31 -2.77 26.09
C GLY CA 208 38.02 -1.43 25.44
N LEU CA 209 38.72 -1.14 24.34
CA LEU CA 209 38.46 0.10 23.61
C LEU CA 209 37.03 0.13 23.07
N ASP CA 210 36.57 -0.99 22.52
CA ASP CA 210 35.22 -1.05 21.98
C ASP CA 210 34.18 -0.88 23.08
N THR CA 211 34.40 -1.54 24.22
CA THR CA 211 33.44 -1.42 25.31
C THR CA 211 33.38 0.00 25.85
N HIS CA 212 34.55 0.65 26.00
CA HIS CA 212 34.51 2.02 26.48
C HIS CA 212 33.87 2.95 25.45
N LEU CA 213 34.02 2.65 24.16
CA LEU CA 213 33.42 3.49 23.14
C LEU CA 213 31.90 3.41 23.18
N THR CA 214 31.35 2.20 23.31
CA THR CA 214 29.90 2.11 23.41
C THR CA 214 29.40 2.74 24.70
N PHE CA 215 30.20 2.68 25.78
CA PHE CA 215 29.80 3.38 27.00
C PHE CA 215 29.79 4.89 26.80
N VAL CA 216 30.75 5.39 26.01
CA VAL CA 216 30.76 6.82 25.69
C VAL CA 216 29.52 7.21 24.91
N GLY CA 217 29.09 6.35 23.98
CA GLY CA 217 27.88 6.66 23.24
C GLY CA 217 26.64 6.65 24.12
N LYS CA 218 26.58 5.70 25.06
CA LYS CA 218 25.47 5.66 26.00
C LYS CA 218 25.45 6.88 26.90
N LEU CA 219 26.63 7.38 27.28
CA LEU CA 219 26.69 8.53 28.18
C LEU CA 219 26.33 9.81 27.45
N GLN CA 220 26.77 9.97 26.20
CA GLN CA 220 26.31 11.11 25.41
C GLN CA 220 24.81 11.08 25.22
N ASP CA 221 24.25 9.89 24.98
CA ASP CA 221 22.82 9.78 24.80
C ASP CA 221 22.07 10.14 26.08
N SER CA 222 22.61 9.74 27.23
CA SER CA 222 21.97 10.07 28.50
C SER CA 222 22.02 11.57 28.77
N LEU CA 223 23.13 12.22 28.43
CA LEU CA 223 23.18 13.67 28.60
C LEU CA 223 22.21 14.38 27.65
N ASP CA 224 22.03 13.85 26.45
CA ASP CA 224 21.06 14.46 25.54
C ASP CA 224 19.65 14.33 26.09
N ALA CA 225 19.31 13.16 26.62
CA ALA CA 225 17.99 12.99 27.22
C ALA CA 225 17.82 13.90 28.42
N GLY CA 226 18.89 14.13 29.19
CA GLY CA 226 18.76 14.99 30.36
C GLY CA 226 18.55 16.45 29.98
N VAL CA 227 19.28 16.93 28.97
CA VAL CA 227 19.04 18.29 28.51
C VAL CA 227 17.63 18.41 27.95
N GLY CA 228 17.15 17.35 27.30
CA GLY CA 228 15.79 17.39 26.76
C GLY CA 228 14.75 17.45 27.86
N ASN CA 229 15.02 16.80 28.99
CA ASN CA 229 14.10 16.94 30.12
C ASN CA 229 14.16 18.35 30.71
N LEU CA 230 15.36 18.86 30.97
CA LEU CA 230 15.48 20.12 31.74
C LEU CA 230 15.03 21.38 30.99
N VAL CA 231 14.73 21.31 29.69
CA VAL CA 231 14.43 22.59 28.96
C VAL CA 231 13.16 22.46 28.11
N ASP CA 232 12.96 21.35 27.40
CA ASP CA 232 11.80 21.28 26.53
C ASP CA 232 10.50 21.55 27.29
N ALA CA 233 9.63 22.34 26.68
CA ALA CA 233 8.31 22.60 27.21
C ALA CA 233 7.30 21.58 26.68
N ASP CA 234 6.22 21.41 27.43
CA ASP CA 234 5.11 20.55 27.00
C ASP CA 234 4.17 21.40 26.15
N LEU CA 235 4.39 21.39 24.83
CA LEU CA 235 3.61 22.23 23.94
C LEU CA 235 2.13 21.86 23.92
N ALA CA 236 1.83 20.58 24.17
CA ALA CA 236 0.43 20.18 24.26
C ALA CA 236 -0.28 20.88 25.40
N LYS CA 237 0.44 21.13 26.51
CA LYS CA 237 -0.09 21.98 27.57
C LYS CA 237 -0.25 23.41 27.09
N GLU CA 238 0.60 23.86 26.17
CA GLU CA 238 0.59 25.25 25.73
C GLU CA 238 -0.52 25.55 24.74
N SER CA 239 -1.07 24.54 24.06
CA SER CA 239 -2.07 24.82 23.05
C SER CA 239 -3.36 25.38 23.66
N ALA CA 240 -3.84 24.77 24.75
CA ALA CA 240 -5.02 25.30 25.42
C ALA CA 240 -4.76 26.66 26.01
N LYS CA 241 -3.54 26.88 26.52
CA LYS CA 241 -3.19 28.19 27.06
C LYS CA 241 -3.20 29.24 25.97
N LEU CA 242 -2.77 28.87 24.76
CA LEU CA 242 -2.75 29.82 23.65
C LEU CA 242 -4.16 30.18 23.22
N GLN CA 243 -5.02 29.18 23.05
CA GLN CA 243 -6.39 29.47 22.64
C GLN CA 243 -7.14 30.26 23.71
N SER CA 244 -6.90 29.95 24.99
CA SER CA 244 -7.56 30.69 26.06
C SER CA 244 -7.04 32.12 26.13
N LEU CA 245 -5.74 32.33 25.88
CA LEU CA 245 -5.21 33.69 25.85
C LEU CA 245 -5.77 34.48 24.67
N GLN CA 246 -6.04 33.81 23.55
CA GLN CA 246 -6.67 34.52 22.44
C GLN CA 246 -8.09 34.94 22.79
N THR CA 247 -8.85 34.03 23.40
CA THR CA 247 -10.21 34.40 23.80
C THR CA 247 -10.20 35.50 24.84
N LYS CA 248 -9.24 35.46 25.77
CA LYS CA 248 -9.10 36.53 26.75
C LYS CA 248 -8.66 37.83 26.09
N GLN CA 249 -7.91 37.75 25.00
CA GLN CA 249 -7.54 38.95 24.25
C GLN CA 249 -8.77 39.63 23.68
N GLN CA 250 -9.65 38.84 23.06
CA GLN CA 250 -10.87 39.43 22.52
C GLN CA 250 -11.75 39.99 23.64
N LEU CA 251 -11.85 39.28 24.77
CA LEU CA 251 -12.63 39.80 25.88
C LEU CA 251 -12.03 41.09 26.44
N GLY CA 252 -10.70 41.21 26.43
CA GLY CA 252 -10.08 42.44 26.88
C GLY CA 252 -10.33 43.59 25.91
N VAL CA 253 -10.37 43.29 24.62
CA VAL CA 253 -10.71 44.34 23.65
C VAL CA 253 -12.14 44.83 23.88
N GLN CA 254 -13.09 43.90 24.05
CA GLN CA 254 -14.47 44.31 24.27
C GLN CA 254 -14.63 45.07 25.60
N ALA CA 255 -13.88 44.66 26.62
CA ALA CA 255 -13.97 45.34 27.90
C ALA CA 255 -13.40 46.76 27.81
N LEU CA 256 -12.28 46.92 27.11
CA LEU CA 256 -11.74 48.26 26.92
C LEU CA 256 -12.69 49.12 26.09
N SER CA 257 -13.39 48.51 25.13
CA SER CA 257 -14.33 49.29 24.33
C SER CA 257 -15.51 49.77 25.16
N ILE CA 258 -16.07 48.89 25.99
CA ILE CA 258 -17.19 49.29 26.84
C ILE CA 258 -16.75 50.34 27.84
N ALA CA 259 -15.54 50.20 28.38
CA ALA CA 259 -15.02 51.20 29.30
C ALA CA 259 -14.79 52.54 28.62
N ASN CA 260 -14.40 52.51 27.34
CA ASN CA 260 -14.31 53.76 26.58
C ASN CA 260 -15.69 54.36 26.35
N GLN CA 261 -16.71 53.51 26.21
CA GLN CA 261 -18.07 54.01 26.02
C GLN CA 261 -18.69 54.57 27.28
N THR CA 262 -18.21 54.14 28.45
CA THR CA 262 -18.80 54.62 29.70
C THR CA 262 -18.82 56.15 29.82
N PRO CA 263 -17.74 56.89 29.51
CA PRO CA 263 -17.85 58.36 29.55
C PRO CA 263 -18.93 58.93 28.63
N GLN CA 264 -19.21 58.28 27.50
CA GLN CA 264 -20.10 58.87 26.50
C GLN CA 264 -21.51 59.09 27.04
N THR CA 265 -21.91 58.32 28.06
CA THR CA 265 -23.27 58.40 28.57
C THR CA 265 -23.61 59.78 29.14
N ILE CA 266 -22.61 60.50 29.67
CA ILE CA 266 -22.88 61.79 30.31
C ILE CA 266 -23.29 62.84 29.29
N LEU CA 267 -22.97 62.62 28.01
CA LEU CA 267 -23.21 63.66 27.00
C LEU CA 267 -24.69 63.99 26.84
N SER CA 268 -25.57 63.03 27.10
CA SER CA 268 -27.00 63.23 26.90
C SER CA 268 -27.62 64.12 27.97
N LEU CA 269 -26.92 64.37 29.08
CA LEU CA 269 -27.50 65.15 30.17
C LEU CA 269 -27.75 66.59 29.78
N PHE CA 270 -27.03 67.10 28.78
CA PHE CA 270 -27.06 68.53 28.48
C PHE CA 270 -27.71 68.81 27.12
N LEU DA 1 -42.01 104.31 51.02
CA LEU DA 1 -43.09 103.74 50.23
C LEU DA 1 -43.61 104.77 49.22
N ASN DA 2 -43.65 106.03 49.65
CA ASN DA 2 -43.96 107.16 48.78
C ASN DA 2 -42.68 107.71 48.12
N SER DA 3 -41.55 107.07 48.35
CA SER DA 3 -40.26 107.57 47.87
C SER DA 3 -40.10 107.21 46.39
N ILE DA 4 -40.47 108.14 45.52
CA ILE DA 4 -40.25 107.95 44.10
C ILE DA 4 -38.77 107.99 43.73
N ASN DA 5 -37.94 108.64 44.55
CA ASN DA 5 -36.52 108.78 44.25
C ASN DA 5 -35.78 107.46 44.31
N THR DA 6 -36.28 106.49 45.07
CA THR DA 6 -35.58 105.21 45.20
C THR DA 6 -36.56 104.11 45.57
N ASN DA 7 -36.32 102.92 45.02
CA ASN DA 7 -37.04 101.71 45.41
C ASN DA 7 -36.04 100.68 45.94
N PRO DA 8 -35.99 100.45 47.26
CA PRO DA 8 -35.02 99.47 47.79
C PRO DA 8 -35.21 98.07 47.21
N GLY DA 9 -36.45 97.68 46.91
CA GLY DA 9 -36.69 96.33 46.44
C GLY DA 9 -36.04 96.03 45.11
N ALA DA 10 -35.93 97.04 44.24
CA ALA DA 10 -35.19 96.86 42.99
C ALA DA 10 -33.72 96.60 43.26
N LEU DA 11 -33.16 97.24 44.30
CA LEU DA 11 -31.77 96.99 44.64
C LEU DA 11 -31.58 95.58 45.19
N LEU DA 12 -32.49 95.14 46.07
CA LEU DA 12 -32.38 93.77 46.57
C LEU DA 12 -32.54 92.76 45.46
N ALA DA 13 -33.45 93.03 44.51
CA ALA DA 13 -33.65 92.11 43.39
C ALA DA 13 -32.42 92.07 42.49
N LEU DA 14 -31.80 93.22 42.26
CA LEU DA 14 -30.57 93.24 41.47
C LEU DA 14 -29.45 92.49 42.17
N GLN DA 15 -29.41 92.56 43.50
CA GLN DA 15 -28.38 91.85 44.24
C GLN DA 15 -28.57 90.33 44.16
N ASN DA 16 -29.81 89.87 44.33
CA ASN DA 16 -30.05 88.43 44.20
C ASN DA 16 -29.81 87.96 42.77
N LEU DA 17 -30.17 88.78 41.78
CA LEU DA 17 -29.88 88.42 40.40
C LEU DA 17 -28.38 88.37 40.14
N ASN DA 18 -27.62 89.27 40.78
CA ASN DA 18 -26.17 89.25 40.64
C ASN DA 18 -25.58 87.99 41.25
N SER DA 19 -26.11 87.57 42.40
CA SER DA 19 -25.63 86.33 43.00
C SER DA 19 -25.95 85.13 42.12
N THR DA 20 -27.14 85.12 41.52
CA THR DA 20 -27.49 84.05 40.61
C THR DA 20 -26.59 84.06 39.38
N ASN DA 21 -26.21 85.25 38.91
CA ASN DA 21 -25.33 85.36 37.76
C ASN DA 21 -23.93 84.85 38.08
N THR DA 22 -23.42 85.16 39.27
CA THR DA 22 -22.10 84.67 39.63
C THR DA 22 -22.10 83.15 39.80
N GLU DA 23 -23.15 82.60 40.40
CA GLU DA 23 -23.19 81.15 40.57
C GLU DA 23 -23.36 80.44 39.22
N LEU DA 24 -24.15 81.03 38.31
CA LEU DA 24 -24.25 80.47 36.98
C LEU DA 24 -22.94 80.58 36.21
N ALA DA 25 -22.18 81.64 36.44
CA ALA DA 25 -20.88 81.76 35.80
C ALA DA 25 -19.91 80.71 36.31
N ALA DA 26 -19.94 80.43 37.62
CA ALA DA 26 -19.12 79.35 38.16
C ALA DA 26 -19.55 77.99 37.62
N THR DA 27 -20.86 77.80 37.43
CA THR DA 27 -21.34 76.54 36.86
C THR DA 27 -20.88 76.39 35.41
N GLN DA 28 -20.89 77.50 34.66
CA GLN DA 28 -20.40 77.45 33.28
C GLN DA 28 -18.90 77.19 33.23
N GLY DA 29 -18.17 77.70 34.23
CA GLY DA 29 -16.76 77.39 34.29
C GLY DA 29 -16.51 75.92 34.55
N ARG DA 30 -17.24 75.34 35.50
CA ARG DA 30 -17.08 73.92 35.76
C ARG DA 30 -17.56 73.06 34.59
N ILE DA 31 -18.54 73.53 33.82
CA ILE DA 31 -19.04 72.70 32.71
C ILE DA 31 -18.10 72.78 31.52
N ASN DA 32 -17.47 73.93 31.27
CA ASN DA 32 -16.57 74.01 30.12
C ASN DA 32 -15.20 73.44 30.43
N THR DA 33 -14.62 73.78 31.58
CA THR DA 33 -13.38 73.14 31.99
C THR DA 33 -13.54 71.67 32.32
N GLY DA 34 -14.72 71.26 32.81
CA GLY DA 34 -14.89 69.88 33.20
C GLY DA 34 -14.27 69.53 34.53
N LYS DA 35 -13.83 70.53 35.31
CA LYS DA 35 -13.09 70.30 36.53
C LYS DA 35 -13.57 71.27 37.60
N LYS DA 36 -13.68 70.80 38.84
CA LYS DA 36 -14.13 71.60 39.95
C LYS DA 36 -13.00 72.43 40.57
N VAL DA 37 -11.78 72.27 40.10
CA VAL DA 37 -10.66 73.12 40.50
C VAL DA 37 -9.73 73.28 39.29
N ALA DA 38 -10.26 73.88 38.23
CA ALA DA 38 -9.49 74.03 36.99
C ALA DA 38 -8.41 75.09 37.12
N ASN DA 39 -8.52 75.98 38.10
CA ASN DA 39 -7.60 77.10 38.24
C ASN DA 39 -7.33 77.33 39.72
N ALA DA 40 -6.20 77.95 40.01
CA ALA DA 40 -5.78 78.18 41.40
C ALA DA 40 -6.77 79.02 42.18
N LYS DA 41 -7.56 79.87 41.50
CA LYS DA 41 -8.57 80.67 42.19
C LYS DA 41 -9.65 79.82 42.83
N ASP DA 42 -9.95 78.64 42.29
CA ASP DA 42 -11.00 77.78 42.82
C ASP DA 42 -10.59 77.10 44.13
N ASN DA 43 -9.37 76.55 44.20
CA ASN DA 43 -8.89 75.86 45.37
C ASN DA 43 -7.38 75.65 45.26
N GLY DA 44 -6.60 76.52 45.90
CA GLY DA 44 -5.17 76.55 45.63
C GLY DA 44 -4.41 75.34 46.13
N ALA DA 45 -4.80 74.78 47.27
CA ALA DA 45 -4.04 73.68 47.85
C ALA DA 45 -4.17 72.42 47.01
N ILE DA 46 -5.41 72.04 46.67
CA ILE DA 46 -5.62 70.87 45.84
C ILE DA 46 -5.03 71.09 44.46
N TRP DA 47 -5.06 72.34 43.98
CA TRP DA 47 -4.51 72.65 42.66
C TRP DA 47 -3.00 72.47 42.64
N SER DA 48 -2.31 72.96 43.67
CA SER DA 48 -0.86 72.79 43.73
C SER DA 48 -0.47 71.34 43.92
N MET DA 49 -1.23 70.60 44.75
CA MET DA 49 -0.93 69.19 44.94
C MET DA 49 -1.14 68.40 43.64
N ALA DA 50 -2.24 68.68 42.95
CA ALA DA 50 -2.51 68.00 41.68
C ALA DA 50 -1.51 68.37 40.61
N LYS DA 51 -1.01 69.61 40.62
CA LYS DA 51 0.00 69.98 39.63
C LYS DA 51 1.31 69.26 39.90
N MET DA 52 1.75 69.21 41.16
CA MET DA 52 2.99 68.51 41.46
C MET DA 52 2.84 67.01 41.17
N GLN DA 53 1.67 66.45 41.45
CA GLN DA 53 1.46 65.02 41.20
C GLN DA 53 1.40 64.73 39.71
N SER DA 54 0.75 65.59 38.93
CA SER DA 54 0.69 65.41 37.48
C SER DA 54 2.06 65.58 36.85
N ALA DA 55 2.90 66.45 37.41
CA ALA DA 55 4.27 66.55 36.91
C ALA DA 55 5.06 65.29 37.21
N THR DA 56 4.90 64.75 38.43
CA THR DA 56 5.58 63.51 38.78
C THR DA 56 5.13 62.35 37.90
N ALA DA 57 3.84 62.33 37.53
CA ALA DA 57 3.33 61.27 36.68
C ALA DA 57 3.80 61.43 35.23
N SER DA 58 3.80 62.67 34.74
CA SER DA 58 4.23 62.93 33.36
C SER DA 58 5.72 62.67 33.20
N SER DA 59 6.49 62.78 34.29
CA SER DA 59 7.92 62.56 34.21
C SER DA 59 8.30 61.08 34.14
N LEU DA 60 7.39 60.15 34.41
CA LEU DA 60 7.75 58.73 34.44
C LEU DA 60 8.08 58.17 33.06
N ASN DA 61 7.65 58.83 31.98
CA ASN DA 61 8.03 58.37 30.65
C ASN DA 61 9.54 58.45 30.46
N SER DA 62 10.18 59.42 31.11
CA SER DA 62 11.64 59.54 31.06
C SER DA 62 12.32 58.38 31.76
N VAL DA 63 11.64 57.71 32.68
CA VAL DA 63 12.15 56.47 33.25
C VAL DA 63 11.86 55.28 32.34
N LYS DA 64 10.64 55.23 31.79
CA LYS DA 64 10.23 54.07 31.00
C LYS DA 64 11.08 53.94 29.74
N ASP DA 65 11.41 55.06 29.10
CA ASP DA 65 12.21 54.97 27.88
C ASP DA 65 13.62 54.49 28.18
N SER DA 66 14.19 54.95 29.30
CA SER DA 66 15.50 54.46 29.71
C SER DA 66 15.46 52.97 30.08
N LEU DA 67 14.32 52.53 30.62
CA LEU DA 67 14.17 51.11 30.93
C LEU DA 67 14.13 50.28 29.66
N GLN DA 68 13.41 50.76 28.64
CA GLN DA 68 13.40 50.07 27.37
C GLN DA 68 14.78 50.09 26.72
N ARG DA 69 15.53 51.18 26.93
CA ARG DA 69 16.89 51.23 26.43
C ARG DA 69 17.77 50.18 27.10
N GLY DA 70 17.52 49.92 28.38
CA GLY DA 70 18.28 48.87 29.06
C GLY DA 70 17.91 47.48 28.58
N GLN DA 71 16.62 47.26 28.29
CA GLN DA 71 16.22 45.99 27.69
C GLN DA 71 16.90 45.79 26.34
N SER DA 72 16.89 46.83 25.50
CA SER DA 72 17.54 46.73 24.20
C SER DA 72 19.05 46.53 24.33
N THR DA 73 19.66 47.12 25.36
CA THR DA 73 21.09 46.93 25.57
C THR DA 73 21.41 45.50 25.95
N ILE DA 74 20.63 44.90 26.85
CA ILE DA 74 20.92 43.53 27.26
C ILE DA 74 20.55 42.49 26.20
N ASP DA 75 19.61 42.83 25.30
CA ASP DA 75 19.22 41.85 24.27
C ASP DA 75 20.40 41.48 23.38
N VAL DA 76 21.12 42.48 22.87
CA VAL DA 76 22.25 42.20 22.00
C VAL DA 76 23.37 41.50 22.75
N ALA DA 77 23.51 41.76 24.05
CA ALA DA 77 24.53 41.07 24.84
C ALA DA 77 24.21 39.58 24.94
N LEU DA 78 22.95 39.24 25.22
CA LEU DA 78 22.57 37.84 25.25
C LEU DA 78 22.71 37.19 23.88
N ALA DA 79 22.43 37.96 22.81
CA ALA DA 79 22.59 37.43 21.47
C ALA DA 79 24.05 37.14 21.15
N ALA DA 80 24.97 37.96 21.66
CA ALA DA 80 26.39 37.69 21.44
C ALA DA 80 26.86 36.49 22.27
N GLY DA 81 26.38 36.38 23.51
CA GLY DA 81 26.73 35.24 24.32
C GLY DA 81 26.21 33.93 23.76
N ASP DA 82 25.08 33.99 23.04
CA ASP DA 82 24.54 32.78 22.42
C ASP DA 82 25.54 32.19 21.44
N THR DA 83 26.34 33.03 20.78
CA THR DA 83 27.41 32.56 19.89
C THR DA 83 28.69 32.24 20.64
N ILE DA 84 29.03 33.06 21.64
CA ILE DA 84 30.27 32.85 22.37
C ILE DA 84 30.28 31.49 23.06
N THR DA 85 29.10 31.02 23.48
CA THR DA 85 29.03 29.74 24.18
C THR DA 85 29.43 28.58 23.27
N ASP DA 86 28.84 28.50 22.07
CA ASP DA 86 29.23 27.43 21.16
C ASP DA 86 30.64 27.62 20.66
N LEU DA 87 31.14 28.86 20.59
CA LEU DA 87 32.54 29.05 20.24
C LEU DA 87 33.46 28.42 21.28
N LEU DA 88 33.15 28.63 22.56
CA LEU DA 88 33.93 28.00 23.62
C LEU DA 88 33.78 26.49 23.60
N THR DA 89 32.59 25.99 23.23
CA THR DA 89 32.41 24.54 23.15
C THR DA 89 33.23 23.93 22.03
N LYS DA 90 33.31 24.62 20.89
CA LYS DA 90 34.12 24.13 19.78
C LYS DA 90 35.61 24.19 20.14
N MET DA 91 36.03 25.21 20.87
CA MET DA 91 37.42 25.23 21.30
C MET DA 91 37.71 24.12 22.30
N LYS DA 92 36.74 23.76 23.14
CA LYS DA 92 36.93 22.61 24.01
C LYS DA 92 37.01 21.32 23.20
N GLU DA 93 36.22 21.24 22.12
CA GLU DA 93 36.37 20.14 21.16
C GLU DA 93 37.80 20.03 20.64
N LYS DA 94 38.37 21.16 20.20
CA LYS DA 94 39.68 21.11 19.57
C LYS DA 94 40.76 20.77 20.60
N ALA DA 95 40.73 21.43 21.75
CA ALA DA 95 41.71 21.17 22.80
C ALA DA 95 41.60 19.74 23.34
N LEU DA 96 40.40 19.17 23.31
CA LEU DA 96 40.25 17.78 23.73
C LEU DA 96 40.80 16.82 22.67
N ALA DA 97 40.41 17.03 21.40
CA ALA DA 97 40.82 16.12 20.35
C ALA DA 97 42.32 16.15 20.12
N ALA DA 98 42.97 17.30 20.36
CA ALA DA 98 44.39 17.41 20.06
C ALA DA 98 45.27 16.72 21.10
N SER DA 99 44.71 16.35 22.25
CA SER DA 99 45.51 15.78 23.33
C SER DA 99 46.11 14.42 23.00
N ASP DA 100 45.48 13.64 22.12
CA ASP DA 100 45.93 12.28 21.87
C ASP DA 100 47.30 12.31 21.22
N THR DA 101 48.19 11.42 21.67
CA THR DA 101 49.56 11.37 21.18
C THR DA 101 49.73 10.61 19.88
N SER DA 102 48.72 9.85 19.45
CA SER DA 102 48.87 9.06 18.22
C SER DA 102 48.84 9.95 16.98
N LEU DA 103 48.32 11.17 17.11
CA LEU DA 103 48.25 12.07 15.97
C LEU DA 103 49.64 12.45 15.47
N ASN DA 104 49.81 12.45 14.16
CA ASN DA 104 50.99 13.04 13.56
C ASN DA 104 50.82 14.55 13.46
N THR DA 105 51.94 15.24 13.22
CA THR DA 105 51.96 16.69 13.33
C THR DA 105 51.00 17.39 12.39
N ALA DA 106 50.64 16.77 11.26
CA ALA DA 106 49.77 17.45 10.31
C ALA DA 106 48.40 17.74 10.92
N SER DA 107 47.72 16.69 11.41
CA SER DA 107 46.41 16.90 12.03
C SER DA 107 46.53 17.69 13.32
N PHE DA 108 47.65 17.56 14.02
CA PHE DA 108 47.86 18.31 15.25
C PHE DA 108 47.91 19.80 14.98
N ASN DA 109 48.70 20.22 14.00
CA ASN DA 109 48.75 21.62 13.60
C ASN DA 109 47.42 22.08 13.02
N ALA DA 110 46.68 21.18 12.35
CA ALA DA 110 45.37 21.57 11.85
C ALA DA 110 44.40 21.88 12.98
N LEU DA 111 44.40 21.04 14.02
CA LEU DA 111 43.57 21.31 15.18
C LEU DA 111 44.01 22.56 15.90
N LYS DA 112 45.33 22.80 15.97
CA LYS DA 112 45.82 24.01 16.59
C LYS DA 112 45.39 25.25 15.79
N ALA DA 113 45.35 25.13 14.47
CA ALA DA 113 44.97 26.24 13.61
C ALA DA 113 43.49 26.56 13.75
N ASP DA 114 42.62 25.55 13.70
CA ASP DA 114 41.20 25.83 13.87
C ASP DA 114 40.90 26.33 15.28
N PHE DA 115 41.65 25.87 16.29
CA PHE DA 115 41.48 26.39 17.63
C PHE DA 115 41.85 27.87 17.69
N GLU DA 116 42.99 28.23 17.08
CA GLU DA 116 43.38 29.64 17.05
C GLU DA 116 42.39 30.48 16.29
N SER DA 117 41.80 29.92 15.22
CA SER DA 117 40.83 30.67 14.43
C SER DA 117 39.55 30.94 15.21
N LEU DA 118 39.06 29.93 15.93
CA LEU DA 118 37.88 30.13 16.76
C LEU DA 118 38.15 31.13 17.87
N ARG DA 119 39.35 31.07 18.46
CA ARG DA 119 39.70 32.02 19.50
C ARG DA 119 39.77 33.44 18.94
N ASP DA 120 40.28 33.58 17.72
CA ASP DA 120 40.36 34.89 17.09
C ASP DA 120 38.97 35.43 16.78
N GLN DA 121 38.07 34.56 16.32
CA GLN DA 121 36.71 35.00 16.01
C GLN DA 121 35.94 35.41 17.27
N LEU DA 122 36.20 34.75 18.40
CA LEU DA 122 35.39 35.00 19.59
C LEU DA 122 35.56 36.44 20.09
N GLN DA 123 36.76 37.00 19.92
CA GLN DA 123 36.99 38.36 20.41
C GLN DA 123 36.15 39.37 19.66
N LYS DA 124 36.16 39.31 18.33
CA LYS DA 124 35.32 40.22 17.56
C LYS DA 124 33.84 39.92 17.78
N ALA DA 125 33.49 38.65 17.98
CA ALA DA 125 32.09 38.33 18.23
C ALA DA 125 31.62 38.93 19.56
N ALA DA 126 32.52 39.02 20.53
CA ALA DA 126 32.17 39.64 21.81
C ALA DA 126 32.11 41.16 21.67
N THR DA 127 33.03 41.75 20.91
CA THR DA 127 33.10 43.21 20.85
C THR DA 127 32.06 43.82 19.92
N ASN DA 128 31.49 43.06 18.98
CA ASN DA 128 30.58 43.68 18.02
C ASN DA 128 29.23 44.04 18.62
N ALA DA 129 28.84 43.44 19.74
CA ALA DA 129 27.50 43.65 20.30
C ALA DA 129 27.50 44.92 21.14
N LYS DA 130 26.74 45.91 20.69
CA LYS DA 130 26.54 47.14 21.45
C LYS DA 130 25.32 47.86 20.89
N PHE DA 131 24.69 48.66 21.75
CA PHE DA 131 23.49 49.40 21.37
C PHE DA 131 23.64 50.79 21.98
N ASN DA 132 23.23 51.81 21.21
CA ASN DA 132 23.52 53.22 21.45
C ASN DA 132 25.02 53.53 21.38
N GLY DA 133 25.83 52.56 20.95
CA GLY DA 133 27.27 52.67 21.03
C GLY DA 133 27.87 52.23 22.35
N VAL DA 134 27.04 51.85 23.33
CA VAL DA 134 27.49 51.30 24.60
C VAL DA 134 27.16 49.82 24.63
N SER DA 135 27.86 49.08 25.48
CA SER DA 135 27.72 47.63 25.52
C SER DA 135 27.81 47.12 26.95
N LEU DA 136 27.34 45.88 27.13
CA LEU DA 136 27.42 45.15 28.38
C LEU DA 136 28.13 43.81 28.19
N ALA DA 137 28.96 43.70 27.15
CA ALA DA 137 29.62 42.43 26.86
C ALA DA 137 31.11 42.63 26.58
N ASP DA 138 31.46 43.72 25.90
CA ASP DA 138 32.86 43.98 25.56
C ASP DA 138 33.73 44.27 26.76
N GLY DA 139 33.13 44.69 27.88
CA GLY DA 139 33.91 45.08 29.04
C GLY DA 139 34.47 46.48 28.99
N SER DA 140 33.95 47.33 28.10
CA SER DA 140 34.47 48.68 27.98
C SER DA 140 34.25 49.49 29.26
N THR DA 141 33.23 49.14 30.04
CA THR DA 141 33.00 49.77 31.33
C THR DA 141 32.33 48.76 32.24
N THR DA 142 32.52 48.95 33.55
CA THR DA 142 32.08 47.96 34.54
C THR DA 142 30.58 47.99 34.80
N LYS DA 143 29.87 49.05 34.44
CA LYS DA 143 28.45 49.14 34.77
C LYS DA 143 27.80 50.20 33.90
N LEU DA 144 26.47 50.10 33.78
CA LEU DA 144 25.66 51.05 33.03
C LEU DA 144 24.40 51.34 33.82
N SER DA 145 24.25 52.59 34.25
CA SER DA 145 23.06 53.01 34.98
C SER DA 145 21.87 53.19 34.04
N PHE DA 146 20.67 53.06 34.62
CA PHE DA 146 19.43 53.39 33.93
C PHE DA 146 18.44 53.96 34.94
N LEU DA 147 17.63 54.89 34.46
CA LEU DA 147 16.69 55.58 35.33
C LEU DA 147 15.66 54.59 35.90
N ALA DA 148 15.32 54.78 37.18
CA ALA DA 148 14.36 53.93 37.86
C ALA DA 148 13.22 54.68 38.53
N ASN DA 149 13.37 55.97 38.78
CA ASN DA 149 12.33 56.74 39.45
C ASN DA 149 12.51 58.21 39.10
N GLU DA 150 11.51 59.01 39.47
CA GLU DA 150 11.55 60.44 39.20
C GLU DA 150 12.73 61.10 39.90
N ASP DA 151 13.14 60.59 41.05
CA ASP DA 151 14.27 61.16 41.77
C ASP DA 151 15.58 61.01 41.01
N GLY DA 152 15.64 60.09 40.05
CA GLY DA 152 16.87 59.80 39.36
C GLY DA 152 17.67 58.65 39.93
N SER DA 153 17.09 57.86 40.82
CA SER DA 153 17.78 56.70 41.36
C SER DA 153 18.15 55.73 40.25
N ASN DA 154 19.38 55.26 40.27
CA ASN DA 154 19.90 54.41 39.21
C ASN DA 154 19.40 52.98 39.36
N PHE DA 155 19.25 52.31 38.23
CA PHE DA 155 19.13 50.86 38.19
C PHE DA 155 20.43 50.31 37.62
N THR DA 156 21.45 50.26 38.48
CA THR DA 156 22.78 49.85 38.04
C THR DA 156 22.75 48.42 37.52
N VAL DA 157 23.40 48.20 36.39
CA VAL DA 157 23.47 46.90 35.75
C VAL DA 157 24.93 46.53 35.60
N THR DA 158 25.38 45.53 36.36
CA THR DA 158 26.78 45.14 36.30
C THR DA 158 27.14 44.61 34.92
N ALA DA 159 28.27 45.06 34.40
CA ALA DA 159 28.76 44.56 33.12
C ALA DA 159 29.40 43.19 33.30
N GLN DA 160 29.35 42.40 32.23
CA GLN DA 160 29.90 41.05 32.22
C GLN DA 160 30.90 40.99 31.07
N THR DA 161 32.19 40.96 31.41
CA THR DA 161 33.23 41.10 30.39
C THR DA 161 33.39 39.82 29.59
N LEU DA 162 32.70 39.75 28.45
CA LEU DA 162 32.75 38.57 27.58
C LEU DA 162 33.95 38.57 26.66
N SER DA 163 34.79 39.61 26.70
CA SER DA 163 36.03 39.59 25.98
C SER DA 163 36.99 38.58 26.62
N LEU DA 164 37.93 38.09 25.80
CA LEU DA 164 38.83 37.03 26.27
C LEU DA 164 39.63 37.47 27.49
N THR DA 165 39.98 38.75 27.57
CA THR DA 165 40.67 39.25 28.76
C THR DA 165 39.79 39.16 30.01
N GLY DA 166 38.47 39.32 29.84
CA GLY DA 166 37.56 39.18 30.96
C GLY DA 166 37.20 37.76 31.32
N ILE DA 167 37.55 36.79 30.46
CA ILE DA 167 37.30 35.38 30.73
C ILE DA 167 38.60 34.64 31.04
N GLY DA 168 39.71 35.36 31.14
CA GLY DA 168 40.99 34.78 31.51
C GLY DA 168 41.82 34.23 30.37
N LEU DA 169 41.33 34.28 29.13
CA LEU DA 169 42.11 33.84 27.99
C LEU DA 169 42.84 35.01 27.35
N THR DA 170 44.13 34.84 27.11
CA THR DA 170 44.90 35.80 26.34
C THR DA 170 44.59 35.63 24.87
N ALA DA 171 44.74 36.72 24.11
CA ALA DA 171 44.47 36.67 22.68
C ALA DA 171 45.41 35.71 21.96
N THR DA 172 46.61 35.52 22.49
CA THR DA 172 47.59 34.60 21.91
C THR DA 172 47.55 33.21 22.52
N SER DA 173 46.63 32.94 23.44
CA SER DA 173 46.65 31.67 24.16
C SER DA 173 46.43 30.51 23.20
N THR DA 174 47.23 29.46 23.35
CA THR DA 174 47.15 28.29 22.49
C THR DA 174 47.98 27.17 23.10
N PHE DA 175 47.65 25.95 22.70
CA PHE DA 175 48.43 24.76 23.03
C PHE DA 175 49.44 24.46 21.94
N THR DA 176 50.62 23.99 22.36
CA THR DA 176 51.68 23.64 21.41
C THR DA 176 52.08 22.17 21.43
N ASP DA 177 51.57 21.37 22.35
CA ASP DA 177 51.97 19.98 22.47
C ASP DA 177 50.86 19.20 23.16
N ALA DA 178 50.93 17.87 23.03
CA ALA DA 178 49.86 17.02 23.57
C ALA DA 178 49.71 17.19 25.07
N ALA DA 179 50.82 17.42 25.80
CA ALA DA 179 50.71 17.71 27.21
C ALA DA 179 50.03 19.05 27.46
N THR DA 180 50.41 20.08 26.69
CA THR DA 180 49.73 21.36 26.79
C THR DA 180 48.30 21.27 26.30
N ALA DA 181 48.03 20.42 25.30
CA ALA DA 181 46.65 20.21 24.87
C ALA DA 181 45.84 19.57 25.97
N LYS DA 182 46.45 18.70 26.76
CA LYS DA 182 45.77 18.14 27.93
C LYS DA 182 45.52 19.23 28.98
N THR DA 183 46.49 20.12 29.17
CA THR DA 183 46.37 21.17 30.17
C THR DA 183 45.29 22.18 29.81
N MET DA 184 45.10 22.45 28.53
CA MET DA 184 44.30 23.61 28.11
C MET DA 184 42.80 23.37 28.31
N ILE DA 185 42.39 22.10 28.42
CA ILE DA 185 40.96 21.77 28.49
C ILE DA 185 40.34 22.34 29.75
N ALA DA 186 41.09 22.34 30.86
CA ALA DA 186 40.58 22.91 32.10
C ALA DA 186 40.36 24.41 31.98
N THR DA 187 41.26 25.09 31.26
CA THR DA 187 41.10 26.51 31.04
C THR DA 187 39.89 26.81 30.18
N ILE DA 188 39.66 26.00 29.13
CA ILE DA 188 38.49 26.20 28.29
C ILE DA 188 37.20 25.96 29.07
N THR DA 189 37.20 24.94 29.93
CA THR DA 189 36.00 24.65 30.71
C THR DA 189 35.72 25.75 31.73
N THR DA 190 36.77 26.26 32.39
CA THR DA 190 36.59 27.37 33.31
C THR DA 190 36.11 28.62 32.60
N SER DA 191 36.57 28.83 31.37
CA SER DA 191 36.13 29.98 30.60
C SER DA 191 34.65 29.86 30.26
N LEU DA 192 34.22 28.66 29.86
CA LEU DA 192 32.80 28.45 29.59
C LEU DA 192 31.98 28.62 30.87
N GLN DA 193 32.55 28.21 32.00
CA GLN DA 193 31.88 28.38 33.30
C GLN DA 193 31.59 29.85 33.55
N THR DA 194 32.63 30.68 33.47
CA THR DA 194 32.47 32.10 33.74
C THR DA 194 31.55 32.78 32.72
N ALA DA 195 31.61 32.34 31.46
CA ALA DA 195 30.77 32.96 30.44
C ALA DA 195 29.29 32.64 30.68
N THR DA 196 28.98 31.39 31.03
CA THR DA 196 27.60 31.05 31.32
C THR DA 196 27.09 31.76 32.56
N ASN DA 197 27.95 31.93 33.58
CA ASN DA 197 27.51 32.69 34.75
C ASN DA 197 27.23 34.14 34.39
N LYS DA 198 28.03 34.72 33.49
CA LYS DA 198 27.80 36.10 33.07
C LYS DA 198 26.48 36.23 32.32
N LEU DA 199 26.21 35.30 31.41
CA LEU DA 199 24.97 35.37 30.63
C LEU DA 199 23.75 35.18 31.53
N SER DA 200 23.86 34.32 32.55
CA SER DA 200 22.75 34.14 33.46
C SER DA 200 22.48 35.39 34.28
N SER DA 201 23.55 36.07 34.72
CA SER DA 201 23.35 37.33 35.44
C SER DA 201 22.72 38.39 34.56
N LEU DA 202 23.11 38.44 33.27
CA LEU DA 202 22.52 39.41 32.37
C LEU DA 202 21.03 39.14 32.16
N GLY DA 203 20.67 37.86 32.06
CA GLY DA 203 19.26 37.54 31.88
C GLY DA 203 18.43 37.88 33.10
N THR DA 204 19.00 37.66 34.30
CA THR DA 204 18.28 38.01 35.51
C THR DA 204 18.08 39.51 35.61
N SER DA 205 19.11 40.29 35.25
CA SER DA 205 18.95 41.74 35.26
C SER DA 205 17.92 42.22 34.24
N SER DA 206 17.84 41.56 33.07
CA SER DA 206 16.84 41.97 32.09
C SER DA 206 15.42 41.68 32.59
N VAL DA 207 15.22 40.53 33.23
CA VAL DA 207 13.90 40.25 33.79
C VAL DA 207 13.56 41.22 34.91
N GLY DA 208 14.56 41.67 35.67
CA GLY DA 208 14.29 42.67 36.69
C GLY DA 208 13.90 44.00 36.09
N LEU DA 209 14.52 44.36 34.96
CA LEU DA 209 14.11 45.58 34.26
C LEU DA 209 12.69 45.45 33.73
N ASP DA 210 12.30 44.24 33.30
CA ASP DA 210 10.93 44.03 32.84
C ASP DA 210 9.94 44.28 33.97
N THR DA 211 10.22 43.68 35.13
CA THR DA 211 9.32 43.86 36.27
C THR DA 211 9.27 45.33 36.70
N HIS DA 212 10.40 46.02 36.66
CA HIS DA 212 10.41 47.42 37.07
C HIS DA 212 9.65 48.30 36.09
N LEU DA 213 9.69 47.98 34.79
CA LEU DA 213 8.92 48.77 33.83
C LEU DA 213 7.43 48.54 34.02
N THR DA 214 7.02 47.29 34.25
CA THR DA 214 5.61 47.06 34.52
C THR DA 214 5.17 47.78 35.79
N PHE DA 215 6.04 47.83 36.80
CA PHE DA 215 5.69 48.50 38.04
C PHE DA 215 5.58 50.00 37.86
N VAL DA 216 6.50 50.61 37.11
CA VAL DA 216 6.40 52.06 36.90
C VAL DA 216 5.20 52.39 36.04
N GLY DA 217 4.79 51.50 35.14
CA GLY DA 217 3.56 51.74 34.41
C GLY DA 217 2.34 51.68 35.31
N LYS DA 218 2.31 50.70 36.21
CA LYS DA 218 1.20 50.62 37.16
C LYS DA 218 1.17 51.86 38.05
N LEU DA 219 2.33 52.37 38.43
CA LEU DA 219 2.39 53.51 39.33
C LEU DA 219 2.03 54.80 38.61
N GLN DA 220 2.43 54.95 37.35
CA GLN DA 220 1.98 56.10 36.58
C GLN DA 220 0.47 56.07 36.39
N ASP DA 221 -0.09 54.88 36.22
CA ASP DA 221 -1.55 54.79 36.14
C ASP DA 221 -2.19 55.24 37.44
N SER DA 222 -1.64 54.80 38.57
CA SER DA 222 -2.23 55.19 39.86
C SER DA 222 -2.10 56.69 40.08
N LEU DA 223 -1.00 57.30 39.63
CA LEU DA 223 -0.85 58.74 39.84
C LEU DA 223 -1.79 59.53 38.96
N ASP DA 224 -1.95 59.13 37.69
CA ASP DA 224 -2.91 59.83 36.85
C ASP DA 224 -4.33 59.67 37.37
N ALA DA 225 -4.68 58.47 37.85
CA ALA DA 225 -6.00 58.29 38.42
C ALA DA 225 -6.19 59.13 39.67
N GLY DA 226 -5.13 59.31 40.47
CA GLY DA 226 -5.27 60.13 41.67
C GLY DA 226 -5.41 61.60 41.35
N VAL DA 227 -4.63 62.11 40.41
CA VAL DA 227 -4.72 63.52 40.06
C VAL DA 227 -6.07 63.83 39.43
N GLY DA 228 -6.59 62.89 38.63
CA GLY DA 228 -7.92 63.08 38.08
C GLY DA 228 -9.01 62.96 39.13
N ASN DA 229 -8.81 62.09 40.11
CA ASN DA 229 -9.78 61.94 41.19
C ASN DA 229 -9.83 63.21 42.05
N LEU DA 230 -8.70 63.91 42.16
CA LEU DA 230 -8.70 65.16 42.91
C LEU DA 230 -9.32 66.31 42.12
N VAL DA 231 -8.92 66.48 40.84
CA VAL DA 231 -9.35 67.68 40.14
C VAL DA 231 -10.76 67.58 39.55
N ASP DA 232 -11.12 66.43 38.99
CA ASP DA 232 -12.25 66.38 38.07
C ASP DA 232 -13.57 66.63 38.80
N ALA DA 233 -14.45 67.38 38.15
CA ALA DA 233 -15.77 67.72 38.68
C ALA DA 233 -16.79 66.63 38.43
N ASP DA 234 -17.84 66.62 39.24
CA ASP DA 234 -19.01 65.79 38.99
C ASP DA 234 -20.05 66.60 38.21
N LEU DA 235 -20.13 66.34 36.90
CA LEU DA 235 -20.99 67.11 36.01
C LEU DA 235 -22.47 66.75 36.11
N ALA DA 236 -22.81 65.55 36.59
CA ALA DA 236 -24.23 65.21 36.71
C ALA DA 236 -24.93 66.09 37.72
N LYS DA 237 -24.23 66.48 38.79
CA LYS DA 237 -24.74 67.50 39.68
C LYS DA 237 -24.85 68.84 38.96
N GLU DA 238 -23.89 69.11 38.07
CA GLU DA 238 -23.84 70.40 37.39
C GLU DA 238 -24.99 70.60 36.43
N SER DA 239 -25.51 69.51 35.85
CA SER DA 239 -26.61 69.66 34.90
C SER DA 239 -27.88 70.15 35.62
N ALA DA 240 -28.23 69.49 36.72
CA ALA DA 240 -29.38 69.94 37.50
C ALA DA 240 -29.15 71.32 38.09
N LYS DA 241 -27.91 71.59 38.52
CA LYS DA 241 -27.61 72.92 39.05
C LYS DA 241 -27.77 73.99 37.97
N LEU DA 242 -27.44 73.65 36.73
CA LEU DA 242 -27.52 74.63 35.64
C LEU DA 242 -28.97 74.90 35.26
N GLN DA 243 -29.78 73.85 35.15
CA GLN DA 243 -31.19 74.08 34.84
C GLN DA 243 -31.87 74.86 35.96
N SER DA 244 -31.52 74.55 37.22
CA SER DA 244 -32.12 75.29 38.33
C SER DA 244 -31.66 76.74 38.34
N LEU DA 245 -30.39 76.99 37.98
CA LEU DA 245 -29.91 78.36 37.91
C LEU DA 245 -30.57 79.14 36.79
N GLN DA 246 -30.88 78.48 35.66
CA GLN DA 246 -31.56 79.19 34.59
C GLN DA 246 -32.99 79.55 35.00
N THR DA 247 -33.68 78.62 35.65
CA THR DA 247 -35.01 78.96 36.14
C THR DA 247 -34.94 80.08 37.18
N LYS DA 248 -33.91 80.04 38.04
CA LYS DA 248 -33.74 81.09 39.03
C LYS DA 248 -33.43 82.43 38.39
N GLN DA 249 -32.71 82.43 37.27
CA GLN DA 249 -32.41 83.67 36.57
C GLN DA 249 -33.66 84.27 35.95
N GLN DA 250 -34.51 83.42 35.37
CA GLN DA 250 -35.76 83.95 34.82
C GLN DA 250 -36.67 84.48 35.92
N LEU DA 251 -36.73 83.79 37.07
CA LEU DA 251 -37.49 84.30 38.20
C LEU DA 251 -36.92 85.60 38.75
N GLY DA 252 -35.60 85.75 38.72
CA GLY DA 252 -35.01 87.00 39.18
C GLY DA 252 -35.31 88.15 38.24
N VAL DA 253 -35.32 87.86 36.93
CA VAL DA 253 -35.71 88.88 35.96
C VAL DA 253 -37.15 89.33 36.21
N GLN DA 254 -38.05 88.36 36.38
CA GLN DA 254 -39.46 88.71 36.60
C GLN DA 254 -39.64 89.50 37.90
N ALA DA 255 -38.89 89.13 38.93
CA ALA DA 255 -39.03 89.80 40.22
C ALA DA 255 -38.48 91.23 40.17
N LEU DA 256 -37.34 91.42 39.49
CA LEU DA 256 -36.82 92.77 39.33
C LEU DA 256 -37.79 93.62 38.50
N SER DA 257 -38.47 93.00 37.54
CA SER DA 257 -39.48 93.73 36.78
C SER DA 257 -40.60 94.21 37.70
N ILE DA 258 -41.13 93.32 38.53
CA ILE DA 258 -42.21 93.71 39.43
C ILE DA 258 -41.75 94.78 40.41
N ALA DA 259 -40.50 94.68 40.86
CA ALA DA 259 -39.96 95.72 41.74
C ALA DA 259 -39.86 97.04 41.00
N ASN DA 260 -39.68 96.99 39.68
CA ASN DA 260 -39.60 98.22 38.90
C ASN DA 260 -40.98 98.85 38.68
N GLN DA 261 -42.02 98.04 38.44
CA GLN DA 261 -43.34 98.65 38.29
C GLN DA 261 -43.99 98.99 39.61
N THR DA 262 -43.47 98.51 40.74
CA THR DA 262 -44.04 98.90 42.03
C THR DA 262 -44.07 100.41 42.25
N PRO DA 263 -42.99 101.16 42.03
CA PRO DA 263 -43.05 102.62 42.21
C PRO DA 263 -44.05 103.34 41.30
N GLN DA 264 -44.38 102.76 40.15
CA GLN DA 264 -45.16 103.48 39.13
C GLN DA 264 -46.51 103.95 39.65
N THR DA 265 -47.04 103.33 40.71
CA THR DA 265 -48.34 103.66 41.26
C THR DA 265 -48.46 105.11 41.71
N ILE DA 266 -47.36 105.76 42.09
CA ILE DA 266 -47.43 107.09 42.70
C ILE DA 266 -48.08 108.11 41.77
N LEU DA 267 -47.89 107.94 40.45
CA LEU DA 267 -48.47 108.89 39.50
C LEU DA 267 -49.99 108.81 39.48
N SER DA 268 -50.57 107.67 39.88
CA SER DA 268 -52.01 107.53 39.86
C SER DA 268 -52.70 108.44 40.87
N LEU DA 269 -51.98 108.86 41.91
CA LEU DA 269 -52.59 109.70 42.94
C LEU DA 269 -52.98 111.07 42.38
N PHE DA 270 -52.32 111.53 41.33
CA PHE DA 270 -52.54 112.87 40.81
C PHE DA 270 -53.27 112.86 39.48
N LEU EA 1 7.21 -18.70 24.11
CA LEU EA 1 6.52 -19.16 22.91
C LEU EA 1 6.98 -18.38 21.67
N ASN EA 2 6.27 -17.30 21.35
CA ASN EA 2 6.62 -16.44 20.23
C ASN EA 2 7.67 -15.45 20.72
N SER EA 3 8.94 -15.84 20.65
CA SER EA 3 10.04 -15.03 21.17
C SER EA 3 11.20 -15.07 20.19
N ILE EA 4 11.51 -13.92 19.59
CA ILE EA 4 12.62 -13.83 18.66
C ILE EA 4 13.97 -14.04 19.34
N ASN EA 5 14.06 -13.70 20.64
CA ASN EA 5 15.35 -13.74 21.32
C ASN EA 5 15.89 -15.17 21.47
N THR EA 6 15.01 -16.16 21.58
CA THR EA 6 15.44 -17.55 21.66
C THR EA 6 14.27 -18.46 21.31
N ASN EA 7 14.57 -19.57 20.66
CA ASN EA 7 13.57 -20.60 20.32
C ASN EA 7 14.01 -21.96 20.82
N PRO EA 8 13.36 -22.53 21.83
CA PRO EA 8 13.75 -23.86 22.32
C PRO EA 8 13.72 -24.95 21.27
N GLY EA 9 12.79 -24.90 20.32
CA GLY EA 9 12.62 -26.01 19.41
C GLY EA 9 13.82 -26.23 18.51
N ALA EA 10 14.46 -25.14 18.08
CA ALA EA 10 15.68 -25.28 17.30
C ALA EA 10 16.79 -25.91 18.14
N LEU EA 11 16.82 -25.61 19.42
CA LEU EA 11 17.84 -26.19 20.29
C LEU EA 11 17.60 -27.68 20.48
N LEU EA 12 16.35 -28.09 20.63
CA LEU EA 12 16.05 -29.51 20.75
C LEU EA 12 16.35 -30.25 19.45
N ALA EA 13 16.05 -29.63 18.30
CA ALA EA 13 16.39 -30.24 17.03
C ALA EA 13 17.90 -30.35 16.86
N LEU EA 14 18.64 -29.36 17.35
CA LEU EA 14 20.10 -29.44 17.28
C LEU EA 14 20.62 -30.58 18.16
N GLN EA 15 20.00 -30.79 19.32
CA GLN EA 15 20.43 -31.91 20.17
C GLN EA 15 20.16 -33.24 19.50
N ASN EA 16 18.97 -33.40 18.89
CA ASN EA 16 18.66 -34.65 18.22
C ASN EA 16 19.56 -34.89 17.02
N LEU EA 17 19.83 -33.84 16.24
CA LEU EA 17 20.71 -33.98 15.09
C LEU EA 17 22.14 -34.29 15.54
N ASN EA 18 22.55 -33.75 16.68
CA ASN EA 18 23.88 -34.05 17.20
C ASN EA 18 23.98 -35.50 17.65
N SER EA 19 22.94 -36.01 18.30
CA SER EA 19 22.96 -37.42 18.69
C SER EA 19 22.98 -38.32 17.47
N THR EA 20 22.27 -37.91 16.41
CA THR EA 20 22.30 -38.69 15.18
C THR EA 20 23.68 -38.66 14.55
N ASN EA 21 24.34 -37.50 14.55
CA ASN EA 21 25.69 -37.40 13.99
C ASN EA 21 26.68 -38.23 14.81
N THR EA 22 26.50 -38.28 16.13
CA THR EA 22 27.42 -39.08 16.94
C THR EA 22 27.23 -40.56 16.70
N GLU EA 23 25.98 -41.01 16.60
CA GLU EA 23 25.75 -42.43 16.31
C GLU EA 23 26.25 -42.79 14.91
N LEU EA 24 26.10 -41.86 13.95
CA LEU EA 24 26.63 -42.10 12.61
C LEU EA 24 28.16 -42.14 12.61
N ALA EA 25 28.79 -41.30 13.43
CA ALA EA 25 30.25 -41.33 13.50
C ALA EA 25 30.75 -42.62 14.11
N ALA EA 26 30.07 -43.10 15.16
CA ALA EA 26 30.45 -44.38 15.75
C ALA EA 26 30.23 -45.52 14.75
N THR EA 27 29.16 -45.43 13.95
CA THR EA 27 28.89 -46.47 12.97
C THR EA 27 29.94 -46.49 11.88
N GLN EA 28 30.29 -45.32 11.33
CA GLN EA 28 31.31 -45.25 10.30
C GLN EA 28 32.68 -45.68 10.84
N GLY EA 29 32.95 -45.40 12.11
CA GLY EA 29 34.21 -45.85 12.68
C GLY EA 29 34.26 -47.34 12.82
N ARG EA 30 33.14 -47.95 13.23
CA ARG EA 30 33.08 -49.39 13.31
C ARG EA 30 33.15 -50.04 11.94
N ILE EA 31 32.67 -49.35 10.90
CA ILE EA 31 32.85 -49.84 9.54
C ILE EA 31 34.32 -49.81 9.15
N ASN EA 32 34.98 -48.66 9.35
CA ASN EA 32 36.35 -48.52 8.86
C ASN EA 32 37.33 -49.40 9.64
N THR EA 33 37.05 -49.68 10.92
CA THR EA 33 37.98 -50.52 11.67
C THR EA 33 37.63 -52.00 11.62
N GLY EA 34 36.38 -52.34 11.32
CA GLY EA 34 36.00 -53.74 11.28
C GLY EA 34 35.79 -54.37 12.64
N LYS EA 35 35.73 -53.56 13.69
CA LYS EA 35 35.68 -54.07 15.05
C LYS EA 35 34.71 -53.24 15.87
N LYS EA 36 33.87 -53.91 16.64
CA LYS EA 36 32.91 -53.23 17.50
C LYS EA 36 33.52 -52.79 18.84
N VAL EA 37 34.72 -53.26 19.16
CA VAL EA 37 35.44 -52.82 20.36
C VAL EA 37 36.89 -52.51 19.97
N ALA EA 38 37.04 -51.59 19.02
CA ALA EA 38 38.36 -51.33 18.42
C ALA EA 38 39.37 -50.81 19.43
N ASN EA 39 38.92 -50.17 20.50
CA ASN EA 39 39.84 -49.63 21.49
C ASN EA 39 39.16 -49.63 22.85
N ALA EA 40 39.91 -49.22 23.87
CA ALA EA 40 39.39 -49.24 25.24
C ALA EA 40 38.17 -48.34 25.42
N LYS EA 41 38.02 -47.31 24.59
CA LYS EA 41 36.85 -46.44 24.69
C LYS EA 41 35.56 -47.19 24.41
N ASP EA 42 35.60 -48.21 23.53
CA ASP EA 42 34.37 -48.92 23.18
C ASP EA 42 33.89 -49.80 24.33
N ASN EA 43 34.81 -50.58 24.91
CA ASN EA 43 34.47 -51.47 26.02
C ASN EA 43 35.82 -51.93 26.61
N GLY EA 44 36.22 -51.31 27.73
CA GLY EA 44 37.57 -51.50 28.21
C GLY EA 44 37.86 -52.89 28.74
N ALA EA 45 36.88 -53.52 29.39
CA ALA EA 45 37.12 -54.84 29.96
C ALA EA 45 37.22 -55.91 28.87
N ILE EA 46 36.27 -55.89 27.93
CA ILE EA 46 36.31 -56.84 26.83
C ILE EA 46 37.55 -56.61 25.98
N TRP EA 47 37.93 -55.34 25.79
CA TRP EA 47 39.14 -55.04 25.04
C TRP EA 47 40.38 -55.55 25.77
N SER EA 48 40.36 -55.52 27.10
CA SER EA 48 41.50 -56.04 27.86
C SER EA 48 41.62 -57.54 27.72
N MET EA 49 40.48 -58.25 27.85
CA MET EA 49 40.51 -59.69 27.70
C MET EA 49 40.98 -60.08 26.30
N ALA EA 50 40.46 -59.39 25.29
CA ALA EA 50 40.86 -59.68 23.92
C ALA EA 50 42.33 -59.35 23.68
N LYS EA 51 42.85 -58.31 24.33
CA LYS EA 51 44.24 -57.94 24.11
C LYS EA 51 45.18 -58.97 24.72
N MET EA 52 44.86 -59.45 25.92
CA MET EA 52 45.68 -60.49 26.52
C MET EA 52 45.59 -61.79 25.73
N GLN EA 53 44.40 -62.07 25.17
CA GLN EA 53 44.26 -63.29 24.37
C GLN EA 53 45.07 -63.20 23.08
N SER EA 54 45.06 -62.03 22.45
CA SER EA 54 45.88 -61.82 21.26
C SER EA 54 47.36 -61.91 21.60
N ALA EA 55 47.74 -61.45 22.78
CA ALA EA 55 49.14 -61.53 23.19
C ALA EA 55 49.58 -62.98 23.31
N THR EA 56 48.76 -63.82 23.97
CA THR EA 56 49.15 -65.23 24.10
C THR EA 56 49.14 -65.94 22.74
N ALA EA 57 48.15 -65.62 21.89
CA ALA EA 57 48.10 -66.26 20.58
C ALA EA 57 49.29 -65.88 19.72
N SER EA 58 49.75 -64.63 19.81
CA SER EA 58 50.98 -64.24 19.14
C SER EA 58 52.19 -64.91 19.77
N SER EA 59 52.14 -65.17 21.07
CA SER EA 59 53.28 -65.77 21.77
C SER EA 59 53.49 -67.24 21.44
N LEU EA 60 52.46 -67.93 20.95
CA LEU EA 60 52.60 -69.36 20.67
C LEU EA 60 53.62 -69.67 19.56
N ASN EA 61 53.94 -68.69 18.71
CA ASN EA 61 54.83 -68.95 17.57
C ASN EA 61 56.22 -69.36 18.02
N SER EA 62 56.70 -68.81 19.14
CA SER EA 62 58.01 -69.20 19.65
C SER EA 62 58.00 -70.65 20.13
N VAL EA 63 56.87 -71.11 20.68
CA VAL EA 63 56.77 -72.52 21.08
C VAL EA 63 56.84 -73.40 19.85
N LYS EA 64 56.15 -73.00 18.77
CA LYS EA 64 56.22 -73.80 17.55
C LYS EA 64 57.64 -73.86 17.01
N ASP EA 65 58.36 -72.73 17.07
CA ASP EA 65 59.73 -72.71 16.55
C ASP EA 65 60.64 -73.60 17.37
N SER EA 66 60.49 -73.56 18.70
CA SER EA 66 61.31 -74.42 19.54
C SER EA 66 61.00 -75.90 19.31
N LEU EA 67 59.73 -76.23 19.04
CA LEU EA 67 59.39 -77.62 18.77
C LEU EA 67 60.03 -78.10 17.48
N GLN EA 68 60.01 -77.25 16.44
CA GLN EA 68 60.67 -77.64 15.19
C GLN EA 68 62.18 -77.77 15.39
N ARG EA 69 62.78 -76.91 16.20
CA ARG EA 69 64.21 -77.01 16.44
C ARG EA 69 64.56 -78.30 17.17
N GLY EA 70 63.74 -78.69 18.14
CA GLY EA 70 64.00 -79.93 18.86
C GLY EA 70 63.80 -81.15 17.97
N GLN EA 71 62.80 -81.11 17.10
CA GLN EA 71 62.62 -82.22 16.18
C GLN EA 71 63.81 -82.35 15.22
N SER EA 72 64.37 -81.23 14.77
CA SER EA 72 65.53 -81.30 13.88
C SER EA 72 66.77 -81.84 14.61
N THR EA 73 66.98 -81.39 15.85
CA THR EA 73 68.15 -81.88 16.57
C THR EA 73 67.98 -83.31 17.04
N ILE EA 74 66.76 -83.84 17.05
CA ILE EA 74 66.62 -85.29 17.26
C ILE EA 74 66.82 -86.04 15.94
N ASP EA 75 66.40 -85.44 14.82
CA ASP EA 75 66.59 -86.10 13.53
C ASP EA 75 68.06 -86.29 13.21
N VAL EA 76 68.90 -85.32 13.60
CA VAL EA 76 70.33 -85.50 13.35
C VAL EA 76 70.88 -86.67 14.17
N ALA EA 77 70.39 -86.85 15.40
CA ALA EA 77 70.85 -87.97 16.21
C ALA EA 77 70.38 -89.30 15.62
N LEU EA 78 69.18 -89.32 15.04
CA LEU EA 78 68.73 -90.55 14.38
C LEU EA 78 69.56 -90.84 13.14
N ALA EA 79 69.96 -89.81 12.39
CA ALA EA 79 70.82 -90.03 11.25
C ALA EA 79 72.19 -90.55 11.67
N ALA EA 80 72.67 -90.13 12.84
CA ALA EA 80 73.92 -90.70 13.35
C ALA EA 80 73.73 -92.14 13.85
N GLY EA 81 72.56 -92.44 14.43
CA GLY EA 81 72.34 -93.78 14.92
C GLY EA 81 72.16 -94.80 13.80
N ASP EA 82 71.72 -94.33 12.63
CA ASP EA 82 71.66 -95.21 11.47
C ASP EA 82 73.05 -95.74 11.13
N THR EA 83 74.09 -94.91 11.32
CA THR EA 83 75.46 -95.38 11.13
C THR EA 83 75.92 -96.21 12.33
N ILE EA 84 75.57 -95.77 13.54
CA ILE EA 84 76.11 -96.38 14.74
C ILE EA 84 75.67 -97.84 14.86
N THR EA 85 74.38 -98.12 14.60
CA THR EA 85 73.90 -99.48 14.78
C THR EA 85 74.49 -100.43 13.73
N ASP EA 86 74.57 -99.99 12.48
CA ASP EA 86 75.16 -100.82 11.44
C ASP EA 86 76.63 -101.08 11.72
N LEU EA 87 77.34 -100.07 12.23
CA LEU EA 87 78.75 -100.26 12.54
C LEU EA 87 78.92 -101.23 13.69
N LEU EA 88 78.03 -101.15 14.70
CA LEU EA 88 78.11 -102.10 15.81
C LEU EA 88 77.78 -103.52 15.35
N THR EA 89 76.88 -103.65 14.37
CA THR EA 89 76.61 -104.98 13.83
C THR EA 89 77.84 -105.53 13.11
N LYS EA 90 78.54 -104.68 12.36
CA LYS EA 90 79.76 -105.12 11.72
C LYS EA 90 80.82 -105.49 12.76
N MET EA 91 80.85 -104.76 13.88
CA MET EA 91 81.81 -105.07 14.93
C MET EA 91 81.51 -106.41 15.59
N LYS EA 92 80.23 -106.70 15.84
CA LYS EA 92 79.87 -108.00 16.38
C LYS EA 92 80.19 -109.12 15.40
N GLU EA 93 80.05 -108.84 14.10
CA GLU EA 93 80.41 -109.84 13.10
C GLU EA 93 81.90 -110.13 13.13
N LYS EA 94 82.73 -109.09 13.17
CA LYS EA 94 84.17 -109.30 13.24
C LYS EA 94 84.57 -109.99 14.54
N ALA EA 95 83.89 -109.69 15.64
CA ALA EA 95 84.21 -110.35 16.90
C ALA EA 95 83.86 -111.83 16.86
N LEU EA 96 82.69 -112.15 16.30
CA LEU EA 96 82.28 -113.56 16.21
C LEU EA 96 83.22 -114.32 15.27
N ALA EA 97 83.72 -113.66 14.23
CA ALA EA 97 84.75 -114.29 13.41
C ALA EA 97 86.06 -114.47 14.18
N ALA EA 98 86.40 -113.50 15.04
CA ALA EA 98 87.65 -113.57 15.79
C ALA EA 98 87.62 -114.65 16.88
N SER EA 99 86.42 -115.04 17.35
CA SER EA 99 86.35 -116.02 18.42
C SER EA 99 86.86 -117.40 18.00
N ASP EA 100 86.89 -117.69 16.69
CA ASP EA 100 87.29 -119.02 16.23
C ASP EA 100 88.74 -119.31 16.59
N THR EA 101 88.99 -120.56 16.98
CA THR EA 101 90.33 -121.02 17.33
C THR EA 101 91.13 -121.54 16.15
N SER EA 102 90.49 -121.81 15.01
CA SER EA 102 91.17 -122.40 13.86
C SER EA 102 91.99 -121.39 13.06
N LEU EA 103 91.82 -120.10 13.31
CA LEU EA 103 92.46 -119.08 12.50
C LEU EA 103 93.96 -119.05 12.73
N ASN EA 104 94.71 -118.81 11.65
CA ASN EA 104 96.13 -118.51 11.77
C ASN EA 104 96.33 -117.10 12.33
N THR EA 105 97.48 -116.88 12.95
CA THR EA 105 97.69 -115.67 13.76
C THR EA 105 97.56 -114.40 12.92
N ALA EA 106 97.99 -114.45 11.66
CA ALA EA 106 97.95 -113.23 10.84
C ALA EA 106 96.51 -112.80 10.59
N SER EA 107 95.60 -113.75 10.36
CA SER EA 107 94.20 -113.39 10.20
C SER EA 107 93.63 -112.81 11.49
N PHE EA 108 94.10 -113.29 12.64
CA PHE EA 108 93.60 -112.74 13.90
C PHE EA 108 94.10 -111.31 14.11
N ASN EA 109 95.36 -111.03 13.71
CA ASN EA 109 95.82 -109.65 13.75
C ASN EA 109 95.04 -108.78 12.79
N ALA EA 110 94.64 -109.33 11.64
CA ALA EA 110 93.85 -108.55 10.70
C ALA EA 110 92.48 -108.22 11.28
N LEU EA 111 91.83 -109.19 11.91
CA LEU EA 111 90.54 -108.92 12.55
C LEU EA 111 90.68 -107.95 13.72
N LYS EA 112 91.81 -108.01 14.44
CA LYS EA 112 92.05 -107.04 15.50
C LYS EA 112 92.19 -105.63 14.95
N ALA EA 113 92.85 -105.50 13.79
CA ALA EA 113 92.95 -104.20 13.15
C ALA EA 113 91.60 -103.70 12.67
N ASP EA 114 90.77 -104.61 12.15
CA ASP EA 114 89.43 -104.20 11.73
C ASP EA 114 88.60 -103.74 12.93
N PHE EA 115 88.73 -104.43 14.06
CA PHE EA 115 87.99 -104.03 15.25
C PHE EA 115 88.48 -102.67 15.77
N GLU EA 116 89.79 -102.43 15.74
CA GLU EA 116 90.29 -101.14 16.21
C GLU EA 116 89.80 -100.01 15.30
N SER EA 117 89.83 -100.24 13.99
CA SER EA 117 89.42 -99.20 13.05
C SER EA 117 87.93 -98.91 13.15
N LEU EA 118 87.12 -99.96 13.25
CA LEU EA 118 85.68 -99.75 13.41
C LEU EA 118 85.34 -99.11 14.74
N ARG EA 119 86.12 -99.39 15.79
CA ARG EA 119 85.86 -98.75 17.07
C ARG EA 119 86.15 -97.25 16.99
N ASP EA 120 87.26 -96.88 16.37
CA ASP EA 120 87.56 -95.46 16.20
C ASP EA 120 86.54 -94.78 15.30
N GLN EA 121 86.08 -95.48 14.26
CA GLN EA 121 85.06 -94.90 13.38
C GLN EA 121 83.75 -94.71 14.12
N LEU EA 122 83.43 -95.62 15.05
CA LEU EA 122 82.23 -95.45 15.87
C LEU EA 122 82.38 -94.24 16.79
N GLN EA 123 83.58 -94.06 17.36
CA GLN EA 123 83.80 -92.90 18.21
C GLN EA 123 83.66 -91.61 17.42
N LYS EA 124 84.11 -91.60 16.16
CA LYS EA 124 83.98 -90.40 15.34
C LYS EA 124 82.53 -90.15 14.97
N ALA EA 125 81.82 -91.19 14.53
CA ALA EA 125 80.42 -91.02 14.13
C ALA EA 125 79.54 -90.62 15.31
N ALA EA 126 79.91 -91.03 16.52
CA ALA EA 126 79.21 -90.56 17.70
C ALA EA 126 79.58 -89.12 18.06
N THR EA 127 80.85 -88.75 17.95
CA THR EA 127 81.26 -87.40 18.30
C THR EA 127 80.68 -86.35 17.35
N ASN EA 128 80.51 -86.69 16.07
CA ASN EA 128 80.09 -85.68 15.10
C ASN EA 128 78.60 -85.41 15.11
N ALA EA 129 77.81 -86.13 15.91
CA ALA EA 129 76.36 -86.00 15.91
C ALA EA 129 75.94 -84.78 16.75
N LYS EA 130 75.74 -83.66 16.05
CA LYS EA 130 75.21 -82.46 16.66
C LYS EA 130 74.61 -81.56 15.60
N PHE EA 131 73.59 -80.81 15.99
CA PHE EA 131 72.87 -79.89 15.10
C PHE EA 131 72.89 -78.50 15.73
N ASN EA 132 73.41 -77.53 14.99
CA ASN EA 132 73.44 -76.13 15.42
C ASN EA 132 74.13 -75.97 16.77
N GLY EA 133 75.18 -76.76 17.01
CA GLY EA 133 75.97 -76.65 18.21
C GLY EA 133 75.46 -77.41 19.42
N VAL EA 134 74.36 -78.15 19.30
CA VAL EA 134 73.80 -78.93 20.39
C VAL EA 134 73.45 -80.31 19.88
N SER EA 135 73.36 -81.27 20.81
CA SER EA 135 73.34 -82.67 20.44
C SER EA 135 72.60 -83.50 21.49
N LEU EA 136 72.15 -84.68 21.05
CA LEU EA 136 71.60 -85.68 21.96
C LEU EA 136 72.27 -87.04 21.79
N ALA EA 137 73.49 -87.08 21.27
CA ALA EA 137 74.19 -88.35 21.07
C ALA EA 137 75.59 -88.40 21.66
N ASP EA 138 76.37 -87.33 21.61
CA ASP EA 138 77.74 -87.34 22.11
C ASP EA 138 77.82 -87.24 23.62
N GLY EA 139 76.70 -87.04 24.31
CA GLY EA 139 76.72 -86.96 25.76
C GLY EA 139 77.10 -85.61 26.31
N SER EA 140 77.06 -84.56 25.49
CA SER EA 140 77.45 -83.22 25.93
C SER EA 140 76.57 -82.68 27.04
N THR EA 141 75.29 -83.07 27.08
CA THR EA 141 74.39 -82.61 28.13
C THR EA 141 73.36 -83.70 28.37
N THR EA 142 72.99 -83.87 29.64
CA THR EA 142 72.13 -84.98 30.01
C THR EA 142 70.72 -84.84 29.44
N LYS EA 143 70.28 -83.62 29.13
CA LYS EA 143 68.93 -83.41 28.63
C LYS EA 143 68.82 -82.05 27.98
N LEU EA 144 68.05 -81.97 26.89
CA LEU EA 144 67.58 -80.71 26.34
C LEU EA 144 66.16 -80.46 26.83
N SER EA 145 65.81 -79.18 27.00
CA SER EA 145 64.51 -78.80 27.53
C SER EA 145 63.89 -77.73 26.63
N PHE EA 146 63.17 -78.17 25.61
CA PHE EA 146 62.48 -77.31 24.67
C PHE EA 146 61.19 -76.74 25.29
N LEU EA 147 60.71 -75.65 24.67
CA LEU EA 147 59.45 -75.04 25.06
C LEU EA 147 58.30 -76.01 24.92
N ALA EA 148 57.28 -75.85 25.77
CA ALA EA 148 56.07 -76.66 25.68
C ALA EA 148 54.79 -75.85 25.59
N ASN EA 149 54.71 -74.67 26.19
CA ASN EA 149 53.48 -73.89 26.15
C ASN EA 149 53.85 -72.43 26.41
N GLU EA 150 52.89 -71.52 26.23
CA GLU EA 150 53.23 -70.10 26.13
C GLU EA 150 53.77 -69.54 27.44
N ASP EA 151 53.46 -70.18 28.56
CA ASP EA 151 53.89 -69.70 29.86
C ASP EA 151 55.35 -70.02 30.18
N GLY EA 152 56.03 -70.75 29.29
CA GLY EA 152 57.41 -71.13 29.50
C GLY EA 152 57.62 -72.55 29.96
N SER EA 153 56.55 -73.35 30.06
CA SER EA 153 56.68 -74.73 30.49
C SER EA 153 57.58 -75.50 29.52
N ASN EA 154 58.46 -76.33 30.07
CA ASN EA 154 59.46 -77.00 29.27
C ASN EA 154 58.97 -78.36 28.78
N PHE EA 155 59.46 -78.76 27.61
CA PHE EA 155 59.27 -80.09 27.04
C PHE EA 155 60.59 -80.84 27.17
N THR EA 156 60.79 -81.46 28.32
CA THR EA 156 62.05 -82.14 28.59
C THR EA 156 62.24 -83.32 27.65
N VAL EA 157 63.49 -83.55 27.24
CA VAL EA 157 63.85 -84.67 26.38
C VAL EA 157 65.17 -85.23 26.88
N THR EA 158 65.13 -86.45 27.43
CA THR EA 158 66.32 -87.06 28.00
C THR EA 158 67.30 -87.45 26.90
N ALA EA 159 68.53 -86.94 27.00
CA ALA EA 159 69.56 -87.29 26.03
C ALA EA 159 69.99 -88.75 26.20
N GLN EA 160 70.26 -89.40 25.08
CA GLN EA 160 70.77 -90.76 25.06
C GLN EA 160 72.19 -90.73 24.49
N THR EA 161 73.19 -90.85 25.37
CA THR EA 161 74.56 -90.84 24.91
C THR EA 161 74.81 -92.03 23.99
N LEU EA 162 75.47 -91.75 22.85
CA LEU EA 162 75.77 -92.81 21.89
C LEU EA 162 77.27 -92.98 21.64
N SER EA 163 78.12 -92.39 22.47
CA SER EA 163 79.56 -92.56 22.35
C SER EA 163 79.96 -93.94 22.86
N LEU EA 164 81.24 -94.27 22.73
CA LEU EA 164 81.68 -95.60 23.17
C LEU EA 164 81.40 -95.82 24.65
N THR EA 165 81.52 -94.77 25.47
CA THR EA 165 81.31 -94.93 26.90
C THR EA 165 79.83 -95.10 27.24
N GLY EA 166 78.95 -94.32 26.61
CA GLY EA 166 77.53 -94.51 26.84
C GLY EA 166 76.98 -95.76 26.19
N ILE EA 167 77.60 -96.22 25.10
CA ILE EA 167 77.33 -97.51 24.51
C ILE EA 167 77.98 -98.63 25.33
N GLY EA 168 78.91 -98.28 26.22
CA GLY EA 168 79.51 -99.21 27.14
C GLY EA 168 80.92 -99.66 26.82
N LEU EA 169 81.42 -99.42 25.61
CA LEU EA 169 82.79 -99.77 25.29
C LEU EA 169 83.77 -98.75 25.89
N THR EA 170 84.98 -99.22 26.16
CA THR EA 170 86.08 -98.33 26.51
C THR EA 170 86.75 -97.81 25.24
N ALA EA 171 87.53 -96.74 25.42
CA ALA EA 171 88.15 -96.09 24.27
C ALA EA 171 89.29 -96.92 23.67
N THR EA 172 89.78 -97.92 24.40
CA THR EA 172 90.94 -98.69 23.97
C THR EA 172 90.63 -100.18 23.87
N SER EA 173 89.37 -100.59 24.05
CA SER EA 173 89.03 -102.00 24.10
C SER EA 173 89.37 -102.71 22.80
N THR EA 174 89.98 -103.88 22.92
CA THR EA 174 90.24 -104.76 21.79
C THR EA 174 90.58 -106.14 22.33
N PHE EA 175 90.18 -107.17 21.57
CA PHE EA 175 90.51 -108.53 21.97
C PHE EA 175 91.97 -108.85 21.63
N THR EA 176 92.55 -109.75 22.42
CA THR EA 176 93.92 -110.19 22.23
C THR EA 176 94.04 -111.67 21.86
N ASP EA 177 93.26 -112.54 22.50
CA ASP EA 177 93.21 -113.95 22.17
C ASP EA 177 91.79 -114.29 21.75
N ALA EA 178 91.59 -115.52 21.26
CA ALA EA 178 90.26 -115.93 20.82
C ALA EA 178 89.27 -115.92 21.97
N ALA EA 179 89.73 -116.26 23.18
CA ALA EA 179 88.84 -116.17 24.33
C ALA EA 179 88.43 -114.74 24.63
N THR EA 180 89.31 -113.78 24.36
CA THR EA 180 88.95 -112.38 24.58
C THR EA 180 87.85 -111.93 23.63
N ALA EA 181 87.89 -112.38 22.37
CA ALA EA 181 86.77 -112.11 21.47
C ALA EA 181 85.51 -112.85 21.90
N LYS EA 182 85.66 -114.05 22.44
CA LYS EA 182 84.50 -114.80 22.93
C LYS EA 182 83.84 -114.09 24.10
N THR EA 183 84.63 -113.38 24.91
CA THR EA 183 84.05 -112.58 25.98
C THR EA 183 83.47 -111.28 25.45
N MET EA 184 84.12 -110.67 24.44
CA MET EA 184 83.70 -109.35 23.99
C MET EA 184 82.48 -109.40 23.07
N ILE EA 185 82.13 -110.57 22.54
CA ILE EA 185 80.93 -110.66 21.69
C ILE EA 185 79.68 -110.31 22.47
N ALA EA 186 79.61 -110.74 23.74
CA ALA EA 186 78.44 -110.41 24.56
C ALA EA 186 78.38 -108.93 24.86
N THR EA 187 79.54 -108.30 25.05
CA THR EA 187 79.57 -106.86 25.30
C THR EA 187 79.07 -106.10 24.09
N ILE EA 188 79.49 -106.50 22.89
CA ILE EA 188 78.99 -105.83 21.69
C ILE EA 188 77.50 -106.08 21.51
N THR EA 189 77.01 -107.26 21.90
CA THR EA 189 75.58 -107.52 21.78
C THR EA 189 74.77 -106.61 22.70
N THR EA 190 75.17 -106.52 23.97
CA THR EA 190 74.46 -105.63 24.89
C THR EA 190 74.59 -104.18 24.46
N SER EA 191 75.72 -103.81 23.87
CA SER EA 191 75.91 -102.45 23.39
C SER EA 191 74.93 -102.12 22.26
N LEU EA 192 74.78 -103.04 21.30
CA LEU EA 192 73.83 -102.81 20.22
C LEU EA 192 72.41 -102.76 20.74
N GLN EA 193 72.10 -103.57 21.77
CA GLN EA 193 70.75 -103.54 22.32
C GLN EA 193 70.46 -102.21 23.00
N THR EA 194 71.43 -101.68 23.76
CA THR EA 194 71.23 -100.38 24.39
C THR EA 194 71.09 -99.28 23.36
N ALA EA 195 71.86 -99.37 22.27
CA ALA EA 195 71.75 -98.35 21.21
C ALA EA 195 70.36 -98.39 20.57
N THR EA 196 69.81 -99.60 20.38
CA THR EA 196 68.49 -99.70 19.80
C THR EA 196 67.43 -99.11 20.72
N ASN EA 197 67.53 -99.38 22.04
CA ASN EA 197 66.57 -98.80 22.96
C ASN EA 197 66.66 -97.28 22.98
N LYS EA 198 67.88 -96.74 22.89
CA LYS EA 198 68.02 -95.29 22.92
C LYS EA 198 67.43 -94.65 21.67
N LEU EA 199 67.65 -95.26 20.50
CA LEU EA 199 67.04 -94.71 19.29
C LEU EA 199 65.53 -94.81 19.33
N SER EA 200 64.99 -95.88 19.94
CA SER EA 200 63.55 -95.98 20.05
C SER EA 200 62.98 -94.88 20.95
N SER EA 201 63.69 -94.56 22.04
CA SER EA 201 63.24 -93.49 22.91
C SER EA 201 63.27 -92.14 22.19
N LEU EA 202 64.33 -91.90 21.41
CA LEU EA 202 64.41 -90.64 20.68
C LEU EA 202 63.32 -90.53 19.62
N GLY EA 203 62.97 -91.63 18.97
CA GLY EA 203 61.89 -91.57 17.99
C GLY EA 203 60.53 -91.34 18.64
N THR EA 204 60.31 -91.93 19.81
CA THR EA 204 59.07 -91.65 20.52
C THR EA 204 59.00 -90.20 20.96
N SER EA 205 60.12 -89.62 21.37
CA SER EA 205 60.15 -88.20 21.70
C SER EA 205 59.84 -87.35 20.47
N SER EA 206 60.29 -87.79 19.30
CA SER EA 206 59.98 -87.06 18.07
C SER EA 206 58.48 -87.09 17.78
N VAL EA 207 57.85 -88.25 17.93
CA VAL EA 207 56.41 -88.33 17.70
C VAL EA 207 55.66 -87.45 18.69
N GLY EA 208 56.13 -87.40 19.94
CA GLY EA 208 55.45 -86.56 20.91
C GLY EA 208 55.62 -85.08 20.63
N LEU EA 209 56.80 -84.68 20.16
CA LEU EA 209 57.00 -83.28 19.78
C LEU EA 209 56.13 -82.89 18.61
N ASP EA 210 55.99 -83.78 17.62
CA ASP EA 210 55.15 -83.47 16.46
C ASP EA 210 53.69 -83.36 16.87
N THR EA 211 53.24 -84.25 17.76
CA THR EA 211 51.85 -84.20 18.20
C THR EA 211 51.58 -82.94 19.01
N HIS EA 212 52.53 -82.52 19.85
CA HIS EA 212 52.35 -81.28 20.58
C HIS EA 212 52.38 -80.09 19.64
N LEU EA 213 53.14 -80.16 18.54
CA LEU EA 213 53.12 -79.09 17.56
C LEU EA 213 51.75 -78.97 16.90
N THR EA 214 51.13 -80.10 16.56
CA THR EA 214 49.79 -80.06 15.99
C THR EA 214 48.80 -79.47 16.98
N PHE EA 215 48.90 -79.87 18.25
CA PHE EA 215 47.97 -79.33 19.24
C PHE EA 215 48.19 -77.83 19.46
N VAL EA 216 49.44 -77.38 19.42
CA VAL EA 216 49.71 -75.94 19.58
C VAL EA 216 49.16 -75.17 18.39
N GLY EA 217 49.19 -75.78 17.20
CA GLY EA 217 48.61 -75.10 16.05
C GLY EA 217 47.10 -74.97 16.17
N LYS EA 218 46.44 -76.05 16.57
CA LYS EA 218 45.00 -75.96 16.80
C LYS EA 218 44.67 -74.99 17.92
N LEU EA 219 45.52 -74.92 18.94
CA LEU EA 219 45.28 -74.03 20.07
C LEU EA 219 45.39 -72.58 19.65
N GLN EA 220 46.41 -72.24 18.85
CA GLN EA 220 46.55 -70.88 18.37
C GLN EA 220 45.39 -70.50 17.45
N ASP EA 221 44.93 -71.45 16.63
CA ASP EA 221 43.77 -71.17 15.79
C ASP EA 221 42.54 -70.91 16.64
N SER EA 222 42.39 -71.65 17.74
CA SER EA 222 41.23 -71.47 18.60
C SER EA 222 41.26 -70.12 19.32
N LEU EA 223 42.44 -69.71 19.82
CA LEU EA 223 42.53 -68.40 20.46
C LEU EA 223 42.36 -67.26 19.46
N ASP EA 224 42.85 -67.41 18.23
CA ASP EA 224 42.66 -66.34 17.26
C ASP EA 224 41.19 -66.22 16.88
N ALA EA 225 40.51 -67.35 16.65
CA ALA EA 225 39.09 -67.29 16.36
C ALA EA 225 38.31 -66.75 17.55
N GLY EA 226 38.73 -67.07 18.77
CA GLY EA 226 38.00 -66.60 19.93
C GLY EA 226 38.15 -65.11 20.16
N VAL EA 227 39.36 -64.58 19.97
CA VAL EA 227 39.55 -63.16 20.15
C VAL EA 227 38.85 -62.38 19.05
N GLY EA 228 38.86 -62.90 17.82
CA GLY EA 228 38.17 -62.22 16.75
C GLY EA 228 36.66 -62.22 16.96
N ASN EA 229 36.13 -63.33 17.46
CA ASN EA 229 34.72 -63.39 17.80
C ASN EA 229 34.40 -62.45 18.96
N LEU EA 230 35.32 -62.31 19.89
CA LEU EA 230 35.09 -61.44 21.04
C LEU EA 230 35.16 -59.96 20.64
N VAL EA 231 35.81 -59.65 19.51
CA VAL EA 231 35.99 -58.28 19.08
C VAL EA 231 35.13 -57.94 17.87
N ASP EA 232 35.17 -58.76 16.81
CA ASP EA 232 34.72 -58.34 15.50
C ASP EA 232 33.24 -57.96 15.49
N ALA EA 233 32.94 -56.84 14.84
CA ALA EA 233 31.57 -56.42 14.58
C ALA EA 233 30.98 -57.21 13.42
N ASP EA 234 29.65 -57.34 13.44
CA ASP EA 234 28.91 -57.98 12.36
C ASP EA 234 28.48 -56.89 11.38
N LEU EA 235 29.25 -56.73 10.31
CA LEU EA 235 29.05 -55.60 9.39
C LEU EA 235 27.73 -55.68 8.64
N ALA EA 236 27.21 -56.89 8.44
CA ALA EA 236 25.96 -57.00 7.68
C ALA EA 236 24.81 -56.31 8.39
N LYS EA 237 24.77 -56.38 9.73
CA LYS EA 237 23.85 -55.54 10.49
C LYS EA 237 24.23 -54.09 10.42
N GLU EA 238 25.53 -53.80 10.30
CA GLU EA 238 26.01 -52.42 10.32
C GLU EA 238 25.54 -51.63 9.11
N SER EA 239 25.40 -52.28 7.96
CA SER EA 239 25.10 -51.54 6.72
C SER EA 239 23.70 -50.94 6.77
N ALA EA 240 22.72 -51.68 7.30
CA ALA EA 240 21.36 -51.17 7.33
C ALA EA 240 21.23 -49.99 8.29
N LYS EA 241 21.83 -50.08 9.47
CA LYS EA 241 21.81 -48.94 10.37
C LYS EA 241 22.62 -47.78 9.83
N LEU EA 242 23.64 -48.04 9.00
CA LEU EA 242 24.37 -46.96 8.37
C LEU EA 242 23.47 -46.17 7.43
N GLN EA 243 22.74 -46.89 6.57
CA GLN EA 243 21.82 -46.20 5.65
C GLN EA 243 20.71 -45.49 6.43
N SER EA 244 20.23 -46.11 7.52
CA SER EA 244 19.16 -45.49 8.30
C SER EA 244 19.64 -44.22 8.99
N LEU EA 245 20.88 -44.22 9.49
CA LEU EA 245 21.43 -42.99 10.07
C LEU EA 245 21.65 -41.93 9.01
N GLN EA 246 22.02 -42.33 7.79
CA GLN EA 246 22.16 -41.34 6.73
C GLN EA 246 20.82 -40.71 6.37
N THR EA 247 19.73 -41.48 6.48
CA THR EA 247 18.40 -40.91 6.26
C THR EA 247 17.99 -40.00 7.42
N LYS EA 248 18.27 -40.45 8.66
CA LYS EA 248 17.90 -39.65 9.83
C LYS EA 248 18.67 -38.34 9.88
N GLN EA 249 19.90 -38.32 9.34
CA GLN EA 249 20.66 -37.07 9.30
C GLN EA 249 19.97 -36.03 8.43
N GLN EA 250 19.49 -36.46 7.25
CA GLN EA 250 18.77 -35.54 6.38
C GLN EA 250 17.47 -35.07 7.02
N LEU EA 251 16.74 -36.00 7.65
CA LEU EA 251 15.49 -35.61 8.30
C LEU EA 251 15.74 -34.65 9.46
N GLY EA 252 16.85 -34.82 10.18
CA GLY EA 252 17.17 -33.90 11.26
C GLY EA 252 17.56 -32.54 10.76
N VAL EA 253 18.28 -32.49 9.62
CA VAL EA 253 18.60 -31.20 9.03
C VAL EA 253 17.33 -30.47 8.60
N GLN EA 254 16.37 -31.19 8.02
CA GLN EA 254 15.14 -30.54 7.61
C GLN EA 254 14.34 -30.04 8.82
N ALA EA 255 14.29 -30.84 9.88
CA ALA EA 255 13.57 -30.41 11.07
C ALA EA 255 14.24 -29.22 11.73
N LEU EA 256 15.58 -29.18 11.74
CA LEU EA 256 16.27 -28.00 12.25
C LEU EA 256 15.99 -26.78 11.39
N SER EA 257 15.84 -26.98 10.07
CA SER EA 257 15.52 -25.86 9.21
C SER EA 257 14.12 -25.31 9.50
N ILE EA 258 13.14 -26.20 9.71
CA ILE EA 258 11.80 -25.72 10.04
C ILE EA 258 11.78 -25.06 11.42
N ALA EA 259 12.55 -25.59 12.36
CA ALA EA 259 12.65 -24.97 13.68
C ALA EA 259 13.30 -23.59 13.58
N ASN EA 260 14.20 -23.42 12.62
CA ASN EA 260 14.78 -22.10 12.40
C ASN EA 260 13.77 -21.15 11.77
N GLN EA 261 12.97 -21.66 10.82
CA GLN EA 261 12.03 -20.80 10.11
C GLN EA 261 10.89 -20.35 11.02
N THR EA 262 10.51 -21.17 12.00
CA THR EA 262 9.33 -20.87 12.81
C THR EA 262 9.39 -19.51 13.52
N PRO EA 263 10.48 -19.12 14.20
CA PRO EA 263 10.51 -17.79 14.82
C PRO EA 263 10.34 -16.64 13.84
N GLN EA 264 10.80 -16.81 12.60
CA GLN EA 264 10.79 -15.73 11.61
C GLN EA 264 9.39 -15.25 11.29
N THR EA 265 8.37 -16.09 11.52
CA THR EA 265 7.01 -15.80 11.12
C THR EA 265 6.46 -14.53 11.77
N ILE EA 266 6.97 -14.17 12.95
CA ILE EA 266 6.42 -13.05 13.71
C ILE EA 266 6.59 -11.74 12.96
N LEU EA 267 7.51 -11.69 11.99
CA LEU EA 267 7.75 -10.45 11.25
C LEU EA 267 6.51 -9.93 10.53
N SER EA 268 5.62 -10.84 10.11
CA SER EA 268 4.48 -10.47 9.29
C SER EA 268 3.36 -9.80 10.07
N LEU EA 269 3.37 -9.86 11.40
CA LEU EA 269 2.30 -9.24 12.17
C LEU EA 269 2.32 -7.72 12.10
N PHE EA 270 3.46 -7.12 11.80
CA PHE EA 270 3.57 -5.67 11.75
C PHE EA 270 3.63 -5.19 10.30
N LEU FA 1 -16.74 26.95 36.18
CA LEU FA 1 -17.18 26.09 35.08
C LEU FA 1 -16.84 26.71 33.74
N ASN FA 2 -17.51 27.83 33.41
CA ASN FA 2 -17.27 28.54 32.16
C ASN FA 2 -16.12 29.53 32.35
N SER FA 3 -14.96 28.98 32.70
CA SER FA 3 -13.80 29.77 33.07
C SER FA 3 -12.93 30.03 31.84
N ILE FA 4 -12.75 31.31 31.50
CA ILE FA 4 -11.81 31.67 30.46
C ILE FA 4 -10.37 31.42 30.87
N ASN FA 5 -10.05 31.51 32.16
CA ASN FA 5 -8.68 31.43 32.64
C ASN FA 5 -8.17 30.03 32.85
N THR FA 6 -9.04 29.03 32.91
CA THR FA 6 -8.61 27.66 33.16
C THR FA 6 -9.72 26.71 32.73
N ASN FA 7 -9.31 25.55 32.20
CA ASN FA 7 -10.27 24.47 31.99
C ASN FA 7 -9.70 23.15 32.51
N PRO FA 8 -10.42 22.46 33.39
CA PRO FA 8 -9.97 21.12 33.83
C PRO FA 8 -9.89 20.10 32.70
N GLY FA 9 -10.75 20.20 31.70
CA GLY FA 9 -10.92 19.09 30.77
C GLY FA 9 -9.71 18.87 29.90
N ALA FA 10 -9.05 19.94 29.47
CA ALA FA 10 -7.81 19.79 28.73
C ALA FA 10 -6.71 19.20 29.60
N LEU FA 11 -6.73 19.49 30.91
CA LEU FA 11 -5.75 18.86 31.79
C LEU FA 11 -5.99 17.37 31.92
N LEU FA 12 -7.24 16.95 32.06
CA LEU FA 12 -7.53 15.52 32.14
C LEU FA 12 -7.21 14.82 30.82
N ALA FA 13 -7.48 15.50 29.69
CA ALA FA 13 -7.12 14.91 28.41
C ALA FA 13 -5.62 14.81 28.23
N LEU FA 14 -4.87 15.81 28.70
CA LEU FA 14 -3.42 15.72 28.61
C LEU FA 14 -2.88 14.62 29.49
N GLN FA 15 -3.53 14.36 30.63
CA GLN FA 15 -3.09 13.26 31.49
C GLN FA 15 -3.35 11.91 30.83
N ASN FA 16 -4.54 11.75 30.24
CA ASN FA 16 -4.83 10.49 29.55
C ASN FA 16 -3.90 10.28 28.37
N LEU FA 17 -3.63 11.34 27.60
CA LEU FA 17 -2.71 11.22 26.48
C LEU FA 17 -1.28 10.95 26.95
N ASN FA 18 -0.90 11.50 28.11
CA ASN FA 18 0.44 11.21 28.64
C ASN FA 18 0.56 9.76 29.05
N SER FA 19 -0.50 9.20 29.66
CA SER FA 19 -0.47 7.78 30.00
C SER FA 19 -0.40 6.93 28.74
N THR FA 20 -1.14 7.32 27.70
CA THR FA 20 -1.07 6.59 26.43
C THR FA 20 0.34 6.68 25.83
N ASN FA 21 0.98 7.85 25.93
CA ASN FA 21 2.32 8.00 25.38
C ASN FA 21 3.34 7.19 26.15
N THR FA 22 3.22 7.14 27.48
CA THR FA 22 4.17 6.36 28.26
C THR FA 22 3.99 4.87 28.00
N GLU FA 23 2.75 4.41 27.90
CA GLU FA 23 2.55 2.99 27.59
C GLU FA 23 2.99 2.67 26.16
N LEU FA 24 2.85 3.63 25.24
CA LEU FA 24 3.41 3.45 23.89
C LEU FA 24 4.92 3.37 23.91
N ALA FA 25 5.57 4.16 24.77
CA ALA FA 25 7.03 4.07 24.88
C ALA FA 25 7.44 2.71 25.44
N ALA FA 26 6.67 2.20 26.41
CA ALA FA 26 6.97 0.88 26.95
C ALA FA 26 6.76 -0.21 25.91
N THR FA 27 5.71 -0.08 25.08
CA THR FA 27 5.50 -1.05 24.01
C THR FA 27 6.60 -0.97 22.97
N GLN FA 28 7.08 0.24 22.66
CA GLN FA 28 8.19 0.39 21.72
C GLN FA 28 9.46 -0.24 22.26
N GLY FA 29 9.69 -0.11 23.57
CA GLY FA 29 10.86 -0.74 24.15
C GLY FA 29 10.74 -2.26 24.17
N ARG FA 30 9.53 -2.77 24.42
CA ARG FA 30 9.33 -4.21 24.37
C ARG FA 30 9.48 -4.74 22.95
N ILE FA 31 9.13 -3.93 21.95
CA ILE FA 31 9.23 -4.40 20.57
C ILE FA 31 10.68 -4.37 20.09
N ASN FA 32 11.35 -3.23 20.25
CA ASN FA 32 12.74 -3.13 19.79
C ASN FA 32 13.67 -4.03 20.58
N THR FA 33 13.40 -4.26 21.87
CA THR FA 33 14.23 -5.16 22.65
C THR FA 33 13.83 -6.61 22.49
N GLY FA 34 12.53 -6.90 22.38
CA GLY FA 34 12.04 -8.25 22.31
C GLY FA 34 11.94 -8.97 23.64
N LYS FA 35 12.10 -8.25 24.76
CA LYS FA 35 12.14 -8.85 26.08
C LYS FA 35 11.28 -8.02 27.02
N LYS FA 36 10.38 -8.68 27.77
CA LYS FA 36 9.45 -7.96 28.62
C LYS FA 36 10.09 -7.45 29.91
N VAL FA 37 11.31 -7.89 30.21
CA VAL FA 37 12.08 -7.32 31.32
C VAL FA 37 13.46 -6.93 30.79
N ALA FA 38 13.49 -5.91 29.94
CA ALA FA 38 14.69 -5.58 29.18
C ALA FA 38 15.86 -5.18 30.07
N ASN FA 39 15.59 -4.59 31.24
CA ASN FA 39 16.65 -4.09 32.10
C ASN FA 39 16.14 -4.11 33.53
N ALA FA 40 16.97 -3.58 34.45
CA ALA FA 40 16.62 -3.60 35.87
C ALA FA 40 15.37 -2.79 36.17
N LYS FA 41 15.07 -1.75 35.39
CA LYS FA 41 13.90 -0.93 35.68
C LYS FA 41 12.60 -1.72 35.51
N ASP FA 42 12.56 -2.64 34.54
CA ASP FA 42 11.30 -3.30 34.23
C ASP FA 42 10.84 -4.20 35.36
N ASN FA 43 11.77 -4.92 35.99
CA ASN FA 43 11.48 -5.82 37.10
C ASN FA 43 12.80 -6.36 37.63
N GLY FA 44 13.28 -5.83 38.76
CA GLY FA 44 14.64 -6.09 39.18
C GLY FA 44 14.90 -7.53 39.59
N ALA FA 45 13.93 -8.18 40.23
CA ALA FA 45 14.16 -9.51 40.76
C ALA FA 45 14.31 -10.54 39.65
N ILE FA 46 13.38 -10.53 38.69
CA ILE FA 46 13.47 -11.46 37.57
C ILE FA 46 14.70 -11.15 36.73
N TRP FA 47 15.07 -9.87 36.64
CA TRP FA 47 16.26 -9.50 35.88
C TRP FA 47 17.52 -10.03 36.53
N SER FA 48 17.60 -9.98 37.86
CA SER FA 48 18.75 -10.53 38.56
C SER FA 48 18.80 -12.05 38.42
N MET FA 49 17.63 -12.70 38.51
CA MET FA 49 17.59 -14.14 38.35
C MET FA 49 18.10 -14.55 36.99
N ALA FA 50 17.58 -13.92 35.94
CA ALA FA 50 18.00 -14.27 34.58
C ALA FA 50 19.45 -13.91 34.32
N LYS FA 51 19.95 -12.83 34.92
CA LYS FA 51 21.34 -12.48 34.69
C LYS FA 51 22.28 -13.50 35.33
N MET FA 52 21.97 -13.96 36.54
CA MET FA 52 22.80 -15.00 37.15
C MET FA 52 22.69 -16.32 36.37
N GLN FA 53 21.49 -16.63 35.87
CA GLN FA 53 21.33 -17.84 35.08
C GLN FA 53 22.16 -17.77 33.80
N SER FA 54 22.10 -16.65 33.10
CA SER FA 54 22.88 -16.47 31.87
C SER FA 54 24.36 -16.47 32.16
N ALA FA 55 24.76 -15.96 33.32
CA ALA FA 55 26.18 -15.98 33.68
C ALA FA 55 26.67 -17.40 33.87
N THR FA 56 25.87 -18.24 34.53
CA THR FA 56 26.28 -19.64 34.68
C THR FA 56 26.30 -20.36 33.34
N ALA FA 57 25.29 -20.12 32.50
CA ALA FA 57 25.22 -20.79 31.20
C ALA FA 57 26.39 -20.37 30.32
N SER FA 58 26.84 -19.12 30.44
CA SER FA 58 28.01 -18.68 29.70
C SER FA 58 29.29 -19.27 30.29
N SER FA 59 29.33 -19.47 31.61
CA SER FA 59 30.51 -20.04 32.26
C SER FA 59 30.71 -21.52 31.94
N LEU FA 60 29.65 -22.22 31.53
CA LEU FA 60 29.80 -23.64 31.22
C LEU FA 60 30.74 -23.93 30.05
N ASN FA 61 31.02 -22.93 29.21
CA ASN FA 61 31.85 -23.18 28.03
C ASN FA 61 33.27 -23.59 28.42
N SER FA 62 33.81 -23.03 29.49
CA SER FA 62 35.15 -23.44 29.93
C SER FA 62 35.14 -24.87 30.43
N VAL FA 63 34.04 -25.31 31.04
CA VAL FA 63 33.94 -26.71 31.45
C VAL FA 63 33.95 -27.62 30.24
N LYS FA 64 33.24 -27.20 29.17
CA LYS FA 64 33.26 -28.00 27.95
C LYS FA 64 34.67 -28.05 27.36
N ASP FA 65 35.39 -26.94 27.42
CA ASP FA 65 36.75 -26.91 26.87
C ASP FA 65 37.69 -27.79 27.68
N SER FA 66 37.55 -27.78 29.00
CA SER FA 66 38.39 -28.63 29.83
C SER FA 66 38.09 -30.11 29.59
N LEU FA 67 36.81 -30.44 29.36
CA LEU FA 67 36.47 -31.84 29.08
C LEU FA 67 37.06 -32.29 27.75
N GLN FA 68 37.02 -31.43 26.73
CA GLN FA 68 37.61 -31.80 25.45
C GLN FA 68 39.13 -31.92 25.56
N ARG FA 69 39.76 -31.04 26.34
CA ARG FA 69 41.20 -31.13 26.53
C ARG FA 69 41.57 -32.42 27.26
N GLY FA 70 40.75 -32.85 28.22
CA GLY FA 70 41.03 -34.10 28.90
C GLY FA 70 40.83 -35.30 28.00
N GLN FA 71 39.82 -35.25 27.13
CA GLN FA 71 39.63 -36.34 26.19
C GLN FA 71 40.81 -36.44 25.22
N SER FA 72 41.38 -35.30 24.81
CA SER FA 72 42.55 -35.35 23.95
C SER FA 72 43.77 -35.91 24.69
N THR FA 73 43.95 -35.49 25.95
CA THR FA 73 45.07 -36.00 26.73
C THR FA 73 44.96 -37.51 26.95
N ILE FA 74 43.74 -38.02 27.10
CA ILE FA 74 43.57 -39.47 27.24
C ILE FA 74 43.80 -40.16 25.90
N ASP FA 75 43.39 -39.53 24.79
CA ASP FA 75 43.58 -40.15 23.48
C ASP FA 75 45.05 -40.32 23.17
N VAL FA 76 45.88 -39.35 23.57
CA VAL FA 76 47.31 -39.50 23.30
C VAL FA 76 47.90 -40.66 24.10
N ALA FA 77 47.47 -40.81 25.35
CA ALA FA 77 47.96 -41.91 26.17
C ALA FA 77 47.50 -43.26 25.62
N LEU FA 78 46.28 -43.31 25.07
CA LEU FA 78 45.82 -44.56 24.46
C LEU FA 78 46.62 -44.88 23.21
N ALA FA 79 46.96 -43.86 22.42
CA ALA FA 79 47.79 -44.09 21.25
C ALA FA 79 49.17 -44.58 21.62
N ALA FA 80 49.70 -44.13 22.77
CA ALA FA 80 50.99 -44.65 23.22
C ALA FA 80 50.85 -46.08 23.76
N GLY FA 81 49.74 -46.39 24.42
CA GLY FA 81 49.56 -47.73 24.94
C GLY FA 81 49.36 -48.75 23.85
N ASP FA 82 48.81 -48.34 22.71
CA ASP FA 82 48.70 -49.24 21.57
C ASP FA 82 50.07 -49.75 21.13
N THR FA 83 51.11 -48.92 21.24
CA THR FA 83 52.47 -49.37 20.96
C THR FA 83 53.07 -50.13 22.13
N ILE FA 84 52.80 -49.66 23.36
CA ILE FA 84 53.41 -50.27 24.54
C ILE FA 84 52.99 -51.74 24.66
N THR FA 85 51.74 -52.05 24.35
CA THR FA 85 51.28 -53.43 24.49
C THR FA 85 51.92 -54.35 23.45
N ASP FA 86 52.02 -53.88 22.20
CA ASP FA 86 52.68 -54.69 21.17
C ASP FA 86 54.15 -54.89 21.50
N LEU FA 87 54.77 -53.87 22.08
CA LEU FA 87 56.18 -54.00 22.46
C LEU FA 87 56.36 -55.01 23.58
N LEU FA 88 55.49 -54.97 24.59
CA LEU FA 88 55.58 -55.95 25.66
C LEU FA 88 55.30 -57.36 25.16
N THR FA 89 54.40 -57.51 24.19
CA THR FA 89 54.15 -58.84 23.64
C THR FA 89 55.38 -59.36 22.90
N LYS FA 90 56.06 -58.48 22.16
CA LYS FA 90 57.28 -58.92 21.49
C LYS FA 90 58.37 -59.28 22.49
N MET FA 91 58.47 -58.53 23.61
CA MET FA 91 59.45 -58.90 24.63
C MET FA 91 59.10 -60.23 25.27
N LYS FA 92 57.82 -60.51 25.48
CA LYS FA 92 57.45 -61.81 26.04
C LYS FA 92 57.83 -62.92 25.07
N GLU FA 93 57.66 -62.69 23.78
CA GLU FA 93 58.06 -63.70 22.80
C GLU FA 93 59.57 -63.92 22.80
N LYS FA 94 60.34 -62.84 22.85
CA LYS FA 94 61.80 -62.98 22.81
C LYS FA 94 62.33 -63.66 24.06
N ALA FA 95 61.82 -63.29 25.24
CA ALA FA 95 62.28 -63.94 26.47
C ALA FA 95 61.85 -65.40 26.51
N LEU FA 96 60.64 -65.70 26.04
CA LEU FA 96 60.17 -67.08 26.05
C LEU FA 96 61.00 -67.93 25.10
N ALA FA 97 61.47 -67.33 24.00
CA ALA FA 97 62.37 -68.05 23.10
C ALA FA 97 63.75 -68.21 23.71
N ALA FA 98 64.23 -67.19 24.44
CA ALA FA 98 65.53 -67.27 25.08
C ALA FA 98 65.55 -68.28 26.22
N SER FA 99 64.39 -68.61 26.79
CA SER FA 99 64.33 -69.62 27.83
C SER FA 99 64.77 -71.00 27.34
N ASP FA 100 64.73 -71.23 26.03
CA ASP FA 100 65.09 -72.53 25.48
C ASP FA 100 66.54 -72.86 25.80
N THR FA 101 66.78 -74.12 26.17
CA THR FA 101 68.12 -74.60 26.47
C THR FA 101 68.89 -75.04 25.23
N SER FA 102 68.19 -75.47 24.18
CA SER FA 102 68.82 -75.99 22.98
C SER FA 102 69.53 -74.93 22.15
N LEU FA 103 69.27 -73.65 22.41
CA LEU FA 103 69.94 -72.58 21.67
C LEU FA 103 71.45 -72.60 21.93
N ASN FA 104 72.21 -72.36 20.88
CA ASN FA 104 73.63 -72.05 21.04
C ASN FA 104 73.80 -70.63 21.54
N THR FA 105 74.95 -70.36 22.16
CA THR FA 105 75.16 -69.10 22.85
C THR FA 105 74.98 -67.89 21.94
N ALA FA 106 75.31 -68.02 20.66
CA ALA FA 106 75.21 -66.87 19.76
C ALA FA 106 73.76 -66.43 19.58
N SER FA 107 72.85 -67.38 19.35
CA SER FA 107 71.45 -67.03 19.22
C SER FA 107 70.90 -66.48 20.54
N PHE FA 108 71.41 -66.97 21.67
CA PHE FA 108 71.00 -66.44 22.96
C PHE FA 108 71.41 -64.99 23.12
N ASN FA 109 72.65 -64.66 22.73
CA ASN FA 109 73.09 -63.28 22.80
C ASN FA 109 72.30 -62.40 21.85
N ALA FA 110 71.91 -62.95 20.69
CA ALA FA 110 71.12 -62.17 19.74
C ALA FA 110 69.74 -61.86 20.31
N LEU FA 111 69.09 -62.86 20.91
CA LEU FA 111 67.78 -62.64 21.52
C LEU FA 111 67.89 -61.68 22.71
N LYS FA 112 68.99 -61.74 23.45
CA LYS FA 112 69.18 -60.83 24.57
C LYS FA 112 69.32 -59.39 24.08
N ALA FA 113 70.13 -59.18 23.05
CA ALA FA 113 70.31 -57.83 22.52
C ALA FA 113 69.01 -57.30 21.92
N ASP FA 114 68.22 -58.18 21.29
CA ASP FA 114 66.95 -57.72 20.75
C ASP FA 114 65.97 -57.36 21.87
N PHE FA 115 65.96 -58.14 22.96
CA PHE FA 115 65.09 -57.84 24.09
C PHE FA 115 65.48 -56.50 24.72
N GLU FA 116 66.79 -56.21 24.75
CA GLU FA 116 67.23 -54.95 25.32
C GLU FA 116 66.90 -53.77 24.42
N SER FA 117 67.01 -53.94 23.10
CA SER FA 117 66.58 -52.89 22.20
C SER FA 117 65.08 -52.65 22.35
N LEU FA 118 64.32 -53.72 22.59
CA LEU FA 118 62.89 -53.57 22.81
C LEU FA 118 62.58 -52.84 24.11
N ARG FA 119 63.31 -53.12 25.20
CA ARG FA 119 63.04 -52.41 26.43
C ARG FA 119 63.38 -50.94 26.29
N ASP FA 120 64.43 -50.62 25.52
CA ASP FA 120 64.80 -49.22 25.32
C ASP FA 120 63.74 -48.49 24.50
N GLN FA 121 63.26 -49.13 23.42
CA GLN FA 121 62.20 -48.50 22.63
C GLN FA 121 60.92 -48.37 23.44
N LEU FA 122 60.65 -49.31 24.34
CA LEU FA 122 59.47 -49.21 25.19
C LEU FA 122 59.59 -48.04 26.15
N GLN FA 123 60.77 -47.85 26.75
CA GLN FA 123 60.95 -46.73 27.66
C GLN FA 123 60.81 -45.40 26.92
N LYS FA 124 61.30 -45.35 25.67
CA LYS FA 124 61.18 -44.09 24.93
C LYS FA 124 59.74 -43.82 24.50
N ALA FA 125 59.02 -44.87 24.09
CA ALA FA 125 57.63 -44.70 23.71
C ALA FA 125 56.78 -44.29 24.91
N ALA FA 126 57.14 -44.76 26.10
CA ALA FA 126 56.49 -44.26 27.31
C ALA FA 126 56.87 -42.82 27.59
N THR FA 127 58.13 -42.44 27.32
CA THR FA 127 58.58 -41.08 27.61
C THR FA 127 57.88 -40.06 26.71
N ASN FA 128 57.59 -40.41 25.47
CA ASN FA 128 57.10 -39.44 24.49
C ASN FA 128 55.59 -39.22 24.55
N ALA FA 129 54.88 -39.94 25.43
CA ALA FA 129 53.43 -39.78 25.55
C ALA FA 129 53.09 -38.57 26.42
N LYS FA 130 52.77 -37.47 25.74
CA LYS FA 130 52.28 -36.27 26.42
C LYS FA 130 51.61 -35.35 25.40
N PHE FA 131 50.71 -34.52 25.92
CA PHE FA 131 49.93 -33.59 25.11
C PHE FA 131 49.90 -32.25 25.81
N ASN FA 132 50.25 -31.19 25.08
CA ASN FA 132 50.26 -29.82 25.61
C ASN FA 132 51.10 -29.72 26.89
N GLY FA 133 52.15 -30.53 26.98
CA GLY FA 133 53.04 -30.51 28.11
C GLY FA 133 52.60 -31.30 29.31
N VAL FA 134 51.44 -31.96 29.23
CA VAL FA 134 50.92 -32.77 30.34
C VAL FA 134 50.53 -34.13 29.79
N SER FA 135 50.43 -35.11 30.68
CA SER FA 135 50.34 -36.50 30.25
C SER FA 135 49.69 -37.34 31.35
N LEU FA 136 49.40 -38.59 30.98
CA LEU FA 136 48.83 -39.59 31.89
C LEU FA 136 49.50 -40.94 31.71
N ALA FA 137 50.80 -40.97 31.39
CA ALA FA 137 51.46 -42.24 31.08
C ALA FA 137 52.87 -42.33 31.66
N ASP FA 138 53.66 -41.26 31.54
CA ASP FA 138 55.04 -41.28 31.97
C ASP FA 138 55.21 -41.12 33.47
N GLY FA 139 54.13 -40.89 34.21
CA GLY FA 139 54.21 -40.72 35.64
C GLY FA 139 54.63 -39.33 36.10
N SER FA 140 54.53 -38.33 35.22
CA SER FA 140 54.92 -36.97 35.62
C SER FA 140 54.05 -36.44 36.75
N THR FA 141 52.80 -36.89 36.84
CA THR FA 141 51.90 -36.45 37.90
C THR FA 141 50.89 -37.56 38.16
N THR FA 142 50.61 -37.79 39.44
CA THR FA 142 49.73 -38.86 39.88
C THR FA 142 48.28 -38.68 39.47
N LYS FA 143 47.83 -37.43 39.26
CA LYS FA 143 46.42 -37.20 38.95
C LYS FA 143 46.21 -35.89 38.21
N LEU FA 144 45.29 -35.88 37.25
CA LEU FA 144 44.82 -34.67 36.61
C LEU FA 144 43.37 -34.39 37.01
N SER FA 145 43.00 -33.11 37.00
CA SER FA 145 41.68 -32.68 37.50
C SER FA 145 41.05 -31.71 36.49
N PHE FA 146 40.39 -32.27 35.48
CA PHE FA 146 39.60 -31.47 34.57
C PHE FA 146 38.28 -31.06 35.20
N LEU FA 147 37.75 -29.93 34.74
CA LEU FA 147 36.56 -29.34 35.34
C LEU FA 147 35.31 -30.14 34.99
N ALA FA 148 34.31 -30.04 35.87
CA ALA FA 148 33.06 -30.78 35.67
C ALA FA 148 31.80 -29.93 35.85
N ASN FA 149 31.91 -28.72 36.38
CA ASN FA 149 30.70 -27.93 36.64
C ASN FA 149 31.08 -26.45 36.71
N GLU FA 150 30.05 -25.60 36.67
CA GLU FA 150 30.25 -24.17 36.75
C GLU FA 150 30.78 -23.73 38.11
N ASP FA 151 30.59 -24.54 39.15
CA ASP FA 151 31.06 -24.17 40.49
C ASP FA 151 32.53 -24.48 40.70
N GLY FA 152 33.20 -25.02 39.68
CA GLY FA 152 34.60 -25.38 39.80
C GLY FA 152 34.90 -26.77 40.29
N SER FA 153 33.88 -27.60 40.52
CA SER FA 153 34.11 -28.97 40.95
C SER FA 153 34.85 -29.73 39.85
N ASN FA 154 35.88 -30.48 40.26
CA ASN FA 154 36.75 -31.17 39.34
C ASN FA 154 36.17 -32.53 38.92
N PHE FA 155 36.54 -32.97 37.70
CA PHE FA 155 36.29 -34.33 37.23
C PHE FA 155 37.64 -35.06 37.28
N THR FA 156 37.89 -35.72 38.40
CA THR FA 156 39.18 -36.35 38.63
C THR FA 156 39.42 -37.50 37.66
N VAL FA 157 40.68 -37.67 37.25
CA VAL FA 157 41.12 -38.82 36.46
C VAL FA 157 42.46 -39.28 37.01
N THR FA 158 42.52 -40.53 37.47
CA THR FA 158 43.77 -41.07 37.96
C THR FA 158 44.76 -41.28 36.82
N ALA FA 159 46.01 -40.92 37.05
CA ALA FA 159 47.06 -41.19 36.08
C ALA FA 159 47.42 -42.66 36.09
N GLN FA 160 47.85 -43.15 34.93
CA GLN FA 160 48.24 -44.56 34.77
C GLN FA 160 49.65 -44.58 34.22
N THR FA 161 50.64 -44.72 35.08
CA THR FA 161 52.04 -44.72 34.67
C THR FA 161 52.27 -45.89 33.73
N LEU FA 162 52.98 -45.63 32.63
CA LEU FA 162 53.30 -46.66 31.65
C LEU FA 162 54.80 -46.73 31.35
N SER FA 163 55.62 -46.06 32.16
CA SER FA 163 57.07 -46.17 32.04
C SER FA 163 57.52 -47.56 32.49
N LEU FA 164 58.75 -47.91 32.12
CA LEU FA 164 59.27 -49.22 32.47
C LEU FA 164 59.13 -49.49 33.97
N THR FA 165 59.49 -48.51 34.79
CA THR FA 165 59.33 -48.65 36.23
C THR FA 165 57.86 -48.71 36.65
N GLY FA 166 56.97 -48.10 35.87
CA GLY FA 166 55.55 -48.13 36.21
C GLY FA 166 54.87 -49.44 35.91
N ILE FA 167 55.42 -50.26 35.03
CA ILE FA 167 54.94 -51.62 34.79
C ILE FA 167 55.74 -52.64 35.60
N GLY FA 168 56.70 -52.17 36.40
CA GLY FA 168 57.45 -53.00 37.30
C GLY FA 168 58.84 -53.40 36.83
N LEU FA 169 59.11 -53.34 35.52
CA LEU FA 169 60.45 -53.63 35.04
C LEU FA 169 61.42 -52.51 35.42
N THR FA 170 62.62 -52.90 35.83
CA THR FA 170 63.72 -51.94 35.92
C THR FA 170 64.28 -51.68 34.54
N ALA FA 171 64.90 -50.50 34.37
CA ALA FA 171 65.45 -50.13 33.08
C ALA FA 171 66.56 -51.08 32.61
N THR FA 172 67.28 -51.70 33.53
CA THR FA 172 68.37 -52.60 33.19
C THR FA 172 67.93 -54.07 33.26
N SER FA 173 66.64 -54.33 33.33
CA SER FA 173 66.15 -55.71 33.37
C SER FA 173 66.54 -56.45 32.10
N THR FA 174 66.97 -57.70 32.25
CA THR FA 174 67.41 -58.52 31.14
C THR FA 174 67.50 -59.97 31.63
N PHE FA 175 68.16 -60.81 30.84
CA PHE FA 175 68.39 -62.21 31.21
C PHE FA 175 69.77 -62.63 30.73
N THR FA 176 70.55 -63.21 31.64
CA THR FA 176 71.90 -63.67 31.34
C THR FA 176 71.97 -65.16 31.05
N ASP FA 177 70.92 -65.92 31.33
CA ASP FA 177 70.90 -67.35 31.04
C ASP FA 177 69.43 -67.78 30.92
N ALA FA 178 69.24 -69.01 30.43
CA ALA FA 178 67.90 -69.46 30.08
C ALA FA 178 66.96 -69.48 31.28
N ALA FA 179 67.47 -69.81 32.47
CA ALA FA 179 66.63 -69.79 33.65
C ALA FA 179 66.17 -68.37 33.98
N THR FA 180 67.04 -67.39 33.74
CA THR FA 180 66.65 -66.01 34.00
C THR FA 180 65.57 -65.56 33.03
N ALA FA 181 65.62 -66.01 31.78
CA ALA FA 181 64.52 -65.74 30.85
C ALA FA 181 63.25 -66.47 31.28
N LYS FA 182 63.40 -67.67 31.85
CA LYS FA 182 62.24 -68.38 32.36
C LYS FA 182 61.57 -67.62 33.50
N THR FA 183 62.36 -66.94 34.32
CA THR FA 183 61.77 -66.06 35.34
C THR FA 183 61.22 -64.78 34.71
N MET FA 184 61.86 -64.29 33.65
CA MET FA 184 61.47 -63.03 33.03
C MET FA 184 60.15 -63.14 32.27
N ILE FA 185 59.77 -64.33 31.83
CA ILE FA 185 58.52 -64.48 31.08
C ILE FA 185 57.33 -64.03 31.93
N ALA FA 186 57.27 -64.50 33.16
CA ALA FA 186 56.15 -64.12 34.03
C ALA FA 186 56.18 -62.63 34.36
N THR FA 187 57.37 -62.03 34.44
CA THR FA 187 57.45 -60.61 34.72
C THR FA 187 56.90 -59.79 33.56
N ILE FA 188 57.26 -60.18 32.32
CA ILE FA 188 56.69 -59.49 31.17
C ILE FA 188 55.20 -59.71 31.09
N THR FA 189 54.73 -60.89 31.50
CA THR FA 189 53.30 -61.16 31.47
C THR FA 189 52.55 -60.23 32.43
N THR FA 190 53.04 -60.12 33.68
CA THR FA 190 52.38 -59.24 34.64
C THR FA 190 52.47 -57.79 34.21
N SER FA 191 53.58 -57.39 33.58
CA SER FA 191 53.69 -56.01 33.12
C SER FA 191 52.68 -55.71 32.03
N LEU FA 192 52.53 -56.62 31.07
CA LEU FA 192 51.55 -56.42 30.00
C LEU FA 192 50.13 -56.41 30.57
N GLN FA 193 49.88 -57.23 31.59
CA GLN FA 193 48.54 -57.30 32.17
C GLN FA 193 48.19 -56.00 32.89
N THR FA 194 49.10 -55.50 33.71
CA THR FA 194 48.82 -54.25 34.41
C THR FA 194 48.74 -53.07 33.44
N ALA FA 195 49.52 -53.08 32.37
CA ALA FA 195 49.41 -52.00 31.40
C ALA FA 195 48.07 -52.05 30.68
N THR FA 196 47.58 -53.24 30.38
CA THR FA 196 46.29 -53.36 29.73
C THR FA 196 45.16 -52.89 30.66
N ASN FA 197 45.28 -53.19 31.96
CA ASN FA 197 44.28 -52.70 32.90
C ASN FA 197 44.31 -51.18 32.99
N LYS FA 198 45.51 -50.60 32.95
CA LYS FA 198 45.61 -49.14 32.99
C LYS FA 198 44.96 -48.51 31.76
N LEU FA 199 45.19 -49.09 30.58
CA LEU FA 199 44.58 -48.56 29.38
C LEU FA 199 43.06 -48.71 29.41
N SER FA 200 42.55 -49.82 29.97
CA SER FA 200 41.10 -49.97 30.06
C SER FA 200 40.51 -48.92 31.00
N SER FA 201 41.19 -48.62 32.11
CA SER FA 201 40.72 -47.58 33.01
C SER FA 201 40.74 -46.21 32.33
N LEU FA 202 41.76 -45.96 31.51
CA LEU FA 202 41.83 -44.68 30.80
C LEU FA 202 40.70 -44.55 29.80
N GLY FA 203 40.35 -45.65 29.12
CA GLY FA 203 39.25 -45.58 28.16
C GLY FA 203 37.91 -45.38 28.84
N THR FA 204 37.73 -46.02 30.00
CA THR FA 204 36.49 -45.79 30.75
C THR FA 204 36.40 -44.35 31.22
N SER FA 205 37.51 -43.77 31.67
CA SER FA 205 37.50 -42.38 32.08
C SER FA 205 37.20 -41.45 30.90
N SER FA 206 37.68 -41.80 29.70
CA SER FA 206 37.37 -40.99 28.53
C SER FA 206 35.89 -41.06 28.18
N VAL FA 207 35.30 -42.24 28.32
CA VAL FA 207 33.86 -42.36 28.05
C VAL FA 207 33.07 -41.55 29.06
N GLY FA 208 33.53 -41.52 30.32
CA GLY FA 208 32.85 -40.71 31.31
C GLY FA 208 33.00 -39.22 31.03
N LEU FA 209 34.16 -38.82 30.54
CA LEU FA 209 34.35 -37.41 30.16
C LEU FA 209 33.43 -37.02 29.02
N ASP FA 210 33.25 -37.92 28.04
CA ASP FA 210 32.38 -37.60 26.91
C ASP FA 210 30.93 -37.51 27.36
N THR FA 211 30.49 -38.43 28.21
CA THR FA 211 29.11 -38.36 28.68
C THR FA 211 28.87 -37.13 29.54
N HIS FA 212 29.84 -36.73 30.35
CA HIS FA 212 29.67 -35.51 31.12
C HIS FA 212 29.65 -34.29 30.20
N LEU FA 213 30.39 -34.33 29.10
CA LEU FA 213 30.34 -33.24 28.13
C LEU FA 213 28.96 -33.13 27.51
N THR FA 214 28.34 -34.26 27.18
CA THR FA 214 26.99 -34.22 26.63
C THR FA 214 26.00 -33.68 27.65
N PHE FA 215 26.17 -34.06 28.92
CA PHE FA 215 25.25 -33.56 29.93
C PHE FA 215 25.44 -32.06 30.15
N VAL FA 216 26.69 -31.58 30.08
CA VAL FA 216 26.93 -30.15 30.20
C VAL FA 216 26.31 -29.39 29.04
N GLY FA 217 26.32 -29.99 27.84
CA GLY FA 217 25.67 -29.33 26.72
C GLY FA 217 24.17 -29.22 26.91
N LYS FA 218 23.53 -30.32 27.33
CA LYS FA 218 22.10 -30.27 27.56
C LYS FA 218 21.76 -29.33 28.71
N LEU FA 219 22.63 -29.23 29.71
CA LEU FA 219 22.36 -28.37 30.85
C LEU FA 219 22.44 -26.90 30.46
N GLN FA 220 23.46 -26.55 29.65
CA GLN FA 220 23.54 -25.17 29.15
C GLN FA 220 22.36 -24.85 28.25
N ASP FA 221 21.88 -25.84 27.50
CA ASP FA 221 20.69 -25.65 26.69
C ASP FA 221 19.49 -25.31 27.56
N SER FA 222 19.28 -26.09 28.62
CA SER FA 222 18.15 -25.84 29.51
C SER FA 222 18.29 -24.50 30.21
N LEU FA 223 19.51 -24.09 30.54
CA LEU FA 223 19.70 -22.81 31.23
C LEU FA 223 19.41 -21.64 30.29
N ASP FA 224 19.86 -21.71 29.03
CA ASP FA 224 19.53 -20.66 28.09
C ASP FA 224 18.03 -20.62 27.80
N ALA FA 225 17.39 -21.79 27.76
CA ALA FA 225 15.95 -21.82 27.57
C ALA FA 225 15.23 -21.19 28.75
N GLY FA 226 15.76 -21.39 29.97
CA GLY FA 226 15.16 -20.77 31.13
C GLY FA 226 15.36 -19.27 31.17
N VAL FA 227 16.53 -18.80 30.73
CA VAL FA 227 16.77 -17.36 30.66
C VAL FA 227 15.80 -16.71 29.69
N GLY FA 228 15.71 -17.26 28.47
CA GLY FA 228 14.83 -16.68 27.48
C GLY FA 228 13.37 -16.86 27.82
N ASN FA 229 13.04 -17.88 28.61
CA ASN FA 229 11.66 -18.04 29.03
C ASN FA 229 11.29 -17.01 30.09
N LEU FA 230 12.16 -16.82 31.09
CA LEU FA 230 11.88 -15.82 32.11
C LEU FA 230 11.84 -14.41 31.56
N VAL FA 231 12.60 -14.13 30.51
CA VAL FA 231 12.81 -12.75 30.07
C VAL FA 231 11.95 -12.39 28.86
N ASP FA 232 11.88 -13.25 27.85
CA ASP FA 232 11.36 -12.84 26.54
C ASP FA 232 9.89 -12.44 26.61
N ALA FA 233 9.56 -11.34 25.94
CA ALA FA 233 8.18 -10.93 25.73
C ALA FA 233 7.54 -11.74 24.61
N ASP FA 234 6.22 -11.89 24.69
CA ASP FA 234 5.43 -12.53 23.64
C ASP FA 234 5.01 -11.43 22.67
N LEU FA 235 5.75 -11.30 21.56
CA LEU FA 235 5.54 -10.18 20.65
C LEU FA 235 4.18 -10.23 19.97
N ALA FA 236 3.57 -11.41 19.86
CA ALA FA 236 2.25 -11.48 19.24
C ALA FA 236 1.21 -10.71 20.03
N LYS FA 237 1.33 -10.68 21.36
CA LYS FA 237 0.50 -9.81 22.17
C LYS FA 237 0.80 -8.35 21.88
N GLU FA 238 2.10 -8.05 21.72
CA GLU FA 238 2.55 -6.69 21.54
C GLU FA 238 2.10 -6.10 20.22
N SER FA 239 1.88 -6.92 19.20
CA SER FA 239 1.39 -6.40 17.93
C SER FA 239 0.04 -5.72 18.09
N ALA FA 240 -0.94 -6.46 18.62
CA ALA FA 240 -2.25 -5.90 18.83
C ALA FA 240 -2.22 -4.78 19.87
N LYS FA 241 -1.36 -4.91 20.89
CA LYS FA 241 -1.25 -3.84 21.86
C LYS FA 241 -0.77 -2.54 21.22
N LEU FA 242 0.24 -2.63 20.36
CA LEU FA 242 0.79 -1.45 19.72
C LEU FA 242 -0.21 -0.80 18.78
N GLN FA 243 -0.94 -1.62 18.01
CA GLN FA 243 -1.93 -1.02 17.11
C GLN FA 243 -3.06 -0.34 17.90
N SER FA 244 -3.52 -0.99 18.97
CA SER FA 244 -4.58 -0.37 19.77
C SER FA 244 -4.11 0.92 20.44
N LEU FA 245 -2.85 0.97 20.88
CA LEU FA 245 -2.33 2.20 21.46
C LEU FA 245 -2.15 3.28 20.41
N GLN FA 246 -1.79 2.91 19.18
CA GLN FA 246 -1.73 3.89 18.09
C GLN FA 246 -3.11 4.46 17.77
N THR FA 247 -4.16 3.67 17.94
CA THR FA 247 -5.51 4.23 17.82
C THR FA 247 -5.85 5.13 19.00
N LYS FA 248 -5.51 4.70 20.22
CA LYS FA 248 -5.86 5.49 21.40
C LYS FA 248 -5.13 6.82 21.42
N GLN FA 249 -3.95 6.89 20.80
CA GLN FA 249 -3.25 8.18 20.69
C GLN FA 249 -4.08 9.18 19.89
N GLN FA 250 -4.64 8.73 18.76
CA GLN FA 250 -5.45 9.63 17.95
C GLN FA 250 -6.74 10.01 18.68
N LEU FA 251 -7.35 9.05 19.38
CA LEU FA 251 -8.55 9.40 20.14
C LEU FA 251 -8.25 10.42 21.24
N GLY FA 252 -7.09 10.29 21.89
CA GLY FA 252 -6.72 11.25 22.91
C GLY FA 252 -6.43 12.61 22.35
N VAL FA 253 -5.84 12.67 21.16
CA VAL FA 253 -5.58 13.97 20.54
C VAL FA 253 -6.88 14.66 20.14
N GLN FA 254 -7.82 13.92 19.57
CA GLN FA 254 -9.11 14.55 19.25
C GLN FA 254 -9.83 15.01 20.51
N ALA FA 255 -9.75 14.23 21.59
CA ALA FA 255 -10.42 14.64 22.81
C ALA FA 255 -9.77 15.88 23.41
N LEU FA 256 -8.43 15.96 23.35
CA LEU FA 256 -7.74 17.15 23.85
C LEU FA 256 -8.07 18.37 22.99
N SER FA 257 -8.21 18.18 21.68
CA SER FA 257 -8.56 19.32 20.82
C SER FA 257 -9.96 19.82 21.10
N ILE FA 258 -10.91 18.91 21.33
CA ILE FA 258 -12.26 19.34 21.68
C ILE FA 258 -12.27 20.03 23.03
N ALA FA 259 -11.46 19.53 23.97
CA ALA FA 259 -11.37 20.19 25.27
C ALA FA 259 -10.75 21.57 25.15
N ASN FA 260 -9.83 21.77 24.19
CA ASN FA 260 -9.28 23.09 23.97
C ASN FA 260 -10.30 24.03 23.34
N GLN FA 261 -11.07 23.52 22.37
CA GLN FA 261 -12.05 24.35 21.69
C GLN FA 261 -13.25 24.71 22.57
N THR FA 262 -13.54 23.88 23.58
CA THR FA 262 -14.75 24.09 24.38
C THR FA 262 -14.84 25.47 25.03
N PRO FA 263 -13.79 26.01 25.67
CA PRO FA 263 -13.91 27.36 26.25
C PRO FA 263 -14.19 28.45 25.22
N GLN FA 264 -13.83 28.25 23.96
CA GLN FA 264 -13.92 29.30 22.95
C GLN FA 264 -15.34 29.83 22.78
N THR FA 265 -16.35 29.04 23.14
CA THR FA 265 -17.74 29.43 22.95
C THR FA 265 -18.13 30.68 23.72
N ILE FA 266 -17.41 31.02 24.78
CA ILE FA 266 -17.74 32.22 25.55
C ILE FA 266 -17.58 33.47 24.70
N LEU FA 267 -16.77 33.39 23.63
CA LEU FA 267 -16.53 34.56 22.79
C LEU FA 267 -17.81 35.05 22.13
N SER FA 268 -18.75 34.16 21.83
CA SER FA 268 -19.96 34.55 21.10
C SER FA 268 -21.00 35.22 21.99
N LEU FA 269 -20.83 35.19 23.31
CA LEU FA 269 -21.79 35.83 24.20
C LEU FA 269 -21.68 37.35 24.17
N PHE FA 270 -20.58 37.89 23.67
CA PHE FA 270 -20.35 39.33 23.66
C PHE FA 270 -20.22 39.84 22.23
N LEU GA 1 -43.00 71.74 48.48
CA LEU GA 1 -41.90 70.93 47.97
C LEU GA 1 -41.27 71.58 46.73
N ASN GA 2 -42.06 72.36 46.01
CA ASN GA 2 -41.53 73.07 44.86
C ASN GA 2 -40.46 74.05 45.31
N SER GA 3 -39.33 74.07 44.60
CA SER GA 3 -38.19 74.88 45.01
C SER GA 3 -37.18 74.92 43.88
N ILE GA 4 -36.89 76.11 43.36
CA ILE GA 4 -35.84 76.25 42.35
C ILE GA 4 -34.47 75.99 42.96
N ASN GA 5 -34.32 76.18 44.27
CA ASN GA 5 -33.00 76.04 44.90
C ASN GA 5 -32.49 74.61 44.88
N THR GA 6 -33.38 73.62 44.95
CA THR GA 6 -32.94 72.22 45.01
C THR GA 6 -34.12 71.30 44.71
N ASN GA 7 -33.79 70.09 44.25
CA ASN GA 7 -34.75 69.02 44.04
C ASN GA 7 -34.17 67.68 44.52
N PRO GA 8 -34.69 67.12 45.61
CA PRO GA 8 -34.11 65.87 46.13
C PRO GA 8 -34.15 64.71 45.15
N GLY GA 9 -35.16 64.66 44.29
CA GLY GA 9 -35.28 63.54 43.38
C GLY GA 9 -34.12 63.44 42.41
N ALA GA 10 -33.56 64.58 42.00
CA ALA GA 10 -32.36 64.55 41.17
C ALA GA 10 -31.20 63.91 41.93
N LEU GA 11 -31.07 64.21 43.23
CA LEU GA 11 -30.01 63.61 44.02
C LEU GA 11 -30.21 62.11 44.15
N LEU GA 12 -31.46 61.67 44.31
CA LEU GA 12 -31.72 60.24 44.45
C LEU GA 12 -31.45 59.49 43.15
N ALA GA 13 -31.90 60.06 42.03
CA ALA GA 13 -31.63 59.42 40.74
C ALA GA 13 -30.15 59.42 40.43
N LEU GA 14 -29.43 60.47 40.83
CA LEU GA 14 -27.99 60.49 40.62
C LEU GA 14 -27.29 59.44 41.47
N GLN GA 15 -27.77 59.22 42.70
CA GLN GA 15 -27.18 58.17 43.52
C GLN GA 15 -27.43 56.79 42.93
N ASN GA 16 -28.63 56.56 42.38
CA ASN GA 16 -28.89 55.29 41.72
C ASN GA 16 -28.01 55.12 40.49
N LEU GA 17 -27.77 56.22 39.77
CA LEU GA 17 -26.91 56.14 38.60
C LEU GA 17 -25.47 55.84 38.99
N ASN GA 18 -24.99 56.43 40.09
CA ASN GA 18 -23.65 56.09 40.57
C ASN GA 18 -23.54 54.64 41.02
N SER GA 19 -24.60 54.11 41.63
CA SER GA 19 -24.58 52.71 42.01
C SER GA 19 -24.53 51.80 40.79
N THR GA 20 -25.32 52.12 39.77
CA THR GA 20 -25.27 51.36 38.53
C THR GA 20 -23.91 51.49 37.86
N ASN GA 21 -23.27 52.66 37.96
CA ASN GA 21 -21.96 52.84 37.37
C ASN GA 21 -20.90 52.01 38.08
N THR GA 22 -20.93 51.98 39.42
CA THR GA 22 -19.96 51.17 40.14
C THR GA 22 -20.18 49.69 39.88
N GLU GA 23 -21.44 49.26 39.78
CA GLU GA 23 -21.70 47.86 39.49
C GLU GA 23 -21.24 47.49 38.08
N LEU GA 24 -21.44 48.39 37.12
CA LEU GA 24 -20.97 48.14 35.76
C LEU GA 24 -19.45 48.12 35.70
N ALA GA 25 -18.79 48.96 36.50
CA ALA GA 25 -17.34 48.95 36.53
C ALA GA 25 -16.81 47.65 37.11
N ALA GA 26 -17.46 47.14 38.15
CA ALA GA 26 -17.08 45.85 38.70
C ALA GA 26 -17.32 44.73 37.69
N THR GA 27 -18.40 44.83 36.92
CA THR GA 27 -18.65 43.81 35.90
C THR GA 27 -17.59 43.85 34.79
N GLN GA 28 -17.19 45.05 34.38
CA GLN GA 28 -16.14 45.16 33.37
C GLN GA 28 -14.82 44.64 33.89
N GLY GA 29 -14.54 44.85 35.18
CA GLY GA 29 -13.29 44.32 35.73
C GLY GA 29 -13.30 42.81 35.81
N ARG GA 30 -14.43 42.23 36.22
CA ARG GA 30 -14.52 40.77 36.24
C ARG GA 30 -14.48 40.18 34.84
N ILE GA 31 -14.96 40.94 33.84
CA ILE GA 31 -14.92 40.45 32.47
C ILE GA 31 -13.51 40.48 31.92
N ASN GA 32 -12.79 41.58 32.13
CA ASN GA 32 -11.46 41.70 31.53
C ASN GA 32 -10.42 40.85 32.27
N THR GA 33 -10.43 40.85 33.60
CA THR GA 33 -9.49 40.00 34.33
C THR GA 33 -9.77 38.51 34.14
N GLY GA 34 -11.03 38.15 33.91
CA GLY GA 34 -11.41 36.76 33.89
C GLY GA 34 -11.58 36.13 35.25
N LYS GA 35 -11.58 36.93 36.32
CA LYS GA 35 -11.59 36.44 37.68
C LYS GA 35 -12.63 37.22 38.47
N LYS GA 36 -13.39 36.53 39.31
CA LYS GA 36 -14.30 37.23 40.21
C LYS GA 36 -13.60 37.76 41.45
N VAL GA 37 -12.37 37.32 41.71
CA VAL GA 37 -11.55 37.80 42.83
C VAL GA 37 -10.11 37.96 42.35
N ALA GA 38 -9.91 38.84 41.37
CA ALA GA 38 -8.61 38.96 40.73
C ALA GA 38 -7.56 39.62 41.61
N ASN GA 39 -7.97 40.25 42.71
CA ASN GA 39 -7.04 41.00 43.54
C ASN GA 39 -7.52 40.98 44.98
N ALA GA 40 -6.66 41.48 45.87
CA ALA GA 40 -7.02 41.58 47.27
C ALA GA 40 -8.17 42.56 47.49
N LYS GA 41 -8.38 43.46 46.54
CA LYS GA 41 -9.49 44.40 46.61
C LYS GA 41 -10.83 43.69 46.63
N ASP GA 42 -10.92 42.50 46.03
CA ASP GA 42 -12.20 41.79 46.00
C ASP GA 42 -12.45 41.06 47.31
N ASN GA 43 -11.98 39.81 47.42
CA ASN GA 43 -12.14 39.04 48.65
C ASN GA 43 -10.73 38.64 49.09
N GLY GA 44 -10.26 39.28 50.18
CA GLY GA 44 -8.87 39.13 50.56
C GLY GA 44 -8.49 37.76 51.08
N ALA GA 45 -9.41 37.11 51.82
CA ALA GA 45 -9.09 35.80 52.39
C ALA GA 45 -9.00 34.75 51.29
N ILE GA 46 -9.98 34.72 50.39
CA ILE GA 46 -9.91 33.80 49.27
C ILE GA 46 -8.73 34.13 48.37
N TRP GA 47 -8.38 35.41 48.23
CA TRP GA 47 -7.21 35.76 47.44
C TRP GA 47 -5.93 35.24 48.07
N SER GA 48 -5.85 35.27 49.41
CA SER GA 48 -4.67 34.75 50.08
C SER GA 48 -4.59 33.23 49.95
N MET GA 49 -5.71 32.55 50.09
CA MET GA 49 -5.74 31.11 49.91
C MET GA 49 -5.29 30.74 48.50
N ALA GA 50 -5.84 31.42 47.50
CA ALA GA 50 -5.47 31.15 46.11
C ALA GA 50 -4.02 31.52 45.83
N LYS GA 51 -3.50 32.55 46.49
CA LYS GA 51 -2.11 32.95 46.22
C LYS GA 51 -1.15 31.91 46.76
N MET GA 52 -1.36 31.44 48.00
CA MET GA 52 -0.50 30.39 48.53
C MET GA 52 -0.66 29.10 47.74
N GLN GA 53 -1.88 28.84 47.26
CA GLN GA 53 -2.13 27.62 46.50
C GLN GA 53 -1.40 27.64 45.17
N SER GA 54 -1.49 28.77 44.44
CA SER GA 54 -0.75 28.90 43.20
C SER GA 54 0.75 28.93 43.43
N ALA GA 55 1.19 29.45 44.58
CA ALA GA 55 2.62 29.44 44.89
C ALA GA 55 3.14 28.01 44.97
N THR GA 56 2.46 27.16 45.75
CA THR GA 56 2.90 25.78 45.85
C THR GA 56 2.75 25.04 44.51
N ALA GA 57 1.67 25.33 43.77
CA ALA GA 57 1.44 24.62 42.52
C ALA GA 57 2.53 24.94 41.50
N SER GA 58 2.94 26.20 41.42
CA SER GA 58 4.09 26.56 40.61
C SER GA 58 5.38 25.97 41.17
N SER GA 59 5.47 25.84 42.50
CA SER GA 59 6.70 25.37 43.14
C SER GA 59 6.99 23.91 42.86
N LEU GA 60 5.98 23.12 42.50
CA LEU GA 60 6.20 21.69 42.24
C LEU GA 60 7.15 21.43 41.07
N ASN GA 61 7.35 22.40 40.18
CA ASN GA 61 8.17 22.16 38.98
C ASN GA 61 9.61 21.83 39.35
N SER GA 62 10.15 22.43 40.42
CA SER GA 62 11.50 22.14 40.84
C SER GA 62 11.63 20.79 41.55
N VAL GA 63 10.51 20.21 42.01
CA VAL GA 63 10.54 18.82 42.41
C VAL GA 63 10.56 17.91 41.19
N LYS GA 64 9.78 18.27 40.17
CA LYS GA 64 9.71 17.44 38.98
C LYS GA 64 11.06 17.35 38.27
N ASP GA 65 11.74 18.49 38.12
CA ASP GA 65 13.03 18.48 37.42
C ASP GA 65 14.08 17.71 38.23
N SER GA 66 14.00 17.78 39.56
CA SER GA 66 14.93 17.01 40.39
C SER GA 66 14.68 15.52 40.24
N LEU GA 67 13.42 15.12 40.12
CA LEU GA 67 13.12 13.71 39.89
C LEU GA 67 13.65 13.24 38.53
N GLN GA 68 13.56 14.10 37.52
CA GLN GA 68 14.13 13.74 36.22
C GLN GA 68 15.66 13.64 36.29
N ARG GA 69 16.28 14.50 37.10
CA ARG GA 69 17.73 14.43 37.27
C ARG GA 69 18.14 13.13 37.95
N GLY GA 70 17.34 12.68 38.93
CA GLY GA 70 17.62 11.42 39.58
C GLY GA 70 17.43 10.23 38.64
N GLN GA 71 16.43 10.32 37.77
CA GLN GA 71 16.25 9.29 36.75
C GLN GA 71 17.46 9.22 35.82
N SER GA 72 17.99 10.39 35.43
CA SER GA 72 19.16 10.38 34.54
C SER GA 72 20.38 9.78 35.23
N THR GA 73 20.56 10.10 36.51
CA THR GA 73 21.71 9.56 37.24
C THR GA 73 21.59 8.04 37.39
N ILE GA 74 20.40 7.55 37.72
CA ILE GA 74 20.24 6.11 37.86
C ILE GA 74 20.41 5.43 36.51
N ASP GA 75 20.00 6.09 35.42
CA ASP GA 75 20.16 5.51 34.09
C ASP GA 75 21.64 5.39 33.73
N VAL GA 76 22.44 6.39 34.10
CA VAL GA 76 23.88 6.29 33.84
C VAL GA 76 24.49 5.16 34.68
N ALA GA 77 24.04 5.02 35.93
CA ALA GA 77 24.58 3.94 36.76
C ALA GA 77 24.20 2.57 36.22
N LEU GA 78 22.99 2.42 35.69
CA LEU GA 78 22.59 1.14 35.09
C LEU GA 78 23.38 0.88 33.80
N ALA GA 79 23.68 1.94 33.04
CA ALA GA 79 24.47 1.76 31.84
C ALA GA 79 25.89 1.30 32.17
N ALA GA 80 26.42 1.74 33.31
CA ALA GA 80 27.73 1.24 33.75
C ALA GA 80 27.62 -0.19 34.25
N GLY GA 81 26.56 -0.51 34.98
CA GLY GA 81 26.43 -1.84 35.55
C GLY GA 81 26.21 -2.91 34.50
N ASP GA 82 25.60 -2.54 33.36
CA ASP GA 82 25.44 -3.49 32.28
C ASP GA 82 26.78 -3.99 31.74
N THR GA 83 27.81 -3.14 31.79
CA THR GA 83 29.15 -3.58 31.39
C THR GA 83 29.89 -4.24 32.54
N ILE GA 84 29.66 -3.76 33.77
CA ILE GA 84 30.34 -4.35 34.92
C ILE GA 84 29.92 -5.81 35.09
N THR GA 85 28.67 -6.13 34.80
CA THR GA 85 28.21 -7.51 34.93
C THR GA 85 28.87 -8.41 33.89
N ASP GA 86 29.01 -7.91 32.65
CA ASP GA 86 29.67 -8.71 31.62
C ASP GA 86 31.14 -8.92 31.94
N LEU GA 87 31.79 -7.90 32.50
CA LEU GA 87 33.19 -8.04 32.88
C LEU GA 87 33.35 -9.03 34.03
N LEU GA 88 32.42 -9.01 35.00
CA LEU GA 88 32.47 -10.00 36.06
C LEU GA 88 32.23 -11.41 35.54
N THR GA 89 31.36 -11.55 34.53
CA THR GA 89 31.12 -12.88 33.97
C THR GA 89 32.35 -13.40 33.24
N LYS GA 90 33.02 -12.53 32.48
CA LYS GA 90 34.25 -12.96 31.82
C LYS GA 90 35.35 -13.25 32.82
N MET GA 91 35.40 -12.51 33.94
CA MET GA 91 36.38 -12.82 34.98
C MET GA 91 36.08 -14.18 35.63
N LYS GA 92 34.80 -14.50 35.80
CA LYS GA 92 34.45 -15.81 36.32
C LYS GA 92 34.86 -16.90 35.34
N GLU GA 93 34.71 -16.63 34.04
CA GLU GA 93 35.12 -17.62 33.03
C GLU GA 93 36.63 -17.82 33.04
N LYS GA 94 37.39 -16.73 33.19
CA LYS GA 94 38.85 -16.86 33.20
C LYS GA 94 39.34 -17.57 34.45
N ALA GA 95 38.83 -17.17 35.62
CA ALA GA 95 39.21 -17.83 36.86
C ALA GA 95 38.73 -19.27 36.90
N LEU GA 96 37.64 -19.57 36.19
CA LEU GA 96 37.16 -20.96 36.13
C LEU GA 96 38.10 -21.81 35.27
N ALA GA 97 38.45 -21.31 34.08
CA ALA GA 97 39.35 -22.07 33.21
C ALA GA 97 40.75 -22.20 33.81
N ALA GA 98 41.18 -21.22 34.61
CA ALA GA 98 42.53 -21.25 35.15
C ALA GA 98 42.72 -22.36 36.17
N SER GA 99 41.64 -22.82 36.81
CA SER GA 99 41.78 -23.76 37.92
C SER GA 99 42.24 -25.13 37.44
N ASP GA 100 42.04 -25.45 36.16
CA ASP GA 100 42.38 -26.77 35.66
C ASP GA 100 43.89 -27.02 35.76
N THR GA 101 44.25 -28.20 36.25
CA THR GA 101 45.64 -28.60 36.42
C THR GA 101 46.35 -28.88 35.09
N SER GA 102 45.62 -29.33 34.07
CA SER GA 102 46.23 -29.76 32.82
C SER GA 102 46.88 -28.62 32.04
N LEU GA 103 46.53 -27.37 32.35
CA LEU GA 103 47.14 -26.24 31.66
C LEU GA 103 48.64 -26.21 31.90
N ASN GA 104 49.38 -25.96 30.83
CA ASN GA 104 50.80 -25.64 30.97
C ASN GA 104 50.95 -24.22 31.49
N THR GA 105 52.17 -23.91 31.94
CA THR GA 105 52.41 -22.62 32.58
C THR GA 105 52.07 -21.47 31.64
N ALA GA 106 52.26 -21.67 30.33
CA ALA GA 106 51.99 -20.59 29.38
C ALA GA 106 50.52 -20.22 29.36
N SER GA 107 49.64 -21.23 29.26
CA SER GA 107 48.20 -20.95 29.28
C SER GA 107 47.76 -20.38 30.61
N PHE GA 108 48.42 -20.79 31.70
CA PHE GA 108 48.08 -20.26 33.01
C PHE GA 108 48.40 -18.78 33.10
N ASN GA 109 49.60 -18.39 32.67
CA ASN GA 109 49.94 -16.97 32.66
C ASN GA 109 49.07 -16.19 31.68
N ALA GA 110 48.65 -16.82 30.58
CA ALA GA 110 47.78 -16.12 29.64
C ALA GA 110 46.42 -15.81 30.28
N LEU GA 111 45.80 -16.82 30.89
CA LEU GA 111 44.54 -16.59 31.57
C LEU GA 111 44.69 -15.61 32.74
N LYS GA 112 45.84 -15.65 33.41
CA LYS GA 112 46.07 -14.71 34.51
C LYS GA 112 46.15 -13.28 34.02
N ALA GA 113 46.90 -13.05 32.94
CA ALA GA 113 47.01 -11.69 32.39
C ALA GA 113 45.67 -11.22 31.87
N ASP GA 114 44.87 -12.12 31.28
CA ASP GA 114 43.53 -11.72 30.86
C ASP GA 114 42.66 -11.36 32.05
N PHE GA 115 42.84 -12.08 33.17
CA PHE GA 115 42.11 -11.73 34.38
C PHE GA 115 42.51 -10.35 34.89
N GLU GA 116 43.81 -10.02 34.80
CA GLU GA 116 44.25 -8.70 35.24
C GLU GA 116 43.66 -7.62 34.37
N SER GA 117 43.66 -7.84 33.06
CA SER GA 117 43.14 -6.83 32.14
C SER GA 117 41.63 -6.64 32.34
N LEU GA 118 40.90 -7.73 32.57
CA LEU GA 118 39.47 -7.60 32.81
C LEU GA 118 39.20 -6.89 34.13
N ARG GA 119 40.04 -7.13 35.15
CA ARG GA 119 39.84 -6.43 36.42
C ARG GA 119 40.10 -4.94 36.27
N ASP GA 120 41.13 -4.58 35.51
CA ASP GA 120 41.43 -3.16 35.32
C ASP GA 120 40.33 -2.48 34.50
N GLN GA 121 39.81 -3.17 33.47
CA GLN GA 121 38.70 -2.61 32.71
C GLN GA 121 37.45 -2.47 33.56
N LEU GA 122 37.23 -3.41 34.48
CA LEU GA 122 36.09 -3.30 35.38
C LEU GA 122 36.25 -2.10 36.31
N GLN GA 123 37.47 -1.85 36.79
CA GLN GA 123 37.68 -0.69 37.64
C GLN GA 123 37.48 0.61 36.86
N LYS GA 124 37.93 0.64 35.60
CA LYS GA 124 37.73 1.83 34.79
C LYS GA 124 36.24 2.07 34.52
N ALA GA 125 35.50 1.00 34.21
CA ALA GA 125 34.07 1.14 33.98
C ALA GA 125 33.35 1.58 35.25
N ALA GA 126 33.84 1.14 36.41
CA ALA GA 126 33.26 1.61 37.67
C ALA GA 126 33.56 3.08 37.93
N THR GA 127 34.73 3.56 37.53
CA THR GA 127 35.11 4.94 37.82
C THR GA 127 34.55 5.95 36.83
N ASN GA 128 34.25 5.54 35.60
CA ASN GA 128 33.82 6.50 34.59
C ASN GA 128 32.33 6.83 34.66
N ALA GA 129 31.58 6.20 35.55
CA ALA GA 129 30.12 6.38 35.62
C ALA GA 129 29.79 7.54 36.55
N LYS GA 130 29.35 8.65 35.97
CA LYS GA 130 28.79 9.76 36.73
C LYS GA 130 28.08 10.71 35.79
N PHE GA 131 27.07 11.40 36.32
CA PHE GA 131 26.28 12.36 35.56
C PHE GA 131 26.32 13.70 36.29
N ASN GA 132 26.79 14.74 35.60
CA ASN GA 132 26.95 16.07 36.17
C ASN GA 132 27.81 16.04 37.44
N GLY GA 133 28.79 15.15 37.45
CA GLY GA 133 29.78 15.09 38.52
C GLY GA 133 29.41 14.20 39.68
N VAL GA 134 28.13 13.87 39.85
CA VAL GA 134 27.69 12.99 40.92
C VAL GA 134 27.51 11.59 40.35
N SER GA 135 27.62 10.59 41.22
CA SER GA 135 27.56 9.21 40.78
C SER GA 135 26.94 8.34 41.86
N LEU GA 136 26.20 7.32 41.43
CA LEU GA 136 25.63 6.32 42.31
C LEU GA 136 26.39 5.01 42.28
N ALA GA 137 27.46 4.92 41.49
CA ALA GA 137 28.19 3.67 41.32
C ALA GA 137 29.65 3.71 41.74
N ASP GA 138 30.30 4.89 41.72
CA ASP GA 138 31.72 4.95 42.03
C ASP GA 138 32.03 4.87 43.52
N GLY GA 139 31.03 4.99 44.38
CA GLY GA 139 31.27 5.00 45.81
C GLY GA 139 31.73 6.32 46.37
N SER GA 140 31.65 7.40 45.58
CA SER GA 140 32.09 8.70 46.06
C SER GA 140 31.24 9.22 47.22
N THR GA 141 30.00 8.77 47.32
CA THR GA 141 29.10 9.25 48.37
C THR GA 141 28.13 8.15 48.74
N THR GA 142 27.53 8.31 49.92
CA THR GA 142 26.62 7.31 50.47
C THR GA 142 25.20 7.41 49.91
N LYS GA 143 24.69 8.61 49.68
CA LYS GA 143 23.31 8.76 49.23
C LYS GA 143 23.10 10.13 48.62
N LEU GA 144 22.10 10.22 47.73
CA LEU GA 144 21.66 11.47 47.13
C LEU GA 144 20.19 11.71 47.51
N SER GA 145 19.85 12.96 47.79
CA SER GA 145 18.53 13.33 48.29
C SER GA 145 17.81 14.18 47.26
N PHE GA 146 17.15 13.52 46.31
CA PHE GA 146 16.33 14.22 45.34
C PHE GA 146 15.02 14.68 45.96
N LEU GA 147 14.44 15.73 45.36
CA LEU GA 147 13.26 16.40 45.87
C LEU GA 147 12.04 15.49 45.77
N ALA GA 148 11.09 15.69 46.70
CA ALA GA 148 9.86 14.90 46.70
C ALA GA 148 8.58 15.70 46.84
N ASN GA 149 8.60 16.90 47.41
CA ASN GA 149 7.38 17.67 47.64
C ASN GA 149 7.76 19.13 47.75
N GLU GA 150 6.75 19.99 47.64
CA GLU GA 150 6.99 21.42 47.70
C GLU GA 150 7.40 21.89 49.09
N ASP GA 151 7.19 21.07 50.12
CA ASP GA 151 7.66 21.40 51.45
C ASP GA 151 9.16 21.23 51.61
N GLY GA 152 9.82 20.58 50.65
CA GLY GA 152 11.24 20.30 50.72
C GLY GA 152 11.61 18.91 51.19
N SER GA 153 10.64 18.02 51.37
CA SER GA 153 10.94 16.65 51.76
C SER GA 153 11.76 15.96 50.68
N ASN GA 154 12.73 15.16 51.10
CA ASN GA 154 13.69 14.52 50.21
C ASN GA 154 13.21 13.14 49.79
N PHE GA 155 13.78 12.65 48.68
CA PHE GA 155 13.57 11.29 48.17
C PHE GA 155 14.93 10.61 48.19
N THR GA 156 15.27 10.00 49.33
CA THR GA 156 16.59 9.39 49.49
C THR GA 156 16.79 8.25 48.50
N VAL GA 157 18.00 8.16 47.98
CA VAL GA 157 18.39 7.08 47.06
C VAL GA 157 19.76 6.58 47.50
N THR GA 158 19.78 5.38 48.08
CA THR GA 158 21.03 4.82 48.56
C THR GA 158 21.98 4.53 47.40
N ALA GA 159 23.25 4.91 47.58
CA ALA GA 159 24.26 4.64 46.58
C ALA GA 159 24.71 3.18 46.65
N GLN GA 160 25.14 2.66 45.51
CA GLN GA 160 25.61 1.28 45.40
C GLN GA 160 27.01 1.30 44.80
N THR GA 161 28.00 0.93 45.59
CA THR GA 161 29.40 1.05 45.20
C THR GA 161 29.77 -0.14 44.31
N LEU GA 162 29.83 0.09 43.00
CA LEU GA 162 30.28 -0.92 42.05
C LEU GA 162 31.79 -0.88 41.82
N SER GA 163 32.50 -0.07 42.59
CA SER GA 163 33.95 -0.08 42.55
C SER GA 163 34.49 -1.41 43.09
N LEU GA 164 35.69 -1.77 42.65
CA LEU GA 164 36.25 -3.09 42.94
C LEU GA 164 36.16 -3.43 44.42
N THR GA 165 36.49 -2.47 45.30
CA THR GA 165 36.35 -2.70 46.74
C THR GA 165 34.90 -2.86 47.17
N GLY GA 166 33.97 -2.26 46.45
CA GLY GA 166 32.57 -2.35 46.82
C GLY GA 166 31.88 -3.64 46.42
N ILE GA 167 32.50 -4.45 45.56
CA ILE GA 167 31.97 -5.75 45.20
C ILE GA 167 32.80 -6.89 45.78
N GLY GA 168 33.71 -6.58 46.71
CA GLY GA 168 34.50 -7.59 47.39
C GLY GA 168 35.83 -7.92 46.74
N LEU GA 169 36.13 -7.37 45.57
CA LEU GA 169 37.44 -7.54 44.97
C LEU GA 169 38.38 -6.42 45.40
N THR GA 170 39.65 -6.55 45.02
CA THR GA 170 40.63 -5.50 45.23
C THR GA 170 41.47 -5.36 43.96
N ALA GA 171 42.13 -4.20 43.84
CA ALA GA 171 42.91 -3.93 42.63
C ALA GA 171 44.07 -4.90 42.48
N THR GA 172 44.61 -5.40 43.59
CA THR GA 172 45.72 -6.34 43.57
C THR GA 172 45.27 -7.79 43.44
N SER GA 173 43.96 -8.06 43.50
CA SER GA 173 43.47 -9.44 43.52
C SER GA 173 43.83 -10.17 42.24
N THR GA 174 44.36 -11.38 42.39
CA THR GA 174 44.62 -12.29 41.29
C THR GA 174 45.01 -13.64 41.86
N PHE GA 175 44.68 -14.69 41.12
CA PHE GA 175 45.17 -16.03 41.43
C PHE GA 175 46.62 -16.19 41.01
N THR GA 176 47.36 -17.02 41.76
CA THR GA 176 48.75 -17.32 41.45
C THR GA 176 49.01 -18.78 41.11
N ASP GA 177 48.18 -19.71 41.58
CA ASP GA 177 48.27 -21.11 41.19
C ASP GA 177 46.85 -21.67 41.24
N ALA GA 178 46.70 -22.90 40.73
CA ALA GA 178 45.37 -23.40 40.40
C ALA GA 178 44.45 -23.46 41.61
N ALA GA 179 45.01 -23.71 42.80
CA ALA GA 179 44.18 -23.71 44.00
C ALA GA 179 43.65 -22.31 44.29
N THR GA 180 44.47 -21.28 44.06
CA THR GA 180 43.98 -19.92 44.22
C THR GA 180 42.92 -19.57 43.18
N ALA GA 181 43.01 -20.13 41.97
CA ALA GA 181 41.95 -19.88 40.99
C ALA GA 181 40.65 -20.57 41.40
N LYS GA 182 40.74 -21.80 41.92
CA LYS GA 182 39.53 -22.48 42.38
C LYS GA 182 38.91 -21.76 43.56
N THR GA 183 39.72 -21.16 44.43
CA THR GA 183 39.19 -20.30 45.47
C THR GA 183 38.60 -19.01 44.88
N MET GA 184 39.22 -18.49 43.82
CA MET GA 184 38.83 -17.22 43.24
C MET GA 184 37.49 -17.29 42.52
N ILE GA 185 37.10 -18.47 42.04
CA ILE GA 185 35.82 -18.59 41.34
C ILE GA 185 34.67 -18.19 42.26
N ALA GA 186 34.72 -18.61 43.52
CA ALA GA 186 33.66 -18.28 44.46
C ALA GA 186 33.62 -16.79 44.74
N THR GA 187 34.79 -16.16 44.81
CA THR GA 187 34.83 -14.71 45.07
C THR GA 187 34.25 -13.95 43.90
N ILE GA 188 34.57 -14.36 42.66
CA ILE GA 188 33.99 -13.70 41.50
C ILE GA 188 32.48 -13.92 41.45
N THR GA 189 32.01 -15.09 41.89
CA THR GA 189 30.58 -15.35 41.89
C THR GA 189 29.85 -14.46 42.89
N THR GA 190 30.40 -14.34 44.11
CA THR GA 190 29.77 -13.47 45.09
C THR GA 190 29.82 -12.01 44.66
N SER GA 191 30.90 -11.60 43.98
CA SER GA 191 30.97 -10.23 43.49
C SER GA 191 29.89 -9.98 42.44
N LEU GA 192 29.70 -10.92 41.52
CA LEU GA 192 28.67 -10.75 40.50
C LEU GA 192 27.29 -10.69 41.14
N GLN GA 193 27.06 -11.49 42.17
CA GLN GA 193 25.76 -11.47 42.84
C GLN GA 193 25.51 -10.14 43.55
N THR GA 194 26.50 -9.65 44.31
CA THR GA 194 26.27 -8.39 45.02
C THR GA 194 26.11 -7.22 44.05
N ALA GA 195 26.85 -7.22 42.93
CA ALA GA 195 26.66 -6.16 41.95
C ALA GA 195 25.29 -6.23 41.30
N THR GA 196 24.81 -7.44 41.02
CA THR GA 196 23.50 -7.58 40.41
C THR GA 196 22.40 -7.13 41.37
N ASN GA 197 22.55 -7.45 42.66
CA ASN GA 197 21.57 -6.99 43.63
C ASN GA 197 21.57 -5.48 43.76
N LYS GA 198 22.76 -4.87 43.67
CA LYS GA 198 22.83 -3.42 43.74
C LYS GA 198 22.16 -2.77 42.53
N LEU GA 199 22.36 -3.33 41.34
CA LEU GA 199 21.71 -2.80 40.16
C LEU GA 199 20.19 -2.98 40.24
N SER GA 200 19.73 -4.09 40.84
CA SER GA 200 18.30 -4.29 40.99
C SER GA 200 17.69 -3.25 41.93
N SER GA 201 18.39 -2.95 43.03
CA SER GA 201 17.90 -1.90 43.92
C SER GA 201 17.88 -0.54 43.24
N LEU GA 202 18.88 -0.29 42.38
CA LEU GA 202 18.92 0.98 41.66
C LEU GA 202 17.74 1.10 40.70
N GLY GA 203 17.39 0.00 40.03
CA GLY GA 203 16.27 0.05 39.11
C GLY GA 203 14.94 0.23 39.84
N THR GA 204 14.81 -0.40 41.00
CA THR GA 204 13.58 -0.22 41.78
C THR GA 204 13.45 1.23 42.27
N SER GA 205 14.57 1.83 42.68
CA SER GA 205 14.51 3.24 43.06
C SER GA 205 14.17 4.13 41.88
N SER GA 206 14.61 3.77 40.67
CA SER GA 206 14.26 4.55 39.50
C SER GA 206 12.77 4.48 39.21
N VAL GA 207 12.19 3.28 39.32
CA VAL GA 207 10.75 3.16 39.09
C VAL GA 207 9.96 3.92 40.14
N GLY GA 208 10.46 3.95 41.38
CA GLY GA 208 9.78 4.73 42.40
C GLY GA 208 9.88 6.22 42.14
N LEU GA 209 11.03 6.67 41.64
CA LEU GA 209 11.17 8.08 41.26
C LEU GA 209 10.21 8.43 40.13
N ASP GA 210 10.03 7.53 39.17
CA ASP GA 210 9.12 7.80 38.05
C ASP GA 210 7.69 7.91 38.54
N THR GA 211 7.27 6.98 39.40
CA THR GA 211 5.89 7.03 39.91
C THR GA 211 5.66 8.27 40.75
N HIS GA 212 6.66 8.68 41.55
CA HIS GA 212 6.49 9.92 42.30
C HIS GA 212 6.42 11.13 41.38
N LEU GA 213 7.13 11.09 40.25
CA LEU GA 213 7.03 12.19 39.28
C LEU GA 213 5.62 12.27 38.70
N THR GA 214 5.03 11.12 38.39
CA THR GA 214 3.65 11.13 37.89
C THR GA 214 2.69 11.66 38.93
N PHE GA 215 2.90 11.31 40.20
CA PHE GA 215 2.03 11.83 41.25
C PHE GA 215 2.20 13.34 41.41
N VAL GA 216 3.43 13.85 41.30
CA VAL GA 216 3.65 15.28 41.40
C VAL GA 216 2.97 16.02 40.26
N GLY GA 217 2.96 15.41 39.07
CA GLY GA 217 2.28 16.05 37.95
C GLY GA 217 0.78 16.11 38.16
N LYS GA 218 0.18 15.00 38.59
CA LYS GA 218 -1.26 15.02 38.85
C LYS GA 218 -1.62 15.96 39.99
N LEU GA 219 -0.76 16.05 41.00
CA LEU GA 219 -1.02 16.95 42.12
C LEU GA 219 -0.93 18.41 41.70
N GLN GA 220 0.02 18.74 40.82
CA GLN GA 220 0.10 20.11 40.32
C GLN GA 220 -1.13 20.45 39.48
N ASP GA 221 -1.62 19.48 38.70
CA ASP GA 221 -2.82 19.74 37.91
C ASP GA 221 -4.04 19.97 38.81
N SER GA 222 -4.16 19.15 39.86
CA SER GA 222 -5.29 19.34 40.78
C SER GA 222 -5.18 20.65 41.55
N LEU GA 223 -3.97 21.08 41.88
CA LEU GA 223 -3.81 22.35 42.57
C LEU GA 223 -4.19 23.53 41.67
N ASP GA 224 -3.81 23.46 40.39
CA ASP GA 224 -4.22 24.51 39.46
C ASP GA 224 -5.73 24.51 39.25
N ALA GA 225 -6.34 23.32 39.20
CA ALA GA 225 -7.79 23.28 39.09
C ALA GA 225 -8.46 23.85 40.34
N GLY GA 226 -7.86 23.64 41.51
CA GLY GA 226 -8.46 24.18 42.72
C GLY GA 226 -8.37 25.68 42.79
N VAL GA 227 -7.22 26.25 42.41
CA VAL GA 227 -7.12 27.71 42.43
C VAL GA 227 -8.03 28.31 41.37
N GLY GA 228 -8.22 27.61 40.24
CA GLY GA 228 -9.15 28.11 39.25
C GLY GA 228 -10.58 28.02 39.71
N ASN GA 229 -10.89 27.06 40.59
CA ASN GA 229 -12.22 27.01 41.17
C ASN GA 229 -12.45 28.16 42.15
N LEU GA 230 -11.49 28.41 43.03
CA LEU GA 230 -11.66 29.49 44.00
C LEU GA 230 -11.67 30.88 43.36
N VAL GA 231 -10.99 31.06 42.22
CA VAL GA 231 -10.78 32.39 41.66
C VAL GA 231 -11.75 32.70 40.54
N ASP GA 232 -11.84 31.84 39.53
CA ASP GA 232 -12.35 32.25 38.23
C ASP GA 232 -13.83 32.62 38.28
N ALA GA 233 -14.19 33.70 37.56
CA ALA GA 233 -15.56 34.13 37.42
C ALA GA 233 -16.30 33.29 36.39
N ASP GA 234 -17.62 33.23 36.53
CA ASP GA 234 -18.50 32.59 35.56
C ASP GA 234 -18.98 33.64 34.56
N LEU GA 235 -18.28 33.76 33.43
CA LEU GA 235 -18.54 34.86 32.49
C LEU GA 235 -19.90 34.76 31.83
N ALA GA 236 -20.45 33.55 31.66
CA ALA GA 236 -21.71 33.43 30.95
C ALA GA 236 -22.84 34.16 31.68
N LYS GA 237 -22.83 34.12 33.00
CA LYS GA 237 -23.76 34.93 33.79
C LYS GA 237 -23.40 36.41 33.68
N GLU GA 238 -22.09 36.70 33.60
CA GLU GA 238 -21.63 38.08 33.54
C GLU GA 238 -22.07 38.79 32.27
N SER GA 239 -22.25 38.06 31.17
CA SER GA 239 -22.67 38.71 29.94
C SER GA 239 -24.10 39.23 30.06
N ALA GA 240 -25.01 38.41 30.58
CA ALA GA 240 -26.37 38.87 30.80
C ALA GA 240 -26.41 39.99 31.83
N LYS GA 241 -25.59 39.89 32.87
CA LYS GA 241 -25.56 40.98 33.85
C LYS GA 241 -25.05 42.27 33.23
N LEU GA 242 -24.10 42.16 32.29
CA LEU GA 242 -23.54 43.35 31.66
C LEU GA 242 -24.55 44.02 30.75
N GLN GA 243 -25.28 43.23 29.96
CA GLN GA 243 -26.30 43.83 29.11
C GLN GA 243 -27.42 44.45 29.93
N SER GA 244 -27.80 43.80 31.04
CA SER GA 244 -28.83 44.37 31.89
C SER GA 244 -28.37 45.67 32.52
N LEU GA 245 -27.10 45.74 32.94
CA LEU GA 245 -26.59 46.98 33.49
C LEU GA 245 -26.49 48.07 32.43
N GLN GA 246 -26.17 47.69 31.20
CA GLN GA 246 -26.10 48.68 30.12
C GLN GA 246 -27.47 49.25 29.80
N THR GA 247 -28.53 48.46 29.97
CA THR GA 247 -29.88 49.01 29.83
C THR GA 247 -30.25 49.88 31.04
N LYS GA 248 -29.88 49.42 32.24
CA LYS GA 248 -30.22 50.16 33.45
C LYS GA 248 -29.53 51.51 33.49
N GLN GA 249 -28.34 51.62 32.92
CA GLN GA 249 -27.65 52.91 32.89
C GLN GA 249 -28.41 53.92 32.04
N GLN GA 250 -28.91 53.48 30.88
CA GLN GA 250 -29.69 54.39 30.04
C GLN GA 250 -30.98 54.79 30.72
N LEU GA 251 -31.67 53.84 31.36
CA LEU GA 251 -32.90 54.20 32.05
C LEU GA 251 -32.65 55.14 33.21
N GLY GA 252 -31.52 54.97 33.91
CA GLY GA 252 -31.21 55.87 35.01
C GLY GA 252 -30.86 57.26 34.52
N VAL GA 253 -30.19 57.35 33.36
CA VAL GA 253 -29.86 58.66 32.83
C VAL GA 253 -31.12 59.38 32.37
N GLN GA 254 -32.06 58.68 31.73
CA GLN GA 254 -33.30 59.34 31.34
C GLN GA 254 -34.13 59.74 32.56
N ALA GA 255 -34.10 58.92 33.62
CA ALA GA 255 -34.79 59.32 34.83
C ALA GA 255 -34.15 60.55 35.46
N LEU GA 256 -32.82 60.64 35.40
CA LEU GA 256 -32.14 61.82 35.90
C LEU GA 256 -32.49 63.06 35.07
N SER GA 257 -32.67 62.88 33.76
CA SER GA 257 -33.07 64.01 32.92
C SER GA 257 -34.49 64.47 33.26
N ILE GA 258 -35.40 63.53 33.53
CA ILE GA 258 -36.74 63.93 33.91
C ILE GA 258 -36.73 64.63 35.27
N ALA GA 259 -35.87 64.16 36.18
CA ALA GA 259 -35.76 64.82 37.47
C ALA GA 259 -35.16 66.22 37.33
N ASN GA 260 -34.25 66.41 36.37
CA ASN GA 260 -33.72 67.75 36.11
C ASN GA 260 -34.78 68.66 35.50
N GLN GA 261 -35.66 68.10 34.67
CA GLN GA 261 -36.68 68.93 34.03
C GLN GA 261 -37.89 69.18 34.92
N THR GA 262 -38.04 68.43 36.00
CA THR GA 262 -39.16 68.70 36.92
C THR GA 262 -39.15 70.11 37.50
N PRO GA 263 -38.04 70.63 38.05
CA PRO GA 263 -38.09 71.97 38.68
C PRO GA 263 -38.50 73.10 37.74
N GLN GA 264 -38.19 73.01 36.45
CA GLN GA 264 -38.35 74.16 35.57
C GLN GA 264 -39.80 74.53 35.33
N THR GA 265 -40.73 73.63 35.64
CA THR GA 265 -42.14 73.88 35.37
C THR GA 265 -42.67 75.09 36.14
N ILE GA 266 -42.02 75.45 37.25
CA ILE GA 266 -42.46 76.60 38.05
C ILE GA 266 -42.41 77.88 37.24
N LEU GA 267 -41.54 77.94 36.23
CA LEU GA 267 -41.40 79.15 35.43
C LEU GA 267 -42.69 79.53 34.71
N SER GA 268 -43.52 78.54 34.36
CA SER GA 268 -44.76 78.82 33.66
C SER GA 268 -45.79 79.52 34.55
N LEU GA 269 -45.62 79.47 35.87
CA LEU GA 269 -46.56 80.10 36.79
C LEU GA 269 -46.51 81.61 36.73
N PHE GA 270 -45.44 82.20 36.20
CA PHE GA 270 -45.27 83.64 36.20
C PHE GA 270 -45.21 84.20 34.78
N LEU HA 1 -66.55 114.91 60.54
CA LEU HA 1 -67.31 114.54 59.36
C LEU HA 1 -67.12 115.58 58.25
N ASN HA 2 -67.06 116.85 58.64
CA ASN HA 2 -66.87 117.96 57.72
C ASN HA 2 -65.61 118.75 58.10
N SER HA 3 -64.51 118.03 58.31
CA SER HA 3 -63.23 118.62 58.68
C SER HA 3 -62.41 118.86 57.43
N ILE HA 4 -62.44 120.09 56.93
CA ILE HA 4 -61.63 120.42 55.76
C ILE HA 4 -60.14 120.38 56.11
N ASN HA 5 -59.78 120.64 57.37
CA ASN HA 5 -58.37 120.71 57.74
C ASN HA 5 -57.66 119.37 57.60
N THR HA 6 -58.33 118.26 57.92
CA THR HA 6 -57.70 116.96 57.87
C THR HA 6 -58.79 115.89 57.88
N ASN HA 7 -58.57 114.81 57.13
CA ASN HA 7 -59.45 113.66 57.16
C ASN HA 7 -58.66 112.43 57.59
N PRO HA 8 -59.01 111.80 58.71
CA PRO HA 8 -58.30 110.58 59.13
C PRO HA 8 -58.37 109.43 58.13
N GLY HA 9 -59.46 109.31 57.38
CA GLY HA 9 -59.62 108.16 56.50
C GLY HA 9 -58.55 108.06 55.44
N ALA HA 10 -58.02 109.21 55.00
CA ALA HA 10 -56.87 109.17 54.10
C ALA HA 10 -55.67 108.53 54.78
N LEU HA 11 -55.45 108.82 56.07
CA LEU HA 11 -54.35 108.20 56.78
C LEU HA 11 -54.58 106.70 56.94
N LEU HA 12 -55.84 106.29 57.14
CA LEU HA 12 -56.12 104.86 57.28
C LEU HA 12 -55.89 104.13 55.96
N ALA HA 13 -56.36 104.70 54.84
CA ALA HA 13 -56.13 104.07 53.55
C ALA HA 13 -54.64 104.06 53.20
N LEU HA 14 -53.91 105.10 53.61
CA LEU HA 14 -52.47 105.11 53.36
C LEU HA 14 -51.77 104.03 54.17
N GLN HA 15 -52.22 103.80 55.41
CA GLN HA 15 -51.66 102.72 56.21
C GLN HA 15 -51.97 101.36 55.60
N ASN HA 16 -53.16 101.21 55.04
CA ASN HA 16 -53.51 99.95 54.38
C ASN HA 16 -52.63 99.72 53.16
N LEU HA 17 -52.38 100.78 52.37
CA LEU HA 17 -51.47 100.65 51.25
C LEU HA 17 -50.05 100.38 51.70
N ASN HA 18 -49.64 100.91 52.85
CA ASN HA 18 -48.31 100.60 53.36
C ASN HA 18 -48.19 99.12 53.69
N SER HA 19 -49.19 98.57 54.37
CA SER HA 19 -49.16 97.15 54.69
C SER HA 19 -49.17 96.29 53.43
N THR HA 20 -49.95 96.71 52.43
CA THR HA 20 -50.00 95.93 51.19
C THR HA 20 -48.67 95.97 50.47
N ASN HA 21 -48.03 97.14 50.43
CA ASN HA 21 -46.74 97.25 49.76
C ASN HA 21 -45.66 96.46 50.49
N THR HA 22 -45.71 96.43 51.82
CA THR HA 22 -44.71 95.64 52.54
C THR HA 22 -44.90 94.15 52.32
N GLU HA 23 -46.16 93.67 52.33
CA GLU HA 23 -46.37 92.25 52.07
C GLU HA 23 -45.98 91.88 50.64
N LEU HA 24 -46.25 92.78 49.69
CA LEU HA 24 -45.86 92.52 48.31
C LEU HA 24 -44.34 92.51 48.15
N ALA HA 25 -43.65 93.39 48.88
CA ALA HA 25 -42.19 93.39 48.82
C ALA HA 25 -41.61 92.12 49.44
N ALA HA 26 -42.25 91.62 50.49
CA ALA HA 26 -41.79 90.37 51.09
C ALA HA 26 -41.99 89.20 50.14
N THR HA 27 -43.14 89.15 49.46
CA THR HA 27 -43.35 88.10 48.48
C THR HA 27 -42.39 88.24 47.30
N GLN HA 28 -42.06 89.47 46.92
CA GLN HA 28 -41.09 89.68 45.86
C GLN HA 28 -39.70 89.20 46.26
N GLY HA 29 -39.33 89.37 47.53
CA GLY HA 29 -38.06 88.85 47.98
C GLY HA 29 -38.04 87.33 48.04
N ARG HA 30 -39.17 86.74 48.44
CA ARG HA 30 -39.26 85.28 48.41
C ARG HA 30 -39.21 84.75 46.99
N ILE HA 31 -39.71 85.53 46.01
CA ILE HA 31 -39.66 85.09 44.62
C ILE HA 31 -38.24 85.21 44.07
N ASN HA 32 -37.62 86.38 44.21
CA ASN HA 32 -36.31 86.59 43.61
C ASN HA 32 -35.22 85.77 44.29
N THR HA 33 -35.35 85.48 45.59
CA THR HA 33 -34.37 84.64 46.25
C THR HA 33 -34.70 83.16 46.17
N GLY HA 34 -35.98 82.80 46.33
CA GLY HA 34 -36.38 81.41 46.41
C GLY HA 34 -36.23 80.80 47.79
N LYS HA 35 -35.74 81.54 48.77
CA LYS HA 35 -35.55 81.06 50.13
C LYS HA 35 -36.41 81.90 51.06
N LYS HA 36 -37.33 81.26 51.78
CA LYS HA 36 -38.26 81.98 52.63
C LYS HA 36 -37.60 82.55 53.88
N VAL HA 37 -36.40 82.09 54.22
CA VAL HA 37 -35.69 82.57 55.41
C VAL HA 37 -34.23 82.78 55.05
N ALA HA 38 -33.99 83.35 53.86
CA ALA HA 38 -32.61 83.55 53.39
C ALA HA 38 -31.82 84.50 54.28
N ASN HA 39 -32.48 85.52 54.84
CA ASN HA 39 -31.80 86.51 55.66
C ASN HA 39 -32.21 86.31 57.12
N ALA HA 40 -31.36 86.83 58.01
CA ALA HA 40 -31.56 86.62 59.44
C ALA HA 40 -32.85 87.25 59.94
N LYS HA 41 -33.31 88.33 59.29
CA LYS HA 41 -34.47 89.05 59.79
C LYS HA 41 -35.74 88.20 59.74
N ASP HA 42 -35.85 87.31 58.74
CA ASP HA 42 -37.06 86.50 58.63
C ASP HA 42 -37.23 85.54 59.80
N ASN HA 43 -36.13 84.96 60.29
CA ASN HA 43 -36.14 84.10 61.46
C ASN HA 43 -34.70 83.66 61.76
N GLY HA 44 -34.13 84.14 62.86
CA GLY HA 44 -32.72 83.90 63.11
C GLY HA 44 -32.38 82.48 63.51
N ALA HA 45 -33.32 81.79 64.16
CA ALA HA 45 -33.03 80.43 64.64
C ALA HA 45 -32.85 79.46 63.48
N ILE HA 46 -33.82 79.42 62.57
CA ILE HA 46 -33.70 78.59 61.38
C ILE HA 46 -32.56 79.07 60.51
N TRP HA 47 -32.27 80.37 60.54
CA TRP HA 47 -31.18 80.94 59.75
C TRP HA 47 -29.85 80.34 60.17
N SER HA 48 -29.54 80.43 61.48
CA SER HA 48 -28.32 79.85 62.00
C SER HA 48 -28.32 78.33 61.89
N MET HA 49 -29.49 77.70 62.02
CA MET HA 49 -29.54 76.25 61.90
C MET HA 49 -29.21 75.81 60.48
N ALA HA 50 -29.70 76.56 59.49
CA ALA HA 50 -29.45 76.21 58.11
C ALA HA 50 -27.99 76.40 57.73
N LYS HA 51 -27.38 77.53 58.12
CA LYS HA 51 -25.97 77.69 57.78
C LYS HA 51 -25.05 76.86 58.65
N MET HA 52 -25.51 76.40 59.82
CA MET HA 52 -24.75 75.40 60.56
C MET HA 52 -24.77 74.06 59.83
N GLN HA 53 -25.96 73.62 59.42
CA GLN HA 53 -26.07 72.37 58.69
C GLN HA 53 -25.32 72.45 57.37
N SER HA 54 -25.26 73.64 56.77
CA SER HA 54 -24.59 73.81 55.49
C SER HA 54 -23.08 73.85 55.65
N ALA HA 55 -22.58 74.52 56.69
CA ALA HA 55 -21.14 74.47 56.97
C ALA HA 55 -20.72 73.06 57.30
N THR HA 56 -21.63 72.26 57.88
CA THR HA 56 -21.32 70.86 58.10
C THR HA 56 -21.30 70.08 56.79
N ALA HA 57 -22.34 70.23 55.97
CA ALA HA 57 -22.47 69.42 54.75
C ALA HA 57 -21.39 69.74 53.74
N SER HA 58 -20.99 71.01 53.61
CA SER HA 58 -20.01 71.37 52.59
C SER HA 58 -18.61 70.89 52.95
N SER HA 59 -18.36 70.58 54.22
CA SER HA 59 -17.06 70.14 54.69
C SER HA 59 -16.77 68.67 54.43
N LEU HA 60 -17.76 67.90 53.99
CA LEU HA 60 -17.52 66.48 53.72
C LEU HA 60 -16.67 66.24 52.48
N ASN HA 61 -16.48 67.26 51.64
CA ASN HA 61 -15.57 67.09 50.50
C ASN HA 61 -14.14 66.84 50.99
N SER HA 62 -13.76 67.47 52.10
CA SER HA 62 -12.44 67.24 52.68
C SER HA 62 -12.30 65.83 53.24
N VAL HA 63 -13.42 65.20 53.61
CA VAL HA 63 -13.38 63.81 54.02
C VAL HA 63 -13.34 62.91 52.79
N LYS HA 64 -14.07 63.29 51.74
CA LYS HA 64 -14.17 62.46 50.54
C LYS HA 64 -12.83 62.37 49.83
N ASP HA 65 -12.19 63.51 49.59
CA ASP HA 65 -10.89 63.49 48.92
C ASP HA 65 -9.82 62.83 49.79
N SER HA 66 -9.95 62.92 51.12
CA SER HA 66 -8.99 62.25 51.99
C SER HA 66 -9.14 60.73 51.91
N LEU HA 67 -10.38 60.24 51.92
CA LEU HA 67 -10.59 58.81 51.72
C LEU HA 67 -10.14 58.38 50.33
N GLN HA 68 -10.27 59.25 49.34
CA GLN HA 68 -9.81 58.94 47.99
C GLN HA 68 -8.29 58.85 47.95
N ARG HA 69 -7.61 59.72 48.69
CA ARG HA 69 -6.16 59.65 48.81
C ARG HA 69 -5.73 58.36 49.47
N GLY HA 70 -6.47 57.92 50.48
CA GLY HA 70 -6.15 56.65 51.12
C GLY HA 70 -6.39 55.48 50.20
N GLN HA 71 -7.44 55.55 49.37
CA GLN HA 71 -7.67 54.52 48.37
C GLN HA 71 -6.51 54.44 47.40
N SER HA 72 -6.01 55.59 46.95
CA SER HA 72 -4.87 55.59 46.03
C SER HA 72 -3.62 55.03 46.70
N THR HA 73 -3.42 55.34 47.98
CA THR HA 73 -2.23 54.83 48.67
C THR HA 73 -2.29 53.31 48.82
N ILE HA 74 -3.47 52.78 49.20
CA ILE HA 74 -3.59 51.34 49.29
C ILE HA 74 -3.49 50.71 47.90
N ASP HA 75 -3.90 51.43 46.87
CA ASP HA 75 -3.79 50.90 45.51
C ASP HA 75 -2.32 50.74 45.11
N VAL HA 76 -1.50 51.75 45.39
CA VAL HA 76 -0.09 51.59 45.06
C VAL HA 76 0.57 50.53 45.95
N ALA HA 77 0.08 50.37 47.19
CA ALA HA 77 0.61 49.32 48.05
C ALA HA 77 0.33 47.93 47.48
N LEU HA 78 -0.91 47.68 47.06
CA LEU HA 78 -1.22 46.40 46.42
C LEU HA 78 -0.50 46.25 45.09
N ALA HA 79 -0.26 47.35 44.36
CA ALA HA 79 0.50 47.25 43.13
C ALA HA 79 1.93 46.80 43.38
N ALA HA 80 2.52 47.22 44.51
CA ALA HA 80 3.83 46.69 44.89
C ALA HA 80 3.75 45.25 45.37
N GLY HA 81 2.68 44.91 46.09
CA GLY HA 81 2.58 43.57 46.63
C GLY HA 81 2.35 42.52 45.56
N ASP HA 82 1.71 42.90 44.45
CA ASP HA 82 1.53 41.96 43.36
C ASP HA 82 2.86 41.51 42.77
N THR HA 83 3.88 42.38 42.81
CA THR HA 83 5.21 41.98 42.40
C THR HA 83 5.96 41.26 43.52
N ILE HA 84 5.78 41.72 44.76
CA ILE HA 84 6.52 41.13 45.87
C ILE HA 84 6.12 39.66 46.05
N THR HA 85 4.87 39.33 45.80
CA THR HA 85 4.44 37.94 45.96
C THR HA 85 5.05 37.02 44.91
N ASP HA 86 5.09 37.45 43.64
CA ASP HA 86 5.75 36.65 42.63
C ASP HA 86 7.25 36.54 42.89
N LEU HA 87 7.83 37.60 43.44
CA LEU HA 87 9.24 37.55 43.82
C LEU HA 87 9.48 36.48 44.88
N LEU HA 88 8.63 36.45 45.92
CA LEU HA 88 8.78 35.47 46.98
C LEU HA 88 8.54 34.05 46.45
N THR HA 89 7.64 33.91 45.48
CA THR HA 89 7.42 32.59 44.89
C THR HA 89 8.65 32.10 44.14
N LYS HA 90 9.28 33.00 43.37
CA LYS HA 90 10.50 32.60 42.69
C LYS HA 90 11.65 32.34 43.66
N MET HA 91 11.70 33.05 44.79
CA MET HA 91 12.72 32.74 45.79
C MET HA 91 12.49 31.37 46.42
N LYS HA 92 11.22 31.00 46.64
CA LYS HA 92 10.95 29.65 47.13
C LYS HA 92 11.36 28.62 46.10
N GLU HA 93 11.15 28.94 44.81
CA GLU HA 93 11.63 28.08 43.73
C GLU HA 93 13.14 27.86 43.85
N LYS HA 94 13.90 28.95 43.98
CA LYS HA 94 15.35 28.84 43.98
C LYS HA 94 15.84 28.10 45.22
N ALA HA 95 15.35 28.49 46.41
CA ALA HA 95 15.81 27.87 47.64
C ALA HA 95 15.38 26.41 47.75
N LEU HA 96 14.26 26.04 47.11
CA LEU HA 96 13.81 24.66 47.18
C LEU HA 96 14.57 23.79 46.19
N ALA HA 97 14.86 24.30 44.99
CA ALA HA 97 15.71 23.56 44.08
C ALA HA 97 17.14 23.45 44.59
N ALA HA 98 17.60 24.41 45.38
CA ALA HA 98 18.98 24.39 45.84
C ALA HA 98 19.24 23.30 46.87
N SER HA 99 18.19 22.80 47.53
CA SER HA 99 18.39 21.87 48.65
C SER HA 99 18.97 20.54 48.19
N ASP HA 100 18.78 20.17 46.93
CA ASP HA 100 19.24 18.87 46.47
C ASP HA 100 20.76 18.79 46.53
N THR HA 101 21.26 17.65 47.01
CA THR HA 101 22.68 17.38 47.09
C THR HA 101 23.28 16.88 45.78
N SER HA 102 22.44 16.50 44.80
CA SER HA 102 22.93 16.04 43.51
C SER HA 102 23.46 17.18 42.66
N LEU HA 103 23.14 18.42 42.99
CA LEU HA 103 23.66 19.55 42.25
C LEU HA 103 25.17 19.66 42.41
N ASN HA 104 25.87 19.89 41.32
CA ASN HA 104 27.28 20.23 41.40
C ASN HA 104 27.45 21.65 41.91
N THR HA 105 28.64 21.94 42.44
CA THR HA 105 28.86 23.21 43.13
C THR HA 105 28.60 24.40 42.23
N ALA HA 106 28.84 24.26 40.92
CA ALA HA 106 28.61 25.37 40.00
C ALA HA 106 27.12 25.70 39.91
N SER HA 107 26.28 24.69 39.70
CA SER HA 107 24.84 24.94 39.65
C SER HA 107 24.31 25.44 40.98
N PHE HA 108 24.89 24.97 42.09
CA PHE HA 108 24.46 25.44 43.40
C PHE HA 108 24.78 26.93 43.57
N ASN HA 109 25.97 27.34 43.12
CA ASN HA 109 26.30 28.75 43.13
C ASN HA 109 25.40 29.55 42.20
N ALA HA 110 24.97 28.95 41.09
CA ALA HA 110 24.06 29.64 40.18
C ALA HA 110 22.71 29.90 40.85
N LEU HA 111 22.16 28.87 41.49
CA LEU HA 111 20.91 29.05 42.22
C LEU HA 111 21.06 30.04 43.35
N LYS HA 112 22.22 30.04 44.02
CA LYS HA 112 22.43 31.00 45.10
C LYS HA 112 22.52 32.43 44.58
N ALA HA 113 23.15 32.62 43.42
CA ALA HA 113 23.22 33.97 42.86
C ALA HA 113 21.86 34.45 42.39
N ASP HA 114 21.05 33.54 41.83
CA ASP HA 114 19.68 33.92 41.50
C ASP HA 114 18.89 34.27 42.74
N PHE HA 115 19.12 33.56 43.84
CA PHE HA 115 18.49 33.91 45.11
C PHE HA 115 18.92 35.29 45.59
N GLU HA 116 20.21 35.60 45.39
CA GLU HA 116 20.73 36.90 45.80
C GLU HA 116 20.03 38.02 45.03
N SER HA 117 20.03 37.90 43.71
CA SER HA 117 19.41 38.92 42.88
C SER HA 117 17.92 39.02 43.14
N LEU HA 118 17.28 37.89 43.46
CA LEU HA 118 15.84 37.91 43.72
C LEU HA 118 15.53 38.66 45.01
N ARG HA 119 16.33 38.44 46.07
CA ARG HA 119 16.08 39.18 47.30
C ARG HA 119 16.34 40.67 47.08
N ASP HA 120 17.34 41.00 46.25
CA ASP HA 120 17.64 42.40 45.99
C ASP HA 120 16.47 43.08 45.25
N GLN HA 121 15.93 42.42 44.23
CA GLN HA 121 14.78 42.98 43.54
C GLN HA 121 13.56 43.05 44.46
N LEU HA 122 13.43 42.11 45.40
CA LEU HA 122 12.33 42.19 46.36
C LEU HA 122 12.46 43.43 47.23
N GLN HA 123 13.67 43.71 47.72
CA GLN HA 123 13.85 44.90 48.54
C GLN HA 123 13.62 46.17 47.73
N LYS HA 124 14.04 46.17 46.46
CA LYS HA 124 13.84 47.36 45.64
C LYS HA 124 12.36 47.60 45.37
N ALA HA 125 11.62 46.53 45.04
CA ALA HA 125 10.19 46.69 44.81
C ALA HA 125 9.48 47.09 46.10
N ALA HA 126 9.97 46.63 47.25
CA ALA HA 126 9.37 47.03 48.52
C ALA HA 126 9.62 48.51 48.81
N THR HA 127 10.79 49.03 48.45
CA THR HA 127 11.09 50.42 48.78
C THR HA 127 10.60 51.40 47.73
N ASN HA 128 10.20 50.94 46.54
CA ASN HA 128 9.78 51.87 45.50
C ASN HA 128 8.33 52.33 45.62
N ALA HA 129 7.53 51.78 46.54
CA ALA HA 129 6.10 52.03 46.57
C ALA HA 129 5.77 53.16 47.53
N LYS HA 130 5.23 54.27 47.00
CA LYS HA 130 4.60 55.31 47.80
C LYS HA 130 3.84 56.24 46.87
N PHE HA 131 2.80 56.87 47.41
CA PHE HA 131 1.98 57.82 46.67
C PHE HA 131 1.95 59.13 47.45
N ASN HA 132 2.34 60.22 46.77
CA ASN HA 132 2.40 61.56 47.37
C ASN HA 132 3.27 61.55 48.63
N GLY HA 133 4.37 60.79 48.55
CA GLY HA 133 5.37 60.81 49.60
C GLY HA 133 5.08 59.95 50.81
N VAL HA 134 3.96 59.22 50.82
CA VAL HA 134 3.60 58.36 51.94
C VAL HA 134 3.39 56.94 51.43
N SER HA 135 3.71 55.97 52.28
CA SER HA 135 3.67 54.57 51.89
C SER HA 135 3.04 53.75 53.01
N LEU HA 136 2.27 52.74 52.61
CA LEU HA 136 1.71 51.76 53.53
C LEU HA 136 2.48 50.44 53.49
N ALA HA 137 3.48 50.33 52.63
CA ALA HA 137 4.28 49.11 52.55
C ALA HA 137 5.75 49.29 52.92
N ASP HA 138 6.32 50.49 52.80
CA ASP HA 138 7.74 50.67 53.08
C ASP HA 138 8.05 50.63 54.57
N GLY HA 139 7.04 50.76 55.43
CA GLY HA 139 7.28 50.77 56.86
C GLY HA 139 7.77 52.08 57.41
N SER HA 140 7.68 53.16 56.63
CA SER HA 140 8.16 54.46 57.07
C SER HA 140 7.39 54.99 58.28
N THR HA 141 6.15 54.57 58.47
CA THR HA 141 5.36 54.99 59.61
C THR HA 141 4.45 53.84 60.04
N THR HA 142 4.11 53.82 61.33
CA THR HA 142 3.30 52.73 61.86
C THR HA 142 1.88 52.75 61.31
N LYS HA 143 1.34 53.93 60.99
CA LYS HA 143 -0.04 54.02 60.54
C LYS HA 143 -0.28 55.38 59.88
N LEU HA 144 -1.33 55.43 59.06
CA LEU HA 144 -1.80 56.66 58.44
C LEU HA 144 -3.25 56.90 58.84
N SER HA 145 -3.59 58.17 59.06
CA SER HA 145 -4.95 58.57 59.41
C SER HA 145 -5.59 59.33 58.26
N PHE HA 146 -6.91 59.16 58.13
CA PHE HA 146 -7.67 59.84 57.09
C PHE HA 146 -9.01 60.27 57.65
N LEU HA 147 -9.50 61.40 57.15
CA LEU HA 147 -10.72 61.98 57.68
C LEU HA 147 -11.90 61.05 57.46
N ALA HA 148 -12.79 61.00 58.45
CA ALA HA 148 -13.99 60.17 58.37
C ALA HA 148 -15.27 60.92 58.71
N ASN HA 149 -15.17 62.14 59.22
CA ASN HA 149 -16.35 62.91 59.59
C ASN HA 149 -15.95 64.38 59.68
N GLU HA 150 -16.98 65.24 59.71
CA GLU HA 150 -16.74 66.68 59.76
C GLU HA 150 -15.99 67.09 61.02
N ASP HA 151 -16.15 66.32 62.11
CA ASP HA 151 -15.52 66.66 63.37
C ASP HA 151 -14.01 66.46 63.36
N GLY HA 152 -13.47 65.73 62.39
CA GLY HA 152 -12.07 65.42 62.34
C GLY HA 152 -11.70 64.04 62.84
N SER HA 153 -12.68 63.17 63.10
CA SER HA 153 -12.37 61.80 63.48
C SER HA 153 -11.66 61.10 62.33
N ASN HA 154 -10.63 60.33 62.66
CA ASN HA 154 -9.74 59.73 61.68
C ASN HA 154 -10.12 58.28 61.41
N PHE HA 155 -10.05 57.88 60.15
CA PHE HA 155 -10.18 56.48 59.75
C PHE HA 155 -8.77 55.91 59.73
N THR HA 156 -8.35 55.35 60.87
CA THR HA 156 -7.00 54.83 61.00
C THR HA 156 -6.79 53.65 60.04
N VAL HA 157 -5.63 53.61 59.41
CA VAL HA 157 -5.25 52.54 58.49
C VAL HA 157 -3.85 52.09 58.88
N THR HA 158 -3.74 50.95 59.55
CA THR HA 158 -2.46 50.46 60.00
C THR HA 158 -1.58 50.08 58.82
N ALA HA 159 -0.31 50.46 58.89
CA ALA HA 159 0.63 50.11 57.84
C ALA HA 159 1.03 48.64 57.94
N GLN HA 160 1.37 48.06 56.79
CA GLN HA 160 1.87 46.69 56.70
C GLN HA 160 3.23 46.73 56.01
N THR HA 161 4.28 46.39 56.76
CA THR HA 161 5.65 46.55 56.26
C THR HA 161 6.02 45.34 55.41
N LEU HA 162 6.08 45.55 54.10
CA LEU HA 162 6.52 44.53 53.15
C LEU HA 162 8.02 44.56 52.93
N SER HA 163 8.74 45.44 53.60
CA SER HA 163 10.19 45.51 53.49
C SER HA 163 10.82 44.24 54.04
N LEU HA 164 12.01 43.92 53.54
CA LEU HA 164 12.67 42.66 53.86
C LEU HA 164 12.74 42.43 55.37
N THR HA 165 13.10 43.45 56.14
CA THR HA 165 13.17 43.28 57.58
C THR HA 165 11.78 43.09 58.19
N GLY HA 166 10.74 43.58 57.54
CA GLY HA 166 9.40 43.46 58.06
C GLY HA 166 8.67 42.18 57.74
N ILE HA 167 9.24 41.33 56.89
CA ILE HA 167 8.59 40.09 56.49
C ILE HA 167 9.32 38.85 57.04
N GLY HA 168 10.17 39.03 58.03
CA GLY HA 168 10.94 37.93 58.57
C GLY HA 168 12.25 37.66 57.85
N LEU HA 169 12.59 38.44 56.84
CA LEU HA 169 13.83 38.31 56.09
C LEU HA 169 14.80 39.41 56.51
N THR HA 170 15.94 39.44 55.82
CA THR HA 170 16.92 40.50 55.99
C THR HA 170 17.77 40.59 54.73
N ALA HA 171 18.42 41.74 54.53
CA ALA HA 171 19.19 41.96 53.31
C ALA HA 171 20.35 40.99 53.18
N THR HA 172 20.92 40.55 54.30
CA THR HA 172 22.06 39.65 54.27
C THR HA 172 21.65 38.18 54.22
N SER HA 173 20.35 37.88 54.27
CA SER HA 173 19.90 36.50 54.32
C SER HA 173 20.26 35.75 53.03
N THR HA 174 20.77 34.54 53.20
CA THR HA 174 21.10 33.66 52.08
C THR HA 174 21.42 32.28 52.61
N PHE HA 175 21.29 31.29 51.75
CA PHE HA 175 21.76 29.94 52.04
C PHE HA 175 23.19 29.75 51.53
N THR HA 176 23.97 29.02 52.31
CA THR HA 176 25.36 28.74 51.96
C THR HA 176 25.60 27.28 51.60
N ASP HA 177 24.75 26.37 52.06
CA ASP HA 177 24.85 24.95 51.74
C ASP HA 177 23.45 24.34 51.74
N ALA HA 178 23.36 23.09 51.26
CA ALA HA 178 22.07 22.48 50.98
C ALA HA 178 21.21 22.36 52.23
N ALA HA 179 21.83 22.13 53.40
CA ALA HA 179 21.06 22.11 54.63
C ALA HA 179 20.51 23.49 54.95
N THR HA 180 21.31 24.54 54.71
CA THR HA 180 20.81 25.89 54.92
C THR HA 180 19.71 26.24 53.93
N ALA HA 181 19.74 25.70 52.71
CA ALA HA 181 18.65 25.93 51.77
C ALA HA 181 17.39 25.21 52.21
N LYS HA 182 17.53 23.98 52.71
CA LYS HA 182 16.36 23.27 53.22
C LYS HA 182 15.75 23.97 54.41
N THR HA 183 16.59 24.60 55.25
CA THR HA 183 16.04 25.47 56.30
C THR HA 183 15.42 26.74 55.73
N MET HA 184 16.00 27.27 54.64
CA MET HA 184 15.55 28.54 54.07
C MET HA 184 14.18 28.42 53.42
N ILE HA 185 13.82 27.21 52.98
CA ILE HA 185 12.53 27.02 52.32
C ILE HA 185 11.39 27.43 53.24
N ALA HA 186 11.46 27.02 54.51
CA ALA HA 186 10.40 27.33 55.46
C ALA HA 186 10.35 28.81 55.77
N THR HA 187 11.51 29.46 55.89
CA THR HA 187 11.53 30.90 56.15
C THR HA 187 10.90 31.66 54.98
N ILE HA 188 11.16 31.21 53.75
CA ILE HA 188 10.60 31.88 52.59
C ILE HA 188 9.08 31.68 52.54
N THR HA 189 8.63 30.46 52.85
CA THR HA 189 7.18 30.22 52.86
C THR HA 189 6.49 31.06 53.93
N THR HA 190 7.12 31.21 55.10
CA THR HA 190 6.53 32.02 56.15
C THR HA 190 6.50 33.49 55.76
N SER HA 191 7.56 33.97 55.11
CA SER HA 191 7.58 35.36 54.67
C SER HA 191 6.50 35.61 53.62
N LEU HA 192 6.30 34.65 52.71
CA LEU HA 192 5.26 34.81 51.69
C LEU HA 192 3.88 34.82 52.33
N GLN HA 193 3.67 33.96 53.33
CA GLN HA 193 2.36 33.91 54.00
C GLN HA 193 2.08 35.21 54.75
N THR HA 194 3.06 35.73 55.48
CA THR HA 194 2.80 36.96 56.21
C THR HA 194 2.62 38.16 55.28
N ALA HA 195 3.38 38.22 54.18
CA ALA HA 195 3.16 39.31 53.22
C ALA HA 195 1.79 39.21 52.57
N THR HA 196 1.32 37.98 52.33
CA THR HA 196 0.00 37.82 51.71
C THR HA 196 -1.10 38.23 52.68
N ASN HA 197 -0.96 37.89 53.96
CA ASN HA 197 -1.94 38.34 54.94
C ASN HA 197 -1.92 39.85 55.09
N LYS HA 198 -0.75 40.47 54.99
CA LYS HA 198 -0.68 41.92 55.06
C LYS HA 198 -1.40 42.58 53.88
N LEU HA 199 -1.20 42.04 52.67
CA LEU HA 199 -1.91 42.58 51.52
C LEU HA 199 -3.41 42.37 51.63
N SER HA 200 -3.83 41.25 52.22
CA SER HA 200 -5.26 41.04 52.43
C SER HA 200 -5.84 42.05 53.41
N SER HA 201 -5.08 42.38 54.46
CA SER HA 201 -5.55 43.41 55.38
C SER HA 201 -5.63 44.77 54.70
N LEU HA 202 -4.66 45.07 53.83
CA LEU HA 202 -4.70 46.33 53.09
C LEU HA 202 -5.91 46.40 52.18
N GLY HA 203 -6.26 45.28 51.55
CA GLY HA 203 -7.42 45.29 50.68
C GLY HA 203 -8.71 45.44 51.44
N THR HA 204 -8.80 44.83 52.63
CA THR HA 204 -9.99 45.03 53.45
C THR HA 204 -10.12 46.47 53.90
N SER HA 205 -8.99 47.11 54.28
CA SER HA 205 -9.07 48.50 54.67
C SER HA 205 -9.48 49.40 53.50
N SER HA 206 -9.04 49.06 52.27
CA SER HA 206 -9.46 49.82 51.11
C SER HA 206 -10.95 49.66 50.82
N VAL HA 207 -11.48 48.44 50.99
CA VAL HA 207 -12.92 48.25 50.80
C VAL HA 207 -13.70 49.03 51.85
N GLY HA 208 -13.17 49.11 53.07
CA GLY HA 208 -13.84 49.90 54.09
C GLY HA 208 -13.81 51.38 53.77
N LEU HA 209 -12.70 51.86 53.20
CA LEU HA 209 -12.65 53.24 52.75
C LEU HA 209 -13.67 53.51 51.65
N ASP HA 210 -13.86 52.54 50.75
CA ASP HA 210 -14.85 52.71 49.68
C ASP HA 210 -16.26 52.82 50.26
N THR HA 211 -16.58 51.94 51.20
CA THR HA 211 -17.92 51.96 51.79
C THR HA 211 -18.14 53.26 52.57
N HIS HA 212 -17.13 53.71 53.32
CA HIS HA 212 -17.31 54.97 54.05
C HIS HA 212 -17.42 56.16 53.11
N LEU HA 213 -16.76 56.10 51.95
CA LEU HA 213 -16.91 57.16 50.96
C LEU HA 213 -18.33 57.22 50.43
N THR HA 214 -18.92 56.05 50.11
CA THR HA 214 -20.29 56.05 49.65
C THR HA 214 -21.24 56.55 50.73
N PHE HA 215 -20.94 56.22 52.00
CA PHE HA 215 -21.82 56.65 53.08
C PHE HA 215 -21.73 58.16 53.30
N VAL HA 216 -20.52 58.73 53.28
CA VAL HA 216 -20.42 60.17 53.46
C VAL HA 216 -21.03 60.90 52.28
N GLY HA 217 -21.00 60.31 51.08
CA GLY HA 217 -21.68 60.94 49.96
C GLY HA 217 -23.18 60.99 50.16
N LYS HA 218 -23.77 59.86 50.56
CA LYS HA 218 -25.21 59.85 50.81
C LYS HA 218 -25.58 60.79 51.96
N LEU HA 219 -24.71 60.90 52.97
CA LEU HA 219 -25.01 61.77 54.09
C LEU HA 219 -24.94 63.24 53.69
N GLN HA 220 -23.96 63.61 52.86
CA GLN HA 220 -23.89 64.98 52.37
C GLN HA 220 -25.12 65.32 51.53
N ASP HA 221 -25.59 64.37 50.72
CA ASP HA 221 -26.79 64.63 49.95
C ASP HA 221 -28.00 64.80 50.85
N SER HA 222 -28.08 64.00 51.92
CA SER HA 222 -29.20 64.13 52.85
C SER HA 222 -29.15 65.46 53.60
N LEU HA 223 -27.95 65.94 53.92
CA LEU HA 223 -27.84 67.22 54.61
C LEU HA 223 -28.21 68.39 53.71
N ASP HA 224 -27.80 68.34 52.44
CA ASP HA 224 -28.24 69.38 51.51
C ASP HA 224 -29.75 69.34 51.31
N ALA HA 225 -30.32 68.14 51.26
CA ALA HA 225 -31.78 68.04 51.16
C ALA HA 225 -32.45 68.60 52.40
N GLY HA 226 -31.85 68.42 53.58
CA GLY HA 226 -32.46 68.94 54.79
C GLY HA 226 -32.40 70.45 54.87
N VAL HA 227 -31.26 71.04 54.48
CA VAL HA 227 -31.19 72.50 54.50
C VAL HA 227 -32.13 73.09 53.46
N GLY HA 228 -32.31 72.40 52.33
CA GLY HA 228 -33.28 72.87 51.35
C GLY HA 228 -34.71 72.75 51.85
N ASN HA 229 -35.00 71.68 52.60
CA ASN HA 229 -36.31 71.55 53.22
C ASN HA 229 -36.53 72.66 54.23
N LEU HA 230 -35.47 73.12 54.90
CA LEU HA 230 -35.63 74.16 55.90
C LEU HA 230 -35.87 75.53 55.28
N VAL HA 231 -35.06 75.91 54.29
CA VAL HA 231 -35.07 77.30 53.86
C VAL HA 231 -35.99 77.59 52.68
N ASP HA 232 -36.19 76.62 51.79
CA ASP HA 232 -36.79 76.91 50.48
C ASP HA 232 -38.25 77.33 50.62
N ALA HA 233 -38.62 78.36 49.87
CA ALA HA 233 -40.01 78.80 49.79
C ALA HA 233 -40.77 77.95 48.76
N ASP HA 234 -42.09 77.86 48.96
CA ASP HA 234 -42.98 77.21 48.01
C ASP HA 234 -43.44 78.24 47.00
N LEU HA 235 -42.72 78.33 45.88
CA LEU HA 235 -42.96 79.40 44.92
C LEU HA 235 -44.34 79.28 44.27
N ALA HA 236 -44.84 78.06 44.11
CA ALA HA 236 -46.16 77.91 43.52
C ALA HA 236 -47.24 78.51 44.40
N LYS HA 237 -47.08 78.42 45.72
CA LYS HA 237 -47.92 79.18 46.63
C LYS HA 237 -47.65 80.67 46.53
N GLU HA 238 -46.40 81.05 46.26
CA GLU HA 238 -46.03 82.46 46.23
C GLU HA 238 -46.65 83.20 45.05
N SER HA 239 -46.91 82.49 43.95
CA SER HA 239 -47.39 83.16 42.74
C SER HA 239 -48.77 83.77 42.96
N ALA HA 240 -49.69 82.97 43.51
CA ALA HA 240 -51.04 83.48 43.73
C ALA HA 240 -51.04 84.60 44.76
N LYS HA 241 -50.16 84.52 45.77
CA LYS HA 241 -50.07 85.60 46.74
C LYS HA 241 -49.57 86.88 46.08
N LEU HA 242 -48.60 86.76 45.17
CA LEU HA 242 -48.08 87.94 44.49
C LEU HA 242 -49.15 88.59 43.62
N GLN HA 243 -49.89 87.78 42.87
CA GLN HA 243 -50.93 88.34 42.01
C GLN HA 243 -52.07 88.94 42.84
N SER HA 244 -52.45 88.29 43.94
CA SER HA 244 -53.51 88.83 44.77
C SER HA 244 -53.08 90.14 45.44
N LEU HA 245 -51.81 90.25 45.81
CA LEU HA 245 -51.32 91.51 46.36
C LEU HA 245 -51.25 92.59 45.28
N GLN HA 246 -50.93 92.21 44.05
CA GLN HA 246 -50.95 93.18 42.96
C GLN HA 246 -52.36 93.70 42.70
N THR HA 247 -53.37 92.87 42.93
CA THR HA 247 -54.75 93.35 42.83
C THR HA 247 -55.12 94.23 44.01
N LYS HA 248 -54.76 93.79 45.22
CA LYS HA 248 -55.10 94.56 46.42
C LYS HA 248 -54.43 95.93 46.41
N GLN HA 249 -53.26 96.04 45.79
CA GLN HA 249 -52.62 97.34 45.67
C GLN HA 249 -53.49 98.31 44.88
N GLN HA 250 -54.01 97.87 43.74
CA GLN HA 250 -54.88 98.74 42.95
C GLN HA 250 -56.17 99.07 43.70
N LEU HA 251 -56.76 98.07 44.37
CA LEU HA 251 -57.99 98.35 45.09
C LEU HA 251 -57.76 99.38 46.19
N GLY HA 252 -56.61 99.31 46.85
CA GLY HA 252 -56.30 100.32 47.86
C GLY HA 252 -55.97 101.67 47.24
N VAL HA 253 -55.49 101.66 45.99
CA VAL HA 253 -55.21 102.93 45.33
C VAL HA 253 -56.50 103.68 45.02
N GLN HA 254 -57.50 103.01 44.44
CA GLN HA 254 -58.79 103.68 44.28
C GLN HA 254 -59.42 104.03 45.62
N ALA HA 255 -59.18 103.22 46.65
CA ALA HA 255 -59.69 103.59 47.98
C ALA HA 255 -59.07 104.89 48.46
N LEU HA 256 -57.75 105.04 48.29
CA LEU HA 256 -57.09 106.27 48.71
C LEU HA 256 -57.53 107.45 47.86
N SER HA 257 -57.82 107.20 46.58
CA SER HA 257 -58.31 108.29 45.73
C SER HA 257 -59.66 108.78 46.21
N ILE HA 258 -60.55 107.86 46.58
CA ILE HA 258 -61.84 108.27 47.13
C ILE HA 258 -61.66 108.99 48.46
N ALA HA 259 -60.66 108.55 49.24
CA ALA HA 259 -60.41 109.20 50.53
C ALA HA 259 -59.94 110.64 50.35
N ASN HA 260 -59.09 110.89 49.36
CA ASN HA 260 -58.69 112.27 49.06
C ASN HA 260 -59.85 113.06 48.48
N GLN HA 261 -60.71 112.42 47.68
CA GLN HA 261 -61.81 113.15 47.06
C GLN HA 261 -62.90 113.52 48.07
N THR HA 262 -63.01 112.78 49.17
CA THR HA 262 -64.09 113.01 50.12
C THR HA 262 -64.16 114.44 50.65
N PRO HA 263 -63.06 115.08 51.09
CA PRO HA 263 -63.19 116.46 51.60
C PRO HA 263 -63.74 117.45 50.59
N GLN HA 264 -63.50 117.23 49.29
CA GLN HA 264 -63.78 118.24 48.27
C GLN HA 264 -65.25 118.63 48.22
N THR HA 265 -66.15 117.76 48.70
CA THR HA 265 -67.58 118.01 48.58
C THR HA 265 -68.02 119.27 49.31
N ILE HA 266 -67.31 119.66 50.37
CA ILE HA 266 -67.75 120.78 51.21
C ILE HA 266 -67.84 122.09 50.43
N LEU HA 267 -67.00 122.23 49.40
CA LEU HA 267 -66.98 123.49 48.64
C LEU HA 267 -68.30 123.73 47.91
N SER HA 268 -69.00 122.66 47.53
CA SER HA 268 -70.21 122.80 46.72
C SER HA 268 -71.33 123.52 47.47
N LEU HA 269 -71.34 123.43 48.80
CA LEU HA 269 -72.44 124.03 49.56
C LEU HA 269 -72.44 125.55 49.47
N PHE HA 270 -71.28 126.14 49.25
CA PHE HA 270 -71.15 127.59 49.21
C PHE HA 270 -71.22 128.12 47.78
N LEU IA 1 -18.22 -4.04 23.11
CA LEU IA 1 -17.86 -4.73 21.88
C LEU IA 1 -16.79 -3.94 21.12
N ASN IA 2 -17.14 -2.72 20.71
CA ASN IA 2 -16.21 -1.83 20.01
C ASN IA 2 -15.38 -1.10 21.06
N SER IA 3 -14.22 -1.67 21.39
CA SER IA 3 -13.36 -1.14 22.43
C SER IA 3 -11.92 -1.08 21.94
N ILE IA 4 -11.17 -0.10 22.43
CA ILE IA 4 -9.77 0.04 22.04
C ILE IA 4 -8.85 -0.57 23.07
N ASN IA 5 -9.23 -0.53 24.35
CA ASN IA 5 -8.32 -0.99 25.40
C ASN IA 5 -8.01 -2.48 25.31
N THR IA 6 -8.95 -3.29 24.81
CA THR IA 6 -8.69 -4.70 24.60
C THR IA 6 -9.68 -5.24 23.58
N ASN IA 7 -9.17 -6.13 22.72
CA ASN IA 7 -10.01 -6.82 21.74
C ASN IA 7 -9.91 -8.33 21.93
N PRO IA 8 -10.95 -8.99 22.44
CA PRO IA 8 -10.85 -10.43 22.72
C PRO IA 8 -10.53 -11.28 21.50
N GLY IA 9 -10.97 -10.87 20.31
CA GLY IA 9 -10.78 -11.71 19.14
C GLY IA 9 -9.31 -11.93 18.83
N ALA IA 10 -8.47 -10.92 19.03
CA ALA IA 10 -7.04 -11.10 18.88
C ALA IA 10 -6.50 -12.07 19.93
N LEU IA 11 -7.09 -12.08 21.13
CA LEU IA 11 -6.66 -13.03 22.15
C LEU IA 11 -6.97 -14.46 21.72
N LEU IA 12 -8.20 -14.70 21.24
CA LEU IA 12 -8.56 -16.04 20.79
C LEU IA 12 -7.76 -16.46 19.56
N ALA IA 13 -7.46 -15.53 18.66
CA ALA IA 13 -6.64 -15.86 17.50
C ALA IA 13 -5.22 -16.22 17.91
N LEU IA 14 -4.67 -15.49 18.88
CA LEU IA 14 -3.35 -15.83 19.39
C LEU IA 14 -3.37 -17.19 20.08
N GLN IA 15 -4.48 -17.53 20.73
CA GLN IA 15 -4.58 -18.84 21.36
C GLN IA 15 -4.58 -19.96 20.33
N ASN IA 16 -5.37 -19.81 19.26
CA ASN IA 16 -5.35 -20.83 18.22
C ASN IA 16 -4.01 -20.91 17.52
N LEU IA 17 -3.34 -19.77 17.32
CA LEU IA 17 -2.02 -19.80 16.70
C LEU IA 17 -1.00 -20.47 17.60
N ASN IA 18 -1.12 -20.26 18.92
CA ASN IA 18 -0.21 -20.92 19.86
C ASN IA 18 -0.45 -22.42 19.89
N SER IA 19 -1.71 -22.84 19.75
CA SER IA 19 -1.98 -24.27 19.67
C SER IA 19 -1.39 -24.87 18.41
N THR IA 20 -1.51 -24.16 17.28
CA THR IA 20 -0.89 -24.63 16.05
C THR IA 20 0.62 -24.68 16.18
N ASN IA 21 1.22 -23.72 16.89
CA ASN IA 21 2.67 -23.71 17.06
C ASN IA 21 3.13 -24.86 17.93
N THR IA 22 2.40 -25.17 19.00
CA THR IA 22 2.77 -26.29 19.84
C THR IA 22 2.62 -27.62 19.12
N GLU IA 23 1.56 -27.76 18.31
CA GLU IA 23 1.41 -28.99 17.54
C GLU IA 23 2.51 -29.11 16.49
N LEU IA 24 2.91 -28.00 15.89
CA LEU IA 24 4.02 -28.04 14.93
C LEU IA 24 5.33 -28.36 15.62
N ALA IA 25 5.52 -27.90 16.85
CA ALA IA 25 6.74 -28.24 17.58
C ALA IA 25 6.79 -29.72 17.91
N ALA IA 26 5.64 -30.29 18.30
CA ALA IA 26 5.59 -31.74 18.51
C ALA IA 26 5.84 -32.49 17.21
N THR IA 27 5.37 -31.94 16.09
CA THR IA 27 5.63 -32.57 14.80
C THR IA 27 7.12 -32.55 14.47
N GLN IA 28 7.78 -31.41 14.71
CA GLN IA 28 9.21 -31.33 14.47
C GLN IA 28 9.98 -32.29 15.36
N GLY IA 29 9.49 -32.49 16.59
CA GLY IA 29 10.13 -33.46 17.46
C GLY IA 29 9.97 -34.89 16.95
N ARG IA 30 8.76 -35.23 16.49
CA ARG IA 30 8.56 -36.57 15.94
C ARG IA 30 9.34 -36.78 14.64
N ILE IA 31 9.59 -35.71 13.88
CA ILE IA 31 10.39 -35.83 12.66
C ILE IA 31 11.86 -36.04 13.02
N ASN IA 32 12.46 -35.08 13.73
CA ASN IA 32 13.89 -35.12 13.99
C ASN IA 32 14.28 -36.31 14.87
N THR IA 33 13.42 -36.72 15.79
CA THR IA 33 13.77 -37.85 16.65
C THR IA 33 13.46 -39.17 16.00
N GLY IA 34 12.35 -39.26 15.27
CA GLY IA 34 11.91 -40.50 14.69
C GLY IA 34 11.15 -41.41 15.63
N LYS IA 35 10.86 -40.95 16.84
CA LYS IA 35 10.17 -41.75 17.86
C LYS IA 35 8.97 -40.97 18.38
N LYS IA 36 7.79 -41.58 18.30
CA LYS IA 36 6.59 -40.95 18.85
C LYS IA 36 6.59 -40.94 20.37
N VAL IA 37 7.41 -41.76 21.02
CA VAL IA 37 7.64 -41.67 22.45
C VAL IA 37 9.11 -41.36 22.66
N ALA IA 38 9.51 -40.13 22.32
CA ALA IA 38 10.93 -39.78 22.31
C ALA IA 38 11.54 -39.78 23.71
N ASN IA 39 10.75 -39.50 24.74
CA ASN IA 39 11.26 -39.39 26.09
C ASN IA 39 10.12 -39.67 27.05
N ALA IA 40 10.38 -39.53 28.35
CA ALA IA 40 9.38 -39.84 29.36
C ALA IA 40 8.13 -38.98 29.27
N LYS IA 41 8.27 -37.71 28.83
CA LYS IA 41 7.11 -36.83 28.77
C LYS IA 41 6.06 -37.30 27.76
N ASP IA 42 6.48 -37.94 26.67
CA ASP IA 42 5.53 -38.29 25.63
C ASP IA 42 4.51 -39.30 26.11
N ASN IA 43 4.93 -40.25 26.95
CA ASN IA 43 4.06 -41.22 27.60
C ASN IA 43 4.92 -42.09 28.52
N GLY IA 44 4.78 -41.90 29.83
CA GLY IA 44 5.74 -42.49 30.76
C GLY IA 44 5.69 -44.00 30.79
N ALA IA 45 4.50 -44.59 30.66
CA ALA IA 45 4.38 -46.04 30.76
C ALA IA 45 5.06 -46.72 29.57
N ILE IA 46 4.74 -46.27 28.35
CA ILE IA 46 5.36 -46.87 27.17
C ILE IA 46 6.85 -46.62 27.16
N TRP IA 47 7.30 -45.46 27.67
CA TRP IA 47 8.72 -45.18 27.69
C TRP IA 47 9.44 -46.08 28.68
N SER IA 48 8.84 -46.35 29.85
CA SER IA 48 9.46 -47.27 30.79
C SER IA 48 9.48 -48.69 30.24
N MET IA 49 8.41 -49.09 29.55
CA MET IA 49 8.41 -50.41 28.93
C MET IA 49 9.52 -50.53 27.90
N ALA IA 50 9.64 -49.53 27.02
CA ALA IA 50 10.66 -49.60 25.97
C ALA IA 50 12.06 -49.53 26.55
N LYS IA 51 12.25 -48.80 27.66
CA LYS IA 51 13.55 -48.78 28.29
C LYS IA 51 13.90 -50.14 28.87
N MET IA 52 12.93 -50.81 29.49
CA MET IA 52 13.19 -52.16 29.98
C MET IA 52 13.46 -53.12 28.83
N GLN IA 53 12.78 -52.91 27.70
CA GLN IA 53 12.96 -53.77 26.55
C GLN IA 53 14.36 -53.63 25.99
N SER IA 54 14.80 -52.37 25.82
CA SER IA 54 16.15 -52.12 25.32
C SER IA 54 17.20 -52.62 26.29
N ALA IA 55 16.93 -52.57 27.60
CA ALA IA 55 17.89 -53.11 28.55
C ALA IA 55 18.01 -54.61 28.43
N THR IA 56 16.88 -55.33 28.41
CA THR IA 56 16.93 -56.78 28.27
C THR IA 56 17.50 -57.19 26.92
N ALA IA 57 17.34 -56.34 25.89
CA ALA IA 57 17.90 -56.65 24.59
C ALA IA 57 19.41 -56.45 24.54
N SER IA 58 19.90 -55.32 25.07
CA SER IA 58 21.33 -55.05 25.06
C SER IA 58 22.09 -55.94 26.02
N SER IA 59 21.43 -56.49 27.05
CA SER IA 59 22.12 -57.35 27.99
C SER IA 59 22.50 -58.72 27.41
N LEU IA 60 21.92 -59.11 26.28
CA LEU IA 60 22.15 -60.45 25.73
C LEU IA 60 23.49 -60.60 25.03
N ASN IA 61 24.19 -59.49 24.76
CA ASN IA 61 25.52 -59.61 24.14
C ASN IA 61 26.49 -60.35 25.06
N SER IA 62 26.35 -60.14 26.38
CA SER IA 62 27.17 -60.90 27.32
C SER IA 62 26.84 -62.38 27.29
N VAL IA 63 25.56 -62.74 27.09
CA VAL IA 63 25.19 -64.14 26.98
C VAL IA 63 25.79 -64.75 25.72
N LYS IA 64 25.81 -63.97 24.63
CA LYS IA 64 26.41 -64.47 23.40
C LYS IA 64 27.91 -64.69 23.57
N ASP IA 65 28.59 -63.73 24.22
CA ASP IA 65 30.02 -63.88 24.45
C ASP IA 65 30.30 -65.06 25.37
N SER IA 66 29.41 -65.33 26.33
CA SER IA 66 29.62 -66.44 27.25
C SER IA 66 29.46 -67.78 26.55
N LEU IA 67 28.39 -67.93 25.75
CA LEU IA 67 28.22 -69.17 25.01
C LEU IA 67 29.36 -69.38 24.02
N GLN IA 68 29.86 -68.30 23.42
CA GLN IA 68 30.96 -68.43 22.48
C GLN IA 68 32.25 -68.83 23.17
N ARG IA 69 32.52 -68.26 24.35
CA ARG IA 69 33.71 -68.65 25.10
C ARG IA 69 33.63 -70.10 25.54
N GLY IA 70 32.43 -70.55 25.90
CA GLY IA 70 32.28 -71.95 26.28
C GLY IA 70 32.45 -72.89 25.10
N GLN IA 71 31.96 -72.47 23.92
CA GLN IA 71 32.15 -73.28 22.73
C GLN IA 71 33.63 -73.36 22.36
N SER IA 72 34.36 -72.26 22.53
CA SER IA 72 35.79 -72.30 22.24
C SER IA 72 36.53 -73.19 23.23
N THR IA 73 36.11 -73.18 24.50
CA THR IA 73 36.76 -74.05 25.49
C THR IA 73 36.48 -75.52 25.19
N ILE IA 74 35.25 -75.85 24.79
CA ILE IA 74 34.95 -77.23 24.42
C ILE IA 74 35.71 -77.62 23.15
N ASP IA 75 35.95 -76.66 22.26
CA ASP IA 75 36.75 -76.94 21.08
C ASP IA 75 38.18 -77.30 21.46
N VAL IA 76 38.76 -76.55 22.41
CA VAL IA 76 40.11 -76.88 22.86
C VAL IA 76 40.13 -78.24 23.55
N ALA IA 77 39.08 -78.55 24.31
CA ALA IA 77 39.04 -79.85 24.99
C ALA IA 77 38.97 -81.00 23.99
N LEU IA 78 38.17 -80.82 22.94
CA LEU IA 78 38.10 -81.85 21.89
C LEU IA 78 39.42 -81.96 21.13
N ALA IA 79 40.12 -80.83 20.94
CA ALA IA 79 41.41 -80.91 20.27
C ALA IA 79 42.41 -81.71 21.09
N ALA IA 80 42.35 -81.57 22.43
CA ALA IA 80 43.17 -82.42 23.27
C ALA IA 80 42.71 -83.88 23.25
N GLY IA 81 41.40 -84.11 23.15
CA GLY IA 81 40.90 -85.47 23.16
C GLY IA 81 41.24 -86.24 21.91
N ASP IA 82 41.38 -85.54 20.79
CA ASP IA 82 41.82 -86.19 19.56
C ASP IA 82 43.23 -86.77 19.71
N THR IA 83 44.09 -86.11 20.49
CA THR IA 83 45.38 -86.69 20.82
C THR IA 83 45.23 -87.82 21.84
N ILE IA 84 44.38 -87.61 22.84
CA ILE IA 84 44.28 -88.58 23.93
C ILE IA 84 43.79 -89.93 23.41
N THR IA 85 42.85 -89.92 22.47
CA THR IA 85 42.31 -91.18 21.97
C THR IA 85 43.33 -91.94 21.14
N ASP IA 86 44.10 -91.24 20.31
CA ASP IA 86 45.14 -91.92 19.56
C ASP IA 86 46.22 -92.47 20.49
N LEU IA 87 46.49 -91.77 21.59
CA LEU IA 87 47.43 -92.30 22.57
C LEU IA 87 46.89 -93.57 23.22
N LEU IA 88 45.59 -93.60 23.54
CA LEU IA 88 45.00 -94.83 24.07
C LEU IA 88 45.06 -95.96 23.05
N THR IA 89 44.92 -95.63 21.77
CA THR IA 89 44.94 -96.67 20.74
C THR IA 89 46.33 -97.29 20.61
N LYS IA 90 47.36 -96.44 20.55
CA LYS IA 90 48.72 -96.97 20.53
C LYS IA 90 49.04 -97.71 21.82
N MET IA 91 48.45 -97.29 22.93
CA MET IA 91 48.63 -98.00 24.20
C MET IA 91 48.07 -99.42 24.12
N LYS IA 92 46.85 -99.54 23.58
CA LYS IA 92 46.24 -100.87 23.46
C LYS IA 92 47.03 -101.75 22.50
N GLU IA 93 47.58 -101.16 21.44
CA GLU IA 93 48.39 -101.96 20.53
C GLU IA 93 49.68 -102.44 21.18
N LYS IA 94 50.35 -101.57 21.94
CA LYS IA 94 51.56 -102.01 22.63
C LYS IA 94 51.24 -103.06 23.68
N ALA IA 95 50.09 -102.95 24.35
CA ALA IA 95 49.73 -103.96 25.34
C ALA IA 95 49.44 -105.30 24.68
N LEU IA 96 48.73 -105.29 23.55
CA LEU IA 96 48.47 -106.54 22.84
C LEU IA 96 49.76 -107.15 22.31
N ALA IA 97 50.73 -106.32 21.92
CA ALA IA 97 52.02 -106.86 21.52
C ALA IA 97 52.78 -107.44 22.72
N ALA IA 98 52.65 -106.82 23.89
CA ALA IA 98 53.38 -107.30 25.06
C ALA IA 98 52.75 -108.54 25.66
N SER IA 99 51.47 -108.80 25.37
CA SER IA 99 50.78 -109.93 26.00
C SER IA 99 51.39 -111.27 25.58
N ASP IA 100 51.92 -111.35 24.36
CA ASP IA 100 52.46 -112.61 23.86
C ASP IA 100 53.73 -112.99 24.60
N THR IA 101 53.90 -114.30 24.82
CA THR IA 101 55.03 -114.84 25.56
C THR IA 101 56.26 -115.06 24.68
N SER IA 102 56.09 -115.15 23.36
CA SER IA 102 57.17 -115.60 22.49
C SER IA 102 58.34 -114.62 22.48
N LEU IA 103 58.10 -113.35 22.77
CA LEU IA 103 59.16 -112.34 22.71
C LEU IA 103 60.23 -112.62 23.75
N ASN IA 104 61.49 -112.36 23.39
CA ASN IA 104 62.58 -112.39 24.35
C ASN IA 104 62.49 -111.18 25.27
N THR IA 105 63.29 -111.21 26.34
CA THR IA 105 63.19 -110.19 27.38
C THR IA 105 63.47 -108.80 26.84
N ALA IA 106 64.35 -108.69 25.85
CA ALA IA 106 64.68 -107.37 25.32
C ALA IA 106 63.49 -106.74 24.59
N SER IA 107 62.73 -107.55 23.83
CA SER IA 107 61.55 -107.01 23.15
C SER IA 107 60.47 -106.59 24.15
N PHE IA 108 60.29 -107.37 25.21
CA PHE IA 108 59.33 -106.99 26.23
C PHE IA 108 59.77 -105.72 26.94
N ASN IA 109 61.08 -105.57 27.19
CA ASN IA 109 61.57 -104.34 27.80
C ASN IA 109 61.37 -103.14 26.88
N ALA IA 110 61.52 -103.35 25.58
CA ALA IA 110 61.33 -102.25 24.63
C ALA IA 110 59.87 -101.83 24.58
N LEU IA 111 58.96 -102.81 24.52
CA LEU IA 111 57.53 -102.48 24.53
C LEU IA 111 57.13 -101.84 25.86
N LYS IA 112 57.74 -102.27 26.96
CA LYS IA 112 57.44 -101.66 28.26
C LYS IA 112 57.90 -100.21 28.31
N ALA IA 113 59.10 -99.93 27.78
CA ALA IA 113 59.57 -98.55 27.75
C ALA IA 113 58.72 -97.70 26.83
N ASP IA 114 58.24 -98.24 25.71
CA ASP IA 114 57.36 -97.47 24.85
C ASP IA 114 56.03 -97.19 25.53
N PHE IA 115 55.52 -98.15 26.30
CA PHE IA 115 54.29 -97.92 27.05
C PHE IA 115 54.48 -96.86 28.12
N GLU IA 116 55.63 -96.89 28.82
CA GLU IA 116 55.91 -95.88 29.81
C GLU IA 116 56.04 -94.50 29.18
N SER IA 117 56.62 -94.44 27.97
CA SER IA 117 56.76 -93.17 27.28
C SER IA 117 55.40 -92.61 26.87
N LEU IA 118 54.53 -93.46 26.32
CA LEU IA 118 53.19 -93.00 26.00
C LEU IA 118 52.40 -92.61 27.24
N ARG IA 119 52.64 -93.30 28.36
CA ARG IA 119 51.96 -92.93 29.60
C ARG IA 119 52.40 -91.57 30.10
N ASP IA 120 53.70 -91.27 29.98
CA ASP IA 120 54.16 -89.92 30.30
C ASP IA 120 53.61 -88.89 29.31
N GLN IA 121 53.44 -89.28 28.05
CA GLN IA 121 52.90 -88.35 27.05
C GLN IA 121 51.45 -88.00 27.34
N LEU IA 122 50.68 -88.97 27.83
CA LEU IA 122 49.25 -88.77 28.00
C LEU IA 122 48.96 -87.72 29.07
N GLN IA 123 49.75 -87.72 30.15
CA GLN IA 123 49.50 -86.75 31.22
C GLN IA 123 49.79 -85.33 30.75
N LYS IA 124 50.83 -85.15 29.94
CA LYS IA 124 51.11 -83.82 29.41
C LYS IA 124 50.04 -83.38 28.43
N ALA IA 125 49.62 -84.30 27.55
CA ALA IA 125 48.58 -83.96 26.58
C ALA IA 125 47.27 -83.63 27.27
N ALA IA 126 47.04 -84.22 28.45
CA ALA IA 126 45.84 -83.90 29.21
C ALA IA 126 45.97 -82.58 29.95
N THR IA 127 47.10 -82.33 30.62
CA THR IA 127 47.24 -81.13 31.44
C THR IA 127 47.46 -79.87 30.61
N ASN IA 128 47.84 -79.99 29.34
CA ASN IA 128 48.00 -78.81 28.50
C ASN IA 128 46.67 -78.34 27.90
N ALA IA 129 45.58 -79.05 28.14
CA ALA IA 129 44.28 -78.71 27.57
C ALA IA 129 43.64 -77.57 28.35
N LYS IA 130 44.19 -76.37 28.14
CA LYS IA 130 43.67 -75.17 28.77
C LYS IA 130 43.40 -74.11 27.72
N PHE IA 131 42.47 -73.21 28.04
CA PHE IA 131 42.11 -72.07 27.19
C PHE IA 131 41.83 -70.91 28.14
N ASN IA 132 42.78 -69.98 28.23
CA ASN IA 132 42.72 -68.88 29.20
C ASN IA 132 42.57 -69.40 30.63
N GLY IA 133 43.41 -70.36 30.99
CA GLY IA 133 43.42 -70.90 32.34
C GLY IA 133 42.32 -71.90 32.60
N VAL IA 134 41.07 -71.52 32.35
CA VAL IA 134 39.94 -72.41 32.56
C VAL IA 134 40.05 -73.58 31.58
N SER IA 135 39.59 -74.75 32.02
CA SER IA 135 39.78 -75.97 31.24
C SER IA 135 38.65 -76.94 31.55
N LEU IA 136 38.43 -77.87 30.61
CA LEU IA 136 37.40 -78.87 30.79
C LEU IA 136 37.92 -80.30 30.60
N ALA IA 137 39.22 -80.49 30.49
CA ALA IA 137 39.78 -81.83 30.29
C ALA IA 137 40.66 -82.32 31.43
N ASP IA 138 41.38 -81.46 32.13
CA ASP IA 138 42.28 -81.89 33.20
C ASP IA 138 41.55 -82.11 34.53
N GLY IA 139 40.26 -81.80 34.61
CA GLY IA 139 39.52 -82.02 35.84
C GLY IA 139 39.76 -81.01 36.93
N SER IA 140 40.22 -79.81 36.59
CA SER IA 140 40.45 -78.75 37.56
C SER IA 140 39.17 -78.27 38.24
N THR IA 141 38.00 -78.48 37.63
CA THR IA 141 36.75 -78.05 38.21
C THR IA 141 35.66 -79.06 37.90
N THR IA 142 34.66 -79.13 38.77
CA THR IA 142 33.56 -80.08 38.59
C THR IA 142 32.72 -79.75 37.36
N LYS IA 143 32.57 -78.46 37.04
CA LYS IA 143 31.68 -78.05 35.96
C LYS IA 143 31.98 -76.60 35.61
N LEU IA 144 31.52 -76.18 34.44
CA LEU IA 144 31.58 -74.81 33.98
C LEU IA 144 30.17 -74.25 33.83
N SER IA 145 30.07 -72.92 33.92
CA SER IA 145 28.79 -72.24 33.85
C SER IA 145 28.88 -71.10 32.84
N PHE IA 146 27.88 -71.00 31.96
CA PHE IA 146 27.81 -69.93 30.98
C PHE IA 146 26.38 -69.40 30.95
N LEU IA 147 26.26 -68.10 30.67
CA LEU IA 147 24.95 -67.46 30.69
C LEU IA 147 24.04 -68.07 29.63
N ALA IA 148 22.75 -68.17 29.98
CA ALA IA 148 21.73 -68.63 29.06
C ALA IA 148 20.64 -67.60 28.80
N ASN IA 149 20.52 -66.57 29.63
CA ASN IA 149 19.50 -65.55 29.46
C ASN IA 149 19.93 -64.30 30.21
N GLU IA 150 19.20 -63.21 29.99
CA GLU IA 150 19.50 -61.95 30.64
C GLU IA 150 19.31 -62.02 32.15
N ASP IA 151 18.52 -62.98 32.64
CA ASP IA 151 18.36 -63.17 34.07
C ASP IA 151 19.64 -63.66 34.74
N GLY IA 152 20.59 -64.17 33.97
CA GLY IA 152 21.77 -64.78 34.52
C GLY IA 152 21.69 -66.26 34.76
N SER IA 153 20.59 -66.92 34.35
CA SER IA 153 20.50 -68.36 34.49
C SER IA 153 21.62 -69.02 33.68
N ASN IA 154 22.27 -70.01 34.29
CA ASN IA 154 23.48 -70.59 33.73
C ASN IA 154 23.16 -71.73 32.76
N PHE IA 155 24.01 -71.89 31.76
CA PHE IA 155 24.08 -73.09 30.94
C PHE IA 155 25.17 -73.99 31.49
N THR IA 156 24.80 -74.89 32.41
CA THR IA 156 25.75 -75.77 33.06
C THR IA 156 26.39 -76.71 32.04
N VAL IA 157 27.69 -76.92 32.17
CA VAL IA 157 28.45 -77.78 31.27
C VAL IA 157 29.36 -78.61 32.17
N THR IA 158 29.00 -79.86 32.39
CA THR IA 158 29.77 -80.72 33.29
C THR IA 158 31.15 -80.99 32.72
N ALA IA 159 32.16 -80.92 33.57
CA ALA IA 159 33.53 -81.21 33.15
C ALA IA 159 33.72 -82.70 32.93
N GLN IA 160 34.51 -83.03 31.92
CA GLN IA 160 34.90 -84.42 31.63
C GLN IA 160 36.40 -84.52 31.84
N THR IA 161 36.81 -85.03 33.00
CA THR IA 161 38.22 -85.21 33.29
C THR IA 161 38.84 -86.17 32.29
N LEU IA 162 40.05 -85.84 31.81
CA LEU IA 162 40.71 -86.67 30.82
C LEU IA 162 42.19 -86.86 31.12
N SER IA 163 42.61 -86.68 32.37
CA SER IA 163 43.99 -86.97 32.74
C SER IA 163 44.18 -88.47 32.86
N LEU IA 164 45.27 -88.90 33.49
CA LEU IA 164 45.44 -90.33 33.75
C LEU IA 164 44.45 -90.82 34.79
N THR IA 165 44.31 -90.08 35.90
CA THR IA 165 43.40 -90.50 36.96
C THR IA 165 41.95 -90.45 36.51
N GLY IA 166 41.63 -89.59 35.55
CA GLY IA 166 40.26 -89.48 35.09
C GLY IA 166 39.81 -90.59 34.17
N ILE IA 167 40.73 -91.36 33.60
CA ILE IA 167 40.39 -92.50 32.76
C ILE IA 167 40.64 -93.83 33.48
N GLY IA 168 41.01 -93.78 34.76
CA GLY IA 168 41.22 -94.97 35.54
C GLY IA 168 42.66 -95.40 35.69
N LEU IA 169 43.55 -94.94 34.82
CA LEU IA 169 44.97 -95.24 34.95
C LEU IA 169 45.59 -94.42 36.07
N THR IA 170 46.63 -94.97 36.68
CA THR IA 170 47.45 -94.24 37.63
C THR IA 170 48.60 -93.57 36.90
N ALA IA 171 49.29 -92.67 37.59
CA ALA IA 171 50.45 -91.98 37.05
C ALA IA 171 51.64 -92.91 36.84
N THR IA 172 51.65 -94.07 37.49
CA THR IA 172 52.77 -95.00 37.41
C THR IA 172 52.31 -96.35 36.85
N SER IA 173 51.11 -96.43 36.28
CA SER IA 173 50.60 -97.70 35.78
C SER IA 173 51.48 -98.23 34.66
N THR IA 174 51.70 -99.54 34.67
CA THR IA 174 52.55 -100.20 33.69
C THR IA 174 52.25 -101.70 33.74
N PHE IA 175 53.19 -102.51 33.23
CA PHE IA 175 53.09 -103.96 33.23
C PHE IA 175 54.49 -104.54 33.25
N THR IA 176 54.60 -105.74 33.85
CA THR IA 176 55.91 -106.35 34.04
C THR IA 176 56.00 -107.78 33.51
N ASP IA 177 54.89 -108.39 33.11
CA ASP IA 177 54.91 -109.77 32.61
C ASP IA 177 53.76 -109.92 31.62
N ALA IA 178 53.79 -111.05 30.90
CA ALA IA 178 52.75 -111.30 29.90
C ALA IA 178 51.37 -111.36 30.54
N ALA IA 179 51.28 -111.89 31.76
CA ALA IA 179 49.99 -111.91 32.45
C ALA IA 179 49.56 -110.49 32.84
N THR IA 180 50.49 -109.68 33.31
CA THR IA 180 50.14 -108.30 33.65
C THR IA 180 49.73 -107.51 32.42
N ALA IA 181 50.36 -107.75 31.27
CA ALA IA 181 49.91 -107.13 30.04
C ALA IA 181 48.55 -107.64 29.61
N LYS IA 182 48.28 -108.92 29.84
CA LYS IA 182 46.97 -109.47 29.49
C LYS IA 182 45.87 -108.84 30.33
N THR IA 183 46.16 -108.53 31.60
CA THR IA 183 45.21 -107.80 32.42
C THR IA 183 45.12 -106.33 32.00
N MET IA 184 46.25 -105.75 31.59
CA MET IA 184 46.31 -104.33 31.24
C MET IA 184 45.56 -104.02 29.94
N ILE IA 185 45.43 -105.01 29.05
CA ILE IA 185 44.74 -104.77 27.78
C ILE IA 185 43.30 -104.32 28.03
N ALA IA 186 42.59 -105.03 28.89
CA ALA IA 186 41.20 -104.68 29.17
C ALA IA 186 41.10 -103.33 29.88
N THR IA 187 42.08 -103.00 30.71
CA THR IA 187 42.07 -101.70 31.38
C THR IA 187 42.23 -100.57 30.37
N ILE IA 188 43.14 -100.75 29.41
CA ILE IA 188 43.31 -99.73 28.38
C ILE IA 188 42.07 -99.64 27.51
N THR IA 189 41.40 -100.76 27.27
CA THR IA 189 40.16 -100.73 26.49
C THR IA 189 39.09 -99.93 27.20
N THR IA 190 38.90 -100.18 28.50
CA THR IA 190 37.90 -99.43 29.26
C THR IA 190 38.27 -97.96 29.37
N SER IA 191 39.56 -97.64 29.44
CA SER IA 191 39.97 -96.24 29.48
C SER IA 191 39.66 -95.53 28.17
N LEU IA 192 39.94 -96.20 27.03
CA LEU IA 192 39.59 -95.60 25.75
C LEU IA 192 38.08 -95.43 25.62
N GLN IA 193 37.31 -96.37 26.17
CA GLN IA 193 35.86 -96.28 26.08
C GLN IA 193 35.34 -95.08 26.86
N THR IA 194 35.79 -94.94 28.12
CA THR IA 194 35.32 -93.81 28.92
C THR IA 194 35.80 -92.49 28.34
N ALA IA 195 36.99 -92.44 27.73
CA ALA IA 195 37.44 -91.20 27.12
C ALA IA 195 36.60 -90.83 25.92
N THR IA 196 36.23 -91.82 25.09
CA THR IA 196 35.36 -91.53 23.96
C THR IA 196 33.98 -91.06 24.43
N ASN IA 197 33.47 -91.64 25.52
CA ASN IA 197 32.19 -91.18 26.04
C ASN IA 197 32.27 -89.74 26.55
N LYS IA 198 33.37 -89.39 27.21
CA LYS IA 198 33.53 -88.03 27.70
C LYS IA 198 33.61 -87.04 26.55
N LEU IA 199 34.36 -87.38 25.50
CA LEU IA 199 34.44 -86.48 24.35
C LEU IA 199 33.09 -86.35 23.65
N SER IA 200 32.31 -87.43 23.59
CA SER IA 200 30.99 -87.33 22.96
C SER IA 200 30.07 -86.43 23.77
N SER IA 201 30.12 -86.52 25.10
CA SER IA 201 29.30 -85.62 25.92
C SER IA 201 29.72 -84.17 25.74
N LEU IA 202 31.04 -83.92 25.62
CA LEU IA 202 31.50 -82.56 25.41
C LEU IA 202 31.03 -82.02 24.06
N GLY IA 203 31.02 -82.86 23.03
CA GLY IA 203 30.55 -82.39 21.74
C GLY IA 203 29.07 -82.11 21.71
N THR IA 204 28.28 -82.94 22.42
CA THR IA 204 26.85 -82.66 22.51
C THR IA 204 26.60 -81.37 23.27
N SER IA 205 27.39 -81.10 24.30
CA SER IA 205 27.23 -79.83 25.02
C SER IA 205 27.58 -78.64 24.13
N SER IA 206 28.58 -78.79 23.27
CA SER IA 206 28.92 -77.71 22.35
C SER IA 206 27.81 -77.46 21.33
N VAL IA 207 27.18 -78.53 20.86
CA VAL IA 207 26.07 -78.37 19.92
C VAL IA 207 24.90 -77.65 20.60
N GLY IA 208 24.65 -77.96 21.87
CA GLY IA 208 23.60 -77.26 22.59
C GLY IA 208 23.95 -75.80 22.81
N LEU IA 209 25.24 -75.51 23.04
CA LEU IA 209 25.68 -74.12 23.15
C LEU IA 209 25.39 -73.35 21.87
N ASP IA 210 25.71 -73.95 20.72
CA ASP IA 210 25.49 -73.26 19.44
C ASP IA 210 24.00 -73.03 19.20
N THR IA 211 23.16 -74.02 19.54
CA THR IA 211 21.73 -73.87 19.32
C THR IA 211 21.15 -72.77 20.21
N HIS IA 212 21.54 -72.76 21.49
CA HIS IA 212 21.06 -71.70 22.36
C HIS IA 212 21.57 -70.33 21.93
N LEU IA 213 22.77 -70.27 21.34
CA LEU IA 213 23.27 -69.00 20.84
C LEU IA 213 22.40 -68.50 19.69
N THR IA 214 22.00 -69.40 18.80
CA THR IA 214 21.13 -68.99 17.70
C THR IA 214 19.78 -68.48 18.24
N PHE IA 215 19.24 -69.19 19.23
CA PHE IA 215 17.97 -68.73 19.79
C PHE IA 215 18.12 -67.38 20.49
N VAL IA 216 19.27 -67.15 21.14
CA VAL IA 216 19.50 -65.89 21.82
C VAL IA 216 19.58 -64.75 20.80
N GLY IA 217 20.17 -65.03 19.64
CA GLY IA 217 20.24 -64.00 18.61
C GLY IA 217 18.86 -63.67 18.05
N LYS IA 218 18.03 -64.69 17.84
CA LYS IA 218 16.67 -64.41 17.39
C LYS IA 218 15.89 -63.66 18.46
N LEU IA 219 16.15 -63.97 19.73
CA LEU IA 219 15.45 -63.28 20.81
C LEU IA 219 15.86 -61.81 20.89
N GLN IA 220 17.14 -61.51 20.69
CA GLN IA 220 17.58 -60.12 20.68
C GLN IA 220 16.97 -59.38 19.50
N ASP IA 221 16.85 -60.04 18.35
CA ASP IA 221 16.22 -59.39 17.21
C ASP IA 221 14.75 -59.08 17.50
N SER IA 222 14.05 -60.03 18.12
CA SER IA 222 12.65 -59.79 18.47
C SER IA 222 12.51 -58.69 19.52
N LEU IA 223 13.46 -58.59 20.44
CA LEU IA 223 13.39 -57.54 21.46
C LEU IA 223 13.62 -56.16 20.86
N ASP IA 224 14.62 -56.03 19.99
CA ASP IA 224 14.84 -54.73 19.34
C ASP IA 224 13.66 -54.37 18.43
N ALA IA 225 13.07 -55.36 17.77
CA ALA IA 225 11.88 -55.10 16.98
C ALA IA 225 10.73 -54.65 17.86
N GLY IA 226 10.62 -55.18 19.07
CA GLY IA 226 9.59 -54.73 19.98
C GLY IA 226 9.82 -53.32 20.47
N VAL IA 227 11.08 -52.95 20.71
CA VAL IA 227 11.39 -51.58 21.11
C VAL IA 227 10.97 -50.60 20.02
N GLY IA 228 11.40 -50.88 18.78
CA GLY IA 228 11.07 -49.98 17.70
C GLY IA 228 9.59 -49.95 17.41
N ASN IA 229 8.92 -51.10 17.54
CA ASN IA 229 7.48 -51.14 17.35
C ASN IA 229 6.76 -50.38 18.45
N LEU IA 230 7.35 -50.29 19.64
CA LEU IA 230 6.74 -49.55 20.73
C LEU IA 230 6.88 -48.05 20.56
N VAL IA 231 8.05 -47.55 20.18
CA VAL IA 231 8.31 -46.11 20.25
C VAL IA 231 8.29 -45.42 18.89
N ASP IA 232 8.70 -46.08 17.81
CA ASP IA 232 8.93 -45.37 16.55
C ASP IA 232 7.63 -44.79 16.00
N ALA IA 233 7.72 -43.54 15.55
CA ALA IA 233 6.62 -42.85 14.89
C ALA IA 233 6.51 -43.27 13.43
N ASP IA 234 5.30 -43.14 12.89
CA ASP IA 234 5.03 -43.39 11.48
C ASP IA 234 5.29 -42.09 10.73
N LEU IA 235 6.48 -41.99 10.13
CA LEU IA 235 6.91 -40.72 9.53
C LEU IA 235 6.06 -40.33 8.33
N ALA IA 236 5.49 -41.30 7.61
CA ALA IA 236 4.75 -40.97 6.40
C ALA IA 236 3.48 -40.18 6.71
N LYS IA 237 2.80 -40.49 7.82
CA LYS IA 237 1.73 -39.62 8.29
C LYS IA 237 2.27 -38.28 8.74
N GLU IA 238 3.47 -38.30 9.33
CA GLU IA 238 4.04 -37.10 9.91
C GLU IA 238 4.38 -36.06 8.85
N SER IA 239 4.73 -36.49 7.64
CA SER IA 239 5.06 -35.53 6.59
C SER IA 239 3.83 -34.74 6.16
N ALA IA 240 2.69 -35.43 5.96
CA ALA IA 240 1.47 -34.73 5.59
C ALA IA 240 0.98 -33.85 6.73
N LYS IA 241 1.10 -34.33 7.97
CA LYS IA 241 0.72 -33.48 9.10
C LYS IA 241 1.62 -32.27 9.21
N LEU IA 242 2.90 -32.44 8.85
CA LEU IA 242 3.85 -31.33 8.90
C LEU IA 242 3.48 -30.25 7.87
N GLN IA 243 3.17 -30.67 6.64
CA GLN IA 243 2.78 -29.68 5.65
C GLN IA 243 1.46 -29.00 6.04
N SER IA 244 0.53 -29.77 6.62
CA SER IA 244 -0.74 -29.18 7.02
C SER IA 244 -0.53 -28.14 8.11
N LEU IA 245 0.36 -28.41 9.06
CA LEU IA 245 0.65 -27.40 10.09
C LEU IA 245 1.45 -26.23 9.55
N GLN IA 246 2.31 -26.46 8.55
CA GLN IA 246 3.01 -25.35 7.90
C GLN IA 246 2.01 -24.40 7.26
N THR IA 247 0.91 -24.93 6.75
CA THR IA 247 -0.11 -24.05 6.17
C THR IA 247 -1.00 -23.43 7.26
N LYS IA 248 -1.35 -24.21 8.27
CA LYS IA 248 -2.24 -23.70 9.32
C LYS IA 248 -1.57 -22.58 10.12
N GLN IA 249 -0.25 -22.63 10.28
CA GLN IA 249 0.45 -21.54 10.95
C GLN IA 249 0.30 -20.24 10.16
N GLN IA 250 0.40 -20.32 8.83
CA GLN IA 250 0.24 -19.13 8.01
C GLN IA 250 -1.18 -18.58 8.11
N LEU IA 251 -2.18 -19.46 7.94
CA LEU IA 251 -3.56 -18.99 8.00
C LEU IA 251 -3.90 -18.40 9.37
N GLY IA 252 -3.34 -18.97 10.44
CA GLY IA 252 -3.53 -18.38 11.74
C GLY IA 252 -2.84 -17.04 11.87
N VAL IA 253 -1.71 -16.86 11.18
CA VAL IA 253 -1.04 -15.56 11.21
C VAL IA 253 -1.90 -14.49 10.53
N GLN IA 254 -2.43 -14.78 9.34
CA GLN IA 254 -3.26 -13.76 8.70
C GLN IA 254 -4.55 -13.53 9.49
N ALA IA 255 -5.08 -14.58 10.13
CA ALA IA 255 -6.27 -14.37 10.95
C ALA IA 255 -5.97 -13.48 12.15
N LEU IA 256 -4.80 -13.66 12.78
CA LEU IA 256 -4.41 -12.78 13.87
C LEU IA 256 -4.20 -11.35 13.36
N SER IA 257 -3.71 -11.21 12.13
CA SER IA 257 -3.52 -9.87 11.58
C SER IA 257 -4.85 -9.17 11.37
N ILE IA 258 -5.85 -9.89 10.85
CA ILE IA 258 -7.16 -9.27 10.69
C ILE IA 258 -7.79 -8.98 12.05
N ALA IA 259 -7.56 -9.86 13.04
CA ALA IA 259 -8.09 -9.60 14.37
C ALA IA 259 -7.44 -8.36 15.00
N ASN IA 260 -6.17 -8.12 14.69
CA ASN IA 260 -5.52 -6.91 15.16
C ASN IA 260 -6.02 -5.68 14.41
N GLN IA 261 -6.28 -5.82 13.11
CA GLN IA 261 -6.70 -4.68 12.30
C GLN IA 261 -8.15 -4.28 12.56
N THR IA 262 -8.96 -5.19 13.08
CA THR IA 262 -10.38 -4.88 13.28
C THR IA 262 -10.64 -3.66 14.16
N PRO IA 263 -10.01 -3.51 15.33
CA PRO IA 263 -10.33 -2.35 16.19
C PRO IA 263 -10.10 -0.98 15.56
N GLN IA 264 -9.13 -0.83 14.65
CA GLN IA 264 -8.71 0.50 14.20
C GLN IA 264 -9.69 1.15 13.24
N THR IA 265 -10.74 0.45 12.83
CA THR IA 265 -11.78 1.06 12.01
C THR IA 265 -12.51 2.18 12.75
N ILE IA 266 -12.42 2.22 14.08
CA ILE IA 266 -13.07 3.26 14.87
C ILE IA 266 -12.54 4.64 14.51
N LEU IA 267 -11.30 4.71 14.00
CA LEU IA 267 -10.65 6.00 13.78
C LEU IA 267 -11.43 6.89 12.83
N SER IA 268 -12.12 6.31 11.85
CA SER IA 268 -12.77 7.11 10.82
C SER IA 268 -13.94 7.91 11.37
N LEU IA 269 -14.52 7.49 12.49
CA LEU IA 269 -15.66 8.20 13.05
C LEU IA 269 -15.27 9.49 13.76
N PHE IA 270 -13.99 9.69 14.05
CA PHE IA 270 -13.55 10.89 14.76
C PHE IA 270 -12.65 11.75 13.87
N LEU JA 1 -42.79 40.74 35.16
CA LEU JA 1 -42.05 39.92 34.21
C LEU JA 1 -40.87 40.69 33.62
N ASN JA 2 -41.10 41.97 33.32
CA ASN JA 2 -40.07 42.81 32.71
C ASN JA 2 -39.12 43.35 33.77
N SER JA 3 -38.32 42.47 34.36
CA SER JA 3 -37.42 42.81 35.45
C SER JA 3 -36.03 43.08 34.89
N ILE JA 4 -35.66 44.37 34.81
CA ILE JA 4 -34.31 44.70 34.35
C ILE JA 4 -33.23 44.21 35.31
N ASN JA 5 -33.51 44.20 36.62
CA ASN JA 5 -32.50 43.81 37.60
C ASN JA 5 -32.10 42.34 37.50
N THR JA 6 -33.00 41.46 37.05
CA THR JA 6 -32.65 40.06 36.87
C THR JA 6 -33.63 39.42 35.92
N ASN JA 7 -33.13 38.50 35.10
CA ASN JA 7 -33.93 37.76 34.12
C ASN JA 7 -33.84 36.25 34.36
N PRO JA 8 -34.90 35.62 34.87
CA PRO JA 8 -34.84 34.17 35.11
C PRO JA 8 -34.54 33.34 33.89
N GLY JA 9 -35.00 33.76 32.71
CA GLY JA 9 -34.82 32.94 31.52
C GLY JA 9 -33.36 32.76 31.16
N ALA JA 10 -32.54 33.79 31.35
CA ALA JA 10 -31.11 33.63 31.16
C ALA JA 10 -30.52 32.65 32.16
N LEU JA 11 -31.07 32.60 33.38
CA LEU JA 11 -30.57 31.65 34.36
C LEU JA 11 -30.91 30.22 33.98
N LEU JA 12 -32.14 30.00 33.48
CA LEU JA 12 -32.49 28.66 33.02
C LEU JA 12 -31.68 28.25 31.79
N ALA JA 13 -31.42 29.19 30.88
CA ALA JA 13 -30.59 28.88 29.72
C ALA JA 13 -29.17 28.56 30.16
N LEU JA 14 -28.67 29.26 31.18
CA LEU JA 14 -27.34 28.96 31.69
C LEU JA 14 -27.28 27.58 32.33
N GLN JA 15 -28.34 27.18 33.03
CA GLN JA 15 -28.37 25.84 33.60
C GLN JA 15 -28.40 24.77 32.52
N ASN JA 16 -29.16 25.01 31.44
CA ASN JA 16 -29.19 24.04 30.35
C ASN JA 16 -27.83 23.95 29.65
N LEU JA 17 -27.19 25.10 29.43
CA LEU JA 17 -25.87 25.11 28.81
C LEU JA 17 -24.85 24.44 29.72
N ASN JA 18 -25.01 24.59 31.04
CA ASN JA 18 -24.09 23.96 31.98
C ASN JA 18 -24.26 22.45 32.00
N SER JA 19 -25.50 21.96 31.95
CA SER JA 19 -25.71 20.52 31.86
C SER JA 19 -25.16 19.98 30.55
N THR JA 20 -25.28 20.75 29.47
CA THR JA 20 -24.70 20.33 28.20
C THR JA 20 -23.19 20.26 28.28
N ASN JA 21 -22.55 21.27 28.86
CA ASN JA 21 -21.09 21.28 28.98
C ASN JA 21 -20.61 20.15 29.88
N THR JA 22 -21.39 19.82 30.92
CA THR JA 22 -20.99 18.75 31.83
C THR JA 22 -21.06 17.40 31.13
N GLU JA 23 -22.16 17.14 30.44
CA GLU JA 23 -22.26 15.86 29.73
C GLU JA 23 -21.20 15.78 28.63
N LEU JA 24 -20.88 16.92 28.01
CA LEU JA 24 -19.84 16.93 26.98
C LEU JA 24 -18.47 16.65 27.57
N ALA JA 25 -18.18 17.18 28.76
CA ALA JA 25 -16.91 16.87 29.40
C ALA JA 25 -16.83 15.39 29.79
N ALA JA 26 -17.96 14.83 30.23
CA ALA JA 26 -17.99 13.40 30.52
C ALA JA 26 -17.77 12.59 29.25
N THR JA 27 -18.30 13.07 28.13
CA THR JA 27 -18.07 12.39 26.86
C THR JA 27 -16.62 12.48 26.43
N GLN JA 28 -15.99 13.63 26.66
CA GLN JA 28 -14.58 13.79 26.32
C GLN JA 28 -13.73 12.84 27.15
N GLY JA 29 -14.08 12.67 28.44
CA GLY JA 29 -13.34 11.73 29.27
C GLY JA 29 -13.56 10.29 28.86
N ARG JA 30 -14.80 9.95 28.51
CA ARG JA 30 -15.10 8.62 28.02
C ARG JA 30 -14.41 8.34 26.70
N ILE JA 31 -14.12 9.38 25.91
CA ILE JA 31 -13.42 9.22 24.65
C ILE JA 31 -11.93 8.98 24.89
N ASN JA 32 -11.25 9.93 25.54
CA ASN JA 32 -9.80 9.80 25.62
C ASN JA 32 -9.39 8.61 26.49
N THR JA 33 -10.15 8.33 27.56
CA THR JA 33 -9.76 7.21 28.42
C THR JA 33 -10.07 5.86 27.82
N GLY JA 34 -11.14 5.76 27.03
CA GLY JA 34 -11.59 4.48 26.50
C GLY JA 34 -12.36 3.62 27.48
N LYS JA 35 -12.78 4.17 28.61
CA LYS JA 35 -13.51 3.43 29.63
C LYS JA 35 -14.72 4.24 30.08
N LYS JA 36 -15.86 3.57 30.21
CA LYS JA 36 -17.04 4.25 30.77
C LYS JA 36 -17.01 4.31 32.29
N VAL JA 37 -16.07 3.61 32.93
CA VAL JA 37 -15.87 3.69 34.38
C VAL JA 37 -14.36 3.77 34.62
N ALA JA 38 -13.77 4.87 34.17
CA ALA JA 38 -12.32 5.08 34.22
C ALA JA 38 -11.76 5.12 35.63
N ASN JA 39 -12.54 5.54 36.63
CA ASN JA 39 -12.05 5.65 37.98
C ASN JA 39 -13.21 5.46 38.94
N ALA JA 40 -12.91 5.58 40.24
CA ALA JA 40 -13.91 5.32 41.26
C ALA JA 40 -15.08 6.29 41.19
N LYS JA 41 -14.86 7.50 40.67
CA LYS JA 41 -15.95 8.48 40.60
C LYS JA 41 -17.04 8.01 39.64
N ASP JA 42 -16.69 7.32 38.56
CA ASP JA 42 -17.69 6.94 37.58
C ASP JA 42 -18.65 5.90 38.14
N ASN JA 43 -18.13 4.95 38.92
CA ASN JA 43 -18.92 3.92 39.58
C ASN JA 43 -18.02 3.10 40.49
N GLY JA 44 -18.19 3.24 41.81
CA GLY JA 44 -17.22 2.66 42.72
C GLY JA 44 -17.23 1.15 42.74
N ALA JA 45 -18.41 0.53 42.63
CA ALA JA 45 -18.50 -0.92 42.78
C ALA JA 45 -17.91 -1.64 41.57
N ILE JA 46 -18.30 -1.21 40.37
CA ILE JA 46 -17.74 -1.84 39.16
C ILE JA 46 -16.25 -1.56 39.06
N TRP JA 47 -15.81 -0.38 39.49
CA TRP JA 47 -14.38 -0.09 39.48
C TRP JA 47 -13.64 -0.96 40.46
N SER JA 48 -14.25 -1.27 41.60
CA SER JA 48 -13.61 -2.16 42.57
C SER JA 48 -13.50 -3.57 42.04
N MET JA 49 -14.58 -4.07 41.43
CA MET JA 49 -14.54 -5.42 40.87
C MET JA 49 -13.51 -5.50 39.74
N ALA JA 50 -13.46 -4.47 38.89
CA ALA JA 50 -12.49 -4.48 37.80
C ALA JA 50 -11.07 -4.38 38.32
N LYS JA 51 -10.85 -3.61 39.39
CA LYS JA 51 -9.51 -3.50 39.94
C LYS JA 51 -9.05 -4.82 40.53
N MET JA 52 -9.94 -5.54 41.20
CA MET JA 52 -9.55 -6.84 41.73
C MET JA 52 -9.31 -7.85 40.63
N GLN JA 53 -10.14 -7.85 39.58
CA GLN JA 53 -9.92 -8.78 38.48
C GLN JA 53 -8.62 -8.47 37.74
N SER JA 54 -8.30 -7.19 37.59
CA SER JA 54 -7.04 -6.81 36.96
C SER JA 54 -5.85 -7.20 37.83
N ALA JA 55 -5.98 -7.05 39.15
CA ALA JA 55 -4.89 -7.47 40.03
C ALA JA 55 -4.67 -8.97 39.96
N THR JA 56 -5.75 -9.73 39.84
CA THR JA 56 -5.60 -11.18 39.74
C THR JA 56 -4.97 -11.59 38.41
N ALA JA 57 -5.42 -10.98 37.32
CA ALA JA 57 -4.85 -11.30 36.01
C ALA JA 57 -3.39 -10.91 35.93
N SER JA 58 -3.00 -9.80 36.56
CA SER JA 58 -1.59 -9.45 36.63
C SER JA 58 -0.82 -10.41 37.53
N SER JA 59 -1.45 -10.89 38.60
CA SER JA 59 -0.83 -11.81 39.55
C SER JA 59 -0.54 -13.19 38.94
N LEU JA 60 -1.31 -13.60 37.92
CA LEU JA 60 -1.13 -14.94 37.35
C LEU JA 60 0.24 -15.14 36.68
N ASN JA 61 0.93 -14.06 36.32
CA ASN JA 61 2.18 -14.18 35.56
C ASN JA 61 3.24 -14.93 36.36
N SER JA 62 3.31 -14.69 37.67
CA SER JA 62 4.28 -15.44 38.49
C SER JA 62 3.93 -16.91 38.56
N VAL JA 63 2.64 -17.25 38.54
CA VAL JA 63 2.25 -18.65 38.50
C VAL JA 63 2.72 -19.29 37.21
N LYS JA 64 2.59 -18.56 36.11
CA LYS JA 64 3.07 -19.09 34.83
C LYS JA 64 4.58 -19.32 34.87
N ASP JA 65 5.32 -18.33 35.38
CA ASP JA 65 6.77 -18.44 35.42
C ASP JA 65 7.21 -19.58 36.32
N SER JA 66 6.48 -19.82 37.42
CA SER JA 66 6.83 -20.93 38.30
C SER JA 66 6.57 -22.28 37.64
N LEU JA 67 5.46 -22.39 36.90
CA LEU JA 67 5.18 -23.65 36.23
C LEU JA 67 6.25 -23.97 35.20
N GLN JA 68 6.71 -22.97 34.46
CA GLN JA 68 7.72 -23.28 33.45
C GLN JA 68 9.13 -23.40 34.03
N ARG JA 69 9.41 -22.74 35.16
CA ARG JA 69 10.64 -23.05 35.88
C ARG JA 69 10.66 -24.49 36.36
N GLY JA 70 9.49 -24.99 36.78
CA GLY JA 70 9.41 -26.40 37.16
C GLY JA 70 9.59 -27.32 35.97
N GLN JA 71 9.09 -26.91 34.81
CA GLN JA 71 9.35 -27.70 33.61
C GLN JA 71 10.84 -27.73 33.28
N SER JA 72 11.55 -26.61 33.50
CA SER JA 72 12.98 -26.60 33.25
C SER JA 72 13.72 -27.52 34.23
N THR JA 73 13.30 -27.51 35.50
CA THR JA 73 13.95 -28.37 36.49
C THR JA 73 13.71 -29.84 36.18
N ILE JA 74 12.49 -30.20 35.77
CA ILE JA 74 12.22 -31.59 35.40
C ILE JA 74 12.98 -31.95 34.13
N ASP JA 75 13.21 -30.98 33.23
CA ASP JA 75 14.01 -31.24 32.05
C ASP JA 75 15.44 -31.60 32.42
N VAL JA 76 16.02 -30.86 33.38
CA VAL JA 76 17.38 -31.19 33.82
C VAL JA 76 17.41 -32.56 34.49
N ALA JA 77 16.37 -32.87 35.27
CA ALA JA 77 16.35 -34.16 35.96
C ALA JA 77 16.27 -35.31 34.97
N LEU JA 78 15.43 -35.18 33.95
CA LEU JA 78 15.33 -36.22 32.93
C LEU JA 78 16.62 -36.31 32.10
N ALA JA 79 17.29 -35.17 31.89
CA ALA JA 79 18.55 -35.21 31.17
C ALA JA 79 19.62 -35.98 31.93
N ALA JA 80 19.60 -35.91 33.27
CA ALA JA 80 20.52 -36.73 34.05
C ALA JA 80 20.07 -38.19 34.10
N GLY JA 81 18.75 -38.42 34.12
CA GLY JA 81 18.26 -39.78 34.17
C GLY JA 81 18.52 -40.55 32.90
N ASP JA 82 18.59 -39.86 31.76
CA ASP JA 82 18.98 -40.51 30.52
C ASP JA 82 20.39 -41.09 30.60
N THR JA 83 21.28 -40.45 31.36
CA THR JA 83 22.60 -41.00 31.60
C THR JA 83 22.57 -42.11 32.65
N ILE JA 84 21.78 -41.92 33.71
CA ILE JA 84 21.74 -42.91 34.78
C ILE JA 84 21.20 -44.24 34.25
N THR JA 85 20.26 -44.19 33.31
CA THR JA 85 19.70 -45.43 32.78
C THR JA 85 20.72 -46.19 31.95
N ASP JA 86 21.46 -45.50 31.08
CA ASP JA 86 22.50 -46.16 30.30
C ASP JA 86 23.59 -46.71 31.21
N LEU JA 87 23.89 -45.99 32.30
CA LEU JA 87 24.90 -46.45 33.23
C LEU JA 87 24.44 -47.73 33.94
N LEU JA 88 23.18 -47.80 34.35
CA LEU JA 88 22.67 -49.02 34.94
C LEU JA 88 22.60 -50.16 33.93
N THR JA 89 22.36 -49.85 32.66
CA THR JA 89 22.32 -50.90 31.65
C THR JA 89 23.72 -51.50 31.45
N LYS JA 90 24.74 -50.65 31.39
CA LYS JA 90 26.10 -51.17 31.33
C LYS JA 90 26.47 -51.90 32.61
N MET JA 91 25.90 -51.47 33.74
CA MET JA 91 26.10 -52.18 35.00
C MET JA 91 25.59 -53.62 34.90
N LYS JA 92 24.35 -53.79 34.44
CA LYS JA 92 23.79 -55.13 34.35
C LYS JA 92 24.52 -55.97 33.31
N GLU JA 93 25.00 -55.33 32.23
CA GLU JA 93 25.77 -56.09 31.25
C GLU JA 93 27.09 -56.59 31.81
N LYS JA 94 27.83 -55.72 32.51
CA LYS JA 94 29.09 -56.16 33.12
C LYS JA 94 28.85 -57.17 34.23
N ALA JA 95 27.73 -57.06 34.95
CA ALA JA 95 27.43 -58.05 35.98
C ALA JA 95 27.13 -59.41 35.36
N LEU JA 96 26.41 -59.43 34.23
CA LEU JA 96 26.22 -60.68 33.52
C LEU JA 96 27.55 -61.25 33.04
N ALA JA 97 28.45 -60.39 32.56
CA ALA JA 97 29.73 -60.88 32.10
C ALA JA 97 30.56 -61.44 33.25
N ALA JA 98 30.42 -60.85 34.44
CA ALA JA 98 31.21 -61.29 35.59
C ALA JA 98 30.56 -62.47 36.30
N SER JA 99 29.31 -62.79 35.98
CA SER JA 99 28.68 -63.95 36.61
C SER JA 99 29.33 -65.26 36.18
N ASP JA 100 30.02 -65.29 35.04
CA ASP JA 100 30.59 -66.53 34.53
C ASP JA 100 31.68 -67.04 35.45
N THR JA 101 31.67 -68.37 35.67
CA THR JA 101 32.76 -69.04 36.36
C THR JA 101 33.91 -69.41 35.42
N SER JA 102 33.70 -69.35 34.11
CA SER JA 102 34.72 -69.70 33.13
C SER JA 102 35.81 -68.64 33.00
N LEU JA 103 35.56 -67.43 33.48
CA LEU JA 103 36.55 -66.38 33.33
C LEU JA 103 37.79 -66.67 34.17
N ASN JA 104 38.96 -66.40 33.59
CA ASN JA 104 40.18 -66.34 34.37
C ASN JA 104 40.16 -65.10 35.25
N THR JA 105 40.90 -65.15 36.35
CA THR JA 105 40.74 -64.16 37.41
C THR JA 105 41.03 -62.74 36.91
N ALA JA 106 41.94 -62.59 35.95
CA ALA JA 106 42.30 -61.26 35.50
C ALA JA 106 41.15 -60.56 34.80
N SER JA 107 40.42 -61.29 33.95
CA SER JA 107 39.27 -60.70 33.27
C SER JA 107 38.17 -60.35 34.28
N PHE JA 108 38.02 -61.16 35.32
CA PHE JA 108 37.03 -60.86 36.34
C PHE JA 108 37.41 -59.60 37.12
N ASN JA 109 38.70 -59.43 37.41
CA ASN JA 109 39.14 -58.18 38.04
C ASN JA 109 38.93 -56.98 37.13
N ALA JA 110 39.09 -57.17 35.81
CA ALA JA 110 38.86 -56.07 34.88
C ALA JA 110 37.39 -55.68 34.87
N LEU JA 111 36.50 -56.67 34.82
CA LEU JA 111 35.07 -56.39 34.87
C LEU JA 111 34.68 -55.74 36.20
N LYS JA 112 35.36 -56.14 37.28
CA LYS JA 112 35.11 -55.54 38.58
C LYS JA 112 35.51 -54.06 38.60
N ALA JA 113 36.69 -53.75 38.08
CA ALA JA 113 37.12 -52.36 38.04
C ALA JA 113 36.24 -51.51 37.14
N ASP JA 114 35.75 -52.09 36.04
CA ASP JA 114 34.83 -51.34 35.20
C ASP JA 114 33.51 -51.07 35.91
N PHE JA 115 33.03 -52.06 36.68
CA PHE JA 115 31.80 -51.86 37.44
C PHE JA 115 32.00 -50.78 38.50
N GLU JA 116 33.18 -50.74 39.11
CA GLU JA 116 33.45 -49.69 40.10
C GLU JA 116 33.47 -48.32 39.45
N SER JA 117 34.09 -48.22 38.26
CA SER JA 117 34.15 -46.93 37.58
C SER JA 117 32.76 -46.46 37.18
N LEU JA 118 31.93 -47.37 36.67
CA LEU JA 118 30.56 -46.99 36.33
C LEU JA 118 29.76 -46.61 37.58
N ARG JA 119 30.03 -47.27 38.71
CA ARG JA 119 29.34 -46.93 39.96
C ARG JA 119 29.71 -45.54 40.43
N ASP JA 120 30.97 -45.13 40.23
CA ASP JA 120 31.32 -43.75 40.56
C ASP JA 120 30.70 -42.77 39.57
N GLN JA 121 30.69 -43.13 38.29
CA GLN JA 121 30.12 -42.24 37.29
C GLN JA 121 28.63 -42.00 37.53
N LEU JA 122 27.93 -43.02 38.03
CA LEU JA 122 26.51 -42.85 38.29
C LEU JA 122 26.27 -41.88 39.44
N GLN JA 123 27.07 -41.97 40.51
CA GLN JA 123 26.91 -41.04 41.61
C GLN JA 123 27.26 -39.62 41.18
N LYS JA 124 28.25 -39.47 40.30
CA LYS JA 124 28.57 -38.13 39.81
C LYS JA 124 27.44 -37.57 38.94
N ALA JA 125 26.90 -38.40 38.03
CA ALA JA 125 25.80 -37.93 37.20
C ALA JA 125 24.57 -37.61 38.02
N ALA JA 126 24.39 -38.33 39.13
CA ALA JA 126 23.24 -38.05 40.00
C ALA JA 126 23.44 -36.78 40.80
N THR JA 127 24.65 -36.52 41.30
CA THR JA 127 24.89 -35.31 42.08
C THR JA 127 25.02 -34.06 41.22
N ASN JA 128 25.24 -34.19 39.92
CA ASN JA 128 25.28 -33.03 39.04
C ASN JA 128 23.91 -32.60 38.53
N ALA JA 129 22.86 -33.35 38.86
CA ALA JA 129 21.51 -33.05 38.38
C ALA JA 129 20.85 -32.00 39.28
N LYS JA 130 20.99 -30.75 38.86
CA LYS JA 130 20.32 -29.65 39.56
C LYS JA 130 20.24 -28.44 38.65
N PHE JA 131 19.29 -27.57 38.96
CA PHE JA 131 19.03 -26.36 38.17
C PHE JA 131 18.87 -25.21 39.14
N ASN JA 132 19.82 -24.26 39.10
CA ASN JA 132 19.81 -23.09 39.99
C ASN JA 132 19.81 -23.50 41.45
N GLY JA 133 20.52 -24.58 41.77
CA GLY JA 133 20.68 -24.99 43.15
C GLY JA 133 19.55 -25.83 43.72
N VAL JA 134 18.50 -26.09 42.95
CA VAL JA 134 17.42 -26.97 43.36
C VAL JA 134 17.35 -28.14 42.40
N SER JA 135 16.79 -29.24 42.87
CA SER JA 135 16.86 -30.47 42.09
C SER JA 135 15.76 -31.42 42.52
N LEU JA 136 15.45 -32.36 41.61
CA LEU JA 136 14.54 -33.45 41.90
C LEU JA 136 15.18 -34.82 41.86
N ALA JA 137 16.31 -34.99 41.18
CA ALA JA 137 16.94 -36.30 41.06
C ALA JA 137 17.96 -36.60 42.14
N ASP JA 138 18.62 -35.58 42.69
CA ASP JA 138 19.68 -35.81 43.67
C ASP JA 138 19.16 -36.13 45.07
N GLY JA 139 17.87 -35.94 45.32
CA GLY JA 139 17.31 -36.29 46.61
C GLY JA 139 17.57 -35.30 47.73
N SER JA 140 18.03 -34.10 47.39
CA SER JA 140 18.31 -33.06 48.37
C SER JA 140 17.07 -32.58 49.10
N THR JA 141 15.88 -32.79 48.55
CA THR JA 141 14.64 -32.34 49.17
C THR JA 141 13.55 -33.36 48.92
N THR JA 142 12.56 -33.38 49.80
CA THR JA 142 11.44 -34.30 49.64
C THR JA 142 10.54 -33.93 48.47
N LYS JA 143 10.32 -32.64 48.22
CA LYS JA 143 9.40 -32.20 47.18
C LYS JA 143 9.64 -30.71 46.91
N LEU JA 144 9.16 -30.27 45.75
CA LEU JA 144 9.17 -28.87 45.37
C LEU JA 144 7.73 -28.38 45.20
N SER JA 145 7.49 -27.12 45.57
CA SER JA 145 6.16 -26.51 45.48
C SER JA 145 6.17 -25.48 44.36
N PHE JA 146 5.25 -25.64 43.41
CA PHE JA 146 5.11 -24.69 42.32
C PHE JA 146 3.72 -24.08 42.34
N LEU JA 147 3.60 -22.85 41.85
CA LEU JA 147 2.30 -22.21 41.85
C LEU JA 147 1.31 -22.94 40.96
N ALA JA 148 0.06 -22.95 41.41
CA ALA JA 148 -1.05 -23.44 40.61
C ALA JA 148 -2.11 -22.37 40.34
N ASN JA 149 -2.22 -21.35 41.18
CA ASN JA 149 -3.26 -20.33 41.01
C ASN JA 149 -2.81 -19.06 41.71
N GLU JA 150 -3.58 -17.99 41.48
CA GLU JA 150 -3.25 -16.67 42.00
C GLU JA 150 -3.31 -16.63 43.52
N ASP JA 151 -4.08 -17.50 44.16
CA ASP JA 151 -4.26 -17.45 45.60
C ASP JA 151 -3.09 -18.06 46.37
N GLY JA 152 -2.15 -18.69 45.67
CA GLY JA 152 -1.00 -19.31 46.29
C GLY JA 152 -1.07 -20.81 46.40
N SER JA 153 -2.12 -21.45 45.88
CA SER JA 153 -2.19 -22.90 45.92
C SER JA 153 -1.05 -23.51 45.13
N ASN JA 154 -0.43 -24.54 45.70
CA ASN JA 154 0.78 -25.12 45.15
C ASN JA 154 0.49 -26.26 44.17
N PHE JA 155 1.44 -26.46 43.27
CA PHE JA 155 1.50 -27.62 42.38
C PHE JA 155 2.66 -28.48 42.84
N THR JA 156 2.41 -29.32 43.84
CA THR JA 156 3.47 -30.13 44.43
C THR JA 156 4.01 -31.13 43.41
N VAL JA 157 5.33 -31.28 43.37
CA VAL JA 157 6.00 -32.26 42.53
C VAL JA 157 6.96 -33.05 43.41
N THR JA 158 6.65 -34.32 43.66
CA THR JA 158 7.46 -35.15 44.52
C THR JA 158 8.84 -35.38 43.91
N ALA JA 159 9.87 -35.28 44.73
CA ALA JA 159 11.22 -35.56 44.27
C ALA JA 159 11.42 -37.07 44.12
N GLN JA 160 12.30 -37.43 43.19
CA GLN JA 160 12.63 -38.83 42.92
C GLN JA 160 14.15 -38.95 42.98
N THR JA 161 14.66 -39.38 44.14
CA THR JA 161 16.10 -39.50 44.32
C THR JA 161 16.68 -40.49 43.33
N LEU JA 162 17.77 -40.11 42.68
CA LEU JA 162 18.45 -40.96 41.72
C LEU JA 162 19.90 -41.24 42.09
N SER JA 163 20.33 -40.85 43.29
CA SER JA 163 21.66 -41.22 43.75
C SER JA 163 21.72 -42.72 44.00
N LEU JA 164 22.94 -43.21 44.23
CA LEU JA 164 23.14 -44.65 44.41
C LEU JA 164 22.34 -45.17 45.60
N THR JA 165 22.24 -44.38 46.67
CA THR JA 165 21.41 -44.77 47.81
C THR JA 165 19.93 -44.75 47.45
N GLY JA 166 19.54 -43.94 46.48
CA GLY JA 166 18.15 -43.82 46.10
C GLY JA 166 17.63 -44.90 45.19
N ILE JA 167 18.49 -45.73 44.62
CA ILE JA 167 18.04 -46.80 43.73
C ILE JA 167 18.43 -48.15 44.31
N GLY JA 168 18.63 -48.20 45.63
CA GLY JA 168 18.90 -49.46 46.30
C GLY JA 168 20.33 -49.91 46.29
N LEU JA 169 21.26 -49.10 45.79
CA LEU JA 169 22.67 -49.41 45.77
C LEU JA 169 23.39 -48.62 46.87
N THR JA 170 24.70 -48.76 46.90
CA THR JA 170 25.54 -48.05 47.86
C THR JA 170 26.86 -47.68 47.19
N ALA JA 171 27.58 -46.74 47.81
CA ALA JA 171 28.83 -46.26 47.24
C ALA JA 171 29.89 -47.35 47.17
N THR JA 172 29.83 -48.35 48.06
CA THR JA 172 30.79 -49.45 48.08
C THR JA 172 30.24 -50.73 47.47
N SER JA 173 29.05 -50.69 46.88
CA SER JA 173 28.46 -51.90 46.33
C SER JA 173 29.31 -52.46 45.20
N THR JA 174 29.51 -53.78 45.21
CA THR JA 174 30.32 -54.45 44.21
C THR JA 174 30.16 -55.96 44.30
N PHE JA 175 30.94 -56.71 43.52
CA PHE JA 175 30.95 -58.16 43.58
C PHE JA 175 32.38 -58.65 43.66
N THR JA 176 32.57 -59.80 44.31
CA THR JA 176 33.89 -60.39 44.48
C THR JA 176 34.00 -61.75 43.80
N ASP JA 177 32.91 -62.51 43.73
CA ASP JA 177 32.93 -63.82 43.09
C ASP JA 177 31.74 -63.91 42.13
N ALA JA 178 31.64 -65.06 41.46
CA ALA JA 178 30.55 -65.25 40.50
C ALA JA 178 29.20 -65.23 41.19
N ALA JA 179 29.10 -65.69 42.43
CA ALA JA 179 27.81 -65.72 43.11
C ALA JA 179 27.35 -64.32 43.51
N THR JA 180 28.25 -63.52 44.07
CA THR JA 180 27.91 -62.14 44.38
C THR JA 180 27.59 -61.36 43.11
N ALA JA 181 28.27 -61.67 42.01
CA ALA JA 181 27.93 -61.04 40.75
C ALA JA 181 26.55 -61.46 40.27
N LYS JA 182 26.19 -62.74 40.48
CA LYS JA 182 24.88 -63.21 40.07
C LYS JA 182 23.76 -62.57 40.88
N THR JA 183 24.02 -62.28 42.16
CA THR JA 183 23.03 -61.53 42.94
C THR JA 183 23.00 -60.06 42.52
N MET JA 184 24.16 -59.50 42.18
CA MET JA 184 24.21 -58.12 41.71
C MET JA 184 23.47 -57.97 40.39
N ILE JA 185 23.34 -59.04 39.62
CA ILE JA 185 22.53 -58.98 38.40
C ILE JA 185 21.10 -58.54 38.73
N ALA JA 186 20.44 -59.26 39.64
CA ALA JA 186 19.09 -58.89 40.04
C ALA JA 186 19.05 -57.57 40.79
N THR JA 187 20.11 -57.25 41.53
CA THR JA 187 20.16 -55.96 42.22
C THR JA 187 20.14 -54.81 41.23
N ILE JA 188 20.99 -54.89 40.20
CA ILE JA 188 21.03 -53.87 39.17
C ILE JA 188 19.72 -53.85 38.38
N THR JA 189 19.09 -55.01 38.22
CA THR JA 189 17.81 -55.07 37.51
C THR JA 189 16.75 -54.26 38.26
N THR JA 190 16.58 -54.53 39.55
CA THR JA 190 15.57 -53.79 40.31
C THR JA 190 15.93 -52.32 40.45
N SER JA 191 17.23 -52.00 40.51
CA SER JA 191 17.61 -50.59 40.58
C SER JA 191 17.26 -49.86 39.29
N LEU JA 192 17.53 -50.49 38.14
CA LEU JA 192 17.17 -49.88 36.87
C LEU JA 192 15.66 -49.74 36.73
N GLN JA 193 14.91 -50.70 37.27
CA GLN JA 193 13.45 -50.63 37.21
C GLN JA 193 12.92 -49.47 38.03
N THR JA 194 13.37 -49.34 39.28
CA THR JA 194 12.88 -48.23 40.09
C THR JA 194 13.33 -46.88 39.55
N ALA JA 195 14.54 -46.80 38.97
CA ALA JA 195 14.99 -45.55 38.40
C ALA JA 195 14.15 -45.16 37.18
N THR JA 196 13.81 -46.14 36.35
CA THR JA 196 12.97 -45.83 35.19
C THR JA 196 11.58 -45.40 35.62
N ASN JA 197 11.03 -46.02 36.66
CA ASN JA 197 9.73 -45.59 37.16
C ASN JA 197 9.79 -44.17 37.71
N LYS JA 198 10.90 -43.81 38.35
CA LYS JA 198 11.05 -42.45 38.85
C LYS JA 198 11.08 -41.45 37.70
N LEU JA 199 11.81 -41.78 36.64
CA LEU JA 199 11.88 -40.87 35.50
C LEU JA 199 10.51 -40.74 34.82
N SER JA 200 9.74 -41.83 34.78
CA SER JA 200 8.40 -41.74 34.20
C SER JA 200 7.48 -40.86 35.03
N SER JA 201 7.59 -40.93 36.37
CA SER JA 201 6.79 -40.04 37.21
C SER JA 201 7.19 -38.59 37.01
N LEU JA 202 8.50 -38.34 36.83
CA LEU JA 202 8.93 -36.96 36.59
C LEU JA 202 8.39 -36.44 35.27
N GLY JA 203 8.35 -37.29 34.24
CA GLY JA 203 7.82 -36.84 32.97
C GLY JA 203 6.33 -36.58 33.01
N THR JA 204 5.59 -37.41 33.75
CA THR JA 204 4.16 -37.16 33.90
C THR JA 204 3.91 -35.86 34.66
N SER JA 205 4.72 -35.57 35.67
CA SER JA 205 4.57 -34.30 36.38
C SER JA 205 4.87 -33.12 35.47
N SER JA 206 5.86 -33.27 34.59
CA SER JA 206 6.16 -32.17 33.67
C SER JA 206 5.03 -31.94 32.68
N VAL JA 207 4.40 -33.02 32.19
CA VAL JA 207 3.27 -32.86 31.28
C VAL JA 207 2.10 -32.18 31.99
N GLY JA 208 1.89 -32.51 33.26
CA GLY JA 208 0.85 -31.84 34.01
C GLY JA 208 1.15 -30.36 34.22
N LEU JA 209 2.43 -30.05 34.43
CA LEU JA 209 2.83 -28.65 34.54
C LEU JA 209 2.56 -27.88 33.26
N ASP JA 210 2.82 -28.50 32.11
CA ASP JA 210 2.58 -27.82 30.84
C ASP JA 210 1.08 -27.59 30.61
N THR JA 211 0.27 -28.59 30.94
CA THR JA 211 -1.17 -28.44 30.74
C THR JA 211 -1.74 -27.37 31.66
N HIS JA 212 -1.28 -27.34 32.92
CA HIS JA 212 -1.72 -26.27 33.80
C HIS JA 212 -1.23 -24.91 33.33
N LEU JA 213 -0.05 -24.86 32.71
CA LEU JA 213 0.43 -23.59 32.16
C LEU JA 213 -0.51 -23.08 31.08
N THR JA 214 -0.95 -23.98 30.20
CA THR JA 214 -1.87 -23.58 29.15
C THR JA 214 -3.20 -23.11 29.73
N PHE JA 215 -3.71 -23.83 30.74
CA PHE JA 215 -4.98 -23.42 31.33
C PHE JA 215 -4.84 -22.08 32.05
N VAL JA 216 -3.69 -21.83 32.68
CA VAL JA 216 -3.50 -20.55 33.35
C VAL JA 216 -3.44 -19.41 32.34
N GLY JA 217 -2.86 -19.66 31.16
CA GLY JA 217 -2.86 -18.62 30.15
C GLY JA 217 -4.25 -18.32 29.63
N LYS JA 218 -5.05 -19.37 29.43
CA LYS JA 218 -6.44 -19.14 29.01
C LYS JA 218 -7.22 -18.41 30.09
N LEU JA 219 -6.97 -18.74 31.36
CA LEU JA 219 -7.66 -18.06 32.46
C LEU JA 219 -7.27 -16.60 32.54
N GLN JA 220 -5.99 -16.29 32.29
CA GLN JA 220 -5.57 -14.89 32.30
C GLN JA 220 -6.23 -14.11 31.18
N ASP JA 221 -6.31 -14.71 29.98
CA ASP JA 221 -7.01 -14.04 28.89
C ASP JA 221 -8.48 -13.84 29.22
N SER JA 222 -9.09 -14.81 29.89
CA SER JA 222 -10.50 -14.67 30.25
C SER JA 222 -10.71 -13.58 31.30
N LEU JA 223 -9.78 -13.46 32.24
CA LEU JA 223 -9.89 -12.39 33.24
C LEU JA 223 -9.72 -11.02 32.60
N ASP JA 224 -8.79 -10.89 31.65
CA ASP JA 224 -8.64 -9.61 30.96
C ASP JA 224 -9.86 -9.30 30.11
N ALA JA 225 -10.45 -10.31 29.48
CA ALA JA 225 -11.68 -10.09 28.71
C ALA JA 225 -12.82 -9.68 29.62
N GLY JA 226 -12.88 -10.21 30.85
CA GLY JA 226 -13.94 -9.82 31.75
C GLY JA 226 -13.78 -8.40 32.28
N VAL JA 227 -12.55 -8.02 32.63
CA VAL JA 227 -12.36 -6.65 33.08
C VAL JA 227 -12.60 -5.67 31.92
N GLY JA 228 -12.30 -6.09 30.69
CA GLY JA 228 -12.61 -5.24 29.55
C GLY JA 228 -14.09 -5.13 29.30
N ASN JA 229 -14.84 -6.21 29.53
CA ASN JA 229 -16.30 -6.12 29.45
C ASN JA 229 -16.84 -5.20 30.54
N LEU JA 230 -16.17 -5.12 31.68
CA LEU JA 230 -16.67 -4.28 32.77
C LEU JA 230 -16.40 -2.80 32.51
N VAL JA 231 -15.16 -2.44 32.15
CA VAL JA 231 -14.81 -1.02 32.17
C VAL JA 231 -15.07 -0.32 30.84
N ASP JA 232 -14.88 -0.99 29.72
CA ASP JA 232 -14.81 -0.29 28.44
C ASP JA 232 -16.17 0.23 27.98
N ALA JA 233 -16.14 1.40 27.34
CA ALA JA 233 -17.30 2.01 26.71
C ALA JA 233 -17.35 1.63 25.24
N ASP JA 234 -18.54 1.77 24.65
CA ASP JA 234 -18.74 1.54 23.22
C ASP JA 234 -18.53 2.87 22.50
N LEU JA 235 -17.34 3.03 21.90
CA LEU JA 235 -16.96 4.32 21.32
C LEU JA 235 -17.84 4.70 20.13
N ALA JA 236 -18.36 3.71 19.41
CA ALA JA 236 -19.15 4.02 18.22
C ALA JA 236 -20.41 4.79 18.55
N LYS JA 237 -21.04 4.49 19.70
CA LYS JA 237 -22.14 5.31 20.18
C LYS JA 237 -21.63 6.70 20.57
N GLU JA 238 -20.43 6.75 21.14
CA GLU JA 238 -19.87 7.99 21.63
C GLU JA 238 -19.57 8.98 20.51
N SER JA 239 -19.31 8.52 19.29
CA SER JA 239 -19.11 9.44 18.18
C SER JA 239 -20.36 10.29 17.94
N ALA JA 240 -21.51 9.62 17.81
CA ALA JA 240 -22.76 10.34 17.59
C ALA JA 240 -23.13 11.18 18.82
N LYS JA 241 -22.91 10.65 20.02
CA LYS JA 241 -23.18 11.47 21.20
C LYS JA 241 -22.29 12.70 21.24
N LEU JA 242 -21.05 12.59 20.77
CA LEU JA 242 -20.14 13.72 20.80
C LEU JA 242 -20.60 14.80 19.83
N GLN JA 243 -20.90 14.41 18.58
CA GLN JA 243 -21.34 15.41 17.61
C GLN JA 243 -22.66 16.05 18.05
N SER JA 244 -23.55 15.25 18.63
CA SER JA 244 -24.83 15.79 19.08
C SER JA 244 -24.64 16.79 20.21
N LEU JA 245 -23.75 16.48 21.16
CA LEU JA 245 -23.49 17.41 22.24
C LEU JA 245 -22.77 18.68 21.78
N GLN JA 246 -21.94 18.59 20.74
CA GLN JA 246 -21.32 19.81 20.23
C GLN JA 246 -22.39 20.74 19.62
N THR JA 247 -23.25 20.18 18.77
CA THR JA 247 -24.30 21.03 18.20
C THR JA 247 -25.28 21.51 19.26
N LYS JA 248 -25.52 20.69 20.29
CA LYS JA 248 -26.36 21.15 21.39
C LYS JA 248 -25.71 22.27 22.17
N GLN JA 249 -24.38 22.25 22.30
CA GLN JA 249 -23.68 23.36 22.92
C GLN JA 249 -23.84 24.62 22.10
N GLN JA 250 -23.79 24.49 20.78
CA GLN JA 250 -23.98 25.67 19.93
C GLN JA 250 -25.40 26.22 20.08
N LEU JA 251 -26.40 25.33 20.06
CA LEU JA 251 -27.79 25.77 20.20
C LEU JA 251 -28.05 26.38 21.56
N GLY JA 252 -27.40 25.86 22.60
CA GLY JA 252 -27.59 26.43 23.93
C GLY JA 252 -26.92 27.79 24.06
N VAL JA 253 -25.79 27.97 23.38
CA VAL JA 253 -25.15 29.28 23.36
C VAL JA 253 -26.06 30.31 22.68
N GLN JA 254 -26.65 29.92 21.55
CA GLN JA 254 -27.55 30.85 20.87
C GLN JA 254 -28.78 31.15 21.71
N ALA JA 255 -29.31 30.14 22.41
CA ALA JA 255 -30.48 30.39 23.24
C ALA JA 255 -30.15 31.29 24.41
N LEU JA 256 -28.96 31.14 24.99
CA LEU JA 256 -28.54 32.04 26.05
C LEU JA 256 -28.36 33.46 25.52
N SER JA 257 -27.89 33.60 24.28
CA SER JA 257 -27.75 34.92 23.70
C SER JA 257 -29.09 35.59 23.49
N ILE JA 258 -30.09 34.82 23.03
CA ILE JA 258 -31.42 35.39 22.88
C ILE JA 258 -32.02 35.75 24.24
N ALA JA 259 -31.76 34.92 25.26
CA ALA JA 259 -32.24 35.23 26.59
C ALA JA 259 -31.58 36.50 27.15
N ASN JA 260 -30.33 36.76 26.76
CA ASN JA 260 -29.69 38.01 27.17
C ASN JA 260 -30.26 39.20 26.40
N GLN JA 261 -30.55 39.02 25.12
CA GLN JA 261 -31.08 40.13 24.33
C GLN JA 261 -32.51 40.49 24.71
N THR JA 262 -33.26 39.54 25.26
CA THR JA 262 -34.68 39.77 25.55
C THR JA 262 -34.96 40.97 26.46
N PRO JA 263 -34.26 41.15 27.60
CA PRO JA 263 -34.54 42.33 28.43
C PRO JA 263 -34.33 43.67 27.72
N GLN JA 264 -33.42 43.72 26.75
CA GLN JA 264 -32.98 45.01 26.20
C GLN JA 264 -34.10 45.76 25.51
N THR JA 265 -35.18 45.07 25.13
CA THR JA 265 -36.28 45.69 24.40
C THR JA 265 -36.98 46.78 25.21
N ILE JA 266 -36.84 46.79 26.53
CA ILE JA 266 -37.53 47.78 27.36
C ILE JA 266 -37.10 49.19 26.99
N LEU JA 267 -35.89 49.36 26.45
CA LEU JA 267 -35.37 50.70 26.17
C LEU JA 267 -36.24 51.46 25.18
N SER JA 268 -36.93 50.75 24.29
CA SER JA 268 -37.71 51.42 23.25
C SER JA 268 -38.95 52.11 23.80
N LEU JA 269 -39.42 51.73 24.98
CA LEU JA 269 -40.64 52.27 25.54
C LEU JA 269 -40.48 53.68 26.09
N PHE JA 270 -39.24 54.14 26.27
CA PHE JA 270 -38.99 55.46 26.83
C PHE JA 270 -38.32 56.37 25.81
N LEU KA 1 -66.95 85.06 48.92
CA LEU KA 1 -66.62 84.24 47.75
C LEU KA 1 -65.64 84.97 46.83
N ASN KA 2 -66.03 86.16 46.39
CA ASN KA 2 -65.21 86.96 45.49
C ASN KA 2 -64.18 87.75 46.29
N SER KA 3 -63.24 87.04 46.91
CA SER KA 3 -62.29 87.64 47.85
C SER KA 3 -60.95 87.88 47.16
N ILE KA 4 -60.46 89.12 47.22
CA ILE KA 4 -59.08 89.39 46.87
C ILE KA 4 -58.11 88.84 47.91
N ASN KA 5 -58.55 88.71 49.16
CA ASN KA 5 -57.68 88.32 50.26
C ASN KA 5 -57.29 86.84 50.24
N THR KA 6 -58.09 85.98 49.61
CA THR KA 6 -57.81 84.56 49.64
C THR KA 6 -58.44 83.86 48.43
N ASN KA 7 -57.75 82.84 47.94
CA ASN KA 7 -58.16 82.06 46.77
C ASN KA 7 -58.02 80.57 47.09
N PRO KA 8 -59.00 79.99 47.78
CA PRO KA 8 -58.88 78.57 48.16
C PRO KA 8 -58.73 77.62 46.97
N GLY KA 9 -59.34 77.95 45.82
CA GLY KA 9 -59.20 77.09 44.66
C GLY KA 9 -57.77 76.94 44.20
N ALA KA 10 -56.98 78.01 44.34
CA ALA KA 10 -55.55 77.89 44.06
C ALA KA 10 -54.88 76.95 45.05
N LEU KA 11 -55.35 76.90 46.29
CA LEU KA 11 -54.78 75.97 47.26
C LEU KA 11 -55.10 74.53 46.87
N LEU KA 12 -56.34 74.28 46.45
CA LEU KA 12 -56.68 72.92 46.01
C LEU KA 12 -55.93 72.53 44.74
N ALA KA 13 -55.70 73.50 43.84
CA ALA KA 13 -54.93 73.20 42.64
C ALA KA 13 -53.48 72.90 42.98
N LEU KA 14 -52.91 73.63 43.94
CA LEU KA 14 -51.56 73.33 44.38
C LEU KA 14 -51.48 71.97 45.06
N GLN KA 15 -52.55 71.59 45.77
CA GLN KA 15 -52.58 70.28 46.41
C GLN KA 15 -52.58 69.16 45.37
N ASN KA 16 -53.44 69.30 44.35
CA ASN KA 16 -53.46 68.28 43.29
C ASN KA 16 -52.15 68.25 42.52
N LEU KA 17 -51.54 69.41 42.29
CA LEU KA 17 -50.27 69.43 41.56
C LEU KA 17 -49.16 68.81 42.38
N ASN KA 18 -49.15 69.04 43.70
CA ASN KA 18 -48.15 68.40 44.55
C ASN KA 18 -48.36 66.90 44.64
N SER KA 19 -49.62 66.44 44.62
CA SER KA 19 -49.85 65.00 44.58
C SER KA 19 -49.34 64.39 43.28
N THR KA 20 -49.55 65.11 42.16
CA THR KA 20 -49.01 64.62 40.89
C THR KA 20 -47.49 64.62 40.90
N ASN KA 21 -46.87 65.62 41.53
CA ASN KA 21 -45.41 65.65 41.61
C ASN KA 21 -44.88 64.50 42.48
N THR KA 22 -45.58 64.17 43.56
CA THR KA 22 -45.13 63.04 44.38
C THR KA 22 -45.28 61.73 43.63
N GLU KA 23 -46.37 61.58 42.86
CA GLU KA 23 -46.52 60.36 42.06
C GLU KA 23 -45.45 60.28 40.98
N LEU KA 24 -45.08 61.42 40.40
CA LEU KA 24 -44.03 61.42 39.38
C LEU KA 24 -42.68 61.09 39.98
N ALA KA 25 -42.39 61.60 41.18
CA ALA KA 25 -41.14 61.26 41.85
C ALA KA 25 -41.11 59.77 42.21
N ALA KA 26 -42.25 59.22 42.60
CA ALA KA 26 -42.31 57.80 42.93
C ALA KA 26 -42.05 56.93 41.70
N THR KA 27 -42.72 57.25 40.58
CA THR KA 27 -42.52 56.44 39.39
C THR KA 27 -41.12 56.63 38.81
N GLN KA 28 -40.54 57.84 38.91
CA GLN KA 28 -39.18 58.02 38.43
C GLN KA 28 -38.17 57.28 39.30
N GLY KA 29 -38.45 57.15 40.60
CA GLY KA 29 -37.59 56.33 41.44
C GLY KA 29 -37.73 54.85 41.11
N ARG KA 30 -38.95 54.42 40.79
CA ARG KA 30 -39.14 53.05 40.35
C ARG KA 30 -38.43 52.80 39.02
N ILE KA 31 -38.32 53.83 38.19
CA ILE KA 31 -37.68 53.67 36.88
C ILE KA 31 -36.16 53.61 37.03
N ASN KA 32 -35.57 54.58 37.73
CA ASN KA 32 -34.13 54.61 37.84
C ASN KA 32 -33.61 53.47 38.71
N THR KA 33 -34.42 52.98 39.65
CA THR KA 33 -33.98 51.86 40.46
C THR KA 33 -34.37 50.51 39.85
N GLY KA 34 -35.51 50.44 39.17
CA GLY KA 34 -36.00 49.18 38.66
C GLY KA 34 -36.72 48.34 39.68
N LYS KA 35 -36.93 48.86 40.89
CA LYS KA 35 -37.53 48.12 42.00
C LYS KA 35 -38.67 48.92 42.56
N LYS KA 36 -39.85 48.29 42.67
CA LYS KA 36 -40.97 48.94 43.35
C LYS KA 36 -40.82 48.91 44.86
N VAL KA 37 -39.91 48.11 45.40
CA VAL KA 37 -39.58 48.13 46.82
C VAL KA 37 -38.08 48.36 46.95
N ALA KA 38 -37.63 49.54 46.51
CA ALA KA 38 -36.20 49.82 46.44
C ALA KA 38 -35.54 49.86 47.82
N ASN KA 39 -36.29 50.23 48.85
CA ASN KA 39 -35.71 50.38 50.18
C ASN KA 39 -36.82 50.23 51.22
N ALA KA 40 -36.45 50.39 52.49
CA ALA KA 40 -37.38 50.13 53.58
C ALA KA 40 -38.59 51.05 53.55
N LYS KA 41 -38.44 52.28 53.05
CA LYS KA 41 -39.56 53.21 53.04
C LYS KA 41 -40.68 52.76 52.10
N ASP KA 42 -40.37 52.03 51.03
CA ASP KA 42 -41.40 51.63 50.09
C ASP KA 42 -42.36 50.62 50.71
N ASN KA 43 -41.84 49.64 51.44
CA ASN KA 43 -42.64 48.62 52.10
C ASN KA 43 -41.71 47.78 52.96
N GLY KA 44 -41.78 47.97 54.29
CA GLY KA 44 -40.75 47.42 55.15
C GLY KA 44 -40.78 45.90 55.25
N ALA KA 45 -41.98 45.31 55.25
CA ALA KA 45 -42.08 43.87 55.43
C ALA KA 45 -41.51 43.11 54.24
N ILE KA 46 -41.94 43.48 53.03
CA ILE KA 46 -41.42 42.84 51.83
C ILE KA 46 -39.93 43.14 51.67
N TRP KA 47 -39.50 44.34 52.09
CA TRP KA 47 -38.08 44.65 52.01
C TRP KA 47 -37.26 43.77 52.95
N SER KA 48 -37.79 43.49 54.14
CA SER KA 48 -37.06 42.61 55.06
C SER KA 48 -37.02 41.18 54.54
N MET KA 49 -38.14 40.70 53.98
CA MET KA 49 -38.14 39.36 53.41
C MET KA 49 -37.14 39.25 52.26
N ALA KA 50 -37.11 40.26 51.38
CA ALA KA 50 -36.17 40.23 50.27
C ALA KA 50 -34.74 40.38 50.74
N LYS KA 51 -34.50 41.12 51.83
CA LYS KA 51 -33.14 41.26 52.33
C LYS KA 51 -32.65 39.95 52.91
N MET KA 52 -33.48 39.28 53.70
CA MET KA 52 -33.07 37.98 54.25
C MET KA 52 -32.89 36.95 53.14
N GLN KA 53 -33.72 37.02 52.09
CA GLN KA 53 -33.59 36.07 50.99
C GLN KA 53 -32.33 36.32 50.20
N SER KA 54 -32.01 37.58 49.92
CA SER KA 54 -30.78 37.91 49.20
C SER KA 54 -29.56 37.55 50.03
N ALA KA 55 -29.64 37.69 51.35
CA ALA KA 55 -28.52 37.29 52.19
C ALA KA 55 -28.32 35.78 52.18
N THR KA 56 -29.42 35.03 52.26
CA THR KA 56 -29.33 33.57 52.21
C THR KA 56 -28.81 33.11 50.85
N ALA KA 57 -29.16 33.83 49.79
CA ALA KA 57 -28.66 33.49 48.46
C ALA KA 57 -27.17 33.81 48.32
N SER KA 58 -26.74 34.95 48.87
CA SER KA 58 -25.34 35.32 48.82
C SER KA 58 -24.47 34.37 49.65
N SER KA 59 -25.04 33.79 50.70
CA SER KA 59 -24.26 32.90 51.56
C SER KA 59 -23.84 31.61 50.85
N LEU KA 60 -24.55 31.20 49.80
CA LEU KA 60 -24.31 29.90 49.18
C LEU KA 60 -23.00 29.83 48.41
N ASN KA 61 -22.41 30.97 48.04
CA ASN KA 61 -21.16 30.92 47.29
C ASN KA 61 -20.05 30.29 48.12
N SER KA 62 -20.02 30.56 49.42
CA SER KA 62 -19.02 29.93 50.28
C SER KA 62 -19.25 28.43 50.37
N VAL KA 63 -20.51 28.00 50.37
CA VAL KA 63 -20.80 26.56 50.36
C VAL KA 63 -20.32 25.93 49.07
N LYS KA 64 -20.47 26.65 47.95
CA LYS KA 64 -19.99 26.12 46.68
C LYS KA 64 -18.47 26.01 46.67
N ASP KA 65 -17.78 27.01 47.24
CA ASP KA 65 -16.32 26.91 47.32
C ASP KA 65 -15.91 25.77 48.23
N SER KA 66 -16.66 25.50 49.30
CA SER KA 66 -16.34 24.38 50.18
C SER KA 66 -16.53 23.05 49.48
N LEU KA 67 -17.60 22.92 48.70
CA LEU KA 67 -17.83 21.67 47.96
C LEU KA 67 -16.76 21.47 46.90
N GLN KA 68 -16.34 22.54 46.22
CA GLN KA 68 -15.26 22.42 45.25
C GLN KA 68 -13.95 22.05 45.93
N ARG KA 69 -13.71 22.60 47.14
CA ARG KA 69 -12.53 22.21 47.89
C ARG KA 69 -12.58 20.75 48.30
N GLY KA 70 -13.77 20.23 48.60
CA GLY KA 70 -13.86 18.82 48.95
C GLY KA 70 -13.63 17.91 47.77
N GLN KA 71 -14.12 18.31 46.59
CA GLN KA 71 -13.82 17.52 45.40
C GLN KA 71 -12.34 17.57 45.06
N SER KA 72 -11.71 18.74 45.19
CA SER KA 72 -10.28 18.85 44.93
C SER KA 72 -9.47 18.05 45.95
N THR KA 73 -9.97 17.93 47.18
CA THR KA 73 -9.27 17.13 48.19
C THR KA 73 -9.40 15.64 47.92
N ILE KA 74 -10.59 15.19 47.47
CA ILE KA 74 -10.75 13.78 47.12
C ILE KA 74 -9.96 13.43 45.86
N ASP KA 75 -9.71 14.43 44.99
CA ASP KA 75 -8.98 14.14 43.74
C ASP KA 75 -7.58 13.62 44.03
N VAL KA 76 -6.84 14.31 44.91
CA VAL KA 76 -5.47 13.89 45.19
C VAL KA 76 -5.46 12.55 45.92
N ALA KA 77 -6.48 12.28 46.73
CA ALA KA 77 -6.55 10.98 47.40
C ALA KA 77 -6.74 9.85 46.40
N LEU KA 78 -7.62 10.06 45.41
CA LEU KA 78 -7.78 9.04 44.37
C LEU KA 78 -6.53 8.91 43.53
N ALA KA 79 -5.83 10.01 43.28
CA ALA KA 79 -4.59 9.95 42.53
C ALA KA 79 -3.49 9.19 43.25
N ALA KA 80 -3.42 9.29 44.58
CA ALA KA 80 -2.46 8.49 45.32
C ALA KA 80 -2.93 7.05 45.49
N GLY KA 81 -4.26 6.83 45.47
CA GLY KA 81 -4.75 5.46 45.49
C GLY KA 81 -4.46 4.73 44.20
N ASP KA 82 -4.40 5.46 43.09
CA ASP KA 82 -3.97 4.84 41.84
C ASP KA 82 -2.56 4.30 41.95
N THR KA 83 -1.71 4.93 42.78
CA THR KA 83 -0.39 4.39 43.06
C THR KA 83 -0.44 3.24 44.06
N ILE KA 84 -1.21 3.41 45.14
CA ILE KA 84 -1.20 2.43 46.21
C ILE KA 84 -1.74 1.08 45.74
N THR KA 85 -2.73 1.10 44.84
CA THR KA 85 -3.26 -0.16 44.34
C THR KA 85 -2.24 -0.89 43.47
N ASP KA 86 -1.54 -0.17 42.59
CA ASP KA 86 -0.51 -0.80 41.79
C ASP KA 86 0.62 -1.32 42.67
N LEU KA 87 0.94 -0.60 43.74
CA LEU KA 87 2.03 -1.04 44.60
C LEU KA 87 1.63 -2.30 45.35
N LEU KA 88 0.40 -2.36 45.86
CA LEU KA 88 -0.05 -3.58 46.52
C LEU KA 88 -0.12 -4.75 45.56
N THR KA 89 -0.48 -4.49 44.30
CA THR KA 89 -0.51 -5.57 43.31
C THR KA 89 0.90 -6.10 43.06
N LYS KA 90 1.88 -5.20 43.02
CA LYS KA 90 3.26 -5.66 42.84
C LYS KA 90 3.79 -6.41 44.06
N MET KA 91 3.40 -6.01 45.28
CA MET KA 91 3.81 -6.80 46.44
C MET KA 91 3.15 -8.18 46.44
N LYS KA 92 1.89 -8.26 46.00
CA LYS KA 92 1.27 -9.57 45.89
C LYS KA 92 1.99 -10.41 44.85
N GLU KA 93 2.42 -9.78 43.76
CA GLU KA 93 3.23 -10.46 42.75
C GLU KA 93 4.52 -11.02 43.37
N LYS KA 94 5.25 -10.17 44.09
CA LYS KA 94 6.54 -10.58 44.62
C LYS KA 94 6.39 -11.69 45.65
N ALA KA 95 5.48 -11.52 46.61
CA ALA KA 95 5.30 -12.54 47.63
C ALA KA 95 4.77 -13.85 47.05
N LEU KA 96 3.88 -13.76 46.06
CA LEU KA 96 3.32 -14.97 45.49
C LEU KA 96 4.37 -15.73 44.69
N ALA KA 97 5.27 -15.01 44.00
CA ALA KA 97 6.40 -15.65 43.36
C ALA KA 97 7.39 -16.20 44.38
N ALA KA 98 7.50 -15.55 45.55
CA ALA KA 98 8.45 -15.95 46.57
C ALA KA 98 7.94 -17.09 47.44
N SER KA 99 6.67 -17.47 47.30
CA SER KA 99 6.13 -18.61 48.03
C SER KA 99 6.79 -19.93 47.65
N ASP KA 100 7.38 -20.02 46.46
CA ASP KA 100 8.00 -21.26 46.01
C ASP KA 100 9.19 -21.67 46.86
N THR KA 101 9.28 -22.98 47.13
CA THR KA 101 10.53 -23.56 47.60
C THR KA 101 11.52 -23.76 46.46
N SER KA 102 11.05 -23.68 45.22
CA SER KA 102 11.89 -23.99 44.06
C SER KA 102 12.97 -22.96 43.82
N LEU KA 103 12.80 -21.74 44.31
CA LEU KA 103 13.84 -20.74 44.15
C LEU KA 103 15.01 -21.04 45.08
N ASN KA 104 16.22 -20.73 44.61
CA ASN KA 104 17.38 -20.71 45.48
C ASN KA 104 17.32 -19.48 46.37
N THR KA 105 18.08 -19.53 47.47
CA THR KA 105 17.99 -18.48 48.48
C THR KA 105 18.29 -17.10 47.91
N ALA KA 106 19.14 -17.03 46.88
CA ALA KA 106 19.54 -15.73 46.34
C ALA KA 106 18.35 -15.00 45.71
N SER KA 107 17.61 -15.69 44.85
CA SER KA 107 16.43 -15.08 44.24
C SER KA 107 15.37 -14.77 45.29
N PHE KA 108 15.29 -15.57 46.35
CA PHE KA 108 14.34 -15.28 47.42
C PHE KA 108 14.70 -13.99 48.13
N ASN KA 109 16.00 -13.78 48.41
CA ASN KA 109 16.42 -12.51 48.98
C ASN KA 109 16.17 -11.36 48.02
N ALA KA 110 16.28 -11.61 46.72
CA ALA KA 110 16.00 -10.57 45.74
C ALA KA 110 14.54 -10.13 45.82
N LEU KA 111 13.61 -11.09 45.74
CA LEU KA 111 12.20 -10.75 45.83
C LEU KA 111 11.86 -10.14 47.18
N LYS KA 112 12.54 -10.57 48.25
CA LYS KA 112 12.30 -9.99 49.56
C LYS KA 112 12.70 -8.52 49.59
N ALA KA 113 13.87 -8.20 49.01
CA ALA KA 113 14.30 -6.80 48.98
C ALA KA 113 13.36 -5.96 48.12
N ASP KA 114 12.85 -6.52 47.03
CA ASP KA 114 11.86 -5.79 46.25
C ASP KA 114 10.58 -5.56 47.05
N PHE KA 115 10.20 -6.53 47.89
CA PHE KA 115 9.00 -6.36 48.70
C PHE KA 115 9.22 -5.25 49.74
N GLU KA 116 10.42 -5.19 50.33
CA GLU KA 116 10.70 -4.12 51.29
C GLU KA 116 10.66 -2.76 50.60
N SER KA 117 11.22 -2.67 49.40
CA SER KA 117 11.24 -1.40 48.70
C SER KA 117 9.84 -0.96 48.31
N LEU KA 118 9.01 -1.91 47.85
CA LEU KA 118 7.63 -1.57 47.50
C LEU KA 118 6.84 -1.14 48.72
N ARG KA 119 7.10 -1.76 49.88
CA ARG KA 119 6.38 -1.36 51.08
C ARG KA 119 6.77 0.05 51.52
N ASP KA 120 8.06 0.37 51.44
CA ASP KA 120 8.47 1.73 51.79
C ASP KA 120 7.89 2.75 50.83
N GLN KA 121 7.86 2.42 49.54
CA GLN KA 121 7.28 3.35 48.57
C GLN KA 121 5.78 3.50 48.76
N LEU KA 122 5.08 2.44 49.20
CA LEU KA 122 3.67 2.60 49.51
C LEU KA 122 3.48 3.51 50.71
N GLN KA 123 4.32 3.39 51.72
CA GLN KA 123 4.18 4.30 52.85
C GLN KA 123 4.45 5.75 52.44
N LYS KA 124 5.40 5.95 51.54
CA LYS KA 124 5.69 7.31 51.09
C LYS KA 124 4.56 7.88 50.24
N ALA KA 125 4.04 7.08 49.31
CA ALA KA 125 2.93 7.54 48.47
C ALA KA 125 1.68 7.77 49.30
N ALA KA 126 1.52 7.04 50.40
CA ALA KA 126 0.39 7.25 51.28
C ALA KA 126 0.54 8.52 52.09
N THR KA 127 1.73 8.79 52.66
CA THR KA 127 1.89 9.99 53.47
C THR KA 127 1.99 11.26 52.63
N ASN KA 128 2.30 11.16 51.35
CA ASN KA 128 2.45 12.34 50.50
C ASN KA 128 1.12 12.86 49.97
N ALA KA 129 0.00 12.16 50.21
CA ALA KA 129 -1.30 12.57 49.66
C ALA KA 129 -1.97 13.55 50.61
N LYS KA 130 -1.96 14.82 50.20
CA LYS KA 130 -2.66 15.87 50.93
C LYS KA 130 -2.84 17.08 50.03
N PHE KA 131 -3.85 17.89 50.36
CA PHE KA 131 -4.20 19.09 49.60
C PHE KA 131 -4.42 20.22 50.60
N ASN KA 132 -3.58 21.25 50.53
CA ASN KA 132 -3.63 22.39 51.44
C ASN KA 132 -3.50 21.95 52.90
N GLY KA 133 -2.81 20.84 53.13
CA GLY KA 133 -2.56 20.33 54.46
C GLY KA 133 -3.59 19.37 55.00
N VAL KA 134 -4.77 19.31 54.42
CA VAL KA 134 -5.78 18.36 54.82
C VAL KA 134 -5.73 17.17 53.88
N SER KA 135 -6.21 16.02 54.34
CA SER KA 135 -6.11 14.80 53.55
C SER KA 135 -7.20 13.83 53.98
N LEU KA 136 -7.53 12.91 53.09
CA LEU KA 136 -8.51 11.86 53.34
C LEU KA 136 -7.90 10.49 53.06
N ALA KA 137 -6.59 10.36 53.27
CA ALA KA 137 -5.91 9.11 52.98
C ALA KA 137 -4.81 8.81 53.98
N ASP KA 138 -4.17 9.86 54.50
CA ASP KA 138 -3.05 9.69 55.42
C ASP KA 138 -3.49 9.40 56.86
N GLY KA 139 -4.78 9.52 57.16
CA GLY KA 139 -5.25 9.28 58.51
C GLY KA 139 -5.06 10.43 59.47
N SER KA 140 -4.77 11.63 58.96
CA SER KA 140 -4.52 12.76 59.84
C SER KA 140 -5.75 13.14 60.66
N THR KA 141 -6.95 12.83 60.17
CA THR KA 141 -8.17 13.12 60.91
C THR KA 141 -9.23 12.10 60.53
N THR KA 142 -10.18 11.90 61.45
CA THR KA 142 -11.23 10.92 61.22
C THR KA 142 -12.18 11.32 60.09
N LYS KA 143 -12.37 12.62 59.87
CA LYS KA 143 -13.35 13.08 58.89
C LYS KA 143 -13.16 14.56 58.61
N LEU KA 144 -13.61 14.99 57.44
CA LEU KA 144 -13.66 16.39 57.07
C LEU KA 144 -15.11 16.82 56.93
N SER KA 145 -15.38 18.11 57.19
CA SER KA 145 -16.75 18.62 57.33
C SER KA 145 -16.94 19.84 56.42
N PHE KA 146 -17.20 19.59 55.15
CA PHE KA 146 -17.55 20.64 54.22
C PHE KA 146 -18.99 21.09 54.40
N LEU KA 147 -19.25 22.37 54.10
CA LEU KA 147 -20.58 22.93 54.28
C LEU KA 147 -21.55 22.36 53.27
N ALA KA 148 -22.83 22.31 53.65
CA ALA KA 148 -23.89 21.85 52.78
C ALA KA 148 -25.04 22.83 52.61
N ASN KA 149 -25.16 23.83 53.48
CA ASN KA 149 -26.24 24.79 53.39
C ASN KA 149 -25.80 26.07 54.09
N GLU KA 150 -26.53 27.15 53.83
CA GLU KA 150 -26.15 28.46 54.36
C GLU KA 150 -26.24 28.51 55.89
N ASP KA 151 -27.02 27.63 56.50
CA ASP KA 151 -27.18 27.61 57.95
C ASP KA 151 -26.03 26.94 58.67
N GLY KA 152 -25.08 26.36 57.93
CA GLY KA 152 -23.95 25.69 58.54
C GLY KA 152 -24.08 24.18 58.63
N SER KA 153 -25.09 23.58 58.03
CA SER KA 153 -25.19 22.13 57.99
C SER KA 153 -24.01 21.56 57.22
N ASN KA 154 -23.46 20.45 57.72
CA ASN KA 154 -22.19 19.93 57.23
C ASN KA 154 -22.40 18.77 56.27
N PHE KA 155 -21.41 18.57 55.40
CA PHE KA 155 -21.34 17.43 54.50
C PHE KA 155 -20.15 16.58 54.94
N THR KA 156 -20.36 15.74 55.94
CA THR KA 156 -19.27 14.93 56.49
C THR KA 156 -18.76 13.95 55.44
N VAL KA 157 -17.44 13.83 55.35
CA VAL KA 157 -16.77 12.90 54.46
C VAL KA 157 -15.79 12.09 55.31
N THR KA 158 -16.10 10.82 55.54
CA THR KA 158 -15.24 9.98 56.37
C THR KA 158 -13.89 9.77 55.70
N ALA KA 159 -12.83 9.89 56.48
CA ALA KA 159 -11.49 9.64 55.98
C ALA KA 159 -11.26 8.15 55.78
N GLN KA 160 -10.38 7.82 54.84
CA GLN KA 160 -10.06 6.43 54.52
C GLN KA 160 -8.53 6.31 54.59
N THR KA 161 -8.03 5.78 55.70
CA THR KA 161 -6.60 5.79 55.98
C THR KA 161 -5.86 4.80 55.09
N LEU KA 162 -5.21 5.30 54.04
CA LEU KA 162 -4.45 4.48 53.12
C LEU KA 162 -3.00 4.27 53.57
N SER KA 163 -2.62 4.82 54.71
CA SER KA 163 -1.29 4.58 55.24
C SER KA 163 -1.13 3.11 55.60
N LEU KA 164 0.11 2.66 55.63
CA LEU KA 164 0.42 1.24 55.77
C LEU KA 164 -0.33 0.60 56.93
N THR KA 165 -0.40 1.30 58.06
CA THR KA 165 -1.14 0.76 59.20
C THR KA 165 -2.62 0.65 58.91
N GLY KA 166 -3.17 1.55 58.07
CA GLY KA 166 -4.59 1.53 57.80
C GLY KA 166 -5.02 0.45 56.83
N ILE KA 167 -4.11 -0.06 56.00
CA ILE KA 167 -4.45 -1.17 55.11
C ILE KA 167 -4.18 -2.52 55.75
N GLY KA 168 -3.70 -2.55 57.00
CA GLY KA 168 -3.41 -3.78 57.69
C GLY KA 168 -1.96 -4.18 57.74
N LEU KA 169 -1.09 -3.50 57.00
CA LEU KA 169 0.33 -3.81 57.02
C LEU KA 169 1.01 -2.99 58.12
N THR KA 170 2.26 -3.35 58.44
CA THR KA 170 3.07 -2.57 59.35
C THR KA 170 4.35 -2.17 58.62
N ALA KA 171 5.06 -1.18 59.19
CA ALA KA 171 6.26 -0.67 58.55
C ALA KA 171 7.33 -1.75 58.43
N THR KA 172 7.35 -2.72 59.34
CA THR KA 172 8.31 -3.80 59.32
C THR KA 172 7.78 -5.08 58.67
N SER KA 173 6.56 -5.06 58.14
CA SER KA 173 5.98 -6.29 57.60
C SER KA 173 6.80 -6.81 56.43
N THR KA 174 7.05 -8.11 56.43
CA THR KA 174 7.81 -8.78 55.38
C THR KA 174 7.66 -10.28 55.57
N PHE KA 175 8.00 -11.01 54.52
CA PHE KA 175 8.11 -12.46 54.59
C PHE KA 175 9.56 -12.87 54.78
N THR KA 176 9.77 -13.94 55.55
CA THR KA 176 11.10 -14.46 55.83
C THR KA 176 11.43 -15.75 55.10
N ASP KA 177 10.48 -16.68 55.00
CA ASP KA 177 10.69 -17.92 54.26
C ASP KA 177 9.45 -18.14 53.39
N ALA KA 178 9.41 -19.29 52.70
CA ALA KA 178 8.30 -19.57 51.81
C ALA KA 178 6.96 -19.66 52.55
N ALA KA 179 6.97 -20.15 53.78
CA ALA KA 179 5.73 -20.23 54.55
C ALA KA 179 5.22 -18.84 54.92
N THR KA 180 6.13 -17.96 55.36
CA THR KA 180 5.75 -16.58 55.62
C THR KA 180 5.33 -15.85 54.35
N ALA KA 181 5.88 -16.22 53.19
CA ALA KA 181 5.43 -15.60 51.95
C ALA KA 181 4.01 -16.06 51.60
N LYS KA 182 3.72 -17.34 51.79
CA LYS KA 182 2.37 -17.82 51.55
C LYS KA 182 1.38 -17.20 52.53
N THR KA 183 1.81 -16.93 53.76
CA THR KA 183 0.95 -16.22 54.69
C THR KA 183 0.75 -14.76 54.28
N MET KA 184 1.82 -14.12 53.79
CA MET KA 184 1.76 -12.73 53.38
C MET KA 184 0.92 -12.53 52.13
N ILE KA 185 0.75 -13.58 51.31
CA ILE KA 185 -0.07 -13.44 50.11
C ILE KA 185 -1.49 -12.99 50.49
N ALA KA 186 -2.10 -13.68 51.46
CA ALA KA 186 -3.45 -13.33 51.87
C ALA KA 186 -3.51 -11.96 52.54
N THR KA 187 -2.45 -11.58 53.26
CA THR KA 187 -2.43 -10.28 53.89
C THR KA 187 -2.37 -9.16 52.87
N ILE KA 188 -1.53 -9.31 51.84
CA ILE KA 188 -1.48 -8.31 50.78
C ILE KA 188 -2.80 -8.29 50.02
N THR KA 189 -3.45 -9.45 49.87
CA THR KA 189 -4.74 -9.49 49.19
C THR KA 189 -5.81 -8.73 49.95
N THR KA 190 -5.94 -8.98 51.26
CA THR KA 190 -6.94 -8.26 52.03
C THR KA 190 -6.60 -6.78 52.15
N SER KA 191 -5.31 -6.42 52.15
CA SER KA 191 -4.95 -5.01 52.17
C SER KA 191 -5.35 -4.33 50.87
N LEU KA 192 -5.14 -5.00 49.74
CA LEU KA 192 -5.59 -4.44 48.46
C LEU KA 192 -7.10 -4.32 48.44
N GLN KA 193 -7.80 -5.28 49.03
CA GLN KA 193 -9.26 -5.24 49.03
C GLN KA 193 -9.77 -4.05 49.86
N THR KA 194 -9.22 -3.87 51.06
CA THR KA 194 -9.68 -2.76 51.89
C THR KA 194 -9.29 -1.42 51.29
N ALA KA 195 -8.12 -1.31 50.65
CA ALA KA 195 -7.75 -0.05 50.02
C ALA KA 195 -8.67 0.27 48.84
N THR KA 196 -9.06 -0.77 48.09
CA THR KA 196 -9.96 -0.54 46.96
C THR KA 196 -11.35 -0.12 47.46
N ASN KA 197 -11.84 -0.74 48.53
CA ASN KA 197 -13.12 -0.31 49.08
C ASN KA 197 -13.05 1.12 49.61
N LYS KA 198 -11.91 1.50 50.20
CA LYS KA 198 -11.76 2.87 50.66
C LYS KA 198 -11.80 3.86 49.51
N LEU KA 199 -11.11 3.55 48.41
CA LEU KA 199 -11.15 4.43 47.25
C LEU KA 199 -12.54 4.50 46.64
N SER KA 200 -13.28 3.39 46.68
CA SER KA 200 -14.63 3.41 46.14
C SER KA 200 -15.55 4.30 46.98
N SER KA 201 -15.42 4.23 48.30
CA SER KA 201 -16.22 5.11 49.15
C SER KA 201 -15.83 6.57 48.95
N LEU KA 202 -14.53 6.84 48.73
CA LEU KA 202 -14.11 8.22 48.49
C LEU KA 202 -14.69 8.75 47.19
N GLY KA 203 -14.73 7.90 46.15
CA GLY KA 203 -15.29 8.36 44.89
C GLY KA 203 -16.80 8.57 44.98
N THR KA 204 -17.49 7.72 45.72
CA THR KA 204 -18.92 7.94 45.91
C THR KA 204 -19.20 9.23 46.68
N SER KA 205 -18.38 9.53 47.70
CA SER KA 205 -18.54 10.79 48.40
C SER KA 205 -18.26 11.98 47.50
N SER KA 206 -17.30 11.84 46.57
CA SER KA 206 -17.02 12.93 45.64
C SER KA 206 -18.18 13.17 44.69
N VAL KA 207 -18.80 12.10 44.19
CA VAL KA 207 -19.96 12.26 43.32
C VAL KA 207 -21.12 12.88 44.10
N GLY KA 208 -21.26 12.54 45.38
CA GLY KA 208 -22.30 13.17 46.18
C GLY KA 208 -22.02 14.65 46.39
N LEU KA 209 -20.75 15.01 46.56
CA LEU KA 209 -20.39 16.42 46.68
C LEU KA 209 -20.72 17.18 45.41
N ASP KA 210 -20.44 16.59 44.24
CA ASP KA 210 -20.75 17.28 42.99
C ASP KA 210 -22.25 17.44 42.79
N THR KA 211 -23.02 16.41 43.16
CA THR KA 211 -24.47 16.51 43.01
C THR KA 211 -25.04 17.56 43.96
N HIS KA 212 -24.51 17.64 45.18
CA HIS KA 212 -24.96 18.70 46.08
C HIS KA 212 -24.54 20.07 45.58
N LEU KA 213 -23.40 20.16 44.89
CA LEU KA 213 -23.01 21.43 44.29
C LEU KA 213 -24.00 21.87 43.23
N THR KA 214 -24.44 20.94 42.39
CA THR KA 214 -25.44 21.27 41.39
C THR KA 214 -26.76 21.69 42.05
N PHE KA 215 -27.14 21.01 43.12
CA PHE KA 215 -28.38 21.40 43.80
C PHE KA 215 -28.27 22.77 44.44
N VAL KA 216 -27.10 23.10 44.99
CA VAL KA 216 -26.90 24.43 45.55
C VAL KA 216 -26.97 25.49 44.47
N GLY KA 217 -26.49 25.17 43.26
CA GLY KA 217 -26.61 26.13 42.18
C GLY KA 217 -28.05 26.37 41.77
N LYS KA 218 -28.84 25.29 41.69
CA LYS KA 218 -30.26 25.45 41.37
C LYS KA 218 -30.98 26.22 42.47
N LEU KA 219 -30.58 26.00 43.73
CA LEU KA 219 -31.20 26.73 44.84
C LEU KA 219 -30.86 28.21 44.78
N GLN KA 220 -29.62 28.55 44.42
CA GLN KA 220 -29.26 29.95 44.28
C GLN KA 220 -30.04 30.60 43.15
N ASP KA 221 -30.27 29.85 42.07
CA ASP KA 221 -31.13 30.35 40.99
C ASP KA 221 -32.52 30.67 41.52
N SER KA 222 -33.10 29.74 42.28
CA SER KA 222 -34.45 29.97 42.77
C SER KA 222 -34.50 31.12 43.76
N LEU KA 223 -33.45 31.30 44.57
CA LEU KA 223 -33.45 32.38 45.57
C LEU KA 223 -33.30 33.75 44.92
N ASP KA 224 -32.37 33.88 43.97
CA ASP KA 224 -32.22 35.15 43.28
C ASP KA 224 -33.47 35.46 42.45
N ALA KA 225 -34.08 34.45 41.83
CA ALA KA 225 -35.31 34.69 41.09
C ALA KA 225 -36.44 35.12 42.02
N GLY KA 226 -36.53 34.54 43.22
CA GLY KA 226 -37.59 34.92 44.13
C GLY KA 226 -37.41 36.30 44.71
N VAL KA 227 -36.18 36.68 45.05
CA VAL KA 227 -35.98 38.03 45.58
C VAL KA 227 -36.22 39.07 44.49
N GLY KA 228 -35.81 38.77 43.26
CA GLY KA 228 -36.08 39.71 42.18
C GLY KA 228 -37.56 39.80 41.84
N ASN KA 229 -38.26 38.67 41.89
CA ASN KA 229 -39.69 38.69 41.67
C ASN KA 229 -40.41 39.43 42.79
N LEU KA 230 -39.81 39.43 43.98
CA LEU KA 230 -40.36 40.19 45.10
C LEU KA 230 -40.20 41.70 44.91
N VAL KA 231 -39.01 42.15 44.51
CA VAL KA 231 -38.74 43.59 44.57
C VAL KA 231 -39.00 44.31 43.25
N ASP KA 232 -38.77 43.65 42.12
CA ASP KA 232 -38.68 44.37 40.86
C ASP KA 232 -40.02 44.94 40.43
N ALA KA 233 -39.99 46.19 39.96
CA ALA KA 233 -41.13 46.83 39.33
C ALA KA 233 -41.23 46.42 37.87
N ASP KA 234 -42.45 46.50 37.34
CA ASP KA 234 -42.72 46.20 35.93
C ASP KA 234 -42.53 47.50 35.14
N LEU KA 235 -41.38 47.63 34.49
CA LEU KA 235 -41.04 48.89 33.83
C LEU KA 235 -41.99 49.21 32.68
N ALA KA 236 -42.46 48.19 31.98
CA ALA KA 236 -43.41 48.43 30.90
C ALA KA 236 -44.73 48.97 31.43
N LYS KA 237 -45.13 48.55 32.64
CA LYS KA 237 -46.25 49.20 33.30
C LYS KA 237 -45.92 50.65 33.63
N GLU KA 238 -44.66 50.91 33.95
CA GLU KA 238 -44.28 52.24 34.41
C GLU KA 238 -44.16 53.25 33.28
N SER KA 239 -43.99 52.79 32.04
CA SER KA 239 -43.78 53.73 30.93
C SER KA 239 -45.01 54.60 30.70
N ALA KA 240 -46.19 53.97 30.60
CA ALA KA 240 -47.41 54.73 30.39
C ALA KA 240 -47.73 55.61 31.58
N LYS KA 241 -47.45 55.13 32.80
CA LYS KA 241 -47.65 55.98 33.97
C LYS KA 241 -46.73 57.18 33.96
N LEU KA 242 -45.50 57.02 33.46
CA LEU KA 242 -44.57 58.13 33.40
C LEU KA 242 -45.06 59.18 32.41
N GLN KA 243 -45.46 58.75 31.21
CA GLN KA 243 -45.94 59.72 30.23
C GLN KA 243 -47.23 60.39 30.70
N SER KA 244 -48.14 59.63 31.31
CA SER KA 244 -49.39 60.21 31.79
C SER KA 244 -49.15 61.19 32.93
N LEU KA 245 -48.13 60.95 33.76
CA LEU KA 245 -47.85 61.90 34.83
C LEU KA 245 -47.16 63.15 34.30
N GLN KA 246 -46.30 63.01 33.30
CA GLN KA 246 -45.75 64.21 32.68
C GLN KA 246 -46.82 65.04 31.98
N THR KA 247 -47.88 64.39 31.47
CA THR KA 247 -49.00 65.15 30.94
C THR KA 247 -49.81 65.80 32.06
N LYS KA 248 -50.09 65.05 33.13
CA LYS KA 248 -50.90 65.57 34.22
C LYS KA 248 -50.21 66.73 34.93
N GLN KA 249 -48.87 66.75 34.94
CA GLN KA 249 -48.16 67.87 35.55
C GLN KA 249 -48.47 69.17 34.82
N GLN KA 250 -48.39 69.15 33.49
CA GLN KA 250 -48.70 70.34 32.71
C GLN KA 250 -50.17 70.71 32.85
N LEU KA 251 -51.06 69.71 32.89
CA LEU KA 251 -52.48 70.03 33.05
C LEU KA 251 -52.76 70.67 34.40
N GLY KA 252 -52.09 70.21 35.45
CA GLY KA 252 -52.30 70.80 36.77
C GLY KA 252 -51.69 72.18 36.87
N VAL KA 253 -50.57 72.41 36.19
CA VAL KA 253 -49.99 73.75 36.19
C VAL KA 253 -50.90 74.73 35.45
N GLN KA 254 -51.54 74.28 34.37
CA GLN KA 254 -52.50 75.15 33.69
C GLN KA 254 -53.69 75.45 34.59
N ALA KA 255 -54.22 74.41 35.26
CA ALA KA 255 -55.35 74.65 36.14
C ALA KA 255 -54.98 75.59 37.28
N LEU KA 256 -53.75 75.49 37.79
CA LEU KA 256 -53.28 76.42 38.80
C LEU KA 256 -53.13 77.83 38.24
N SER KA 257 -52.81 77.94 36.94
CA SER KA 257 -52.74 79.27 36.33
C SER KA 257 -54.11 79.92 36.26
N ILE KA 258 -55.14 79.19 35.84
CA ILE KA 258 -56.49 79.76 35.87
C ILE KA 258 -56.91 80.04 37.31
N ALA KA 259 -56.47 79.20 38.26
CA ALA KA 259 -56.81 79.44 39.66
C ALA KA 259 -56.17 80.73 40.18
N ASN KA 260 -54.97 81.06 39.70
CA ASN KA 260 -54.36 82.33 40.07
C ASN KA 260 -55.04 83.51 39.38
N GLN KA 261 -55.41 83.34 38.11
CA GLN KA 261 -56.02 84.44 37.37
C GLN KA 261 -57.42 84.77 37.89
N THR KA 262 -58.13 83.77 38.44
CA THR KA 262 -59.55 83.95 38.79
C THR KA 262 -59.83 85.13 39.72
N PRO KA 263 -59.07 85.37 40.79
CA PRO KA 263 -59.34 86.56 41.64
C PRO KA 263 -59.25 87.88 40.88
N GLN KA 264 -58.40 87.96 39.86
CA GLN KA 264 -58.09 89.22 39.20
C GLN KA 264 -59.28 89.81 38.44
N THR KA 265 -60.29 88.99 38.13
CA THR KA 265 -61.38 89.43 37.28
C THR KA 265 -62.16 90.60 37.87
N ILE KA 266 -62.19 90.73 39.20
CA ILE KA 266 -62.98 91.80 39.82
C ILE KA 266 -62.26 93.12 39.86
N LEU KA 267 -61.02 93.20 39.38
CA LEU KA 267 -60.31 94.47 39.31
C LEU KA 267 -61.03 95.46 38.40
N SER KA 268 -61.73 94.96 37.38
CA SER KA 268 -62.42 95.83 36.42
C SER KA 268 -63.78 96.30 36.90
N LEU KA 269 -64.29 95.78 38.01
CA LEU KA 269 -65.59 96.22 38.52
C LEU KA 269 -65.57 97.68 38.96
N PHE KA 270 -64.41 98.19 39.37
CA PHE KA 270 -64.28 99.59 39.73
C PHE KA 270 -63.27 100.29 38.83
#